data_1KYI
#
_entry.id   1KYI
#
_cell.length_a   208.51
_cell.length_b   219.97
_cell.length_c   242.63
_cell.angle_alpha   90.0
_cell.angle_beta   90.0
_cell.angle_gamma   90.0
#
_symmetry.space_group_name_H-M   'P 21 21 2'
#
loop_
_entity.id
_entity.type
_entity.pdbx_description
1 polymer 'ATP-dependent hsl protease ATP-binding subunit hslU'
2 polymer 'ATP-dependent protease hslV'
3 non-polymer "ADENOSINE-5'-TRIPHOSPHATE"
4 non-polymer '4-IODO-3-NITROPHENYL ACETYL-LEUCINYL-LEUCINYL-LEUCINYL-VINYLSULFONE'
#
loop_
_entity_poly.entity_id
_entity_poly.type
_entity_poly.pdbx_seq_one_letter_code
_entity_poly.pdbx_strand_id
1 'polypeptide(L)'
;MSEMTPREIVSELDQHIIGQADAKRAVAIALRNRWRRMQLQEPLRHEVTPKNILMIGPTGVGKTEIARRLAKLANAPFIK
VEATKFTEVGYVGKEVDSIIRDLTDSAMKLVRQQEIAKNRARAEDVAEERILDALLPPAKNQWGEVENHDSHSSTRQAFR
KKLREGQLDDKEIEIDVSAGVSMGVEIMAPPGMEEMTNQLQSLFQNLGSDKTKKRKMKIKDALKALIDDEAAKLINPEEL
KQKAIDAVEQNGIVFIDEIDKICKKGEYSGADVSREGVQRDLLPLVEGSTVSTKHGMVKTDHILFIASGAFQVARPSDLI
PELQGRLPIRVELTALSAADFERILTEPHASLTEQYKALMATEGVNIAFTTDAVKKIAEAAFRVNEKTENIGARRLHTVM
ERLMDKISFSASDMNGQTVNIDAAYVADALGEVVENEDLSRFIL
;
A,B,C,D,E,F,S,T,U,V,W,X
2 'polypeptide(L)'
;TTIVSVRRNGQVVVGGDGQVSLGNTVMKGNARKVRRLYNGKVLAGFAGGTADAFTLFELFERKLEMHQGHLLKSAVELAK
DWRTDRALRKLEAMLIVADEKESLIITGIGDVVQPEEDQILAIGSGGNYALSAARALVENTELSAHEIVEKSLRIAGDIC
VFTNTNFTIEELPN
;
G,H,I,J,K,L,M,N,O,P,Q,R
#
loop_
_chem_comp.id
_chem_comp.type
_chem_comp.name
_chem_comp.formula
ATP non-polymer ADENOSINE-5'-TRIPHOSPHATE 'C10 H16 N5 O13 P3'
LVS non-polymer '4-IODO-3-NITROPHENYL ACETYL-LEUCINYL-LEUCINYL-LEUCINYL-VINYLSULFONE' 'C28 H43 I N4 O8 S'
#
# COMPACT_ATOMS: atom_id res chain seq x y z
N SER A 2 65.02 -62.09 -10.57
CA SER A 2 64.46 -62.23 -9.20
C SER A 2 63.02 -61.72 -9.13
N GLU A 3 62.67 -60.85 -10.06
CA GLU A 3 61.33 -60.28 -10.11
C GLU A 3 61.04 -59.74 -11.49
N MET A 4 59.76 -59.68 -11.85
CA MET A 4 59.34 -59.18 -13.14
C MET A 4 59.85 -57.79 -13.39
N THR A 5 59.66 -57.30 -14.60
CA THR A 5 60.12 -55.95 -14.91
C THR A 5 58.96 -55.14 -15.45
N PRO A 6 59.15 -53.84 -15.64
CA PRO A 6 58.08 -53.00 -16.16
C PRO A 6 57.34 -53.64 -17.32
N ARG A 7 57.99 -53.76 -18.47
CA ARG A 7 57.35 -54.37 -19.64
C ARG A 7 56.80 -55.76 -19.38
N GLU A 8 57.51 -56.51 -18.54
CA GLU A 8 57.14 -57.87 -18.17
C GLU A 8 55.76 -57.85 -17.50
N ILE A 9 55.61 -56.98 -16.49
CA ILE A 9 54.35 -56.86 -15.75
C ILE A 9 53.23 -56.35 -16.62
N VAL A 10 53.51 -55.33 -17.42
CA VAL A 10 52.43 -54.84 -18.26
C VAL A 10 51.90 -56.00 -19.08
N SER A 11 52.79 -56.82 -19.63
CA SER A 11 52.37 -57.97 -20.43
C SER A 11 51.44 -58.91 -19.66
N GLU A 12 51.78 -59.16 -18.41
CA GLU A 12 50.95 -60.02 -17.58
C GLU A 12 49.53 -59.41 -17.42
N LEU A 13 49.46 -58.11 -17.16
CA LEU A 13 48.18 -57.43 -16.98
C LEU A 13 47.40 -57.40 -18.28
N ASP A 14 48.12 -57.38 -19.39
CA ASP A 14 47.42 -57.36 -20.66
C ASP A 14 46.60 -58.65 -20.85
N GLN A 15 46.95 -59.67 -20.09
CA GLN A 15 46.24 -60.93 -20.18
C GLN A 15 44.90 -60.90 -19.43
N HIS A 16 44.59 -59.81 -18.74
CA HIS A 16 43.32 -59.75 -18.04
C HIS A 16 42.58 -58.47 -18.23
N ILE A 17 43.31 -57.41 -18.56
CA ILE A 17 42.66 -56.14 -18.76
C ILE A 17 42.84 -55.66 -20.18
N ILE A 18 41.75 -55.22 -20.78
CA ILE A 18 41.85 -54.69 -22.11
C ILE A 18 41.99 -53.18 -22.04
N GLY A 19 42.95 -52.62 -22.77
CA GLY A 19 43.12 -51.18 -22.74
C GLY A 19 43.76 -50.70 -21.46
N GLN A 20 43.49 -49.44 -21.11
CA GLN A 20 44.04 -48.85 -19.89
C GLN A 20 45.54 -49.08 -19.78
N ALA A 21 46.31 -48.46 -20.68
CA ALA A 21 47.76 -48.64 -20.69
C ALA A 21 48.44 -47.81 -19.63
N ASP A 22 48.27 -46.49 -19.71
CA ASP A 22 48.85 -45.57 -18.74
C ASP A 22 48.66 -46.18 -17.35
N ALA A 23 47.46 -46.68 -17.10
CA ALA A 23 47.14 -47.28 -15.83
C ALA A 23 48.08 -48.44 -15.56
N LYS A 24 48.12 -49.42 -16.46
CA LYS A 24 48.98 -50.59 -16.34
C LYS A 24 50.41 -50.19 -16.08
N ARG A 25 50.94 -49.34 -16.94
CA ARG A 25 52.31 -48.84 -16.81
C ARG A 25 52.54 -48.33 -15.37
N ALA A 26 51.70 -47.39 -14.94
CA ALA A 26 51.79 -46.82 -13.62
C ALA A 26 52.00 -47.86 -12.52
N VAL A 27 51.05 -48.76 -12.35
CA VAL A 27 51.18 -49.79 -11.31
C VAL A 27 52.38 -50.69 -11.53
N ALA A 28 52.84 -50.77 -12.78
CA ALA A 28 53.97 -51.61 -13.11
C ALA A 28 55.23 -51.02 -12.48
N ILE A 29 55.59 -49.81 -12.92
CA ILE A 29 56.77 -49.15 -12.40
C ILE A 29 56.66 -49.08 -10.89
N ALA A 30 55.46 -49.16 -10.35
CA ALA A 30 55.29 -49.09 -8.91
C ALA A 30 55.80 -50.37 -8.27
N LEU A 31 55.28 -51.51 -8.74
CA LEU A 31 55.65 -52.82 -8.22
C LEU A 31 57.13 -53.03 -8.44
N ARG A 32 57.64 -52.37 -9.47
CA ARG A 32 59.04 -52.52 -9.77
C ARG A 32 59.90 -51.81 -8.75
N ASN A 33 59.57 -50.56 -8.42
CA ASN A 33 60.35 -49.78 -7.47
C ASN A 33 60.43 -50.56 -6.21
N ARG A 34 59.62 -51.61 -6.12
CA ARG A 34 59.60 -52.43 -4.91
C ARG A 34 60.86 -53.26 -4.86
N TRP A 35 61.24 -53.79 -6.02
CA TRP A 35 62.42 -54.60 -6.17
C TRP A 35 63.64 -53.70 -6.24
N ARG A 36 63.49 -52.51 -6.82
CA ARG A 36 64.60 -51.57 -6.92
C ARG A 36 65.08 -51.24 -5.52
N ARG A 37 64.19 -50.77 -4.66
CA ARG A 37 64.59 -50.52 -3.29
C ARG A 37 64.85 -51.96 -2.84
N MET A 38 65.28 -52.18 -1.61
CA MET A 38 65.55 -53.57 -1.19
C MET A 38 66.72 -54.14 -1.98
N GLN A 39 67.40 -53.29 -2.72
CA GLN A 39 68.56 -53.69 -3.48
C GLN A 39 69.54 -52.66 -3.01
N LEU A 40 68.99 -51.57 -2.50
CA LEU A 40 69.77 -50.46 -1.98
C LEU A 40 70.44 -50.89 -0.67
N GLN A 41 71.50 -50.19 -0.28
CA GLN A 41 72.27 -50.53 0.93
C GLN A 41 71.44 -50.64 2.21
N GLU A 42 71.18 -49.51 2.86
CA GLU A 42 70.36 -49.53 4.07
C GLU A 42 69.92 -48.14 4.48
N PRO A 43 70.84 -47.16 4.42
CA PRO A 43 70.38 -45.82 4.81
C PRO A 43 69.26 -45.45 3.84
N LEU A 44 69.55 -45.50 2.54
CA LEU A 44 68.55 -45.20 1.52
C LEU A 44 67.44 -46.24 1.51
N ARG A 45 67.79 -47.49 1.78
CA ARG A 45 66.80 -48.56 1.75
C ARG A 45 65.58 -48.14 2.51
N HIS A 46 65.79 -47.50 3.65
CA HIS A 46 64.66 -47.06 4.46
C HIS A 46 64.10 -45.73 4.01
N GLU A 47 64.97 -44.80 3.68
CA GLU A 47 64.53 -43.48 3.23
C GLU A 47 63.58 -43.47 2.03
N VAL A 48 63.81 -44.32 1.03
CA VAL A 48 62.97 -44.34 -0.15
C VAL A 48 61.60 -44.94 0.11
N THR A 49 60.57 -44.18 -0.28
CA THR A 49 59.19 -44.60 -0.08
C THR A 49 58.37 -44.72 -1.35
N PRO A 50 57.30 -45.52 -1.29
CA PRO A 50 56.36 -45.78 -2.38
C PRO A 50 55.82 -44.51 -3.01
N LYS A 51 55.61 -44.54 -4.32
CA LYS A 51 55.06 -43.37 -4.97
C LYS A 51 53.61 -43.71 -5.27
N ASN A 52 52.77 -43.60 -4.25
CA ASN A 52 51.36 -43.93 -4.33
C ASN A 52 50.62 -43.45 -5.58
N ILE A 53 49.55 -44.17 -5.95
CA ILE A 53 48.80 -43.85 -7.15
C ILE A 53 47.34 -43.45 -7.01
N LEU A 54 46.92 -42.52 -7.86
CA LEU A 54 45.53 -42.10 -7.86
C LEU A 54 45.02 -42.42 -9.26
N MET A 55 44.10 -43.39 -9.37
CA MET A 55 43.51 -43.79 -10.65
C MET A 55 42.23 -43.01 -10.78
N ILE A 56 42.04 -42.35 -11.91
CA ILE A 56 40.85 -41.54 -12.11
C ILE A 56 40.15 -42.01 -13.34
N GLY A 57 39.01 -42.66 -13.18
CA GLY A 57 38.30 -43.13 -14.35
C GLY A 57 36.86 -43.37 -13.99
N PRO A 58 35.98 -43.55 -14.99
CA PRO A 58 34.54 -43.79 -14.84
C PRO A 58 34.29 -45.15 -14.25
N THR A 59 33.02 -45.47 -14.03
CA THR A 59 32.61 -46.75 -13.43
C THR A 59 32.94 -48.02 -14.20
N GLY A 60 33.46 -48.99 -13.47
CA GLY A 60 33.82 -50.27 -14.04
C GLY A 60 34.63 -50.30 -15.32
N VAL A 61 35.80 -49.65 -15.33
CA VAL A 61 36.62 -49.62 -16.51
C VAL A 61 37.95 -50.30 -16.30
N GLY A 62 38.10 -50.96 -15.15
CA GLY A 62 39.34 -51.67 -14.86
C GLY A 62 40.16 -51.25 -13.64
N LYS A 63 39.82 -50.10 -13.06
CA LYS A 63 40.56 -49.62 -11.90
C LYS A 63 40.85 -50.68 -10.88
N THR A 64 39.87 -51.50 -10.56
CA THR A 64 40.08 -52.50 -9.54
C THR A 64 40.78 -53.76 -10.04
N GLU A 65 40.37 -54.29 -11.19
CA GLU A 65 41.02 -55.51 -11.68
C GLU A 65 42.47 -55.28 -11.87
N ILE A 66 42.84 -54.11 -12.36
CA ILE A 66 44.26 -53.85 -12.54
C ILE A 66 45.02 -54.00 -11.21
N ALA A 67 44.49 -53.40 -10.15
CA ALA A 67 45.14 -53.50 -8.85
C ALA A 67 45.06 -54.90 -8.29
N ARG A 68 43.91 -55.54 -8.41
CA ARG A 68 43.75 -56.89 -7.86
C ARG A 68 44.70 -57.88 -8.54
N ARG A 69 44.89 -57.72 -9.84
CA ARG A 69 45.77 -58.57 -10.61
C ARG A 69 47.21 -58.22 -10.34
N LEU A 70 47.48 -56.94 -10.12
CA LEU A 70 48.85 -56.50 -9.84
C LEU A 70 49.30 -57.23 -8.61
N ALA A 71 48.46 -57.23 -7.59
CA ALA A 71 48.77 -57.88 -6.33
C ALA A 71 48.88 -59.37 -6.55
N LYS A 72 47.93 -59.92 -7.30
CA LYS A 72 47.93 -61.36 -7.55
C LYS A 72 49.25 -61.82 -8.16
N LEU A 73 49.71 -61.15 -9.21
CA LEU A 73 50.94 -61.55 -9.88
C LEU A 73 52.19 -61.20 -9.10
N ALA A 74 52.04 -60.48 -8.00
CA ALA A 74 53.20 -60.13 -7.22
C ALA A 74 53.06 -60.94 -5.96
N ASN A 75 51.98 -61.72 -5.89
CA ASN A 75 51.74 -62.55 -4.73
C ASN A 75 51.94 -61.69 -3.48
N ALA A 76 51.19 -60.60 -3.41
CA ALA A 76 51.27 -59.66 -2.31
C ALA A 76 49.96 -59.52 -1.56
N PRO A 77 50.04 -59.29 -0.25
CA PRO A 77 48.81 -59.14 0.55
C PRO A 77 48.02 -57.98 -0.05
N PHE A 78 46.73 -58.19 -0.24
CA PHE A 78 45.91 -57.16 -0.84
C PHE A 78 44.63 -56.89 -0.08
N ILE A 79 44.11 -55.70 -0.23
CA ILE A 79 42.86 -55.35 0.44
C ILE A 79 42.23 -54.15 -0.22
N LYS A 80 40.92 -54.19 -0.41
CA LYS A 80 40.19 -53.10 -1.03
C LYS A 80 39.18 -52.55 -0.06
N VAL A 81 39.08 -51.24 0.05
CA VAL A 81 38.09 -50.69 0.96
C VAL A 81 37.41 -49.46 0.38
N GLU A 82 36.12 -49.29 0.66
CA GLU A 82 35.45 -48.10 0.18
C GLU A 82 35.89 -47.00 1.16
N ALA A 83 36.18 -45.82 0.64
CA ALA A 83 36.62 -44.70 1.50
C ALA A 83 35.50 -44.27 2.40
N THR A 84 34.30 -44.25 1.86
CA THR A 84 33.13 -43.85 2.63
C THR A 84 32.80 -44.79 3.76
N LYS A 85 33.40 -45.97 3.74
CA LYS A 85 33.17 -46.95 4.78
C LYS A 85 33.47 -46.38 6.16
N PHE A 86 34.10 -45.22 6.23
CA PHE A 86 34.42 -44.63 7.52
C PHE A 86 33.78 -43.28 7.80
N THR A 87 32.72 -42.94 7.07
CA THR A 87 32.09 -41.64 7.27
C THR A 87 31.40 -41.53 8.64
N GLU A 95 36.62 -47.36 12.31
CA GLU A 95 38.01 -47.72 12.64
C GLU A 95 38.89 -47.86 11.40
N VAL A 96 39.75 -46.87 11.14
CA VAL A 96 40.59 -46.91 9.95
C VAL A 96 41.78 -47.88 10.01
N ASP A 97 42.32 -48.10 11.20
CA ASP A 97 43.44 -48.99 11.33
C ASP A 97 43.02 -50.41 10.99
N SER A 98 41.72 -50.65 10.90
CA SER A 98 41.26 -51.99 10.55
C SER A 98 41.81 -52.34 9.17
N ILE A 99 41.95 -51.34 8.31
CA ILE A 99 42.49 -51.55 6.97
C ILE A 99 43.81 -52.30 7.03
N ILE A 100 44.68 -51.91 7.95
CA ILE A 100 45.96 -52.59 8.03
C ILE A 100 45.77 -53.94 8.71
N ARG A 101 44.97 -53.93 9.76
CA ARG A 101 44.72 -55.14 10.50
C ARG A 101 44.26 -56.23 9.54
N ASP A 102 43.32 -55.88 8.67
CA ASP A 102 42.75 -56.81 7.68
C ASP A 102 43.79 -57.23 6.64
N LEU A 103 44.60 -56.28 6.22
CA LEU A 103 45.63 -56.55 5.24
C LEU A 103 46.58 -57.59 5.79
N THR A 104 46.75 -57.57 7.10
CA THR A 104 47.65 -58.51 7.75
C THR A 104 47.06 -59.91 7.80
N ASP A 105 45.78 -60.02 8.09
CA ASP A 105 45.16 -61.34 8.11
C ASP A 105 45.36 -61.98 6.75
N SER A 106 45.19 -61.17 5.70
CA SER A 106 45.36 -61.65 4.33
C SER A 106 46.76 -62.21 4.16
N ALA A 107 47.72 -61.61 4.85
CA ALA A 107 49.11 -62.06 4.80
C ALA A 107 49.37 -63.37 5.56
N MET A 108 48.44 -63.76 6.42
CA MET A 108 48.60 -65.00 7.16
C MET A 108 48.20 -66.09 6.17
N LYS A 109 47.00 -65.98 5.62
CA LYS A 109 46.55 -66.99 4.66
C LYS A 109 47.55 -67.13 3.52
N LEU A 110 48.09 -66.01 3.08
CA LEU A 110 49.04 -66.00 1.98
C LEU A 110 50.38 -66.63 2.38
N VAL A 111 50.81 -66.42 3.62
CA VAL A 111 52.09 -66.99 4.11
C VAL A 111 51.92 -68.41 4.64
N ARG A 112 50.87 -68.58 5.44
CA ARG A 112 50.54 -69.87 6.02
C ARG A 112 50.40 -70.84 4.86
N GLN A 113 49.26 -70.74 4.18
CA GLN A 113 48.97 -71.61 3.06
C GLN A 113 50.13 -71.69 2.07
N GLN A 114 50.90 -70.61 1.92
CA GLN A 114 52.03 -70.65 0.99
C GLN A 114 53.25 -71.38 1.53
N GLU A 115 53.46 -71.37 2.84
CA GLU A 115 54.60 -72.08 3.39
C GLU A 115 54.19 -73.51 3.70
N ILE A 116 52.89 -73.78 3.60
CA ILE A 116 52.42 -75.14 3.81
C ILE A 116 52.87 -75.90 2.57
N ALA A 117 53.04 -75.16 1.48
CA ALA A 117 53.49 -75.77 0.24
C ALA A 117 54.96 -76.15 0.39
N LYS A 118 55.67 -75.53 1.34
CA LYS A 118 57.05 -75.91 1.54
C LYS A 118 56.89 -77.35 2.04
N ASN A 119 56.17 -77.53 3.14
CA ASN A 119 55.91 -78.87 3.66
C ASN A 119 54.44 -79.11 3.96
N ALA A 231 48.69 -84.06 9.66
CA ALA A 231 49.86 -84.93 9.67
C ALA A 231 51.19 -84.16 9.60
N ALA A 232 51.16 -82.91 9.11
CA ALA A 232 52.37 -82.09 8.94
C ALA A 232 52.92 -81.40 10.17
N LYS A 233 53.96 -80.57 9.97
CA LYS A 233 54.58 -79.79 11.06
C LYS A 233 56.07 -79.41 11.09
N LEU A 234 56.30 -78.09 11.06
CA LEU A 234 57.60 -77.43 11.25
C LEU A 234 56.87 -76.31 11.95
N ILE A 235 55.83 -75.89 11.24
CA ILE A 235 54.94 -74.80 11.60
C ILE A 235 55.78 -73.71 12.26
N ASN A 236 55.82 -73.62 13.58
CA ASN A 236 56.70 -72.60 14.19
C ASN A 236 56.18 -71.15 14.07
N PRO A 237 54.99 -70.86 14.62
CA PRO A 237 54.29 -69.57 14.62
C PRO A 237 54.95 -68.26 14.98
N GLU A 238 55.83 -68.19 15.98
CA GLU A 238 56.41 -66.87 16.26
C GLU A 238 57.25 -66.41 15.08
N GLU A 239 57.43 -67.32 14.12
CA GLU A 239 58.19 -67.06 12.92
C GLU A 239 57.22 -66.96 11.74
N LEU A 240 56.10 -67.65 11.85
CA LEU A 240 55.07 -67.61 10.81
C LEU A 240 54.59 -66.18 10.79
N LYS A 241 54.22 -65.68 11.96
CA LYS A 241 53.74 -64.32 12.14
C LYS A 241 54.77 -63.31 11.66
N GLN A 242 55.95 -63.34 12.28
CA GLN A 242 57.03 -62.45 11.91
C GLN A 242 57.22 -62.42 10.39
N LYS A 243 56.89 -63.52 9.72
CA LYS A 243 57.05 -63.57 8.28
C LYS A 243 55.91 -62.89 7.52
N ALA A 244 54.68 -63.02 8.01
CA ALA A 244 53.51 -62.39 7.36
C ALA A 244 53.66 -60.88 7.51
N ILE A 245 53.88 -60.46 8.74
CA ILE A 245 54.10 -59.06 9.05
C ILE A 245 55.15 -58.45 8.13
N ASP A 246 56.08 -59.25 7.64
CA ASP A 246 57.06 -58.71 6.71
C ASP A 246 56.36 -58.47 5.37
N ALA A 247 55.76 -59.52 4.82
CA ALA A 247 55.04 -59.46 3.55
C ALA A 247 54.18 -58.21 3.50
N VAL A 248 53.61 -57.87 4.65
CA VAL A 248 52.78 -56.69 4.71
C VAL A 248 53.60 -55.43 4.62
N GLU A 249 54.52 -55.25 5.56
CA GLU A 249 55.41 -54.10 5.61
C GLU A 249 56.22 -53.93 4.34
N GLN A 250 56.54 -55.05 3.68
CA GLN A 250 57.35 -55.04 2.47
C GLN A 250 56.62 -54.82 1.16
N ASN A 251 55.64 -55.68 0.86
CA ASN A 251 54.90 -55.58 -0.39
C ASN A 251 53.39 -55.56 -0.25
N GLY A 252 52.88 -54.97 0.82
CA GLY A 252 51.44 -54.89 0.99
C GLY A 252 50.85 -53.87 0.04
N ILE A 253 49.59 -54.06 -0.32
CA ILE A 253 48.93 -53.13 -1.22
C ILE A 253 47.50 -52.82 -0.79
N VAL A 254 47.24 -51.54 -0.53
CA VAL A 254 45.90 -51.11 -0.14
C VAL A 254 45.21 -50.35 -1.28
N PHE A 255 43.96 -50.69 -1.52
CA PHE A 255 43.22 -50.04 -2.59
C PHE A 255 42.03 -49.33 -1.98
N ILE A 256 42.10 -48.00 -1.94
CA ILE A 256 40.99 -47.18 -1.40
C ILE A 256 40.04 -46.78 -2.54
N ASP A 257 38.84 -47.34 -2.52
CA ASP A 257 37.89 -47.08 -3.60
C ASP A 257 37.03 -45.86 -3.37
N GLU A 258 36.58 -45.29 -4.48
CA GLU A 258 35.74 -44.11 -4.51
C GLU A 258 36.14 -43.07 -3.46
N ILE A 259 37.39 -42.66 -3.54
CA ILE A 259 37.94 -41.67 -2.64
C ILE A 259 37.41 -40.27 -2.96
N ASP A 260 36.91 -40.12 -4.19
CA ASP A 260 36.37 -38.84 -4.62
C ASP A 260 35.09 -38.62 -3.80
N LYS A 261 34.59 -39.67 -3.17
CA LYS A 261 33.38 -39.51 -2.39
C LYS A 261 33.64 -38.84 -1.06
N ILE A 262 34.90 -38.74 -0.65
CA ILE A 262 35.14 -38.07 0.63
C ILE A 262 35.83 -36.74 0.42
N CYS A 263 35.55 -36.09 -0.69
CA CYS A 263 36.10 -34.78 -0.97
C CYS A 263 35.15 -33.71 -0.53
N LYS A 264 35.68 -32.56 -0.19
CA LYS A 264 34.82 -31.47 0.22
C LYS A 264 33.94 -31.10 -0.98
N LYS A 265 32.64 -30.98 -0.73
CA LYS A 265 31.66 -30.62 -1.77
C LYS A 265 30.30 -30.35 -1.13
N GLY A 270 27.57 -28.33 5.46
CA GLY A 270 27.28 -29.75 5.38
C GLY A 270 28.17 -30.62 6.28
N ALA A 271 27.79 -31.89 6.40
CA ALA A 271 28.54 -32.85 7.20
C ALA A 271 29.80 -33.12 6.40
N ASP A 272 30.07 -32.21 5.48
CA ASP A 272 31.24 -32.26 4.60
C ASP A 272 32.51 -32.44 5.43
N VAL A 273 32.41 -32.21 6.73
CA VAL A 273 33.55 -32.38 7.62
C VAL A 273 33.64 -33.83 8.05
N SER A 274 32.50 -34.52 8.04
CA SER A 274 32.44 -35.93 8.42
C SER A 274 33.31 -36.73 7.47
N ARG A 275 33.26 -36.35 6.19
CA ARG A 275 34.04 -37.00 5.14
C ARG A 275 35.45 -36.41 5.09
N GLU A 276 35.56 -35.08 5.10
CA GLU A 276 36.85 -34.39 5.08
C GLU A 276 37.66 -34.94 6.24
N GLY A 277 36.95 -35.46 7.22
CA GLY A 277 37.59 -36.07 8.37
C GLY A 277 38.23 -37.39 7.97
N VAL A 278 37.52 -38.18 7.20
CA VAL A 278 38.05 -39.45 6.77
C VAL A 278 39.42 -39.26 6.13
N GLN A 279 39.63 -38.15 5.43
CA GLN A 279 40.94 -37.94 4.80
C GLN A 279 41.99 -37.83 5.88
N ARG A 280 41.73 -36.99 6.87
CA ARG A 280 42.67 -36.80 7.97
C ARG A 280 42.95 -38.12 8.66
N ASP A 281 41.96 -39.00 8.67
CA ASP A 281 42.09 -40.30 9.33
C ASP A 281 42.93 -41.28 8.55
N LEU A 282 43.03 -41.10 7.26
CA LEU A 282 43.83 -41.97 6.41
C LEU A 282 45.29 -41.55 6.38
N LEU A 283 45.55 -40.27 6.66
CA LEU A 283 46.92 -39.78 6.62
C LEU A 283 47.94 -40.68 7.24
N PRO A 284 47.85 -40.93 8.55
CA PRO A 284 48.80 -41.80 9.25
C PRO A 284 49.24 -43.01 8.43
N LEU A 285 48.29 -43.81 7.96
CA LEU A 285 48.63 -44.98 7.15
C LEU A 285 49.41 -44.55 5.94
N VAL A 286 48.86 -43.61 5.19
CA VAL A 286 49.53 -43.14 3.99
C VAL A 286 50.86 -42.45 4.28
N GLU A 287 50.88 -41.60 5.29
CA GLU A 287 52.07 -40.86 5.66
C GLU A 287 53.05 -41.72 6.40
N GLY A 288 52.66 -42.97 6.66
CA GLY A 288 53.54 -43.92 7.35
C GLY A 288 53.51 -43.87 8.87
N SER A 289 52.91 -44.88 9.47
CA SER A 289 52.85 -44.94 10.91
C SER A 289 52.74 -46.40 11.34
N THR A 290 52.42 -46.64 12.59
CA THR A 290 52.29 -48.01 13.08
C THR A 290 50.93 -48.34 13.66
N VAL A 291 50.48 -49.58 13.45
CA VAL A 291 49.21 -50.03 13.99
C VAL A 291 49.40 -51.45 14.43
N SER A 292 48.73 -51.82 15.52
CA SER A 292 48.84 -53.16 16.07
C SER A 292 47.81 -54.15 15.56
N THR A 293 48.30 -55.33 15.17
CA THR A 293 47.45 -56.41 14.67
C THR A 293 47.60 -57.59 15.63
N LYS A 294 46.68 -58.55 15.54
CA LYS A 294 46.75 -59.71 16.42
C LYS A 294 47.96 -60.57 16.11
N HIS A 295 48.86 -60.07 15.27
CA HIS A 295 50.05 -60.83 14.91
C HIS A 295 51.29 -60.03 15.26
N GLY A 296 51.09 -58.82 15.75
CA GLY A 296 52.22 -57.98 16.11
C GLY A 296 52.07 -56.56 15.59
N MET A 297 53.17 -55.81 15.60
CA MET A 297 53.15 -54.44 15.13
C MET A 297 53.61 -54.39 13.68
N VAL A 298 52.89 -53.61 12.87
CA VAL A 298 53.25 -53.46 11.46
C VAL A 298 53.41 -51.96 11.15
N LYS A 299 54.28 -51.63 10.19
CA LYS A 299 54.49 -50.25 9.81
C LYS A 299 53.93 -50.02 8.42
N THR A 300 53.18 -48.92 8.26
CA THR A 300 52.57 -48.58 6.98
C THR A 300 53.51 -47.73 6.11
N ASP A 301 54.76 -47.58 6.54
CA ASP A 301 55.77 -46.78 5.81
C ASP A 301 56.04 -47.22 4.38
N HIS A 302 55.91 -48.53 4.11
CA HIS A 302 56.17 -49.01 2.76
C HIS A 302 55.01 -49.73 2.08
N ILE A 303 53.81 -49.58 2.63
CA ILE A 303 52.61 -50.16 2.02
C ILE A 303 52.38 -49.29 0.78
N LEU A 304 52.05 -49.91 -0.35
CA LEU A 304 51.80 -49.14 -1.56
C LEU A 304 50.32 -48.88 -1.59
N PHE A 305 49.91 -47.60 -1.64
CA PHE A 305 48.50 -47.22 -1.69
C PHE A 305 48.01 -46.87 -3.09
N ILE A 306 46.79 -47.29 -3.41
CA ILE A 306 46.21 -46.97 -4.69
C ILE A 306 44.80 -46.49 -4.44
N ALA A 307 44.53 -45.22 -4.74
CA ALA A 307 43.19 -44.67 -4.54
C ALA A 307 42.55 -44.47 -5.89
N SER A 308 41.25 -44.73 -6.00
CA SER A 308 40.56 -44.55 -7.27
C SER A 308 39.39 -43.60 -7.06
N GLY A 309 38.94 -42.99 -8.13
CA GLY A 309 37.85 -42.06 -8.03
C GLY A 309 37.39 -41.73 -9.43
N ALA A 310 36.13 -41.31 -9.54
CA ALA A 310 35.59 -40.96 -10.83
C ALA A 310 35.86 -39.50 -11.01
N PHE A 311 35.68 -38.78 -9.91
CA PHE A 311 35.89 -37.33 -9.90
C PHE A 311 35.04 -36.63 -10.94
N GLN A 312 33.72 -36.83 -10.87
CA GLN A 312 32.84 -36.17 -11.80
C GLN A 312 32.63 -34.72 -11.37
N VAL A 313 32.34 -34.54 -10.08
CA VAL A 313 32.13 -33.21 -9.53
C VAL A 313 33.35 -32.64 -8.83
N ALA A 314 34.01 -33.45 -8.02
CA ALA A 314 35.20 -33.00 -7.31
C ALA A 314 36.41 -33.21 -8.20
N ARG A 315 37.45 -32.40 -7.99
CA ARG A 315 38.69 -32.52 -8.74
C ARG A 315 39.64 -33.16 -7.72
N PRO A 316 40.77 -33.74 -8.17
CA PRO A 316 41.68 -34.35 -7.19
C PRO A 316 42.32 -33.33 -6.28
N SER A 317 42.46 -32.11 -6.79
CA SER A 317 43.04 -31.00 -6.04
C SER A 317 42.11 -30.55 -4.92
N ASP A 318 41.04 -31.29 -4.69
CA ASP A 318 40.05 -30.97 -3.65
C ASP A 318 40.32 -31.83 -2.43
N LEU A 319 41.36 -32.64 -2.52
CA LEU A 319 41.72 -33.47 -1.41
C LEU A 319 42.58 -32.58 -0.51
N ILE A 320 42.76 -32.94 0.76
CA ILE A 320 43.56 -32.12 1.65
C ILE A 320 44.99 -32.22 1.13
N PRO A 321 45.75 -31.12 1.18
CA PRO A 321 47.13 -31.10 0.70
C PRO A 321 47.98 -32.23 1.26
N GLU A 322 47.94 -32.40 2.58
CA GLU A 322 48.71 -33.46 3.20
C GLU A 322 48.58 -34.77 2.40
N LEU A 323 47.39 -35.01 1.86
CA LEU A 323 47.11 -36.25 1.13
C LEU A 323 47.36 -36.19 -0.37
N GLN A 324 47.05 -35.02 -0.93
CA GLN A 324 47.19 -34.74 -2.34
C GLN A 324 48.64 -34.85 -2.74
N GLY A 325 49.53 -34.73 -1.78
CA GLY A 325 50.94 -34.82 -2.06
C GLY A 325 51.50 -36.22 -1.86
N ARG A 326 50.79 -37.03 -1.08
CA ARG A 326 51.18 -38.41 -0.84
C ARG A 326 50.63 -39.31 -1.96
N LEU A 327 49.94 -38.70 -2.92
CA LEU A 327 49.40 -39.38 -4.10
C LEU A 327 50.00 -38.66 -5.31
N PRO A 328 51.31 -38.82 -5.51
CA PRO A 328 52.15 -38.26 -6.57
C PRO A 328 51.72 -38.63 -7.95
N ILE A 329 51.56 -39.92 -8.16
CA ILE A 329 51.15 -40.44 -9.47
C ILE A 329 49.64 -40.37 -9.79
N ARG A 330 49.27 -39.53 -10.74
CA ARG A 330 47.88 -39.47 -11.12
C ARG A 330 47.84 -40.13 -12.49
N VAL A 331 46.99 -41.13 -12.69
CA VAL A 331 46.90 -41.76 -14.00
C VAL A 331 45.40 -41.80 -14.32
N GLU A 332 45.07 -41.60 -15.60
CA GLU A 332 43.67 -41.58 -16.02
C GLU A 332 43.21 -42.82 -16.80
N LEU A 333 42.01 -43.32 -16.49
CA LEU A 333 41.51 -44.46 -17.24
C LEU A 333 40.39 -44.00 -18.15
N THR A 334 40.33 -44.61 -19.34
CA THR A 334 39.34 -44.27 -20.35
C THR A 334 38.06 -45.04 -20.18
N ALA A 335 36.99 -44.47 -20.72
CA ALA A 335 35.69 -45.12 -20.69
C ALA A 335 35.76 -46.27 -21.71
N LEU A 336 35.04 -47.35 -21.42
CA LEU A 336 35.03 -48.49 -22.33
C LEU A 336 34.01 -48.29 -23.42
N SER A 337 34.42 -48.59 -24.66
CA SER A 337 33.57 -48.46 -25.85
C SER A 337 33.05 -49.81 -26.36
N ALA A 338 32.04 -49.76 -27.22
CA ALA A 338 31.48 -50.96 -27.79
C ALA A 338 32.65 -51.87 -28.24
N ALA A 339 33.55 -51.29 -29.02
CA ALA A 339 34.73 -51.98 -29.53
C ALA A 339 35.61 -52.60 -28.42
N ASP A 340 35.64 -51.93 -27.27
CA ASP A 340 36.43 -52.42 -26.16
C ASP A 340 35.74 -53.63 -25.58
N PHE A 341 34.41 -53.54 -25.41
CA PHE A 341 33.64 -54.65 -24.88
C PHE A 341 33.87 -55.86 -25.76
N GLU A 342 33.76 -55.66 -27.07
CA GLU A 342 33.97 -56.77 -28.02
C GLU A 342 35.22 -57.60 -27.70
N ARG A 343 36.27 -56.94 -27.25
CA ARG A 343 37.51 -57.63 -26.93
C ARG A 343 37.48 -58.21 -25.52
N ILE A 344 36.89 -57.48 -24.59
CA ILE A 344 36.82 -57.91 -23.22
C ILE A 344 36.02 -59.19 -23.18
N LEU A 345 35.07 -59.28 -24.12
CA LEU A 345 34.15 -60.40 -24.22
C LEU A 345 34.83 -61.72 -24.61
N THR A 346 35.91 -61.61 -25.38
CA THR A 346 36.63 -62.78 -25.85
C THR A 346 38.13 -62.94 -25.57
N GLU A 347 38.87 -61.84 -25.57
CA GLU A 347 40.33 -61.87 -25.35
C GLU A 347 40.88 -62.31 -23.99
N PRO A 348 40.50 -61.61 -22.92
CA PRO A 348 40.96 -61.91 -21.54
C PRO A 348 41.02 -63.39 -21.20
N HIS A 349 41.92 -63.75 -20.30
CA HIS A 349 41.99 -65.14 -19.85
C HIS A 349 40.74 -65.37 -19.02
N ALA A 350 39.90 -66.28 -19.49
CA ALA A 350 38.66 -66.62 -18.81
C ALA A 350 37.64 -65.52 -19.00
N SER A 351 37.51 -65.10 -20.25
CA SER A 351 36.53 -64.07 -20.60
C SER A 351 35.13 -64.64 -20.35
N LEU A 352 34.12 -63.81 -20.50
CA LEU A 352 32.77 -64.31 -20.30
C LEU A 352 32.43 -65.45 -21.27
N THR A 353 32.73 -65.27 -22.55
CA THR A 353 32.42 -66.34 -23.50
C THR A 353 33.23 -67.58 -23.16
N GLU A 354 34.51 -67.41 -22.84
CA GLU A 354 35.28 -68.60 -22.50
C GLU A 354 34.66 -69.34 -21.30
N GLN A 355 34.09 -68.59 -20.36
CA GLN A 355 33.48 -69.21 -19.19
C GLN A 355 32.21 -69.98 -19.52
N TYR A 356 31.25 -69.36 -20.20
CA TYR A 356 30.04 -70.10 -20.51
C TYR A 356 30.41 -71.36 -21.27
N LYS A 357 31.15 -71.21 -22.37
CA LYS A 357 31.57 -72.37 -23.16
C LYS A 357 31.91 -73.48 -22.17
N ALA A 358 32.83 -73.19 -21.25
CA ALA A 358 33.27 -74.14 -20.23
C ALA A 358 32.16 -74.72 -19.37
N LEU A 359 31.24 -73.86 -18.92
CA LEU A 359 30.14 -74.31 -18.07
C LEU A 359 29.17 -75.24 -18.83
N MET A 360 28.67 -74.78 -19.98
CA MET A 360 27.75 -75.61 -20.75
C MET A 360 28.41 -76.92 -21.08
N ALA A 361 29.73 -76.90 -21.23
CA ALA A 361 30.52 -78.10 -21.54
C ALA A 361 30.21 -79.19 -20.55
N THR A 362 30.05 -78.80 -19.29
CA THR A 362 29.76 -79.76 -18.25
C THR A 362 28.42 -80.46 -18.43
N GLU A 363 27.42 -79.72 -18.88
CA GLU A 363 26.11 -80.33 -19.10
C GLU A 363 26.21 -81.15 -20.37
N GLY A 364 27.39 -81.11 -20.99
CA GLY A 364 27.59 -81.83 -22.23
C GLY A 364 27.18 -81.05 -23.46
N VAL A 365 26.94 -79.75 -23.32
CA VAL A 365 26.57 -78.97 -24.49
C VAL A 365 27.76 -78.20 -25.00
N ASN A 366 27.88 -78.17 -26.32
CA ASN A 366 28.95 -77.46 -26.96
C ASN A 366 28.37 -76.19 -27.58
N ILE A 367 28.89 -75.06 -27.11
CA ILE A 367 28.42 -73.77 -27.59
C ILE A 367 29.49 -72.97 -28.34
N ALA A 368 29.03 -72.14 -29.27
CA ALA A 368 29.93 -71.32 -30.05
C ALA A 368 29.32 -69.96 -30.37
N PHE A 369 30.12 -68.91 -30.19
CA PHE A 369 29.62 -67.57 -30.47
C PHE A 369 30.17 -67.08 -31.79
N THR A 370 29.30 -66.73 -32.72
CA THR A 370 29.78 -66.21 -33.99
C THR A 370 30.34 -64.84 -33.65
N THR A 371 31.17 -64.30 -34.53
CA THR A 371 31.74 -62.99 -34.31
C THR A 371 30.62 -61.95 -34.22
N ASP A 372 29.69 -61.98 -35.17
CA ASP A 372 28.62 -61.01 -35.17
C ASP A 372 27.80 -61.08 -33.89
N ALA A 373 27.84 -62.23 -33.24
CA ALA A 373 27.12 -62.43 -31.98
C ALA A 373 27.80 -61.55 -30.95
N VAL A 374 29.08 -61.81 -30.75
CA VAL A 374 29.91 -61.06 -29.81
C VAL A 374 29.79 -59.58 -30.05
N LYS A 375 29.94 -59.19 -31.30
CA LYS A 375 29.81 -57.79 -31.69
C LYS A 375 28.43 -57.24 -31.22
N LYS A 376 27.36 -58.00 -31.47
CA LYS A 376 25.99 -57.65 -31.08
C LYS A 376 25.80 -57.60 -29.55
N ILE A 377 26.41 -58.52 -28.83
CA ILE A 377 26.29 -58.55 -27.37
C ILE A 377 26.89 -57.27 -26.80
N ALA A 378 28.07 -56.90 -27.30
CA ALA A 378 28.74 -55.71 -26.86
C ALA A 378 27.98 -54.45 -27.29
N GLU A 379 27.61 -54.37 -28.57
CA GLU A 379 26.87 -53.20 -29.03
C GLU A 379 25.71 -53.01 -28.06
N ALA A 380 25.12 -54.11 -27.63
CA ALA A 380 23.98 -54.07 -26.71
C ALA A 380 24.33 -53.59 -25.33
N ALA A 381 25.37 -54.16 -24.73
CA ALA A 381 25.77 -53.72 -23.39
C ALA A 381 25.99 -52.21 -23.44
N PHE A 382 26.92 -51.80 -24.29
CA PHE A 382 27.23 -50.39 -24.47
C PHE A 382 25.97 -49.56 -24.66
N ARG A 383 25.06 -50.03 -25.51
CA ARG A 383 23.82 -49.34 -25.76
C ARG A 383 23.08 -49.01 -24.45
N VAL A 384 22.79 -49.99 -23.61
CA VAL A 384 22.07 -49.63 -22.39
C VAL A 384 22.92 -48.74 -21.51
N ASN A 385 24.21 -49.03 -21.44
CA ASN A 385 25.12 -48.25 -20.61
C ASN A 385 24.96 -46.79 -20.93
N GLU A 386 24.79 -46.49 -22.22
CA GLU A 386 24.61 -45.11 -22.67
C GLU A 386 23.21 -44.62 -22.35
N LYS A 387 22.19 -45.34 -22.80
CA LYS A 387 20.81 -44.93 -22.55
C LYS A 387 20.39 -44.81 -21.08
N THR A 388 21.01 -45.57 -20.18
CA THR A 388 20.61 -45.52 -18.76
C THR A 388 21.80 -45.25 -17.81
N GLU A 389 21.86 -45.92 -16.65
CA GLU A 389 23.01 -45.70 -15.77
C GLU A 389 24.21 -46.48 -16.28
N ASN A 390 25.24 -45.77 -16.69
CA ASN A 390 26.42 -46.44 -17.21
C ASN A 390 27.25 -47.16 -16.12
N ILE A 391 27.23 -48.49 -16.12
CA ILE A 391 27.99 -49.22 -15.12
C ILE A 391 29.19 -49.98 -15.68
N GLY A 392 29.79 -49.41 -16.72
CA GLY A 392 30.96 -49.99 -17.34
C GLY A 392 30.82 -51.42 -17.80
N ALA A 393 31.93 -52.17 -17.73
CA ALA A 393 32.02 -53.56 -18.14
C ALA A 393 31.07 -54.47 -17.38
N ARG A 394 30.72 -54.12 -16.15
CA ARG A 394 29.80 -54.97 -15.42
C ARG A 394 28.62 -55.30 -16.34
N ARG A 395 28.11 -54.28 -17.04
CA ARG A 395 26.98 -54.47 -17.95
C ARG A 395 27.07 -55.73 -18.82
N LEU A 396 28.27 -56.24 -19.11
CA LEU A 396 28.39 -57.45 -19.91
C LEU A 396 27.90 -58.67 -19.14
N HIS A 397 28.18 -58.73 -17.84
CA HIS A 397 27.71 -59.87 -17.05
C HIS A 397 26.21 -59.88 -17.08
N THR A 398 25.62 -58.69 -17.09
CA THR A 398 24.18 -58.49 -17.13
C THR A 398 23.57 -59.09 -18.41
N VAL A 399 24.04 -58.59 -19.54
CA VAL A 399 23.53 -59.05 -20.81
C VAL A 399 23.91 -60.51 -21.02
N MET A 400 25.13 -60.90 -20.70
CA MET A 400 25.50 -62.30 -20.87
C MET A 400 24.52 -63.19 -20.12
N GLU A 401 24.19 -62.85 -18.87
CA GLU A 401 23.28 -63.70 -18.14
C GLU A 401 21.87 -63.66 -18.72
N ARG A 402 21.46 -62.54 -19.28
CA ARG A 402 20.12 -62.46 -19.84
C ARG A 402 20.02 -63.30 -21.11
N LEU A 403 21.16 -63.57 -21.72
CA LEU A 403 21.19 -64.33 -22.97
C LEU A 403 21.41 -65.81 -22.76
N MET A 404 22.39 -66.18 -21.96
CA MET A 404 22.62 -67.59 -21.70
C MET A 404 21.46 -68.13 -20.85
N ASP A 405 20.48 -67.27 -20.64
CA ASP A 405 19.25 -67.52 -19.88
C ASP A 405 18.65 -68.93 -20.08
N LYS A 406 17.94 -69.06 -21.21
CA LYS A 406 17.26 -70.28 -21.61
C LYS A 406 18.19 -71.47 -21.65
N ILE A 407 19.23 -71.39 -22.45
CA ILE A 407 20.18 -72.52 -22.50
C ILE A 407 20.65 -72.99 -21.12
N SER A 408 21.10 -72.05 -20.27
CA SER A 408 21.60 -72.36 -18.93
C SER A 408 20.71 -73.34 -18.20
N PHE A 409 19.39 -73.27 -18.40
CA PHE A 409 18.43 -74.16 -17.75
C PHE A 409 18.34 -75.52 -18.42
N SER A 410 17.91 -75.48 -19.68
CA SER A 410 17.73 -76.66 -20.53
C SER A 410 19.02 -77.42 -20.82
N ALA A 411 20.14 -76.73 -20.75
CA ALA A 411 21.42 -77.36 -21.04
C ALA A 411 21.53 -78.76 -20.47
N SER A 412 20.99 -78.97 -19.27
CA SER A 412 21.12 -80.27 -18.64
C SER A 412 20.59 -81.41 -19.50
N ASP A 413 19.32 -81.33 -19.89
CA ASP A 413 18.71 -82.34 -20.73
C ASP A 413 18.77 -81.87 -22.17
N MET A 414 19.98 -81.65 -22.66
CA MET A 414 20.19 -81.14 -24.01
C MET A 414 21.58 -81.61 -24.42
N ASN A 415 22.04 -82.63 -23.70
CA ASN A 415 23.34 -83.23 -23.89
C ASN A 415 23.61 -83.50 -25.35
N GLY A 416 24.90 -83.47 -25.71
CA GLY A 416 25.31 -83.75 -27.07
C GLY A 416 25.02 -82.69 -28.11
N GLN A 417 23.90 -81.97 -27.98
CA GLN A 417 23.58 -80.92 -28.95
C GLN A 417 24.68 -79.86 -28.96
N THR A 418 24.57 -78.91 -29.89
CA THR A 418 25.52 -77.80 -29.93
C THR A 418 24.76 -76.56 -30.40
N VAL A 419 24.76 -75.54 -29.54
CA VAL A 419 24.06 -74.31 -29.83
C VAL A 419 25.00 -73.38 -30.57
N ASN A 420 24.49 -72.79 -31.64
CA ASN A 420 25.30 -71.88 -32.42
C ASN A 420 24.71 -70.51 -32.25
N ILE A 421 25.28 -69.74 -31.33
CA ILE A 421 24.80 -68.41 -31.04
C ILE A 421 25.31 -67.41 -32.02
N ASP A 422 24.42 -66.89 -32.86
CA ASP A 422 24.75 -65.90 -33.88
C ASP A 422 24.03 -64.62 -33.52
N ALA A 423 24.07 -63.63 -34.40
CA ALA A 423 23.40 -62.35 -34.15
C ALA A 423 21.90 -62.49 -33.97
N ALA A 424 21.28 -63.32 -34.79
CA ALA A 424 19.85 -63.53 -34.73
C ALA A 424 19.47 -64.02 -33.35
N TYR A 425 20.28 -64.92 -32.81
CA TYR A 425 19.99 -65.50 -31.51
C TYR A 425 19.97 -64.44 -30.44
N VAL A 426 21.07 -63.74 -30.32
CA VAL A 426 21.24 -62.66 -29.34
C VAL A 426 20.12 -61.63 -29.49
N ALA A 427 19.92 -61.11 -30.68
CA ALA A 427 18.88 -60.12 -30.90
C ALA A 427 17.58 -60.57 -30.24
N ASP A 428 17.26 -61.85 -30.44
CA ASP A 428 16.05 -62.47 -29.93
C ASP A 428 16.08 -62.63 -28.43
N ALA A 429 17.07 -63.36 -27.92
CA ALA A 429 17.19 -63.58 -26.49
C ALA A 429 17.22 -62.31 -25.63
N LEU A 430 17.66 -61.19 -26.19
CA LEU A 430 17.72 -59.98 -25.39
C LEU A 430 16.43 -59.21 -25.34
N GLY A 431 15.44 -59.56 -26.14
CA GLY A 431 14.19 -58.82 -26.10
C GLY A 431 14.38 -57.38 -26.56
N GLU A 432 13.79 -56.42 -25.85
CA GLU A 432 13.93 -55.01 -26.22
C GLU A 432 14.36 -54.13 -25.07
N VAL A 433 15.36 -53.27 -25.28
CA VAL A 433 15.75 -52.41 -24.18
C VAL A 433 15.81 -50.90 -24.35
N VAL A 434 14.85 -50.36 -23.63
CA VAL A 434 14.43 -48.99 -23.38
C VAL A 434 15.24 -47.71 -23.61
N GLU A 435 14.62 -46.73 -24.28
CA GLU A 435 15.24 -45.42 -24.49
C GLU A 435 14.37 -44.34 -23.81
N ASN A 436 14.23 -44.52 -22.49
CA ASN A 436 13.49 -43.72 -21.49
C ASN A 436 12.43 -42.65 -21.73
N GLU A 437 11.38 -42.71 -20.91
CA GLU A 437 10.28 -41.75 -21.00
C GLU A 437 10.24 -40.78 -19.83
N ASP A 438 11.40 -40.19 -19.50
CA ASP A 438 11.50 -39.17 -18.43
C ASP A 438 10.49 -38.20 -18.96
N LEU A 439 10.30 -38.37 -20.25
CA LEU A 439 9.36 -37.63 -21.05
C LEU A 439 8.07 -37.49 -20.25
N SER A 440 7.15 -36.73 -20.82
CA SER A 440 5.87 -36.53 -20.22
C SER A 440 5.94 -36.32 -18.72
N ARG A 441 5.41 -37.30 -18.00
CA ARG A 441 5.34 -37.32 -16.55
C ARG A 441 5.80 -36.06 -15.80
N PHE A 442 7.05 -35.65 -16.03
CA PHE A 442 7.62 -34.51 -15.34
C PHE A 442 7.82 -33.30 -16.22
N ILE A 443 7.44 -33.38 -17.49
CA ILE A 443 7.68 -32.24 -18.34
C ILE A 443 6.39 -31.56 -18.80
N LEU A 444 6.41 -30.23 -18.80
CA LEU A 444 5.26 -29.44 -19.23
C LEU A 444 5.61 -28.62 -20.46
N SER B 2 24.88 -86.78 -9.36
CA SER B 2 25.61 -86.19 -8.20
C SER B 2 24.83 -85.03 -7.59
N GLU B 3 23.97 -84.41 -8.39
CA GLU B 3 23.18 -83.28 -7.92
C GLU B 3 21.98 -83.10 -8.82
N MET B 4 20.95 -82.46 -8.29
CA MET B 4 19.72 -82.22 -9.03
C MET B 4 19.97 -81.38 -10.27
N THR B 5 18.97 -81.31 -11.12
CA THR B 5 19.13 -80.55 -12.34
C THR B 5 18.10 -79.44 -12.39
N PRO B 6 18.22 -78.53 -13.35
CA PRO B 6 17.26 -77.44 -13.45
C PRO B 6 15.84 -77.91 -13.33
N ARG B 7 15.37 -78.70 -14.29
CA ARG B 7 13.98 -79.17 -14.22
C ARG B 7 13.68 -79.94 -12.94
N GLU B 8 14.66 -80.72 -12.51
CA GLU B 8 14.56 -81.51 -11.31
C GLU B 8 14.22 -80.62 -10.10
N ILE B 9 15.02 -79.57 -9.92
CA ILE B 9 14.82 -78.66 -8.80
C ILE B 9 13.54 -77.89 -8.90
N VAL B 10 13.13 -77.48 -10.10
CA VAL B 10 11.90 -76.72 -10.18
C VAL B 10 10.77 -77.60 -9.71
N SER B 11 10.81 -78.89 -10.07
CA SER B 11 9.79 -79.85 -9.64
C SER B 11 9.73 -79.92 -8.13
N GLU B 12 10.89 -79.97 -7.49
CA GLU B 12 10.96 -80.02 -6.04
C GLU B 12 10.33 -78.75 -5.42
N LEU B 13 10.54 -77.59 -6.03
CA LEU B 13 9.97 -76.36 -5.50
C LEU B 13 8.50 -76.30 -5.77
N ASP B 14 8.05 -76.97 -6.83
CA ASP B 14 6.63 -76.96 -7.16
C ASP B 14 5.82 -77.64 -6.04
N GLN B 15 6.51 -78.47 -5.25
CA GLN B 15 5.87 -79.17 -4.15
C GLN B 15 5.60 -78.27 -2.96
N HIS B 16 6.06 -77.02 -2.99
CA HIS B 16 5.79 -76.13 -1.86
C HIS B 16 5.33 -74.76 -2.26
N ILE B 17 5.68 -74.32 -3.45
CA ILE B 17 5.24 -73.00 -3.88
C ILE B 17 4.35 -73.12 -5.09
N ILE B 18 3.23 -72.42 -5.04
CA ILE B 18 2.30 -72.42 -6.16
C ILE B 18 2.65 -71.22 -7.04
N GLY B 19 2.72 -71.45 -8.34
CA GLY B 19 3.03 -70.36 -9.25
C GLY B 19 4.46 -69.86 -9.16
N GLN B 20 4.69 -68.61 -9.56
CA GLN B 20 6.04 -68.05 -9.52
C GLN B 20 7.05 -68.94 -10.25
N ALA B 21 6.89 -69.10 -11.55
CA ALA B 21 7.78 -69.96 -12.28
C ALA B 21 9.12 -69.35 -12.51
N ASP B 22 9.08 -68.23 -13.24
CA ASP B 22 10.28 -67.46 -13.60
C ASP B 22 11.18 -67.48 -12.40
N ALA B 23 10.59 -67.18 -11.24
CA ALA B 23 11.32 -67.15 -9.99
C ALA B 23 11.98 -68.51 -9.72
N LYS B 24 11.19 -69.59 -9.74
CA LYS B 24 11.71 -70.93 -9.49
C LYS B 24 12.84 -71.26 -10.45
N ARG B 25 12.59 -71.06 -11.74
CA ARG B 25 13.60 -71.30 -12.76
C ARG B 25 14.94 -70.62 -12.36
N ALA B 26 14.85 -69.31 -12.13
CA ALA B 26 15.97 -68.44 -11.74
C ALA B 26 16.86 -69.09 -10.71
N VAL B 27 16.31 -69.32 -9.53
CA VAL B 27 17.06 -69.97 -8.45
C VAL B 27 17.50 -71.38 -8.81
N ALA B 28 16.81 -72.01 -9.75
CA ALA B 28 17.16 -73.37 -10.11
C ALA B 28 18.50 -73.37 -10.84
N ILE B 29 18.57 -72.60 -11.91
CA ILE B 29 19.79 -72.54 -12.70
C ILE B 29 20.92 -72.01 -11.82
N ALA B 30 20.57 -71.29 -10.76
CA ALA B 30 21.59 -70.74 -9.88
C ALA B 30 22.22 -71.89 -9.11
N LEU B 31 21.41 -72.67 -8.42
CA LEU B 31 21.91 -73.79 -7.65
C LEU B 31 22.59 -74.81 -8.56
N ARG B 32 22.27 -74.77 -9.84
CA ARG B 32 22.86 -75.70 -10.75
C ARG B 32 24.24 -75.25 -11.13
N ASN B 33 24.41 -73.95 -11.35
CA ASN B 33 25.74 -73.43 -11.76
C ASN B 33 26.70 -73.77 -10.66
N ARG B 34 26.18 -74.12 -9.50
CA ARG B 34 27.02 -74.49 -8.39
C ARG B 34 27.73 -75.81 -8.68
N TRP B 35 26.98 -76.73 -9.27
CA TRP B 35 27.50 -78.04 -9.61
C TRP B 35 28.32 -77.93 -10.87
N ARG B 36 27.88 -77.11 -11.82
CA ARG B 36 28.63 -76.94 -13.06
C ARG B 36 30.06 -76.49 -12.75
N ARG B 37 30.21 -75.40 -11.99
CA ARG B 37 31.54 -74.97 -11.56
C ARG B 37 31.90 -76.17 -10.67
N MET B 38 33.08 -76.21 -10.11
CA MET B 38 33.43 -77.36 -9.25
C MET B 38 33.48 -78.61 -10.08
N GLN B 39 33.39 -78.46 -11.39
CA GLN B 39 33.48 -79.59 -12.30
C GLN B 39 34.59 -79.12 -13.24
N LEU B 40 34.77 -77.80 -13.26
CA LEU B 40 35.78 -77.13 -14.07
C LEU B 40 37.17 -77.43 -13.51
N GLN B 41 38.20 -77.24 -14.35
CA GLN B 41 39.59 -77.54 -13.98
C GLN B 41 40.06 -76.92 -12.68
N GLU B 42 40.56 -75.70 -12.74
CA GLU B 42 41.02 -75.02 -11.52
C GLU B 42 41.17 -73.53 -11.77
N PRO B 43 41.75 -73.15 -12.92
CA PRO B 43 41.89 -71.70 -13.19
C PRO B 43 40.49 -71.11 -13.27
N LEU B 44 39.65 -71.70 -14.12
CA LEU B 44 38.26 -71.27 -14.26
C LEU B 44 37.44 -71.62 -13.03
N ARG B 45 37.77 -72.71 -12.36
CA ARG B 45 37.01 -73.07 -11.17
C ARG B 45 36.87 -71.86 -10.24
N HIS B 46 37.96 -71.11 -10.09
CA HIS B 46 37.94 -69.94 -9.22
C HIS B 46 37.36 -68.70 -9.92
N GLU B 47 37.75 -68.48 -11.17
CA GLU B 47 37.28 -67.32 -11.91
C GLU B 47 35.78 -67.20 -12.03
N VAL B 48 35.07 -68.30 -12.25
CA VAL B 48 33.62 -68.19 -12.40
C VAL B 48 32.90 -67.86 -11.08
N THR B 49 32.01 -66.88 -11.11
CA THR B 49 31.30 -66.50 -9.89
C THR B 49 29.80 -66.55 -10.04
N PRO B 50 29.08 -66.67 -8.90
CA PRO B 50 27.63 -66.74 -8.78
C PRO B 50 26.95 -65.61 -9.51
N LYS B 51 25.80 -65.88 -10.09
CA LYS B 51 25.05 -64.85 -10.80
C LYS B 51 23.88 -64.50 -9.90
N ASN B 52 24.15 -63.65 -8.91
CA ASN B 52 23.16 -63.24 -7.92
C ASN B 52 21.79 -62.85 -8.43
N ILE B 53 20.79 -62.94 -7.57
CA ILE B 53 19.41 -62.66 -7.98
C ILE B 53 18.68 -61.59 -7.22
N LEU B 54 17.89 -60.83 -7.96
CA LEU B 54 17.07 -59.78 -7.38
C LEU B 54 15.63 -60.16 -7.69
N MET B 55 14.87 -60.55 -6.67
CA MET B 55 13.49 -60.95 -6.88
C MET B 55 12.61 -59.75 -6.65
N ILE B 56 11.76 -59.47 -7.59
CA ILE B 56 10.88 -58.32 -7.44
C ILE B 56 9.42 -58.74 -7.39
N GLY B 57 8.79 -58.61 -6.23
CA GLY B 57 7.40 -59.00 -6.18
C GLY B 57 6.74 -58.40 -4.98
N PRO B 58 5.40 -58.31 -4.95
CA PRO B 58 4.64 -57.75 -3.83
C PRO B 58 4.76 -58.57 -2.57
N THR B 59 4.16 -58.10 -1.48
CA THR B 59 4.21 -58.79 -0.20
C THR B 59 3.68 -60.21 -0.16
N GLY B 60 4.48 -61.07 0.47
CA GLY B 60 4.16 -62.48 0.68
C GLY B 60 3.61 -63.29 -0.48
N VAL B 61 4.34 -63.29 -1.59
CA VAL B 61 3.92 -64.03 -2.75
C VAL B 61 4.86 -65.21 -3.03
N GLY B 62 5.72 -65.54 -2.07
CA GLY B 62 6.64 -66.66 -2.24
C GLY B 62 8.14 -66.38 -2.29
N LYS B 63 8.52 -65.10 -2.39
CA LYS B 63 9.93 -64.67 -2.48
C LYS B 63 10.83 -65.34 -1.48
N THR B 64 10.40 -65.40 -0.24
CA THR B 64 11.20 -66.02 0.80
C THR B 64 11.12 -67.57 0.81
N GLU B 65 9.91 -68.12 0.69
CA GLU B 65 9.76 -69.59 0.70
C GLU B 65 10.59 -70.21 -0.38
N ILE B 66 10.59 -69.59 -1.54
CA ILE B 66 11.37 -70.13 -2.63
C ILE B 66 12.83 -70.24 -2.24
N ALA B 67 13.35 -69.20 -1.60
CA ALA B 67 14.74 -69.21 -1.23
C ALA B 67 15.02 -70.17 -0.10
N ARG B 68 14.16 -70.17 0.91
CA ARG B 68 14.36 -71.04 2.05
C ARG B 68 14.31 -72.51 1.60
N ARG B 69 13.39 -72.83 0.70
CA ARG B 69 13.26 -74.19 0.21
C ARG B 69 14.42 -74.56 -0.67
N LEU B 70 14.91 -73.61 -1.45
CA LEU B 70 16.03 -73.89 -2.35
C LEU B 70 17.20 -74.32 -1.51
N ALA B 71 17.41 -73.60 -0.42
CA ALA B 71 18.50 -73.90 0.45
C ALA B 71 18.26 -75.23 1.09
N LYS B 72 17.01 -75.48 1.48
CA LYS B 72 16.65 -76.72 2.15
C LYS B 72 16.96 -77.95 1.30
N LEU B 73 16.52 -77.93 0.05
CA LEU B 73 16.72 -79.05 -0.85
C LEU B 73 18.13 -79.16 -1.38
N ALA B 74 18.97 -78.21 -1.01
CA ALA B 74 20.34 -78.26 -1.47
C ALA B 74 21.15 -78.47 -0.22
N ASN B 75 20.46 -78.57 0.92
CA ASN B 75 21.13 -78.77 2.19
C ASN B 75 22.30 -77.80 2.25
N ALA B 76 21.98 -76.52 2.14
CA ALA B 76 23.00 -75.50 2.17
C ALA B 76 22.77 -74.52 3.29
N PRO B 77 23.85 -73.96 3.85
CA PRO B 77 23.74 -72.98 4.93
C PRO B 77 22.92 -71.79 4.41
N PHE B 78 21.96 -71.35 5.18
CA PHE B 78 21.11 -70.28 4.74
C PHE B 78 20.97 -69.23 5.82
N ILE B 79 20.58 -68.04 5.41
CA ILE B 79 20.37 -66.95 6.37
C ILE B 79 19.57 -65.86 5.71
N LYS B 80 18.59 -65.34 6.45
CA LYS B 80 17.79 -64.25 5.92
C LYS B 80 18.01 -63.01 6.78
N VAL B 81 18.11 -61.85 6.14
CA VAL B 81 18.29 -60.62 6.91
C VAL B 81 17.53 -59.45 6.29
N GLU B 82 17.01 -58.57 7.12
CA GLU B 82 16.35 -57.38 6.57
C GLU B 82 17.52 -56.43 6.23
N ALA B 83 17.43 -55.74 5.09
CA ALA B 83 18.48 -54.81 4.67
C ALA B 83 18.49 -53.64 5.64
N THR B 84 17.31 -53.21 6.04
CA THR B 84 17.21 -52.08 6.96
C THR B 84 17.78 -52.38 8.31
N LYS B 85 18.03 -53.65 8.57
CA LYS B 85 18.59 -54.04 9.87
C LYS B 85 19.90 -53.28 10.13
N PHE B 86 20.48 -52.65 9.12
CA PHE B 86 21.74 -51.95 9.33
C PHE B 86 21.69 -50.46 9.05
N THR B 87 20.52 -49.84 9.13
CA THR B 87 20.41 -48.40 8.86
C THR B 87 21.05 -47.56 9.95
N GLU B 95 26.56 -53.95 12.27
CA GLU B 95 27.64 -54.82 11.81
C GLU B 95 27.18 -55.74 10.66
N VAL B 96 27.57 -55.42 9.42
CA VAL B 96 27.15 -56.22 8.27
C VAL B 96 27.84 -57.58 8.12
N ASP B 97 29.07 -57.67 8.60
CA ASP B 97 29.81 -58.92 8.50
C ASP B 97 29.14 -60.01 9.34
N SER B 98 28.26 -59.58 10.23
CA SER B 98 27.55 -60.54 11.06
C SER B 98 26.83 -61.51 10.12
N ILE B 99 26.32 -60.99 9.02
CA ILE B 99 25.61 -61.80 8.06
C ILE B 99 26.37 -63.05 7.70
N ILE B 100 27.68 -62.94 7.48
CA ILE B 100 28.46 -64.13 7.15
C ILE B 100 28.72 -64.92 8.42
N ARG B 101 29.00 -64.20 9.49
CA ARG B 101 29.31 -64.84 10.75
C ARG B 101 28.16 -65.76 11.12
N ASP B 102 26.93 -65.27 10.97
CA ASP B 102 25.71 -66.03 11.30
C ASP B 102 25.49 -67.20 10.34
N LEU B 103 25.78 -66.97 9.08
CA LEU B 103 25.61 -67.99 8.06
C LEU B 103 26.55 -69.15 8.37
N THR B 104 27.68 -68.87 9.01
CA THR B 104 28.63 -69.92 9.34
C THR B 104 28.14 -70.71 10.53
N ASP B 105 27.57 -70.05 11.53
CA ASP B 105 27.06 -70.80 12.67
C ASP B 105 26.03 -71.79 12.15
N SER B 106 25.25 -71.35 11.17
CA SER B 106 24.23 -72.20 10.58
C SER B 106 24.88 -73.39 9.91
N ALA B 107 26.00 -73.17 9.24
CA ALA B 107 26.67 -74.27 8.59
C ALA B 107 27.33 -75.19 9.61
N MET B 108 27.19 -74.87 10.89
CA MET B 108 27.76 -75.74 11.91
C MET B 108 26.63 -76.69 12.20
N LYS B 109 25.48 -76.13 12.58
CA LYS B 109 24.26 -76.88 12.90
C LYS B 109 23.86 -77.81 11.76
N LEU B 110 24.56 -77.69 10.63
CA LEU B 110 24.27 -78.51 9.47
C LEU B 110 25.36 -79.56 9.35
N VAL B 111 26.60 -79.10 9.36
CA VAL B 111 27.74 -80.00 9.24
C VAL B 111 27.83 -80.94 10.42
N ARG B 112 27.86 -80.37 11.63
CA ARG B 112 27.94 -81.16 12.84
C ARG B 112 26.76 -82.11 12.94
N GLN B 113 25.60 -81.64 12.47
CA GLN B 113 24.37 -82.43 12.49
C GLN B 113 24.49 -83.71 11.67
N GLN B 114 25.48 -83.74 10.77
CA GLN B 114 25.70 -84.89 9.91
C GLN B 114 26.88 -85.78 10.30
N GLU B 115 27.76 -85.26 11.15
CA GLU B 115 28.90 -86.04 11.62
C GLU B 115 28.39 -86.97 12.72
N ILE B 116 27.31 -86.54 13.35
CA ILE B 116 26.65 -87.28 14.42
C ILE B 116 25.60 -88.19 13.81
N ALA B 117 25.04 -87.79 12.68
CA ALA B 117 24.02 -88.59 12.00
C ALA B 117 24.73 -89.54 11.04
N LYS B 118 25.86 -90.06 11.48
CA LYS B 118 26.66 -91.00 10.70
C LYS B 118 27.29 -92.04 11.62
N ASN B 119 27.43 -91.68 12.90
CA ASN B 119 28.01 -92.58 13.90
C ASN B 119 26.94 -93.40 14.62
N ALA B 231 27.48 -88.64 23.78
CA ALA B 231 28.21 -89.91 23.70
C ALA B 231 28.78 -90.11 22.28
N ALA B 232 30.00 -89.61 22.05
CA ALA B 232 30.62 -89.74 20.73
C ALA B 232 32.08 -89.28 20.67
N LYS B 233 32.68 -89.43 19.49
CA LYS B 233 34.08 -89.04 19.25
C LYS B 233 34.52 -89.37 17.81
N LEU B 234 35.01 -88.35 17.09
CA LEU B 234 35.48 -88.45 15.71
C LEU B 234 35.60 -86.99 15.28
N ILE B 235 34.84 -86.17 16.02
CA ILE B 235 34.74 -84.73 15.83
C ILE B 235 36.02 -84.03 15.36
N ASN B 236 36.90 -83.69 16.29
CA ASN B 236 38.14 -82.99 15.96
C ASN B 236 37.80 -81.62 15.38
N PRO B 237 37.51 -80.63 16.24
CA PRO B 237 37.17 -79.25 15.89
C PRO B 237 38.07 -78.50 14.91
N GLU B 238 39.15 -79.12 14.46
CA GLU B 238 40.03 -78.47 13.48
C GLU B 238 39.62 -79.04 12.11
N GLU B 239 38.74 -80.04 12.18
CA GLU B 239 38.22 -80.72 11.00
C GLU B 239 36.77 -80.29 10.78
N LEU B 240 35.97 -80.39 11.85
CA LEU B 240 34.57 -80.02 11.75
C LEU B 240 34.43 -78.58 11.28
N LYS B 241 35.25 -77.68 11.83
CA LYS B 241 35.22 -76.27 11.43
C LYS B 241 35.48 -76.19 9.95
N GLN B 242 36.65 -76.70 9.55
CA GLN B 242 37.07 -76.74 8.15
C GLN B 242 35.93 -77.33 7.30
N LYS B 243 35.31 -78.38 7.81
CA LYS B 243 34.21 -79.04 7.11
C LYS B 243 33.03 -78.08 6.94
N ALA B 244 32.82 -77.23 7.95
CA ALA B 244 31.74 -76.26 7.94
C ALA B 244 32.06 -75.07 7.05
N ILE B 245 33.26 -74.53 7.22
CA ILE B 245 33.67 -73.39 6.42
C ILE B 245 33.50 -73.63 4.94
N ASP B 246 33.91 -74.78 4.46
CA ASP B 246 33.76 -75.05 3.03
C ASP B 246 32.30 -74.98 2.65
N ALA B 247 31.43 -75.62 3.43
CA ALA B 247 30.00 -75.58 3.13
C ALA B 247 29.55 -74.14 2.88
N VAL B 248 30.06 -73.21 3.67
CA VAL B 248 29.70 -71.81 3.52
C VAL B 248 30.27 -71.25 2.24
N GLU B 249 31.58 -71.25 2.14
CA GLU B 249 32.29 -70.74 0.97
C GLU B 249 31.83 -71.37 -0.32
N GLN B 250 31.42 -72.64 -0.26
CA GLN B 250 31.00 -73.40 -1.44
C GLN B 250 29.55 -73.26 -1.89
N ASN B 251 28.61 -73.51 -0.97
CA ASN B 251 27.19 -73.43 -1.29
C ASN B 251 26.36 -72.63 -0.31
N GLY B 252 26.94 -71.59 0.25
CA GLY B 252 26.19 -70.74 1.16
C GLY B 252 25.19 -69.86 0.40
N ILE B 253 24.09 -69.52 1.04
CA ILE B 253 23.09 -68.69 0.41
C ILE B 253 22.61 -67.56 1.29
N VAL B 254 22.74 -66.32 0.83
CA VAL B 254 22.26 -65.21 1.66
C VAL B 254 21.01 -64.57 1.07
N PHE B 255 20.00 -64.32 1.89
CA PHE B 255 18.78 -63.72 1.40
C PHE B 255 18.52 -62.33 2.02
N ILE B 256 18.78 -61.28 1.25
CA ILE B 256 18.60 -59.92 1.74
C ILE B 256 17.20 -59.41 1.45
N ASP B 257 16.41 -59.33 2.48
CA ASP B 257 15.03 -58.91 2.33
C ASP B 257 14.79 -57.39 2.29
N GLU B 258 13.72 -57.03 1.58
CA GLU B 258 13.29 -55.65 1.40
C GLU B 258 14.47 -54.70 1.21
N ILE B 259 15.26 -55.00 0.19
CA ILE B 259 16.42 -54.18 -0.14
C ILE B 259 15.95 -52.89 -0.78
N ASP B 260 14.71 -52.88 -1.28
CA ASP B 260 14.17 -51.69 -1.91
C ASP B 260 14.02 -50.65 -0.83
N LYS B 261 14.12 -51.07 0.41
CA LYS B 261 14.00 -50.14 1.51
C LYS B 261 15.27 -49.34 1.73
N ILE B 262 16.39 -49.75 1.12
CA ILE B 262 17.61 -48.98 1.31
C ILE B 262 18.03 -48.27 0.02
N CYS B 263 17.05 -47.91 -0.80
CA CYS B 263 17.33 -47.20 -2.03
C CYS B 263 17.15 -45.71 -1.83
N LYS B 264 17.87 -44.94 -2.63
CA LYS B 264 17.75 -43.49 -2.54
C LYS B 264 16.30 -43.11 -2.87
N LYS B 265 15.69 -42.28 -2.04
CA LYS B 265 14.31 -41.86 -2.24
C LYS B 265 13.95 -40.75 -1.27
N GLY B 270 17.70 -35.82 2.99
CA GLY B 270 17.33 -36.64 4.14
C GLY B 270 18.42 -37.61 4.57
N ALA B 271 18.10 -38.47 5.52
CA ALA B 271 19.05 -39.47 6.02
C ALA B 271 19.19 -40.54 4.97
N ASP B 272 18.83 -40.18 3.74
CA ASP B 272 18.90 -41.06 2.58
C ASP B 272 20.31 -41.63 2.42
N VAL B 273 21.28 -41.02 3.09
CA VAL B 273 22.65 -41.47 3.01
C VAL B 273 22.89 -42.57 4.04
N SER B 274 22.07 -42.58 5.08
CA SER B 274 22.19 -43.59 6.12
C SER B 274 21.92 -44.97 5.52
N ARG B 275 20.96 -45.01 4.60
CA ARG B 275 20.55 -46.24 3.91
C ARG B 275 21.44 -46.45 2.69
N GLU B 276 21.63 -45.38 1.92
CA GLU B 276 22.50 -45.45 0.74
C GLU B 276 23.82 -46.02 1.22
N GLY B 277 24.12 -45.77 2.49
CA GLY B 277 25.33 -46.28 3.09
C GLY B 277 25.26 -47.78 3.20
N VAL B 278 24.15 -48.32 3.67
CA VAL B 278 24.00 -49.76 3.79
C VAL B 278 24.37 -50.49 2.50
N GLN B 279 24.09 -49.89 1.35
CA GLN B 279 24.43 -50.55 0.09
C GLN B 279 25.95 -50.70 0.02
N ARG B 280 26.66 -49.59 0.22
CA ARG B 280 28.11 -49.59 0.16
C ARG B 280 28.69 -50.62 1.12
N ASP B 281 28.02 -50.82 2.25
CA ASP B 281 28.47 -51.75 3.27
C ASP B 281 28.27 -53.21 2.88
N LEU B 282 27.32 -53.47 1.97
CA LEU B 282 27.07 -54.83 1.53
C LEU B 282 27.99 -55.24 0.41
N LEU B 283 28.50 -54.25 -0.33
CA LEU B 283 29.38 -54.52 -1.46
C LEU B 283 30.41 -55.59 -1.21
N PRO B 284 31.29 -55.36 -0.22
CA PRO B 284 32.35 -56.33 0.12
C PRO B 284 31.85 -57.77 0.05
N LEU B 285 30.82 -58.13 0.81
CA LEU B 285 30.30 -59.47 0.76
C LEU B 285 29.91 -59.82 -0.66
N VAL B 286 28.98 -59.07 -1.21
CA VAL B 286 28.54 -59.33 -2.58
C VAL B 286 29.68 -59.34 -3.59
N GLU B 287 30.56 -58.35 -3.53
CA GLU B 287 31.67 -58.25 -4.45
C GLU B 287 32.78 -59.25 -4.16
N GLY B 288 32.62 -59.99 -3.08
CA GLY B 288 33.62 -60.99 -2.72
C GLY B 288 34.74 -60.49 -1.84
N SER B 289 34.76 -60.90 -0.58
CA SER B 289 35.83 -60.48 0.31
C SER B 289 35.94 -61.51 1.41
N THR B 290 36.63 -61.16 2.49
CA THR B 290 36.79 -62.07 3.60
C THR B 290 36.36 -61.47 4.93
N VAL B 291 35.79 -62.32 5.78
CA VAL B 291 35.35 -61.90 7.10
C VAL B 291 35.71 -63.04 8.03
N SER B 292 36.07 -62.70 9.27
CA SER B 292 36.44 -63.70 10.25
C SER B 292 35.27 -64.12 11.12
N THR B 293 35.15 -65.43 11.32
CA THR B 293 34.11 -66.03 12.17
C THR B 293 34.83 -66.80 13.28
N LYS B 294 34.09 -67.14 14.32
CA LYS B 294 34.69 -67.87 15.43
C LYS B 294 35.09 -69.27 15.02
N HIS B 295 35.05 -69.56 13.73
CA HIS B 295 35.41 -70.89 13.25
C HIS B 295 36.58 -70.77 12.29
N GLY B 296 36.92 -69.55 11.92
CA GLY B 296 38.00 -69.34 10.99
C GLY B 296 37.69 -68.27 9.97
N MET B 297 38.49 -68.17 8.92
CA MET B 297 38.26 -67.18 7.90
C MET B 297 37.42 -67.78 6.80
N VAL B 298 36.43 -67.02 6.30
CA VAL B 298 35.58 -67.48 5.21
C VAL B 298 35.59 -66.45 4.10
N LYS B 299 35.42 -66.88 2.85
CA LYS B 299 35.42 -65.94 1.73
C LYS B 299 34.00 -65.86 1.16
N THR B 300 33.52 -64.64 0.88
CA THR B 300 32.17 -64.46 0.33
C THR B 300 32.19 -64.52 -1.20
N ASP B 301 33.34 -64.86 -1.74
CA ASP B 301 33.52 -64.92 -3.17
C ASP B 301 32.53 -65.79 -3.89
N HIS B 302 32.12 -66.88 -3.25
CA HIS B 302 31.15 -67.76 -3.90
C HIS B 302 29.82 -67.98 -3.17
N ILE B 303 29.46 -67.04 -2.30
CA ILE B 303 28.19 -67.10 -1.58
C ILE B 303 27.19 -66.62 -2.63
N LEU B 304 26.02 -67.24 -2.69
CA LEU B 304 25.00 -66.85 -3.64
C LEU B 304 24.10 -65.91 -2.91
N PHE B 305 23.93 -64.71 -3.43
CA PHE B 305 23.07 -63.71 -2.77
C PHE B 305 21.77 -63.56 -3.49
N ILE B 306 20.70 -63.45 -2.73
CA ILE B 306 19.37 -63.27 -3.31
C ILE B 306 18.70 -62.12 -2.62
N ALA B 307 18.47 -61.03 -3.33
CA ALA B 307 17.83 -59.92 -2.66
C ALA B 307 16.40 -59.79 -3.15
N SER B 308 15.52 -59.36 -2.28
CA SER B 308 14.15 -59.20 -2.70
C SER B 308 13.70 -57.78 -2.41
N GLY B 309 12.60 -57.40 -3.06
CA GLY B 309 12.07 -56.06 -2.87
C GLY B 309 10.78 -55.90 -3.62
N ALA B 310 9.93 -55.02 -3.12
CA ALA B 310 8.65 -54.79 -3.78
C ALA B 310 8.85 -53.76 -4.85
N PHE B 311 9.66 -52.76 -4.51
CA PHE B 311 9.98 -51.70 -5.42
C PHE B 311 8.73 -51.06 -5.91
N GLN B 312 7.95 -50.49 -5.00
CA GLN B 312 6.74 -49.80 -5.40
C GLN B 312 7.10 -48.38 -5.84
N VAL B 313 7.94 -47.73 -5.05
CA VAL B 313 8.36 -46.37 -5.36
C VAL B 313 9.72 -46.33 -6.04
N ALA B 314 10.67 -47.08 -5.51
CA ALA B 314 12.01 -47.13 -6.06
C ALA B 314 12.08 -48.15 -7.18
N ARG B 315 12.98 -47.91 -8.13
CA ARG B 315 13.20 -48.83 -9.25
C ARG B 315 14.49 -49.55 -8.89
N PRO B 316 14.75 -50.74 -9.44
CA PRO B 316 16.01 -51.41 -9.08
C PRO B 316 17.25 -50.63 -9.53
N SER B 317 17.07 -49.82 -10.57
CA SER B 317 18.13 -49.00 -11.14
C SER B 317 18.41 -47.84 -10.22
N ASP B 318 17.86 -47.87 -9.03
CA ASP B 318 18.10 -46.80 -8.06
C ASP B 318 19.09 -47.27 -7.03
N LEU B 319 19.59 -48.48 -7.22
CA LEU B 319 20.60 -49.01 -6.32
C LEU B 319 21.90 -48.44 -6.83
N ILE B 320 22.98 -48.57 -6.07
CA ILE B 320 24.26 -48.05 -6.53
C ILE B 320 24.76 -48.97 -7.62
N PRO B 321 25.35 -48.43 -8.69
CA PRO B 321 25.84 -49.28 -9.79
C PRO B 321 26.74 -50.45 -9.34
N GLU B 322 27.70 -50.18 -8.49
CA GLU B 322 28.58 -51.25 -8.04
C GLU B 322 27.74 -52.48 -7.62
N LEU B 323 26.55 -52.23 -7.09
CA LEU B 323 25.66 -53.30 -6.63
C LEU B 323 24.63 -53.76 -7.67
N GLN B 324 24.11 -52.82 -8.42
CA GLN B 324 23.14 -53.10 -9.45
C GLN B 324 23.72 -54.00 -10.51
N GLY B 325 25.03 -54.14 -10.50
CA GLY B 325 25.69 -54.97 -11.49
C GLY B 325 26.08 -56.31 -10.92
N ARG B 326 26.10 -56.40 -9.60
CA ARG B 326 26.41 -57.64 -8.93
C ARG B 326 25.10 -58.44 -8.77
N LEU B 327 23.99 -57.85 -9.24
CA LEU B 327 22.68 -58.47 -9.20
C LEU B 327 22.19 -58.53 -10.67
N PRO B 328 22.81 -59.41 -11.46
CA PRO B 328 22.59 -59.68 -12.87
C PRO B 328 21.20 -60.14 -13.18
N ILE B 329 20.79 -61.20 -12.48
CA ILE B 329 19.48 -61.79 -12.67
C ILE B 329 18.34 -61.09 -11.97
N ARG B 330 17.44 -60.50 -12.75
CA ARG B 330 16.29 -59.87 -12.19
C ARG B 330 15.12 -60.80 -12.56
N VAL B 331 14.32 -61.19 -11.60
CA VAL B 331 13.16 -62.03 -11.89
C VAL B 331 11.97 -61.42 -11.16
N GLU B 332 10.82 -61.39 -11.82
CA GLU B 332 9.62 -60.83 -11.24
C GLU B 332 8.61 -61.87 -10.68
N LEU B 333 8.01 -61.58 -9.54
CA LEU B 333 7.01 -62.50 -9.04
C LEU B 333 5.66 -61.82 -9.17
N THR B 334 4.63 -62.63 -9.39
CA THR B 334 3.28 -62.11 -9.54
C THR B 334 2.54 -62.02 -8.24
N ALA B 335 1.49 -61.21 -8.24
CA ALA B 335 0.67 -61.05 -7.07
C ALA B 335 -0.14 -62.33 -7.08
N LEU B 336 -0.49 -62.81 -5.91
CA LEU B 336 -1.29 -64.01 -5.87
C LEU B 336 -2.77 -63.68 -6.11
N SER B 337 -3.45 -64.49 -6.92
CA SER B 337 -4.88 -64.29 -7.23
C SER B 337 -5.76 -65.26 -6.47
N ALA B 338 -7.06 -65.00 -6.51
CA ALA B 338 -8.04 -65.86 -5.84
C ALA B 338 -7.75 -67.31 -6.21
N ALA B 339 -7.69 -67.54 -7.51
CA ALA B 339 -7.38 -68.88 -8.01
C ALA B 339 -6.05 -69.48 -7.46
N ASP B 340 -5.05 -68.62 -7.21
CA ASP B 340 -3.77 -69.06 -6.71
C ASP B 340 -3.94 -69.45 -5.28
N PHE B 341 -4.66 -68.64 -4.51
CA PHE B 341 -4.88 -68.97 -3.10
C PHE B 341 -5.52 -70.34 -3.04
N GLU B 342 -6.55 -70.54 -3.86
CA GLU B 342 -7.27 -71.81 -3.90
C GLU B 342 -6.33 -72.98 -3.88
N ARG B 343 -5.23 -72.86 -4.61
CA ARG B 343 -4.27 -73.93 -4.68
C ARG B 343 -3.32 -73.93 -3.51
N ILE B 344 -2.96 -72.75 -3.06
CA ILE B 344 -2.02 -72.66 -1.94
C ILE B 344 -2.70 -73.28 -0.74
N LEU B 345 -4.01 -73.12 -0.73
CA LEU B 345 -4.83 -73.59 0.36
C LEU B 345 -4.81 -75.09 0.54
N THR B 346 -4.64 -75.81 -0.57
CA THR B 346 -4.69 -77.29 -0.58
C THR B 346 -3.53 -78.13 -1.16
N GLU B 347 -2.88 -77.64 -2.21
CA GLU B 347 -1.81 -78.37 -2.88
C GLU B 347 -0.49 -78.57 -2.14
N PRO B 348 0.13 -77.47 -1.68
CA PRO B 348 1.41 -77.51 -0.96
C PRO B 348 1.57 -78.64 0.06
N HIS B 349 2.78 -79.10 0.29
CA HIS B 349 3.02 -80.13 1.31
C HIS B 349 2.79 -79.46 2.64
N ALA B 350 1.72 -79.84 3.33
CA ALA B 350 1.42 -79.27 4.62
C ALA B 350 0.73 -77.92 4.47
N SER B 351 -0.26 -77.90 3.59
CA SER B 351 -1.03 -76.69 3.34
C SER B 351 -1.82 -76.35 4.60
N LEU B 352 -2.47 -75.21 4.60
CA LEU B 352 -3.26 -74.84 5.78
C LEU B 352 -4.33 -75.89 6.07
N THR B 353 -5.07 -76.32 5.04
CA THR B 353 -6.12 -77.29 5.28
C THR B 353 -5.51 -78.59 5.71
N GLU B 354 -4.39 -79.00 5.12
CA GLU B 354 -3.80 -80.25 5.56
C GLU B 354 -3.42 -80.16 7.03
N GLN B 355 -3.02 -78.97 7.47
CA GLN B 355 -2.63 -78.76 8.87
C GLN B 355 -3.79 -78.81 9.87
N TYR B 356 -4.87 -78.08 9.62
CA TYR B 356 -5.98 -78.15 10.55
C TYR B 356 -6.52 -79.59 10.62
N LYS B 357 -6.77 -80.20 9.47
CA LYS B 357 -7.24 -81.57 9.45
C LYS B 357 -6.40 -82.33 10.48
N ALA B 358 -5.08 -82.27 10.33
CA ALA B 358 -4.16 -82.93 11.25
C ALA B 358 -4.32 -82.55 12.72
N LEU B 359 -4.50 -81.25 12.99
CA LEU B 359 -4.63 -80.77 14.37
C LEU B 359 -5.92 -81.23 15.01
N MET B 360 -7.04 -81.00 14.34
CA MET B 360 -8.32 -81.43 14.89
C MET B 360 -8.34 -82.94 15.08
N ALA B 361 -7.59 -83.64 14.24
CA ALA B 361 -7.48 -85.09 14.31
C ALA B 361 -7.08 -85.53 15.71
N THR B 362 -6.18 -84.76 16.34
CA THR B 362 -5.72 -85.10 17.68
C THR B 362 -6.83 -84.98 18.75
N GLU B 363 -7.76 -84.03 18.58
CA GLU B 363 -8.83 -83.89 19.56
C GLU B 363 -9.85 -84.97 19.22
N GLY B 364 -9.51 -85.75 18.20
CA GLY B 364 -10.38 -86.82 17.77
C GLY B 364 -11.48 -86.32 16.84
N VAL B 365 -11.30 -85.14 16.24
CA VAL B 365 -12.34 -84.71 15.33
C VAL B 365 -11.84 -84.90 13.92
N ASN B 366 -12.75 -85.33 13.06
CA ASN B 366 -12.44 -85.53 11.65
C ASN B 366 -13.11 -84.40 10.85
N ILE B 367 -12.28 -83.61 10.18
CA ILE B 367 -12.79 -82.49 9.43
C ILE B 367 -12.56 -82.57 7.91
N ALA B 368 -13.40 -81.91 7.15
CA ALA B 368 -13.28 -81.97 5.71
C ALA B 368 -13.76 -80.70 5.03
N PHE B 369 -12.95 -80.23 4.09
CA PHE B 369 -13.31 -79.02 3.38
C PHE B 369 -13.91 -79.33 2.02
N THR B 370 -15.10 -78.80 1.75
CA THR B 370 -15.67 -79.03 0.44
C THR B 370 -14.90 -78.09 -0.46
N THR B 371 -14.84 -78.44 -1.73
CA THR B 371 -14.15 -77.63 -2.69
C THR B 371 -14.67 -76.21 -2.61
N ASP B 372 -15.98 -76.05 -2.66
CA ASP B 372 -16.60 -74.73 -2.61
C ASP B 372 -16.22 -73.95 -1.36
N ALA B 373 -15.82 -74.68 -0.32
CA ALA B 373 -15.41 -74.04 0.92
C ALA B 373 -14.08 -73.37 0.62
N VAL B 374 -13.11 -74.19 0.23
CA VAL B 374 -11.78 -73.72 -0.13
C VAL B 374 -11.86 -72.54 -1.07
N LYS B 375 -12.70 -72.66 -2.09
CA LYS B 375 -12.91 -71.61 -3.07
C LYS B 375 -13.39 -70.36 -2.31
N LYS B 376 -14.40 -70.52 -1.48
CA LYS B 376 -14.95 -69.42 -0.70
C LYS B 376 -13.90 -68.77 0.21
N ILE B 377 -13.11 -69.59 0.89
CA ILE B 377 -12.07 -69.10 1.80
C ILE B 377 -11.09 -68.22 1.03
N ALA B 378 -10.65 -68.68 -0.12
CA ALA B 378 -9.72 -67.92 -0.91
C ALA B 378 -10.41 -66.68 -1.44
N GLU B 379 -11.56 -66.85 -2.09
CA GLU B 379 -12.26 -65.69 -2.63
C GLU B 379 -12.27 -64.62 -1.56
N ALA B 380 -12.43 -65.04 -0.31
CA ALA B 380 -12.50 -64.10 0.81
C ALA B 380 -11.18 -63.48 1.18
N ALA B 381 -10.11 -64.28 1.29
CA ALA B 381 -8.79 -63.72 1.62
C ALA B 381 -8.51 -62.66 0.59
N PHE B 382 -8.44 -63.08 -0.67
CA PHE B 382 -8.23 -62.19 -1.79
C PHE B 382 -9.09 -60.94 -1.71
N ARG B 383 -10.36 -61.10 -1.39
CA ARG B 383 -11.28 -59.99 -1.29
C ARG B 383 -10.78 -58.92 -0.31
N VAL B 384 -10.39 -59.30 0.91
CA VAL B 384 -9.96 -58.28 1.84
C VAL B 384 -8.63 -57.71 1.36
N ASN B 385 -7.75 -58.59 0.90
CA ASN B 385 -6.45 -58.16 0.42
C ASN B 385 -6.63 -57.03 -0.56
N GLU B 386 -7.69 -57.10 -1.36
CA GLU B 386 -7.92 -56.05 -2.34
C GLU B 386 -8.53 -54.81 -1.72
N LYS B 387 -9.56 -54.99 -0.91
CA LYS B 387 -10.25 -53.88 -0.30
C LYS B 387 -9.44 -53.06 0.71
N THR B 388 -8.50 -53.69 1.42
CA THR B 388 -7.69 -53.00 2.45
C THR B 388 -6.17 -53.07 2.18
N GLU B 389 -5.38 -53.46 3.18
CA GLU B 389 -3.93 -53.59 2.95
C GLU B 389 -3.61 -55.02 2.47
N ASN B 390 -3.19 -55.12 1.23
CA ASN B 390 -2.87 -56.41 0.63
C ASN B 390 -1.61 -57.08 1.21
N ILE B 391 -1.77 -58.07 2.05
CA ILE B 391 -0.59 -58.72 2.63
C ILE B 391 -0.28 -60.11 2.05
N GLY B 392 -0.62 -60.29 0.78
CA GLY B 392 -0.35 -61.55 0.12
C GLY B 392 -0.99 -62.76 0.78
N ALA B 393 -0.28 -63.88 0.69
CA ALA B 393 -0.73 -65.18 1.22
C ALA B 393 -0.95 -65.19 2.70
N ARG B 394 -0.28 -64.32 3.43
CA ARG B 394 -0.46 -64.29 4.88
C ARG B 394 -1.94 -64.20 5.21
N ARG B 395 -2.68 -63.42 4.44
CA ARG B 395 -4.11 -63.25 4.67
C ARG B 395 -4.84 -64.59 4.86
N LEU B 396 -4.37 -65.68 4.26
CA LEU B 396 -5.00 -67.00 4.43
C LEU B 396 -4.90 -67.46 5.87
N HIS B 397 -3.74 -67.35 6.50
CA HIS B 397 -3.63 -67.74 7.89
C HIS B 397 -4.66 -66.97 8.72
N THR B 398 -4.86 -65.72 8.35
CA THR B 398 -5.80 -64.83 9.02
C THR B 398 -7.21 -65.36 8.94
N VAL B 399 -7.69 -65.53 7.72
CA VAL B 399 -9.05 -66.02 7.51
C VAL B 399 -9.20 -67.45 8.03
N MET B 400 -8.21 -68.31 7.77
CA MET B 400 -8.21 -69.68 8.27
C MET B 400 -8.38 -69.69 9.79
N GLU B 401 -7.64 -68.85 10.50
CA GLU B 401 -7.81 -68.86 11.94
C GLU B 401 -9.18 -68.29 12.38
N ARG B 402 -9.74 -67.34 11.63
CA ARG B 402 -11.01 -66.76 12.02
C ARG B 402 -12.14 -67.74 11.80
N LEU B 403 -11.89 -68.71 10.93
CA LEU B 403 -12.90 -69.71 10.60
C LEU B 403 -12.79 -70.93 11.49
N MET B 404 -11.59 -71.48 11.62
CA MET B 404 -11.38 -72.64 12.49
C MET B 404 -11.55 -72.23 13.96
N ASP B 405 -11.96 -70.97 14.11
CA ASP B 405 -12.21 -70.31 15.38
C ASP B 405 -12.90 -71.24 16.41
N LYS B 406 -14.23 -71.32 16.26
CA LYS B 406 -15.15 -72.08 17.12
C LYS B 406 -14.73 -73.53 17.28
N ILE B 407 -14.59 -74.23 16.17
CA ILE B 407 -14.16 -75.62 16.23
C ILE B 407 -12.91 -75.75 17.10
N SER B 408 -11.84 -75.04 16.73
CA SER B 408 -10.58 -75.10 17.46
C SER B 408 -10.74 -75.21 18.98
N PHE B 409 -11.77 -74.59 19.54
CA PHE B 409 -12.01 -74.61 21.01
C PHE B 409 -12.74 -75.88 21.47
N SER B 410 -13.96 -75.99 20.98
CA SER B 410 -14.87 -77.08 21.26
C SER B 410 -14.39 -78.44 20.73
N ALA B 411 -13.43 -78.45 19.81
CA ALA B 411 -12.91 -79.70 19.25
C ALA B 411 -12.54 -80.69 20.35
N SER B 412 -12.04 -80.20 21.47
CA SER B 412 -11.67 -81.11 22.54
C SER B 412 -12.84 -82.01 22.95
N ASP B 413 -13.92 -81.41 23.47
CA ASP B 413 -15.09 -82.19 23.88
C ASP B 413 -16.06 -82.28 22.72
N MET B 414 -15.60 -82.91 21.64
CA MET B 414 -16.41 -83.03 20.45
C MET B 414 -15.88 -84.26 19.75
N ASN B 415 -15.14 -85.05 20.51
CA ASN B 415 -14.52 -86.27 20.02
C ASN B 415 -15.47 -87.12 19.19
N GLY B 416 -14.91 -87.79 18.18
CA GLY B 416 -15.69 -88.66 17.33
C GLY B 416 -16.53 -88.00 16.24
N GLN B 417 -17.08 -86.80 16.51
CA GLN B 417 -17.88 -86.13 15.49
C GLN B 417 -17.04 -85.82 14.26
N THR B 418 -17.70 -85.32 13.21
CA THR B 418 -16.95 -84.95 12.02
C THR B 418 -17.63 -83.70 11.44
N VAL B 419 -16.85 -82.62 11.34
CA VAL B 419 -17.36 -81.38 10.82
C VAL B 419 -17.16 -81.38 9.33
N ASN B 420 -18.20 -80.96 8.63
CA ASN B 420 -18.14 -80.89 7.18
C ASN B 420 -18.26 -79.43 6.79
N ILE B 421 -17.10 -78.79 6.58
CA ILE B 421 -17.02 -77.38 6.23
C ILE B 421 -17.29 -77.09 4.78
N ASP B 422 -18.47 -76.56 4.51
CA ASP B 422 -18.88 -76.22 3.16
C ASP B 422 -18.91 -74.71 3.04
N ALA B 423 -19.40 -74.21 1.92
CA ALA B 423 -19.48 -72.78 1.71
C ALA B 423 -20.38 -72.11 2.71
N ALA B 424 -21.50 -72.73 3.05
CA ALA B 424 -22.41 -72.11 3.98
C ALA B 424 -21.74 -71.90 5.32
N TYR B 425 -20.87 -72.82 5.68
CA TYR B 425 -20.18 -72.74 6.95
C TYR B 425 -19.28 -71.54 6.93
N VAL B 426 -18.38 -71.53 5.96
CA VAL B 426 -17.42 -70.45 5.78
C VAL B 426 -18.10 -69.10 5.72
N ALA B 427 -19.08 -68.95 4.83
CA ALA B 427 -19.80 -67.70 4.70
C ALA B 427 -20.29 -67.21 6.06
N ASP B 428 -20.69 -68.15 6.90
CA ASP B 428 -21.18 -67.82 8.23
C ASP B 428 -20.03 -67.48 9.16
N ALA B 429 -19.11 -68.42 9.35
CA ALA B 429 -17.99 -68.21 10.27
C ALA B 429 -17.15 -66.97 10.04
N LEU B 430 -17.17 -66.45 8.83
CA LEU B 430 -16.37 -65.28 8.54
C LEU B 430 -17.02 -63.97 8.88
N GLY B 431 -18.30 -64.02 9.24
CA GLY B 431 -18.97 -62.80 9.61
C GLY B 431 -18.95 -61.80 8.49
N GLU B 432 -18.61 -60.54 8.79
CA GLU B 432 -18.57 -59.49 7.78
C GLU B 432 -17.28 -58.68 7.74
N VAL B 433 -16.67 -58.54 6.56
CA VAL B 433 -15.46 -57.74 6.49
C VAL B 433 -15.39 -56.56 5.51
N VAL B 434 -15.41 -55.44 6.22
CA VAL B 434 -15.35 -54.02 5.88
C VAL B 434 -14.87 -53.44 4.54
N GLU B 435 -15.65 -52.53 3.95
CA GLU B 435 -15.23 -51.82 2.73
C GLU B 435 -15.09 -50.31 3.01
N ASN B 436 -14.19 -50.03 3.97
CA ASN B 436 -13.79 -48.71 4.52
C ASN B 436 -14.50 -47.37 4.39
N GLU B 437 -14.53 -46.63 5.50
CA GLU B 437 -15.17 -45.31 5.56
C GLU B 437 -14.20 -44.12 5.68
N ASP B 438 -13.11 -44.16 4.90
CA ASP B 438 -12.11 -43.07 4.84
C ASP B 438 -13.05 -41.92 4.60
N LEU B 439 -14.19 -42.35 4.09
CA LEU B 439 -15.31 -41.52 3.79
C LEU B 439 -15.49 -40.55 4.94
N SER B 440 -16.32 -39.56 4.68
CA SER B 440 -16.67 -38.56 5.66
C SER B 440 -15.47 -37.99 6.36
N ARG B 441 -15.42 -38.23 7.67
CA ARG B 441 -14.36 -37.78 8.55
C ARG B 441 -13.34 -36.83 7.95
N PHE B 442 -12.65 -37.28 6.91
CA PHE B 442 -11.62 -36.48 6.30
C PHE B 442 -12.01 -35.83 4.98
N ILE B 443 -13.22 -36.04 4.51
CA ILE B 443 -13.61 -35.43 3.22
C ILE B 443 -14.62 -34.32 3.35
N LEU B 444 -14.47 -33.26 2.55
CA LEU B 444 -15.44 -32.19 2.60
C LEU B 444 -16.18 -32.11 1.28
N SER C 2 -3.07 -85.47 29.49
CA SER C 2 -1.63 -85.04 29.44
C SER C 2 -1.51 -83.53 29.59
N GLU C 3 -2.59 -82.83 29.30
CA GLU C 3 -2.61 -81.38 29.40
C GLU C 3 -4.05 -80.88 29.44
N MET C 4 -4.22 -79.70 30.01
CA MET C 4 -5.54 -79.10 30.13
C MET C 4 -6.19 -78.96 28.78
N THR C 5 -7.44 -78.58 28.79
CA THR C 5 -8.18 -78.41 27.55
C THR C 5 -8.73 -77.00 27.50
N PRO C 6 -9.28 -76.61 26.35
CA PRO C 6 -9.86 -75.27 26.20
C PRO C 6 -10.74 -74.87 27.38
N ARG C 7 -11.87 -75.56 27.57
CA ARG C 7 -12.77 -75.19 28.67
C ARG C 7 -12.10 -75.30 30.03
N GLU C 8 -11.20 -76.26 30.15
CA GLU C 8 -10.43 -76.51 31.36
C GLU C 8 -9.60 -75.28 31.73
N ILE C 9 -8.86 -74.77 30.75
CA ILE C 9 -8.02 -73.62 30.98
C ILE C 9 -8.80 -72.35 31.25
N VAL C 10 -9.90 -72.14 30.52
CA VAL C 10 -10.69 -70.94 30.76
C VAL C 10 -11.13 -70.96 32.23
N SER C 11 -11.57 -72.13 32.70
CA SER C 11 -12.00 -72.25 34.10
C SER C 11 -10.89 -71.80 35.05
N GLU C 12 -9.66 -72.24 34.78
CA GLU C 12 -8.51 -71.87 35.60
C GLU C 12 -8.32 -70.35 35.61
N LEU C 13 -8.43 -69.73 34.44
CA LEU C 13 -8.28 -68.27 34.34
C LEU C 13 -9.41 -67.55 35.01
N ASP C 14 -10.60 -68.16 35.04
CA ASP C 14 -11.73 -67.50 35.68
C ASP C 14 -11.49 -67.34 37.19
N GLN C 15 -10.51 -68.08 37.70
CA GLN C 15 -10.15 -68.04 39.10
C GLN C 15 -9.32 -66.84 39.44
N HIS C 16 -8.84 -66.11 38.43
CA HIS C 16 -8.07 -64.89 38.70
C HIS C 16 -8.54 -63.65 37.97
N ILE C 17 -9.17 -63.83 36.83
CA ILE C 17 -9.63 -62.69 36.06
C ILE C 17 -11.10 -62.67 35.95
N ILE C 18 -11.68 -61.51 36.20
CA ILE C 18 -13.12 -61.36 36.10
C ILE C 18 -13.44 -60.81 34.72
N GLY C 19 -14.45 -61.37 34.05
CA GLY C 19 -14.80 -60.91 32.73
C GLY C 19 -13.81 -61.30 31.64
N GLN C 20 -13.76 -60.52 30.58
CA GLN C 20 -12.82 -60.80 29.49
C GLN C 20 -12.87 -62.28 29.08
N ALA C 21 -13.99 -62.69 28.48
CA ALA C 21 -14.14 -64.06 28.05
C ALA C 21 -13.40 -64.31 26.77
N ASP C 22 -13.82 -63.56 25.72
CA ASP C 22 -13.21 -63.66 24.39
C ASP C 22 -11.72 -63.79 24.55
N ALA C 23 -11.16 -62.94 25.44
CA ALA C 23 -9.75 -62.94 25.71
C ALA C 23 -9.29 -64.32 26.21
N LYS C 24 -9.89 -64.78 27.31
CA LYS C 24 -9.55 -66.09 27.90
C LYS C 24 -9.61 -67.20 26.88
N ARG C 25 -10.71 -67.26 26.16
CA ARG C 25 -10.92 -68.27 25.13
C ARG C 25 -9.72 -68.27 24.19
N ALA C 26 -9.41 -67.11 23.63
CA ALA C 26 -8.30 -66.95 22.71
C ALA C 26 -7.02 -67.60 23.22
N VAL C 27 -6.51 -67.12 24.35
CA VAL C 27 -5.27 -67.66 24.88
C VAL C 27 -5.35 -69.13 25.17
N ALA C 28 -6.58 -69.58 25.45
CA ALA C 28 -6.85 -70.97 25.78
C ALA C 28 -6.56 -71.84 24.55
N ILE C 29 -7.33 -71.62 23.51
CA ILE C 29 -7.14 -72.41 22.31
C ILE C 29 -5.69 -72.30 21.86
N ALA C 30 -4.99 -71.30 22.36
CA ALA C 30 -3.61 -71.09 21.94
C ALA C 30 -2.75 -72.08 22.65
N LEU C 31 -2.89 -72.09 23.97
CA LEU C 31 -2.10 -73.01 24.77
C LEU C 31 -2.49 -74.44 24.40
N ARG C 32 -3.71 -74.61 23.90
CA ARG C 32 -4.11 -75.94 23.55
C ARG C 32 -3.44 -76.44 22.28
N ASN C 33 -3.38 -75.58 21.25
CA ASN C 33 -2.77 -75.94 19.97
C ASN C 33 -1.35 -76.38 20.22
N ARG C 34 -0.85 -76.07 21.41
CA ARG C 34 0.51 -76.44 21.77
C ARG C 34 0.60 -77.96 21.97
N TRP C 35 -0.42 -78.49 22.62
CA TRP C 35 -0.49 -79.90 22.88
C TRP C 35 -0.91 -80.61 21.59
N ARG C 36 -1.82 -80.00 20.84
CA ARG C 36 -2.28 -80.59 19.58
C ARG C 36 -1.05 -80.89 18.71
N ARG C 37 -0.27 -79.87 18.40
CA ARG C 37 0.94 -80.10 17.65
C ARG C 37 1.68 -80.99 18.64
N MET C 38 2.88 -81.47 18.31
CA MET C 38 3.61 -82.33 19.25
C MET C 38 2.87 -83.63 19.49
N GLN C 39 1.86 -83.86 18.68
CA GLN C 39 1.07 -85.07 18.75
C GLN C 39 1.12 -85.53 17.30
N LEU C 40 1.41 -84.57 16.43
CA LEU C 40 1.49 -84.77 14.98
C LEU C 40 2.74 -85.56 14.66
N GLN C 41 2.74 -86.22 13.50
CA GLN C 41 3.85 -87.05 13.07
C GLN C 41 5.23 -86.40 13.19
N GLU C 42 5.66 -85.69 12.16
CA GLU C 42 6.96 -85.02 12.19
C GLU C 42 7.05 -83.95 11.11
N PRO C 43 6.62 -84.29 9.89
CA PRO C 43 6.68 -83.29 8.81
C PRO C 43 5.82 -82.10 9.23
N LEU C 44 4.54 -82.38 9.50
CA LEU C 44 3.62 -81.35 9.94
C LEU C 44 3.97 -80.82 11.32
N ARG C 45 4.61 -81.66 12.14
CA ARG C 45 4.96 -81.24 13.50
C ARG C 45 5.72 -79.95 13.44
N HIS C 46 6.63 -79.86 12.47
CA HIS C 46 7.42 -78.66 12.32
C HIS C 46 6.68 -77.58 11.57
N GLU C 47 6.04 -77.94 10.47
CA GLU C 47 5.30 -77.00 9.65
C GLU C 47 4.25 -76.14 10.38
N VAL C 48 3.48 -76.72 11.28
CA VAL C 48 2.46 -75.95 11.96
C VAL C 48 3.09 -74.97 12.96
N THR C 49 2.61 -73.72 12.93
CA THR C 49 3.13 -72.68 13.81
C THR C 49 2.05 -71.98 14.63
N PRO C 50 2.45 -71.32 15.75
CA PRO C 50 1.62 -70.57 16.70
C PRO C 50 0.76 -69.54 16.03
N LYS C 51 -0.46 -69.36 16.50
CA LYS C 51 -1.34 -68.38 15.91
C LYS C 51 -1.36 -67.23 16.89
N ASN C 52 -0.30 -66.42 16.83
CA ASN C 52 -0.13 -65.26 17.71
C ASN C 52 -1.35 -64.35 17.94
N ILE C 53 -1.36 -63.71 19.11
CA ILE C 53 -2.48 -62.89 19.51
C ILE C 53 -2.24 -61.44 19.74
N LEU C 54 -3.22 -60.65 19.32
CA LEU C 54 -3.15 -59.22 19.53
C LEU C 54 -4.37 -58.88 20.41
N MET C 55 -4.11 -58.53 21.68
CA MET C 55 -5.18 -58.17 22.61
C MET C 55 -5.40 -56.67 22.53
N ILE C 56 -6.64 -56.23 22.39
CA ILE C 56 -6.91 -54.81 22.27
C ILE C 56 -7.87 -54.33 23.32
N GLY C 57 -7.43 -53.54 24.26
CA GLY C 57 -8.37 -53.08 25.28
C GLY C 57 -7.74 -51.95 26.05
N PRO C 58 -8.53 -51.18 26.81
CA PRO C 58 -8.11 -50.06 27.63
C PRO C 58 -7.13 -50.42 28.73
N THR C 59 -6.72 -49.42 29.50
CA THR C 59 -5.73 -49.59 30.57
C THR C 59 -6.13 -50.47 31.74
N GLY C 60 -5.26 -51.43 32.06
CA GLY C 60 -5.48 -52.33 33.19
C GLY C 60 -6.85 -53.00 33.28
N VAL C 61 -7.17 -53.81 32.27
CA VAL C 61 -8.44 -54.48 32.28
C VAL C 61 -8.21 -55.98 32.25
N GLY C 62 -6.96 -56.38 32.38
CA GLY C 62 -6.65 -57.79 32.41
C GLY C 62 -5.67 -58.31 31.37
N LYS C 63 -5.43 -57.53 30.34
CA LYS C 63 -4.53 -57.98 29.28
C LYS C 63 -3.30 -58.73 29.77
N THR C 64 -2.61 -58.13 30.73
CA THR C 64 -1.42 -58.75 31.24
C THR C 64 -1.65 -59.96 32.15
N GLU C 65 -2.56 -59.82 33.14
CA GLU C 65 -2.83 -60.92 34.07
C GLU C 65 -3.20 -62.16 33.31
N ILE C 66 -4.07 -62.01 32.33
CA ILE C 66 -4.48 -63.17 31.57
C ILE C 66 -3.28 -63.88 31.02
N ALA C 67 -2.34 -63.13 30.47
CA ALA C 67 -1.15 -63.75 29.89
C ALA C 67 -0.22 -64.35 30.93
N ARG C 68 0.01 -63.60 32.00
CA ARG C 68 0.92 -64.06 33.04
C ARG C 68 0.37 -65.35 33.67
N ARG C 69 -0.95 -65.42 33.83
CA ARG C 69 -1.60 -66.59 34.42
C ARG C 69 -1.58 -67.76 33.46
N LEU C 70 -1.74 -67.46 32.18
CA LEU C 70 -1.76 -68.51 31.18
C LEU C 70 -0.43 -69.24 31.28
N ALA C 71 0.63 -68.45 31.35
CA ALA C 71 1.95 -69.03 31.41
C ALA C 71 2.09 -69.76 32.71
N LYS C 72 1.61 -69.14 33.77
CA LYS C 72 1.74 -69.74 35.09
C LYS C 72 1.13 -71.13 35.14
N LEU C 73 -0.10 -71.25 34.66
CA LEU C 73 -0.78 -72.56 34.68
C LEU C 73 -0.25 -73.53 33.66
N ALA C 74 0.61 -73.05 32.77
CA ALA C 74 1.17 -73.94 31.77
C ALA C 74 2.59 -74.19 32.16
N ASN C 75 3.02 -73.53 33.23
CA ASN C 75 4.38 -73.69 33.71
C ASN C 75 5.31 -73.50 32.51
N ALA C 76 5.17 -72.34 31.87
CA ALA C 76 5.97 -72.03 30.71
C ALA C 76 6.82 -70.79 30.91
N PRO C 77 8.01 -70.77 30.30
CA PRO C 77 8.89 -69.60 30.43
C PRO C 77 8.10 -68.38 29.88
N PHE C 78 8.11 -67.31 30.65
CA PHE C 78 7.38 -66.13 30.26
C PHE C 78 8.23 -64.90 30.37
N ILE C 79 7.84 -63.86 29.63
CA ILE C 79 8.56 -62.59 29.65
C ILE C 79 7.71 -61.49 29.07
N LYS C 80 7.65 -60.38 29.78
CA LYS C 80 6.88 -59.24 29.29
C LYS C 80 7.81 -58.09 28.91
N VAL C 81 7.54 -57.40 27.81
CA VAL C 81 8.40 -56.27 27.45
C VAL C 81 7.64 -55.09 26.85
N GLU C 82 8.06 -53.86 27.14
CA GLU C 82 7.37 -52.73 26.55
C GLU C 82 7.94 -52.63 25.13
N ALA C 83 7.07 -52.43 24.14
CA ALA C 83 7.52 -52.35 22.74
C ALA C 83 8.43 -51.13 22.56
N THR C 84 8.06 -50.04 23.23
CA THR C 84 8.82 -48.82 23.13
C THR C 84 10.21 -48.95 23.74
N LYS C 85 10.40 -50.00 24.53
CA LYS C 85 11.70 -50.23 25.15
C LYS C 85 12.82 -50.23 24.12
N PHE C 86 12.50 -50.34 22.81
CA PHE C 86 13.56 -50.37 21.79
C PHE C 86 13.56 -49.23 20.78
N THR C 87 12.94 -48.11 21.14
CA THR C 87 12.86 -46.96 20.26
C THR C 87 14.20 -46.27 20.02
N GLU C 95 18.63 -53.61 21.82
CA GLU C 95 18.88 -55.01 21.49
C GLU C 95 17.59 -55.85 21.62
N VAL C 96 16.97 -56.16 20.50
CA VAL C 96 15.71 -56.91 20.55
C VAL C 96 15.86 -58.39 20.87
N ASP C 97 16.97 -58.99 20.45
CA ASP C 97 17.22 -60.40 20.73
C ASP C 97 17.34 -60.67 22.24
N SER C 98 17.51 -59.62 23.02
CA SER C 98 17.57 -59.78 24.47
C SER C 98 16.24 -60.47 24.90
N ILE C 99 15.13 -60.07 24.27
CA ILE C 99 13.84 -60.63 24.63
C ILE C 99 13.88 -62.15 24.70
N ILE C 100 14.57 -62.79 23.76
CA ILE C 100 14.63 -64.25 23.79
C ILE C 100 15.68 -64.66 24.79
N ARG C 101 16.75 -63.90 24.82
CA ARG C 101 17.82 -64.18 25.75
C ARG C 101 17.27 -64.21 27.18
N ASP C 102 16.45 -63.21 27.53
CA ASP C 102 15.84 -63.10 28.86
C ASP C 102 14.83 -64.21 29.13
N LEU C 103 14.06 -64.56 28.10
CA LEU C 103 13.06 -65.61 28.21
C LEU C 103 13.75 -66.94 28.52
N THR C 104 14.96 -67.12 28.02
CA THR C 104 15.66 -68.36 28.28
C THR C 104 16.14 -68.38 29.72
N ASP C 105 16.67 -67.28 30.21
CA ASP C 105 17.13 -67.27 31.60
C ASP C 105 15.96 -67.71 32.48
N SER C 106 14.78 -67.22 32.13
CA SER C 106 13.57 -67.55 32.88
C SER C 106 13.31 -69.03 32.83
N ALA C 107 13.47 -69.64 31.66
CA ALA C 107 13.25 -71.08 31.52
C ALA C 107 14.22 -71.84 32.39
N MET C 108 15.51 -71.51 32.27
CA MET C 108 16.53 -72.16 33.06
C MET C 108 15.97 -72.28 34.48
N LYS C 109 15.60 -71.14 35.06
CA LYS C 109 15.03 -71.10 36.42
C LYS C 109 13.86 -72.08 36.62
N LEU C 110 12.79 -71.92 35.86
CA LEU C 110 11.62 -72.79 35.97
C LEU C 110 11.96 -74.25 35.70
N VAL C 111 13.18 -74.51 35.27
CA VAL C 111 13.62 -75.88 34.99
C VAL C 111 14.43 -76.40 36.16
N ARG C 112 15.59 -75.81 36.38
CA ARG C 112 16.45 -76.23 37.48
C ARG C 112 15.66 -76.23 38.78
N GLN C 113 14.64 -75.38 38.88
CA GLN C 113 13.85 -75.32 40.10
C GLN C 113 13.01 -76.59 40.27
N GLN C 114 12.46 -77.08 39.17
CA GLN C 114 11.65 -78.29 39.21
C GLN C 114 12.46 -79.55 38.91
N GLU C 115 13.78 -79.38 38.79
CA GLU C 115 14.68 -80.50 38.55
C GLU C 115 15.34 -80.90 39.87
N ILE C 116 15.21 -80.02 40.85
CA ILE C 116 15.73 -80.27 42.18
C ILE C 116 14.76 -81.29 42.76
N ALA C 117 13.47 -81.03 42.56
CA ALA C 117 12.41 -81.90 43.04
C ALA C 117 12.40 -83.25 42.30
N LYS C 118 13.28 -84.14 42.74
CA LYS C 118 13.40 -85.48 42.16
C LYS C 118 14.53 -86.16 42.92
N ASN C 119 14.74 -85.71 44.15
CA ASN C 119 15.78 -86.22 45.04
C ASN C 119 17.15 -85.99 44.37
N ALA C 231 24.83 -80.25 49.42
CA ALA C 231 24.25 -81.42 50.08
C ALA C 231 23.20 -82.09 49.20
N ALA C 232 23.28 -81.86 47.88
CA ALA C 232 22.34 -82.44 46.93
C ALA C 232 22.77 -82.16 45.48
N LYS C 233 23.36 -83.16 44.83
CA LYS C 233 23.84 -82.99 43.46
C LYS C 233 23.29 -84.01 42.47
N LEU C 234 22.74 -83.49 41.36
CA LEU C 234 22.18 -84.29 40.27
C LEU C 234 22.36 -83.40 39.05
N ILE C 235 23.29 -82.45 39.21
CA ILE C 235 23.62 -81.45 38.21
C ILE C 235 23.58 -81.88 36.74
N ASN C 236 24.74 -81.93 36.11
CA ASN C 236 24.88 -82.26 34.70
C ASN C 236 24.31 -81.08 33.92
N PRO C 237 25.03 -79.93 33.90
CA PRO C 237 24.61 -78.72 33.20
C PRO C 237 24.15 -79.00 31.78
N GLU C 238 24.86 -79.92 31.13
CA GLU C 238 24.58 -80.35 29.76
C GLU C 238 23.09 -80.63 29.49
N GLU C 239 22.50 -81.47 30.32
CA GLU C 239 21.10 -81.86 30.20
C GLU C 239 20.18 -80.78 30.75
N LEU C 240 20.62 -80.10 31.80
CA LEU C 240 19.81 -79.05 32.39
C LEU C 240 19.57 -77.98 31.35
N LYS C 241 20.63 -77.52 30.70
CA LYS C 241 20.53 -76.48 29.68
C LYS C 241 19.71 -76.93 28.48
N GLN C 242 20.08 -78.04 27.87
CA GLN C 242 19.32 -78.53 26.73
C GLN C 242 17.84 -78.71 27.09
N LYS C 243 17.54 -78.95 28.37
CA LYS C 243 16.15 -79.15 28.79
C LYS C 243 15.41 -77.84 29.07
N ALA C 244 16.16 -76.76 29.27
CA ALA C 244 15.55 -75.44 29.51
C ALA C 244 15.35 -74.85 28.13
N ILE C 245 16.28 -75.15 27.25
CA ILE C 245 16.20 -74.67 25.87
C ILE C 245 14.87 -75.11 25.28
N ASP C 246 14.58 -76.41 25.41
CA ASP C 246 13.34 -76.96 24.89
C ASP C 246 12.15 -76.23 25.47
N ALA C 247 12.14 -76.04 26.78
CA ALA C 247 11.04 -75.34 27.42
C ALA C 247 10.76 -74.03 26.67
N VAL C 248 11.83 -73.37 26.21
CA VAL C 248 11.68 -72.12 25.49
C VAL C 248 11.14 -72.37 24.11
N GLU C 249 11.91 -73.07 23.30
CA GLU C 249 11.53 -73.38 21.93
C GLU C 249 10.16 -74.03 21.83
N GLN C 250 9.80 -74.82 22.85
CA GLN C 250 8.53 -75.56 22.85
C GLN C 250 7.30 -74.82 23.34
N ASN C 251 7.38 -74.25 24.54
CA ASN C 251 6.23 -73.56 25.12
C ASN C 251 6.51 -72.19 25.69
N GLY C 252 7.48 -71.48 25.12
CA GLY C 252 7.80 -70.14 25.61
C GLY C 252 6.69 -69.17 25.24
N ILE C 253 6.57 -68.10 26.00
CA ILE C 253 5.54 -67.13 25.71
C ILE C 253 6.05 -65.71 25.89
N VAL C 254 6.00 -64.93 24.82
CA VAL C 254 6.43 -63.54 24.90
C VAL C 254 5.25 -62.54 24.89
N PHE C 255 5.31 -61.56 25.78
CA PHE C 255 4.22 -60.63 25.84
C PHE C 255 4.68 -59.21 25.57
N ILE C 256 4.43 -58.74 24.34
CA ILE C 256 4.83 -57.39 23.94
C ILE C 256 3.77 -56.37 24.31
N ASP C 257 4.04 -55.59 25.35
CA ASP C 257 3.10 -54.58 25.81
C ASP C 257 3.12 -53.24 25.06
N GLU C 258 1.96 -52.59 25.05
CA GLU C 258 1.73 -51.32 24.38
C GLU C 258 2.44 -51.22 23.03
N ILE C 259 2.12 -52.17 22.15
CA ILE C 259 2.67 -52.22 20.81
C ILE C 259 2.03 -51.14 19.95
N ASP C 260 0.88 -50.63 20.38
CA ASP C 260 0.20 -49.60 19.60
C ASP C 260 1.05 -48.33 19.66
N LYS C 261 2.01 -48.33 20.60
CA LYS C 261 2.89 -47.18 20.75
C LYS C 261 3.97 -47.14 19.67
N ILE C 262 4.20 -48.25 18.96
CA ILE C 262 5.20 -48.21 17.89
C ILE C 262 4.57 -48.28 16.50
N CYS C 263 3.40 -47.66 16.39
CA CYS C 263 2.69 -47.60 15.11
C CYS C 263 2.92 -46.28 14.44
N LYS C 264 2.83 -46.27 13.11
CA LYS C 264 3.00 -45.03 12.39
C LYS C 264 1.89 -44.07 12.85
N LYS C 265 2.26 -42.84 13.17
CA LYS C 265 1.28 -41.85 13.61
C LYS C 265 1.96 -40.50 13.77
N GLY C 270 8.10 -37.15 11.22
CA GLY C 270 8.64 -37.30 12.54
C GLY C 270 9.55 -38.52 12.70
N ALA C 271 9.99 -38.77 13.93
CA ALA C 271 10.85 -39.91 14.24
C ALA C 271 9.99 -41.17 14.20
N ASP C 272 8.89 -41.06 13.46
CA ASP C 272 7.94 -42.15 13.28
C ASP C 272 8.61 -43.38 12.67
N VAL C 273 9.83 -43.19 12.17
CA VAL C 273 10.59 -44.29 11.57
C VAL C 273 11.41 -45.00 12.66
N SER C 274 11.66 -44.30 13.76
CA SER C 274 12.42 -44.86 14.86
C SER C 274 11.61 -46.00 15.46
N ARG C 275 10.30 -45.78 15.60
CA ARG C 275 9.36 -46.76 16.14
C ARG C 275 8.96 -47.76 15.03
N GLU C 276 8.57 -47.25 13.87
CA GLU C 276 8.23 -48.10 12.73
C GLU C 276 9.38 -49.07 12.54
N GLY C 277 10.55 -48.63 12.99
CA GLY C 277 11.73 -49.48 12.89
C GLY C 277 11.56 -50.64 13.85
N VAL C 278 11.23 -50.35 15.11
CA VAL C 278 11.04 -51.39 16.10
C VAL C 278 10.21 -52.56 15.52
N GLN C 279 9.18 -52.26 14.74
CA GLN C 279 8.36 -53.32 14.17
C GLN C 279 9.26 -54.25 13.36
N ARG C 280 9.97 -53.67 12.38
CA ARG C 280 10.86 -54.44 11.52
C ARG C 280 11.86 -55.27 12.35
N ASP C 281 12.22 -54.75 13.52
CA ASP C 281 13.18 -55.42 14.36
C ASP C 281 12.59 -56.63 15.06
N LEU C 282 11.28 -56.60 15.31
CA LEU C 282 10.59 -57.72 15.97
C LEU C 282 10.25 -58.85 15.01
N LEU C 283 10.19 -58.55 13.72
CA LEU C 283 9.84 -59.56 12.75
C LEU C 283 10.58 -60.85 12.86
N PRO C 284 11.91 -60.81 12.83
CA PRO C 284 12.69 -62.04 12.94
C PRO C 284 12.16 -62.99 14.01
N LEU C 285 11.98 -62.48 15.23
CA LEU C 285 11.47 -63.30 16.33
C LEU C 285 10.10 -63.84 15.98
N VAL C 286 9.18 -62.94 15.68
CA VAL C 286 7.83 -63.33 15.36
C VAL C 286 7.79 -64.23 14.14
N GLU C 287 8.53 -63.87 13.10
CA GLU C 287 8.54 -64.65 11.87
C GLU C 287 9.36 -65.92 12.01
N GLY C 288 9.95 -66.12 13.18
CA GLY C 288 10.74 -67.31 13.41
C GLY C 288 12.17 -67.28 12.94
N SER C 289 13.11 -67.16 13.86
CA SER C 289 14.52 -67.13 13.51
C SER C 289 15.30 -67.69 14.69
N THR C 290 16.62 -67.51 14.69
CA THR C 290 17.45 -68.01 15.77
C THR C 290 18.26 -66.90 16.44
N VAL C 291 18.47 -67.04 17.74
CA VAL C 291 19.26 -66.07 18.47
C VAL C 291 20.05 -66.88 19.47
N SER C 292 21.26 -66.42 19.75
CA SER C 292 22.12 -67.12 20.70
C SER C 292 22.01 -66.60 22.12
N THR C 293 21.88 -67.52 23.07
CA THR C 293 21.80 -67.19 24.50
C THR C 293 23.01 -67.87 25.15
N LYS C 294 23.33 -67.45 26.38
CA LYS C 294 24.45 -68.04 27.10
C LYS C 294 24.24 -69.52 27.46
N HIS C 295 23.16 -70.11 26.94
CA HIS C 295 22.85 -71.50 27.22
C HIS C 295 22.86 -72.29 25.93
N GLY C 296 22.97 -71.59 24.81
CA GLY C 296 22.98 -72.26 23.52
C GLY C 296 22.14 -71.53 22.48
N MET C 297 21.84 -72.19 21.37
CA MET C 297 21.03 -71.57 20.34
C MET C 297 19.56 -71.92 20.52
N VAL C 298 18.67 -70.94 20.37
CA VAL C 298 17.23 -71.18 20.50
C VAL C 298 16.50 -70.67 19.27
N LYS C 299 15.39 -71.32 18.91
CA LYS C 299 14.63 -70.92 17.74
C LYS C 299 13.31 -70.30 18.13
N THR C 300 13.02 -69.12 17.60
CA THR C 300 11.76 -68.44 17.90
C THR C 300 10.57 -68.99 17.09
N ASP C 301 10.85 -69.98 16.25
CA ASP C 301 9.81 -70.58 15.39
C ASP C 301 8.55 -71.02 16.11
N HIS C 302 8.65 -71.50 17.35
CA HIS C 302 7.44 -71.91 18.05
C HIS C 302 7.10 -71.20 19.36
N ILE C 303 7.67 -69.99 19.53
CA ILE C 303 7.40 -69.14 20.69
C ILE C 303 6.02 -68.50 20.40
N LEU C 304 5.14 -68.51 21.37
CA LEU C 304 3.83 -67.92 21.15
C LEU C 304 3.90 -66.48 21.58
N PHE C 305 3.64 -65.56 20.66
CA PHE C 305 3.69 -64.14 21.02
C PHE C 305 2.33 -63.58 21.31
N ILE C 306 2.27 -62.61 22.21
CA ILE C 306 0.99 -61.98 22.51
C ILE C 306 1.27 -60.50 22.65
N ALA C 307 0.69 -59.68 21.78
CA ALA C 307 0.95 -58.24 21.91
C ALA C 307 -0.33 -57.55 22.33
N SER C 308 -0.19 -56.52 23.11
CA SER C 308 -1.35 -55.83 23.59
C SER C 308 -1.29 -54.36 23.17
N GLY C 309 -2.42 -53.69 23.21
CA GLY C 309 -2.41 -52.31 22.83
C GLY C 309 -3.78 -51.78 23.11
N ALA C 310 -3.88 -50.46 23.29
CA ALA C 310 -5.15 -49.80 23.57
C ALA C 310 -5.71 -49.40 22.25
N PHE C 311 -4.82 -48.98 21.37
CA PHE C 311 -5.16 -48.53 20.02
C PHE C 311 -6.24 -47.46 20.06
N GLN C 312 -5.96 -46.34 20.72
CA GLN C 312 -6.93 -45.26 20.80
C GLN C 312 -6.85 -44.43 19.53
N VAL C 313 -5.64 -44.13 19.09
CA VAL C 313 -5.43 -43.33 17.90
C VAL C 313 -5.05 -44.17 16.69
N ALA C 314 -4.18 -45.15 16.91
CA ALA C 314 -3.76 -46.05 15.84
C ALA C 314 -4.68 -47.26 15.76
N ARG C 315 -4.89 -47.78 14.55
CA ARG C 315 -5.72 -48.97 14.34
C ARG C 315 -4.72 -50.10 14.21
N PRO C 316 -5.10 -51.35 14.44
CA PRO C 316 -4.07 -52.39 14.30
C PRO C 316 -3.57 -52.53 12.85
N SER C 317 -4.40 -52.12 11.89
CA SER C 317 -4.03 -52.21 10.49
C SER C 317 -2.96 -51.18 10.14
N ASP C 318 -2.41 -50.53 11.16
CA ASP C 318 -1.39 -49.51 11.00
C ASP C 318 -0.03 -50.12 11.28
N LEU C 319 -0.02 -51.42 11.54
CA LEU C 319 1.23 -52.10 11.77
C LEU C 319 1.71 -52.47 10.39
N ILE C 320 2.99 -52.80 10.27
CA ILE C 320 3.52 -53.19 8.96
C ILE C 320 2.91 -54.54 8.63
N PRO C 321 2.52 -54.74 7.37
CA PRO C 321 1.90 -55.98 6.93
C PRO C 321 2.62 -57.22 7.39
N GLU C 322 3.92 -57.26 7.13
CA GLU C 322 4.70 -58.42 7.54
C GLU C 322 4.31 -58.86 8.97
N LEU C 323 3.98 -57.89 9.82
CA LEU C 323 3.64 -58.14 11.23
C LEU C 323 2.14 -58.33 11.50
N GLN C 324 1.34 -57.55 10.77
CA GLN C 324 -0.09 -57.56 10.90
C GLN C 324 -0.66 -58.89 10.48
N GLY C 325 0.17 -59.68 9.82
CA GLY C 325 -0.26 -60.99 9.37
C GLY C 325 0.28 -62.10 10.24
N ARG C 326 1.23 -61.77 11.11
CA ARG C 326 1.81 -62.75 12.02
C ARG C 326 1.02 -62.68 13.36
N LEU C 327 0.04 -61.77 13.37
CA LEU C 327 -0.85 -61.57 14.52
C LEU C 327 -2.25 -61.79 13.96
N PRO C 328 -2.56 -63.06 13.66
CA PRO C 328 -3.83 -63.53 13.11
C PRO C 328 -5.01 -63.27 14.01
N ILE C 329 -4.90 -63.74 15.25
CA ILE C 329 -5.96 -63.61 16.25
C ILE C 329 -6.10 -62.24 16.91
N ARG C 330 -7.18 -61.52 16.62
CA ARG C 330 -7.35 -60.25 17.29
C ARG C 330 -8.48 -60.48 18.25
N VAL C 331 -8.30 -60.10 19.51
CA VAL C 331 -9.36 -60.27 20.50
C VAL C 331 -9.52 -58.97 21.28
N GLU C 332 -10.75 -58.58 21.55
CA GLU C 332 -10.94 -57.34 22.24
C GLU C 332 -11.30 -57.48 23.71
N LEU C 333 -10.77 -56.61 24.56
CA LEU C 333 -11.14 -56.64 25.98
C LEU C 333 -11.97 -55.42 26.28
N THR C 334 -12.90 -55.60 27.21
CA THR C 334 -13.82 -54.56 27.62
C THR C 334 -13.30 -53.73 28.75
N ALA C 335 -13.88 -52.54 28.89
CA ALA C 335 -13.53 -51.66 29.99
C ALA C 335 -14.24 -52.26 31.21
N LEU C 336 -13.70 -52.04 32.40
CA LEU C 336 -14.30 -52.56 33.61
C LEU C 336 -15.35 -51.61 34.23
N SER C 337 -16.50 -52.15 34.64
CA SER C 337 -17.59 -51.35 35.25
C SER C 337 -17.65 -51.43 36.78
N ALA C 338 -18.43 -50.52 37.38
CA ALA C 338 -18.58 -50.53 38.84
C ALA C 338 -18.87 -51.98 39.29
N ALA C 339 -19.91 -52.55 38.70
CA ALA C 339 -20.31 -53.92 38.94
C ALA C 339 -19.14 -54.91 38.79
N ASP C 340 -18.30 -54.68 37.78
CA ASP C 340 -17.17 -55.57 37.59
C ASP C 340 -16.19 -55.44 38.74
N PHE C 341 -15.92 -54.19 39.14
CA PHE C 341 -15.03 -53.97 40.26
C PHE C 341 -15.55 -54.76 41.44
N GLU C 342 -16.84 -54.58 41.72
CA GLU C 342 -17.45 -55.27 42.85
C GLU C 342 -16.99 -56.72 42.97
N ARG C 343 -16.89 -57.38 41.81
CA ARG C 343 -16.52 -58.78 41.79
C ARG C 343 -15.05 -59.00 41.93
N ILE C 344 -14.28 -58.14 41.24
CA ILE C 344 -12.84 -58.22 41.27
C ILE C 344 -12.38 -58.02 42.68
N LEU C 345 -13.16 -57.21 43.39
CA LEU C 345 -12.86 -56.88 44.78
C LEU C 345 -12.92 -58.07 45.73
N THR C 346 -13.77 -59.06 45.42
CA THR C 346 -13.97 -60.21 46.30
C THR C 346 -13.82 -61.64 45.74
N GLU C 347 -14.20 -61.83 44.48
CA GLU C 347 -14.16 -63.15 43.85
C GLU C 347 -12.81 -63.80 43.60
N PRO C 348 -11.93 -63.12 42.85
CA PRO C 348 -10.58 -63.61 42.50
C PRO C 348 -9.82 -64.30 43.62
N HIS C 349 -9.02 -65.31 43.28
CA HIS C 349 -8.22 -65.98 44.31
C HIS C 349 -7.22 -64.95 44.81
N ALA C 350 -7.34 -64.58 46.07
CA ALA C 350 -6.44 -63.60 46.64
C ALA C 350 -6.80 -62.18 46.19
N SER C 351 -8.08 -61.86 46.29
CA SER C 351 -8.57 -60.54 45.93
C SER C 351 -8.01 -59.55 46.95
N LEU C 352 -8.29 -58.27 46.72
CA LEU C 352 -7.83 -57.25 47.63
C LEU C 352 -8.43 -57.42 49.02
N THR C 353 -9.73 -57.71 49.09
CA THR C 353 -10.32 -57.89 50.40
C THR C 353 -9.76 -59.16 51.03
N GLU C 354 -9.58 -60.23 50.26
CA GLU C 354 -9.03 -61.44 50.86
C GLU C 354 -7.62 -61.17 51.39
N GLN C 355 -6.87 -60.29 50.73
CA GLN C 355 -5.51 -59.92 51.17
C GLN C 355 -5.42 -59.09 52.46
N TYR C 356 -6.18 -58.00 52.55
CA TYR C 356 -6.14 -57.25 53.78
C TYR C 356 -6.54 -58.11 54.95
N LYS C 357 -7.70 -58.78 54.83
CA LYS C 357 -8.21 -59.68 55.87
C LYS C 357 -7.04 -60.47 56.41
N ALA C 358 -6.35 -61.15 55.52
CA ALA C 358 -5.18 -61.95 55.85
C ALA C 358 -4.05 -61.14 56.54
N LEU C 359 -3.74 -59.94 56.01
CA LEU C 359 -2.69 -59.11 56.57
C LEU C 359 -3.02 -58.60 57.98
N MET C 360 -4.21 -58.04 58.16
CA MET C 360 -4.59 -57.56 59.47
C MET C 360 -4.65 -58.72 60.45
N ALA C 361 -4.92 -59.91 59.95
CA ALA C 361 -4.99 -61.08 60.80
C ALA C 361 -3.69 -61.28 61.56
N THR C 362 -2.58 -60.97 60.90
CA THR C 362 -1.27 -61.14 61.52
C THR C 362 -1.05 -60.24 62.71
N GLU C 363 -1.65 -59.04 62.67
CA GLU C 363 -1.52 -58.12 63.79
C GLU C 363 -2.49 -58.57 64.86
N GLY C 364 -3.29 -59.57 64.50
CA GLY C 364 -4.29 -60.11 65.41
C GLY C 364 -5.61 -59.40 65.28
N VAL C 365 -5.83 -58.70 64.17
CA VAL C 365 -7.08 -58.01 63.99
C VAL C 365 -7.92 -58.76 63.00
N ASN C 366 -9.20 -58.87 63.33
CA ASN C 366 -10.16 -59.54 62.48
C ASN C 366 -11.05 -58.49 61.81
N ILE C 367 -10.98 -58.46 60.49
CA ILE C 367 -11.74 -57.48 59.74
C ILE C 367 -12.80 -58.13 58.84
N ALA C 368 -13.84 -57.37 58.53
CA ALA C 368 -14.90 -57.90 57.69
C ALA C 368 -15.53 -56.79 56.90
N PHE C 369 -15.73 -57.05 55.60
CA PHE C 369 -16.32 -56.04 54.72
C PHE C 369 -17.77 -56.37 54.48
N THR C 370 -18.67 -55.43 54.78
CA THR C 370 -20.08 -55.69 54.53
C THR C 370 -20.20 -55.60 53.04
N THR C 371 -21.28 -56.14 52.51
CA THR C 371 -21.53 -56.10 51.07
C THR C 371 -21.58 -54.67 50.59
N ASP C 372 -22.40 -53.85 51.24
CA ASP C 372 -22.53 -52.45 50.86
C ASP C 372 -21.20 -51.71 50.88
N ALA C 373 -20.27 -52.20 51.69
CA ALA C 373 -18.95 -51.59 51.77
C ALA C 373 -18.28 -51.84 50.42
N VAL C 374 -18.09 -53.11 50.10
CA VAL C 374 -17.48 -53.47 48.85
C VAL C 374 -18.11 -52.72 47.72
N LYS C 375 -19.42 -52.66 47.70
CA LYS C 375 -20.17 -51.95 46.65
C LYS C 375 -19.75 -50.47 46.62
N LYS C 376 -19.68 -49.88 47.81
CA LYS C 376 -19.30 -48.49 47.96
C LYS C 376 -17.86 -48.26 47.48
N ILE C 377 -16.93 -49.15 47.87
CA ILE C 377 -15.54 -49.07 47.47
C ILE C 377 -15.44 -49.07 45.95
N ALA C 378 -16.10 -50.02 45.30
CA ALA C 378 -16.07 -50.10 43.84
C ALA C 378 -16.74 -48.88 43.19
N GLU C 379 -17.96 -48.57 43.61
CA GLU C 379 -18.66 -47.40 43.07
C GLU C 379 -17.68 -46.22 43.10
N ALA C 380 -16.87 -46.14 44.15
CA ALA C 380 -15.89 -45.05 44.29
C ALA C 380 -14.74 -45.18 43.31
N ALA C 381 -14.11 -46.35 43.22
CA ALA C 381 -12.98 -46.52 42.31
C ALA C 381 -13.46 -46.04 40.96
N PHE C 382 -14.47 -46.73 40.44
CA PHE C 382 -15.08 -46.41 39.16
C PHE C 382 -15.39 -44.91 39.06
N ARG C 383 -15.89 -44.32 40.13
CA ARG C 383 -16.22 -42.92 40.09
C ARG C 383 -15.02 -42.06 39.68
N VAL C 384 -13.90 -42.17 40.37
CA VAL C 384 -12.75 -41.35 39.99
C VAL C 384 -12.23 -41.73 38.62
N ASN C 385 -12.17 -43.02 38.32
CA ASN C 385 -11.71 -43.45 37.00
C ASN C 385 -12.44 -42.68 35.92
N GLU C 386 -13.73 -42.44 36.14
CA GLU C 386 -14.53 -41.71 35.18
C GLU C 386 -14.22 -40.23 35.20
N LYS C 387 -14.30 -39.61 36.38
CA LYS C 387 -14.04 -38.19 36.53
C LYS C 387 -12.63 -37.71 36.21
N THR C 388 -11.62 -38.57 36.28
CA THR C 388 -10.23 -38.15 36.01
C THR C 388 -9.52 -39.05 35.02
N GLU C 389 -8.29 -39.48 35.31
CA GLU C 389 -7.61 -40.38 34.38
C GLU C 389 -7.99 -41.82 34.71
N ASN C 390 -8.71 -42.47 33.80
CA ASN C 390 -9.16 -43.84 34.02
C ASN C 390 -8.04 -44.86 33.91
N ILE C 391 -7.59 -45.37 35.04
CA ILE C 391 -6.51 -46.36 35.05
C ILE C 391 -6.99 -47.76 35.35
N GLY C 392 -8.21 -48.07 34.91
CA GLY C 392 -8.78 -49.40 35.13
C GLY C 392 -8.84 -49.93 36.56
N ALA C 393 -8.55 -51.22 36.69
CA ALA C 393 -8.56 -51.98 37.95
C ALA C 393 -7.54 -51.53 38.96
N ARG C 394 -6.42 -50.97 38.49
CA ARG C 394 -5.40 -50.45 39.41
C ARG C 394 -6.05 -49.54 40.44
N ARG C 395 -7.01 -48.72 40.00
CA ARG C 395 -7.71 -47.79 40.86
C ARG C 395 -8.19 -48.42 42.16
N LEU C 396 -8.45 -49.73 42.17
CA LEU C 396 -8.88 -50.40 43.40
C LEU C 396 -7.76 -50.45 44.43
N HIS C 397 -6.53 -50.72 44.00
CA HIS C 397 -5.42 -50.74 44.94
C HIS C 397 -5.25 -49.37 45.55
N THR C 398 -5.49 -48.34 44.74
CA THR C 398 -5.43 -46.96 45.20
C THR C 398 -6.43 -46.72 46.33
N VAL C 399 -7.72 -46.97 46.06
CA VAL C 399 -8.77 -46.74 47.03
C VAL C 399 -8.63 -47.67 48.22
N MET C 400 -8.33 -48.93 47.96
CA MET C 400 -8.13 -49.88 49.06
C MET C 400 -7.07 -49.38 50.01
N GLU C 401 -5.99 -48.81 49.47
CA GLU C 401 -4.95 -48.35 50.37
C GLU C 401 -5.35 -47.07 51.08
N ARG C 402 -6.20 -46.26 50.46
CA ARG C 402 -6.60 -45.02 51.11
C ARG C 402 -7.60 -45.28 52.23
N LEU C 403 -8.27 -46.42 52.14
CA LEU C 403 -9.26 -46.78 53.15
C LEU C 403 -8.62 -47.58 54.28
N MET C 404 -7.87 -48.63 53.95
CA MET C 404 -7.19 -49.45 54.96
C MET C 404 -6.09 -48.65 55.66
N ASP C 405 -5.97 -47.39 55.26
CA ASP C 405 -5.03 -46.38 55.75
C ASP C 405 -4.75 -46.44 57.26
N LYS C 406 -5.68 -45.86 58.02
CA LYS C 406 -5.62 -45.77 59.48
C LYS C 406 -5.48 -47.13 60.16
N ILE C 407 -6.37 -48.08 59.86
CA ILE C 407 -6.25 -49.40 60.46
C ILE C 407 -4.85 -49.96 60.28
N SER C 408 -4.37 -50.00 59.03
CA SER C 408 -3.03 -50.53 58.73
C SER C 408 -1.94 -50.12 59.72
N PHE C 409 -2.06 -48.93 60.28
CA PHE C 409 -1.07 -48.44 61.22
C PHE C 409 -1.32 -48.92 62.65
N SER C 410 -2.52 -48.62 63.14
CA SER C 410 -2.96 -48.96 64.50
C SER C 410 -3.17 -50.46 64.71
N ALA C 411 -3.39 -51.19 63.63
CA ALA C 411 -3.62 -52.61 63.70
C ALA C 411 -2.70 -53.32 64.67
N SER C 412 -1.47 -52.85 64.76
CA SER C 412 -0.54 -53.52 65.63
C SER C 412 -1.04 -53.55 67.06
N ASP C 413 -1.25 -52.37 67.65
CA ASP C 413 -1.74 -52.29 69.01
C ASP C 413 -3.25 -52.15 68.94
N MET C 414 -3.89 -53.21 68.46
CA MET C 414 -5.34 -53.21 68.30
C MET C 414 -5.73 -54.67 68.25
N ASN C 415 -4.81 -55.50 68.75
CA ASN C 415 -4.97 -56.93 68.81
C ASN C 415 -6.31 -57.33 69.37
N GLY C 416 -6.84 -58.44 68.88
CA GLY C 416 -8.10 -58.93 69.38
C GLY C 416 -9.35 -58.25 68.88
N GLN C 417 -9.29 -56.93 68.68
CA GLN C 417 -10.46 -56.17 68.20
C GLN C 417 -10.92 -56.68 66.86
N THR C 418 -12.09 -56.26 66.42
CA THR C 418 -12.56 -56.67 65.10
C THR C 418 -13.25 -55.47 64.47
N VAL C 419 -12.72 -55.06 63.31
CA VAL C 419 -13.23 -53.89 62.60
C VAL C 419 -14.31 -54.32 61.65
N ASN C 420 -15.46 -53.68 61.73
CA ASN C 420 -16.55 -54.01 60.83
C ASN C 420 -16.72 -52.88 59.83
N ILE C 421 -16.08 -53.03 58.69
CA ILE C 421 -16.12 -52.03 57.64
C ILE C 421 -17.38 -52.10 56.82
N ASP C 422 -18.27 -51.15 57.10
CA ASP C 422 -19.55 -51.02 56.43
C ASP C 422 -19.52 -49.78 55.54
N ALA C 423 -20.66 -49.43 54.96
CA ALA C 423 -20.73 -48.28 54.08
C ALA C 423 -20.37 -46.98 54.76
N ALA C 424 -20.79 -46.81 56.00
CA ALA C 424 -20.49 -45.57 56.69
C ALA C 424 -19.00 -45.42 56.85
N TYR C 425 -18.31 -46.53 57.09
CA TYR C 425 -16.87 -46.50 57.28
C TYR C 425 -16.23 -46.00 56.00
N VAL C 426 -16.44 -46.76 54.93
CA VAL C 426 -15.90 -46.42 53.65
C VAL C 426 -16.19 -44.97 53.29
N ALA C 427 -17.44 -44.57 53.32
CA ALA C 427 -17.79 -43.20 52.99
C ALA C 427 -16.94 -42.20 53.75
N ASP C 428 -16.66 -42.49 55.01
CA ASP C 428 -15.84 -41.61 55.83
C ASP C 428 -14.35 -41.67 55.45
N ALA C 429 -13.76 -42.86 55.55
CA ALA C 429 -12.35 -43.06 55.24
C ALA C 429 -11.88 -42.53 53.90
N LEU C 430 -12.78 -42.41 52.94
CA LEU C 430 -12.38 -41.94 51.63
C LEU C 430 -12.31 -40.44 51.46
N GLY C 431 -12.93 -39.69 52.37
CA GLY C 431 -12.88 -38.24 52.27
C GLY C 431 -13.62 -37.74 51.04
N GLU C 432 -13.00 -36.85 50.26
CA GLU C 432 -13.66 -36.32 49.07
C GLU C 432 -12.81 -36.34 47.82
N VAL C 433 -13.36 -36.85 46.71
CA VAL C 433 -12.56 -36.85 45.50
C VAL C 433 -13.14 -36.20 44.23
N VAL C 434 -12.42 -35.12 43.95
CA VAL C 434 -12.47 -34.12 42.88
C VAL C 434 -13.11 -34.27 41.48
N GLU C 435 -13.97 -33.31 41.11
CA GLU C 435 -14.55 -33.28 39.78
C GLU C 435 -14.04 -32.03 39.04
N ASN C 436 -12.71 -32.02 38.87
CA ASN C 436 -11.83 -31.02 38.21
C ASN C 436 -12.17 -29.58 37.82
N GLU C 437 -11.19 -28.69 38.02
CA GLU C 437 -11.36 -27.28 37.68
C GLU C 437 -10.50 -26.78 36.51
N ASP C 438 -10.42 -27.59 35.44
CA ASP C 438 -9.72 -27.20 34.21
C ASP C 438 -10.34 -25.86 34.01
N LEU C 439 -11.56 -25.79 34.54
CA LEU C 439 -12.41 -24.64 34.56
C LEU C 439 -11.55 -23.42 34.83
N SER C 440 -12.12 -22.26 34.60
CA SER C 440 -11.44 -21.02 34.84
C SER C 440 -10.04 -21.05 34.23
N ARG C 441 -9.04 -20.90 35.09
CA ARG C 441 -7.64 -20.89 34.69
C ARG C 441 -7.30 -20.77 33.22
N PHE C 442 -7.76 -21.72 32.42
CA PHE C 442 -7.44 -21.70 31.00
C PHE C 442 -8.54 -21.23 30.10
N ILE C 443 -9.74 -21.13 30.64
CA ILE C 443 -10.87 -20.75 29.82
C ILE C 443 -11.20 -19.28 29.85
N LEU C 444 -11.80 -18.77 28.78
CA LEU C 444 -12.20 -17.37 28.74
C LEU C 444 -13.66 -17.26 28.35
N SER D 2 9.78 -60.05 66.95
CA SER D 2 10.63 -60.43 65.78
C SER D 2 11.02 -59.21 64.94
N GLU D 3 10.19 -58.17 64.98
CA GLU D 3 10.44 -56.95 64.21
C GLU D 3 9.70 -55.77 64.81
N MET D 4 10.21 -54.57 64.55
CA MET D 4 9.61 -53.35 65.05
C MET D 4 8.19 -53.23 64.60
N THR D 5 7.45 -52.33 65.24
CA THR D 5 6.05 -52.12 64.91
C THR D 5 5.86 -50.69 64.46
N PRO D 6 4.71 -50.38 63.88
CA PRO D 6 4.48 -49.02 63.42
C PRO D 6 4.88 -47.92 64.40
N ARG D 7 4.29 -47.88 65.59
CA ARG D 7 4.63 -46.83 66.55
C ARG D 7 6.08 -46.91 66.98
N GLU D 8 6.59 -48.13 67.02
CA GLU D 8 7.96 -48.42 67.39
C GLU D 8 8.93 -47.74 66.40
N ILE D 9 8.69 -47.95 65.11
CA ILE D 9 9.53 -47.39 64.07
C ILE D 9 9.43 -45.89 63.99
N VAL D 10 8.23 -45.35 64.05
CA VAL D 10 8.10 -43.91 64.00
C VAL D 10 8.92 -43.33 65.11
N SER D 11 8.91 -43.95 66.30
CA SER D 11 9.71 -43.45 67.42
C SER D 11 11.19 -43.39 67.10
N GLU D 12 11.69 -44.42 66.44
CA GLU D 12 13.09 -44.49 66.04
C GLU D 12 13.43 -43.37 65.07
N LEU D 13 12.55 -43.10 64.12
CA LEU D 13 12.80 -42.04 63.16
C LEU D 13 12.72 -40.69 63.84
N ASP D 14 11.90 -40.57 64.87
CA ASP D 14 11.76 -39.30 65.56
C ASP D 14 13.09 -38.87 66.19
N GLN D 15 14.01 -39.82 66.32
CA GLN D 15 15.34 -39.59 66.87
C GLN D 15 16.27 -38.92 65.87
N HIS D 16 15.89 -38.86 64.60
CA HIS D 16 16.74 -38.23 63.58
C HIS D 16 16.05 -37.20 62.75
N ILE D 17 14.74 -37.32 62.55
CA ILE D 17 14.04 -36.34 61.73
C ILE D 17 13.08 -35.61 62.61
N ILE D 18 13.02 -34.29 62.43
CA ILE D 18 12.11 -33.48 63.22
C ILE D 18 10.93 -33.24 62.35
N GLY D 19 9.73 -33.42 62.89
CA GLY D 19 8.53 -33.18 62.13
C GLY D 19 8.24 -34.25 61.11
N GLN D 20 7.55 -33.88 60.03
CA GLN D 20 7.20 -34.83 58.97
C GLN D 20 6.61 -36.14 59.53
N ALA D 21 5.45 -36.05 60.17
CA ALA D 21 4.82 -37.23 60.75
C ALA D 21 4.17 -38.12 59.73
N ASP D 22 3.23 -37.54 58.96
CA ASP D 22 2.54 -38.30 57.92
C ASP D 22 3.57 -39.14 57.18
N ALA D 23 4.70 -38.49 56.87
CA ALA D 23 5.81 -39.14 56.16
C ALA D 23 6.33 -40.36 56.94
N LYS D 24 6.70 -40.14 58.20
CA LYS D 24 7.20 -41.20 59.05
C LYS D 24 6.20 -42.34 59.13
N ARG D 25 4.94 -42.02 59.43
CA ARG D 25 3.90 -43.03 59.52
C ARG D 25 3.91 -43.89 58.26
N ALA D 26 3.80 -43.23 57.11
CA ALA D 26 3.79 -43.90 55.83
C ALA D 26 4.87 -44.97 55.68
N VAL D 27 6.13 -44.57 55.75
CA VAL D 27 7.20 -45.53 55.62
C VAL D 27 7.17 -46.59 56.70
N ALA D 28 6.54 -46.26 57.83
CA ALA D 28 6.47 -47.18 58.94
C ALA D 28 5.58 -48.37 58.62
N ILE D 29 4.34 -48.07 58.26
CA ILE D 29 3.40 -49.13 57.94
C ILE D 29 3.94 -49.91 56.75
N ALA D 30 4.85 -49.32 55.99
CA ALA D 30 5.41 -49.97 54.83
C ALA D 30 6.40 -51.01 55.30
N LEU D 31 7.36 -50.60 56.10
CA LEU D 31 8.34 -51.56 56.59
C LEU D 31 7.64 -52.66 57.40
N ARG D 32 6.48 -52.33 57.96
CA ARG D 32 5.74 -53.30 58.76
C ARG D 32 5.03 -54.32 57.91
N ASN D 33 4.49 -53.90 56.78
CA ASN D 33 3.78 -54.82 55.91
C ASN D 33 4.73 -55.84 55.45
N ARG D 34 6.00 -55.57 55.68
CA ARG D 34 7.06 -56.47 55.26
C ARG D 34 7.07 -57.69 56.17
N TRP D 35 6.85 -57.44 57.46
CA TRP D 35 6.82 -58.49 58.46
C TRP D 35 5.48 -59.18 58.41
N ARG D 36 4.44 -58.42 58.12
CA ARG D 36 3.09 -58.97 58.02
C ARG D 36 3.09 -60.08 56.99
N ARG D 37 3.44 -59.75 55.76
CA ARG D 37 3.56 -60.79 54.75
C ARG D 37 4.67 -61.62 55.37
N MET D 38 5.08 -62.72 54.74
CA MET D 38 6.16 -63.53 55.31
C MET D 38 5.72 -64.15 56.62
N GLN D 39 4.44 -64.00 56.90
CA GLN D 39 3.84 -64.56 58.10
C GLN D 39 2.67 -65.31 57.50
N LEU D 40 2.31 -64.91 56.29
CA LEU D 40 1.20 -65.51 55.55
C LEU D 40 1.59 -66.90 55.09
N GLN D 41 0.60 -67.72 54.74
CA GLN D 41 0.85 -69.10 54.32
C GLN D 41 1.86 -69.26 53.19
N GLU D 42 1.41 -69.18 51.95
CA GLU D 42 2.33 -69.32 50.82
C GLU D 42 1.68 -68.78 49.55
N PRO D 43 0.41 -69.11 49.34
CA PRO D 43 -0.23 -68.59 48.12
C PRO D 43 -0.30 -67.08 48.23
N LEU D 44 -0.82 -66.59 49.33
CA LEU D 44 -0.92 -65.16 49.54
C LEU D 44 0.44 -64.55 49.78
N ARG D 45 1.33 -65.32 50.41
CA ARG D 45 2.67 -64.82 50.68
C ARG D 45 3.25 -64.19 49.44
N HIS D 46 3.07 -64.84 48.30
CA HIS D 46 3.58 -64.31 47.05
C HIS D 46 2.67 -63.23 46.48
N GLU D 47 1.38 -63.50 46.44
CA GLU D 47 0.42 -62.53 45.88
C GLU D 47 0.47 -61.09 46.42
N VAL D 48 0.66 -60.92 47.72
CA VAL D 48 0.68 -59.60 48.30
C VAL D 48 1.96 -58.87 47.92
N THR D 49 1.82 -57.62 47.51
CA THR D 49 2.97 -56.83 47.12
C THR D 49 3.04 -55.49 47.82
N PRO D 50 4.24 -54.86 47.84
CA PRO D 50 4.54 -53.57 48.47
C PRO D 50 3.61 -52.47 48.02
N LYS D 51 3.28 -51.55 48.93
CA LYS D 51 2.42 -50.44 48.56
C LYS D 51 3.35 -49.24 48.51
N ASN D 52 4.09 -49.15 47.41
CA ASN D 52 5.07 -48.10 47.18
C ASN D 52 4.62 -46.69 47.55
N ILE D 53 5.60 -45.85 47.86
CA ILE D 53 5.35 -44.49 48.32
C ILE D 53 5.90 -43.38 47.47
N LEU D 54 5.11 -42.31 47.35
CA LEU D 54 5.49 -41.11 46.61
C LEU D 54 5.48 -39.99 47.63
N MET D 55 6.67 -39.46 47.98
CA MET D 55 6.78 -38.39 48.97
C MET D 55 6.80 -37.10 48.24
N ILE D 56 6.01 -36.14 48.68
CA ILE D 56 5.92 -34.87 47.97
C ILE D 56 6.22 -33.72 48.88
N GLY D 57 7.39 -33.11 48.74
CA GLY D 57 7.68 -32.00 49.62
C GLY D 57 8.78 -31.17 49.05
N PRO D 58 8.96 -29.93 49.47
CA PRO D 58 10.02 -29.04 48.97
C PRO D 58 11.41 -29.57 49.32
N THR D 59 12.44 -28.82 48.87
CA THR D 59 13.85 -29.16 49.05
C THR D 59 14.36 -29.28 50.46
N GLY D 60 15.08 -30.38 50.70
CA GLY D 60 15.70 -30.67 51.99
C GLY D 60 14.84 -30.55 53.24
N VAL D 61 13.74 -31.30 53.27
CA VAL D 61 12.84 -31.24 54.41
C VAL D 61 12.72 -32.58 55.05
N GLY D 62 13.57 -33.51 54.64
CA GLY D 62 13.58 -34.84 55.24
C GLY D 62 13.29 -36.06 54.38
N LYS D 63 12.78 -35.84 53.17
CA LYS D 63 12.44 -36.95 52.28
C LYS D 63 13.48 -38.04 52.21
N THR D 64 14.73 -37.65 52.07
CA THR D 64 15.78 -38.63 51.97
C THR D 64 16.20 -39.25 53.31
N GLU D 65 16.39 -38.42 54.33
CA GLU D 65 16.81 -38.94 55.63
C GLU D 65 15.82 -39.95 56.13
N ILE D 66 14.54 -39.65 55.97
CA ILE D 66 13.54 -40.58 56.44
C ILE D 66 13.76 -41.91 55.79
N ALA D 67 13.98 -41.91 54.50
CA ALA D 67 14.18 -43.17 53.79
C ALA D 67 15.48 -43.86 54.13
N ARG D 68 16.55 -43.08 54.24
CA ARG D 68 17.86 -43.65 54.52
C ARG D 68 17.86 -44.23 55.93
N ARG D 69 17.17 -43.57 56.84
CA ARG D 69 17.09 -44.06 58.21
C ARG D 69 16.17 -45.27 58.30
N LEU D 70 15.12 -45.29 57.49
CA LEU D 70 14.18 -46.39 57.53
C LEU D 70 14.95 -47.64 57.22
N ALA D 71 15.75 -47.53 56.17
CA ALA D 71 16.55 -48.65 55.72
C ALA D 71 17.55 -49.01 56.78
N LYS D 72 18.17 -47.99 57.34
CA LYS D 72 19.19 -48.20 58.34
C LYS D 72 18.68 -48.99 59.51
N LEU D 73 17.48 -48.65 60.01
CA LEU D 73 16.92 -49.32 61.19
C LEU D 73 16.29 -50.65 60.87
N ALA D 74 16.15 -50.94 59.59
CA ALA D 74 15.58 -52.20 59.17
C ALA D 74 16.73 -53.04 58.69
N ASN D 75 17.93 -52.45 58.70
CA ASN D 75 19.12 -53.14 58.26
C ASN D 75 18.80 -53.74 56.90
N ALA D 76 18.33 -52.90 55.98
CA ALA D 76 17.98 -53.37 54.66
C ALA D 76 18.83 -52.77 53.58
N PRO D 77 19.03 -53.50 52.49
CA PRO D 77 19.83 -52.98 51.37
C PRO D 77 19.12 -51.72 50.87
N PHE D 78 19.89 -50.65 50.68
CA PHE D 78 19.31 -49.41 50.23
C PHE D 78 20.08 -48.80 49.07
N ILE D 79 19.41 -47.95 48.30
CA ILE D 79 20.04 -47.29 47.18
C ILE D 79 19.21 -46.08 46.75
N LYS D 80 19.89 -44.97 46.54
CA LYS D 80 19.20 -43.77 46.08
C LYS D 80 19.67 -43.38 44.68
N VAL D 81 18.74 -43.02 43.82
CA VAL D 81 19.11 -42.61 42.47
C VAL D 81 18.31 -41.40 41.96
N GLU D 82 18.94 -40.54 41.17
CA GLU D 82 18.19 -39.43 40.63
C GLU D 82 17.44 -40.05 39.44
N ALA D 83 16.17 -39.70 39.25
CA ALA D 83 15.37 -40.22 38.14
C ALA D 83 15.95 -39.81 36.82
N THR D 84 16.39 -38.54 36.78
CA THR D 84 16.97 -37.92 35.59
C THR D 84 18.29 -38.54 35.21
N LYS D 85 18.87 -39.32 36.12
CA LYS D 85 20.13 -39.99 35.82
C LYS D 85 20.02 -40.85 34.56
N PHE D 86 18.80 -41.07 34.06
CA PHE D 86 18.63 -41.90 32.87
C PHE D 86 18.00 -41.20 31.69
N THR D 87 18.09 -39.87 31.64
CA THR D 87 17.49 -39.15 30.52
C THR D 87 18.27 -39.32 29.21
N GLU D 95 21.32 -47.12 31.67
CA GLU D 95 20.97 -48.47 32.10
C GLU D 95 20.18 -48.45 33.42
N VAL D 96 18.89 -48.74 33.36
CA VAL D 96 18.05 -48.69 34.57
C VAL D 96 18.21 -49.89 35.44
N ASP D 97 18.46 -51.04 34.83
CA ASP D 97 18.64 -52.26 35.60
C ASP D 97 19.84 -52.18 36.55
N SER D 98 20.67 -51.16 36.37
CA SER D 98 21.83 -50.97 37.24
C SER D 98 21.31 -50.69 38.66
N ILE D 99 20.15 -50.07 38.73
CA ILE D 99 19.56 -49.72 40.01
C ILE D 99 19.46 -50.90 40.87
N ILE D 100 19.07 -52.05 40.30
CA ILE D 100 18.95 -53.27 41.07
C ILE D 100 20.30 -53.89 41.25
N ARG D 101 21.10 -53.81 40.22
CA ARG D 101 22.43 -54.38 40.27
C ARG D 101 23.24 -53.75 41.41
N ASP D 102 23.10 -52.44 41.57
CA ASP D 102 23.79 -51.69 42.62
C ASP D 102 23.22 -51.99 44.01
N LEU D 103 21.91 -52.18 44.09
CA LEU D 103 21.22 -52.49 45.33
C LEU D 103 21.71 -53.84 45.84
N THR D 104 22.05 -54.73 44.92
CA THR D 104 22.52 -56.06 45.31
C THR D 104 23.95 -55.99 45.83
N ASP D 105 24.79 -55.15 45.23
CA ASP D 105 26.17 -55.03 45.73
C ASP D 105 26.10 -54.54 47.18
N SER D 106 25.17 -53.64 47.44
CA SER D 106 24.97 -53.08 48.77
C SER D 106 24.54 -54.17 49.73
N ALA D 107 23.56 -54.96 49.33
CA ALA D 107 23.08 -56.05 50.16
C ALA D 107 24.19 -57.08 50.37
N MET D 108 25.18 -57.09 49.49
CA MET D 108 26.27 -58.04 49.64
C MET D 108 27.15 -57.54 50.77
N LYS D 109 27.53 -56.27 50.73
CA LYS D 109 28.39 -55.75 51.78
C LYS D 109 27.63 -55.85 53.09
N LEU D 110 26.31 -56.01 52.99
CA LEU D 110 25.44 -56.12 54.15
C LEU D 110 25.55 -57.52 54.75
N VAL D 111 25.24 -58.54 53.96
CA VAL D 111 25.32 -59.91 54.41
C VAL D 111 26.73 -60.31 54.82
N ARG D 112 27.73 -59.80 54.11
CA ARG D 112 29.12 -60.09 54.41
C ARG D 112 29.36 -59.78 55.89
N GLN D 113 29.11 -58.53 56.29
CA GLN D 113 29.28 -58.10 57.67
C GLN D 113 28.64 -59.06 58.66
N GLN D 114 27.36 -59.36 58.43
CA GLN D 114 26.61 -60.25 59.29
C GLN D 114 27.27 -61.62 59.47
N GLU D 115 27.80 -62.17 58.39
CA GLU D 115 28.45 -63.49 58.44
C GLU D 115 29.88 -63.43 58.99
N ILE D 116 30.39 -62.22 59.20
CA ILE D 116 31.74 -62.07 59.75
C ILE D 116 31.62 -62.59 61.17
N ALA D 117 30.49 -62.30 61.80
CA ALA D 117 30.23 -62.73 63.16
C ALA D 117 29.96 -64.24 63.13
N LYS D 118 30.97 -65.00 62.73
CA LYS D 118 30.87 -66.45 62.65
C LYS D 118 31.77 -67.14 63.67
N ASN D 119 32.73 -66.38 64.22
CA ASN D 119 33.65 -66.91 65.23
C ASN D 119 34.39 -65.78 65.95
N ALA D 231 42.60 -64.75 58.92
CA ALA D 231 42.66 -66.05 59.57
C ALA D 231 41.30 -66.75 59.51
N ALA D 232 40.22 -65.97 59.57
CA ALA D 232 38.86 -66.51 59.54
C ALA D 232 38.57 -67.25 58.23
N LYS D 233 37.84 -68.36 58.34
CA LYS D 233 37.49 -69.16 57.17
C LYS D 233 36.28 -70.07 57.43
N LEU D 234 35.24 -69.88 56.63
CA LEU D 234 34.00 -70.65 56.72
C LEU D 234 33.10 -70.01 55.67
N ILE D 235 33.69 -69.00 55.02
CA ILE D 235 33.09 -68.19 53.97
C ILE D 235 31.91 -68.79 53.20
N ASN D 236 32.18 -69.84 52.42
CA ASN D 236 31.14 -70.50 51.63
C ASN D 236 30.40 -69.47 50.77
N PRO D 237 31.12 -68.78 49.88
CA PRO D 237 30.52 -67.77 48.99
C PRO D 237 29.21 -68.14 48.30
N GLU D 238 29.13 -69.33 47.72
CA GLU D 238 27.91 -69.74 47.00
C GLU D 238 26.62 -69.66 47.83
N GLU D 239 26.76 -69.76 49.15
CA GLU D 239 25.60 -69.70 50.04
C GLU D 239 25.49 -68.27 50.57
N LEU D 240 26.58 -67.51 50.41
CA LEU D 240 26.66 -66.13 50.85
C LEU D 240 25.99 -65.24 49.83
N LYS D 241 26.08 -65.64 48.57
CA LYS D 241 25.45 -64.91 47.49
C LYS D 241 23.95 -65.17 47.59
N GLN D 242 23.56 -66.44 47.61
CA GLN D 242 22.15 -66.80 47.72
C GLN D 242 21.53 -65.99 48.86
N LYS D 243 22.27 -65.76 49.92
CA LYS D 243 21.71 -65.01 51.03
C LYS D 243 21.50 -63.53 50.67
N ALA D 244 22.55 -62.83 50.25
CA ALA D 244 22.40 -61.43 49.88
C ALA D 244 21.24 -61.27 48.93
N ILE D 245 21.14 -62.20 47.99
CA ILE D 245 20.07 -62.18 47.02
C ILE D 245 18.73 -62.12 47.70
N ASP D 246 18.57 -62.91 48.76
CA ASP D 246 17.32 -62.90 49.49
C ASP D 246 17.16 -61.54 50.17
N ALA D 247 18.23 -61.03 50.75
CA ALA D 247 18.15 -59.74 51.42
C ALA D 247 17.50 -58.71 50.51
N VAL D 248 17.91 -58.73 49.25
CA VAL D 248 17.38 -57.80 48.27
C VAL D 248 15.93 -58.07 47.93
N GLU D 249 15.66 -59.26 47.42
CA GLU D 249 14.31 -59.67 47.04
C GLU D 249 13.29 -59.53 48.14
N GLN D 250 13.74 -59.69 49.39
CA GLN D 250 12.87 -59.63 50.56
C GLN D 250 12.63 -58.25 51.15
N ASN D 251 13.70 -57.54 51.50
CA ASN D 251 13.57 -56.23 52.13
C ASN D 251 14.36 -55.13 51.50
N GLY D 252 14.57 -55.20 50.20
CA GLY D 252 15.34 -54.14 49.55
C GLY D 252 14.53 -52.87 49.44
N ILE D 253 15.21 -51.73 49.41
CA ILE D 253 14.51 -50.46 49.30
C ILE D 253 15.13 -49.54 48.28
N VAL D 254 14.36 -49.13 47.28
CA VAL D 254 14.85 -48.21 46.27
C VAL D 254 14.24 -46.81 46.45
N PHE D 255 15.09 -45.79 46.41
CA PHE D 255 14.63 -44.43 46.57
C PHE D 255 14.90 -43.62 45.30
N ILE D 256 13.86 -43.36 44.52
CA ILE D 256 13.98 -42.58 43.27
C ILE D 256 13.77 -41.07 43.52
N ASP D 257 14.84 -40.31 43.49
CA ASP D 257 14.75 -38.89 43.78
C ASP D 257 14.35 -38.00 42.62
N GLU D 258 13.70 -36.89 42.97
CA GLU D 258 13.22 -35.90 42.01
C GLU D 258 12.62 -36.55 40.76
N ILE D 259 11.59 -37.36 40.99
CA ILE D 259 10.87 -38.05 39.92
C ILE D 259 9.97 -37.05 39.19
N ASP D 260 9.68 -35.93 39.84
CA ASP D 260 8.85 -34.91 39.23
C ASP D 260 9.62 -34.27 38.07
N LYS D 261 10.91 -34.59 37.99
CA LYS D 261 11.74 -34.07 36.91
C LYS D 261 11.56 -34.85 35.59
N ILE D 262 10.99 -36.07 35.65
CA ILE D 262 10.75 -36.82 34.42
C ILE D 262 9.26 -36.88 34.07
N CYS D 263 8.53 -35.84 34.44
CA CYS D 263 7.12 -35.77 34.10
C CYS D 263 6.92 -34.96 32.84
N LYS D 264 5.85 -35.27 32.11
CA LYS D 264 5.57 -34.52 30.90
C LYS D 264 5.36 -33.06 31.30
N LYS D 265 6.02 -32.14 30.60
CA LYS D 265 5.91 -30.72 30.88
C LYS D 265 6.59 -29.93 29.77
N GLY D 270 8.80 -31.03 22.72
CA GLY D 270 10.14 -31.11 23.26
C GLY D 270 10.65 -32.52 23.49
N ALA D 271 11.87 -32.63 24.02
CA ALA D 271 12.48 -33.92 24.31
C ALA D 271 11.73 -34.52 25.50
N ASP D 272 10.50 -34.05 25.68
CA ASP D 272 9.63 -34.49 26.76
C ASP D 272 9.41 -36.01 26.70
N VAL D 273 9.77 -36.61 25.58
CA VAL D 273 9.63 -38.05 25.42
C VAL D 273 10.88 -38.76 25.96
N SER D 274 11.98 -38.02 25.99
CA SER D 274 13.24 -38.58 26.49
C SER D 274 13.07 -38.93 27.94
N ARG D 275 12.35 -38.07 28.66
CA ARG D 275 12.09 -38.26 30.07
C ARG D 275 10.88 -39.17 30.27
N GLU D 276 9.80 -38.87 29.54
CA GLU D 276 8.59 -39.67 29.62
C GLU D 276 9.04 -41.10 29.40
N GLY D 277 10.14 -41.23 28.68
CA GLY D 277 10.69 -42.53 28.39
C GLY D 277 11.15 -43.14 29.67
N VAL D 278 11.95 -42.42 30.44
CA VAL D 278 12.46 -42.96 31.69
C VAL D 278 11.36 -43.65 32.54
N GLN D 279 10.15 -43.08 32.55
CA GLN D 279 9.07 -43.65 33.33
C GLN D 279 8.82 -45.06 32.81
N ARG D 280 8.64 -45.19 31.51
CA ARG D 280 8.38 -46.51 30.92
C ARG D 280 9.50 -47.48 31.24
N ASP D 281 10.72 -46.96 31.36
CA ASP D 281 11.88 -47.79 31.65
C ASP D 281 11.91 -48.29 33.08
N LEU D 282 11.30 -47.53 33.99
CA LEU D 282 11.25 -47.89 35.40
C LEU D 282 10.16 -48.91 35.68
N LEU D 283 9.12 -48.91 34.86
CA LEU D 283 8.00 -49.82 35.06
C LEU D 283 8.37 -51.22 35.48
N PRO D 284 9.13 -51.92 34.64
CA PRO D 284 9.56 -53.29 34.93
C PRO D 284 9.94 -53.51 36.37
N LEU D 285 10.89 -52.72 36.88
CA LEU D 285 11.32 -52.88 38.27
C LEU D 285 10.12 -52.71 39.21
N VAL D 286 9.44 -51.57 39.07
CA VAL D 286 8.30 -51.24 39.89
C VAL D 286 7.18 -52.25 39.74
N GLU D 287 6.88 -52.61 38.51
CA GLU D 287 5.82 -53.57 38.22
C GLU D 287 6.28 -54.98 38.51
N GLY D 288 7.53 -55.14 38.90
CA GLY D 288 8.04 -56.46 39.24
C GLY D 288 8.52 -57.31 38.07
N SER D 289 9.84 -57.48 37.96
CA SER D 289 10.41 -58.28 36.89
C SER D 289 11.72 -58.83 37.40
N THR D 290 12.55 -59.35 36.51
CA THR D 290 13.83 -59.90 36.94
C THR D 290 14.99 -59.26 36.21
N VAL D 291 16.11 -59.12 36.91
CA VAL D 291 17.32 -58.55 36.33
C VAL D 291 18.47 -59.35 36.87
N SER D 292 19.51 -59.52 36.06
CA SER D 292 20.66 -60.29 36.47
C SER D 292 21.79 -59.46 37.04
N THR D 293 22.32 -59.91 38.16
CA THR D 293 23.42 -59.24 38.84
C THR D 293 24.59 -60.21 38.86
N LYS D 294 25.78 -59.70 39.15
CA LYS D 294 26.96 -60.56 39.20
C LYS D 294 26.91 -61.56 40.35
N HIS D 295 25.76 -61.68 41.01
CA HIS D 295 25.61 -62.59 42.14
C HIS D 295 24.49 -63.58 41.87
N GLY D 296 23.77 -63.35 40.77
CA GLY D 296 22.66 -64.23 40.43
C GLY D 296 21.47 -63.45 39.93
N MET D 297 20.32 -64.11 39.83
CA MET D 297 19.11 -63.44 39.38
C MET D 297 18.32 -62.95 40.57
N VAL D 298 17.80 -61.73 40.48
CA VAL D 298 16.99 -61.20 41.56
C VAL D 298 15.62 -60.74 41.03
N LYS D 299 14.57 -60.79 41.85
CA LYS D 299 13.24 -60.36 41.40
C LYS D 299 12.84 -59.07 42.07
N THR D 300 12.39 -58.10 41.29
CA THR D 300 11.99 -56.81 41.84
C THR D 300 10.56 -56.82 42.36
N ASP D 301 9.93 -57.99 42.34
CA ASP D 301 8.55 -58.14 42.78
C ASP D 301 8.25 -57.61 44.18
N HIS D 302 9.21 -57.75 45.10
CA HIS D 302 8.97 -57.28 46.46
C HIS D 302 9.89 -56.20 46.97
N ILE D 303 10.52 -55.47 46.06
CA ILE D 303 11.40 -54.36 46.40
C ILE D 303 10.47 -53.21 46.74
N LEU D 304 10.73 -52.51 47.82
CA LEU D 304 9.84 -51.40 48.19
C LEU D 304 10.39 -50.15 47.59
N PHE D 305 9.63 -49.50 46.72
CA PHE D 305 10.07 -48.26 46.09
C PHE D 305 9.54 -46.98 46.75
N ILE D 306 10.39 -45.97 46.83
CA ILE D 306 9.96 -44.69 47.40
C ILE D 306 10.39 -43.58 46.46
N ALA D 307 9.44 -42.89 45.85
CA ALA D 307 9.82 -41.81 44.95
C ALA D 307 9.53 -40.47 45.58
N SER D 308 10.41 -39.51 45.38
CA SER D 308 10.20 -38.21 45.96
C SER D 308 10.15 -37.21 44.86
N GLY D 309 9.49 -36.09 45.13
CA GLY D 309 9.36 -35.03 44.14
C GLY D 309 8.86 -33.78 44.81
N ALA D 310 9.14 -32.65 44.21
CA ALA D 310 8.71 -31.36 44.76
C ALA D 310 7.38 -31.09 44.19
N PHE D 311 7.26 -31.38 42.89
CA PHE D 311 6.02 -31.18 42.14
C PHE D 311 5.56 -29.74 42.20
N GLN D 312 6.41 -28.81 41.78
CA GLN D 312 6.05 -27.40 41.82
C GLN D 312 5.22 -27.10 40.57
N VAL D 313 5.67 -27.60 39.42
CA VAL D 313 4.98 -27.36 38.16
C VAL D 313 4.14 -28.55 37.74
N ALA D 314 4.71 -29.75 37.86
CA ALA D 314 4.02 -30.98 37.51
C ALA D 314 3.19 -31.48 38.70
N ARG D 315 2.08 -32.16 38.42
CA ARG D 315 1.23 -32.74 39.47
C ARG D 315 1.60 -34.24 39.41
N PRO D 316 1.35 -35.02 40.47
CA PRO D 316 1.68 -36.45 40.40
C PRO D 316 0.90 -37.17 39.32
N SER D 317 -0.31 -36.68 39.07
CA SER D 317 -1.20 -37.24 38.05
C SER D 317 -0.67 -37.03 36.65
N ASP D 318 0.56 -36.54 36.55
CA ASP D 318 1.18 -36.29 35.26
C ASP D 318 2.13 -37.42 34.95
N LEU D 319 2.19 -38.40 35.84
CA LEU D 319 3.04 -39.55 35.59
C LEU D 319 2.19 -40.46 34.73
N ILE D 320 2.82 -41.46 34.11
CA ILE D 320 2.08 -42.41 33.25
C ILE D 320 1.22 -43.26 34.20
N PRO D 321 -0.03 -43.59 33.82
CA PRO D 321 -0.95 -44.38 34.65
C PRO D 321 -0.30 -45.66 35.16
N GLU D 322 0.25 -46.44 34.24
CA GLU D 322 0.89 -47.68 34.62
C GLU D 322 1.67 -47.48 35.92
N LEU D 323 2.38 -46.37 36.04
CA LEU D 323 3.21 -46.04 37.21
C LEU D 323 2.50 -45.27 38.35
N GLN D 324 1.56 -44.41 37.99
CA GLN D 324 0.83 -43.60 38.96
C GLN D 324 -0.04 -44.52 39.80
N GLY D 325 -0.15 -45.77 39.36
CA GLY D 325 -0.95 -46.72 40.09
C GLY D 325 -0.10 -47.63 40.94
N ARG D 326 1.18 -47.73 40.61
CA ARG D 326 2.11 -48.55 41.36
C ARG D 326 2.65 -47.74 42.55
N LEU D 327 2.24 -46.46 42.62
CA LEU D 327 2.61 -45.55 43.71
C LEU D 327 1.29 -45.14 44.36
N PRO D 328 0.68 -46.06 45.12
CA PRO D 328 -0.58 -45.96 45.84
C PRO D 328 -0.54 -44.93 46.93
N ILE D 329 0.49 -45.02 47.76
CA ILE D 329 0.64 -44.10 48.87
C ILE D 329 1.26 -42.76 48.54
N ARG D 330 0.47 -41.70 48.66
CA ARG D 330 0.98 -40.35 48.43
C ARG D 330 1.02 -39.73 49.83
N VAL D 331 2.16 -39.22 50.25
CA VAL D 331 2.26 -38.58 51.56
C VAL D 331 2.97 -37.23 51.35
N GLU D 332 2.48 -36.18 52.02
CA GLU D 332 3.07 -34.87 51.83
C GLU D 332 4.00 -34.41 52.96
N LEU D 333 5.13 -33.80 52.62
CA LEU D 333 6.04 -33.25 53.65
C LEU D 333 5.94 -31.74 53.65
N THR D 334 6.05 -31.17 54.84
CA THR D 334 5.94 -29.73 55.05
C THR D 334 7.24 -28.98 54.93
N ALA D 335 7.14 -27.70 54.65
CA ALA D 335 8.35 -26.89 54.55
C ALA D 335 8.76 -26.68 56.00
N LEU D 336 10.07 -26.50 56.21
CA LEU D 336 10.57 -26.28 57.54
C LEU D 336 10.50 -24.80 57.93
N SER D 337 10.07 -24.52 59.17
CA SER D 337 9.97 -23.15 59.70
C SER D 337 11.11 -22.76 60.65
N ALA D 338 11.20 -21.46 60.96
CA ALA D 338 12.25 -21.00 61.84
C ALA D 338 12.25 -21.92 63.07
N ALA D 339 11.06 -22.02 63.65
CA ALA D 339 10.81 -22.87 64.82
C ALA D 339 11.29 -24.30 64.62
N ASP D 340 11.09 -24.85 63.42
CA ASP D 340 11.52 -26.21 63.14
C ASP D 340 13.03 -26.28 63.14
N PHE D 341 13.69 -25.29 62.52
CA PHE D 341 15.14 -25.25 62.47
C PHE D 341 15.67 -25.25 63.87
N GLU D 342 15.10 -24.39 64.72
CA GLU D 342 15.52 -24.30 66.13
C GLU D 342 15.66 -25.66 66.78
N ARG D 343 14.76 -26.57 66.41
CA ARG D 343 14.77 -27.90 66.97
C ARG D 343 15.76 -28.80 66.27
N ILE D 344 15.81 -28.69 64.96
CA ILE D 344 16.71 -29.49 64.17
C ILE D 344 18.11 -29.21 64.60
N LEU D 345 18.32 -27.97 64.99
CA LEU D 345 19.63 -27.47 65.41
C LEU D 345 20.17 -28.17 66.64
N THR D 346 19.28 -28.54 67.55
CA THR D 346 19.67 -29.15 68.83
C THR D 346 19.16 -30.55 69.23
N GLU D 347 17.92 -30.87 68.86
CA GLU D 347 17.30 -32.15 69.22
C GLU D 347 17.85 -33.45 68.63
N PRO D 348 17.86 -33.58 67.30
CA PRO D 348 18.34 -34.78 66.60
C PRO D 348 19.57 -35.41 67.21
N HIS D 349 19.75 -36.71 67.02
CA HIS D 349 20.95 -37.38 67.52
C HIS D 349 22.09 -36.90 66.64
N ALA D 350 23.05 -36.18 67.23
CA ALA D 350 24.18 -35.67 66.48
C ALA D 350 23.76 -34.49 65.65
N SER D 351 23.14 -33.53 66.30
CA SER D 351 22.70 -32.31 65.62
C SER D 351 23.93 -31.50 65.26
N LEU D 352 23.72 -30.36 64.58
CA LEU D 352 24.85 -29.52 64.21
C LEU D 352 25.59 -29.03 65.46
N THR D 353 24.83 -28.49 66.41
CA THR D 353 25.45 -28.02 67.64
C THR D 353 26.14 -29.14 68.38
N GLU D 354 25.53 -30.31 68.49
CA GLU D 354 26.21 -31.41 69.18
C GLU D 354 27.52 -31.79 68.49
N GLN D 355 27.55 -31.62 67.17
CA GLN D 355 28.73 -31.96 66.39
C GLN D 355 29.86 -30.99 66.60
N TYR D 356 29.60 -29.70 66.49
CA TYR D 356 30.68 -28.75 66.71
C TYR D 356 31.21 -28.86 68.12
N LYS D 357 30.31 -28.85 69.11
CA LYS D 357 30.71 -29.01 70.49
C LYS D 357 31.74 -30.13 70.52
N ALA D 358 31.36 -31.27 69.96
CA ALA D 358 32.24 -32.44 69.89
C ALA D 358 33.59 -32.20 69.23
N LEU D 359 33.56 -31.58 68.05
CA LEU D 359 34.76 -31.28 67.29
C LEU D 359 35.70 -30.32 68.03
N MET D 360 35.19 -29.18 68.46
CA MET D 360 36.01 -28.22 69.18
C MET D 360 36.58 -28.87 70.42
N ALA D 361 35.87 -29.84 70.97
CA ALA D 361 36.33 -30.54 72.15
C ALA D 361 37.72 -31.14 71.91
N THR D 362 37.97 -31.63 70.70
CA THR D 362 39.23 -32.24 70.39
C THR D 362 40.38 -31.27 70.46
N GLU D 363 40.16 -30.01 70.07
CA GLU D 363 41.20 -29.00 70.10
C GLU D 363 41.33 -28.57 71.54
N GLY D 364 40.48 -29.14 72.37
CA GLY D 364 40.50 -28.83 73.78
C GLY D 364 39.68 -27.60 74.09
N VAL D 365 38.80 -27.19 73.19
CA VAL D 365 37.99 -26.03 73.48
C VAL D 365 36.58 -26.48 73.85
N ASN D 366 36.03 -25.83 74.85
CA ASN D 366 34.69 -26.14 75.30
C ASN D 366 33.75 -25.03 74.85
N ILE D 367 32.81 -25.41 74.00
CA ILE D 367 31.85 -24.44 73.49
C ILE D 367 30.40 -24.64 73.99
N ALA D 368 29.63 -23.58 73.98
CA ALA D 368 28.27 -23.65 74.45
C ALA D 368 27.41 -22.64 73.73
N PHE D 369 26.23 -23.09 73.28
CA PHE D 369 25.29 -22.23 72.57
C PHE D 369 24.17 -21.78 73.48
N THR D 370 23.99 -20.48 73.63
CA THR D 370 22.91 -20.03 74.47
C THR D 370 21.67 -20.31 73.65
N THR D 371 20.52 -20.37 74.30
CA THR D 371 19.27 -20.61 73.60
C THR D 371 19.02 -19.53 72.57
N ASP D 372 19.14 -18.28 72.97
CA ASP D 372 18.94 -17.16 72.05
C ASP D 372 19.88 -17.23 70.87
N ALA D 373 21.00 -17.94 71.03
CA ALA D 373 21.95 -18.08 69.94
C ALA D 373 21.31 -18.99 68.91
N VAL D 374 20.94 -20.18 69.35
CA VAL D 374 20.29 -21.16 68.49
C VAL D 374 19.09 -20.56 67.79
N LYS D 375 18.30 -19.83 68.54
CA LYS D 375 17.12 -19.19 67.99
C LYS D 375 17.53 -18.23 66.87
N LYS D 376 18.60 -17.47 67.12
CA LYS D 376 19.16 -16.49 66.20
C LYS D 376 19.75 -17.19 64.95
N ILE D 377 20.46 -18.29 65.17
CA ILE D 377 21.05 -19.03 64.06
C ILE D 377 19.93 -19.50 63.13
N ALA D 378 18.91 -20.10 63.72
CA ALA D 378 17.79 -20.58 62.92
C ALA D 378 17.01 -19.44 62.25
N GLU D 379 16.63 -18.41 63.01
CA GLU D 379 15.91 -17.26 62.46
C GLU D 379 16.64 -16.79 61.21
N ALA D 380 17.97 -16.85 61.27
CA ALA D 380 18.83 -16.44 60.18
C ALA D 380 18.81 -17.39 59.00
N ALA D 381 18.94 -18.69 59.24
CA ALA D 381 18.92 -19.63 58.11
C ALA D 381 17.60 -19.46 57.38
N PHE D 382 16.51 -19.54 58.14
CA PHE D 382 15.18 -19.37 57.58
C PHE D 382 15.11 -18.06 56.82
N ARG D 383 15.66 -17.00 57.40
CA ARG D 383 15.63 -15.70 56.75
C ARG D 383 16.22 -15.74 55.33
N VAL D 384 17.42 -16.27 55.14
CA VAL D 384 17.99 -16.29 53.80
C VAL D 384 17.19 -17.22 52.90
N ASN D 385 16.74 -18.34 53.45
CA ASN D 385 15.97 -19.31 52.69
C ASN D 385 14.79 -18.61 52.06
N GLU D 386 14.17 -17.70 52.80
CA GLU D 386 13.03 -16.97 52.30
C GLU D 386 13.45 -15.91 51.27
N LYS D 387 14.42 -15.06 51.64
CA LYS D 387 14.89 -13.98 50.77
C LYS D 387 15.57 -14.38 49.46
N THR D 388 16.10 -15.60 49.39
CA THR D 388 16.79 -16.07 48.19
C THR D 388 16.32 -17.45 47.75
N GLU D 389 17.24 -18.35 47.40
CA GLU D 389 16.84 -19.70 46.96
C GLU D 389 16.69 -20.59 48.18
N ASN D 390 15.46 -20.97 48.46
CA ASN D 390 15.16 -21.79 49.65
C ASN D 390 15.66 -23.22 49.50
N ILE D 391 16.73 -23.56 50.21
CA ILE D 391 17.27 -24.91 50.09
C ILE D 391 17.03 -25.80 51.33
N GLY D 392 15.94 -25.56 52.04
CA GLY D 392 15.60 -26.35 53.19
C GLY D 392 16.57 -26.27 54.36
N ALA D 393 16.69 -27.39 55.08
CA ALA D 393 17.56 -27.54 56.24
C ALA D 393 19.03 -27.40 55.89
N ARG D 394 19.38 -27.68 54.64
CA ARG D 394 20.77 -27.53 54.25
C ARG D 394 21.28 -26.18 54.71
N ARG D 395 20.50 -25.13 54.46
CA ARG D 395 20.88 -23.80 54.86
C ARG D 395 21.55 -23.75 56.24
N LEU D 396 21.17 -24.62 57.17
CA LEU D 396 21.78 -24.60 58.51
C LEU D 396 23.25 -24.94 58.49
N HIS D 397 23.65 -25.90 57.66
CA HIS D 397 25.07 -26.25 57.57
C HIS D 397 25.80 -25.04 57.07
N THR D 398 25.16 -24.32 56.16
CA THR D 398 25.73 -23.09 55.58
C THR D 398 26.02 -22.09 56.70
N VAL D 399 24.96 -21.64 57.36
CA VAL D 399 25.14 -20.67 58.41
C VAL D 399 26.04 -21.17 59.50
N MET D 400 25.89 -22.42 59.90
CA MET D 400 26.74 -22.97 60.96
C MET D 400 28.20 -22.88 60.57
N GLU D 401 28.52 -23.19 59.32
CA GLU D 401 29.93 -23.12 58.93
C GLU D 401 30.41 -21.69 58.85
N ARG D 402 29.52 -20.74 58.57
CA ARG D 402 29.91 -19.35 58.47
C ARG D 402 30.09 -18.74 59.83
N LEU D 403 29.51 -19.34 60.85
CA LEU D 403 29.64 -18.84 62.21
C LEU D 403 30.80 -19.50 62.95
N MET D 404 30.89 -20.83 62.90
CA MET D 404 32.00 -21.56 63.55
C MET D 404 33.31 -21.31 62.82
N ASP D 405 33.23 -20.42 61.83
CA ASP D 405 34.31 -19.96 60.97
C ASP D 405 35.63 -19.71 61.72
N LYS D 406 35.69 -18.56 62.40
CA LYS D 406 36.85 -18.11 63.15
C LYS D 406 37.32 -19.13 64.17
N ILE D 407 36.43 -19.54 65.07
CA ILE D 407 36.79 -20.52 66.09
C ILE D 407 37.39 -21.77 65.47
N SER D 408 36.77 -22.27 64.42
CA SER D 408 37.23 -23.49 63.80
C SER D 408 38.72 -23.49 63.50
N PHE D 409 39.27 -22.34 63.14
CA PHE D 409 40.71 -22.21 62.83
C PHE D 409 41.59 -22.06 64.07
N SER D 410 41.29 -21.03 64.85
CA SER D 410 41.99 -20.69 66.08
C SER D 410 41.82 -21.71 67.22
N ALA D 411 40.78 -22.52 67.17
CA ALA D 411 40.52 -23.48 68.21
C ALA D 411 41.80 -24.23 68.58
N SER D 412 42.61 -24.56 67.60
CA SER D 412 43.81 -25.30 67.91
C SER D 412 44.64 -24.67 68.99
N ASP D 413 45.10 -23.45 68.79
CA ASP D 413 45.89 -22.74 69.80
C ASP D 413 44.97 -21.84 70.62
N MET D 414 44.09 -22.45 71.38
CA MET D 414 43.11 -21.71 72.15
C MET D 414 42.69 -22.69 73.25
N ASN D 415 43.50 -23.74 73.40
CA ASN D 415 43.25 -24.82 74.35
C ASN D 415 42.81 -24.29 75.70
N GLY D 416 41.95 -25.07 76.35
CA GLY D 416 41.48 -24.71 77.65
C GLY D 416 40.41 -23.67 77.68
N GLN D 417 40.46 -22.69 76.80
CA GLN D 417 39.43 -21.65 76.84
C GLN D 417 38.05 -22.21 76.58
N THR D 418 37.02 -21.38 76.78
CA THR D 418 35.66 -21.82 76.52
C THR D 418 34.90 -20.67 75.91
N VAL D 419 34.36 -20.91 74.72
CA VAL D 419 33.63 -19.90 73.98
C VAL D 419 32.16 -19.99 74.31
N ASN D 420 31.57 -18.86 74.67
CA ASN D 420 30.16 -18.82 74.99
C ASN D 420 29.43 -18.06 73.90
N ILE D 421 28.90 -18.82 72.95
CA ILE D 421 28.20 -18.27 71.80
C ILE D 421 26.78 -17.86 72.12
N ASP D 422 26.59 -16.56 72.26
CA ASP D 422 25.28 -16.00 72.56
C ASP D 422 24.78 -15.26 71.36
N ALA D 423 23.65 -14.57 71.53
CA ALA D 423 23.06 -13.83 70.42
C ALA D 423 24.01 -12.81 69.82
N ALA D 424 24.69 -12.06 70.66
CA ALA D 424 25.59 -11.05 70.17
C ALA D 424 26.66 -11.65 69.29
N TYR D 425 27.14 -12.83 69.64
CA TYR D 425 28.18 -13.48 68.87
C TYR D 425 27.68 -13.81 67.49
N VAL D 426 26.57 -14.55 67.45
CA VAL D 426 25.97 -14.94 66.19
C VAL D 426 25.72 -13.73 65.31
N ALA D 427 25.01 -12.74 65.86
CA ALA D 427 24.71 -11.53 65.11
C ALA D 427 25.95 -10.95 64.46
N ASP D 428 27.06 -11.03 65.17
CA ASP D 428 28.31 -10.51 64.66
C ASP D 428 28.93 -11.40 63.61
N ALA D 429 29.20 -12.65 63.97
CA ALA D 429 29.83 -13.62 63.07
C ALA D 429 29.12 -13.84 61.74
N LEU D 430 27.84 -13.53 61.69
CA LEU D 430 27.10 -13.75 60.47
C LEU D 430 27.18 -12.61 59.53
N GLY D 431 27.58 -11.46 60.04
CA GLY D 431 27.69 -10.31 59.18
C GLY D 431 26.34 -9.93 58.61
N GLU D 432 26.30 -9.63 57.31
CA GLU D 432 25.05 -9.23 56.67
C GLU D 432 24.67 -10.04 55.46
N VAL D 433 23.40 -10.45 55.40
CA VAL D 433 22.95 -11.21 54.24
C VAL D 433 21.68 -10.79 53.49
N VAL D 434 22.04 -10.28 52.32
CA VAL D 434 21.30 -9.74 51.18
C VAL D 434 19.79 -9.89 50.89
N GLU D 435 19.12 -8.75 50.63
CA GLU D 435 17.70 -8.74 50.22
C GLU D 435 17.60 -8.15 48.79
N ASN D 436 18.27 -8.88 47.89
CA ASN D 436 18.44 -8.68 46.43
C ASN D 436 18.08 -7.44 45.62
N GLU D 437 18.95 -7.14 44.64
CA GLU D 437 18.74 -5.99 43.77
C GLU D 437 18.44 -6.37 42.31
N ASP D 438 17.54 -7.34 42.13
CA ASP D 438 17.07 -7.78 40.80
C ASP D 438 16.64 -6.44 40.29
N LEU D 439 16.36 -5.60 41.29
CA LEU D 439 15.97 -4.23 41.12
C LEU D 439 16.89 -3.64 40.06
N SER D 440 16.56 -2.43 39.66
CA SER D 440 17.36 -1.73 38.69
C SER D 440 17.73 -2.61 37.49
N ARG D 441 19.03 -2.81 37.30
CA ARG D 441 19.59 -3.60 36.21
C ARG D 441 18.67 -4.08 35.09
N PHE D 442 17.61 -4.79 35.45
CA PHE D 442 16.72 -5.34 34.45
C PHE D 442 15.39 -4.70 34.34
N ILE D 443 15.10 -3.82 35.27
CA ILE D 443 13.81 -3.15 35.28
C ILE D 443 13.88 -1.78 34.62
N LEU D 444 12.72 -1.30 34.17
CA LEU D 444 12.64 0.01 33.55
C LEU D 444 11.45 0.77 34.15
N SER E 2 50.15 -35.55 66.33
CA SER E 2 49.72 -36.63 65.40
C SER E 2 49.48 -36.08 64.01
N GLU E 3 49.16 -34.79 63.93
CA GLU E 3 48.90 -34.15 62.65
C GLU E 3 49.05 -32.64 62.76
N MET E 4 49.36 -32.00 61.64
CA MET E 4 49.53 -30.56 61.62
C MET E 4 48.31 -29.84 62.14
N THR E 5 48.45 -28.55 62.33
CA THR E 5 47.35 -27.76 62.84
C THR E 5 47.02 -26.66 61.86
N PRO E 6 45.93 -25.94 62.08
CA PRO E 6 45.59 -24.86 61.17
C PRO E 6 46.75 -23.94 60.83
N ARG E 7 47.28 -23.22 61.81
CA ARG E 7 48.40 -22.29 61.54
C ARG E 7 49.61 -23.05 60.98
N GLU E 8 49.83 -24.24 61.49
CA GLU E 8 50.90 -25.09 61.03
C GLU E 8 50.79 -25.31 59.51
N ILE E 9 49.61 -25.72 59.05
CA ILE E 9 49.38 -25.99 57.63
C ILE E 9 49.46 -24.77 56.76
N VAL E 10 48.92 -23.66 57.22
CA VAL E 10 48.99 -22.45 56.40
C VAL E 10 50.45 -22.10 56.20
N SER E 11 51.27 -22.27 57.23
CA SER E 11 52.71 -21.99 57.11
C SER E 11 53.35 -22.86 56.04
N GLU E 12 52.98 -24.11 55.99
CA GLU E 12 53.50 -25.02 54.98
C GLU E 12 53.10 -24.55 53.58
N LEU E 13 51.87 -24.07 53.43
CA LEU E 13 51.39 -23.61 52.13
C LEU E 13 52.03 -22.31 51.76
N ASP E 14 52.39 -21.51 52.76
CA ASP E 14 53.02 -20.22 52.46
C ASP E 14 54.37 -20.40 51.79
N GLN E 15 54.90 -21.62 51.88
CA GLN E 15 56.17 -21.97 51.28
C GLN E 15 56.06 -22.22 49.78
N HIS E 16 54.86 -22.27 49.22
CA HIS E 16 54.69 -22.51 47.80
C HIS E 16 53.75 -21.57 47.13
N ILE E 17 52.78 -21.06 47.87
CA ILE E 17 51.86 -20.12 47.26
C ILE E 17 52.00 -18.75 47.87
N ILE E 18 52.02 -17.72 47.03
CA ILE E 18 52.14 -16.36 47.51
C ILE E 18 50.74 -15.76 47.61
N GLY E 19 50.43 -15.16 48.74
CA GLY E 19 49.13 -14.53 48.91
C GLY E 19 48.01 -15.53 49.10
N GLN E 20 46.80 -15.14 48.71
CA GLN E 20 45.67 -16.03 48.85
C GLN E 20 45.57 -16.62 50.27
N ALA E 21 45.39 -15.77 51.27
CA ALA E 21 45.31 -16.25 52.64
C ALA E 21 43.99 -16.97 52.95
N ASP E 22 42.87 -16.25 52.77
CA ASP E 22 41.52 -16.78 53.00
C ASP E 22 41.51 -18.19 52.42
N ALA E 23 41.99 -18.32 51.18
CA ALA E 23 42.01 -19.62 50.56
C ALA E 23 42.79 -20.66 51.41
N LYS E 24 44.04 -20.34 51.75
CA LYS E 24 44.88 -21.22 52.54
C LYS E 24 44.20 -21.61 53.83
N ARG E 25 43.70 -20.61 54.54
CA ARG E 25 43.01 -20.84 55.81
C ARG E 25 41.91 -21.87 55.61
N ALA E 26 41.05 -21.62 54.63
CA ALA E 26 39.94 -22.50 54.33
C ALA E 26 40.34 -23.99 54.23
N VAL E 27 41.23 -24.32 53.30
CA VAL E 27 41.66 -25.70 53.13
C VAL E 27 42.38 -26.21 54.37
N ALA E 28 42.91 -25.29 55.18
CA ALA E 28 43.63 -25.67 56.38
C ALA E 28 42.66 -26.26 57.39
N ILE E 29 41.65 -25.46 57.75
CA ILE E 29 40.66 -25.91 58.72
C ILE E 29 39.98 -27.16 58.18
N ALA E 30 39.99 -27.35 56.87
CA ALA E 30 39.37 -28.53 56.25
C ALA E 30 40.21 -29.76 56.55
N LEU E 31 41.49 -29.70 56.21
CA LEU E 31 42.36 -30.84 56.47
C LEU E 31 42.45 -31.11 57.95
N ARG E 32 42.17 -30.10 58.76
CA ARG E 32 42.25 -30.29 60.18
C ARG E 32 41.04 -31.03 60.67
N ASN E 33 39.85 -30.70 60.14
CA ASN E 33 38.61 -31.31 60.61
C ASN E 33 38.70 -32.79 60.39
N ARG E 34 39.69 -33.19 59.62
CA ARG E 34 39.92 -34.58 59.32
C ARG E 34 40.50 -35.30 60.55
N TRP E 35 41.39 -34.61 61.23
CA TRP E 35 42.01 -35.16 62.41
C TRP E 35 41.04 -35.03 63.56
N ARG E 36 40.29 -33.93 63.61
CA ARG E 36 39.30 -33.71 64.66
C ARG E 36 38.31 -34.88 64.66
N ARG E 37 37.66 -35.14 63.54
CA ARG E 37 36.80 -36.31 63.51
C ARG E 37 37.86 -37.40 63.67
N MET E 38 37.47 -38.67 63.75
CA MET E 38 38.46 -39.73 63.91
C MET E 38 39.11 -39.65 65.24
N GLN E 39 38.58 -38.79 66.10
CA GLN E 39 39.08 -38.62 67.44
C GLN E 39 37.81 -38.78 68.24
N LEU E 40 36.69 -38.58 67.55
CA LEU E 40 35.35 -38.70 68.10
C LEU E 40 35.02 -40.16 68.41
N GLN E 41 34.04 -40.39 69.28
CA GLN E 41 33.66 -41.74 69.69
C GLN E 41 33.39 -42.71 68.55
N GLU E 42 32.15 -42.75 68.06
CA GLU E 42 31.81 -43.64 66.96
C GLU E 42 30.51 -43.23 66.31
N PRO E 43 29.51 -42.90 67.12
CA PRO E 43 28.23 -42.48 66.54
C PRO E 43 28.47 -41.21 65.73
N LEU E 44 29.03 -40.20 66.39
CA LEU E 44 29.36 -38.93 65.74
C LEU E 44 30.50 -39.11 64.72
N ARG E 45 31.44 -40.00 65.00
CA ARG E 45 32.54 -40.21 64.08
C ARG E 45 32.01 -40.32 62.66
N HIS E 46 30.95 -41.09 62.49
CA HIS E 46 30.36 -41.26 61.17
C HIS E 46 29.48 -40.09 60.76
N GLU E 47 28.66 -39.61 61.67
CA GLU E 47 27.75 -38.52 61.38
C GLU E 47 28.39 -37.25 60.84
N VAL E 48 29.55 -36.87 61.36
CA VAL E 48 30.20 -35.63 60.90
C VAL E 48 30.86 -35.74 59.52
N THR E 49 30.47 -34.86 58.61
CA THR E 49 31.01 -34.89 57.27
C THR E 49 31.78 -33.64 56.88
N PRO E 50 32.65 -33.77 55.87
CA PRO E 50 33.51 -32.73 55.31
C PRO E 50 32.72 -31.48 55.00
N LYS E 51 33.35 -30.33 55.13
CA LYS E 51 32.65 -29.10 54.81
C LYS E 51 33.26 -28.60 53.49
N ASN E 52 32.90 -29.27 52.39
CA ASN E 52 33.43 -28.95 51.07
C ASN E 52 33.65 -27.47 50.74
N ILE E 53 34.58 -27.23 49.82
CA ILE E 53 34.96 -25.88 49.44
C ILE E 53 34.80 -25.50 47.99
N LEU E 54 34.28 -24.28 47.80
CA LEU E 54 34.11 -23.68 46.48
C LEU E 54 35.11 -22.50 46.44
N MET E 55 36.13 -22.61 45.59
CA MET E 55 37.12 -21.57 45.46
C MET E 55 36.71 -20.69 44.30
N ILE E 56 36.71 -19.39 44.51
CA ILE E 56 36.32 -18.49 43.43
C ILE E 56 37.41 -17.49 43.14
N GLY E 57 38.06 -17.62 41.99
CA GLY E 57 39.12 -16.68 41.66
C GLY E 57 39.44 -16.73 40.19
N PRO E 58 40.11 -15.70 39.66
CA PRO E 58 40.49 -15.65 38.24
C PRO E 58 41.53 -16.70 37.86
N THR E 59 41.86 -16.74 36.57
CA THR E 59 42.78 -17.71 36.02
C THR E 59 44.17 -17.69 36.62
N GLY E 60 44.63 -18.91 36.95
CA GLY E 60 45.97 -19.14 37.49
C GLY E 60 46.45 -18.26 38.62
N VAL E 61 45.67 -18.18 39.70
CA VAL E 61 46.04 -17.38 40.83
C VAL E 61 46.32 -18.25 42.03
N GLY E 62 46.50 -19.55 41.79
CA GLY E 62 46.82 -20.45 42.89
C GLY E 62 45.78 -21.49 43.30
N LYS E 63 44.54 -21.36 42.78
CA LYS E 63 43.47 -22.29 43.13
C LYS E 63 43.87 -23.74 43.14
N THR E 64 44.55 -24.18 42.10
CA THR E 64 44.96 -25.56 42.03
C THR E 64 46.20 -25.87 42.88
N GLU E 65 47.23 -25.01 42.86
CA GLU E 65 48.44 -25.32 43.63
C GLU E 65 48.11 -25.50 45.09
N ILE E 66 47.26 -24.64 45.60
CA ILE E 66 46.88 -24.73 47.00
C ILE E 66 46.31 -26.10 47.30
N ALA E 67 45.45 -26.61 46.43
CA ALA E 67 44.85 -27.91 46.65
C ALA E 67 45.84 -29.03 46.46
N ARG E 68 46.63 -28.95 45.39
CA ARG E 68 47.60 -29.98 45.12
C ARG E 68 48.65 -30.08 46.24
N ARG E 69 48.98 -28.95 46.83
CA ARG E 69 49.95 -28.90 47.93
C ARG E 69 49.31 -29.34 49.22
N LEU E 70 48.03 -29.07 49.37
CA LEU E 70 47.33 -29.46 50.58
C LEU E 70 47.35 -30.96 50.65
N ALA E 71 47.06 -31.57 49.52
CA ALA E 71 47.06 -32.99 49.46
C ALA E 71 48.47 -33.51 49.68
N LYS E 72 49.43 -32.87 49.03
CA LYS E 72 50.81 -33.32 49.15
C LYS E 72 51.30 -33.37 50.59
N LEU E 73 51.10 -32.30 51.33
CA LEU E 73 51.56 -32.24 52.72
C LEU E 73 50.72 -33.06 53.66
N ALA E 74 49.63 -33.62 53.16
CA ALA E 74 48.79 -34.43 54.00
C ALA E 74 48.98 -35.84 53.53
N ASN E 75 49.78 -36.00 52.47
CA ASN E 75 50.05 -37.33 51.91
C ASN E 75 48.71 -38.03 51.70
N ALA E 76 47.85 -37.37 50.95
CA ALA E 76 46.52 -37.87 50.67
C ALA E 76 46.26 -38.13 49.20
N PRO E 77 45.47 -39.16 48.88
CA PRO E 77 45.15 -39.48 47.49
C PRO E 77 44.48 -38.24 46.90
N PHE E 78 44.95 -37.81 45.74
CA PHE E 78 44.42 -36.61 45.12
C PHE E 78 44.07 -36.81 43.67
N ILE E 79 43.16 -35.99 43.16
CA ILE E 79 42.77 -36.09 41.76
C ILE E 79 42.09 -34.79 41.30
N LYS E 80 42.46 -34.34 40.11
CA LYS E 80 41.88 -33.14 39.58
C LYS E 80 41.10 -33.46 38.33
N VAL E 81 39.92 -32.89 38.16
CA VAL E 81 39.17 -33.18 36.96
C VAL E 81 38.45 -31.93 36.46
N GLU E 82 38.32 -31.80 35.14
CA GLU E 82 37.58 -30.65 34.62
C GLU E 82 36.11 -31.09 34.71
N ALA E 83 35.25 -30.21 35.20
CA ALA E 83 33.82 -30.51 35.34
C ALA E 83 33.21 -30.80 33.98
N THR E 84 33.62 -30.02 32.99
CA THR E 84 33.12 -30.16 31.64
C THR E 84 33.55 -31.46 31.03
N LYS E 85 34.49 -32.14 31.67
CA LYS E 85 34.97 -33.40 31.12
C LYS E 85 33.81 -34.39 30.92
N PHE E 86 32.65 -34.12 31.50
CA PHE E 86 31.50 -35.01 31.40
C PHE E 86 30.28 -34.42 30.70
N THR E 87 30.46 -33.39 29.88
CA THR E 87 29.31 -32.79 29.22
C THR E 87 28.76 -33.72 28.14
N GLU E 95 31.53 -41.01 32.10
CA GLU E 95 31.49 -41.77 33.36
C GLU E 95 32.04 -40.96 34.56
N VAL E 96 31.15 -40.47 35.43
CA VAL E 96 31.59 -39.68 36.58
C VAL E 96 32.23 -40.49 37.69
N ASP E 97 31.77 -41.71 37.89
CA ASP E 97 32.32 -42.53 38.93
C ASP E 97 33.80 -42.80 38.69
N SER E 98 34.26 -42.54 37.47
CA SER E 98 35.68 -42.74 37.18
C SER E 98 36.50 -41.88 38.14
N ILE E 99 36.00 -40.69 38.44
CA ILE E 99 36.67 -39.79 39.36
C ILE E 99 37.11 -40.52 40.61
N ILE E 100 36.24 -41.33 41.21
CA ILE E 100 36.60 -42.06 42.43
C ILE E 100 37.51 -43.23 42.08
N ARG E 101 37.18 -43.88 40.98
CA ARG E 101 37.96 -45.00 40.54
C ARG E 101 39.42 -44.60 40.37
N ASP E 102 39.65 -43.42 39.77
CA ASP E 102 41.00 -42.86 39.53
C ASP E 102 41.66 -42.42 40.82
N LEU E 103 40.87 -41.87 41.73
CA LEU E 103 41.38 -41.43 43.01
C LEU E 103 41.92 -42.63 43.79
N THR E 104 41.31 -43.78 43.61
CA THR E 104 41.74 -44.99 44.29
C THR E 104 43.04 -45.54 43.71
N ASP E 105 43.20 -45.48 42.39
CA ASP E 105 44.44 -45.96 41.80
C ASP E 105 45.57 -45.13 42.40
N SER E 106 45.32 -43.83 42.54
CA SER E 106 46.28 -42.91 43.11
C SER E 106 46.67 -43.35 44.50
N ALA E 107 45.68 -43.70 45.32
CA ALA E 107 45.97 -44.10 46.69
C ALA E 107 46.62 -45.46 46.72
N MET E 108 46.29 -46.34 45.79
CA MET E 108 46.87 -47.67 45.78
C MET E 108 48.36 -47.60 45.51
N LYS E 109 48.78 -46.59 44.75
CA LYS E 109 50.18 -46.38 44.37
C LYS E 109 50.90 -45.66 45.52
N LEU E 110 50.16 -44.80 46.19
CA LEU E 110 50.65 -44.02 47.30
C LEU E 110 50.79 -44.90 48.54
N VAL E 111 50.17 -46.06 48.51
CA VAL E 111 50.20 -47.02 49.64
C VAL E 111 51.06 -48.25 49.32
N ARG E 112 51.20 -48.57 48.04
CA ARG E 112 52.05 -49.68 47.65
C ARG E 112 53.39 -49.13 48.09
N GLN E 113 53.58 -47.84 47.79
CA GLN E 113 54.78 -47.06 48.09
C GLN E 113 55.31 -47.17 49.52
N GLN E 114 54.41 -47.44 50.47
CA GLN E 114 54.79 -47.55 51.87
C GLN E 114 55.14 -48.97 52.32
N GLU E 115 54.27 -49.93 52.03
CA GLU E 115 54.54 -51.33 52.40
C GLU E 115 55.79 -51.82 51.69
N ILE E 116 56.36 -50.94 50.87
CA ILE E 116 57.57 -51.22 50.12
C ILE E 116 58.67 -50.33 50.66
N ALA E 117 58.29 -49.17 51.20
CA ALA E 117 59.25 -48.25 51.77
C ALA E 117 59.90 -48.97 52.95
N LYS E 118 59.19 -49.96 53.49
CA LYS E 118 59.67 -50.75 54.62
C LYS E 118 60.54 -51.90 54.10
N ASN E 119 61.35 -52.47 54.98
CA ASN E 119 62.21 -53.58 54.60
C ASN E 119 61.33 -54.79 54.29
N ALA E 231 64.01 -60.07 45.74
CA ALA E 231 62.77 -60.53 46.35
C ALA E 231 62.20 -59.45 47.28
N ALA E 232 60.93 -59.60 47.65
CA ALA E 232 60.25 -58.65 48.53
C ALA E 232 58.78 -59.04 48.71
N LYS E 233 58.49 -59.75 49.79
CA LYS E 233 57.12 -60.19 50.06
C LYS E 233 56.50 -59.65 51.35
N LEU E 234 56.55 -58.33 51.51
CA LEU E 234 55.96 -57.63 52.65
C LEU E 234 54.74 -57.04 51.93
N ILE E 235 53.97 -57.91 51.29
CA ILE E 235 52.84 -57.49 50.49
C ILE E 235 51.43 -57.86 50.96
N ASN E 236 50.94 -59.00 50.52
CA ASN E 236 49.59 -59.44 50.87
C ASN E 236 48.59 -58.41 50.35
N PRO E 237 48.20 -58.53 49.08
CA PRO E 237 47.26 -57.65 48.39
C PRO E 237 45.97 -57.41 49.17
N GLU E 238 45.28 -58.50 49.49
CA GLU E 238 44.03 -58.43 50.25
C GLU E 238 44.04 -57.33 51.31
N GLU E 239 45.12 -57.27 52.08
CA GLU E 239 45.27 -56.28 53.14
C GLU E 239 45.88 -55.00 52.61
N LEU E 240 46.55 -55.06 51.47
CA LEU E 240 47.12 -53.85 50.89
C LEU E 240 45.99 -53.01 50.31
N LYS E 241 45.04 -53.69 49.67
CA LYS E 241 43.88 -53.04 49.07
C LYS E 241 43.06 -52.34 50.15
N GLN E 242 42.75 -53.08 51.20
CA GLN E 242 41.99 -52.52 52.30
C GLN E 242 42.74 -51.30 52.81
N LYS E 243 44.06 -51.30 52.69
CA LYS E 243 44.84 -50.18 53.19
C LYS E 243 44.68 -48.92 52.36
N ALA E 244 44.70 -49.06 51.04
CA ALA E 244 44.54 -47.91 50.16
C ALA E 244 43.09 -47.45 50.24
N ILE E 245 42.19 -48.42 50.09
CA ILE E 245 40.77 -48.15 50.14
C ILE E 245 40.38 -47.33 51.37
N ASP E 246 41.13 -47.46 52.44
CA ASP E 246 40.79 -46.67 53.60
C ASP E 246 41.32 -45.27 53.30
N ALA E 247 42.58 -45.19 52.89
CA ALA E 247 43.21 -43.92 52.56
C ALA E 247 42.28 -43.02 51.76
N VAL E 248 41.55 -43.62 50.85
CA VAL E 248 40.62 -42.90 50.03
C VAL E 248 39.43 -42.46 50.84
N GLU E 249 38.73 -43.44 51.40
CA GLU E 249 37.55 -43.17 52.20
C GLU E 249 37.82 -42.20 53.32
N GLN E 250 39.03 -42.24 53.89
CA GLN E 250 39.41 -41.38 55.02
C GLN E 250 39.90 -39.96 54.70
N ASN E 251 40.92 -39.85 53.86
CA ASN E 251 41.49 -38.56 53.52
C ASN E 251 41.63 -38.27 52.05
N GLY E 252 40.74 -38.80 51.23
CA GLY E 252 40.85 -38.52 49.81
C GLY E 252 40.42 -37.11 49.50
N ILE E 253 40.98 -36.56 48.42
CA ILE E 253 40.62 -35.20 48.01
C ILE E 253 40.34 -35.09 46.52
N VAL E 254 39.16 -34.59 46.20
CA VAL E 254 38.82 -34.41 44.79
C VAL E 254 38.76 -32.93 44.45
N PHE E 255 39.34 -32.56 43.32
CA PHE E 255 39.36 -31.17 42.92
C PHE E 255 38.65 -31.00 41.58
N ILE E 256 37.43 -30.49 41.62
CA ILE E 256 36.64 -30.28 40.38
C ILE E 256 36.94 -28.89 39.80
N ASP E 257 37.59 -28.85 38.63
CA ASP E 257 37.96 -27.56 38.08
C ASP E 257 36.94 -26.95 37.12
N GLU E 258 36.93 -25.62 37.11
CA GLU E 258 36.05 -24.82 36.28
C GLU E 258 34.63 -25.36 36.30
N ILE E 259 34.11 -25.46 37.51
CA ILE E 259 32.76 -25.94 37.72
C ILE E 259 31.78 -24.88 37.22
N ASP E 260 32.24 -23.63 37.18
CA ASP E 260 31.38 -22.53 36.74
C ASP E 260 31.01 -22.73 35.27
N LYS E 261 31.68 -23.68 34.63
CA LYS E 261 31.41 -23.97 33.23
C LYS E 261 30.20 -24.85 33.06
N ILE E 262 29.74 -25.47 34.14
CA ILE E 262 28.55 -26.31 34.02
C ILE E 262 27.36 -25.70 34.76
N CYS E 263 27.30 -24.38 34.75
CA CYS E 263 26.19 -23.70 35.37
C CYS E 263 25.20 -23.30 34.31
N LYS E 264 23.93 -23.20 34.70
CA LYS E 264 22.92 -22.78 33.74
C LYS E 264 23.30 -21.37 33.23
N LYS E 265 23.28 -21.19 31.92
CA LYS E 265 23.62 -19.91 31.32
C LYS E 265 23.30 -19.92 29.84
N GLY E 270 18.97 -23.96 25.24
CA GLY E 270 20.21 -24.56 24.78
C GLY E 270 20.52 -25.90 25.42
N ALA E 271 21.67 -26.46 25.07
CA ALA E 271 22.10 -27.74 25.62
C ALA E 271 22.50 -27.48 27.06
N ASP E 272 21.96 -26.41 27.62
CA ASP E 272 22.21 -26.00 28.99
C ASP E 272 21.84 -27.12 29.97
N VAL E 273 21.12 -28.11 29.47
CA VAL E 273 20.72 -29.24 30.28
C VAL E 273 21.81 -30.31 30.25
N SER E 274 22.62 -30.30 29.20
CA SER E 274 23.71 -31.27 29.07
C SER E 274 24.69 -31.06 30.20
N ARG E 275 24.92 -29.79 30.53
CA ARG E 275 25.83 -29.39 31.61
C ARG E 275 25.09 -29.42 32.94
N GLU E 276 23.91 -28.81 32.97
CA GLU E 276 23.08 -28.82 34.17
C GLU E 276 22.97 -30.29 34.62
N GLY E 277 23.10 -31.19 33.66
CA GLY E 277 23.03 -32.59 33.96
C GLY E 277 24.25 -33.03 34.73
N VAL E 278 25.43 -32.56 34.32
CA VAL E 278 26.68 -32.90 34.99
C VAL E 278 26.59 -32.63 36.50
N GLN E 279 25.88 -31.57 36.89
CA GLN E 279 25.75 -31.27 38.30
C GLN E 279 25.03 -32.42 38.96
N ARG E 280 23.88 -32.79 38.42
CA ARG E 280 23.09 -33.89 38.98
C ARG E 280 23.93 -35.15 39.04
N ASP E 281 24.85 -35.31 38.10
CA ASP E 281 25.68 -36.51 38.07
C ASP E 281 26.74 -36.53 39.14
N LEU E 282 27.17 -35.36 39.59
CA LEU E 282 28.19 -35.28 40.65
C LEU E 282 27.61 -35.45 42.03
N LEU E 283 26.32 -35.14 42.19
CA LEU E 283 25.67 -35.21 43.50
C LEU E 283 26.00 -36.43 44.34
N PRO E 284 25.71 -37.63 43.82
CA PRO E 284 25.98 -38.88 44.53
C PRO E 284 27.35 -38.88 45.23
N LEU E 285 28.42 -38.58 44.49
CA LEU E 285 29.76 -38.52 45.06
C LEU E 285 29.80 -37.46 46.16
N VAL E 286 29.41 -36.24 45.83
CA VAL E 286 29.43 -35.19 46.82
C VAL E 286 28.49 -35.49 47.98
N GLU E 287 27.27 -35.92 47.66
CA GLU E 287 26.27 -36.21 48.67
C GLU E 287 26.60 -37.49 49.40
N GLY E 288 27.66 -38.17 48.99
CA GLY E 288 28.08 -39.40 49.62
C GLY E 288 27.38 -40.64 49.14
N SER E 289 28.09 -41.52 48.46
CA SER E 289 27.50 -42.75 47.98
C SER E 289 28.62 -43.77 47.82
N THR E 290 28.37 -44.83 47.07
CA THR E 290 29.39 -45.85 46.90
C THR E 290 29.63 -46.12 45.43
N VAL E 291 30.88 -46.41 45.07
CA VAL E 291 31.24 -46.73 43.70
C VAL E 291 32.29 -47.84 43.77
N SER E 292 32.27 -48.72 42.79
CA SER E 292 33.18 -49.84 42.80
C SER E 292 34.42 -49.57 42.01
N THR E 293 35.56 -49.96 42.59
CA THR E 293 36.86 -49.80 41.95
C THR E 293 37.47 -51.20 41.83
N LYS E 294 38.48 -51.34 40.98
CA LYS E 294 39.12 -52.63 40.81
C LYS E 294 39.83 -53.09 42.06
N HIS E 295 39.64 -52.36 43.15
CA HIS E 295 40.28 -52.70 44.41
C HIS E 295 39.26 -53.01 45.50
N GLY E 296 37.99 -52.78 45.18
CA GLY E 296 36.95 -53.05 46.15
C GLY E 296 35.94 -51.94 46.13
N MET E 297 35.08 -51.88 47.14
CA MET E 297 34.07 -50.83 47.21
C MET E 297 34.56 -49.66 48.08
N VAL E 298 34.30 -48.43 47.64
CA VAL E 298 34.72 -47.26 48.42
C VAL E 298 33.53 -46.33 48.62
N LYS E 299 33.54 -45.57 49.71
CA LYS E 299 32.44 -44.65 49.97
C LYS E 299 32.90 -43.22 49.81
N THR E 300 32.13 -42.42 49.11
CA THR E 300 32.49 -41.02 48.94
C THR E 300 31.96 -40.16 50.10
N ASP E 301 31.46 -40.81 51.14
CA ASP E 301 30.89 -40.08 52.29
C ASP E 301 31.85 -39.10 52.94
N HIS E 302 33.14 -39.46 52.98
CA HIS E 302 34.11 -38.57 53.62
C HIS E 302 35.22 -38.04 52.75
N ILE E 303 35.02 -38.05 51.45
CA ILE E 303 35.97 -37.53 50.49
C ILE E 303 35.77 -36.01 50.59
N LEU E 304 36.86 -35.25 50.62
CA LEU E 304 36.75 -33.80 50.73
C LEU E 304 36.79 -33.28 49.33
N PHE E 305 35.76 -32.54 48.93
CA PHE E 305 35.66 -31.97 47.59
C PHE E 305 36.00 -30.47 47.53
N ILE E 306 36.77 -30.09 46.52
CA ILE E 306 37.11 -28.70 46.34
C ILE E 306 36.80 -28.34 44.91
N ALA E 307 35.82 -27.46 44.70
CA ALA E 307 35.52 -27.05 43.35
C ALA E 307 36.02 -25.65 43.17
N SER E 308 36.48 -25.33 41.96
CA SER E 308 36.98 -24.00 41.68
C SER E 308 36.26 -23.47 40.47
N GLY E 309 36.20 -22.14 40.40
CA GLY E 309 35.56 -21.50 39.27
C GLY E 309 35.90 -20.03 39.26
N ALA E 310 35.77 -19.43 38.08
CA ALA E 310 36.06 -18.02 37.94
C ALA E 310 34.81 -17.28 38.22
N PHE E 311 33.70 -17.81 37.69
CA PHE E 311 32.37 -17.20 37.86
C PHE E 311 32.37 -15.76 37.37
N GLN E 312 32.64 -15.56 36.09
CA GLN E 312 32.62 -14.22 35.53
C GLN E 312 31.17 -13.90 35.15
N VAL E 313 30.50 -14.88 34.53
CA VAL E 313 29.11 -14.68 34.12
C VAL E 313 28.14 -15.33 35.08
N ALA E 314 28.45 -16.56 35.46
CA ALA E 314 27.57 -17.27 36.38
C ALA E 314 27.90 -16.89 37.80
N ARG E 315 26.92 -16.97 38.69
CA ARG E 315 27.13 -16.69 40.12
C ARG E 315 27.13 -18.09 40.74
N PRO E 316 27.67 -18.27 41.94
CA PRO E 316 27.65 -19.64 42.48
C PRO E 316 26.22 -20.12 42.80
N SER E 317 25.34 -19.16 43.06
CA SER E 317 23.95 -19.46 43.36
C SER E 317 23.22 -19.95 42.13
N ASP E 318 23.96 -20.21 41.06
CA ASP E 318 23.36 -20.69 39.82
C ASP E 318 23.55 -22.20 39.70
N LEU E 319 24.15 -22.78 40.72
CA LEU E 319 24.34 -24.22 40.73
C LEU E 319 23.01 -24.75 41.26
N ILE E 320 22.77 -26.05 41.12
CA ILE E 320 21.52 -26.62 41.62
C ILE E 320 21.63 -26.60 43.17
N PRO E 321 20.51 -26.33 43.87
CA PRO E 321 20.51 -26.28 45.34
C PRO E 321 21.13 -27.49 45.98
N GLU E 322 20.67 -28.66 45.60
CA GLU E 322 21.22 -29.89 46.17
C GLU E 322 22.75 -29.77 46.30
N LEU E 323 23.39 -29.21 45.29
CA LEU E 323 24.85 -29.05 45.26
C LEU E 323 25.38 -27.78 45.94
N GLN E 324 24.64 -26.69 45.80
CA GLN E 324 25.02 -25.41 46.35
C GLN E 324 25.08 -25.46 47.87
N GLY E 325 24.46 -26.47 48.43
CA GLY E 325 24.46 -26.60 49.87
C GLY E 325 25.49 -27.60 50.34
N ARG E 326 26.01 -28.39 49.41
CA ARG E 326 27.03 -29.35 49.75
C ARG E 326 28.40 -28.66 49.64
N LEU E 327 28.39 -27.40 49.19
CA LEU E 327 29.60 -26.55 49.07
C LEU E 327 29.34 -25.35 49.97
N PRO E 328 29.39 -25.58 51.29
CA PRO E 328 29.17 -24.62 52.36
C PRO E 328 30.17 -23.51 52.34
N ILE E 329 31.44 -23.87 52.40
CA ILE E 329 32.55 -22.91 52.40
C ILE E 329 32.87 -22.23 51.07
N ARG E 330 32.61 -20.92 50.98
CA ARG E 330 32.92 -20.17 49.77
C ARG E 330 34.11 -19.29 50.13
N VAL E 331 35.19 -19.36 49.37
CA VAL E 331 36.36 -18.54 49.66
C VAL E 331 36.83 -17.94 48.35
N GLU E 332 37.11 -16.64 48.38
CA GLU E 332 37.54 -15.90 47.19
C GLU E 332 39.04 -15.65 47.02
N LEU E 333 39.57 -15.89 45.82
CA LEU E 333 40.99 -15.65 45.62
C LEU E 333 41.14 -14.37 44.84
N THR E 334 42.24 -13.67 45.09
CA THR E 334 42.53 -12.39 44.45
C THR E 334 43.32 -12.53 43.17
N ALA E 335 43.28 -11.49 42.35
CA ALA E 335 44.05 -11.50 41.11
C ALA E 335 45.46 -11.19 41.59
N LEU E 336 46.47 -11.70 40.89
CA LEU E 336 47.85 -11.47 41.26
C LEU E 336 48.37 -10.15 40.71
N SER E 337 49.09 -9.37 41.53
CA SER E 337 49.62 -8.06 41.12
C SER E 337 51.12 -8.07 40.78
N ALA E 338 51.58 -7.02 40.12
CA ALA E 338 52.99 -6.92 39.77
C ALA E 338 53.80 -7.35 40.99
N ALA E 339 53.49 -6.67 42.10
CA ALA E 339 54.13 -6.92 43.38
C ALA E 339 54.04 -8.38 43.81
N ASP E 340 52.95 -9.06 43.47
CA ASP E 340 52.81 -10.45 43.85
C ASP E 340 53.72 -11.29 42.99
N PHE E 341 53.74 -10.98 41.70
CA PHE E 341 54.60 -11.72 40.79
C PHE E 341 56.05 -11.66 41.27
N GLU E 342 56.51 -10.43 41.57
CA GLU E 342 57.88 -10.20 42.07
C GLU E 342 58.29 -11.24 43.10
N ARG E 343 57.36 -11.57 43.99
CA ARG E 343 57.59 -12.55 45.05
C ARG E 343 57.51 -14.01 44.57
N ILE E 344 56.54 -14.27 43.69
CA ILE E 344 56.32 -15.60 43.18
C ILE E 344 57.53 -15.98 42.38
N LEU E 345 58.15 -14.95 41.81
CA LEU E 345 59.33 -15.13 40.97
C LEU E 345 60.54 -15.64 41.73
N THR E 346 60.65 -15.27 42.99
CA THR E 346 61.79 -15.64 43.81
C THR E 346 61.59 -16.43 45.10
N GLU E 347 60.52 -16.11 45.86
CA GLU E 347 60.27 -16.75 47.15
C GLU E 347 59.95 -18.24 47.24
N PRO E 348 58.91 -18.70 46.55
CA PRO E 348 58.48 -20.12 46.54
C PRO E 348 59.61 -21.11 46.47
N HIS E 349 59.40 -22.30 47.01
CA HIS E 349 60.42 -23.35 46.94
C HIS E 349 60.44 -23.79 45.50
N ALA E 350 61.57 -23.60 44.86
CA ALA E 350 61.71 -23.94 43.45
C ALA E 350 61.00 -22.93 42.57
N SER E 351 61.26 -21.64 42.81
CA SER E 351 60.67 -20.59 42.00
C SER E 351 61.27 -20.67 40.60
N LEU E 352 60.76 -19.84 39.69
CA LEU E 352 61.29 -19.86 38.33
C LEU E 352 62.75 -19.48 38.35
N THR E 353 63.10 -18.44 39.10
CA THR E 353 64.51 -18.05 39.11
C THR E 353 65.36 -19.15 39.74
N GLU E 354 64.89 -19.74 40.84
CA GLU E 354 65.69 -20.77 41.42
C GLU E 354 65.86 -21.89 40.41
N GLN E 355 64.87 -22.09 39.57
CA GLN E 355 64.98 -23.18 38.62
C GLN E 355 66.00 -22.97 37.54
N TYR E 356 65.94 -21.84 36.85
CA TYR E 356 66.92 -21.60 35.80
C TYR E 356 68.34 -21.63 36.39
N LYS E 357 68.57 -20.88 37.48
CA LYS E 357 69.86 -20.88 38.11
C LYS E 357 70.35 -22.33 38.10
N ALA E 358 69.55 -23.20 38.68
CA ALA E 358 69.87 -24.62 38.75
C ALA E 358 70.15 -25.29 37.42
N LEU E 359 69.32 -25.03 36.42
CA LEU E 359 69.51 -25.65 35.12
C LEU E 359 70.81 -25.15 34.46
N MET E 360 70.98 -23.84 34.36
CA MET E 360 72.17 -23.30 33.72
C MET E 360 73.43 -23.80 34.43
N ALA E 361 73.31 -24.04 35.72
CA ALA E 361 74.41 -24.56 36.52
C ALA E 361 74.99 -25.82 35.87
N THR E 362 74.11 -26.69 35.38
CA THR E 362 74.58 -27.92 34.76
C THR E 362 75.45 -27.68 33.52
N GLU E 363 75.13 -26.65 32.75
CA GLU E 363 75.94 -26.37 31.56
C GLU E 363 77.20 -25.71 32.06
N GLY E 364 77.29 -25.56 33.38
CA GLY E 364 78.45 -24.91 33.96
C GLY E 364 78.33 -23.39 33.91
N VAL E 365 77.14 -22.85 33.74
CA VAL E 365 77.01 -21.41 33.75
C VAL E 365 76.42 -20.99 35.08
N ASN E 366 76.94 -19.89 35.61
CA ASN E 366 76.45 -19.35 36.85
C ASN E 366 75.66 -18.08 36.53
N ILE E 367 74.39 -18.09 36.90
CA ILE E 367 73.55 -16.95 36.61
C ILE E 367 73.02 -16.23 37.84
N ALA E 368 72.75 -14.94 37.69
CA ALA E 368 72.27 -14.17 38.82
C ALA E 368 71.26 -13.11 38.39
N PHE E 369 70.17 -12.98 39.13
CA PHE E 369 69.20 -11.97 38.74
C PHE E 369 69.33 -10.80 39.65
N THR E 370 69.40 -9.59 39.12
CA THR E 370 69.47 -8.46 40.02
C THR E 370 68.03 -8.21 40.44
N THR E 371 67.85 -7.58 41.59
CA THR E 371 66.53 -7.28 42.06
C THR E 371 65.73 -6.55 41.00
N ASP E 372 66.28 -5.48 40.46
CA ASP E 372 65.58 -4.70 39.43
C ASP E 372 65.21 -5.55 38.24
N ALA E 373 65.93 -6.63 38.04
CA ALA E 373 65.65 -7.52 36.93
C ALA E 373 64.31 -8.17 37.25
N VAL E 374 64.31 -8.90 38.36
CA VAL E 374 63.12 -9.56 38.81
C VAL E 374 61.94 -8.61 38.81
N LYS E 375 62.14 -7.40 39.33
CA LYS E 375 61.07 -6.39 39.36
C LYS E 375 60.55 -6.11 37.95
N LYS E 376 61.50 -5.97 37.01
CA LYS E 376 61.24 -5.71 35.61
C LYS E 376 60.50 -6.88 34.95
N ILE E 377 60.92 -8.11 35.25
CA ILE E 377 60.29 -9.30 34.68
C ILE E 377 58.82 -9.31 35.07
N ALA E 378 58.56 -9.14 36.36
CA ALA E 378 57.20 -9.13 36.83
C ALA E 378 56.44 -7.98 36.24
N GLU E 379 56.96 -6.77 36.39
CA GLU E 379 56.26 -5.62 35.85
C GLU E 379 55.81 -5.95 34.45
N ALA E 380 56.61 -6.73 33.73
CA ALA E 380 56.30 -7.08 32.36
C ALA E 380 55.26 -8.14 32.23
N ALA E 381 55.34 -9.21 33.02
CA ALA E 381 54.32 -10.25 32.92
C ALA E 381 53.00 -9.58 33.17
N PHE E 382 52.89 -8.94 34.32
CA PHE E 382 51.69 -8.21 34.67
C PHE E 382 51.24 -7.29 33.54
N ARG E 383 52.19 -6.61 32.91
CA ARG E 383 51.84 -5.69 31.84
C ARG E 383 51.12 -6.37 30.73
N VAL E 384 51.60 -7.50 30.23
CA VAL E 384 50.87 -8.11 29.14
C VAL E 384 49.55 -8.64 29.64
N ASN E 385 49.56 -9.24 30.82
CA ASN E 385 48.35 -9.79 31.40
C ASN E 385 47.25 -8.75 31.39
N GLU E 386 47.60 -7.50 31.62
CA GLU E 386 46.62 -6.44 31.63
C GLU E 386 46.21 -6.05 30.22
N LYS E 387 47.18 -5.79 29.36
CA LYS E 387 46.91 -5.38 27.98
C LYS E 387 46.22 -6.40 27.08
N THR E 388 46.38 -7.69 27.36
CA THR E 388 45.78 -8.73 26.53
C THR E 388 44.96 -9.71 27.35
N GLU E 389 45.09 -11.02 27.10
CA GLU E 389 44.32 -12.00 27.86
C GLU E 389 45.05 -12.31 29.14
N ASN E 390 44.43 -11.98 30.26
CA ASN E 390 45.06 -12.22 31.56
C ASN E 390 45.09 -13.70 31.98
N ILE E 391 46.25 -14.35 31.91
CA ILE E 391 46.33 -15.75 32.27
C ILE E 391 47.06 -16.00 33.57
N GLY E 392 46.95 -15.04 34.48
CA GLY E 392 47.59 -15.18 35.77
C GLY E 392 49.09 -15.41 35.81
N ALA E 393 49.52 -16.20 36.79
CA ALA E 393 50.91 -16.52 37.04
C ALA E 393 51.56 -17.26 35.90
N ARG E 394 50.77 -17.99 35.12
CA ARG E 394 51.33 -18.70 33.99
C ARG E 394 52.18 -17.76 33.17
N ARG E 395 51.70 -16.52 33.01
CA ARG E 395 52.41 -15.47 32.25
C ARG E 395 53.90 -15.38 32.59
N LEU E 396 54.29 -15.67 33.83
CA LEU E 396 55.69 -15.65 34.20
C LEU E 396 56.47 -16.73 33.45
N HIS E 397 55.96 -17.95 33.35
CA HIS E 397 56.69 -18.98 32.60
C HIS E 397 56.92 -18.52 31.17
N THR E 398 55.96 -17.76 30.65
CA THR E 398 55.99 -17.24 29.30
C THR E 398 57.13 -16.24 29.14
N VAL E 399 57.14 -15.22 30.00
CA VAL E 399 58.14 -14.21 29.92
C VAL E 399 59.48 -14.77 30.28
N MET E 400 59.55 -15.60 31.32
CA MET E 400 60.82 -16.23 31.70
C MET E 400 61.40 -17.03 30.54
N GLU E 401 60.59 -17.81 29.84
CA GLU E 401 61.15 -18.56 28.74
C GLU E 401 61.60 -17.68 27.59
N ARG E 402 60.97 -16.51 27.43
CA ARG E 402 61.34 -15.64 26.33
C ARG E 402 62.65 -14.93 26.65
N LEU E 403 62.98 -14.85 27.92
CA LEU E 403 64.19 -14.16 28.35
C LEU E 403 65.35 -15.10 28.44
N MET E 404 65.15 -16.24 29.09
CA MET E 404 66.21 -17.23 29.21
C MET E 404 66.45 -17.90 27.86
N ASP E 405 65.77 -17.35 26.86
CA ASP E 405 65.82 -17.76 25.46
C ASP E 405 67.26 -18.06 24.98
N LYS E 406 67.98 -16.98 24.62
CA LYS E 406 69.35 -16.99 24.11
C LYS E 406 70.28 -17.81 25.00
N ILE E 407 70.34 -17.44 26.26
CA ILE E 407 71.21 -18.16 27.18
C ILE E 407 70.96 -19.65 27.10
N SER E 408 69.71 -20.05 27.33
CA SER E 408 69.29 -21.44 27.31
C SER E 408 69.98 -22.31 26.25
N PHE E 409 70.24 -21.72 25.08
CA PHE E 409 70.89 -22.42 23.96
C PHE E 409 72.40 -22.38 24.05
N SER E 410 72.92 -21.17 24.16
CA SER E 410 74.36 -20.93 24.22
C SER E 410 75.00 -21.45 25.48
N ALA E 411 74.23 -21.55 26.54
CA ALA E 411 74.74 -22.02 27.81
C ALA E 411 75.69 -23.19 27.70
N SER E 412 75.44 -24.09 26.76
CA SER E 412 76.30 -25.24 26.66
C SER E 412 77.77 -24.88 26.48
N ASP E 413 78.08 -24.19 25.40
CA ASP E 413 79.44 -23.76 25.12
C ASP E 413 79.61 -22.34 25.65
N MET E 414 79.50 -22.21 26.95
CA MET E 414 79.59 -20.91 27.59
C MET E 414 80.00 -21.19 29.02
N ASN E 415 80.50 -22.42 29.22
CA ASN E 415 80.97 -22.94 30.50
C ASN E 415 81.85 -21.94 31.22
N GLY E 416 81.75 -21.95 32.55
CA GLY E 416 82.57 -21.06 33.34
C GLY E 416 82.14 -19.61 33.42
N GLN E 417 81.61 -19.05 32.33
CA GLN E 417 81.16 -17.66 32.37
C GLN E 417 80.08 -17.47 33.44
N THR E 418 79.66 -16.22 33.63
CA THR E 418 78.59 -15.94 34.57
C THR E 418 77.80 -14.75 34.04
N VAL E 419 76.50 -15.00 33.82
CA VAL E 419 75.59 -14.01 33.29
C VAL E 419 74.95 -13.22 34.39
N ASN E 420 75.05 -11.91 34.27
CA ASN E 420 74.46 -11.03 35.26
C ASN E 420 73.26 -10.34 34.64
N ILE E 421 72.09 -10.92 34.88
CA ILE E 421 70.82 -10.43 34.35
C ILE E 421 70.27 -9.30 35.15
N ASP E 422 70.41 -8.10 34.61
CA ASP E 422 69.92 -6.89 35.25
C ASP E 422 68.77 -6.37 34.44
N ALA E 423 68.30 -5.18 34.80
CA ALA E 423 67.19 -4.53 34.13
C ALA E 423 67.43 -4.31 32.67
N ALA E 424 68.63 -3.87 32.32
CA ALA E 424 68.95 -3.61 30.93
C ALA E 424 68.85 -4.88 30.11
N TYR E 425 69.30 -5.99 30.67
CA TYR E 425 69.25 -7.26 29.97
C TYR E 425 67.81 -7.63 29.72
N VAL E 426 67.01 -7.61 30.76
CA VAL E 426 65.61 -7.95 30.64
C VAL E 426 64.95 -7.06 29.60
N ALA E 427 65.06 -5.74 29.78
CA ALA E 427 64.44 -4.81 28.85
C ALA E 427 64.75 -5.15 27.41
N ASP E 428 65.98 -5.59 27.17
CA ASP E 428 66.41 -5.96 25.83
C ASP E 428 65.83 -7.30 25.37
N ALA E 429 66.13 -8.38 26.10
CA ALA E 429 65.66 -9.72 25.76
C ALA E 429 64.16 -9.89 25.58
N LEU E 430 63.36 -8.97 26.11
CA LEU E 430 61.93 -9.10 25.97
C LEU E 430 61.38 -8.45 24.73
N GLY E 431 62.19 -7.60 24.12
CA GLY E 431 61.76 -6.95 22.88
C GLY E 431 60.55 -6.08 23.10
N GLU E 432 59.54 -6.19 22.23
CA GLU E 432 58.35 -5.37 22.37
C GLU E 432 57.03 -6.14 22.39
N VAL E 433 56.18 -5.84 23.37
CA VAL E 433 54.90 -6.52 23.43
C VAL E 433 53.61 -5.70 23.49
N VAL E 434 52.97 -5.81 22.33
CA VAL E 434 51.72 -5.27 21.81
C VAL E 434 50.55 -4.69 22.62
N GLU E 435 50.07 -3.52 22.21
CA GLU E 435 48.88 -2.91 22.84
C GLU E 435 47.78 -2.76 21.77
N ASN E 436 47.36 -3.94 21.28
CA ASN E 436 46.33 -4.23 20.26
C ASN E 436 45.65 -3.25 19.29
N GLU E 437 45.50 -3.69 18.04
CA GLU E 437 44.88 -2.88 16.98
C GLU E 437 43.51 -3.41 16.56
N ASP E 438 42.66 -3.73 17.56
CA ASP E 438 41.26 -4.19 17.34
C ASP E 438 40.79 -3.02 16.53
N LEU E 439 41.58 -1.97 16.70
CA LEU E 439 41.43 -0.71 16.04
C LEU E 439 41.21 -1.00 14.58
N SER E 440 40.83 0.04 13.85
CA SER E 440 40.62 -0.08 12.44
C SER E 440 39.80 -1.31 12.08
N ARG E 441 40.40 -2.17 11.26
CA ARG E 441 39.79 -3.38 10.79
C ARG E 441 38.30 -3.52 11.03
N PHE E 442 37.88 -3.49 12.29
CA PHE E 442 36.48 -3.68 12.65
C PHE E 442 35.63 -2.47 12.99
N ILE E 443 36.27 -1.36 13.28
CA ILE E 443 35.57 -0.14 13.65
C ILE E 443 35.31 0.76 12.46
N LEU E 444 34.21 1.48 12.49
CA LEU E 444 33.95 2.40 11.41
C LEU E 444 33.84 3.76 12.06
N SER F 2 77.72 -37.36 27.80
CA SER F 2 76.59 -38.27 28.11
C SER F 2 75.40 -38.05 27.16
N GLU F 3 75.33 -36.85 26.59
CA GLU F 3 74.26 -36.51 25.66
C GLU F 3 74.67 -35.34 24.79
N MET F 4 74.05 -35.24 23.62
CA MET F 4 74.35 -34.17 22.69
C MET F 4 74.19 -32.82 23.34
N THR F 5 74.54 -31.77 22.62
CA THR F 5 74.40 -30.43 23.16
C THR F 5 73.57 -29.62 22.19
N PRO F 6 73.15 -28.42 22.58
CA PRO F 6 72.35 -27.61 21.66
C PRO F 6 72.94 -27.50 20.24
N ARG F 7 74.15 -26.95 20.11
CA ARG F 7 74.78 -26.81 18.80
C ARG F 7 74.99 -28.16 18.14
N GLU F 8 75.26 -29.17 18.96
CA GLU F 8 75.50 -30.54 18.50
C GLU F 8 74.26 -31.12 17.81
N ILE F 9 73.10 -30.94 18.45
CA ILE F 9 71.82 -31.42 17.93
C ILE F 9 71.38 -30.66 16.71
N VAL F 10 71.52 -29.35 16.72
CA VAL F 10 71.13 -28.59 15.55
C VAL F 10 71.92 -29.06 14.37
N SER F 11 73.20 -29.40 14.57
CA SER F 11 74.02 -29.87 13.47
C SER F 11 73.47 -31.16 12.89
N GLU F 12 73.01 -32.04 13.77
CA GLU F 12 72.41 -33.31 13.38
C GLU F 12 71.14 -33.05 12.56
N LEU F 13 70.30 -32.14 13.01
CA LEU F 13 69.10 -31.82 12.26
C LEU F 13 69.42 -31.19 10.92
N ASP F 14 70.51 -30.44 10.85
CA ASP F 14 70.85 -29.79 9.60
C ASP F 14 71.10 -30.81 8.49
N GLN F 15 71.30 -32.05 8.92
CA GLN F 15 71.58 -33.14 8.00
C GLN F 15 70.32 -33.65 7.33
N HIS F 16 69.16 -33.19 7.76
CA HIS F 16 67.92 -33.66 7.16
C HIS F 16 66.99 -32.55 6.83
N ILE F 17 67.09 -31.44 7.55
CA ILE F 17 66.17 -30.34 7.25
C ILE F 17 66.92 -29.14 6.77
N ILE F 18 66.43 -28.56 5.69
CA ILE F 18 67.06 -27.37 5.16
C ILE F 18 66.34 -26.17 5.75
N GLY F 19 67.11 -25.23 6.28
CA GLY F 19 66.54 -24.02 6.85
C GLY F 19 65.84 -24.21 8.16
N GLN F 20 64.86 -23.36 8.44
CA GLN F 20 64.12 -23.48 9.69
C GLN F 20 65.11 -23.58 10.84
N ALA F 21 65.79 -22.48 11.14
CA ALA F 21 66.77 -22.50 12.20
C ALA F 21 66.13 -22.32 13.57
N ASP F 22 65.38 -21.23 13.69
CA ASP F 22 64.69 -20.91 14.93
C ASP F 22 64.03 -22.18 15.44
N ALA F 23 63.35 -22.86 14.54
CA ALA F 23 62.70 -24.11 14.88
C ALA F 23 63.69 -25.15 15.47
N LYS F 24 64.77 -25.47 14.72
CA LYS F 24 65.79 -26.41 15.16
C LYS F 24 66.33 -26.01 16.51
N ARG F 25 66.73 -24.76 16.66
CA ARG F 25 67.25 -24.30 17.93
C ARG F 25 66.27 -24.67 19.06
N ALA F 26 65.00 -24.27 18.87
CA ALA F 26 63.93 -24.49 19.84
C ALA F 26 63.90 -25.91 20.35
N VAL F 27 63.74 -26.87 19.46
CA VAL F 27 63.68 -28.27 19.86
C VAL F 27 65.00 -28.76 20.42
N ALA F 28 66.09 -28.11 20.05
CA ALA F 28 67.38 -28.55 20.55
C ALA F 28 67.47 -28.21 22.03
N ILE F 29 67.23 -26.94 22.39
CA ILE F 29 67.30 -26.53 23.80
C ILE F 29 66.26 -27.31 24.61
N ALA F 30 65.28 -27.90 23.94
CA ALA F 30 64.24 -28.65 24.62
C ALA F 30 64.80 -30.00 24.98
N LEU F 31 65.31 -30.72 23.99
CA LEU F 31 65.89 -32.03 24.26
C LEU F 31 67.08 -31.89 25.19
N ARG F 32 67.65 -30.69 25.27
CA ARG F 32 68.79 -30.51 26.13
C ARG F 32 68.36 -30.38 27.58
N ASN F 33 67.31 -29.58 27.83
CA ASN F 33 66.80 -29.37 29.19
C ASN F 33 66.46 -30.72 29.78
N ARG F 34 66.44 -31.74 28.94
CA ARG F 34 66.12 -33.08 29.40
C ARG F 34 67.31 -33.66 30.12
N TRP F 35 68.50 -33.37 29.61
CA TRP F 35 69.73 -33.85 30.22
C TRP F 35 70.07 -32.94 31.38
N ARG F 36 69.79 -31.64 31.27
CA ARG F 36 70.06 -30.70 32.35
C ARG F 36 69.31 -31.15 33.60
N ARG F 37 68.00 -31.32 33.51
CA ARG F 37 67.27 -31.85 34.65
C ARG F 37 67.86 -33.26 34.69
N MET F 38 67.49 -34.08 35.66
CA MET F 38 68.07 -35.43 35.76
C MET F 38 69.56 -35.34 36.07
N GLN F 39 70.01 -34.15 36.42
CA GLN F 39 71.40 -33.89 36.79
C GLN F 39 71.24 -33.18 38.13
N LEU F 40 70.06 -32.59 38.29
CA LEU F 40 69.68 -31.86 39.50
C LEU F 40 69.45 -32.85 40.65
N GLN F 41 69.52 -32.34 41.88
CA GLN F 41 69.38 -33.15 43.09
C GLN F 41 68.18 -34.08 43.11
N GLU F 42 67.05 -33.61 43.62
CA GLU F 42 65.84 -34.43 43.67
C GLU F 42 64.60 -33.58 43.85
N PRO F 43 64.67 -32.59 44.74
CA PRO F 43 63.49 -31.72 44.95
C PRO F 43 63.21 -31.00 43.62
N LEU F 44 64.21 -30.28 43.12
CA LEU F 44 64.07 -29.59 41.86
C LEU F 44 63.94 -30.56 40.71
N ARG F 45 64.60 -31.72 40.82
CA ARG F 45 64.54 -32.70 39.75
C ARG F 45 63.09 -32.90 39.33
N HIS F 46 62.20 -32.99 40.32
CA HIS F 46 60.80 -33.20 40.00
C HIS F 46 60.11 -31.90 39.60
N GLU F 47 60.33 -30.86 40.39
CA GLU F 47 59.71 -29.54 40.14
C GLU F 47 59.87 -28.93 38.74
N VAL F 48 61.03 -29.13 38.11
CA VAL F 48 61.27 -28.55 36.79
C VAL F 48 60.55 -29.35 35.67
N THR F 49 59.76 -28.64 34.87
CA THR F 49 59.03 -29.31 33.81
C THR F 49 59.37 -28.79 32.42
N PRO F 50 59.07 -29.59 31.39
CA PRO F 50 59.30 -29.31 29.98
C PRO F 50 58.72 -27.97 29.55
N LYS F 51 59.41 -27.27 28.65
CA LYS F 51 58.92 -25.99 28.16
C LYS F 51 58.40 -26.30 26.75
N ASN F 52 57.17 -26.81 26.69
CA ASN F 52 56.52 -27.21 25.44
C ASN F 52 56.57 -26.18 24.30
N ILE F 53 56.55 -26.67 23.07
CA ILE F 53 56.67 -25.85 21.88
C ILE F 53 55.51 -25.79 20.94
N LEU F 54 55.27 -24.59 20.42
CA LEU F 54 54.21 -24.40 19.43
C LEU F 54 54.89 -23.96 18.15
N MET F 55 54.92 -24.79 17.12
CA MET F 55 55.57 -24.43 15.87
C MET F 55 54.52 -23.85 14.99
N ILE F 56 54.81 -22.71 14.40
CA ILE F 56 53.85 -22.04 13.55
C ILE F 56 54.40 -21.82 12.16
N GLY F 57 53.91 -22.57 11.20
CA GLY F 57 54.42 -22.38 9.84
C GLY F 57 53.46 -23.00 8.85
N PRO F 58 53.61 -22.66 7.57
CA PRO F 58 52.77 -23.15 6.47
C PRO F 58 52.92 -24.65 6.22
N THR F 59 52.16 -25.16 5.25
CA THR F 59 52.16 -26.58 4.93
C THR F 59 53.48 -27.17 4.45
N GLY F 60 53.84 -28.29 5.07
CA GLY F 60 55.06 -29.01 4.71
C GLY F 60 56.31 -28.20 4.55
N VAL F 61 56.74 -27.57 5.62
CA VAL F 61 57.95 -26.77 5.54
C VAL F 61 58.95 -27.32 6.53
N GLY F 62 58.64 -28.49 7.11
CA GLY F 62 59.57 -29.13 8.02
C GLY F 62 59.16 -29.34 9.47
N LYS F 63 58.00 -28.79 9.86
CA LYS F 63 57.50 -28.92 11.24
C LYS F 63 57.54 -30.34 11.76
N THR F 64 57.09 -31.29 10.96
CA THR F 64 57.07 -32.66 11.40
C THR F 64 58.42 -33.34 11.34
N GLU F 65 59.16 -33.16 10.24
CA GLU F 65 60.47 -33.82 10.10
C GLU F 65 61.38 -33.42 11.24
N ILE F 66 61.38 -32.15 11.58
CA ILE F 66 62.20 -31.69 12.67
C ILE F 66 61.89 -32.47 13.94
N ALA F 67 60.62 -32.68 14.23
CA ALA F 67 60.23 -33.39 15.45
C ALA F 67 60.49 -34.87 15.32
N ARG F 68 60.23 -35.44 14.15
CA ARG F 68 60.43 -36.86 14.02
C ARG F 68 61.90 -37.20 14.16
N ARG F 69 62.75 -36.34 13.59
CA ARG F 69 64.18 -36.52 13.62
C ARG F 69 64.72 -36.22 15.01
N LEU F 70 64.12 -35.26 15.68
CA LEU F 70 64.59 -34.91 17.01
C LEU F 70 64.49 -36.16 17.85
N ALA F 71 63.34 -36.79 17.76
CA ALA F 71 63.06 -38.00 18.52
C ALA F 71 63.99 -39.11 18.10
N LYS F 72 64.22 -39.20 16.80
CA LYS F 72 65.07 -40.25 16.28
C LYS F 72 66.47 -40.15 16.82
N LEU F 73 67.04 -38.94 16.81
CA LEU F 73 68.41 -38.76 17.27
C LEU F 73 68.53 -38.79 18.77
N ALA F 74 67.40 -38.81 19.45
CA ALA F 74 67.42 -38.87 20.90
C ALA F 74 66.94 -40.24 21.28
N ASN F 75 66.66 -41.06 20.27
CA ASN F 75 66.19 -42.41 20.52
C ASN F 75 65.11 -42.34 21.60
N ALA F 76 64.09 -41.54 21.34
CA ALA F 76 63.00 -41.37 22.28
C ALA F 76 61.69 -41.82 21.71
N PRO F 77 60.78 -42.30 22.57
CA PRO F 77 59.45 -42.76 22.13
C PRO F 77 58.77 -41.54 21.50
N PHE F 78 58.18 -41.75 20.35
CA PHE F 78 57.54 -40.67 19.62
C PHE F 78 56.18 -41.04 19.10
N ILE F 79 55.32 -40.05 18.95
CA ILE F 79 54.00 -40.28 18.43
C ILE F 79 53.41 -38.97 17.88
N LYS F 80 52.84 -39.05 16.69
CA LYS F 80 52.22 -37.89 16.08
C LYS F 80 50.71 -38.09 16.02
N VAL F 81 49.92 -37.05 16.27
CA VAL F 81 48.48 -37.18 16.16
C VAL F 81 47.82 -35.91 15.64
N GLU F 82 46.76 -36.05 14.87
CA GLU F 82 46.06 -34.86 14.39
C GLU F 82 45.21 -34.45 15.59
N ALA F 83 45.12 -33.14 15.88
CA ALA F 83 44.30 -32.63 17.01
C ALA F 83 42.80 -32.85 16.79
N THR F 84 42.40 -32.75 15.53
CA THR F 84 41.04 -32.94 15.12
C THR F 84 40.63 -34.40 15.26
N LYS F 85 41.60 -35.30 15.37
CA LYS F 85 41.28 -36.71 15.52
C LYS F 85 40.32 -36.96 16.68
N PHE F 86 40.08 -35.96 17.52
CA PHE F 86 39.20 -36.14 18.67
C PHE F 86 38.00 -35.23 18.69
N THR F 87 37.61 -34.69 17.55
CA THR F 87 36.48 -33.77 17.53
C THR F 87 35.15 -34.50 17.78
N GLU F 95 38.96 -40.85 22.38
CA GLU F 95 39.79 -41.18 23.54
C GLU F 95 41.18 -40.53 23.44
N VAL F 96 41.41 -39.49 24.22
CA VAL F 96 42.67 -38.76 24.18
C VAL F 96 43.83 -39.46 24.90
N ASP F 97 43.52 -40.18 25.95
CA ASP F 97 44.54 -40.89 26.69
C ASP F 97 45.18 -41.95 25.78
N SER F 98 44.55 -42.21 24.66
CA SER F 98 45.12 -43.18 23.74
C SER F 98 46.51 -42.67 23.34
N ILE F 99 46.64 -41.34 23.21
CA ILE F 99 47.89 -40.70 22.82
C ILE F 99 49.03 -41.22 23.67
N ILE F 100 48.87 -41.25 24.98
CA ILE F 100 49.93 -41.76 25.84
C ILE F 100 50.03 -43.26 25.75
N ARG F 101 48.89 -43.91 25.68
CA ARG F 101 48.87 -45.35 25.58
C ARG F 101 49.70 -45.79 24.37
N ASP F 102 49.50 -45.11 23.24
CA ASP F 102 50.20 -45.43 22.00
C ASP F 102 51.66 -45.09 22.10
N LEU F 103 51.96 -44.00 22.79
CA LEU F 103 53.34 -43.58 22.94
C LEU F 103 54.11 -44.63 23.70
N THR F 104 53.41 -45.30 24.60
CA THR F 104 54.04 -46.34 25.40
C THR F 104 54.29 -47.62 24.58
N ASP F 105 53.37 -47.99 23.71
CA ASP F 105 53.61 -49.16 22.89
C ASP F 105 54.89 -48.92 22.11
N SER F 106 55.04 -47.69 21.63
CA SER F 106 56.22 -47.31 20.87
C SER F 106 57.48 -47.52 21.70
N ALA F 107 57.41 -47.15 22.98
CA ALA F 107 58.53 -47.31 23.88
C ALA F 107 58.84 -48.76 24.18
N MET F 108 57.85 -49.51 24.65
CA MET F 108 58.06 -50.93 24.93
C MET F 108 58.89 -51.51 23.78
N LYS F 109 58.47 -51.24 22.55
CA LYS F 109 59.15 -51.74 21.36
C LYS F 109 60.54 -51.15 21.20
N LEU F 110 60.72 -49.92 21.68
CA LEU F 110 61.99 -49.18 21.59
C LEU F 110 63.05 -49.63 22.61
N VAL F 111 62.59 -50.18 23.73
CA VAL F 111 63.44 -50.68 24.81
C VAL F 111 63.70 -52.19 24.59
N ARG F 112 62.65 -52.90 24.19
CA ARG F 112 62.74 -54.33 23.93
C ARG F 112 63.74 -54.50 22.80
N GLN F 113 63.98 -53.42 22.08
CA GLN F 113 64.91 -53.41 20.96
C GLN F 113 66.33 -53.47 21.49
N GLN F 114 66.55 -52.89 22.67
CA GLN F 114 67.87 -52.87 23.30
C GLN F 114 68.22 -54.20 23.95
N GLU F 115 67.22 -54.90 24.47
CA GLU F 115 67.44 -56.18 25.12
C GLU F 115 67.78 -57.27 24.10
N ILE F 116 66.89 -57.52 23.16
CA ILE F 116 67.15 -58.53 22.16
C ILE F 116 68.17 -57.96 21.18
N ALA F 117 69.30 -57.50 21.74
CA ALA F 117 70.38 -56.92 20.97
C ALA F 117 71.60 -56.78 21.86
N LYS F 118 71.39 -56.95 23.16
CA LYS F 118 72.48 -56.85 24.12
C LYS F 118 72.54 -58.13 24.95
N ASN F 119 72.32 -59.26 24.29
CA ASN F 119 72.35 -60.58 24.92
C ASN F 119 72.71 -61.68 23.93
N ALA F 231 66.29 -68.34 19.74
CA ALA F 231 67.45 -68.87 20.45
C ALA F 231 68.01 -67.83 21.41
N ALA F 232 67.12 -67.05 22.02
CA ALA F 232 67.52 -66.02 22.98
C ALA F 232 66.48 -65.86 24.09
N LYS F 233 66.93 -65.44 25.27
CA LYS F 233 66.01 -65.27 26.40
C LYS F 233 66.55 -64.50 27.61
N LEU F 234 65.89 -63.39 27.91
CA LEU F 234 66.22 -62.54 29.05
C LEU F 234 64.86 -62.00 29.49
N ILE F 235 64.02 -61.71 28.49
CA ILE F 235 62.66 -61.20 28.66
C ILE F 235 62.42 -60.52 30.01
N ASN F 236 62.02 -61.29 31.02
CA ASN F 236 61.76 -60.76 32.34
C ASN F 236 60.70 -59.66 32.22
N PRO F 237 59.41 -60.05 32.23
CA PRO F 237 58.30 -59.10 32.12
C PRO F 237 58.39 -57.90 33.06
N GLU F 238 58.46 -58.20 34.36
CA GLU F 238 58.54 -57.18 35.40
C GLU F 238 59.70 -56.21 35.18
N GLU F 239 60.78 -56.74 34.63
CA GLU F 239 61.98 -55.95 34.37
C GLU F 239 61.71 -54.94 33.27
N LEU F 240 61.60 -55.46 32.05
CA LEU F 240 61.37 -54.66 30.85
C LEU F 240 60.30 -53.59 31.00
N LYS F 241 59.07 -54.00 31.29
CA LYS F 241 57.97 -53.06 31.43
C LYS F 241 58.36 -51.83 32.24
N GLN F 242 58.99 -52.03 33.39
CA GLN F 242 59.41 -50.88 34.18
C GLN F 242 60.28 -49.97 33.31
N LYS F 243 61.39 -50.52 32.79
CA LYS F 243 62.32 -49.76 31.97
C LYS F 243 61.69 -49.02 30.76
N ALA F 244 60.69 -49.63 30.13
CA ALA F 244 60.03 -49.00 28.99
C ALA F 244 59.20 -47.84 29.50
N ILE F 245 58.43 -48.10 30.55
CA ILE F 245 57.61 -47.06 31.12
C ILE F 245 58.46 -45.87 31.50
N ASP F 246 59.69 -46.11 31.94
CA ASP F 246 60.57 -45.00 32.31
C ASP F 246 60.97 -44.22 31.07
N ALA F 247 61.26 -44.92 29.99
CA ALA F 247 61.63 -44.24 28.76
C ALA F 247 60.58 -43.20 28.37
N VAL F 248 59.30 -43.52 28.57
CA VAL F 248 58.19 -42.62 28.24
C VAL F 248 58.12 -41.42 29.15
N GLU F 249 57.99 -41.69 30.43
CA GLU F 249 57.91 -40.65 31.42
C GLU F 249 59.09 -39.71 31.38
N GLN F 250 60.26 -40.25 31.04
CA GLN F 250 61.51 -39.48 31.00
C GLN F 250 61.77 -38.68 29.76
N ASN F 251 61.75 -39.33 28.60
CA ASN F 251 62.03 -38.64 27.34
C ASN F 251 61.03 -38.87 26.23
N GLY F 252 59.75 -39.02 26.59
CA GLY F 252 58.72 -39.22 25.58
C GLY F 252 58.42 -37.92 24.86
N ILE F 253 58.03 -38.00 23.60
CA ILE F 253 57.70 -36.80 22.86
C ILE F 253 56.38 -36.92 22.09
N VAL F 254 55.43 -36.04 22.37
CA VAL F 254 54.16 -36.07 21.62
C VAL F 254 54.06 -34.89 20.62
N PHE F 255 53.64 -35.19 19.40
CA PHE F 255 53.51 -34.17 18.39
C PHE F 255 52.04 -34.02 17.93
N ILE F 256 51.37 -32.99 18.46
CA ILE F 256 49.99 -32.65 18.13
C ILE F 256 49.91 -31.79 16.84
N ASP F 257 49.48 -32.40 15.74
CA ASP F 257 49.43 -31.69 14.46
C ASP F 257 48.15 -30.91 14.24
N GLU F 258 48.30 -29.85 13.42
CA GLU F 258 47.23 -28.91 13.06
C GLU F 258 46.29 -28.60 14.24
N ILE F 259 46.90 -28.14 15.32
CA ILE F 259 46.18 -27.78 16.50
C ILE F 259 45.36 -26.49 16.27
N ASP F 260 45.74 -25.75 15.22
CA ASP F 260 45.05 -24.52 14.91
C ASP F 260 43.65 -24.89 14.43
N LYS F 261 43.46 -26.17 14.14
CA LYS F 261 42.17 -26.62 13.68
C LYS F 261 41.13 -26.74 14.78
N ILE F 262 41.59 -26.78 16.03
CA ILE F 262 40.64 -26.89 17.14
C ILE F 262 40.57 -25.60 17.92
N CYS F 263 40.69 -24.48 17.22
CA CYS F 263 40.60 -23.18 17.86
C CYS F 263 39.23 -22.62 17.66
N LYS F 264 38.80 -21.75 18.56
CA LYS F 264 37.50 -21.12 18.42
C LYS F 264 37.53 -20.29 17.13
N LYS F 265 36.52 -20.46 16.29
CA LYS F 265 36.44 -19.73 15.04
C LYS F 265 35.08 -19.97 14.39
N GLY F 270 28.33 -22.23 16.51
CA GLY F 270 28.58 -23.49 15.84
C GLY F 270 29.06 -24.59 16.78
N ALA F 271 29.45 -25.73 16.21
CA ALA F 271 29.96 -26.84 17.00
C ALA F 271 31.37 -26.50 17.46
N ASP F 272 31.64 -25.19 17.50
CA ASP F 272 32.93 -24.65 17.90
C ASP F 272 33.29 -25.12 19.31
N VAL F 273 32.31 -25.70 20.00
CA VAL F 273 32.54 -26.20 21.36
C VAL F 273 33.03 -27.64 21.27
N SER F 274 32.73 -28.30 20.15
CA SER F 274 33.14 -29.68 19.94
C SER F 274 34.66 -29.74 19.88
N ARG F 275 35.25 -28.73 19.25
CA ARG F 275 36.71 -28.60 19.11
C ARG F 275 37.31 -27.93 20.35
N GLU F 276 36.75 -26.79 20.73
CA GLU F 276 37.19 -26.08 21.94
C GLU F 276 37.24 -27.13 23.05
N GLY F 277 36.43 -28.17 22.91
CA GLY F 277 36.40 -29.21 23.91
C GLY F 277 37.67 -30.02 23.84
N VAL F 278 38.12 -30.30 22.64
CA VAL F 278 39.35 -31.06 22.47
C VAL F 278 40.50 -30.43 23.26
N GLN F 279 40.56 -29.11 23.30
CA GLN F 279 41.62 -28.43 24.04
C GLN F 279 41.53 -28.82 25.50
N ARG F 280 40.35 -28.69 26.07
CA ARG F 280 40.14 -29.03 27.47
C ARG F 280 40.52 -30.49 27.75
N ASP F 281 40.35 -31.33 26.73
CA ASP F 281 40.64 -32.75 26.88
C ASP F 281 42.13 -33.05 26.87
N LEU F 282 42.92 -32.20 26.21
CA LEU F 282 44.37 -32.36 26.14
C LEU F 282 45.06 -31.84 27.39
N LEU F 283 44.43 -30.87 28.06
CA LEU F 283 45.04 -30.28 29.25
C LEU F 283 45.71 -31.25 30.15
N PRO F 284 44.96 -32.21 30.74
CA PRO F 284 45.52 -33.23 31.66
C PRO F 284 46.88 -33.74 31.22
N LEU F 285 46.98 -34.19 29.98
CA LEU F 285 48.25 -34.67 29.48
C LEU F 285 49.27 -33.56 29.59
N VAL F 286 49.00 -32.46 28.89
CA VAL F 286 49.91 -31.34 28.88
C VAL F 286 50.22 -30.82 30.28
N GLU F 287 49.17 -30.59 31.07
CA GLU F 287 49.29 -30.09 32.43
C GLU F 287 49.84 -31.16 33.37
N GLY F 288 50.11 -32.35 32.86
CA GLY F 288 50.66 -33.42 33.66
C GLY F 288 49.66 -34.21 34.49
N SER F 289 49.46 -35.47 34.14
CA SER F 289 48.54 -36.32 34.88
C SER F 289 48.94 -37.77 34.63
N THR F 290 48.08 -38.69 35.02
CA THR F 290 48.38 -40.09 34.83
C THR F 290 47.35 -40.82 34.01
N VAL F 291 47.82 -41.77 33.23
CA VAL F 291 46.93 -42.57 32.42
C VAL F 291 47.48 -43.98 32.48
N SER F 292 46.58 -44.95 32.43
CA SER F 292 47.01 -46.33 32.50
C SER F 292 47.20 -46.98 31.14
N THR F 293 48.32 -47.68 30.99
CA THR F 293 48.60 -48.41 29.76
C THR F 293 48.69 -49.92 30.08
N LYS F 294 48.60 -50.74 29.03
CA LYS F 294 48.66 -52.17 29.25
C LYS F 294 50.03 -52.60 29.79
N HIS F 295 50.87 -51.63 30.13
CA HIS F 295 52.19 -51.93 30.65
C HIS F 295 52.32 -51.36 32.05
N GLY F 296 51.32 -50.59 32.47
CA GLY F 296 51.37 -50.00 33.79
C GLY F 296 50.90 -48.56 33.79
N MET F 297 51.20 -47.84 34.87
CA MET F 297 50.80 -46.44 34.97
C MET F 297 51.95 -45.53 34.53
N VAL F 298 51.64 -44.51 33.73
CA VAL F 298 52.66 -43.58 33.28
C VAL F 298 52.22 -42.15 33.62
N LYS F 299 53.18 -41.26 33.86
CA LYS F 299 52.88 -39.87 34.17
C LYS F 299 53.28 -38.93 33.02
N THR F 300 52.33 -38.11 32.58
CA THR F 300 52.59 -37.17 31.50
C THR F 300 53.29 -35.90 32.02
N ASP F 301 53.67 -35.90 33.29
CA ASP F 301 54.33 -34.74 33.86
C ASP F 301 55.58 -34.31 33.11
N HIS F 302 56.34 -35.25 32.56
CA HIS F 302 57.56 -34.86 31.86
C HIS F 302 57.64 -35.20 30.39
N ILE F 303 56.49 -35.45 29.78
CA ILE F 303 56.42 -35.74 28.34
C ILE F 303 56.61 -34.37 27.68
N LEU F 304 57.41 -34.30 26.63
CA LEU F 304 57.61 -33.04 25.97
C LEU F 304 56.59 -32.96 24.83
N PHE F 305 55.78 -31.92 24.83
CA PHE F 305 54.80 -31.79 23.77
C PHE F 305 55.19 -30.77 22.70
N ILE F 306 54.84 -31.02 21.46
CA ILE F 306 55.14 -30.08 20.42
C ILE F 306 53.90 -29.97 19.55
N ALA F 307 53.25 -28.80 19.56
CA ALA F 307 52.06 -28.61 18.74
C ALA F 307 52.44 -27.77 17.55
N SER F 308 51.85 -28.05 16.39
CA SER F 308 52.16 -27.30 15.19
C SER F 308 50.84 -26.80 14.65
N GLY F 309 50.91 -25.73 13.86
CA GLY F 309 49.73 -25.14 13.28
C GLY F 309 50.15 -24.15 12.22
N ALA F 310 49.23 -23.85 11.30
CA ALA F 310 49.48 -22.92 10.23
C ALA F 310 49.02 -21.57 10.70
N PHE F 311 47.91 -21.60 11.43
CA PHE F 311 47.30 -20.40 12.00
C PHE F 311 47.08 -19.32 10.96
N GLN F 312 46.32 -19.64 9.92
CA GLN F 312 46.04 -18.67 8.89
C GLN F 312 44.92 -17.77 9.37
N VAL F 313 43.87 -18.37 9.92
CA VAL F 313 42.73 -17.60 10.42
C VAL F 313 42.75 -17.36 11.92
N ALA F 314 43.11 -18.39 12.67
CA ALA F 314 43.19 -18.31 14.12
C ALA F 314 44.57 -17.87 14.55
N ARG F 315 44.64 -17.22 15.70
CA ARG F 315 45.91 -16.76 16.24
C ARG F 315 46.18 -17.71 17.38
N PRO F 316 47.43 -17.83 17.83
CA PRO F 316 47.67 -18.77 18.93
C PRO F 316 46.97 -18.36 20.22
N SER F 317 46.75 -17.06 20.34
CA SER F 317 46.08 -16.50 21.51
C SER F 317 44.59 -16.85 21.51
N ASP F 318 44.17 -17.71 20.59
CA ASP F 318 42.78 -18.12 20.49
C ASP F 318 42.60 -19.46 21.17
N LEU F 319 43.70 -19.99 21.68
CA LEU F 319 43.64 -21.25 22.38
C LEU F 319 43.14 -20.90 23.78
N ILE F 320 42.74 -21.91 24.56
CA ILE F 320 42.29 -21.61 25.92
C ILE F 320 43.55 -21.26 26.73
N PRO F 321 43.43 -20.30 27.64
CA PRO F 321 44.59 -19.89 28.45
C PRO F 321 45.30 -21.05 29.11
N GLU F 322 44.54 -21.89 29.78
CA GLU F 322 45.14 -23.01 30.47
C GLU F 322 46.19 -23.68 29.56
N LEU F 323 45.90 -23.74 28.27
CA LEU F 323 46.75 -24.40 27.28
C LEU F 323 47.80 -23.49 26.63
N GLN F 324 47.40 -22.25 26.39
CA GLN F 324 48.22 -21.22 25.81
C GLN F 324 49.40 -20.91 26.71
N GLY F 325 49.28 -21.26 27.98
CA GLY F 325 50.35 -21.02 28.92
C GLY F 325 51.23 -22.24 29.11
N ARG F 326 50.76 -23.40 28.65
CA ARG F 326 51.52 -24.62 28.75
C ARG F 326 52.35 -24.80 27.46
N LEU F 327 52.21 -23.82 26.56
CA LEU F 327 52.95 -23.79 25.29
C LEU F 327 53.70 -22.44 25.29
N PRO F 328 54.73 -22.34 26.14
CA PRO F 328 55.62 -21.20 26.37
C PRO F 328 56.38 -20.76 25.11
N ILE F 329 57.09 -21.71 24.54
CA ILE F 329 57.89 -21.51 23.36
C ILE F 329 57.13 -21.41 22.04
N ARG F 330 57.10 -20.25 21.45
CA ARG F 330 56.44 -20.14 20.16
C ARG F 330 57.59 -19.97 19.15
N VAL F 331 57.64 -20.81 18.12
CA VAL F 331 58.70 -20.64 17.12
C VAL F 331 58.08 -20.64 15.75
N GLU F 332 58.52 -19.76 14.87
CA GLU F 332 57.91 -19.66 13.56
C GLU F 332 58.75 -20.27 12.45
N LEU F 333 58.14 -21.02 11.54
CA LEU F 333 58.91 -21.57 10.43
C LEU F 333 58.52 -20.83 9.18
N THR F 334 59.49 -20.74 8.28
CA THR F 334 59.31 -20.01 7.02
C THR F 334 58.72 -20.83 5.90
N ALA F 335 58.24 -20.15 4.87
CA ALA F 335 57.70 -20.85 3.72
C ALA F 335 58.96 -21.18 2.94
N LEU F 336 58.95 -22.28 2.22
CA LEU F 336 60.12 -22.67 1.46
C LEU F 336 60.19 -21.92 0.12
N SER F 337 61.39 -21.45 -0.25
CA SER F 337 61.60 -20.71 -1.51
C SER F 337 62.27 -21.55 -2.60
N ALA F 338 62.21 -21.07 -3.84
CA ALA F 338 62.83 -21.79 -4.94
C ALA F 338 64.26 -22.20 -4.51
N ALA F 339 65.02 -21.21 -4.04
CA ALA F 339 66.37 -21.43 -3.56
C ALA F 339 66.45 -22.52 -2.47
N ASP F 340 65.47 -22.56 -1.58
CA ASP F 340 65.45 -23.56 -0.54
C ASP F 340 65.25 -24.95 -1.18
N PHE F 341 64.28 -25.06 -2.08
CA PHE F 341 64.05 -26.33 -2.72
C PHE F 341 65.36 -26.84 -3.31
N GLU F 342 66.03 -25.94 -4.05
CA GLU F 342 67.29 -26.28 -4.72
C GLU F 342 68.22 -27.07 -3.81
N ARG F 343 68.20 -26.71 -2.53
CA ARG F 343 69.06 -27.35 -1.56
C ARG F 343 68.44 -28.60 -1.00
N ILE F 344 67.12 -28.59 -0.88
CA ILE F 344 66.42 -29.74 -0.33
C ILE F 344 66.57 -30.86 -1.32
N LEU F 345 66.60 -30.47 -2.58
CA LEU F 345 66.71 -31.40 -3.69
C LEU F 345 68.02 -32.25 -3.69
N THR F 346 69.10 -31.65 -3.19
CA THR F 346 70.42 -32.29 -3.20
C THR F 346 71.21 -32.45 -1.91
N GLU F 347 71.10 -31.49 -0.99
CA GLU F 347 71.86 -31.51 0.27
C GLU F 347 71.56 -32.59 1.30
N PRO F 348 70.30 -32.70 1.76
CA PRO F 348 69.84 -33.68 2.77
C PRO F 348 70.36 -35.07 2.56
N HIS F 349 70.54 -35.81 3.66
CA HIS F 349 70.98 -37.21 3.57
C HIS F 349 69.84 -37.98 2.94
N ALA F 350 70.08 -38.51 1.75
CA ALA F 350 69.05 -39.24 1.02
C ALA F 350 68.05 -38.31 0.40
N SER F 351 68.54 -37.28 -0.29
CA SER F 351 67.66 -36.32 -0.95
C SER F 351 66.98 -37.04 -2.10
N LEU F 352 66.05 -36.36 -2.77
CA LEU F 352 65.36 -36.99 -3.87
C LEU F 352 66.34 -37.39 -4.95
N THR F 353 67.24 -36.49 -5.31
CA THR F 353 68.19 -36.84 -6.34
C THR F 353 69.05 -38.00 -5.88
N GLU F 354 69.55 -37.96 -4.65
CA GLU F 354 70.37 -39.08 -4.21
C GLU F 354 69.59 -40.40 -4.33
N GLN F 355 68.29 -40.35 -4.05
CA GLN F 355 67.47 -41.53 -4.14
C GLN F 355 67.32 -42.07 -5.56
N TYR F 356 66.93 -41.24 -6.51
CA TYR F 356 66.75 -41.76 -7.85
C TYR F 356 68.05 -42.36 -8.31
N LYS F 357 69.13 -41.57 -8.23
CA LYS F 357 70.46 -42.04 -8.61
C LYS F 357 70.61 -43.47 -8.11
N ALA F 358 70.43 -43.65 -6.81
CA ALA F 358 70.52 -44.97 -6.22
C ALA F 358 69.56 -46.00 -6.85
N LEU F 359 68.29 -45.62 -7.03
CA LEU F 359 67.29 -46.51 -7.62
C LEU F 359 67.64 -46.96 -9.05
N MET F 360 67.94 -46.01 -9.92
CA MET F 360 68.28 -46.34 -11.31
C MET F 360 69.56 -47.17 -11.34
N ALA F 361 70.42 -46.98 -10.35
CA ALA F 361 71.65 -47.73 -10.28
C ALA F 361 71.37 -49.21 -10.33
N THR F 362 70.30 -49.63 -9.67
CA THR F 362 69.92 -51.03 -9.63
C THR F 362 69.56 -51.61 -11.00
N GLU F 363 68.91 -50.82 -11.85
CA GLU F 363 68.57 -51.33 -13.17
C GLU F 363 69.84 -51.29 -14.01
N GLY F 364 70.91 -50.79 -13.41
CA GLY F 364 72.18 -50.66 -14.10
C GLY F 364 72.28 -49.34 -14.85
N VAL F 365 71.45 -48.36 -14.52
CA VAL F 365 71.57 -47.11 -15.21
C VAL F 365 72.26 -46.09 -14.34
N ASN F 366 73.17 -45.33 -14.95
CA ASN F 366 73.88 -44.30 -14.22
C ASN F 366 73.29 -42.94 -14.61
N ILE F 367 72.77 -42.23 -13.62
CA ILE F 367 72.16 -40.96 -13.90
C ILE F 367 72.88 -39.79 -13.23
N ALA F 368 72.69 -38.60 -13.79
CA ALA F 368 73.32 -37.40 -13.23
C ALA F 368 72.52 -36.13 -13.54
N PHE F 369 72.36 -35.32 -12.50
CA PHE F 369 71.61 -34.08 -12.64
C PHE F 369 72.55 -32.92 -12.75
N THR F 370 72.44 -32.14 -13.82
CA THR F 370 73.29 -30.98 -13.94
C THR F 370 72.72 -29.99 -12.96
N THR F 371 73.53 -29.05 -12.54
CA THR F 371 73.08 -28.04 -11.61
C THR F 371 71.85 -27.33 -12.13
N ASP F 372 71.92 -26.86 -13.37
CA ASP F 372 70.81 -26.14 -13.98
C ASP F 372 69.54 -26.98 -14.01
N ALA F 373 69.70 -28.30 -13.94
CA ALA F 373 68.55 -29.20 -13.94
C ALA F 373 67.87 -29.00 -12.61
N VAL F 374 68.61 -29.29 -11.57
CA VAL F 374 68.12 -29.14 -10.22
C VAL F 374 67.49 -27.80 -10.04
N LYS F 375 68.17 -26.75 -10.48
CA LYS F 375 67.65 -25.37 -10.38
C LYS F 375 66.30 -25.29 -11.08
N LYS F 376 66.24 -25.88 -12.27
CA LYS F 376 65.03 -25.92 -13.08
C LYS F 376 63.89 -26.71 -12.40
N ILE F 377 64.22 -27.88 -11.83
CA ILE F 377 63.22 -28.70 -11.16
C ILE F 377 62.60 -27.89 -10.00
N ALA F 378 63.43 -27.25 -9.20
CA ALA F 378 62.92 -26.48 -8.08
C ALA F 378 62.19 -25.25 -8.55
N GLU F 379 62.74 -24.53 -9.52
CA GLU F 379 62.06 -23.33 -9.98
C GLU F 379 60.63 -23.77 -10.31
N ALA F 380 60.50 -24.95 -10.88
CA ALA F 380 59.22 -25.48 -11.28
C ALA F 380 58.35 -25.86 -10.10
N ALA F 381 58.86 -26.61 -9.14
CA ALA F 381 58.01 -26.99 -8.02
C ALA F 381 57.42 -25.72 -7.42
N PHE F 382 58.31 -24.80 -7.07
CA PHE F 382 57.92 -23.53 -6.48
C PHE F 382 56.88 -22.82 -7.33
N ARG F 383 57.11 -22.84 -8.63
CA ARG F 383 56.20 -22.20 -9.56
C ARG F 383 54.79 -22.73 -9.38
N VAL F 384 54.57 -24.04 -9.40
CA VAL F 384 53.20 -24.52 -9.26
C VAL F 384 52.67 -24.22 -7.87
N ASN F 385 53.52 -24.39 -6.89
CA ASN F 385 53.12 -24.13 -5.52
C ASN F 385 52.54 -22.73 -5.40
N GLU F 386 53.09 -21.79 -6.15
CA GLU F 386 52.59 -20.42 -6.11
C GLU F 386 51.29 -20.29 -6.91
N LYS F 387 51.30 -20.74 -8.15
CA LYS F 387 50.15 -20.63 -9.02
C LYS F 387 48.92 -21.40 -8.57
N THR F 388 49.09 -22.49 -7.84
CA THR F 388 47.91 -23.28 -7.40
C THR F 388 47.85 -23.49 -5.89
N GLU F 389 47.64 -24.71 -5.43
CA GLU F 389 47.59 -24.95 -3.98
C GLU F 389 49.00 -25.24 -3.53
N ASN F 390 49.54 -24.36 -2.71
CA ASN F 390 50.91 -24.51 -2.22
C ASN F 390 51.05 -25.61 -1.17
N ILE F 391 51.63 -26.75 -1.54
CA ILE F 391 51.75 -27.83 -0.58
C ILE F 391 53.18 -28.04 -0.08
N GLY F 392 53.98 -26.99 -0.09
CA GLY F 392 55.34 -27.09 0.39
C GLY F 392 56.27 -27.99 -0.37
N ALA F 393 57.18 -28.60 0.38
CA ALA F 393 58.20 -29.50 -0.13
C ALA F 393 57.66 -30.68 -0.81
N ARG F 394 56.48 -31.11 -0.40
CA ARG F 394 55.87 -32.27 -1.05
C ARG F 394 55.87 -32.09 -2.57
N ARG F 395 55.72 -30.84 -3.01
CA ARG F 395 55.69 -30.57 -4.43
C ARG F 395 56.87 -31.15 -5.18
N LEU F 396 58.03 -31.25 -4.53
CA LEU F 396 59.18 -31.83 -5.19
C LEU F 396 59.00 -33.30 -5.50
N HIS F 397 58.38 -34.08 -4.62
CA HIS F 397 58.15 -35.50 -4.94
C HIS F 397 57.25 -35.61 -6.16
N THR F 398 56.34 -34.64 -6.29
CA THR F 398 55.39 -34.58 -7.40
C THR F 398 56.12 -34.37 -8.71
N VAL F 399 56.88 -33.28 -8.79
CA VAL F 399 57.64 -32.96 -10.00
C VAL F 399 58.71 -34.00 -10.25
N MET F 400 59.43 -34.40 -9.22
CA MET F 400 60.43 -35.46 -9.41
C MET F 400 59.83 -36.73 -10.02
N GLU F 401 58.62 -37.12 -9.61
CA GLU F 401 58.06 -38.33 -10.18
C GLU F 401 57.59 -38.12 -11.60
N ARG F 402 57.20 -36.89 -11.92
CA ARG F 402 56.72 -36.61 -13.26
C ARG F 402 57.89 -36.55 -14.23
N LEU F 403 59.09 -36.31 -13.70
CA LEU F 403 60.27 -36.21 -14.54
C LEU F 403 60.95 -37.54 -14.69
N MET F 404 61.19 -38.24 -13.58
CA MET F 404 61.82 -39.54 -13.64
C MET F 404 60.87 -40.54 -14.29
N ASP F 405 59.70 -40.02 -14.68
CA ASP F 405 58.63 -40.77 -15.36
C ASP F 405 59.14 -41.86 -16.36
N LYS F 406 59.48 -41.40 -17.56
CA LYS F 406 59.95 -42.23 -18.68
C LYS F 406 61.13 -43.11 -18.31
N ILE F 407 62.17 -42.52 -17.75
CA ILE F 407 63.32 -43.31 -17.37
C ILE F 407 62.91 -44.43 -16.45
N SER F 408 62.17 -44.09 -15.41
CA SER F 408 61.74 -45.10 -14.43
C SER F 408 61.22 -46.41 -15.01
N PHE F 409 60.62 -46.37 -16.20
CA PHE F 409 60.08 -47.57 -16.83
C PHE F 409 61.10 -48.31 -17.69
N SER F 410 61.69 -47.56 -18.62
CA SER F 410 62.67 -48.10 -19.56
C SER F 410 64.05 -48.41 -18.92
N ALA F 411 64.27 -47.87 -17.72
CA ALA F 411 65.53 -48.07 -17.04
C ALA F 411 65.91 -49.52 -17.05
N SER F 412 64.94 -50.42 -16.97
CA SER F 412 65.22 -51.85 -16.95
C SER F 412 66.04 -52.33 -18.16
N ASP F 413 65.49 -52.19 -19.35
CA ASP F 413 66.19 -52.59 -20.56
C ASP F 413 66.92 -51.37 -21.09
N MET F 414 67.82 -50.83 -20.28
CA MET F 414 68.53 -49.64 -20.68
C MET F 414 69.85 -49.70 -19.95
N ASN F 415 70.15 -50.90 -19.48
CA ASN F 415 71.37 -51.19 -18.74
C ASN F 415 72.62 -50.58 -19.37
N GLY F 416 73.59 -50.23 -18.52
CA GLY F 416 74.82 -49.68 -19.02
C GLY F 416 74.79 -48.24 -19.46
N GLN F 417 73.71 -47.79 -20.09
CA GLN F 417 73.65 -46.40 -20.54
C GLN F 417 73.77 -45.43 -19.36
N THR F 418 73.83 -44.14 -19.67
CA THR F 418 73.89 -43.14 -18.62
C THR F 418 73.13 -41.92 -19.11
N VAL F 419 72.08 -41.56 -18.37
CA VAL F 419 71.24 -40.42 -18.71
C VAL F 419 71.82 -39.15 -18.10
N ASN F 420 71.98 -38.12 -18.91
CA ASN F 420 72.50 -36.88 -18.38
C ASN F 420 71.34 -35.87 -18.37
N ILE F 421 70.70 -35.71 -17.21
CA ILE F 421 69.56 -34.82 -17.05
C ILE F 421 69.97 -33.37 -16.88
N ASP F 422 69.84 -32.60 -17.96
CA ASP F 422 70.18 -31.19 -17.94
C ASP F 422 68.89 -30.40 -17.99
N ALA F 423 69.01 -29.08 -18.14
CA ALA F 423 67.85 -28.20 -18.17
C ALA F 423 66.89 -28.50 -19.29
N ALA F 424 67.44 -28.81 -20.46
CA ALA F 424 66.61 -29.11 -21.61
C ALA F 424 65.74 -30.34 -21.33
N TYR F 425 66.33 -31.32 -20.66
CA TYR F 425 65.60 -32.54 -20.36
C TYR F 425 64.42 -32.22 -19.49
N VAL F 426 64.71 -31.58 -18.37
CA VAL F 426 63.67 -31.22 -17.43
C VAL F 426 62.60 -30.39 -18.11
N ALA F 427 63.00 -29.31 -18.78
CA ALA F 427 62.03 -28.46 -19.46
C ALA F 427 61.08 -29.29 -20.33
N ASP F 428 61.63 -30.34 -20.94
CA ASP F 428 60.85 -31.20 -21.79
C ASP F 428 59.98 -32.15 -20.99
N ALA F 429 60.59 -32.96 -20.13
CA ALA F 429 59.85 -33.93 -19.34
C ALA F 429 58.70 -33.41 -18.49
N LEU F 430 58.71 -32.12 -18.18
CA LEU F 430 57.66 -31.57 -17.34
C LEU F 430 56.42 -31.11 -18.08
N GLY F 431 56.52 -30.95 -19.39
CA GLY F 431 55.36 -30.54 -20.15
C GLY F 431 54.89 -29.14 -19.80
N GLU F 432 53.60 -28.99 -19.52
CA GLU F 432 53.05 -27.68 -19.19
C GLU F 432 52.13 -27.63 -17.98
N VAL F 433 52.40 -26.73 -17.03
CA VAL F 433 51.53 -26.64 -15.88
C VAL F 433 50.90 -25.29 -15.52
N VAL F 434 49.60 -25.36 -15.78
CA VAL F 434 48.50 -24.42 -15.62
C VAL F 434 48.46 -23.17 -14.74
N GLU F 435 48.02 -22.05 -15.34
CA GLU F 435 47.84 -20.81 -14.58
C GLU F 435 46.35 -20.41 -14.59
N ASN F 436 45.56 -21.33 -14.01
CA ASN F 436 44.09 -21.35 -13.81
C ASN F 436 43.05 -20.45 -14.49
N GLU F 437 41.90 -21.06 -14.81
CA GLU F 437 40.79 -20.37 -15.46
C GLU F 437 39.53 -20.27 -14.59
N ASP F 438 39.71 -19.85 -13.33
CA ASP F 438 38.61 -19.62 -12.38
C ASP F 438 37.85 -18.65 -13.23
N LEU F 439 38.65 -18.08 -14.13
CA LEU F 439 38.24 -17.12 -15.12
C LEU F 439 36.93 -17.62 -15.72
N SER F 440 36.30 -16.74 -16.46
CA SER F 440 35.06 -17.10 -17.11
C SER F 440 34.16 -17.81 -16.11
N ARG F 441 33.70 -19.01 -16.50
CA ARG F 441 32.82 -19.84 -15.71
C ARG F 441 32.01 -19.20 -14.61
N PHE F 442 32.67 -18.64 -13.60
CA PHE F 442 31.98 -18.04 -12.46
C PHE F 442 31.94 -16.54 -12.45
N ILE F 443 32.57 -15.92 -13.43
CA ILE F 443 32.62 -14.48 -13.45
C ILE F 443 31.70 -13.84 -14.47
N LEU F 444 31.24 -12.65 -14.15
CA LEU F 444 30.38 -11.93 -15.06
C LEU F 444 30.94 -10.53 -15.29
N THR G 1 17.54 -9.11 -19.58
CA THR G 1 18.27 -9.50 -20.81
C THR G 1 17.30 -9.94 -21.92
N THR G 2 17.84 -10.63 -22.95
CA THR G 2 17.15 -11.30 -24.11
C THR G 2 17.98 -12.49 -24.59
N ILE G 3 17.46 -13.69 -24.41
CA ILE G 3 18.13 -14.89 -24.85
C ILE G 3 17.19 -15.64 -25.77
N VAL G 4 17.66 -16.00 -26.95
CA VAL G 4 16.79 -16.71 -27.87
C VAL G 4 17.53 -17.88 -28.53
N SER G 5 16.79 -18.93 -28.88
CA SER G 5 17.38 -20.10 -29.47
C SER G 5 16.54 -20.65 -30.61
N VAL G 6 17.18 -20.85 -31.76
CA VAL G 6 16.51 -21.39 -32.92
C VAL G 6 17.26 -22.64 -33.34
N ARG G 7 16.49 -23.65 -33.74
CA ARG G 7 17.04 -24.91 -34.17
C ARG G 7 16.46 -25.14 -35.55
N ARG G 8 17.34 -25.29 -36.54
CA ARG G 8 16.91 -25.51 -37.92
C ARG G 8 18.07 -26.06 -38.71
N ASN G 9 17.79 -27.12 -39.48
CA ASN G 9 18.79 -27.80 -40.31
C ASN G 9 19.91 -28.47 -39.53
N GLY G 10 19.53 -29.24 -38.49
CA GLY G 10 20.54 -29.92 -37.69
C GLY G 10 21.48 -28.96 -36.98
N GLN G 11 21.06 -27.71 -36.89
CA GLN G 11 21.84 -26.67 -36.24
C GLN G 11 21.05 -26.17 -35.04
N VAL G 12 21.73 -25.89 -33.93
CA VAL G 12 21.07 -25.36 -32.75
C VAL G 12 21.87 -24.16 -32.35
N VAL G 13 21.21 -23.00 -32.28
CA VAL G 13 21.93 -21.81 -31.89
C VAL G 13 21.27 -21.14 -30.71
N VAL G 14 22.09 -20.65 -29.78
CA VAL G 14 21.60 -19.97 -28.61
C VAL G 14 22.38 -18.67 -28.49
N GLY G 15 21.65 -17.55 -28.57
CA GLY G 15 22.28 -16.24 -28.51
C GLY G 15 21.67 -15.33 -27.48
N GLY G 16 22.42 -14.31 -27.06
CA GLY G 16 21.94 -13.39 -26.04
C GLY G 16 22.75 -12.10 -26.02
N ASP G 17 22.19 -11.03 -25.44
CA ASP G 17 22.90 -9.74 -25.39
C ASP G 17 23.87 -9.75 -24.21
N GLY G 18 24.42 -8.57 -23.88
CA GLY G 18 25.38 -8.49 -22.80
C GLY G 18 25.17 -7.34 -21.85
N GLN G 19 23.93 -7.00 -21.57
CA GLN G 19 23.71 -5.86 -20.72
C GLN G 19 23.31 -6.20 -19.29
N VAL G 20 24.24 -6.00 -18.37
CA VAL G 20 23.89 -6.22 -16.97
C VAL G 20 23.36 -4.89 -16.45
N SER G 21 22.08 -4.84 -16.13
CA SER G 21 21.50 -3.59 -15.67
C SER G 21 21.05 -3.52 -14.23
N LEU G 22 21.69 -2.65 -13.47
CA LEU G 22 21.38 -2.45 -12.06
C LEU G 22 20.42 -1.26 -11.94
N GLY G 23 19.15 -1.55 -11.68
CA GLY G 23 18.17 -0.48 -11.59
C GLY G 23 17.93 -0.02 -13.01
N ASN G 24 17.93 1.29 -13.24
CA ASN G 24 17.74 1.80 -14.59
C ASN G 24 19.05 2.30 -15.15
N THR G 25 20.15 1.89 -14.53
CA THR G 25 21.48 2.27 -15.00
C THR G 25 22.10 0.99 -15.54
N VAL G 26 23.19 1.14 -16.28
CA VAL G 26 23.85 -0.02 -16.86
C VAL G 26 25.24 -0.21 -16.29
N MET G 27 25.44 -1.35 -15.64
CA MET G 27 26.73 -1.64 -15.04
C MET G 27 27.73 -2.23 -16.02
N LYS G 28 27.32 -3.24 -16.77
CA LYS G 28 28.24 -3.87 -17.69
C LYS G 28 27.53 -4.06 -19.00
N GLY G 29 28.26 -3.91 -20.10
CA GLY G 29 27.67 -4.09 -21.41
C GLY G 29 28.19 -5.28 -22.20
N ASN G 30 29.34 -5.84 -21.79
CA ASN G 30 29.92 -6.96 -22.50
C ASN G 30 29.74 -8.30 -21.76
N ALA G 31 28.62 -8.47 -21.08
CA ALA G 31 28.39 -9.71 -20.34
C ALA G 31 28.13 -10.90 -21.24
N ARG G 32 28.66 -12.08 -20.88
CA ARG G 32 28.43 -13.28 -21.67
C ARG G 32 27.24 -14.03 -21.07
N LYS G 33 26.07 -13.87 -21.64
CA LYS G 33 24.92 -14.55 -21.06
C LYS G 33 24.66 -15.94 -21.61
N VAL G 34 25.54 -16.42 -22.48
CA VAL G 34 25.40 -17.77 -23.04
C VAL G 34 26.73 -18.46 -22.92
N ARG G 35 26.73 -19.66 -22.35
CA ARG G 35 27.98 -20.38 -22.18
C ARG G 35 27.88 -21.87 -22.49
N ARG G 36 29.03 -22.50 -22.72
CA ARG G 36 29.10 -23.91 -23.05
C ARG G 36 29.33 -24.78 -21.81
N LEU G 37 28.62 -25.90 -21.72
CA LEU G 37 28.74 -26.82 -20.59
C LEU G 37 29.12 -28.23 -21.06
N TYR G 38 29.38 -29.11 -20.10
CA TYR G 38 29.75 -30.51 -20.38
C TYR G 38 30.60 -30.69 -21.63
N ASN G 39 31.86 -30.30 -21.54
CA ASN G 39 32.80 -30.43 -22.64
C ASN G 39 32.19 -29.84 -23.91
N GLY G 40 31.85 -28.55 -23.85
CA GLY G 40 31.28 -27.86 -24.99
C GLY G 40 30.23 -28.56 -25.83
N LYS G 41 29.62 -29.62 -25.31
CA LYS G 41 28.61 -30.31 -26.10
C LYS G 41 27.17 -29.88 -25.76
N VAL G 42 27.04 -28.82 -24.95
CA VAL G 42 25.72 -28.29 -24.58
C VAL G 42 25.74 -26.78 -24.29
N LEU G 43 24.78 -26.05 -24.86
CA LEU G 43 24.66 -24.62 -24.69
C LEU G 43 23.70 -24.22 -23.59
N ALA G 44 24.02 -23.13 -22.90
CA ALA G 44 23.16 -22.62 -21.84
C ALA G 44 23.17 -21.10 -21.87
N GLY G 45 21.97 -20.51 -21.83
CA GLY G 45 21.84 -19.08 -21.83
C GLY G 45 20.96 -18.78 -20.65
N PHE G 46 21.25 -17.74 -19.88
CA PHE G 46 20.43 -17.44 -18.71
C PHE G 46 19.95 -16.03 -18.51
N ALA G 47 18.71 -15.89 -18.07
CA ALA G 47 18.10 -14.60 -17.80
C ALA G 47 17.70 -14.58 -16.34
N GLY G 48 17.19 -13.45 -15.88
CA GLY G 48 16.80 -13.33 -14.49
C GLY G 48 17.89 -12.61 -13.70
N GLY G 49 17.84 -12.67 -12.36
CA GLY G 49 18.86 -12.02 -11.56
C GLY G 49 20.23 -12.68 -11.68
N THR G 50 21.29 -11.89 -11.79
CA THR G 50 22.64 -12.41 -11.96
C THR G 50 23.01 -13.62 -11.10
N ALA G 51 23.13 -13.43 -9.79
CA ALA G 51 23.50 -14.51 -8.89
C ALA G 51 22.65 -15.76 -9.06
N ASP G 52 21.33 -15.64 -8.93
CA ASP G 52 20.46 -16.80 -9.07
C ASP G 52 20.67 -17.43 -10.44
N ALA G 53 20.74 -16.60 -11.46
CA ALA G 53 20.99 -17.08 -12.81
C ALA G 53 22.22 -17.98 -12.73
N PHE G 54 23.30 -17.48 -12.13
CA PHE G 54 24.50 -18.30 -12.02
C PHE G 54 24.31 -19.56 -11.20
N THR G 55 23.74 -19.46 -10.00
CA THR G 55 23.58 -20.69 -9.24
C THR G 55 22.69 -21.68 -10.00
N LEU G 56 21.67 -21.17 -10.68
CA LEU G 56 20.78 -22.06 -11.42
C LEU G 56 21.56 -22.79 -12.50
N PHE G 57 22.56 -22.11 -13.05
CA PHE G 57 23.40 -22.65 -14.11
C PHE G 57 24.41 -23.67 -13.55
N GLU G 58 25.12 -23.26 -12.50
CA GLU G 58 26.07 -24.11 -11.86
C GLU G 58 25.40 -25.37 -11.34
N LEU G 59 24.10 -25.30 -11.04
CA LEU G 59 23.38 -26.48 -10.55
C LEU G 59 23.12 -27.46 -11.66
N PHE G 60 22.66 -26.96 -12.78
CA PHE G 60 22.37 -27.81 -13.93
C PHE G 60 23.63 -28.46 -14.40
N GLU G 61 24.76 -27.79 -14.17
CA GLU G 61 26.03 -28.33 -14.60
C GLU G 61 26.38 -29.58 -13.82
N ARG G 62 26.32 -29.49 -12.49
CA ARG G 62 26.63 -30.63 -11.63
C ARG G 62 25.75 -31.82 -12.01
N LYS G 63 24.53 -31.54 -12.41
CA LYS G 63 23.60 -32.59 -12.79
C LYS G 63 24.10 -33.21 -14.08
N LEU G 64 24.42 -32.35 -15.03
CA LEU G 64 24.90 -32.82 -16.31
C LEU G 64 26.08 -33.73 -16.09
N GLU G 65 26.95 -33.35 -15.16
CA GLU G 65 28.14 -34.11 -14.86
C GLU G 65 27.79 -35.47 -14.34
N MET G 66 26.78 -35.54 -13.47
CA MET G 66 26.41 -36.83 -12.92
C MET G 66 25.60 -37.75 -13.84
N HIS G 67 25.14 -37.26 -15.00
CA HIS G 67 24.34 -38.09 -15.92
C HIS G 67 24.81 -38.17 -17.36
N GLN G 68 26.10 -38.38 -17.54
CA GLN G 68 26.62 -38.53 -18.88
C GLN G 68 26.12 -37.49 -19.85
N GLY G 69 25.79 -36.31 -19.34
CA GLY G 69 25.31 -35.23 -20.18
C GLY G 69 23.94 -35.36 -20.82
N HIS G 70 23.10 -36.27 -20.34
CA HIS G 70 21.79 -36.38 -20.93
C HIS G 70 21.07 -35.12 -20.54
N LEU G 71 20.87 -34.24 -21.52
CA LEU G 71 20.21 -32.94 -21.33
C LEU G 71 18.86 -33.13 -20.68
N LEU G 72 18.02 -33.92 -21.34
CA LEU G 72 16.68 -34.17 -20.86
C LEU G 72 16.62 -34.73 -19.44
N LYS G 73 17.38 -35.80 -19.17
CA LYS G 73 17.34 -36.37 -17.82
C LYS G 73 17.90 -35.44 -16.76
N SER G 74 19.00 -34.75 -17.09
CA SER G 74 19.60 -33.82 -16.16
C SER G 74 18.58 -32.75 -15.82
N ALA G 75 17.88 -32.21 -16.82
CA ALA G 75 16.85 -31.22 -16.53
C ALA G 75 15.89 -31.78 -15.48
N VAL G 76 15.24 -32.90 -15.81
CA VAL G 76 14.27 -33.50 -14.89
C VAL G 76 14.81 -33.75 -13.47
N GLU G 77 16.02 -34.32 -13.41
CA GLU G 77 16.66 -34.61 -12.14
C GLU G 77 16.73 -33.37 -11.27
N LEU G 78 17.13 -32.28 -11.90
CA LEU G 78 17.25 -31.01 -11.22
C LEU G 78 15.86 -30.45 -10.85
N ALA G 79 14.89 -30.54 -11.76
CA ALA G 79 13.56 -30.04 -11.46
C ALA G 79 13.05 -30.75 -10.22
N LYS G 80 13.29 -32.06 -10.17
CA LYS G 80 12.87 -32.90 -9.04
C LYS G 80 13.46 -32.53 -7.69
N ASP G 81 14.40 -31.59 -7.67
CA ASP G 81 14.97 -31.17 -6.39
C ASP G 81 14.24 -29.92 -5.89
N TRP G 82 13.10 -29.63 -6.49
CA TRP G 82 12.29 -28.48 -6.08
C TRP G 82 10.91 -29.07 -5.84
N ARG G 83 10.55 -30.02 -6.70
CA ARG G 83 9.26 -30.67 -6.62
C ARG G 83 9.20 -31.74 -5.51
N THR G 84 9.68 -31.43 -4.32
CA THR G 84 9.61 -32.40 -3.21
C THR G 84 9.31 -31.74 -1.89
N ASP G 85 9.36 -32.55 -0.83
CA ASP G 85 9.09 -32.10 0.53
C ASP G 85 10.05 -30.98 0.91
N ARG G 86 11.34 -31.33 0.97
CA ARG G 86 12.40 -30.40 1.33
C ARG G 86 12.80 -29.50 0.16
N ALA G 87 12.16 -28.32 0.08
CA ALA G 87 12.44 -27.35 -0.97
C ALA G 87 13.92 -27.14 -1.21
N LEU G 88 14.25 -26.57 -2.35
CA LEU G 88 15.62 -26.32 -2.68
C LEU G 88 15.91 -24.86 -2.44
N ARG G 89 14.92 -24.01 -2.72
CA ARG G 89 15.03 -22.55 -2.58
C ARG G 89 14.75 -21.97 -3.92
N LYS G 90 13.66 -21.22 -4.00
CA LYS G 90 13.28 -20.60 -5.26
C LYS G 90 14.34 -19.60 -5.78
N LEU G 91 14.76 -19.82 -7.02
CA LEU G 91 15.74 -18.97 -7.68
C LEU G 91 15.06 -18.09 -8.73
N GLU G 92 15.29 -16.79 -8.68
CA GLU G 92 14.69 -15.92 -9.68
C GLU G 92 15.56 -15.91 -10.94
N ALA G 93 15.51 -16.98 -11.75
CA ALA G 93 16.29 -17.06 -12.98
C ALA G 93 15.85 -18.22 -13.85
N MET G 94 15.97 -18.08 -15.18
CA MET G 94 15.58 -19.14 -16.09
C MET G 94 16.78 -19.49 -16.96
N LEU G 95 16.80 -20.70 -17.51
CA LEU G 95 17.89 -21.09 -18.39
C LEU G 95 17.29 -21.59 -19.67
N ILE G 96 18.06 -21.53 -20.75
CA ILE G 96 17.62 -22.12 -22.00
C ILE G 96 18.82 -22.98 -22.26
N VAL G 97 18.61 -24.30 -22.29
CA VAL G 97 19.70 -25.22 -22.51
C VAL G 97 19.44 -26.05 -23.75
N ALA G 98 20.51 -26.40 -24.46
CA ALA G 98 20.33 -27.19 -25.65
C ALA G 98 21.60 -27.91 -26.06
N ASP G 99 21.40 -29.14 -26.58
CA ASP G 99 22.50 -29.94 -27.06
C ASP G 99 22.07 -30.43 -28.44
N GLU G 100 22.92 -31.19 -29.12
CA GLU G 100 22.63 -31.70 -30.45
C GLU G 100 21.18 -32.18 -30.62
N LYS G 101 20.70 -33.00 -29.68
CA LYS G 101 19.34 -33.55 -29.74
C LYS G 101 18.16 -32.69 -29.26
N GLU G 102 18.24 -32.11 -28.06
CA GLU G 102 17.14 -31.30 -27.49
C GLU G 102 17.37 -29.82 -27.15
N SER G 103 16.27 -29.08 -27.00
CA SER G 103 16.27 -27.66 -26.63
C SER G 103 15.28 -27.64 -25.47
N LEU G 104 15.64 -26.99 -24.36
CA LEU G 104 14.80 -26.97 -23.17
C LEU G 104 14.89 -25.66 -22.45
N ILE G 105 13.87 -25.37 -21.66
CA ILE G 105 13.90 -24.14 -20.89
C ILE G 105 13.55 -24.54 -19.45
N ILE G 106 14.53 -24.34 -18.56
CA ILE G 106 14.46 -24.67 -17.15
C ILE G 106 14.32 -23.42 -16.29
N THR G 107 13.50 -23.49 -15.26
CA THR G 107 13.36 -22.33 -14.39
C THR G 107 13.82 -22.66 -12.97
N GLY G 108 13.89 -21.63 -12.14
CA GLY G 108 14.38 -21.77 -10.78
C GLY G 108 13.42 -22.18 -9.71
N ILE G 109 12.29 -22.73 -10.12
CA ILE G 109 11.32 -23.21 -9.12
C ILE G 109 11.07 -24.65 -9.54
N GLY G 110 11.91 -25.08 -10.47
CA GLY G 110 11.86 -26.44 -10.95
C GLY G 110 10.68 -26.77 -11.81
N ASP G 111 10.91 -26.84 -13.11
CA ASP G 111 9.89 -27.20 -14.08
C ASP G 111 10.60 -27.03 -15.39
N VAL G 112 10.64 -28.10 -16.17
CA VAL G 112 11.29 -28.04 -17.46
C VAL G 112 10.17 -27.87 -18.51
N VAL G 113 10.43 -27.03 -19.51
CA VAL G 113 9.44 -26.77 -20.54
C VAL G 113 10.05 -27.03 -21.88
N GLN G 114 9.31 -27.71 -22.75
CA GLN G 114 9.77 -28.00 -24.10
C GLN G 114 9.19 -26.95 -25.03
N PRO G 115 9.88 -26.68 -26.15
CA PRO G 115 9.40 -25.68 -27.09
C PRO G 115 8.13 -26.19 -27.79
N GLU G 116 7.49 -25.32 -28.56
CA GLU G 116 6.32 -25.73 -29.31
C GLU G 116 6.92 -26.29 -30.58
N GLU G 117 6.09 -26.78 -31.49
CA GLU G 117 6.59 -27.36 -32.74
C GLU G 117 7.79 -26.64 -33.39
N ASP G 118 7.66 -25.33 -33.61
CA ASP G 118 8.71 -24.55 -34.26
C ASP G 118 10.11 -24.65 -33.67
N GLN G 119 10.23 -25.25 -32.49
CA GLN G 119 11.53 -25.39 -31.87
C GLN G 119 12.22 -24.06 -31.58
N ILE G 120 11.47 -23.03 -31.21
CA ILE G 120 12.05 -21.73 -30.88
C ILE G 120 11.81 -21.40 -29.40
N LEU G 121 12.85 -20.90 -28.72
CA LEU G 121 12.73 -20.58 -27.30
C LEU G 121 13.39 -19.26 -27.04
N ALA G 122 12.79 -18.48 -26.14
CA ALA G 122 13.37 -17.18 -25.78
C ALA G 122 12.98 -16.80 -24.36
N ILE G 123 13.87 -16.12 -23.66
CA ILE G 123 13.56 -15.72 -22.29
C ILE G 123 14.16 -14.36 -22.06
N GLY G 124 13.82 -13.74 -20.92
CA GLY G 124 14.35 -12.42 -20.61
C GLY G 124 13.28 -11.38 -20.87
N SER G 125 13.47 -10.16 -20.37
CA SER G 125 12.50 -9.08 -20.57
C SER G 125 12.26 -8.90 -22.04
N GLY G 126 13.32 -8.95 -22.85
CA GLY G 126 13.19 -8.81 -24.30
C GLY G 126 12.95 -10.12 -25.02
N GLY G 127 12.40 -11.09 -24.29
CA GLY G 127 12.16 -12.40 -24.85
C GLY G 127 11.21 -12.46 -26.01
N ASN G 128 9.96 -12.09 -25.73
CA ASN G 128 8.91 -12.11 -26.72
C ASN G 128 9.26 -11.33 -27.97
N TYR G 129 10.03 -10.26 -27.83
CA TYR G 129 10.43 -9.50 -29.00
C TYR G 129 11.22 -10.44 -29.92
N ALA G 130 12.29 -11.05 -29.39
CA ALA G 130 13.12 -12.03 -30.12
C ALA G 130 12.27 -13.21 -30.58
N LEU G 131 11.36 -13.64 -29.72
CA LEU G 131 10.49 -14.73 -30.06
C LEU G 131 9.64 -14.36 -31.28
N SER G 132 9.02 -13.17 -31.30
CA SER G 132 8.21 -12.74 -32.44
C SER G 132 9.05 -12.65 -33.70
N ALA G 133 10.12 -11.86 -33.62
CA ALA G 133 11.00 -11.72 -34.76
C ALA G 133 11.41 -13.10 -35.27
N ALA G 134 11.80 -14.00 -34.36
CA ALA G 134 12.22 -15.36 -34.70
C ALA G 134 11.14 -16.20 -35.38
N ARG G 135 9.94 -16.20 -34.83
CA ARG G 135 8.88 -16.97 -35.44
C ARG G 135 8.64 -16.44 -36.85
N ALA G 136 8.67 -15.13 -37.01
CA ALA G 136 8.48 -14.53 -38.33
C ALA G 136 9.49 -15.03 -39.37
N LEU G 137 10.78 -14.97 -39.02
CA LEU G 137 11.85 -15.42 -39.91
C LEU G 137 11.85 -16.91 -40.17
N VAL G 138 11.58 -17.71 -39.15
CA VAL G 138 11.57 -19.15 -39.34
C VAL G 138 10.43 -19.55 -40.25
N GLU G 139 9.31 -18.86 -40.14
CA GLU G 139 8.14 -19.19 -40.95
C GLU G 139 8.12 -18.57 -42.36
N ASN G 140 8.98 -17.59 -42.62
CA ASN G 140 8.96 -16.92 -43.92
C ASN G 140 10.28 -16.70 -44.64
N THR G 141 11.32 -17.42 -44.27
CA THR G 141 12.60 -17.27 -44.98
C THR G 141 13.38 -18.57 -44.88
N GLU G 142 14.51 -18.63 -45.57
CA GLU G 142 15.35 -19.81 -45.56
C GLU G 142 16.61 -19.51 -44.78
N LEU G 143 16.58 -18.38 -44.06
CA LEU G 143 17.70 -17.97 -43.24
C LEU G 143 18.14 -19.09 -42.31
N SER G 144 19.45 -19.17 -42.06
CA SER G 144 19.99 -20.19 -41.19
C SER G 144 19.59 -19.89 -39.75
N ALA G 145 19.78 -20.86 -38.87
CA ALA G 145 19.45 -20.67 -37.47
C ALA G 145 20.25 -19.48 -36.95
N HIS G 146 21.55 -19.54 -37.18
CA HIS G 146 22.44 -18.50 -36.72
C HIS G 146 21.95 -17.11 -37.08
N GLU G 147 21.63 -16.91 -38.36
CA GLU G 147 21.16 -15.60 -38.84
C GLU G 147 19.89 -15.16 -38.08
N ILE G 148 18.90 -16.03 -38.04
CA ILE G 148 17.67 -15.71 -37.35
C ILE G 148 17.92 -15.28 -35.91
N VAL G 149 18.87 -15.94 -35.26
CA VAL G 149 19.17 -15.60 -33.88
C VAL G 149 19.72 -14.20 -33.84
N GLU G 150 20.81 -13.99 -34.59
CA GLU G 150 21.47 -12.70 -34.72
C GLU G 150 20.47 -11.60 -35.05
N LYS G 151 19.64 -11.83 -36.06
CA LYS G 151 18.66 -10.86 -36.46
C LYS G 151 17.64 -10.56 -35.35
N SER G 152 16.95 -11.57 -34.84
CA SER G 152 15.97 -11.37 -33.77
C SER G 152 16.57 -10.63 -32.54
N LEU G 153 17.77 -11.02 -32.16
CA LEU G 153 18.40 -10.41 -31.01
C LEU G 153 18.43 -8.92 -31.15
N ARG G 154 18.82 -8.43 -32.33
CA ARG G 154 18.87 -6.99 -32.53
C ARG G 154 17.48 -6.38 -32.49
N ILE G 155 16.55 -6.95 -33.25
CA ILE G 155 15.18 -6.44 -33.27
C ILE G 155 14.68 -6.26 -31.85
N ALA G 156 15.16 -7.09 -30.95
CA ALA G 156 14.71 -6.98 -29.59
C ALA G 156 15.53 -5.97 -28.80
N GLY G 157 16.83 -5.91 -29.05
CA GLY G 157 17.66 -4.97 -28.32
C GLY G 157 17.20 -3.56 -28.57
N ASP G 158 16.53 -3.40 -29.72
CA ASP G 158 16.02 -2.09 -30.17
C ASP G 158 14.73 -1.69 -29.48
N ILE G 159 14.04 -2.66 -28.90
CA ILE G 159 12.79 -2.40 -28.20
C ILE G 159 12.97 -2.45 -26.67
N CYS G 160 13.82 -3.35 -26.19
CA CYS G 160 14.01 -3.45 -24.74
C CYS G 160 15.14 -2.55 -24.26
N VAL G 161 14.80 -1.76 -23.25
CA VAL G 161 15.75 -0.82 -22.66
C VAL G 161 16.74 -1.53 -21.76
N PHE G 162 16.58 -2.84 -21.65
CA PHE G 162 17.44 -3.64 -20.81
C PHE G 162 18.34 -4.59 -21.59
N THR G 163 18.14 -4.60 -22.90
CA THR G 163 18.86 -5.41 -23.85
C THR G 163 19.63 -4.49 -24.78
N ASN G 164 20.93 -4.75 -24.91
CA ASN G 164 21.77 -3.95 -25.78
C ASN G 164 22.08 -4.73 -27.03
N THR G 165 23.08 -4.34 -27.78
CA THR G 165 23.34 -5.05 -29.03
C THR G 165 24.59 -5.92 -29.07
N ASN G 166 25.36 -5.88 -27.98
CA ASN G 166 26.58 -6.67 -27.86
C ASN G 166 26.14 -8.12 -27.62
N PHE G 167 26.14 -8.92 -28.69
CA PHE G 167 25.70 -10.31 -28.61
C PHE G 167 26.80 -11.33 -28.39
N THR G 168 26.39 -12.49 -27.89
CA THR G 168 27.30 -13.61 -27.67
C THR G 168 26.49 -14.77 -28.17
N ILE G 169 26.85 -15.29 -29.33
CA ILE G 169 26.11 -16.38 -29.91
C ILE G 169 26.94 -17.64 -29.97
N GLU G 170 26.27 -18.76 -29.72
CA GLU G 170 26.90 -20.06 -29.75
C GLU G 170 26.04 -21.01 -30.56
N GLU G 171 26.66 -21.79 -31.45
CA GLU G 171 25.90 -22.77 -32.21
C GLU G 171 26.45 -24.16 -31.92
N LEU G 172 25.68 -25.18 -32.25
CA LEU G 172 26.11 -26.55 -32.03
C LEU G 172 26.24 -27.31 -33.32
N PRO G 173 27.50 -27.54 -33.74
CA PRO G 173 27.73 -28.28 -34.97
C PRO G 173 26.85 -29.50 -34.83
N THR H 1 -5.65 -21.77 -16.34
CA THR H 1 -6.17 -22.85 -17.20
C THR H 1 -7.72 -23.08 -16.99
N THR H 2 -8.29 -24.15 -17.62
CA THR H 2 -9.72 -24.63 -17.45
C THR H 2 -9.64 -26.15 -17.51
N ILE H 3 -10.03 -26.80 -16.43
CA ILE H 3 -10.04 -28.26 -16.42
C ILE H 3 -11.42 -28.60 -15.92
N VAL H 4 -12.12 -29.45 -16.65
CA VAL H 4 -13.46 -29.83 -16.24
C VAL H 4 -13.63 -31.35 -16.38
N SER H 5 -14.53 -31.92 -15.60
CA SER H 5 -14.73 -33.34 -15.70
C SER H 5 -16.21 -33.65 -15.51
N VAL H 6 -16.73 -34.47 -16.41
CA VAL H 6 -18.13 -34.87 -16.34
C VAL H 6 -18.13 -36.38 -16.29
N ARG H 7 -19.07 -36.92 -15.53
CA ARG H 7 -19.20 -38.35 -15.39
C ARG H 7 -20.67 -38.62 -15.72
N ARG H 8 -20.90 -39.46 -16.74
CA ARG H 8 -22.24 -39.82 -17.17
C ARG H 8 -22.23 -41.11 -18.00
N ASN H 9 -23.11 -42.05 -17.63
CA ASN H 9 -23.26 -43.34 -18.29
C ASN H 9 -22.08 -44.29 -18.12
N GLY H 10 -21.53 -44.35 -16.91
CA GLY H 10 -20.41 -45.23 -16.63
C GLY H 10 -19.16 -44.74 -17.33
N GLN H 11 -19.19 -43.47 -17.70
CA GLN H 11 -18.07 -42.84 -18.37
C GLN H 11 -17.56 -41.70 -17.50
N VAL H 12 -16.25 -41.53 -17.43
CA VAL H 12 -15.68 -40.43 -16.67
C VAL H 12 -14.73 -39.78 -17.61
N VAL H 13 -14.89 -38.47 -17.81
CA VAL H 13 -14.00 -37.75 -18.69
C VAL H 13 -13.40 -36.56 -18.00
N VAL H 14 -12.13 -36.34 -18.26
CA VAL H 14 -11.41 -35.21 -17.70
C VAL H 14 -10.72 -34.53 -18.87
N GLY H 15 -10.97 -33.22 -19.03
CA GLY H 15 -10.36 -32.49 -20.13
C GLY H 15 -9.88 -31.13 -19.69
N GLY H 16 -8.98 -30.57 -20.47
CA GLY H 16 -8.43 -29.27 -20.16
C GLY H 16 -7.72 -28.67 -21.36
N ASP H 17 -7.52 -27.34 -21.34
CA ASP H 17 -6.86 -26.66 -22.45
C ASP H 17 -5.35 -26.84 -22.32
N GLY H 18 -4.59 -26.11 -23.13
CA GLY H 18 -3.15 -26.23 -23.08
C GLY H 18 -2.41 -24.91 -23.13
N GLN H 19 -2.90 -23.89 -22.43
CA GLN H 19 -2.23 -22.61 -22.51
C GLN H 19 -1.41 -22.28 -21.28
N VAL H 20 -0.10 -22.28 -21.42
CA VAL H 20 0.73 -21.95 -20.27
C VAL H 20 0.96 -20.46 -20.38
N SER H 21 0.45 -19.68 -19.43
CA SER H 21 0.64 -18.25 -19.51
C SER H 21 1.52 -17.63 -18.43
N LEU H 22 2.58 -16.97 -18.87
CA LEU H 22 3.52 -16.29 -17.98
C LEU H 22 3.17 -14.81 -18.02
N GLY H 23 2.53 -14.32 -16.98
CA GLY H 23 2.12 -12.92 -17.00
C GLY H 23 0.95 -12.80 -17.97
N ASN H 24 0.98 -11.76 -18.80
CA ASN H 24 -0.10 -11.62 -19.77
C ASN H 24 0.35 -12.05 -21.15
N THR H 25 1.43 -12.83 -21.19
CA THR H 25 1.91 -13.33 -22.47
C THR H 25 1.68 -14.83 -22.43
N VAL H 26 1.85 -15.48 -23.57
CA VAL H 26 1.65 -16.91 -23.65
C VAL H 26 2.91 -17.62 -24.07
N MET H 27 3.41 -18.48 -23.20
CA MET H 27 4.62 -19.24 -23.46
C MET H 27 4.43 -20.50 -24.27
N LYS H 28 3.47 -21.32 -23.89
CA LYS H 28 3.23 -22.56 -24.60
C LYS H 28 1.73 -22.73 -24.81
N GLY H 29 1.36 -23.30 -25.95
CA GLY H 29 -0.04 -23.47 -26.23
C GLY H 29 -0.49 -24.91 -26.29
N ASN H 30 0.47 -25.81 -26.45
CA ASN H 30 0.16 -27.22 -26.54
C ASN H 30 0.41 -28.02 -25.25
N ALA H 31 0.26 -27.39 -24.09
CA ALA H 31 0.48 -28.06 -22.82
C ALA H 31 -0.51 -29.19 -22.57
N ARG H 32 -0.08 -30.28 -21.92
CA ARG H 32 -1.00 -31.38 -21.61
C ARG H 32 -1.37 -31.26 -20.16
N LYS H 33 -2.48 -30.59 -19.85
CA LYS H 33 -2.86 -30.42 -18.46
C LYS H 33 -3.68 -31.56 -17.84
N VAL H 34 -3.78 -32.68 -18.54
CA VAL H 34 -4.50 -33.86 -18.03
C VAL H 34 -3.68 -35.07 -18.35
N ARG H 35 -3.38 -35.90 -17.35
CA ARG H 35 -2.57 -37.10 -17.61
C ARG H 35 -3.06 -38.35 -16.91
N ARG H 36 -2.59 -39.51 -17.34
CA ARG H 36 -3.02 -40.78 -16.72
C ARG H 36 -2.02 -41.27 -15.67
N LEU H 37 -2.54 -41.77 -14.55
CA LEU H 37 -1.71 -42.26 -13.46
C LEU H 37 -2.04 -43.70 -13.17
N TYR H 38 -1.22 -44.30 -12.32
CA TYR H 38 -1.38 -45.69 -11.90
C TYR H 38 -1.83 -46.62 -13.03
N ASN H 39 -0.91 -46.93 -13.94
CA ASN H 39 -1.22 -47.83 -15.03
C ASN H 39 -2.50 -47.38 -15.71
N GLY H 40 -2.50 -46.14 -16.17
CA GLY H 40 -3.65 -45.60 -16.87
C GLY H 40 -5.05 -45.85 -16.33
N LYS H 41 -5.18 -46.29 -15.07
CA LYS H 41 -6.50 -46.53 -14.52
C LYS H 41 -7.09 -45.29 -13.79
N VAL H 42 -6.37 -44.17 -13.81
CA VAL H 42 -6.87 -42.95 -13.15
C VAL H 42 -6.44 -41.63 -13.82
N LEU H 43 -7.40 -40.73 -13.99
CA LEU H 43 -7.19 -39.42 -14.63
C LEU H 43 -6.87 -38.29 -13.66
N ALA H 44 -5.94 -37.42 -14.06
CA ALA H 44 -5.52 -36.29 -13.25
C ALA H 44 -5.38 -35.05 -14.12
N GLY H 45 -6.03 -33.97 -13.70
CA GLY H 45 -5.95 -32.74 -14.45
C GLY H 45 -5.53 -31.71 -13.45
N PHE H 46 -4.62 -30.82 -13.81
CA PHE H 46 -4.19 -29.82 -12.83
C PHE H 46 -4.12 -28.36 -13.23
N ALA H 47 -4.54 -27.50 -12.31
CA ALA H 47 -4.55 -26.06 -12.48
C ALA H 47 -3.64 -25.49 -11.41
N GLY H 48 -3.44 -24.18 -11.44
CA GLY H 48 -2.57 -23.52 -10.48
C GLY H 48 -1.23 -23.19 -11.14
N GLY H 49 -0.22 -22.94 -10.33
CA GLY H 49 1.09 -22.62 -10.90
C GLY H 49 1.72 -23.90 -11.38
N THR H 50 2.42 -23.85 -12.50
CA THR H 50 3.06 -25.04 -13.10
C THR H 50 3.81 -25.98 -12.14
N ALA H 51 4.91 -25.51 -11.59
CA ALA H 51 5.72 -26.28 -10.68
C ALA H 51 4.89 -26.95 -9.59
N ASP H 52 4.22 -26.15 -8.76
CA ASP H 52 3.38 -26.71 -7.69
C ASP H 52 2.38 -27.70 -8.27
N ALA H 53 1.76 -27.31 -9.36
CA ALA H 53 0.80 -28.19 -10.00
C ALA H 53 1.49 -29.54 -10.19
N PHE H 54 2.68 -29.55 -10.77
CA PHE H 54 3.39 -30.80 -10.93
C PHE H 54 3.77 -31.47 -9.62
N THR H 55 4.27 -30.75 -8.64
CA THR H 55 4.64 -31.47 -7.44
C THR H 55 3.37 -32.06 -6.80
N LEU H 56 2.29 -31.30 -6.76
CA LEU H 56 1.04 -31.79 -6.14
C LEU H 56 0.61 -33.09 -6.83
N PHE H 57 0.88 -33.16 -8.13
CA PHE H 57 0.52 -34.31 -8.94
C PHE H 57 1.45 -35.46 -8.61
N GLU H 58 2.76 -35.23 -8.73
CA GLU H 58 3.75 -36.26 -8.44
C GLU H 58 3.56 -36.81 -7.03
N LEU H 59 3.05 -36.00 -6.13
CA LEU H 59 2.84 -36.46 -4.76
C LEU H 59 1.67 -37.44 -4.72
N PHE H 60 0.55 -37.05 -5.32
CA PHE H 60 -0.65 -37.90 -5.34
C PHE H 60 -0.29 -39.24 -5.95
N GLU H 61 0.63 -39.22 -6.91
CA GLU H 61 1.03 -40.44 -7.58
C GLU H 61 1.72 -41.41 -6.63
N ARG H 62 2.70 -40.92 -5.90
CA ARG H 62 3.44 -41.76 -4.97
C ARG H 62 2.44 -42.37 -4.01
N LYS H 63 1.40 -41.62 -3.68
CA LYS H 63 0.39 -42.13 -2.76
C LYS H 63 -0.41 -43.24 -3.45
N LEU H 64 -0.79 -42.97 -4.67
CA LEU H 64 -1.56 -43.96 -5.38
C LEU H 64 -0.79 -45.23 -5.46
N GLU H 65 0.53 -45.12 -5.58
CA GLU H 65 1.40 -46.30 -5.70
C GLU H 65 1.40 -47.10 -4.41
N MET H 66 1.42 -46.41 -3.28
CA MET H 66 1.45 -47.08 -2.01
C MET H 66 0.13 -47.63 -1.53
N HIS H 67 -0.96 -47.30 -2.22
CA HIS H 67 -2.30 -47.75 -1.80
C HIS H 67 -3.15 -48.45 -2.87
N GLN H 68 -2.50 -49.38 -3.58
CA GLN H 68 -3.16 -50.18 -4.61
C GLN H 68 -4.08 -49.34 -5.49
N GLY H 69 -3.78 -48.05 -5.60
CA GLY H 69 -4.56 -47.15 -6.42
C GLY H 69 -5.95 -46.82 -5.91
N HIS H 70 -6.19 -46.89 -4.61
CA HIS H 70 -7.53 -46.54 -4.13
C HIS H 70 -7.58 -45.03 -4.19
N LEU H 71 -8.29 -44.52 -5.18
CA LEU H 71 -8.39 -43.09 -5.39
C LEU H 71 -8.75 -42.39 -4.10
N LEU H 72 -9.89 -42.75 -3.53
CA LEU H 72 -10.35 -42.09 -2.32
C LEU H 72 -9.36 -42.11 -1.14
N LYS H 73 -8.82 -43.29 -0.83
CA LYS H 73 -7.89 -43.38 0.28
C LYS H 73 -6.63 -42.59 0.03
N SER H 74 -6.07 -42.71 -1.18
CA SER H 74 -4.86 -41.97 -1.53
C SER H 74 -5.06 -40.48 -1.31
N ALA H 75 -6.16 -39.92 -1.84
CA ALA H 75 -6.45 -38.51 -1.62
C ALA H 75 -6.41 -38.19 -0.12
N VAL H 76 -7.23 -38.88 0.68
CA VAL H 76 -7.19 -38.65 2.12
C VAL H 76 -5.79 -38.72 2.74
N GLU H 77 -5.06 -39.80 2.46
CA GLU H 77 -3.72 -39.98 2.99
C GLU H 77 -2.88 -38.74 2.69
N LEU H 78 -2.96 -38.30 1.44
CA LEU H 78 -2.20 -37.13 1.01
C LEU H 78 -2.65 -35.86 1.75
N ALA H 79 -3.96 -35.63 1.81
CA ALA H 79 -4.47 -34.47 2.52
C ALA H 79 -3.97 -34.46 3.95
N LYS H 80 -3.90 -35.65 4.57
CA LYS H 80 -3.44 -35.78 5.94
C LYS H 80 -1.98 -35.42 6.18
N ASP H 81 -1.23 -35.20 5.10
CA ASP H 81 0.18 -34.80 5.25
C ASP H 81 0.31 -33.28 5.25
N TRP H 82 -0.82 -32.60 5.45
CA TRP H 82 -0.87 -31.14 5.50
C TRP H 82 -1.63 -30.82 6.75
N ARG H 83 -2.63 -31.67 7.04
CA ARG H 83 -3.48 -31.51 8.22
C ARG H 83 -2.81 -32.04 9.49
N THR H 84 -1.54 -31.71 9.73
CA THR H 84 -0.86 -32.15 10.95
C THR H 84 0.05 -31.08 11.51
N ASP H 85 0.80 -31.47 12.54
CA ASP H 85 1.74 -30.59 13.23
C ASP H 85 2.77 -30.08 12.22
N ARG H 86 3.59 -31.00 11.74
CA ARG H 86 4.65 -30.71 10.78
C ARG H 86 4.15 -30.48 9.35
N ALA H 87 3.83 -29.22 9.04
CA ALA H 87 3.33 -28.85 7.70
C ALA H 87 4.10 -29.51 6.57
N LEU H 88 3.50 -29.55 5.40
CA LEU H 88 4.15 -30.14 4.27
C LEU H 88 4.69 -29.01 3.40
N ARG H 89 3.96 -27.89 3.34
CA ARG H 89 4.30 -26.72 2.51
C ARG H 89 3.17 -26.45 1.53
N LYS H 90 2.49 -25.33 1.73
CA LYS H 90 1.36 -24.98 0.90
C LYS H 90 1.68 -24.86 -0.59
N LEU H 91 0.99 -25.64 -1.42
CA LEU H 91 1.20 -25.62 -2.86
C LEU H 91 0.06 -24.82 -3.48
N GLU H 92 0.39 -23.93 -4.43
CA GLU H 92 -0.63 -23.14 -5.11
C GLU H 92 -1.01 -23.94 -6.35
N ALA H 93 -1.81 -24.99 -6.16
CA ALA H 93 -2.26 -25.85 -7.28
C ALA H 93 -3.35 -26.81 -6.87
N MET H 94 -4.27 -27.09 -7.77
CA MET H 94 -5.34 -28.01 -7.46
C MET H 94 -5.33 -29.14 -8.49
N LEU H 95 -5.86 -30.29 -8.11
CA LEU H 95 -5.97 -31.42 -9.02
C LEU H 95 -7.40 -31.89 -9.08
N ILE H 96 -7.81 -32.41 -10.24
CA ILE H 96 -9.11 -33.04 -10.36
C ILE H 96 -8.67 -34.43 -10.72
N VAL H 97 -9.02 -35.39 -9.87
CA VAL H 97 -8.61 -36.77 -10.11
C VAL H 97 -9.83 -37.66 -10.22
N ALA H 98 -9.75 -38.69 -11.06
CA ALA H 98 -10.87 -39.58 -11.19
C ALA H 98 -10.48 -40.95 -11.71
N ASP H 99 -11.17 -41.96 -11.21
CA ASP H 99 -10.98 -43.34 -11.66
C ASP H 99 -12.38 -43.90 -11.92
N GLU H 100 -12.46 -45.15 -12.37
CA GLU H 100 -13.75 -45.78 -12.67
C GLU H 100 -14.85 -45.44 -11.66
N LYS H 101 -14.54 -45.60 -10.38
CA LYS H 101 -15.50 -45.37 -9.29
C LYS H 101 -15.75 -43.91 -8.79
N GLU H 102 -14.69 -43.15 -8.54
CA GLU H 102 -14.81 -41.79 -8.01
C GLU H 102 -14.24 -40.60 -8.80
N SER H 103 -14.71 -39.41 -8.47
CA SER H 103 -14.23 -38.16 -9.04
C SER H 103 -13.95 -37.29 -7.81
N LEU H 104 -12.78 -36.67 -7.76
CA LEU H 104 -12.38 -35.89 -6.61
C LEU H 104 -11.61 -34.65 -7.01
N ILE H 105 -11.58 -33.67 -6.13
CA ILE H 105 -10.80 -32.45 -6.40
C ILE H 105 -9.92 -32.21 -5.16
N ILE H 106 -8.60 -32.34 -5.36
CA ILE H 106 -7.63 -32.20 -4.29
C ILE H 106 -6.87 -30.91 -4.39
N THR H 107 -6.61 -30.27 -3.24
CA THR H 107 -5.86 -29.02 -3.29
C THR H 107 -4.51 -29.10 -2.58
N GLY H 108 -3.69 -28.06 -2.81
CA GLY H 108 -2.35 -28.02 -2.27
C GLY H 108 -2.16 -27.60 -0.84
N ILE H 109 -3.24 -27.53 -0.07
CA ILE H 109 -3.11 -27.16 1.34
C ILE H 109 -3.78 -28.32 2.07
N GLY H 110 -4.04 -29.37 1.29
CA GLY H 110 -4.64 -30.58 1.81
C GLY H 110 -6.08 -30.50 2.24
N ASP H 111 -6.98 -30.98 1.40
CA ASP H 111 -8.42 -31.02 1.64
C ASP H 111 -9.01 -31.62 0.38
N VAL H 112 -9.68 -32.76 0.52
CA VAL H 112 -10.28 -33.40 -0.63
C VAL H 112 -11.74 -32.98 -0.64
N VAL H 113 -12.26 -32.68 -1.82
CA VAL H 113 -13.63 -32.22 -1.98
C VAL H 113 -14.35 -33.12 -2.94
N GLN H 114 -15.58 -33.51 -2.62
CA GLN H 114 -16.36 -34.36 -3.52
C GLN H 114 -17.30 -33.51 -4.32
N PRO H 115 -17.68 -33.96 -5.52
CA PRO H 115 -18.58 -33.15 -6.34
C PRO H 115 -19.96 -33.09 -5.72
N GLU H 116 -20.82 -32.21 -6.25
CA GLU H 116 -22.19 -32.18 -5.76
C GLU H 116 -22.88 -33.33 -6.52
N GLU H 117 -24.18 -33.50 -6.30
CA GLU H 117 -24.92 -34.58 -6.96
C GLU H 117 -24.60 -34.80 -8.45
N ASP H 118 -24.65 -33.74 -9.25
CA ASP H 118 -24.41 -33.83 -10.69
C ASP H 118 -23.10 -34.46 -11.14
N GLN H 119 -22.17 -34.69 -10.21
CA GLN H 119 -20.89 -35.32 -10.55
C GLN H 119 -20.03 -34.52 -11.55
N ILE H 120 -20.12 -33.19 -11.50
CA ILE H 120 -19.34 -32.31 -12.38
C ILE H 120 -18.31 -31.55 -11.54
N LEU H 121 -17.07 -31.50 -12.04
CA LEU H 121 -15.99 -30.81 -11.35
C LEU H 121 -15.22 -29.96 -12.34
N ALA H 122 -14.82 -28.77 -11.92
CA ALA H 122 -14.04 -27.91 -12.79
C ALA H 122 -13.11 -27.04 -11.96
N ILE H 123 -11.92 -26.75 -12.49
CA ILE H 123 -10.97 -25.89 -11.78
C ILE H 123 -10.23 -25.00 -12.77
N GLY H 124 -9.53 -24.01 -12.27
CA GLY H 124 -8.81 -23.14 -13.17
C GLY H 124 -9.50 -21.81 -13.33
N SER H 125 -8.77 -20.81 -13.80
CA SER H 125 -9.36 -19.48 -13.99
C SER H 125 -10.69 -19.53 -14.79
N GLY H 126 -10.76 -20.43 -15.79
CA GLY H 126 -11.97 -20.56 -16.58
C GLY H 126 -12.82 -21.73 -16.08
N GLY H 127 -12.65 -22.04 -14.81
CA GLY H 127 -13.37 -23.16 -14.22
C GLY H 127 -14.87 -23.06 -14.27
N ASN H 128 -15.40 -21.99 -13.64
CA ASN H 128 -16.83 -21.76 -13.56
C ASN H 128 -17.50 -21.65 -14.92
N TYR H 129 -16.77 -21.13 -15.91
CA TYR H 129 -17.34 -21.05 -17.24
C TYR H 129 -17.67 -22.47 -17.68
N ALA H 130 -16.64 -23.32 -17.71
CA ALA H 130 -16.83 -24.73 -18.07
C ALA H 130 -17.88 -25.34 -17.17
N LEU H 131 -17.82 -25.03 -15.88
CA LEU H 131 -18.77 -25.58 -14.93
C LEU H 131 -20.21 -25.21 -15.31
N SER H 132 -20.44 -23.93 -15.66
CA SER H 132 -21.77 -23.47 -16.04
C SER H 132 -22.25 -24.18 -17.29
N ALA H 133 -21.44 -24.08 -18.34
CA ALA H 133 -21.78 -24.72 -19.59
C ALA H 133 -22.05 -26.23 -19.36
N ALA H 134 -21.22 -26.89 -18.55
CA ALA H 134 -21.38 -28.31 -18.28
C ALA H 134 -22.67 -28.60 -17.55
N ARG H 135 -23.00 -27.81 -16.54
CA ARG H 135 -24.24 -28.05 -15.81
C ARG H 135 -25.41 -27.91 -16.78
N ALA H 136 -25.38 -26.87 -17.61
CA ALA H 136 -26.44 -26.68 -18.60
C ALA H 136 -26.64 -27.94 -19.44
N LEU H 137 -25.60 -28.39 -20.13
CA LEU H 137 -25.69 -29.58 -20.96
C LEU H 137 -26.08 -30.89 -20.25
N VAL H 138 -25.55 -31.12 -19.06
CA VAL H 138 -25.89 -32.34 -18.34
C VAL H 138 -27.37 -32.35 -17.97
N GLU H 139 -27.88 -31.19 -17.58
CA GLU H 139 -29.28 -31.06 -17.17
C GLU H 139 -30.30 -30.96 -18.33
N ASN H 140 -29.84 -30.56 -19.52
CA ASN H 140 -30.76 -30.39 -20.65
C ASN H 140 -30.47 -31.14 -21.95
N THR H 141 -29.60 -32.14 -21.96
CA THR H 141 -29.32 -32.89 -23.20
C THR H 141 -28.93 -34.29 -22.87
N GLU H 142 -28.80 -35.12 -23.89
CA GLU H 142 -28.40 -36.51 -23.68
C GLU H 142 -26.97 -36.70 -24.13
N LEU H 143 -26.30 -35.57 -24.40
CA LEU H 143 -24.93 -35.55 -24.83
C LEU H 143 -24.09 -36.43 -23.94
N SER H 144 -23.11 -37.11 -24.52
CA SER H 144 -22.22 -37.99 -23.76
C SER H 144 -21.30 -37.15 -22.90
N ALA H 145 -20.66 -37.80 -21.93
CA ALA H 145 -19.72 -37.10 -21.06
C ALA H 145 -18.68 -36.38 -21.93
N HIS H 146 -18.03 -37.15 -22.79
CA HIS H 146 -17.01 -36.63 -23.67
C HIS H 146 -17.41 -35.35 -24.42
N GLU H 147 -18.60 -35.36 -25.00
CA GLU H 147 -19.10 -34.21 -25.77
C GLU H 147 -19.26 -33.00 -24.86
N ILE H 148 -19.91 -33.18 -23.73
CA ILE H 148 -20.11 -32.08 -22.79
C ILE H 148 -18.79 -31.45 -22.37
N VAL H 149 -17.78 -32.30 -22.14
CA VAL H 149 -16.46 -31.84 -21.74
C VAL H 149 -15.93 -30.97 -22.87
N GLU H 150 -15.82 -31.58 -24.05
CA GLU H 150 -15.35 -30.91 -25.24
C GLU H 150 -16.08 -29.59 -25.44
N LYS H 151 -17.41 -29.62 -25.39
CA LYS H 151 -18.21 -28.41 -25.57
C LYS H 151 -17.92 -27.34 -24.50
N SER H 152 -18.09 -27.68 -23.23
CA SER H 152 -17.82 -26.72 -22.16
C SER H 152 -16.44 -26.07 -22.28
N LEU H 153 -15.40 -26.88 -22.46
CA LEU H 153 -14.03 -26.37 -22.57
C LEU H 153 -13.95 -25.19 -23.51
N ARG H 154 -14.51 -25.34 -24.71
CA ARG H 154 -14.48 -24.27 -25.70
C ARG H 154 -15.24 -23.03 -25.24
N ILE H 155 -16.45 -23.25 -24.73
CA ILE H 155 -17.28 -22.15 -24.26
C ILE H 155 -16.49 -21.34 -23.28
N ALA H 156 -15.59 -22.01 -22.58
CA ALA H 156 -14.76 -21.36 -21.58
C ALA H 156 -13.48 -20.75 -22.17
N GLY H 157 -12.87 -21.43 -23.12
CA GLY H 157 -11.68 -20.88 -23.72
C GLY H 157 -11.99 -19.58 -24.42
N ASP H 158 -13.27 -19.41 -24.75
CA ASP H 158 -13.77 -18.23 -25.44
C ASP H 158 -13.98 -17.06 -24.50
N ILE H 159 -14.09 -17.35 -23.21
CA ILE H 159 -14.30 -16.28 -22.24
C ILE H 159 -13.03 -15.99 -21.43
N CYS H 160 -12.25 -17.03 -21.16
CA CYS H 160 -11.03 -16.84 -20.39
C CYS H 160 -9.83 -16.53 -21.26
N VAL H 161 -9.16 -15.44 -20.93
CA VAL H 161 -8.00 -15.01 -21.68
C VAL H 161 -6.78 -15.85 -21.32
N PHE H 162 -7.00 -16.82 -20.46
CA PHE H 162 -5.90 -17.67 -20.05
C PHE H 162 -6.08 -19.11 -20.48
N THR H 163 -7.23 -19.36 -21.12
CA THR H 163 -7.58 -20.66 -21.63
C THR H 163 -7.69 -20.58 -23.15
N ASN H 164 -7.02 -21.50 -23.83
CA ASN H 164 -7.06 -21.51 -25.28
C ASN H 164 -7.97 -22.63 -25.72
N THR H 165 -7.89 -23.02 -26.97
CA THR H 165 -8.78 -24.05 -27.44
C THR H 165 -8.14 -25.39 -27.73
N ASN H 166 -6.81 -25.46 -27.56
CA ASN H 166 -6.07 -26.70 -27.78
C ASN H 166 -6.36 -27.62 -26.58
N PHE H 167 -7.29 -28.56 -26.73
CA PHE H 167 -7.67 -29.44 -25.64
C PHE H 167 -6.95 -30.78 -25.53
N THR H 168 -7.00 -31.36 -24.34
CA THR H 168 -6.40 -32.66 -24.12
C THR H 168 -7.45 -33.35 -23.28
N ILE H 169 -8.19 -34.28 -23.89
CA ILE H 169 -9.24 -34.96 -23.17
C ILE H 169 -8.97 -36.42 -22.99
N GLU H 170 -9.26 -36.90 -21.80
CA GLU H 170 -9.08 -38.30 -21.43
C GLU H 170 -10.38 -38.85 -20.82
N GLU H 171 -10.79 -40.03 -21.26
CA GLU H 171 -11.99 -40.63 -20.71
C GLU H 171 -11.62 -41.96 -20.12
N LEU H 172 -12.47 -42.47 -19.25
CA LEU H 172 -12.19 -43.76 -18.62
C LEU H 172 -13.21 -44.79 -19.00
N PRO H 173 -12.78 -45.78 -19.79
CA PRO H 173 -13.66 -46.85 -20.23
C PRO H 173 -14.26 -47.38 -18.93
N THR I 1 -19.05 -19.23 6.41
CA THR I 1 -20.21 -20.02 6.83
C THR I 1 -21.02 -19.37 7.99
N THR I 2 -22.03 -20.11 8.54
CA THR I 2 -22.83 -19.76 9.75
C THR I 2 -23.07 -21.04 10.60
N ILE I 3 -22.52 -21.11 11.82
CA ILE I 3 -22.67 -22.29 12.67
C ILE I 3 -23.18 -21.74 13.96
N VAL I 4 -24.30 -22.27 14.41
CA VAL I 4 -24.86 -21.80 15.67
C VAL I 4 -25.25 -23.01 16.54
N SER I 5 -25.31 -22.77 17.83
CA SER I 5 -25.65 -23.82 18.76
C SER I 5 -26.47 -23.28 19.91
N VAL I 6 -27.64 -23.90 20.12
CA VAL I 6 -28.50 -23.52 21.23
C VAL I 6 -28.66 -24.76 22.13
N ARG I 7 -28.71 -24.50 23.43
CA ARG I 7 -28.85 -25.54 24.42
C ARG I 7 -30.01 -25.10 25.28
N ARG I 8 -31.07 -25.93 25.29
CA ARG I 8 -32.28 -25.65 26.06
C ARG I 8 -33.05 -26.93 26.30
N ASN I 9 -33.45 -27.12 27.56
CA ASN I 9 -34.23 -28.28 27.99
C ASN I 9 -33.48 -29.60 27.90
N GLY I 10 -32.22 -29.59 28.34
CA GLY I 10 -31.42 -30.81 28.32
C GLY I 10 -31.10 -31.26 26.91
N GLN I 11 -31.29 -30.34 25.99
CA GLN I 11 -31.06 -30.59 24.58
C GLN I 11 -29.94 -29.68 24.12
N VAL I 12 -29.03 -30.22 23.30
CA VAL I 12 -27.98 -29.40 22.75
C VAL I 12 -28.02 -29.61 21.27
N VAL I 13 -28.06 -28.50 20.53
CA VAL I 13 -28.10 -28.59 19.08
C VAL I 13 -27.04 -27.73 18.48
N VAL I 14 -26.45 -28.25 17.40
CA VAL I 14 -25.42 -27.56 16.67
C VAL I 14 -25.77 -27.64 15.18
N GLY I 15 -25.97 -26.48 14.56
CA GLY I 15 -26.33 -26.48 13.15
C GLY I 15 -25.50 -25.51 12.35
N GLY I 16 -25.47 -25.74 11.03
CA GLY I 16 -24.70 -24.90 10.11
C GLY I 16 -25.09 -25.11 8.66
N ASP I 17 -24.81 -24.12 7.80
CA ASP I 17 -25.16 -24.22 6.39
C ASP I 17 -24.15 -25.10 5.68
N GLY I 18 -24.16 -25.09 4.34
CA GLY I 18 -23.26 -25.94 3.58
C GLY I 18 -22.66 -25.31 2.33
N GLN I 19 -22.39 -24.01 2.41
CA GLN I 19 -21.84 -23.33 1.25
C GLN I 19 -20.34 -23.12 1.29
N VAL I 20 -19.61 -23.94 0.55
CA VAL I 20 -18.16 -23.74 0.52
C VAL I 20 -17.91 -22.69 -0.55
N SER I 21 -17.46 -21.51 -0.14
CA SER I 21 -17.25 -20.44 -1.11
C SER I 21 -15.79 -20.10 -1.39
N LEU I 22 -15.40 -20.20 -2.67
CA LEU I 22 -14.05 -19.89 -3.10
C LEU I 22 -14.07 -18.50 -3.77
N GLY I 23 -13.55 -17.49 -3.10
CA GLY I 23 -13.60 -16.17 -3.69
C GLY I 23 -15.04 -15.74 -3.56
N ASN I 24 -15.60 -15.15 -4.62
CA ASN I 24 -16.99 -14.75 -4.55
C ASN I 24 -17.84 -15.70 -5.35
N THR I 25 -17.31 -16.88 -5.61
CA THR I 25 -18.08 -17.88 -6.35
C THR I 25 -18.38 -18.98 -5.37
N VAL I 26 -19.25 -19.89 -5.74
CA VAL I 26 -19.61 -20.96 -4.85
C VAL I 26 -19.23 -22.30 -5.40
N MET I 27 -18.30 -22.99 -4.73
CA MET I 27 -17.87 -24.30 -5.16
C MET I 27 -18.82 -25.44 -4.84
N LYS I 28 -19.19 -25.57 -3.57
CA LYS I 28 -20.07 -26.65 -3.13
C LYS I 28 -21.16 -26.08 -2.24
N GLY I 29 -22.37 -26.61 -2.38
CA GLY I 29 -23.48 -26.12 -1.58
C GLY I 29 -23.99 -27.10 -0.54
N ASN I 30 -23.63 -28.37 -0.69
CA ASN I 30 -24.08 -29.40 0.23
C ASN I 30 -23.04 -29.85 1.25
N ALA I 31 -22.17 -28.94 1.68
CA ALA I 31 -21.12 -29.26 2.63
C ALA I 31 -21.67 -29.55 4.01
N ARG I 32 -21.08 -30.54 4.72
CA ARG I 32 -21.52 -30.85 6.08
C ARG I 32 -20.58 -30.16 7.07
N LYS I 33 -20.96 -28.99 7.53
CA LYS I 33 -20.11 -28.26 8.45
C LYS I 33 -20.22 -28.61 9.92
N VAL I 34 -21.02 -29.64 10.22
CA VAL I 34 -21.22 -30.11 11.60
C VAL I 34 -21.13 -31.63 11.61
N ARG I 35 -20.30 -32.17 12.49
CA ARG I 35 -20.12 -33.61 12.53
C ARG I 35 -20.00 -34.17 13.95
N ARG I 36 -20.21 -35.48 14.06
CA ARG I 36 -20.16 -36.15 15.35
C ARG I 36 -18.80 -36.79 15.66
N LEU I 37 -18.32 -36.60 16.88
CA LEU I 37 -17.03 -37.11 17.31
C LEU I 37 -17.19 -38.02 18.52
N TYR I 38 -16.11 -38.75 18.82
CA TYR I 38 -16.08 -39.66 19.97
C TYR I 38 -17.37 -40.47 20.13
N ASN I 39 -17.54 -41.47 19.27
CA ASN I 39 -18.69 -42.35 19.30
C ASN I 39 -19.97 -41.53 19.43
N GLY I 40 -20.19 -40.65 18.46
CA GLY I 40 -21.36 -39.80 18.42
C GLY I 40 -21.84 -39.14 19.70
N LYS I 41 -20.97 -39.02 20.69
CA LYS I 41 -21.41 -38.42 21.95
C LYS I 41 -21.05 -36.93 22.06
N VAL I 42 -20.48 -36.37 21.00
CA VAL I 42 -20.08 -34.96 21.00
C VAL I 42 -20.16 -34.31 19.61
N LEU I 43 -20.79 -33.15 19.55
CA LEU I 43 -20.95 -32.41 18.30
C LEU I 43 -19.85 -31.37 18.04
N ALA I 44 -19.48 -31.21 16.77
CA ALA I 44 -18.48 -30.22 16.36
C ALA I 44 -18.88 -29.54 15.05
N GLY I 45 -18.90 -28.22 15.06
CA GLY I 45 -19.22 -27.46 13.86
C GLY I 45 -18.05 -26.54 13.61
N PHE I 46 -17.63 -26.39 12.35
CA PHE I 46 -16.47 -25.55 12.09
C PHE I 46 -16.57 -24.54 11.00
N ALA I 47 -16.10 -23.34 11.30
CA ALA I 47 -16.05 -22.21 10.37
C ALA I 47 -14.57 -21.89 10.06
N GLY I 48 -14.34 -20.88 9.23
CA GLY I 48 -12.98 -20.49 8.87
C GLY I 48 -12.56 -21.13 7.56
N GLY I 49 -11.25 -21.26 7.31
CA GLY I 49 -10.75 -21.87 6.08
C GLY I 49 -10.92 -23.38 6.12
N THR I 50 -11.35 -23.99 5.01
CA THR I 50 -11.59 -25.43 4.95
C THR I 50 -10.50 -26.31 5.56
N ALA I 51 -9.33 -26.35 4.94
CA ALA I 51 -8.24 -27.19 5.45
C ALA I 51 -7.96 -26.98 6.95
N ASP I 52 -7.68 -25.76 7.35
CA ASP I 52 -7.41 -25.49 8.76
C ASP I 52 -8.59 -25.95 9.63
N ALA I 53 -9.79 -25.61 9.19
CA ALA I 53 -10.99 -26.00 9.89
C ALA I 53 -10.89 -27.48 10.11
N PHE I 54 -10.62 -28.25 9.05
CA PHE I 54 -10.46 -29.70 9.22
C PHE I 54 -9.33 -30.11 10.16
N THR I 55 -8.11 -29.60 9.95
CA THR I 55 -7.02 -30.00 10.84
C THR I 55 -7.38 -29.63 12.31
N LEU I 56 -7.97 -28.45 12.51
CA LEU I 56 -8.33 -28.00 13.84
C LEU I 56 -9.31 -28.99 14.45
N PHE I 57 -10.11 -29.61 13.59
CA PHE I 57 -11.11 -30.58 14.01
C PHE I 57 -10.45 -31.92 14.30
N GLU I 58 -9.70 -32.43 13.33
CA GLU I 58 -9.02 -33.68 13.51
C GLU I 58 -8.11 -33.62 14.71
N LEU I 59 -7.65 -32.43 15.08
CA LEU I 59 -6.76 -32.35 16.23
C LEU I 59 -7.56 -32.56 17.52
N PHE I 60 -8.66 -31.85 17.66
CA PHE I 60 -9.52 -31.93 18.84
C PHE I 60 -9.99 -33.35 19.04
N GLU I 61 -10.13 -34.08 17.94
CA GLU I 61 -10.56 -35.46 17.99
C GLU I 61 -9.51 -36.33 18.65
N ARG I 62 -8.28 -36.24 18.19
CA ARG I 62 -7.21 -37.04 18.76
C ARG I 62 -7.14 -36.74 20.25
N LYS I 63 -7.40 -35.50 20.61
CA LYS I 63 -7.37 -35.14 22.03
C LYS I 63 -8.54 -35.88 22.75
N LEU I 64 -9.73 -35.77 22.17
CA LEU I 64 -10.91 -36.39 22.74
C LEU I 64 -10.70 -37.87 22.95
N GLU I 65 -9.93 -38.47 22.06
CA GLU I 65 -9.65 -39.91 22.13
C GLU I 65 -8.79 -40.22 23.32
N MET I 66 -7.76 -39.42 23.56
CA MET I 66 -6.86 -39.61 24.68
C MET I 66 -7.41 -39.24 26.07
N HIS I 67 -8.56 -38.57 26.13
CA HIS I 67 -9.15 -38.14 27.40
C HIS I 67 -10.57 -38.61 27.72
N GLN I 68 -10.86 -39.86 27.39
CA GLN I 68 -12.17 -40.43 27.70
C GLN I 68 -13.31 -39.54 27.26
N GLY I 69 -13.06 -38.68 26.29
CA GLY I 69 -14.10 -37.79 25.79
C GLY I 69 -14.47 -36.63 26.69
N HIS I 70 -13.63 -36.24 27.64
CA HIS I 70 -13.98 -35.10 28.48
C HIS I 70 -13.80 -33.89 27.60
N LEU I 71 -14.93 -33.33 27.16
CA LEU I 71 -14.99 -32.15 26.29
C LEU I 71 -14.13 -31.01 26.86
N LEU I 72 -14.47 -30.56 28.07
CA LEU I 72 -13.74 -29.47 28.67
C LEU I 72 -12.22 -29.68 28.75
N LYS I 73 -11.80 -30.82 29.31
CA LYS I 73 -10.37 -31.11 29.42
C LYS I 73 -9.70 -31.22 28.08
N SER I 74 -10.34 -31.89 27.13
CA SER I 74 -9.74 -32.03 25.81
C SER I 74 -9.47 -30.66 25.22
N ALA I 75 -10.45 -29.76 25.36
CA ALA I 75 -10.30 -28.41 24.83
C ALA I 75 -9.07 -27.77 25.44
N VAL I 76 -9.02 -27.71 26.77
CA VAL I 76 -7.85 -27.12 27.39
C VAL I 76 -6.52 -27.77 26.96
N GLU I 77 -6.45 -29.10 27.01
CA GLU I 77 -5.24 -29.80 26.61
C GLU I 77 -4.78 -29.33 25.24
N LEU I 78 -5.73 -29.22 24.34
CA LEU I 78 -5.41 -28.81 22.99
C LEU I 78 -5.00 -27.35 23.00
N ALA I 79 -5.67 -26.51 23.79
CA ALA I 79 -5.31 -25.10 23.78
C ALA I 79 -3.87 -24.96 24.20
N LYS I 80 -3.51 -25.70 25.24
CA LYS I 80 -2.15 -25.63 25.77
C LYS I 80 -1.07 -26.01 24.77
N ASP I 81 -1.45 -26.54 23.62
CA ASP I 81 -0.44 -26.91 22.64
C ASP I 81 -0.19 -25.77 21.67
N TRP I 82 -0.61 -24.57 22.08
CA TRP I 82 -0.40 -23.33 21.31
C TRP I 82 0.21 -22.36 22.30
N ARG I 83 -0.33 -22.37 23.52
CA ARG I 83 0.11 -21.50 24.62
C ARG I 83 1.41 -21.94 25.25
N THR I 84 2.40 -22.32 24.45
CA THR I 84 3.71 -22.71 24.98
C THR I 84 4.88 -22.15 24.17
N ASP I 85 6.07 -22.60 24.52
CA ASP I 85 7.31 -22.17 23.86
C ASP I 85 7.24 -22.52 22.38
N ARG I 86 7.21 -23.83 22.12
CA ARG I 86 7.17 -24.39 20.77
C ARG I 86 5.76 -24.34 20.16
N ALA I 87 5.46 -23.23 19.46
CA ALA I 87 4.16 -23.04 18.82
C ALA I 87 3.69 -24.27 18.08
N LEU I 88 2.40 -24.29 17.78
CA LEU I 88 1.85 -25.42 17.08
C LEU I 88 1.70 -25.02 15.61
N ARG I 89 1.28 -23.78 15.37
CA ARG I 89 1.05 -23.23 14.02
C ARG I 89 -0.36 -22.72 14.02
N LYS I 90 -0.49 -21.40 13.89
CA LYS I 90 -1.78 -20.75 13.89
C LYS I 90 -2.71 -21.26 12.75
N LEU I 91 -3.90 -21.72 13.13
CA LEU I 91 -4.85 -22.22 12.17
C LEU I 91 -5.96 -21.21 12.02
N GLU I 92 -6.33 -20.87 10.79
CA GLU I 92 -7.40 -19.89 10.57
C GLU I 92 -8.75 -20.62 10.57
N ALA I 93 -9.21 -21.04 11.75
CA ALA I 93 -10.47 -21.77 11.86
C ALA I 93 -10.94 -21.87 13.30
N MET I 94 -12.26 -21.94 13.51
CA MET I 94 -12.84 -22.05 14.85
C MET I 94 -13.77 -23.23 14.91
N LEU I 95 -13.96 -23.79 16.11
CA LEU I 95 -14.87 -24.91 16.27
C LEU I 95 -15.86 -24.62 17.35
N ILE I 96 -17.07 -25.14 17.21
CA ILE I 96 -18.06 -25.01 18.26
C ILE I 96 -18.25 -26.46 18.58
N VAL I 97 -17.91 -26.83 19.80
CA VAL I 97 -18.03 -28.22 20.19
C VAL I 97 -18.97 -28.33 21.38
N ALA I 98 -19.68 -29.45 21.45
CA ALA I 98 -20.59 -29.64 22.56
C ALA I 98 -20.92 -31.10 22.78
N ASP I 99 -21.17 -31.43 24.05
CA ASP I 99 -21.57 -32.78 24.43
C ASP I 99 -22.72 -32.59 25.43
N GLU I 100 -23.26 -33.68 25.95
CA GLU I 100 -24.37 -33.60 26.91
C GLU I 100 -24.20 -32.51 27.95
N LYS I 101 -23.03 -32.44 28.58
CA LYS I 101 -22.75 -31.46 29.62
C LYS I 101 -22.31 -30.03 29.22
N GLU I 102 -21.36 -29.90 28.31
CA GLU I 102 -20.86 -28.57 27.91
C GLU I 102 -20.93 -28.11 26.45
N SER I 103 -20.84 -26.80 26.27
CA SER I 103 -20.83 -26.19 24.94
C SER I 103 -19.60 -25.31 25.01
N LEU I 104 -18.77 -25.35 23.97
CA LEU I 104 -17.52 -24.60 23.99
C LEU I 104 -17.15 -24.10 22.61
N ILE I 105 -16.35 -23.06 22.57
CA ILE I 105 -15.91 -22.55 21.26
C ILE I 105 -14.38 -22.47 21.32
N ILE I 106 -13.73 -23.28 20.47
CA ILE I 106 -12.28 -23.42 20.39
C ILE I 106 -11.74 -22.77 19.14
N THR I 107 -10.61 -22.07 19.25
CA THR I 107 -10.04 -21.47 18.05
C THR I 107 -8.65 -22.03 17.69
N GLY I 108 -8.20 -21.69 16.49
CA GLY I 108 -6.93 -22.19 16.00
C GLY I 108 -5.67 -21.53 16.50
N ILE I 109 -5.78 -20.68 17.52
CA ILE I 109 -4.58 -20.04 18.07
C ILE I 109 -4.58 -20.42 19.52
N GLY I 110 -5.46 -21.36 19.82
CA GLY I 110 -5.56 -21.90 21.15
C GLY I 110 -6.08 -20.96 22.19
N ASP I 111 -7.33 -21.18 22.57
CA ASP I 111 -8.04 -20.41 23.59
C ASP I 111 -9.47 -20.93 23.52
N VAL I 112 -9.93 -21.53 24.61
CA VAL I 112 -11.27 -22.07 24.65
C VAL I 112 -12.11 -20.94 25.24
N VAL I 113 -13.33 -20.81 24.74
CA VAL I 113 -14.23 -19.79 25.22
C VAL I 113 -15.53 -20.45 25.64
N GLN I 114 -16.10 -20.01 26.77
CA GLN I 114 -17.38 -20.51 27.23
C GLN I 114 -18.47 -19.54 26.86
N PRO I 115 -19.70 -20.03 26.64
CA PRO I 115 -20.79 -19.14 26.27
C PRO I 115 -21.13 -18.20 27.41
N GLU I 116 -22.01 -17.24 27.15
CA GLU I 116 -22.46 -16.36 28.20
C GLU I 116 -23.62 -17.13 28.80
N GLU I 117 -24.25 -16.56 29.82
CA GLU I 117 -25.37 -17.23 30.48
C GLU I 117 -26.33 -18.00 29.56
N ASP I 118 -26.91 -17.30 28.57
CA ASP I 118 -27.87 -17.91 27.65
C ASP I 118 -27.47 -19.23 26.96
N GLN I 119 -26.21 -19.63 27.10
CA GLN I 119 -25.75 -20.87 26.50
C GLN I 119 -25.86 -20.95 24.96
N ILE I 120 -25.74 -19.80 24.28
CA ILE I 120 -25.80 -19.71 22.81
C ILE I 120 -24.42 -19.39 22.21
N LEU I 121 -24.04 -20.13 21.17
CA LEU I 121 -22.75 -19.93 20.52
C LEU I 121 -22.93 -19.93 19.01
N ALA I 122 -22.23 -19.03 18.34
CA ALA I 122 -22.31 -18.98 16.87
C ALA I 122 -20.97 -18.47 16.34
N ILE I 123 -20.58 -18.95 15.16
CA ILE I 123 -19.31 -18.55 14.54
C ILE I 123 -19.51 -18.48 13.02
N GLY I 124 -18.55 -17.89 12.32
CA GLY I 124 -18.67 -17.79 10.88
C GLY I 124 -19.08 -16.39 10.49
N SER I 125 -18.90 -16.06 9.21
CA SER I 125 -19.24 -14.72 8.72
C SER I 125 -20.69 -14.37 9.05
N GLY I 126 -21.57 -15.39 9.01
CA GLY I 126 -22.96 -15.16 9.34
C GLY I 126 -23.27 -15.48 10.79
N GLY I 127 -22.23 -15.48 11.62
CA GLY I 127 -22.44 -15.81 13.04
C GLY I 127 -23.38 -14.92 13.85
N ASN I 128 -23.01 -13.65 13.97
CA ASN I 128 -23.82 -12.70 14.72
C ASN I 128 -25.26 -12.62 14.25
N TYR I 129 -25.49 -12.94 12.98
CA TYR I 129 -26.84 -12.92 12.46
C TYR I 129 -27.58 -14.01 13.22
N ALA I 130 -27.09 -15.25 13.10
CA ALA I 130 -27.70 -16.39 13.80
C ALA I 130 -27.72 -16.13 15.31
N LEU I 131 -26.67 -15.49 15.79
CA LEU I 131 -26.60 -15.23 17.21
C LEU I 131 -27.74 -14.31 17.62
N SER I 132 -27.96 -13.21 16.87
CA SER I 132 -29.03 -12.25 17.16
C SER I 132 -30.40 -12.91 17.10
N ALA I 133 -30.66 -13.54 15.97
CA ALA I 133 -31.93 -14.25 15.82
C ALA I 133 -32.10 -15.22 16.98
N ALA I 134 -31.06 -15.99 17.30
CA ALA I 134 -31.14 -16.97 18.38
C ALA I 134 -31.46 -16.37 19.75
N ARG I 135 -30.72 -15.33 20.11
CA ARG I 135 -30.95 -14.71 21.40
C ARG I 135 -32.43 -14.27 21.45
N ALA I 136 -32.90 -13.62 20.38
CA ALA I 136 -34.30 -13.18 20.34
C ALA I 136 -35.27 -14.33 20.66
N LEU I 137 -35.14 -15.44 19.95
CA LEU I 137 -36.01 -16.60 20.17
C LEU I 137 -35.84 -17.25 21.53
N VAL I 138 -34.63 -17.35 22.03
CA VAL I 138 -34.49 -17.99 23.31
C VAL I 138 -35.12 -17.13 24.39
N GLU I 139 -34.97 -15.82 24.26
CA GLU I 139 -35.52 -14.90 25.25
C GLU I 139 -37.02 -14.61 25.12
N ASN I 140 -37.62 -14.89 23.98
CA ASN I 140 -39.04 -14.57 23.80
C ASN I 140 -39.99 -15.67 23.31
N THR I 141 -39.58 -16.94 23.35
CA THR I 141 -40.47 -18.02 22.90
C THR I 141 -40.16 -19.30 23.64
N GLU I 142 -40.99 -20.31 23.47
CA GLU I 142 -40.79 -21.58 24.12
C GLU I 142 -40.31 -22.59 23.12
N LEU I 143 -39.90 -22.08 21.95
CA LEU I 143 -39.38 -22.90 20.88
C LEU I 143 -38.25 -23.82 21.37
N SER I 144 -38.23 -25.05 20.87
CA SER I 144 -37.20 -25.99 21.25
C SER I 144 -35.84 -25.51 20.73
N ALA I 145 -34.77 -26.15 21.21
CA ALA I 145 -33.42 -25.80 20.79
C ALA I 145 -33.35 -26.00 19.29
N HIS I 146 -33.72 -27.19 18.87
CA HIS I 146 -33.68 -27.52 17.46
C HIS I 146 -34.33 -26.47 16.55
N GLU I 147 -35.55 -26.06 16.89
CA GLU I 147 -36.29 -25.06 16.11
C GLU I 147 -35.51 -23.76 16.02
N ILE I 148 -35.11 -23.22 17.17
CA ILE I 148 -34.34 -21.97 17.19
C ILE I 148 -33.08 -22.03 16.29
N VAL I 149 -32.40 -23.17 16.33
CA VAL I 149 -31.20 -23.32 15.50
C VAL I 149 -31.66 -23.16 14.05
N GLU I 150 -32.55 -24.07 13.64
CA GLU I 150 -33.13 -24.07 12.29
C GLU I 150 -33.57 -22.67 11.89
N LYS I 151 -34.37 -22.04 12.74
CA LYS I 151 -34.86 -20.72 12.43
C LYS I 151 -33.75 -19.70 12.25
N SER I 152 -32.83 -19.61 13.22
CA SER I 152 -31.72 -18.66 13.15
C SER I 152 -30.84 -18.88 11.92
N LEU I 153 -30.52 -20.14 11.65
CA LEU I 153 -29.70 -20.47 10.49
C LEU I 153 -30.19 -19.75 9.26
N ARG I 154 -31.48 -19.93 8.95
CA ARG I 154 -32.10 -19.30 7.76
C ARG I 154 -32.05 -17.79 7.80
N ILE I 155 -32.45 -17.20 8.91
CA ILE I 155 -32.44 -15.76 9.04
C ILE I 155 -31.07 -15.21 8.67
N ALA I 156 -30.04 -16.01 8.93
CA ALA I 156 -28.67 -15.60 8.64
C ALA I 156 -28.26 -15.92 7.21
N GLY I 157 -28.72 -17.06 6.69
CA GLY I 157 -28.39 -17.41 5.32
C GLY I 157 -28.94 -16.35 4.39
N ASP I 158 -30.01 -15.69 4.84
CA ASP I 158 -30.70 -14.65 4.08
C ASP I 158 -29.97 -13.31 4.09
N ILE I 159 -29.05 -13.15 5.02
CA ILE I 159 -28.29 -11.91 5.09
C ILE I 159 -26.83 -12.07 4.64
N CYS I 160 -26.26 -13.24 4.94
CA CYS I 160 -24.89 -13.53 4.57
C CYS I 160 -24.78 -14.14 3.17
N VAL I 161 -23.96 -13.50 2.34
CA VAL I 161 -23.77 -13.94 0.97
C VAL I 161 -22.89 -15.16 0.91
N PHE I 162 -22.43 -15.59 2.07
CA PHE I 162 -21.55 -16.75 2.12
C PHE I 162 -22.20 -17.95 2.76
N THR I 163 -23.42 -17.72 3.25
CA THR I 163 -24.22 -18.75 3.90
C THR I 163 -25.44 -19.05 3.08
N ASN I 164 -25.66 -20.34 2.85
CA ASN I 164 -26.81 -20.74 2.08
C ASN I 164 -27.83 -21.33 3.01
N THR I 165 -28.85 -21.98 2.46
CA THR I 165 -29.90 -22.52 3.30
C THR I 165 -29.87 -24.01 3.47
N ASN I 166 -28.95 -24.69 2.78
CA ASN I 166 -28.84 -26.14 2.92
C ASN I 166 -28.20 -26.45 4.28
N PHE I 167 -29.01 -26.76 5.29
CA PHE I 167 -28.52 -27.00 6.65
C PHE I 167 -28.17 -28.43 7.00
N THR I 168 -27.39 -28.56 8.06
CA THR I 168 -26.99 -29.86 8.59
C THR I 168 -27.06 -29.63 10.09
N ILE I 169 -28.10 -30.16 10.72
CA ILE I 169 -28.28 -29.97 12.16
C ILE I 169 -28.15 -31.28 12.95
N GLU I 170 -27.44 -31.20 14.06
CA GLU I 170 -27.22 -32.34 14.93
C GLU I 170 -27.62 -31.96 16.34
N GLU I 171 -28.39 -32.82 16.99
CA GLU I 171 -28.79 -32.51 18.37
C GLU I 171 -28.26 -33.63 19.25
N LEU I 172 -28.20 -33.36 20.55
CA LEU I 172 -27.70 -34.37 21.46
C LEU I 172 -28.76 -34.82 22.43
N PRO I 173 -29.24 -36.08 22.26
CA PRO I 173 -30.26 -36.61 23.14
C PRO I 173 -29.71 -36.39 24.55
N THR J 1 -9.18 -4.13 25.66
CA THR J 1 -9.78 -3.93 27.02
C THR J 1 -9.29 -2.67 27.79
N THR J 2 -9.47 -2.68 29.21
CA THR J 2 -9.02 -1.68 30.27
C THR J 2 -8.70 -2.38 31.66
N ILE J 3 -7.41 -2.37 32.10
CA ILE J 3 -7.03 -3.02 33.33
C ILE J 3 -6.30 -1.94 34.08
N VAL J 4 -6.69 -1.72 35.33
CA VAL J 4 -6.02 -0.71 36.12
C VAL J 4 -5.71 -1.21 37.55
N SER J 5 -4.72 -0.60 38.15
CA SER J 5 -4.33 -1.00 39.48
C SER J 5 -3.86 0.21 40.31
N VAL J 6 -4.44 0.31 41.50
CA VAL J 6 -4.08 1.37 42.42
C VAL J 6 -3.67 0.67 43.69
N ARG J 7 -2.69 1.28 44.35
CA ARG J 7 -2.15 0.75 45.59
C ARG J 7 -2.14 1.98 46.50
N ARG J 8 -2.88 1.87 47.61
CA ARG J 8 -2.98 2.96 48.58
C ARG J 8 -3.45 2.39 49.93
N ASN J 9 -2.71 2.76 50.99
CA ASN J 9 -3.02 2.34 52.38
C ASN J 9 -2.82 0.86 52.60
N GLY J 10 -1.67 0.34 52.16
CA GLY J 10 -1.36 -1.08 52.31
C GLY J 10 -2.31 -2.00 51.56
N GLN J 11 -3.04 -1.40 50.64
CA GLN J 11 -4.01 -2.11 49.83
C GLN J 11 -3.56 -2.09 48.37
N VAL J 12 -3.77 -3.21 47.69
CA VAL J 12 -3.42 -3.25 46.27
C VAL J 12 -4.63 -3.79 45.58
N VAL J 13 -5.11 -3.06 44.58
CA VAL J 13 -6.28 -3.50 43.84
C VAL J 13 -5.98 -3.55 42.35
N VAL J 14 -6.46 -4.61 41.71
CA VAL J 14 -6.29 -4.79 40.28
C VAL J 14 -7.67 -5.09 39.70
N GLY J 15 -8.12 -4.24 38.77
CA GLY J 15 -9.44 -4.41 38.19
C GLY J 15 -9.49 -4.22 36.70
N GLY J 16 -10.49 -4.85 36.08
CA GLY J 16 -10.60 -4.76 34.63
C GLY J 16 -11.97 -5.16 34.13
N ASP J 17 -12.33 -4.72 32.92
CA ASP J 17 -13.65 -5.01 32.37
C ASP J 17 -13.75 -6.44 31.89
N GLY J 18 -14.78 -6.74 31.10
CA GLY J 18 -14.96 -8.09 30.64
C GLY J 18 -15.44 -8.18 29.22
N GLN J 19 -14.95 -7.27 28.38
CA GLN J 19 -15.41 -7.29 27.00
C GLN J 19 -14.46 -7.88 25.98
N VAL J 20 -14.71 -9.13 25.60
CA VAL J 20 -13.87 -9.79 24.62
C VAL J 20 -14.42 -9.35 23.28
N SER J 21 -13.66 -8.57 22.54
CA SER J 21 -14.15 -8.09 21.27
C SER J 21 -13.44 -8.60 20.03
N LEU J 22 -14.18 -9.30 19.21
CA LEU J 22 -13.69 -9.83 17.94
C LEU J 22 -14.05 -8.84 16.80
N GLY J 23 -13.06 -8.08 16.35
CA GLY J 23 -13.33 -7.10 15.31
C GLY J 23 -14.10 -5.99 15.97
N ASN J 24 -15.16 -5.52 15.32
CA ASN J 24 -15.96 -4.47 15.90
C ASN J 24 -17.25 -5.04 16.51
N THR J 25 -17.27 -6.35 16.71
CA THR J 25 -18.43 -6.99 17.32
C THR J 25 -17.95 -7.43 18.67
N VAL J 26 -18.89 -7.86 19.52
CA VAL J 26 -18.54 -8.31 20.85
C VAL J 26 -18.94 -9.74 21.08
N MET J 27 -17.94 -10.58 21.33
CA MET J 27 -18.22 -11.98 21.54
C MET J 27 -18.66 -12.35 22.94
N LYS J 28 -17.92 -11.86 23.93
CA LYS J 28 -18.25 -12.17 25.31
C LYS J 28 -18.18 -10.88 26.14
N GLY J 29 -19.06 -10.77 27.13
CA GLY J 29 -19.07 -9.57 27.96
C GLY J 29 -18.74 -9.81 29.42
N ASN J 30 -18.79 -11.07 29.83
CA ASN J 30 -18.51 -11.41 31.21
C ASN J 30 -17.12 -12.08 31.38
N ALA J 31 -16.15 -11.66 30.57
CA ALA J 31 -14.82 -12.21 30.66
C ALA J 31 -14.08 -11.79 31.95
N ARG J 32 -13.33 -12.72 32.57
CA ARG J 32 -12.59 -12.37 33.78
C ARG J 32 -11.15 -12.05 33.38
N LYS J 33 -10.85 -10.77 33.20
CA LYS J 33 -9.50 -10.38 32.79
C LYS J 33 -8.47 -10.20 33.92
N VAL J 34 -8.87 -10.47 35.17
CA VAL J 34 -7.99 -10.37 36.33
C VAL J 34 -8.16 -11.62 37.17
N ARG J 35 -7.05 -12.30 37.46
CA ARG J 35 -7.12 -13.54 38.21
C ARG J 35 -6.02 -13.63 39.25
N ARG J 36 -6.20 -14.56 40.19
CA ARG J 36 -5.24 -14.75 41.27
C ARG J 36 -4.24 -15.86 40.98
N LEU J 37 -2.97 -15.63 41.33
CA LEU J 37 -1.91 -16.60 41.10
C LEU J 37 -1.20 -16.96 42.40
N TYR J 38 -0.38 -18.01 42.34
CA TYR J 38 0.42 -18.49 43.48
C TYR J 38 -0.32 -18.45 44.80
N ASN J 39 -1.25 -19.39 44.95
CA ASN J 39 -2.05 -19.49 46.16
C ASN J 39 -2.61 -18.12 46.50
N GLY J 40 -3.40 -17.57 45.58
CA GLY J 40 -4.04 -16.28 45.76
C GLY J 40 -3.29 -15.11 46.39
N LYS J 41 -1.97 -15.23 46.49
CA LYS J 41 -1.20 -14.15 47.10
C LYS J 41 -0.66 -13.12 46.09
N VAL J 42 -1.09 -13.23 44.83
CA VAL J 42 -0.66 -12.31 43.76
C VAL J 42 -1.70 -12.12 42.65
N LEU J 43 -1.99 -10.85 42.31
CA LEU J 43 -2.98 -10.49 41.29
C LEU J 43 -2.39 -10.31 39.90
N ALA J 44 -3.16 -10.72 38.89
CA ALA J 44 -2.71 -10.59 37.51
C ALA J 44 -3.85 -10.15 36.60
N GLY J 45 -3.62 -9.08 35.86
CA GLY J 45 -4.62 -8.56 34.93
C GLY J 45 -4.00 -8.50 33.55
N PHE J 46 -4.71 -8.94 32.52
CA PHE J 46 -4.10 -8.95 31.20
C PHE J 46 -4.86 -8.37 30.07
N ALA J 47 -4.13 -7.64 29.24
CA ALA J 47 -4.67 -6.99 28.05
C ALA J 47 -3.95 -7.58 26.84
N GLY J 48 -4.40 -7.19 25.65
CA GLY J 48 -3.80 -7.68 24.42
C GLY J 48 -4.68 -8.75 23.78
N GLY J 49 -4.13 -9.50 22.84
CA GLY J 49 -4.90 -10.58 22.20
C GLY J 49 -5.12 -11.72 23.18
N THR J 50 -6.32 -12.28 23.18
CA THR J 50 -6.65 -13.36 24.11
C THR J 50 -5.60 -14.46 24.33
N ALA J 51 -5.37 -15.28 23.31
CA ALA J 51 -4.41 -16.38 23.45
C ALA J 51 -3.08 -15.96 24.05
N ASP J 52 -2.42 -14.99 23.41
CA ASP J 52 -1.12 -14.52 23.90
C ASP J 52 -1.23 -14.08 25.37
N ALA J 53 -2.25 -13.28 25.65
CA ALA J 53 -2.47 -12.81 27.00
C ALA J 53 -2.44 -14.04 27.88
N PHE J 54 -3.17 -15.09 27.51
CA PHE J 54 -3.16 -16.28 28.33
C PHE J 54 -1.80 -16.94 28.38
N THR J 55 -1.14 -17.11 27.24
CA THR J 55 0.14 -17.78 27.34
C THR J 55 1.11 -16.95 28.17
N LEU J 56 1.04 -15.62 28.05
CA LEU J 56 1.94 -14.73 28.78
C LEU J 56 1.68 -14.85 30.27
N PHE J 57 0.44 -15.15 30.61
CA PHE J 57 0.04 -15.30 32.00
C PHE J 57 0.47 -16.67 32.52
N GLU J 58 0.14 -17.72 31.79
CA GLU J 58 0.53 -19.07 32.17
C GLU J 58 2.03 -19.15 32.29
N LEU J 59 2.76 -18.32 31.56
CA LEU J 59 4.21 -18.36 31.64
C LEU J 59 4.72 -17.78 32.96
N PHE J 60 4.26 -16.57 33.29
CA PHE J 60 4.63 -15.86 34.51
C PHE J 60 4.31 -16.75 35.71
N GLU J 61 3.26 -17.55 35.58
CA GLU J 61 2.85 -18.46 36.66
C GLU J 61 3.88 -19.56 36.96
N ARG J 62 4.29 -20.29 35.94
CA ARG J 62 5.30 -21.32 36.11
C ARG J 62 6.55 -20.66 36.77
N LYS J 63 6.87 -19.44 36.38
CA LYS J 63 8.02 -18.76 36.94
C LYS J 63 7.77 -18.49 38.42
N LEU J 64 6.59 -17.97 38.72
CA LEU J 64 6.23 -17.69 40.10
C LEU J 64 6.31 -18.96 40.93
N GLU J 65 6.02 -20.11 40.31
CA GLU J 65 6.04 -21.39 40.98
C GLU J 65 7.46 -21.76 41.29
N MET J 66 8.36 -21.54 40.34
CA MET J 66 9.76 -21.87 40.55
C MET J 66 10.55 -20.93 41.44
N HIS J 67 9.94 -19.80 41.83
CA HIS J 67 10.64 -18.82 42.65
C HIS J 67 9.95 -18.38 43.94
N GLN J 68 9.37 -19.33 44.65
CA GLN J 68 8.76 -19.02 45.92
C GLN J 68 7.84 -17.81 45.83
N GLY J 69 7.28 -17.56 44.66
CA GLY J 69 6.38 -16.43 44.53
C GLY J 69 7.01 -15.05 44.60
N HIS J 70 8.33 -14.93 44.44
CA HIS J 70 8.91 -13.60 44.44
C HIS J 70 8.48 -12.91 43.14
N LEU J 71 7.53 -11.98 43.26
CA LEU J 71 7.00 -11.24 42.13
C LEU J 71 8.11 -10.60 41.30
N LEU J 72 8.91 -9.78 41.96
CA LEU J 72 9.97 -9.11 41.25
C LEU J 72 10.93 -10.07 40.55
N LYS J 73 11.47 -11.03 41.27
CA LYS J 73 12.39 -11.94 40.61
C LYS J 73 11.76 -12.71 39.47
N SER J 74 10.56 -13.23 39.70
CA SER J 74 9.86 -13.98 38.66
C SER J 74 9.69 -13.12 37.40
N ALA J 75 9.32 -11.86 37.56
CA ALA J 75 9.18 -10.99 36.39
C ALA J 75 10.51 -10.97 35.61
N VAL J 76 11.59 -10.62 36.31
CA VAL J 76 12.90 -10.57 35.67
C VAL J 76 13.31 -11.88 35.00
N GLU J 77 13.15 -12.99 35.71
CA GLU J 77 13.52 -14.30 35.17
C GLU J 77 12.81 -14.56 33.86
N LEU J 78 11.57 -14.11 33.81
CA LEU J 78 10.74 -14.28 32.63
C LEU J 78 11.20 -13.35 31.54
N ALA J 79 11.40 -12.08 31.87
CA ALA J 79 11.84 -11.16 30.85
C ALA J 79 13.10 -11.68 30.22
N LYS J 80 14.03 -12.19 31.04
CA LYS J 80 15.29 -12.70 30.51
C LYS J 80 15.14 -13.84 29.51
N ASP J 81 13.95 -14.40 29.37
CA ASP J 81 13.79 -15.48 28.40
C ASP J 81 13.39 -14.95 27.00
N TRP J 82 13.53 -13.65 26.82
CA TRP J 82 13.23 -12.98 25.55
C TRP J 82 14.49 -12.21 25.23
N ARG J 83 15.11 -11.63 26.27
CA ARG J 83 16.34 -10.85 26.17
C ARG J 83 17.61 -11.71 25.98
N THR J 84 17.55 -12.71 25.11
CA THR J 84 18.71 -13.56 24.88
C THR J 84 18.88 -13.93 23.42
N ASP J 85 19.84 -14.82 23.16
CA ASP J 85 20.13 -15.27 21.81
C ASP J 85 18.91 -15.94 21.22
N ARG J 86 18.51 -17.05 21.84
CA ARG J 86 17.37 -17.83 21.40
C ARG J 86 16.04 -17.23 21.85
N ALA J 87 15.46 -16.38 21.01
CA ALA J 87 14.18 -15.72 21.31
C ALA J 87 13.15 -16.69 21.88
N LEU J 88 12.10 -16.14 22.47
CA LEU J 88 11.08 -17.00 23.03
C LEU J 88 9.87 -17.01 22.10
N ARG J 89 9.63 -15.86 21.47
CA ARG J 89 8.50 -15.64 20.55
C ARG J 89 7.73 -14.47 21.10
N LYS J 90 7.72 -13.38 20.33
CA LYS J 90 7.04 -12.17 20.76
C LYS J 90 5.56 -12.45 20.98
N LEU J 91 5.03 -12.01 22.12
CA LEU J 91 3.62 -12.20 22.42
C LEU J 91 2.94 -10.85 22.43
N GLU J 92 1.82 -10.73 21.71
CA GLU J 92 1.08 -9.46 21.69
C GLU J 92 0.14 -9.39 22.92
N ALA J 93 0.70 -9.13 24.10
CA ALA J 93 -0.08 -9.04 25.34
C ALA J 93 0.72 -8.52 26.53
N MET J 94 0.07 -7.74 27.40
CA MET J 94 0.76 -7.23 28.58
C MET J 94 0.05 -7.74 29.85
N LEU J 95 0.78 -7.75 30.97
CA LEU J 95 0.19 -8.16 32.23
C LEU J 95 0.47 -7.08 33.26
N ILE J 96 -0.41 -6.98 34.25
CA ILE J 96 -0.18 -6.07 35.36
C ILE J 96 -0.24 -7.08 36.49
N VAL J 97 0.87 -7.22 37.18
CA VAL J 97 0.93 -8.16 38.28
C VAL J 97 1.28 -7.41 39.56
N ALA J 98 0.73 -7.90 40.66
CA ALA J 98 0.99 -7.28 41.94
C ALA J 98 0.73 -8.24 43.08
N ASP J 99 1.53 -8.08 44.13
CA ASP J 99 1.41 -8.85 45.35
C ASP J 99 1.51 -7.84 46.50
N GLU J 100 1.43 -8.31 47.73
CA GLU J 100 1.51 -7.44 48.89
C GLU J 100 2.57 -6.32 48.74
N LYS J 101 3.79 -6.71 48.39
CA LYS J 101 4.90 -5.76 48.27
C LYS J 101 5.03 -4.89 46.97
N GLU J 102 4.97 -5.52 45.79
CA GLU J 102 5.14 -4.80 44.52
C GLU J 102 4.00 -4.79 43.48
N SER J 103 4.08 -3.83 42.58
CA SER J 103 3.13 -3.69 41.46
C SER J 103 4.07 -3.65 40.25
N LEU J 104 3.73 -4.40 39.20
CA LEU J 104 4.59 -4.46 38.04
C LEU J 104 3.79 -4.59 36.76
N ILE J 105 4.40 -4.21 35.65
CA ILE J 105 3.75 -4.37 34.36
C ILE J 105 4.78 -5.10 33.47
N ILE J 106 4.38 -6.29 33.02
CA ILE J 106 5.20 -7.16 32.19
C ILE J 106 4.62 -7.25 30.80
N THR J 107 5.50 -7.24 29.79
CA THR J 107 5.02 -7.34 28.43
C THR J 107 5.57 -8.60 27.71
N GLY J 108 4.96 -8.91 26.56
CA GLY J 108 5.28 -10.07 25.77
C GLY J 108 6.51 -10.08 24.91
N ILE J 109 7.39 -9.11 25.10
CA ILE J 109 8.64 -9.09 24.33
C ILE J 109 9.73 -9.01 25.37
N GLY J 110 9.29 -9.20 26.62
CA GLY J 110 10.19 -9.24 27.75
C GLY J 110 10.79 -7.92 28.17
N ASP J 111 10.23 -7.32 29.22
CA ASP J 111 10.69 -6.05 29.78
C ASP J 111 9.72 -5.75 30.90
N VAL J 112 10.23 -5.65 32.11
CA VAL J 112 9.35 -5.37 33.25
C VAL J 112 9.43 -3.86 33.50
N VAL J 113 8.29 -3.25 33.80
CA VAL J 113 8.23 -1.83 34.05
C VAL J 113 7.65 -1.56 35.40
N GLN J 114 8.26 -0.66 36.16
CA GLN J 114 7.73 -0.31 37.48
C GLN J 114 6.89 0.93 37.32
N PRO J 115 5.93 1.12 38.22
CA PRO J 115 5.06 2.30 38.14
C PRO J 115 5.86 3.57 38.46
N GLU J 116 5.23 4.73 38.27
CA GLU J 116 5.90 5.97 38.64
C GLU J 116 5.58 6.12 40.14
N GLU J 117 6.07 7.17 40.79
CA GLU J 117 5.82 7.36 42.21
C GLU J 117 4.40 7.00 42.69
N ASP J 118 3.37 7.54 42.03
CA ASP J 118 1.98 7.31 42.41
C ASP J 118 1.50 5.86 42.53
N GLN J 119 2.35 4.94 42.11
CA GLN J 119 1.99 3.53 42.21
C GLN J 119 0.71 3.14 41.46
N ILE J 120 0.43 3.80 40.34
CA ILE J 120 -0.75 3.48 39.54
C ILE J 120 -0.32 2.85 38.19
N LEU J 121 -0.99 1.77 37.81
CA LEU J 121 -0.69 1.11 36.55
C LEU J 121 -1.96 0.77 35.81
N ALA J 122 -1.93 0.96 34.50
CA ALA J 122 -3.10 0.63 33.70
C ALA J 122 -2.62 0.22 32.32
N ILE J 123 -3.36 -0.67 31.68
CA ILE J 123 -3.03 -1.15 30.32
C ILE J 123 -4.34 -1.38 29.57
N GLY J 124 -4.21 -1.61 28.27
CA GLY J 124 -5.38 -1.87 27.43
C GLY J 124 -5.76 -0.66 26.62
N SER J 125 -6.61 -0.86 25.63
CA SER J 125 -7.04 0.24 24.79
C SER J 125 -7.58 1.38 25.67
N GLY J 126 -8.35 1.04 26.70
CA GLY J 126 -8.87 2.07 27.60
C GLY J 126 -7.96 2.33 28.79
N GLY J 127 -6.67 2.08 28.58
CA GLY J 127 -5.72 2.25 29.66
C GLY J 127 -5.59 3.65 30.19
N ASN J 128 -5.18 4.57 29.32
CA ASN J 128 -4.97 5.97 29.67
C ASN J 128 -6.21 6.64 30.25
N TYR J 129 -7.38 6.20 29.81
CA TYR J 129 -8.59 6.76 30.38
C TYR J 129 -8.56 6.46 31.89
N ALA J 130 -8.60 5.17 32.24
CA ALA J 130 -8.53 4.73 33.66
C ALA J 130 -7.33 5.35 34.40
N LEU J 131 -6.21 5.49 33.68
CA LEU J 131 -5.02 6.02 34.27
C LEU J 131 -5.30 7.46 34.65
N SER J 132 -5.86 8.24 33.72
CA SER J 132 -6.18 9.66 33.98
C SER J 132 -7.17 9.81 35.12
N ALA J 133 -8.28 9.10 35.02
CA ALA J 133 -9.25 9.15 36.09
C ALA J 133 -8.55 8.78 37.42
N ALA J 134 -7.80 7.68 37.43
CA ALA J 134 -7.12 7.23 38.67
C ALA J 134 -6.17 8.25 39.23
N ARG J 135 -5.35 8.86 38.39
CA ARG J 135 -4.40 9.85 38.89
C ARG J 135 -5.17 11.01 39.51
N ALA J 136 -6.28 11.39 38.89
CA ALA J 136 -7.08 12.46 39.44
C ALA J 136 -7.56 12.12 40.86
N LEU J 137 -8.23 10.96 41.02
CA LEU J 137 -8.73 10.54 42.32
C LEU J 137 -7.67 10.29 43.37
N VAL J 138 -6.55 9.73 42.99
CA VAL J 138 -5.51 9.49 43.97
C VAL J 138 -4.92 10.79 44.47
N GLU J 139 -4.80 11.78 43.58
CA GLU J 139 -4.22 13.07 43.95
C GLU J 139 -5.21 14.04 44.58
N ASN J 140 -6.51 13.80 44.42
CA ASN J 140 -7.50 14.75 44.97
C ASN J 140 -8.63 14.22 45.89
N THR J 141 -8.51 13.00 46.40
CA THR J 141 -9.53 12.51 47.32
C THR J 141 -8.94 11.48 48.26
N GLU J 142 -9.73 11.05 49.24
CA GLU J 142 -9.25 10.09 50.22
C GLU J 142 -9.86 8.72 49.91
N LEU J 143 -10.45 8.63 48.73
CA LEU J 143 -11.07 7.40 48.30
C LEU J 143 -10.10 6.24 48.46
N SER J 144 -10.63 5.06 48.76
CA SER J 144 -9.81 3.86 48.92
C SER J 144 -9.33 3.37 47.56
N ALA J 145 -8.36 2.48 47.60
CA ALA J 145 -7.80 1.94 46.38
C ALA J 145 -8.94 1.33 45.57
N HIS J 146 -9.70 0.47 46.22
CA HIS J 146 -10.81 -0.21 45.59
C HIS J 146 -11.78 0.73 44.89
N GLU J 147 -12.22 1.77 45.58
CA GLU J 147 -13.16 2.73 45.01
C GLU J 147 -12.58 3.37 43.74
N ILE J 148 -11.36 3.91 43.85
CA ILE J 148 -10.69 4.53 42.70
C ILE J 148 -10.61 3.61 41.49
N VAL J 149 -10.37 2.32 41.75
CA VAL J 149 -10.29 1.34 40.67
C VAL J 149 -11.65 1.27 40.03
N GLU J 150 -12.65 0.92 40.83
CA GLU J 150 -14.04 0.83 40.40
C GLU J 150 -14.47 2.08 39.62
N LYS J 151 -14.17 3.25 40.19
CA LYS J 151 -14.54 4.50 39.54
C LYS J 151 -13.83 4.69 38.20
N SER J 152 -12.51 4.66 38.17
CA SER J 152 -11.79 4.83 36.91
C SER J 152 -12.22 3.84 35.81
N LEU J 153 -12.40 2.58 36.20
CA LEU J 153 -12.82 1.56 35.24
C LEU J 153 -14.03 2.03 34.47
N ARG J 154 -15.06 2.50 35.18
CA ARG J 154 -16.26 2.96 34.50
C ARG J 154 -16.00 4.18 33.64
N ILE J 155 -15.33 5.18 34.19
CA ILE J 155 -15.05 6.39 33.41
C ILE J 155 -14.43 6.01 32.10
N ALA J 156 -13.70 4.90 32.10
CA ALA J 156 -13.03 4.47 30.88
C ALA J 156 -13.94 3.62 29.99
N GLY J 157 -14.73 2.74 30.59
CA GLY J 157 -15.62 1.90 29.81
C GLY J 157 -16.61 2.77 29.04
N ASP J 158 -16.75 4.01 29.51
CA ASP J 158 -17.66 5.00 28.92
C ASP J 158 -17.03 5.70 27.74
N ILE J 159 -15.70 5.63 27.65
CA ILE J 159 -15.00 6.26 26.53
C ILE J 159 -14.50 5.24 25.52
N CYS J 160 -14.09 4.07 26.01
CA CYS J 160 -13.59 3.06 25.09
C CYS J 160 -14.70 2.14 24.59
N VAL J 161 -14.77 1.99 23.26
CA VAL J 161 -15.78 1.14 22.62
C VAL J 161 -15.44 -0.35 22.75
N PHE J 162 -14.30 -0.62 23.38
CA PHE J 162 -13.84 -2.00 23.55
C PHE J 162 -13.87 -2.44 25.00
N THR J 163 -14.24 -1.50 25.87
CA THR J 163 -14.33 -1.75 27.29
C THR J 163 -15.78 -1.55 27.73
N ASN J 164 -16.32 -2.56 28.40
CA ASN J 164 -17.67 -2.48 28.88
C ASN J 164 -17.63 -2.17 30.35
N THR J 165 -18.77 -2.33 31.02
CA THR J 165 -18.84 -2.00 32.43
C THR J 165 -18.87 -3.19 33.38
N ASN J 166 -18.97 -4.40 32.83
CA ASN J 166 -18.94 -5.60 33.67
C ASN J 166 -17.50 -5.79 34.22
N PHE J 167 -17.26 -5.36 35.46
CA PHE J 167 -15.93 -5.44 36.06
C PHE J 167 -15.64 -6.70 36.87
N THR J 168 -14.35 -6.93 37.10
CA THR J 168 -13.86 -8.05 37.91
C THR J 168 -12.72 -7.42 38.67
N ILE J 169 -12.94 -7.15 39.95
CA ILE J 169 -11.92 -6.50 40.73
C ILE J 169 -11.41 -7.43 41.81
N GLU J 170 -10.13 -7.31 42.09
CA GLU J 170 -9.45 -8.10 43.10
C GLU J 170 -8.54 -7.18 43.93
N GLU J 171 -8.59 -7.33 45.25
CA GLU J 171 -7.72 -6.53 46.08
C GLU J 171 -6.87 -7.50 46.89
N LEU J 172 -5.78 -6.98 47.44
CA LEU J 172 -4.86 -7.80 48.23
C LEU J 172 -4.81 -7.35 49.65
N PRO J 173 -5.39 -8.16 50.56
CA PRO J 173 -5.39 -7.83 51.97
C PRO J 173 -3.93 -7.55 52.28
N THR K 1 14.06 8.53 22.67
CA THR K 1 14.78 9.18 23.75
C THR K 1 15.88 10.12 23.20
N THR K 2 16.71 10.72 24.08
CA THR K 2 17.88 11.54 23.69
C THR K 2 18.98 11.11 24.62
N ILE K 3 20.06 10.59 24.08
CA ILE K 3 21.20 10.20 24.91
C ILE K 3 22.39 10.92 24.29
N VAL K 4 23.13 11.66 25.11
CA VAL K 4 24.29 12.37 24.57
C VAL K 4 25.49 12.22 25.50
N SER K 5 26.68 12.32 24.91
CA SER K 5 27.89 12.19 25.69
C SER K 5 28.96 13.15 25.22
N VAL K 6 29.55 13.86 26.17
CA VAL K 6 30.62 14.79 25.85
C VAL K 6 31.77 14.39 26.74
N ARG K 7 32.96 14.50 26.19
CA ARG K 7 34.20 14.16 26.88
C ARG K 7 35.12 15.38 26.73
N ARG K 8 35.45 16.00 27.86
CA ARG K 8 36.30 17.19 27.86
C ARG K 8 36.98 17.36 29.21
N ASN K 9 38.30 17.55 29.17
CA ASN K 9 39.15 17.74 30.37
C ASN K 9 39.29 16.49 31.22
N GLY K 10 39.53 15.35 30.58
CA GLY K 10 39.67 14.11 31.30
C GLY K 10 38.38 13.67 31.97
N GLN K 11 37.27 14.24 31.50
CA GLN K 11 35.95 13.94 32.02
C GLN K 11 35.09 13.33 30.91
N VAL K 12 34.31 12.31 31.25
CA VAL K 12 33.43 11.70 30.25
C VAL K 12 32.08 11.70 30.88
N VAL K 13 31.10 12.28 30.19
CA VAL K 13 29.76 12.28 30.70
C VAL K 13 28.74 11.72 29.71
N VAL K 14 27.81 10.93 30.22
CA VAL K 14 26.78 10.36 29.40
C VAL K 14 25.48 10.67 30.10
N GLY K 15 24.53 11.23 29.37
CA GLY K 15 23.26 11.58 29.97
C GLY K 15 22.09 11.40 29.02
N GLY K 16 20.90 11.26 29.60
CA GLY K 16 19.70 11.06 28.80
C GLY K 16 18.43 11.32 29.58
N ASP K 17 17.31 11.48 28.85
CA ASP K 17 16.06 11.76 29.52
C ASP K 17 15.47 10.50 30.09
N GLY K 18 14.19 10.56 30.48
CA GLY K 18 13.55 9.41 31.06
C GLY K 18 12.13 9.19 30.58
N GLN K 19 11.88 9.43 29.29
CA GLN K 19 10.54 9.28 28.79
C GLN K 19 10.30 8.03 28.01
N VAL K 20 9.63 7.07 28.62
CA VAL K 20 9.32 5.85 27.90
C VAL K 20 7.99 6.16 27.22
N SER K 21 8.00 6.21 25.89
CA SER K 21 6.78 6.48 25.16
C SER K 21 6.22 5.29 24.36
N LEU K 22 4.97 4.96 24.62
CA LEU K 22 4.25 3.89 23.93
C LEU K 22 3.27 4.57 22.98
N GLY K 23 3.59 4.55 21.70
CA GLY K 23 2.73 5.19 20.73
C GLY K 23 2.94 6.68 20.91
N ASN K 24 1.84 7.44 20.91
CA ASN K 24 1.97 8.86 21.14
C ASN K 24 1.61 9.22 22.58
N THR K 25 1.56 8.21 23.43
CA THR K 25 1.25 8.43 24.83
C THR K 25 2.54 8.20 25.61
N VAL K 26 2.54 8.56 26.87
CA VAL K 26 3.71 8.41 27.69
C VAL K 26 3.42 7.51 28.85
N MET K 27 4.19 6.43 28.94
CA MET K 27 3.98 5.45 29.99
C MET K 27 4.77 5.73 31.27
N LYS K 28 6.03 6.07 31.11
CA LYS K 28 6.85 6.32 32.28
C LYS K 28 7.69 7.54 31.97
N GLY K 29 7.90 8.38 32.99
CA GLY K 29 8.70 9.58 32.79
C GLY K 29 10.01 9.61 33.56
N ASN K 30 10.15 8.71 34.52
CA ASN K 30 11.35 8.69 35.31
C ASN K 30 12.30 7.55 34.94
N ALA K 31 12.26 7.09 33.71
CA ALA K 31 13.12 5.99 33.27
C ALA K 31 14.61 6.34 33.35
N ARG K 32 15.45 5.37 33.74
CA ARG K 32 16.90 5.60 33.80
C ARG K 32 17.52 5.05 32.52
N LYS K 33 17.76 5.90 31.53
CA LYS K 33 18.31 5.41 30.29
C LYS K 33 19.84 5.33 30.22
N VAL K 34 20.50 5.67 31.31
CA VAL K 34 21.97 5.60 31.37
C VAL K 34 22.33 4.82 32.63
N ARG K 35 23.20 3.83 32.50
CA ARG K 35 23.58 3.04 33.66
C ARG K 35 25.05 2.69 33.69
N ARG K 36 25.54 2.27 34.86
CA ARG K 36 26.95 1.91 35.03
C ARG K 36 27.21 0.41 34.90
N LEU K 37 28.29 0.04 34.22
CA LEU K 37 28.63 -1.37 34.03
C LEU K 37 30.02 -1.69 34.56
N TYR K 38 30.35 -2.98 34.57
CA TYR K 38 31.65 -3.47 35.02
C TYR K 38 32.21 -2.71 36.20
N ASN K 39 31.63 -2.92 37.38
CA ASN K 39 32.08 -2.25 38.59
C ASN K 39 32.15 -0.75 38.34
N GLY K 40 31.02 -0.15 37.98
CA GLY K 40 30.94 1.27 37.73
C GLY K 40 32.09 1.97 37.02
N LYS K 41 32.94 1.22 36.32
CA LYS K 41 34.05 1.86 35.62
C LYS K 41 33.72 2.16 34.13
N VAL K 42 32.46 1.93 33.72
CA VAL K 42 32.03 2.20 32.34
C VAL K 42 30.55 2.62 32.21
N LEU K 43 30.29 3.69 31.47
CA LEU K 43 28.93 4.18 31.29
C LEU K 43 28.27 3.65 30.03
N ALA K 44 26.95 3.46 30.11
CA ALA K 44 26.17 2.96 28.98
C ALA K 44 24.80 3.61 28.95
N GLY K 45 24.46 4.17 27.80
CA GLY K 45 23.17 4.81 27.65
C GLY K 45 22.52 4.17 26.45
N PHE K 46 21.20 3.97 26.48
CA PHE K 46 20.59 3.32 25.35
C PHE K 46 19.30 3.88 24.84
N ALA K 47 19.20 3.90 23.51
CA ALA K 47 18.03 4.38 22.78
C ALA K 47 17.48 3.18 22.01
N GLY K 48 16.36 3.38 21.31
CA GLY K 48 15.74 2.30 20.56
C GLY K 48 14.57 1.73 21.33
N GLY K 49 14.14 0.53 20.95
CA GLY K 49 13.01 -0.13 21.60
C GLY K 49 13.46 -0.67 22.94
N THR K 50 12.63 -0.52 23.96
CA THR K 50 12.99 -0.93 25.31
C THR K 50 13.69 -2.29 25.43
N ALA K 51 12.95 -3.36 25.19
CA ALA K 51 13.47 -4.70 25.31
C ALA K 51 14.81 -4.86 24.59
N ASP K 52 14.80 -4.66 23.29
CA ASP K 52 16.04 -4.79 22.53
C ASP K 52 17.13 -3.94 23.19
N ALA K 53 16.80 -2.67 23.46
CA ALA K 53 17.77 -1.81 24.11
C ALA K 53 18.35 -2.56 25.30
N PHE K 54 17.49 -3.17 26.11
CA PHE K 54 17.99 -3.92 27.26
C PHE K 54 18.79 -5.16 26.87
N THR K 55 18.32 -5.94 25.88
CA THR K 55 19.09 -7.12 25.57
C THR K 55 20.45 -6.68 25.01
N LEU K 56 20.47 -5.61 24.23
CA LEU K 56 21.72 -5.13 23.62
C LEU K 56 22.67 -4.68 24.70
N PHE K 57 22.13 -4.24 25.82
CA PHE K 57 22.93 -3.77 26.94
C PHE K 57 23.46 -4.95 27.74
N GLU K 58 22.56 -5.85 28.14
CA GLU K 58 22.94 -7.04 28.88
C GLU K 58 23.95 -7.85 28.07
N LEU K 59 23.89 -7.78 26.75
CA LEU K 59 24.85 -8.51 25.93
C LEU K 59 26.24 -7.90 26.06
N PHE K 60 26.35 -6.59 25.84
CA PHE K 60 27.62 -5.89 25.95
C PHE K 60 28.24 -6.13 27.31
N GLU K 61 27.39 -6.28 28.32
CA GLU K 61 27.88 -6.50 29.67
C GLU K 61 28.59 -7.83 29.84
N ARG K 62 27.98 -8.91 29.37
CA ARG K 62 28.59 -10.24 29.50
C ARG K 62 29.92 -10.20 28.77
N LYS K 63 29.99 -9.42 27.69
CA LYS K 63 31.23 -9.32 26.95
C LYS K 63 32.25 -8.60 27.82
N LEU K 64 31.84 -7.49 28.40
CA LEU K 64 32.70 -6.70 29.24
C LEU K 64 33.25 -7.56 30.34
N GLU K 65 32.44 -8.49 30.83
CA GLU K 65 32.84 -9.38 31.92
C GLU K 65 33.91 -10.33 31.44
N MET K 66 33.78 -10.82 30.21
CA MET K 66 34.75 -11.75 29.69
C MET K 66 36.07 -11.15 29.21
N HIS K 67 36.13 -9.82 29.10
CA HIS K 67 37.36 -9.18 28.63
C HIS K 67 37.97 -8.11 29.51
N GLN K 68 38.01 -8.38 30.80
CA GLN K 68 38.64 -7.44 31.71
C GLN K 68 38.19 -6.01 31.48
N GLY K 69 36.94 -5.85 31.07
CA GLY K 69 36.38 -4.54 30.83
C GLY K 69 37.02 -3.69 29.77
N HIS K 70 37.71 -4.28 28.79
CA HIS K 70 38.31 -3.48 27.72
C HIS K 70 37.18 -3.02 26.81
N LEU K 71 36.75 -1.78 27.00
CA LEU K 71 35.65 -1.20 26.24
C LEU K 71 35.74 -1.47 24.73
N LEU K 72 36.90 -1.15 24.17
CA LEU K 72 37.08 -1.31 22.74
C LEU K 72 37.00 -2.77 22.29
N LYS K 73 37.74 -3.66 22.95
CA LYS K 73 37.69 -5.05 22.53
C LYS K 73 36.32 -5.67 22.74
N SER K 74 35.69 -5.40 23.88
CA SER K 74 34.37 -5.94 24.13
C SER K 74 33.43 -5.53 23.00
N ALA K 75 33.43 -4.25 22.64
CA ALA K 75 32.58 -3.77 21.55
C ALA K 75 32.77 -4.61 20.26
N VAL K 76 34.03 -4.73 19.82
CA VAL K 76 34.33 -5.51 18.64
C VAL K 76 33.92 -6.97 18.78
N GLU K 77 34.26 -7.60 19.91
CA GLU K 77 33.88 -8.98 20.11
C GLU K 77 32.40 -9.16 19.90
N LEU K 78 31.63 -8.23 20.46
CA LEU K 78 30.18 -8.27 20.36
C LEU K 78 29.75 -8.03 18.94
N ALA K 79 30.34 -7.05 18.29
CA ALA K 79 29.96 -6.78 16.91
C ALA K 79 30.13 -8.04 16.08
N LYS K 80 31.25 -8.72 16.30
CA LYS K 80 31.57 -9.93 15.55
C LYS K 80 30.57 -11.07 15.71
N ASP K 81 29.61 -10.94 16.60
CA ASP K 81 28.60 -11.98 16.77
C ASP K 81 27.36 -11.69 15.91
N TRP K 82 27.52 -10.79 14.95
CA TRP K 82 26.45 -10.42 14.05
C TRP K 82 27.08 -10.51 12.69
N ARG K 83 28.32 -10.05 12.61
CA ARG K 83 29.07 -10.07 11.36
C ARG K 83 29.60 -11.47 11.02
N THR K 84 28.75 -12.49 11.09
CA THR K 84 29.18 -13.84 10.74
C THR K 84 28.10 -14.64 10.01
N ASP K 85 28.38 -15.92 9.80
CA ASP K 85 27.46 -16.82 9.11
C ASP K 85 26.14 -16.91 9.88
N ARG K 86 26.24 -17.44 11.10
CA ARG K 86 25.11 -17.62 11.99
C ARG K 86 24.69 -16.34 12.70
N ALA K 87 23.78 -15.60 12.07
CA ALA K 87 23.28 -14.34 12.63
C ALA K 87 22.96 -14.44 14.11
N LEU K 88 22.91 -13.29 14.77
CA LEU K 88 22.61 -13.26 16.17
C LEU K 88 21.14 -12.91 16.33
N ARG K 89 20.64 -12.02 15.46
CA ARG K 89 19.26 -11.52 15.48
C ARG K 89 19.32 -10.03 15.63
N LYS K 90 18.84 -9.31 14.61
CA LYS K 90 18.88 -7.86 14.61
C LYS K 90 18.06 -7.22 15.76
N LEU K 91 18.72 -6.35 16.51
CA LEU K 91 18.10 -5.69 17.63
C LEU K 91 17.89 -4.24 17.26
N GLU K 92 16.67 -3.73 17.45
CA GLU K 92 16.35 -2.33 17.14
C GLU K 92 16.76 -1.44 18.34
N ALA K 93 18.06 -1.25 18.55
CA ALA K 93 18.51 -0.43 19.66
C ALA K 93 20.00 -0.08 19.55
N MET K 94 20.37 1.09 20.08
CA MET K 94 21.76 1.53 20.04
C MET K 94 22.25 1.85 21.45
N LEU K 95 23.56 1.75 21.65
CA LEU K 95 24.11 2.05 22.95
C LEU K 95 25.22 3.07 22.75
N ILE K 96 25.47 3.88 23.77
CA ILE K 96 26.59 4.81 23.73
C ILE K 96 27.32 4.34 24.94
N VAL K 97 28.54 3.85 24.75
CA VAL K 97 29.29 3.34 25.88
C VAL K 97 30.56 4.12 26.02
N ALA K 98 31.01 4.26 27.27
CA ALA K 98 32.23 5.00 27.52
C ALA K 98 32.89 4.66 28.84
N ASP K 99 34.21 4.66 28.83
CA ASP K 99 34.98 4.43 30.02
C ASP K 99 36.05 5.52 30.01
N GLU K 100 36.88 5.56 31.06
CA GLU K 100 37.94 6.57 31.17
C GLU K 100 38.66 6.85 29.85
N LYS K 101 39.05 5.79 29.13
CA LYS K 101 39.78 5.91 27.87
C LYS K 101 38.98 6.18 26.59
N GLU K 102 37.95 5.39 26.31
CA GLU K 102 37.15 5.56 25.08
C GLU K 102 35.64 5.86 25.19
N SER K 103 35.08 6.33 24.09
CA SER K 103 33.65 6.64 23.93
C SER K 103 33.31 5.87 22.66
N LEU K 104 32.24 5.11 22.68
CA LEU K 104 31.90 4.33 21.50
C LEU K 104 30.41 4.25 21.31
N ILE K 105 29.97 4.04 20.08
CA ILE K 105 28.55 3.87 19.85
C ILE K 105 28.39 2.49 19.17
N ILE K 106 27.61 1.63 19.81
CA ILE K 106 27.36 0.26 19.36
C ILE K 106 25.92 0.09 18.94
N THR K 107 25.68 -0.62 17.85
CA THR K 107 24.31 -0.83 17.41
C THR K 107 23.89 -2.31 17.42
N GLY K 108 22.59 -2.55 17.29
CA GLY K 108 22.05 -3.90 17.34
C GLY K 108 22.18 -4.80 16.14
N ILE K 109 22.93 -4.40 15.13
CA ILE K 109 23.12 -5.22 13.95
C ILE K 109 24.61 -5.38 13.84
N GLY K 110 25.29 -5.02 14.92
CA GLY K 110 26.73 -5.15 15.03
C GLY K 110 27.63 -4.31 14.17
N ASP K 111 28.08 -3.20 14.74
CA ASP K 111 28.98 -2.25 14.07
C ASP K 111 29.29 -1.20 15.10
N VAL K 112 30.56 -1.07 15.46
CA VAL K 112 30.96 -0.11 16.46
C VAL K 112 31.39 1.13 15.69
N VAL K 113 31.03 2.29 16.19
CA VAL K 113 31.35 3.54 15.53
C VAL K 113 32.08 4.46 16.48
N GLN K 114 33.16 5.07 16.02
CA GLN K 114 33.87 6.01 16.88
C GLN K 114 33.38 7.42 16.63
N PRO K 115 33.54 8.30 17.61
CA PRO K 115 33.07 9.67 17.41
C PRO K 115 33.99 10.38 16.43
N GLU K 116 33.61 11.57 16.01
CA GLU K 116 34.49 12.35 15.14
C GLU K 116 35.48 13.02 16.10
N GLU K 117 36.37 13.86 15.58
CA GLU K 117 37.36 14.52 16.44
C GLU K 117 36.83 15.10 17.77
N ASP K 118 35.73 15.87 17.70
CA ASP K 118 35.16 16.52 18.89
C ASP K 118 34.82 15.62 20.07
N GLN K 119 34.80 14.32 19.85
CA GLN K 119 34.50 13.38 20.91
C GLN K 119 33.09 13.51 21.47
N ILE K 120 32.13 13.85 20.62
CA ILE K 120 30.73 14.00 21.04
C ILE K 120 29.88 12.93 20.38
N LEU K 121 29.01 12.29 21.16
CA LEU K 121 28.14 11.25 20.62
C LEU K 121 26.75 11.43 21.14
N ALA K 122 25.75 11.18 20.29
CA ALA K 122 24.37 11.28 20.73
C ALA K 122 23.49 10.35 19.92
N ILE K 123 22.47 9.77 20.54
CA ILE K 123 21.58 8.86 19.81
C ILE K 123 20.16 9.11 20.27
N GLY K 124 19.18 8.55 19.55
CA GLY K 124 17.80 8.75 19.97
C GLY K 124 17.09 9.71 19.04
N SER K 125 15.76 9.68 19.04
CA SER K 125 14.97 10.58 18.18
C SER K 125 15.43 12.03 18.35
N GLY K 126 15.76 12.44 19.58
CA GLY K 126 16.24 13.79 19.78
C GLY K 126 17.76 13.84 19.82
N GLY K 127 18.42 12.92 19.12
CA GLY K 127 19.86 12.88 19.16
C GLY K 127 20.60 14.07 18.56
N ASN K 128 20.26 14.38 17.31
CA ASN K 128 20.87 15.48 16.57
C ASN K 128 20.65 16.83 17.26
N TYR K 129 19.50 16.97 17.92
CA TYR K 129 19.23 18.19 18.65
C TYR K 129 20.37 18.34 19.66
N ALA K 130 20.43 17.40 20.62
CA ALA K 130 21.51 17.39 21.63
C ALA K 130 22.90 17.47 20.98
N LEU K 131 23.06 16.78 19.84
CA LEU K 131 24.33 16.80 19.15
C LEU K 131 24.66 18.24 18.72
N SER K 132 23.71 18.91 18.06
CA SER K 132 23.90 20.30 17.60
C SER K 132 24.21 21.23 18.77
N ALA K 133 23.32 21.21 19.76
CA ALA K 133 23.56 22.03 20.92
C ALA K 133 24.96 21.71 21.51
N ALA K 134 25.30 20.43 21.64
CA ALA K 134 26.60 20.04 22.20
C ALA K 134 27.78 20.53 21.38
N ARG K 135 27.71 20.37 20.07
CA ARG K 135 28.81 20.83 19.25
C ARG K 135 28.99 22.34 19.44
N ALA K 136 27.88 23.08 19.48
CA ALA K 136 27.95 24.52 19.67
C ALA K 136 28.71 24.84 20.97
N LEU K 137 28.22 24.33 22.10
CA LEU K 137 28.86 24.61 23.38
C LEU K 137 30.32 24.19 23.48
N VAL K 138 30.67 23.04 22.92
CA VAL K 138 32.05 22.58 23.01
C VAL K 138 32.97 23.47 22.19
N GLU K 139 32.48 23.93 21.04
CA GLU K 139 33.30 24.79 20.18
C GLU K 139 33.31 26.27 20.60
N ASN K 140 32.32 26.70 21.39
CA ASN K 140 32.24 28.11 21.78
C ASN K 140 32.22 28.49 23.26
N THR K 141 32.51 27.57 24.18
CA THR K 141 32.52 27.95 25.60
C THR K 141 33.50 27.10 26.33
N GLU K 142 33.70 27.39 27.60
CA GLU K 142 34.63 26.63 28.43
C GLU K 142 33.83 25.76 29.39
N LEU K 143 32.54 25.68 29.15
CA LEU K 143 31.65 24.87 29.96
C LEU K 143 32.21 23.45 30.12
N SER K 144 32.01 22.87 31.31
CA SER K 144 32.47 21.51 31.56
C SER K 144 31.64 20.51 30.76
N ALA K 145 32.11 19.27 30.72
CA ALA K 145 31.43 18.20 29.99
C ALA K 145 30.02 18.07 30.56
N HIS K 146 29.97 17.92 31.88
CA HIS K 146 28.72 17.77 32.58
C HIS K 146 27.69 18.83 32.20
N GLU K 147 28.08 20.11 32.28
CA GLU K 147 27.19 21.25 31.95
C GLU K 147 26.66 21.15 30.52
N ILE K 148 27.55 21.01 29.57
CA ILE K 148 27.15 20.87 28.17
C ILE K 148 26.12 19.75 27.97
N VAL K 149 26.32 18.61 28.66
CA VAL K 149 25.41 17.45 28.56
C VAL K 149 24.06 17.90 29.06
N GLU K 150 24.04 18.35 30.32
CA GLU K 150 22.83 18.85 30.96
C GLU K 150 22.14 19.88 30.05
N LYS K 151 22.91 20.87 29.59
CA LYS K 151 22.36 21.90 28.72
C LYS K 151 21.77 21.34 27.40
N SER K 152 22.55 20.60 26.62
CA SER K 152 22.04 20.05 25.36
C SER K 152 20.81 19.17 25.57
N LEU K 153 20.81 18.36 26.61
CA LEU K 153 19.69 17.47 26.88
C LEU K 153 18.40 18.25 26.91
N ARG K 154 18.42 19.37 27.63
CA ARG K 154 17.22 20.19 27.72
C ARG K 154 16.85 20.79 26.37
N ILE K 155 17.82 21.40 25.70
CA ILE K 155 17.53 21.99 24.40
C ILE K 155 16.83 20.99 23.50
N ALA K 156 17.13 19.71 23.71
CA ALA K 156 16.55 18.63 22.92
C ALA K 156 15.20 18.17 23.45
N GLY K 157 15.03 18.13 24.77
CA GLY K 157 13.75 17.71 25.31
C GLY K 157 12.65 18.70 24.94
N ASP K 158 13.09 19.91 24.60
CA ASP K 158 12.23 21.02 24.21
C ASP K 158 11.79 20.95 22.75
N ILE K 159 12.53 20.21 21.94
CA ILE K 159 12.17 20.07 20.53
C ILE K 159 11.53 18.70 20.24
N CYS K 160 12.04 17.66 20.89
CA CYS K 160 11.50 16.34 20.66
C CYS K 160 10.31 15.99 21.56
N VAL K 161 9.25 15.53 20.91
CA VAL K 161 8.03 15.16 21.63
C VAL K 161 8.17 13.81 22.30
N PHE K 162 9.36 13.22 22.20
CA PHE K 162 9.57 11.92 22.81
C PHE K 162 10.59 11.97 23.91
N THR K 163 11.18 13.15 24.06
CA THR K 163 12.18 13.41 25.08
C THR K 163 11.63 14.37 26.10
N ASN K 164 11.73 14.00 27.39
CA ASN K 164 11.27 14.89 28.43
C ASN K 164 12.46 15.56 29.10
N THR K 165 12.26 16.18 30.25
CA THR K 165 13.37 16.87 30.88
C THR K 165 13.93 16.18 32.09
N ASN K 166 13.31 15.08 32.50
CA ASN K 166 13.80 14.32 33.64
C ASN K 166 15.08 13.57 33.24
N PHE K 167 16.23 14.16 33.55
CA PHE K 167 17.53 13.59 33.18
C PHE K 167 18.18 12.64 34.16
N THR K 168 19.10 11.83 33.64
CA THR K 168 19.88 10.90 34.44
C THR K 168 21.26 11.06 33.83
N ILE K 169 22.17 11.72 34.56
CA ILE K 169 23.49 11.96 34.04
C ILE K 169 24.53 11.26 34.86
N GLU K 170 25.53 10.69 34.20
CA GLU K 170 26.61 9.97 34.85
C GLU K 170 27.92 10.43 34.27
N GLU K 171 28.87 10.73 35.13
CA GLU K 171 30.19 11.14 34.64
C GLU K 171 31.26 10.18 35.11
N LEU K 172 32.40 10.18 34.44
CA LEU K 172 33.47 9.29 34.83
C LEU K 172 34.67 10.00 35.36
N PRO K 173 34.86 9.92 36.69
CA PRO K 173 36.02 10.58 37.30
C PRO K 173 37.20 10.15 36.45
N THR L 1 27.27 5.92 -0.14
CA THR L 1 28.68 6.42 -0.32
C THR L 1 29.03 6.57 -1.85
N THR L 2 30.35 6.72 -2.23
CA THR L 2 30.93 6.77 -3.63
C THR L 2 32.30 6.09 -3.54
N ILE L 3 32.47 4.98 -4.23
CA ILE L 3 33.75 4.33 -4.20
C ILE L 3 34.08 4.15 -5.68
N VAL L 4 35.27 4.61 -6.07
CA VAL L 4 35.66 4.43 -7.47
C VAL L 4 37.10 3.91 -7.58
N SER L 5 37.39 3.22 -8.66
CA SER L 5 38.71 2.68 -8.86
C SER L 5 39.14 2.79 -10.31
N VAL L 6 40.34 3.36 -10.50
CA VAL L 6 40.88 3.49 -11.83
C VAL L 6 42.22 2.79 -11.81
N ARG L 7 42.52 2.14 -12.93
CA ARG L 7 43.77 1.41 -13.10
C ARG L 7 44.35 1.94 -14.42
N ARG L 8 45.54 2.51 -14.34
CA ARG L 8 46.22 3.06 -15.51
C ARG L 8 47.71 3.23 -15.22
N ASN L 9 48.55 2.70 -16.12
CA ASN L 9 50.02 2.76 -16.01
C ASN L 9 50.63 1.89 -14.90
N GLY L 10 50.12 0.65 -14.78
CA GLY L 10 50.62 -0.27 -13.77
C GLY L 10 50.27 0.19 -12.37
N GLN L 11 49.34 1.14 -12.30
CA GLN L 11 48.89 1.70 -11.03
C GLN L 11 47.43 1.33 -10.82
N VAL L 12 47.06 1.01 -9.59
CA VAL L 12 45.66 0.71 -9.31
C VAL L 12 45.33 1.55 -8.13
N VAL L 13 44.27 2.34 -8.24
CA VAL L 13 43.86 3.20 -7.14
C VAL L 13 42.40 2.97 -6.82
N VAL L 14 42.11 2.94 -5.53
CA VAL L 14 40.74 2.75 -5.03
C VAL L 14 40.51 3.89 -4.03
N GLY L 15 39.47 4.70 -4.27
CA GLY L 15 39.18 5.80 -3.37
C GLY L 15 37.70 5.94 -3.07
N GLY L 16 37.39 6.59 -1.96
CA GLY L 16 36.00 6.78 -1.58
C GLY L 16 35.82 7.87 -0.53
N ASP L 17 34.59 8.38 -0.39
CA ASP L 17 34.36 9.43 0.56
C ASP L 17 34.30 8.89 1.99
N GLY L 18 33.72 9.69 2.91
CA GLY L 18 33.67 9.29 4.31
C GLY L 18 32.40 9.69 5.03
N GLN L 19 31.30 9.69 4.29
CA GLN L 19 30.06 10.08 4.92
C GLN L 19 29.16 8.93 5.32
N VAL L 20 29.10 8.66 6.60
CA VAL L 20 28.19 7.63 7.10
C VAL L 20 26.88 8.38 7.35
N SER L 21 25.85 8.07 6.57
CA SER L 21 24.59 8.76 6.73
C SER L 21 23.44 7.88 7.24
N LEU L 22 22.91 8.26 8.39
CA LEU L 22 21.79 7.56 9.02
C LEU L 22 20.51 8.31 8.68
N GLY L 23 19.71 7.78 7.76
CA GLY L 23 18.49 8.48 7.37
C GLY L 23 18.97 9.65 6.52
N ASN L 24 18.37 10.83 6.70
CA ASN L 24 18.82 11.98 5.94
C ASN L 24 19.73 12.86 6.76
N THR L 25 20.26 12.30 7.84
CA THR L 25 21.16 13.04 8.70
C THR L 25 22.51 12.42 8.53
N VAL L 26 23.54 13.08 9.05
CA VAL L 26 24.89 12.59 8.93
C VAL L 26 25.50 12.27 10.27
N MET L 27 25.87 11.01 10.45
CA MET L 27 26.47 10.58 11.70
C MET L 27 27.98 10.76 11.77
N LYS L 28 28.68 10.35 10.73
CA LYS L 28 30.12 10.48 10.76
C LYS L 28 30.58 10.96 9.39
N GLY L 29 31.61 11.80 9.36
CA GLY L 29 32.09 12.32 8.09
C GLY L 29 33.49 11.88 7.73
N ASN L 30 34.22 11.36 8.71
CA ASN L 30 35.58 10.92 8.47
C ASN L 30 35.75 9.41 8.40
N ALA L 31 34.74 8.71 7.91
CA ALA L 31 34.83 7.26 7.81
C ALA L 31 35.84 6.82 6.74
N ARG L 32 36.52 5.69 6.99
CA ARG L 32 37.48 5.14 6.02
C ARG L 32 36.79 4.02 5.27
N LYS L 33 36.24 4.31 4.09
CA LYS L 33 35.54 3.29 3.33
C LYS L 33 36.42 2.44 2.40
N VAL L 34 37.73 2.61 2.49
CA VAL L 34 38.65 1.83 1.67
C VAL L 34 39.77 1.40 2.58
N ARG L 35 40.09 0.11 2.60
CA ARG L 35 41.14 -0.40 3.48
C ARG L 35 41.98 -1.41 2.79
N ARG L 36 43.13 -1.72 3.40
CA ARG L 36 44.06 -2.68 2.83
C ARG L 36 43.88 -4.08 3.46
N LEU L 37 43.99 -5.12 2.66
CA LEU L 37 43.87 -6.50 3.13
C LEU L 37 45.09 -7.34 2.79
N TYR L 38 45.17 -8.53 3.36
CA TYR L 38 46.29 -9.43 3.08
C TYR L 38 47.66 -8.75 2.97
N ASN L 39 48.20 -8.32 4.11
CA ASN L 39 49.52 -7.70 4.16
C ASN L 39 49.58 -6.57 3.14
N GLY L 40 48.64 -5.64 3.25
CA GLY L 40 48.57 -4.50 2.35
C GLY L 40 48.81 -4.70 0.87
N LYS L 41 48.65 -5.90 0.35
CA LYS L 41 48.90 -6.11 -1.08
C LYS L 41 47.57 -6.12 -1.89
N VAL L 42 46.47 -5.77 -1.24
CA VAL L 42 45.18 -5.72 -1.94
C VAL L 42 44.24 -4.69 -1.32
N LEU L 43 43.63 -3.88 -2.19
CA LEU L 43 42.71 -2.83 -1.77
C LEU L 43 41.23 -3.24 -1.78
N ALA L 44 40.49 -2.75 -0.80
CA ALA L 44 39.07 -3.04 -0.68
C ALA L 44 38.29 -1.80 -0.26
N GLY L 45 37.22 -1.51 -1.01
CA GLY L 45 36.40 -0.37 -0.69
C GLY L 45 34.99 -0.88 -0.67
N PHE L 46 34.19 -0.45 0.30
CA PHE L 46 32.83 -0.97 0.39
C PHE L 46 31.68 0.00 0.53
N ALA L 47 30.62 -0.26 -0.21
CA ALA L 47 29.42 0.56 -0.18
C ALA L 47 28.34 -0.33 0.38
N GLY L 48 27.13 0.20 0.53
CA GLY L 48 26.04 -0.58 1.09
C GLY L 48 25.86 -0.30 2.58
N GLY L 49 24.97 -1.04 3.27
CA GLY L 49 24.75 -0.82 4.70
C GLY L 49 26.02 -1.05 5.49
N THR L 50 26.33 -0.25 6.49
CA THR L 50 27.55 -0.43 7.26
C THR L 50 27.93 -1.87 7.69
N ALA L 51 27.15 -2.44 8.61
CA ALA L 51 27.42 -3.79 9.09
C ALA L 51 27.66 -4.78 7.97
N ASP L 52 26.67 -4.96 7.12
CA ASP L 52 26.81 -5.90 6.02
C ASP L 52 28.10 -5.60 5.25
N ALA L 53 28.30 -4.34 4.94
CA ALA L 53 29.50 -3.95 4.24
C ALA L 53 30.68 -4.56 5.01
N PHE L 54 30.72 -4.37 6.31
CA PHE L 54 31.82 -4.93 7.07
C PHE L 54 31.85 -6.46 7.05
N THR L 55 30.73 -7.14 7.24
CA THR L 55 30.83 -8.60 7.25
C THR L 55 31.28 -9.09 5.86
N LEU L 56 30.76 -8.47 4.81
CA LEU L 56 31.10 -8.85 3.45
C LEU L 56 32.61 -8.73 3.26
N PHE L 57 33.18 -7.75 3.95
CA PHE L 57 34.60 -7.44 3.86
C PHE L 57 35.40 -8.45 4.64
N GLU L 58 35.05 -8.63 5.91
CA GLU L 58 35.71 -9.59 6.78
C GLU L 58 35.61 -10.99 6.19
N LEU L 59 34.58 -11.25 5.39
CA LEU L 59 34.44 -12.57 4.81
C LEU L 59 35.48 -12.75 3.71
N PHE L 60 35.54 -11.80 2.80
CA PHE L 60 36.49 -11.86 1.69
C PHE L 60 37.90 -11.99 2.25
N GLU L 61 38.14 -11.39 3.41
CA GLU L 61 39.46 -11.44 4.01
C GLU L 61 39.85 -12.85 4.39
N ARG L 62 38.96 -13.56 5.08
CA ARG L 62 39.22 -14.94 5.51
C ARG L 62 39.53 -15.76 4.29
N LYS L 63 38.81 -15.49 3.23
CA LYS L 63 39.04 -16.21 2.00
C LYS L 63 40.43 -15.89 1.49
N LEU L 64 40.76 -14.62 1.44
CA LEU L 64 42.05 -14.20 0.94
C LEU L 64 43.16 -14.85 1.73
N GLU L 65 42.91 -15.08 3.02
CA GLU L 65 43.88 -15.70 3.93
C GLU L 65 44.09 -17.16 3.58
N MET L 66 42.99 -17.84 3.24
CA MET L 66 43.07 -19.26 2.88
C MET L 66 43.59 -19.60 1.50
N HIS L 67 43.75 -18.59 0.61
CA HIS L 67 44.19 -18.83 -0.75
C HIS L 67 45.41 -18.05 -1.23
N GLN L 68 46.39 -17.89 -0.35
CA GLN L 68 47.62 -17.20 -0.71
C GLN L 68 47.37 -15.85 -1.34
N GLY L 69 46.22 -15.25 -1.01
CA GLY L 69 45.89 -13.94 -1.54
C GLY L 69 45.55 -13.87 -3.01
N HIS L 70 45.11 -14.97 -3.62
CA HIS L 70 44.75 -14.88 -5.02
C HIS L 70 43.39 -14.16 -5.07
N LEU L 71 43.42 -12.90 -5.50
CA LEU L 71 42.24 -12.06 -5.57
C LEU L 71 41.15 -12.76 -6.33
N LEU L 72 41.40 -13.16 -7.56
CA LEU L 72 40.37 -13.79 -8.38
C LEU L 72 39.79 -15.09 -7.79
N LYS L 73 40.65 -16.01 -7.36
CA LYS L 73 40.14 -17.24 -6.78
C LYS L 73 39.37 -16.99 -5.49
N SER L 74 39.89 -16.11 -4.64
CA SER L 74 39.22 -15.80 -3.41
C SER L 74 37.81 -15.30 -3.69
N ALA L 75 37.66 -14.38 -4.65
CA ALA L 75 36.33 -13.85 -4.97
C ALA L 75 35.39 -14.98 -5.32
N VAL L 76 35.77 -15.77 -6.32
CA VAL L 76 34.95 -16.91 -6.72
C VAL L 76 34.61 -17.87 -5.57
N GLU L 77 35.60 -18.24 -4.76
CA GLU L 77 35.38 -19.14 -3.65
C GLU L 77 34.30 -18.61 -2.73
N LEU L 78 34.35 -17.30 -2.51
CA LEU L 78 33.39 -16.61 -1.66
C LEU L 78 32.05 -16.53 -2.36
N ALA L 79 32.05 -16.30 -3.66
CA ALA L 79 30.78 -16.24 -4.36
C ALA L 79 30.06 -17.58 -4.20
N LYS L 80 30.80 -18.65 -4.47
CA LYS L 80 30.27 -19.98 -4.38
C LYS L 80 29.63 -20.36 -3.04
N ASP L 81 29.78 -19.51 -2.03
CA ASP L 81 29.20 -19.82 -0.72
C ASP L 81 27.79 -19.21 -0.61
N TRP L 82 27.27 -18.74 -1.74
CA TRP L 82 25.95 -18.16 -1.82
C TRP L 82 25.27 -18.94 -2.92
N ARG L 83 26.02 -19.22 -3.98
CA ARG L 83 25.52 -19.96 -5.11
C ARG L 83 25.39 -21.47 -4.86
N THR L 84 24.77 -21.86 -3.73
CA THR L 84 24.58 -23.27 -3.41
C THR L 84 23.25 -23.57 -2.72
N ASP L 85 23.08 -24.82 -2.30
CA ASP L 85 21.88 -25.26 -1.61
C ASP L 85 21.67 -24.44 -0.35
N ARG L 86 22.61 -24.59 0.59
CA ARG L 86 22.58 -23.90 1.87
C ARG L 86 23.06 -22.46 1.78
N ALA L 87 22.12 -21.54 1.55
CA ALA L 87 22.42 -20.11 1.43
C ALA L 87 23.35 -19.60 2.53
N LEU L 88 23.97 -18.45 2.30
CA LEU L 88 24.87 -17.92 3.29
C LEU L 88 24.18 -16.82 4.05
N ARG L 89 23.29 -16.13 3.38
CA ARG L 89 22.53 -14.99 3.94
C ARG L 89 22.87 -13.75 3.11
N LYS L 90 21.85 -13.22 2.44
CA LYS L 90 22.00 -12.05 1.60
C LYS L 90 22.51 -10.83 2.40
N LEU L 91 23.59 -10.22 1.92
CA LEU L 91 24.18 -9.06 2.55
C LEU L 91 23.93 -7.84 1.68
N GLU L 92 23.41 -6.77 2.27
CA GLU L 92 23.18 -5.57 1.47
C GLU L 92 24.47 -4.71 1.38
N ALA L 93 25.46 -5.18 0.64
CA ALA L 93 26.70 -4.44 0.50
C ALA L 93 27.54 -4.94 -0.67
N MET L 94 28.33 -4.04 -1.28
CA MET L 94 29.19 -4.40 -2.40
C MET L 94 30.61 -4.02 -2.05
N LEU L 95 31.58 -4.69 -2.66
CA LEU L 95 32.95 -4.35 -2.41
C LEU L 95 33.60 -4.13 -3.75
N ILE L 96 34.67 -3.35 -3.78
CA ILE L 96 35.45 -3.20 -4.98
C ILE L 96 36.77 -3.65 -4.42
N VAL L 97 37.32 -4.71 -5.01
CA VAL L 97 38.59 -5.24 -4.54
C VAL L 97 39.62 -5.17 -5.68
N ALA L 98 40.88 -4.92 -5.33
CA ALA L 98 41.93 -4.85 -6.33
C ALA L 98 43.31 -5.11 -5.78
N ASP L 99 44.12 -5.81 -6.58
CA ASP L 99 45.50 -6.08 -6.23
C ASP L 99 46.33 -5.73 -7.46
N GLU L 100 47.65 -5.90 -7.39
CA GLU L 100 48.50 -5.57 -8.52
C GLU L 100 47.92 -6.03 -9.86
N LYS L 101 47.47 -7.28 -9.94
CA LYS L 101 46.95 -7.85 -11.17
C LYS L 101 45.48 -7.61 -11.57
N GLU L 102 44.54 -7.76 -10.64
CA GLU L 102 43.12 -7.60 -10.96
C GLU L 102 42.33 -6.55 -10.19
N SER L 103 41.18 -6.17 -10.75
CA SER L 103 40.26 -5.23 -10.13
C SER L 103 38.97 -6.03 -10.21
N LEU L 104 38.16 -6.00 -9.18
CA LEU L 104 36.95 -6.79 -9.20
C LEU L 104 35.89 -6.15 -8.37
N ILE L 105 34.64 -6.44 -8.66
CA ILE L 105 33.55 -5.93 -7.85
C ILE L 105 32.71 -7.14 -7.39
N ILE L 106 32.64 -7.31 -6.07
CA ILE L 106 31.96 -8.42 -5.41
C ILE L 106 30.73 -7.95 -4.65
N THR L 107 29.62 -8.67 -4.78
CA THR L 107 28.43 -8.27 -4.06
C THR L 107 28.03 -9.28 -2.98
N GLY L 108 27.05 -8.90 -2.18
CA GLY L 108 26.64 -9.72 -1.06
C GLY L 108 25.63 -10.81 -1.34
N ILE L 109 25.39 -11.15 -2.59
CA ILE L 109 24.45 -12.23 -2.87
C ILE L 109 25.23 -13.23 -3.68
N GLY L 110 26.54 -12.95 -3.72
CA GLY L 110 27.49 -13.79 -4.40
C GLY L 110 27.50 -13.70 -5.91
N ASP L 111 28.45 -12.97 -6.47
CA ASP L 111 28.59 -12.83 -7.91
C ASP L 111 29.74 -11.86 -8.08
N VAL L 112 30.79 -12.29 -8.78
CA VAL L 112 31.92 -11.42 -8.95
C VAL L 112 31.75 -10.89 -10.34
N VAL L 113 32.06 -9.61 -10.50
CA VAL L 113 31.92 -8.95 -11.79
C VAL L 113 33.25 -8.33 -12.16
N GLN L 114 33.64 -8.40 -13.43
CA GLN L 114 34.88 -7.80 -13.87
C GLN L 114 34.54 -6.49 -14.55
N PRO L 115 35.50 -5.58 -14.61
CA PRO L 115 35.25 -4.28 -15.24
C PRO L 115 35.14 -4.43 -16.74
N GLU L 116 34.77 -3.35 -17.42
CA GLU L 116 34.71 -3.40 -18.87
C GLU L 116 36.14 -3.06 -19.28
N GLU L 117 36.40 -3.03 -20.59
CA GLU L 117 37.74 -2.74 -21.08
C GLU L 117 38.48 -1.63 -20.33
N ASP L 118 37.87 -0.46 -20.21
CA ASP L 118 38.51 0.69 -19.54
C ASP L 118 39.07 0.47 -18.13
N GLN L 119 38.77 -0.67 -17.52
CA GLN L 119 39.26 -1.00 -16.18
C GLN L 119 38.83 -0.02 -15.09
N ILE L 120 37.61 0.50 -15.20
CA ILE L 120 37.09 1.45 -14.22
C ILE L 120 35.91 0.82 -13.48
N LEU L 121 35.89 0.99 -12.17
CA LEU L 121 34.83 0.44 -11.34
C LEU L 121 34.41 1.46 -10.29
N ALA L 122 33.10 1.54 -10.06
CA ALA L 122 32.60 2.42 -9.01
C ALA L 122 31.29 1.86 -8.46
N ILE L 123 31.05 2.08 -7.17
CA ILE L 123 29.85 1.60 -6.53
C ILE L 123 29.37 2.63 -5.51
N GLY L 124 28.17 2.45 -5.00
CA GLY L 124 27.63 3.41 -4.06
C GLY L 124 26.57 4.27 -4.74
N SER L 125 25.79 5.03 -3.96
CA SER L 125 24.78 5.89 -4.50
C SER L 125 25.41 6.87 -5.46
N GLY L 126 26.62 7.32 -5.12
CA GLY L 126 27.32 8.26 -6.01
C GLY L 126 28.23 7.58 -7.03
N GLY L 127 27.94 6.31 -7.30
CA GLY L 127 28.79 5.55 -8.20
C GLY L 127 28.95 6.03 -9.62
N ASN L 128 27.80 6.08 -10.30
CA ASN L 128 27.74 6.50 -11.68
C ASN L 128 28.29 7.91 -11.91
N TYR L 129 28.18 8.77 -10.91
CA TYR L 129 28.72 10.11 -11.07
C TYR L 129 30.23 9.94 -11.21
N ALA L 130 30.85 9.29 -10.21
CA ALA L 130 32.30 9.05 -10.25
C ALA L 130 32.66 8.27 -11.53
N LEU L 131 31.80 7.31 -11.88
CA LEU L 131 32.05 6.50 -13.05
C LEU L 131 32.09 7.36 -14.33
N SER L 132 31.11 8.26 -14.49
CA SER L 132 31.01 9.15 -15.65
C SER L 132 32.21 10.07 -15.67
N ALA L 133 32.47 10.71 -14.54
CA ALA L 133 33.60 11.59 -14.46
C ALA L 133 34.88 10.83 -14.83
N ALA L 134 35.07 9.66 -14.24
CA ALA L 134 36.27 8.86 -14.49
C ALA L 134 36.43 8.46 -15.96
N ARG L 135 35.38 7.92 -16.55
CA ARG L 135 35.46 7.52 -17.95
C ARG L 135 35.90 8.72 -18.78
N ALA L 136 35.27 9.87 -18.55
CA ALA L 136 35.62 11.10 -19.27
C ALA L 136 37.12 11.37 -19.19
N LEU L 137 37.66 11.44 -17.98
CA LEU L 137 39.09 11.69 -17.78
C LEU L 137 40.02 10.63 -18.36
N VAL L 138 39.67 9.36 -18.19
CA VAL L 138 40.54 8.31 -18.71
C VAL L 138 40.59 8.33 -20.22
N GLU L 139 39.47 8.68 -20.86
CA GLU L 139 39.40 8.72 -22.32
C GLU L 139 39.91 10.02 -22.94
N ASN L 140 40.02 11.08 -22.16
CA ASN L 140 40.46 12.36 -22.72
C ASN L 140 41.63 13.09 -22.03
N THR L 141 42.38 12.44 -21.16
CA THR L 141 43.53 13.11 -20.55
C THR L 141 44.63 12.12 -20.24
N GLU L 142 45.79 12.62 -19.82
CA GLU L 142 46.90 11.76 -19.49
C GLU L 142 47.05 11.70 -17.98
N LEU L 143 46.03 12.20 -17.28
CA LEU L 143 46.02 12.22 -15.83
C LEU L 143 46.31 10.85 -15.26
N SER L 144 47.04 10.81 -14.14
CA SER L 144 47.38 9.54 -13.50
C SER L 144 46.12 8.92 -12.90
N ALA L 145 46.21 7.65 -12.54
CA ALA L 145 45.07 6.98 -11.95
C ALA L 145 44.65 7.75 -10.70
N HIS L 146 45.62 8.03 -9.85
CA HIS L 146 45.36 8.72 -8.61
C HIS L 146 44.54 9.98 -8.78
N GLU L 147 44.99 10.86 -9.68
CA GLU L 147 44.33 12.15 -9.97
C GLU L 147 42.89 11.96 -10.42
N ILE L 148 42.69 11.09 -11.40
CA ILE L 148 41.35 10.79 -11.88
C ILE L 148 40.43 10.33 -10.77
N VAL L 149 40.95 9.53 -9.84
CA VAL L 149 40.15 9.02 -8.72
C VAL L 149 39.75 10.22 -7.88
N GLU L 150 40.75 10.96 -7.42
CA GLU L 150 40.57 12.16 -6.62
C GLU L 150 39.59 13.09 -7.30
N LYS L 151 39.82 13.36 -8.59
CA LYS L 151 38.95 14.26 -9.32
C LYS L 151 37.49 13.78 -9.37
N SER L 152 37.27 12.56 -9.86
CA SER L 152 35.92 12.02 -9.96
C SER L 152 35.21 11.97 -8.61
N LEU L 153 35.93 11.58 -7.57
CA LEU L 153 35.32 11.50 -6.25
C LEU L 153 34.61 12.78 -5.91
N ARG L 154 35.31 13.91 -6.07
CA ARG L 154 34.73 15.22 -5.78
C ARG L 154 33.54 15.54 -6.66
N ILE L 155 33.71 15.39 -7.97
CA ILE L 155 32.62 15.66 -8.89
C ILE L 155 31.35 14.95 -8.46
N ALA L 156 31.53 13.83 -7.76
CA ALA L 156 30.40 13.03 -7.31
C ALA L 156 29.93 13.46 -5.95
N GLY L 157 30.85 13.86 -5.09
CA GLY L 157 30.44 14.30 -3.77
C GLY L 157 29.59 15.56 -3.90
N ASP L 158 29.80 16.26 -5.02
CA ASP L 158 29.09 17.49 -5.33
C ASP L 158 27.68 17.23 -5.81
N ILE L 159 27.42 16.03 -6.29
CA ILE L 159 26.10 15.71 -6.79
C ILE L 159 25.31 14.81 -5.85
N CYS L 160 26.00 13.95 -5.13
CA CYS L 160 25.32 13.06 -4.23
C CYS L 160 25.22 13.64 -2.84
N VAL L 161 24.00 13.60 -2.30
CA VAL L 161 23.75 14.13 -0.96
C VAL L 161 24.22 13.17 0.11
N PHE L 162 24.75 12.03 -0.32
CA PHE L 162 25.19 11.04 0.64
C PHE L 162 26.68 10.85 0.64
N THR L 163 27.33 11.56 -0.27
CA THR L 163 28.77 11.51 -0.43
C THR L 163 29.33 12.87 -0.10
N ASN L 164 30.36 12.88 0.75
CA ASN L 164 30.97 14.14 1.13
C ASN L 164 32.30 14.25 0.45
N THR L 165 33.12 15.21 0.87
CA THR L 165 34.38 15.38 0.18
C THR L 165 35.62 14.90 0.91
N ASN L 166 35.42 14.37 2.13
CA ASN L 166 36.54 13.83 2.91
C ASN L 166 36.86 12.45 2.31
N PHE L 167 37.93 12.37 1.51
CA PHE L 167 38.31 11.14 0.82
C PHE L 167 39.37 10.32 1.52
N THR L 168 39.46 9.05 1.12
CA THR L 168 40.45 8.13 1.64
C THR L 168 40.86 7.38 0.39
N ILE L 169 42.03 7.71 -0.13
CA ILE L 169 42.49 7.04 -1.33
C ILE L 169 43.69 6.15 -1.08
N GLU L 170 43.68 4.98 -1.71
CA GLU L 170 44.75 4.00 -1.60
C GLU L 170 45.16 3.58 -3.00
N GLU L 171 46.47 3.57 -3.25
CA GLU L 171 46.98 3.12 -4.55
C GLU L 171 47.89 1.94 -4.33
N LEU L 172 48.08 1.15 -5.39
CA LEU L 172 48.94 -0.01 -5.31
C LEU L 172 50.15 0.13 -6.15
N PRO L 173 51.32 0.25 -5.49
CA PRO L 173 52.58 0.38 -6.19
C PRO L 173 52.61 -0.82 -7.11
N THR M 1 -5.51 -4.50 -27.15
CA THR M 1 -5.60 -4.87 -28.56
C THR M 1 -4.15 -5.05 -29.17
N THR M 2 -4.01 -5.20 -30.52
CA THR M 2 -2.70 -5.20 -31.30
C THR M 2 -3.06 -4.53 -32.62
N ILE M 3 -2.49 -3.35 -32.86
CA ILE M 3 -2.79 -2.58 -34.07
C ILE M 3 -1.47 -2.33 -34.76
N VAL M 4 -1.35 -2.79 -36.00
CA VAL M 4 -0.10 -2.56 -36.71
C VAL M 4 -0.29 -1.98 -38.13
N SER M 5 0.69 -1.19 -38.57
CA SER M 5 0.65 -0.57 -39.89
C SER M 5 1.98 -0.60 -40.63
N VAL M 6 1.98 -1.24 -41.79
CA VAL M 6 3.19 -1.34 -42.61
C VAL M 6 2.95 -0.56 -43.90
N ARG M 7 4.02 -0.03 -44.46
CA ARG M 7 3.95 0.73 -45.69
C ARG M 7 5.06 0.32 -46.67
N ARG M 8 4.69 -0.38 -47.73
CA ARG M 8 5.65 -0.84 -48.74
C ARG M 8 5.07 -0.81 -50.12
N ASN M 9 5.81 -0.20 -51.05
CA ASN M 9 5.43 -0.07 -52.48
C ASN M 9 4.14 0.73 -52.71
N GLY M 10 4.13 1.97 -52.24
CA GLY M 10 2.95 2.82 -52.39
C GLY M 10 1.73 2.18 -51.78
N GLN M 11 1.97 1.30 -50.81
CA GLN M 11 0.89 0.62 -50.11
C GLN M 11 0.91 0.99 -48.63
N VAL M 12 -0.28 1.24 -48.09
CA VAL M 12 -0.42 1.58 -46.69
C VAL M 12 -1.49 0.68 -46.13
N VAL M 13 -1.09 -0.25 -45.28
CA VAL M 13 -2.04 -1.16 -44.67
C VAL M 13 -2.13 -0.92 -43.16
N VAL M 14 -3.30 -1.17 -42.59
CA VAL M 14 -3.49 -0.97 -41.16
C VAL M 14 -4.40 -2.04 -40.61
N GLY M 15 -3.83 -2.93 -39.79
CA GLY M 15 -4.62 -4.01 -39.25
C GLY M 15 -4.72 -4.01 -37.75
N GLY M 16 -5.65 -4.81 -37.26
CA GLY M 16 -5.86 -4.91 -35.84
C GLY M 16 -6.77 -6.09 -35.57
N ASP M 17 -6.63 -6.72 -34.41
CA ASP M 17 -7.47 -7.86 -34.07
C ASP M 17 -8.84 -7.38 -33.69
N GLY M 18 -9.61 -8.25 -33.04
CA GLY M 18 -10.96 -7.89 -32.66
C GLY M 18 -11.44 -8.40 -31.33
N GLN M 19 -10.61 -8.24 -30.30
CA GLN M 19 -10.95 -8.71 -28.96
C GLN M 19 -11.19 -7.61 -27.93
N VAL M 20 -12.44 -7.49 -27.48
CA VAL M 20 -12.75 -6.50 -26.47
C VAL M 20 -12.64 -7.24 -25.15
N SER M 21 -11.64 -6.84 -24.37
CA SER M 21 -11.37 -7.48 -23.09
C SER M 21 -11.90 -6.67 -21.91
N LEU M 22 -12.51 -7.39 -20.98
CA LEU M 22 -13.06 -6.83 -19.74
C LEU M 22 -12.44 -7.67 -18.64
N GLY M 23 -11.52 -7.08 -17.86
CA GLY M 23 -10.86 -7.85 -16.83
C GLY M 23 -10.05 -8.91 -17.57
N ASN M 24 -10.16 -10.16 -17.15
CA ASN M 24 -9.42 -11.21 -17.83
C ASN M 24 -10.38 -12.05 -18.63
N THR M 25 -11.54 -11.49 -18.90
CA THR M 25 -12.57 -12.19 -19.69
C THR M 25 -12.73 -11.49 -21.05
N VAL M 26 -13.25 -12.24 -22.01
CA VAL M 26 -13.47 -11.71 -23.33
C VAL M 26 -14.95 -11.45 -23.54
N MET M 27 -15.32 -10.18 -23.73
CA MET M 27 -16.72 -9.81 -23.94
C MET M 27 -17.18 -9.91 -25.39
N LYS M 28 -16.39 -9.35 -26.29
CA LYS M 28 -16.69 -9.37 -27.72
C LYS M 28 -15.41 -9.74 -28.47
N GLY M 29 -15.50 -10.68 -29.41
CA GLY M 29 -14.32 -11.07 -30.17
C GLY M 29 -14.29 -10.80 -31.67
N ASN M 30 -15.19 -9.96 -32.18
CA ASN M 30 -15.20 -9.66 -33.61
C ASN M 30 -14.94 -8.19 -33.89
N ALA M 31 -15.13 -7.35 -32.87
CA ALA M 31 -14.94 -5.90 -32.94
C ALA M 31 -14.03 -5.35 -34.03
N ARG M 32 -14.50 -4.36 -34.78
CA ARG M 32 -13.68 -3.76 -35.82
C ARG M 32 -12.82 -2.69 -35.17
N LYS M 33 -11.50 -2.89 -35.14
CA LYS M 33 -10.61 -1.93 -34.52
C LYS M 33 -9.97 -0.92 -35.49
N VAL M 34 -10.08 -1.21 -36.78
CA VAL M 34 -9.55 -0.33 -37.83
C VAL M 34 -10.74 0.15 -38.66
N ARG M 35 -10.97 1.47 -38.64
CA ARG M 35 -12.08 2.08 -39.34
C ARG M 35 -11.55 3.00 -40.43
N ARG M 36 -12.45 3.40 -41.34
CA ARG M 36 -12.12 4.32 -42.45
C ARG M 36 -12.64 5.74 -42.21
N LEU M 37 -11.85 6.75 -42.56
CA LEU M 37 -12.27 8.12 -42.35
C LEU M 37 -12.18 9.01 -43.60
N TYR M 38 -13.00 10.06 -43.61
CA TYR M 38 -13.03 11.02 -44.71
C TYR M 38 -13.35 10.37 -46.05
N ASN M 39 -14.51 9.74 -46.12
CA ASN M 39 -15.00 9.08 -47.32
C ASN M 39 -14.12 7.94 -47.81
N GLY M 40 -13.22 7.46 -46.95
CA GLY M 40 -12.33 6.38 -47.30
C GLY M 40 -10.93 6.84 -47.64
N LYS M 41 -10.62 8.10 -47.33
CA LYS M 41 -9.31 8.67 -47.63
C LYS M 41 -8.26 8.35 -46.58
N VAL M 42 -8.67 8.15 -45.33
CA VAL M 42 -7.70 7.82 -44.27
C VAL M 42 -8.07 6.61 -43.40
N LEU M 43 -7.04 5.89 -42.96
CA LEU M 43 -7.17 4.71 -42.12
C LEU M 43 -6.87 5.04 -40.67
N ALA M 44 -7.68 4.50 -39.76
CA ALA M 44 -7.46 4.74 -38.35
C ALA M 44 -7.71 3.49 -37.53
N GLY M 45 -6.71 3.16 -36.72
CA GLY M 45 -6.79 1.99 -35.84
C GLY M 45 -6.61 2.52 -34.44
N PHE M 46 -7.46 2.08 -33.53
CA PHE M 46 -7.36 2.55 -32.16
C PHE M 46 -7.13 1.47 -31.13
N ALA M 47 -6.69 1.92 -29.97
CA ALA M 47 -6.39 1.04 -28.83
C ALA M 47 -6.46 1.86 -27.54
N GLY M 48 -6.96 1.25 -26.47
CA GLY M 48 -7.03 1.96 -25.21
C GLY M 48 -8.38 1.99 -24.49
N GLY M 49 -9.12 0.89 -24.53
CA GLY M 49 -10.38 0.92 -23.82
C GLY M 49 -11.47 1.77 -24.42
N THR M 50 -12.36 1.08 -25.13
CA THR M 50 -13.53 1.65 -25.79
C THR M 50 -13.69 3.16 -25.66
N ALA M 51 -14.59 3.59 -24.77
CA ALA M 51 -14.88 5.01 -24.53
C ALA M 51 -13.83 6.02 -25.03
N ASP M 52 -12.77 6.24 -24.26
CA ASP M 52 -11.72 7.18 -24.67
C ASP M 52 -11.18 6.86 -26.06
N ALA M 53 -10.96 5.57 -26.30
CA ALA M 53 -10.46 5.15 -27.59
C ALA M 53 -11.35 5.70 -28.72
N PHE M 54 -12.66 5.76 -28.46
CA PHE M 54 -13.61 6.25 -29.43
C PHE M 54 -13.69 7.75 -29.54
N THR M 55 -13.88 8.41 -28.40
CA THR M 55 -13.95 9.86 -28.43
C THR M 55 -12.67 10.44 -29.04
N LEU M 56 -11.58 9.70 -29.03
CA LEU M 56 -10.35 10.20 -29.62
C LEU M 56 -10.49 10.11 -31.13
N PHE M 57 -11.20 9.06 -31.55
CA PHE M 57 -11.45 8.79 -32.95
C PHE M 57 -12.30 9.90 -33.53
N GLU M 58 -13.44 10.16 -32.87
CA GLU M 58 -14.36 11.20 -33.31
C GLU M 58 -13.66 12.55 -33.41
N LEU M 59 -12.96 12.95 -32.36
CA LEU M 59 -12.24 14.22 -32.36
C LEU M 59 -11.26 14.41 -33.53
N PHE M 60 -10.75 13.31 -34.07
CA PHE M 60 -9.79 13.40 -35.17
C PHE M 60 -10.58 13.51 -36.48
N GLU M 61 -11.84 13.12 -36.44
CA GLU M 61 -12.70 13.19 -37.62
C GLU M 61 -13.17 14.63 -37.75
N ARG M 62 -13.74 15.18 -36.67
CA ARG M 62 -14.21 16.55 -36.66
C ARG M 62 -13.08 17.49 -37.03
N LYS M 63 -11.85 16.97 -37.09
CA LYS M 63 -10.69 17.78 -37.45
C LYS M 63 -10.27 17.54 -38.89
N LEU M 64 -10.66 16.40 -39.43
CA LEU M 64 -10.32 16.09 -40.80
C LEU M 64 -11.37 16.74 -41.68
N GLU M 65 -12.64 16.55 -41.31
CA GLU M 65 -13.75 17.13 -42.06
C GLU M 65 -13.89 18.58 -41.60
N MET M 66 -12.75 19.26 -41.57
CA MET M 66 -12.65 20.67 -41.18
C MET M 66 -11.26 21.16 -41.58
N HIS M 67 -10.52 20.33 -42.30
CA HIS M 67 -9.19 20.68 -42.79
C HIS M 67 -8.90 19.98 -44.11
N GLN M 68 -9.96 19.62 -44.82
CA GLN M 68 -9.84 18.97 -46.13
C GLN M 68 -9.09 17.65 -46.11
N GLY M 69 -9.14 16.93 -45.00
CA GLY M 69 -8.46 15.65 -44.91
C GLY M 69 -6.95 15.70 -44.86
N HIS M 70 -6.40 16.86 -44.50
CA HIS M 70 -4.96 17.00 -44.39
C HIS M 70 -4.53 16.35 -43.09
N LEU M 71 -4.19 15.07 -43.18
CA LEU M 71 -3.78 14.27 -42.03
C LEU M 71 -2.90 15.00 -41.03
N LEU M 72 -1.68 15.34 -41.46
CA LEU M 72 -0.73 16.03 -40.60
C LEU M 72 -1.29 17.28 -39.90
N LYS M 73 -1.94 18.15 -40.65
CA LYS M 73 -2.52 19.37 -40.08
C LYS M 73 -3.63 19.01 -39.10
N SER M 74 -4.51 18.08 -39.50
CA SER M 74 -5.61 17.66 -38.65
C SER M 74 -5.06 17.13 -37.34
N ALA M 75 -3.97 16.36 -37.45
CA ALA M 75 -3.31 15.77 -36.30
C ALA M 75 -2.85 16.83 -35.31
N VAL M 76 -2.06 17.78 -35.83
CA VAL M 76 -1.54 18.86 -35.02
C VAL M 76 -2.60 19.80 -34.46
N GLU M 77 -3.66 20.02 -35.24
CA GLU M 77 -4.73 20.89 -34.78
C GLU M 77 -5.36 20.26 -33.55
N LEU M 78 -5.43 18.93 -33.57
CA LEU M 78 -6.01 18.15 -32.47
C LEU M 78 -5.09 18.09 -31.26
N ALA M 79 -3.81 17.89 -31.52
CA ALA M 79 -2.79 17.84 -30.47
C ALA M 79 -2.76 19.16 -29.73
N LYS M 80 -2.76 20.26 -30.48
CA LYS M 80 -2.73 21.60 -29.89
C LYS M 80 -3.91 21.86 -28.96
N ASP M 81 -4.99 21.09 -29.09
CA ASP M 81 -6.17 21.25 -28.24
C ASP M 81 -5.97 20.65 -26.84
N TRP M 82 -4.77 20.13 -26.60
CA TRP M 82 -4.41 19.54 -25.32
C TRP M 82 -3.28 20.35 -24.72
N ARG M 83 -2.42 20.88 -25.58
CA ARG M 83 -1.27 21.65 -25.14
C ARG M 83 -1.58 23.13 -24.85
N THR M 84 -2.83 23.44 -24.49
CA THR M 84 -3.18 24.83 -24.17
C THR M 84 -3.33 25.05 -22.67
N ASP M 85 -3.84 26.21 -22.31
CA ASP M 85 -4.06 26.55 -20.90
C ASP M 85 -5.20 25.70 -20.39
N ARG M 86 -6.31 25.72 -21.11
CA ARG M 86 -7.51 24.96 -20.75
C ARG M 86 -7.45 23.63 -21.50
N ALA M 87 -6.99 22.60 -20.82
CA ALA M 87 -6.86 21.26 -21.41
C ALA M 87 -8.16 20.69 -21.95
N LEU M 88 -8.03 19.60 -22.72
CA LEU M 88 -9.17 18.92 -23.32
C LEU M 88 -9.31 17.56 -22.64
N ARG M 89 -9.54 17.57 -21.33
CA ARG M 89 -9.66 16.33 -20.59
C ARG M 89 -8.35 15.59 -20.85
N LYS M 90 -8.37 14.27 -20.80
CA LYS M 90 -7.19 13.45 -21.04
C LYS M 90 -7.71 12.06 -21.40
N LEU M 91 -7.32 11.56 -22.58
CA LEU M 91 -7.80 10.26 -23.02
C LEU M 91 -6.84 9.10 -22.86
N GLU M 92 -7.38 8.00 -22.32
CA GLU M 92 -6.63 6.78 -22.10
C GLU M 92 -6.65 5.96 -23.39
N ALA M 93 -6.04 6.45 -24.46
CA ALA M 93 -6.01 5.72 -25.73
C ALA M 93 -5.11 6.38 -26.76
N MET M 94 -4.84 5.67 -27.86
CA MET M 94 -4.01 6.21 -28.92
C MET M 94 -4.45 5.67 -30.28
N LEU M 95 -4.13 6.43 -31.33
CA LEU M 95 -4.53 6.10 -32.69
C LEU M 95 -3.38 5.99 -33.67
N ILE M 96 -3.56 5.14 -34.67
CA ILE M 96 -2.58 5.02 -35.73
C ILE M 96 -3.42 5.43 -36.93
N VAL M 97 -3.03 6.54 -37.53
CA VAL M 97 -3.74 7.12 -38.68
C VAL M 97 -2.82 7.20 -39.88
N ALA M 98 -3.36 6.88 -41.06
CA ALA M 98 -2.56 6.94 -42.27
C ALA M 98 -3.38 7.00 -43.54
N ASP M 99 -2.90 7.82 -44.47
CA ASP M 99 -3.51 8.02 -45.78
C ASP M 99 -2.41 7.73 -46.82
N GLU M 100 -2.70 7.98 -48.09
CA GLU M 100 -1.72 7.73 -49.13
C GLU M 100 -0.39 8.45 -48.87
N LYS M 101 -0.46 9.65 -48.31
CA LYS M 101 0.73 10.45 -48.04
C LYS M 101 1.54 10.07 -46.80
N GLU M 102 1.00 10.35 -45.62
CA GLU M 102 1.69 10.06 -44.36
C GLU M 102 0.98 9.06 -43.45
N SER M 103 1.64 8.71 -42.35
CA SER M 103 1.09 7.79 -41.35
C SER M 103 1.55 8.31 -39.99
N LEU M 104 0.64 8.30 -39.01
CA LEU M 104 0.97 8.80 -37.68
C LEU M 104 0.37 8.02 -36.53
N ILE M 105 0.74 8.47 -35.34
CA ILE M 105 0.27 7.89 -34.10
C ILE M 105 -0.03 9.08 -33.18
N ILE M 106 -1.29 9.21 -32.81
CA ILE M 106 -1.76 10.31 -31.99
C ILE M 106 -2.29 9.81 -30.65
N THR M 107 -1.81 10.40 -29.56
CA THR M 107 -2.24 10.01 -28.24
C THR M 107 -3.20 11.03 -27.66
N GLY M 108 -4.17 10.54 -26.89
CA GLY M 108 -5.15 11.42 -26.29
C GLY M 108 -4.63 12.24 -25.13
N ILE M 109 -3.33 12.49 -25.15
CA ILE M 109 -2.70 13.26 -24.08
C ILE M 109 -2.22 14.51 -24.78
N GLY M 110 -2.20 14.45 -26.10
CA GLY M 110 -1.77 15.60 -26.85
C GLY M 110 -0.40 15.56 -27.52
N ASP M 111 -0.10 14.47 -28.21
CA ASP M 111 1.18 14.40 -28.93
C ASP M 111 1.05 13.60 -30.21
N VAL M 112 1.82 14.01 -31.22
CA VAL M 112 1.81 13.34 -32.51
C VAL M 112 3.20 12.81 -32.80
N VAL M 113 3.29 11.53 -33.16
CA VAL M 113 4.57 10.91 -33.44
C VAL M 113 4.69 10.33 -34.83
N GLN M 114 5.81 10.63 -35.49
CA GLN M 114 6.06 10.10 -36.83
C GLN M 114 6.86 8.81 -36.73
N PRO M 115 6.61 7.85 -37.62
CA PRO M 115 7.31 6.57 -37.63
C PRO M 115 8.82 6.79 -37.74
N GLU M 116 9.57 5.69 -37.68
CA GLU M 116 11.02 5.74 -37.82
C GLU M 116 11.22 5.39 -39.29
N GLU M 117 12.43 5.60 -39.81
CA GLU M 117 12.71 5.32 -41.22
C GLU M 117 11.95 4.17 -41.91
N ASP M 118 11.75 3.03 -41.24
CA ASP M 118 11.07 1.91 -41.88
C ASP M 118 9.57 2.07 -42.10
N GLN M 119 8.99 3.10 -41.51
CA GLN M 119 7.56 3.35 -41.68
C GLN M 119 6.66 2.23 -41.14
N ILE M 120 6.92 1.78 -39.92
CA ILE M 120 6.10 0.75 -39.33
C ILE M 120 5.56 1.28 -38.00
N LEU M 121 4.27 1.06 -37.76
CA LEU M 121 3.65 1.52 -36.53
C LEU M 121 2.76 0.46 -35.88
N ALA M 122 2.87 0.35 -34.56
CA ALA M 122 2.05 -0.62 -33.83
C ALA M 122 1.67 -0.01 -32.48
N ILE M 123 0.52 -0.41 -31.95
CA ILE M 123 0.10 0.11 -30.66
C ILE M 123 -0.74 -0.97 -29.97
N GLY M 124 -0.95 -0.80 -28.66
CA GLY M 124 -1.73 -1.77 -27.91
C GLY M 124 -0.84 -2.77 -27.19
N SER M 125 -1.43 -3.54 -26.29
CA SER M 125 -0.70 -4.56 -25.53
C SER M 125 0.13 -5.44 -26.47
N GLY M 126 -0.49 -5.98 -27.51
CA GLY M 126 0.24 -6.81 -28.46
C GLY M 126 1.11 -6.01 -29.43
N GLY M 127 1.21 -4.71 -29.16
CA GLY M 127 1.96 -3.81 -29.99
C GLY M 127 3.33 -4.24 -30.46
N ASN M 128 4.31 -4.20 -29.56
CA ASN M 128 5.68 -4.56 -29.86
C ASN M 128 5.86 -5.98 -30.44
N TYR M 129 4.92 -6.89 -30.18
CA TYR M 129 5.10 -8.21 -30.75
C TYR M 129 4.96 -8.09 -32.26
N ALA M 130 3.92 -7.38 -32.69
CA ALA M 130 3.67 -7.16 -34.12
C ALA M 130 4.77 -6.33 -34.74
N LEU M 131 5.19 -5.30 -34.01
CA LEU M 131 6.26 -4.43 -34.49
C LEU M 131 7.57 -5.20 -34.67
N SER M 132 7.75 -6.27 -33.89
CA SER M 132 8.97 -7.07 -33.97
C SER M 132 8.93 -8.00 -35.16
N ALA M 133 7.77 -8.57 -35.41
CA ALA M 133 7.59 -9.45 -36.55
C ALA M 133 7.60 -8.62 -37.84
N ALA M 134 6.98 -7.44 -37.79
CA ALA M 134 6.91 -6.56 -38.94
C ALA M 134 8.31 -6.17 -39.38
N ARG M 135 9.08 -5.56 -38.49
CA ARG M 135 10.44 -5.17 -38.83
C ARG M 135 11.22 -6.38 -39.33
N ALA M 136 10.98 -7.53 -38.70
CA ALA M 136 11.66 -8.75 -39.11
C ALA M 136 11.41 -9.00 -40.61
N LEU M 137 10.13 -9.00 -40.98
CA LEU M 137 9.72 -9.23 -42.35
C LEU M 137 10.14 -8.14 -43.32
N VAL M 138 9.71 -6.90 -43.07
CA VAL M 138 10.06 -5.79 -43.93
C VAL M 138 11.52 -5.77 -44.31
N GLU M 139 12.38 -5.99 -43.32
CA GLU M 139 13.82 -5.96 -43.53
C GLU M 139 14.42 -7.23 -44.16
N ASN M 140 13.68 -8.35 -44.15
CA ASN M 140 14.21 -9.61 -44.67
C ASN M 140 13.35 -10.36 -45.69
N THR M 141 12.26 -9.77 -46.14
CA THR M 141 11.40 -10.46 -47.08
C THR M 141 10.89 -9.48 -48.14
N GLU M 142 10.18 -10.01 -49.13
CA GLU M 142 9.63 -9.17 -50.19
C GLU M 142 8.14 -8.96 -50.01
N LEU M 143 7.54 -9.71 -49.09
CA LEU M 143 6.13 -9.64 -48.81
C LEU M 143 5.55 -8.24 -48.89
N SER M 144 4.30 -8.16 -49.34
CA SER M 144 3.57 -6.90 -49.48
C SER M 144 3.19 -6.38 -48.11
N ALA M 145 2.94 -5.07 -48.00
CA ALA M 145 2.57 -4.48 -46.72
C ALA M 145 1.33 -5.15 -46.16
N HIS M 146 0.51 -5.73 -47.02
CA HIS M 146 -0.69 -6.40 -46.53
C HIS M 146 -0.30 -7.75 -45.93
N GLU M 147 0.39 -8.57 -46.69
CA GLU M 147 0.84 -9.88 -46.21
C GLU M 147 1.55 -9.70 -44.86
N ILE M 148 2.49 -8.77 -44.78
CA ILE M 148 3.19 -8.53 -43.53
C ILE M 148 2.25 -8.20 -42.38
N VAL M 149 1.37 -7.23 -42.55
CA VAL M 149 0.44 -6.87 -41.48
C VAL M 149 -0.33 -8.11 -41.08
N GLU M 150 -0.79 -8.86 -42.07
CA GLU M 150 -1.53 -10.09 -41.81
C GLU M 150 -0.67 -11.01 -40.95
N LYS M 151 0.54 -11.35 -41.43
CA LYS M 151 1.44 -12.23 -40.69
C LYS M 151 1.79 -11.70 -39.29
N SER M 152 2.24 -10.45 -39.20
CA SER M 152 2.59 -9.83 -37.92
C SER M 152 1.46 -9.84 -36.91
N LEU M 153 0.23 -9.69 -37.36
CA LEU M 153 -0.88 -9.68 -36.42
C LEU M 153 -1.04 -11.01 -35.74
N ARG M 154 -0.97 -12.09 -36.51
CA ARG M 154 -1.10 -13.44 -35.95
C ARG M 154 0.01 -13.73 -34.95
N ILE M 155 1.25 -13.42 -35.32
CA ILE M 155 2.38 -13.65 -34.41
C ILE M 155 2.08 -13.01 -33.06
N ALA M 156 1.41 -11.86 -33.08
CA ALA M 156 1.07 -11.14 -31.85
C ALA M 156 -0.19 -11.65 -31.15
N GLY M 157 -1.04 -12.39 -31.85
CA GLY M 157 -2.23 -12.87 -31.21
C GLY M 157 -1.90 -14.10 -30.38
N ASP M 158 -0.81 -14.76 -30.78
CA ASP M 158 -0.34 -15.98 -30.15
C ASP M 158 0.58 -15.74 -28.97
N ILE M 159 0.83 -14.48 -28.65
CA ILE M 159 1.67 -14.14 -27.53
C ILE M 159 0.90 -13.29 -26.56
N CYS M 160 0.08 -12.37 -27.08
CA CYS M 160 -0.70 -11.51 -26.21
C CYS M 160 -2.01 -12.20 -25.85
N VAL M 161 -2.36 -12.14 -24.56
CA VAL M 161 -3.59 -12.78 -24.09
C VAL M 161 -4.81 -11.89 -24.27
N PHE M 162 -4.55 -10.72 -24.83
CA PHE M 162 -5.59 -9.75 -25.06
C PHE M 162 -5.74 -9.46 -26.53
N THR M 163 -5.27 -10.40 -27.35
CA THR M 163 -5.30 -10.26 -28.78
C THR M 163 -5.65 -11.61 -29.39
N ASN M 164 -6.54 -11.59 -30.37
CA ASN M 164 -6.97 -12.81 -31.04
C ASN M 164 -6.59 -12.85 -32.49
N THR M 165 -6.95 -13.94 -33.15
CA THR M 165 -6.62 -14.13 -34.54
C THR M 165 -7.78 -13.74 -35.43
N ASN M 166 -8.72 -13.01 -34.84
CA ASN M 166 -9.89 -12.54 -35.57
C ASN M 166 -9.68 -11.05 -35.89
N PHE M 167 -8.96 -10.75 -36.96
CA PHE M 167 -8.70 -9.36 -37.33
C PHE M 167 -9.36 -8.81 -38.59
N THR M 168 -9.35 -7.49 -38.68
CA THR M 168 -9.92 -6.71 -39.79
C THR M 168 -8.83 -5.78 -40.35
N ILE M 169 -8.47 -5.98 -41.61
CA ILE M 169 -7.43 -5.16 -42.23
C ILE M 169 -7.95 -4.24 -43.33
N GLU M 170 -7.41 -3.02 -43.38
CA GLU M 170 -7.79 -2.02 -44.39
C GLU M 170 -6.53 -1.48 -45.08
N GLU M 171 -6.61 -1.22 -46.38
CA GLU M 171 -5.46 -0.68 -47.10
C GLU M 171 -5.79 0.43 -48.08
N LEU M 172 -4.77 1.21 -48.44
CA LEU M 172 -4.89 2.31 -49.38
C LEU M 172 -3.82 2.19 -50.45
N PRO M 173 -4.16 2.49 -51.72
CA PRO M 173 -5.44 2.96 -52.26
C PRO M 173 -6.55 1.90 -52.40
N THR N 1 -24.78 -8.12 -9.59
CA THR N 1 -25.99 -8.80 -10.12
C THR N 1 -25.60 -9.88 -11.21
N THR N 2 -26.65 -10.47 -11.94
CA THR N 2 -26.60 -11.39 -13.20
C THR N 2 -27.81 -11.05 -14.11
N ILE N 3 -27.55 -10.38 -15.22
CA ILE N 3 -28.56 -9.94 -16.20
C ILE N 3 -28.22 -10.62 -17.53
N VAL N 4 -29.14 -11.43 -18.05
CA VAL N 4 -28.88 -12.09 -19.30
C VAL N 4 -30.02 -11.93 -20.33
N SER N 5 -29.65 -11.84 -21.61
CA SER N 5 -30.63 -11.68 -22.68
C SER N 5 -30.41 -12.62 -23.88
N VAL N 6 -31.38 -13.49 -24.15
CA VAL N 6 -31.29 -14.41 -25.29
C VAL N 6 -32.33 -14.02 -26.33
N ARG N 7 -32.03 -14.29 -27.59
CA ARG N 7 -32.92 -13.98 -28.71
C ARG N 7 -33.06 -15.17 -29.69
N ARG N 8 -34.20 -15.84 -29.64
CA ARG N 8 -34.45 -16.99 -30.52
C ARG N 8 -35.90 -17.07 -31.00
N ASN N 9 -36.06 -17.18 -32.31
CA ASN N 9 -37.37 -17.29 -32.96
C ASN N 9 -38.24 -16.04 -32.77
N GLY N 10 -37.72 -14.90 -33.24
CA GLY N 10 -38.46 -13.65 -33.11
C GLY N 10 -38.81 -13.34 -31.67
N GLN N 11 -38.05 -13.92 -30.76
CA GLN N 11 -38.26 -13.74 -29.32
C GLN N 11 -37.06 -13.01 -28.71
N VAL N 12 -37.35 -12.04 -27.85
CA VAL N 12 -36.31 -11.27 -27.16
C VAL N 12 -36.64 -11.30 -25.68
N VAL N 13 -35.86 -12.06 -24.91
CA VAL N 13 -36.09 -12.16 -23.47
C VAL N 13 -34.98 -11.46 -22.71
N VAL N 14 -35.29 -10.96 -21.53
CA VAL N 14 -34.29 -10.29 -20.72
C VAL N 14 -34.59 -10.55 -19.26
N GLY N 15 -33.75 -11.38 -18.63
CA GLY N 15 -33.93 -11.70 -17.22
C GLY N 15 -32.82 -11.20 -16.34
N GLY N 16 -33.07 -11.26 -15.04
CA GLY N 16 -32.12 -10.81 -14.06
C GLY N 16 -32.63 -11.20 -12.69
N ASP N 17 -31.73 -11.46 -11.75
CA ASP N 17 -32.13 -11.84 -10.39
C ASP N 17 -32.64 -10.62 -9.62
N GLY N 18 -32.75 -10.76 -8.30
CA GLY N 18 -33.22 -9.65 -7.49
C GLY N 18 -32.54 -9.46 -6.15
N GLN N 19 -31.20 -9.47 -6.16
CA GLN N 19 -30.45 -9.33 -4.92
C GLN N 19 -29.67 -8.03 -4.81
N VAL N 20 -30.06 -7.16 -3.91
CA VAL N 20 -29.33 -5.93 -3.75
C VAL N 20 -28.33 -6.21 -2.63
N SER N 21 -27.05 -6.22 -3.02
CA SER N 21 -25.98 -6.52 -2.06
C SER N 21 -25.33 -5.27 -1.51
N LEU N 22 -25.04 -5.32 -0.22
CA LEU N 22 -24.36 -4.23 0.45
C LEU N 22 -23.23 -4.93 1.21
N GLY N 23 -21.99 -4.67 0.79
CA GLY N 23 -20.88 -5.34 1.43
C GLY N 23 -21.09 -6.81 1.11
N ASN N 24 -21.00 -7.68 2.12
CA ASN N 24 -21.19 -9.10 1.89
C ASN N 24 -22.51 -9.52 2.50
N THR N 25 -23.37 -8.53 2.70
CA THR N 25 -24.68 -8.78 3.27
C THR N 25 -25.74 -8.54 2.20
N VAL N 26 -26.91 -9.12 2.40
CA VAL N 26 -28.01 -8.94 1.47
C VAL N 26 -29.06 -8.01 2.08
N MET N 27 -29.25 -6.84 1.46
CA MET N 27 -30.23 -5.86 1.94
C MET N 27 -31.67 -6.10 1.44
N LYS N 28 -31.83 -6.34 0.15
CA LYS N 28 -33.14 -6.59 -0.45
C LYS N 28 -32.98 -7.74 -1.45
N GLY N 29 -33.88 -8.72 -1.42
CA GLY N 29 -33.75 -9.83 -2.33
C GLY N 29 -34.83 -10.06 -3.38
N ASN N 30 -35.70 -9.07 -3.59
CA ASN N 30 -36.79 -9.20 -4.55
C ASN N 30 -36.66 -8.21 -5.71
N ALA N 31 -35.93 -7.14 -5.46
CA ALA N 31 -35.67 -6.08 -6.45
C ALA N 31 -35.87 -6.44 -7.92
N ARG N 32 -36.57 -5.57 -8.65
CA ARG N 32 -36.80 -5.78 -10.09
C ARG N 32 -35.62 -5.16 -10.81
N LYS N 33 -34.82 -6.00 -11.48
CA LYS N 33 -33.65 -5.50 -12.18
C LYS N 33 -33.91 -5.27 -13.68
N VAL N 34 -34.98 -5.87 -14.19
CA VAL N 34 -35.36 -5.71 -15.60
C VAL N 34 -36.68 -4.93 -15.66
N ARG N 35 -36.62 -3.73 -16.24
CA ARG N 35 -37.78 -2.86 -16.35
C ARG N 35 -38.19 -2.66 -17.82
N ARG N 36 -39.40 -2.14 -18.02
CA ARG N 36 -39.92 -1.89 -19.38
C ARG N 36 -39.87 -0.41 -19.73
N LEU N 37 -39.55 -0.10 -20.97
CA LEU N 37 -39.47 1.29 -21.39
C LEU N 37 -40.26 1.62 -22.64
N TYR N 38 -40.64 2.90 -22.78
CA TYR N 38 -41.38 3.38 -23.94
C TYR N 38 -42.69 2.61 -24.14
N ASN N 39 -43.56 2.72 -23.14
CA ASN N 39 -44.88 2.10 -23.17
C ASN N 39 -44.85 0.58 -23.32
N GLY N 40 -43.69 -0.02 -23.10
CA GLY N 40 -43.57 -1.46 -23.20
C GLY N 40 -42.92 -1.90 -24.50
N LYS N 41 -42.30 -0.94 -25.18
CA LYS N 41 -41.64 -1.23 -26.45
C LYS N 41 -40.22 -1.79 -26.31
N VAL N 42 -39.52 -1.40 -25.24
CA VAL N 42 -38.16 -1.87 -25.02
C VAL N 42 -37.89 -2.41 -23.61
N LEU N 43 -37.00 -3.41 -23.56
CA LEU N 43 -36.60 -4.07 -22.33
C LEU N 43 -35.24 -3.55 -21.86
N ALA N 44 -35.10 -3.32 -20.57
CA ALA N 44 -33.85 -2.81 -20.01
C ALA N 44 -33.49 -3.48 -18.70
N GLY N 45 -32.28 -4.02 -18.66
CA GLY N 45 -31.80 -4.67 -17.46
C GLY N 45 -30.53 -3.94 -17.06
N PHE N 46 -30.41 -3.63 -15.77
CA PHE N 46 -29.23 -2.91 -15.32
C PHE N 46 -28.45 -3.64 -14.27
N ALA N 47 -27.21 -3.16 -14.09
CA ALA N 47 -26.28 -3.72 -13.14
C ALA N 47 -25.23 -2.65 -12.83
N GLY N 48 -24.77 -2.62 -11.57
CA GLY N 48 -23.75 -1.66 -11.22
C GLY N 48 -24.00 -0.75 -10.03
N GLY N 49 -24.64 -1.26 -9.00
CA GLY N 49 -24.86 -0.41 -7.86
C GLY N 49 -25.87 0.73 -8.02
N THR N 50 -27.09 0.41 -7.57
CA THR N 50 -28.24 1.29 -7.56
C THR N 50 -28.05 2.65 -8.23
N ALA N 51 -27.82 3.69 -7.42
CA ALA N 51 -27.65 5.06 -7.91
C ALA N 51 -27.26 5.20 -9.38
N ASP N 52 -25.98 5.04 -9.70
CA ASP N 52 -25.54 5.15 -11.10
C ASP N 52 -26.35 4.23 -12.01
N ALA N 53 -26.53 2.99 -11.57
CA ALA N 53 -27.29 2.03 -12.36
C ALA N 53 -28.65 2.62 -12.77
N PHE N 54 -29.23 3.43 -11.89
CA PHE N 54 -30.52 4.05 -12.15
C PHE N 54 -30.43 5.29 -13.03
N THR N 55 -29.59 6.24 -12.65
CA THR N 55 -29.48 7.45 -13.47
C THR N 55 -29.08 7.10 -14.91
N LEU N 56 -28.50 5.92 -15.12
CA LEU N 56 -28.13 5.55 -16.48
C LEU N 56 -29.43 5.14 -17.18
N PHE N 57 -30.29 4.47 -16.44
CA PHE N 57 -31.58 3.99 -16.93
C PHE N 57 -32.45 5.17 -17.37
N GLU N 58 -32.56 6.16 -16.50
CA GLU N 58 -33.34 7.36 -16.77
C GLU N 58 -32.83 8.07 -18.02
N LEU N 59 -31.52 8.32 -18.07
CA LEU N 59 -30.89 8.99 -19.22
C LEU N 59 -31.14 8.32 -20.57
N PHE N 60 -31.43 7.02 -20.57
CA PHE N 60 -31.68 6.30 -21.80
C PHE N 60 -33.16 6.42 -22.14
N GLU N 61 -33.97 6.77 -21.14
CA GLU N 61 -35.39 6.94 -21.33
C GLU N 61 -35.61 8.32 -21.93
N ARG N 62 -35.05 9.34 -21.30
CA ARG N 62 -35.16 10.71 -21.80
C ARG N 62 -34.62 10.80 -23.23
N LYS N 63 -34.01 9.72 -23.71
CA LYS N 63 -33.45 9.69 -25.07
C LYS N 63 -34.34 8.87 -26.00
N LEU N 64 -35.16 8.01 -25.42
CA LEU N 64 -36.06 7.20 -26.23
C LEU N 64 -37.32 8.00 -26.48
N GLU N 65 -37.82 8.61 -25.41
CA GLU N 65 -39.02 9.43 -25.52
C GLU N 65 -38.55 10.82 -25.99
N MET N 66 -37.70 10.82 -27.00
CA MET N 66 -37.15 12.02 -27.64
C MET N 66 -36.54 11.59 -28.97
N HIS N 67 -36.77 10.33 -29.36
CA HIS N 67 -36.27 9.77 -30.62
C HIS N 67 -37.19 8.68 -31.12
N GLN N 68 -38.45 8.75 -30.72
CA GLN N 68 -39.47 7.79 -31.15
C GLN N 68 -39.17 6.33 -30.84
N GLY N 69 -38.43 6.08 -29.77
CA GLY N 69 -38.12 4.71 -29.38
C GLY N 69 -37.15 3.98 -30.29
N HIS N 70 -36.36 4.74 -31.04
CA HIS N 70 -35.36 4.16 -31.93
C HIS N 70 -34.17 3.77 -31.07
N LEU N 71 -34.20 2.53 -30.60
CA LEU N 71 -33.16 1.98 -29.73
C LEU N 71 -31.76 2.40 -30.12
N LEU N 72 -31.29 1.92 -31.26
CA LEU N 72 -29.95 2.23 -31.73
C LEU N 72 -29.58 3.72 -31.73
N LYS N 73 -30.47 4.57 -32.24
CA LYS N 73 -30.19 6.02 -32.27
C LYS N 73 -30.17 6.60 -30.85
N SER N 74 -31.13 6.17 -30.03
CA SER N 74 -31.22 6.64 -28.66
C SER N 74 -29.93 6.29 -27.95
N ALA N 75 -29.44 5.08 -28.22
CA ALA N 75 -28.21 4.58 -27.61
C ALA N 75 -27.05 5.49 -27.93
N VAL N 76 -26.83 5.67 -29.22
CA VAL N 76 -25.72 6.50 -29.68
C VAL N 76 -25.83 7.96 -29.26
N GLU N 77 -27.06 8.47 -29.22
CA GLU N 77 -27.27 9.87 -28.83
C GLU N 77 -26.79 10.01 -27.40
N LEU N 78 -27.02 8.97 -26.61
CA LEU N 78 -26.64 8.93 -25.21
C LEU N 78 -25.13 8.78 -25.05
N ALA N 79 -24.58 7.85 -25.82
CA ALA N 79 -23.15 7.59 -25.79
C ALA N 79 -22.38 8.86 -26.14
N LYS N 80 -22.83 9.55 -27.18
CA LYS N 80 -22.18 10.77 -27.62
C LYS N 80 -22.16 11.85 -26.54
N ASP N 81 -23.02 11.69 -25.53
CA ASP N 81 -23.08 12.68 -24.45
C ASP N 81 -21.95 12.49 -23.45
N TRP N 82 -21.09 11.52 -23.72
CA TRP N 82 -19.93 11.22 -22.87
C TRP N 82 -18.67 11.48 -23.65
N ARG N 83 -18.74 11.21 -24.96
CA ARG N 83 -17.58 11.39 -25.83
C ARG N 83 -17.33 12.82 -26.30
N THR N 84 -17.81 13.81 -25.56
CA THR N 84 -17.60 15.20 -25.95
C THR N 84 -16.50 15.87 -25.14
N ASP N 85 -16.40 17.19 -25.28
CA ASP N 85 -15.40 17.97 -24.55
C ASP N 85 -15.80 18.02 -23.09
N ARG N 86 -17.06 18.40 -22.86
CA ARG N 86 -17.63 18.49 -21.51
C ARG N 86 -18.37 17.19 -21.22
N ALA N 87 -17.68 16.29 -20.51
CA ALA N 87 -18.22 14.99 -20.15
C ALA N 87 -19.53 15.03 -19.37
N LEU N 88 -20.16 13.87 -19.26
CA LEU N 88 -21.42 13.73 -18.55
C LEU N 88 -21.13 12.88 -17.32
N ARG N 89 -20.27 13.38 -16.45
CA ARG N 89 -19.92 12.65 -15.23
C ARG N 89 -19.40 11.31 -15.73
N LYS N 90 -19.60 10.25 -14.93
CA LYS N 90 -19.16 8.91 -15.29
C LYS N 90 -19.93 7.94 -14.41
N LEU N 91 -20.64 7.02 -15.04
CA LEU N 91 -21.44 6.08 -14.27
C LEU N 91 -20.90 4.67 -14.08
N GLU N 92 -20.95 4.23 -12.83
CA GLU N 92 -20.48 2.92 -12.44
C GLU N 92 -21.57 1.90 -12.69
N ALA N 93 -22.00 1.75 -13.95
CA ALA N 93 -23.03 0.75 -14.28
C ALA N 93 -23.19 0.53 -15.77
N MET N 94 -24.00 -0.47 -16.13
CA MET N 94 -24.23 -0.76 -17.53
C MET N 94 -25.60 -1.37 -17.72
N LEU N 95 -26.13 -1.20 -18.93
CA LEU N 95 -27.47 -1.65 -19.31
C LEU N 95 -27.53 -2.59 -20.49
N ILE N 96 -28.50 -3.50 -20.46
CA ILE N 96 -28.73 -4.39 -21.57
C ILE N 96 -30.13 -3.96 -22.01
N VAL N 97 -30.21 -3.40 -23.22
CA VAL N 97 -31.47 -2.90 -23.79
C VAL N 97 -31.84 -3.63 -25.06
N ALA N 98 -33.12 -3.95 -25.22
CA ALA N 98 -33.53 -4.65 -26.42
C ALA N 98 -35.01 -4.53 -26.71
N ASP N 99 -35.33 -4.34 -27.99
CA ASP N 99 -36.69 -4.25 -28.48
C ASP N 99 -36.86 -5.34 -29.53
N GLU N 100 -37.98 -5.35 -30.23
CA GLU N 100 -38.22 -6.36 -31.26
C GLU N 100 -37.10 -6.37 -32.31
N LYS N 101 -36.57 -5.19 -32.64
CA LYS N 101 -35.51 -5.07 -33.65
C LYS N 101 -34.11 -5.48 -33.22
N GLU N 102 -33.48 -4.64 -32.39
CA GLU N 102 -32.12 -4.88 -31.91
C GLU N 102 -31.99 -5.08 -30.39
N SER N 103 -30.77 -5.38 -29.96
CA SER N 103 -30.43 -5.57 -28.55
C SER N 103 -29.00 -5.00 -28.36
N LEU N 104 -28.81 -4.28 -27.25
CA LEU N 104 -27.52 -3.67 -26.97
C LEU N 104 -27.07 -3.72 -25.53
N ILE N 105 -25.89 -3.16 -25.31
CA ILE N 105 -25.32 -3.06 -23.99
C ILE N 105 -24.63 -1.69 -23.98
N ILE N 106 -25.11 -0.82 -23.09
CA ILE N 106 -24.62 0.56 -22.98
C ILE N 106 -23.99 0.80 -21.61
N THR N 107 -22.77 1.31 -21.62
CA THR N 107 -22.06 1.58 -20.37
C THR N 107 -22.08 3.07 -20.06
N GLY N 108 -22.14 3.40 -18.78
CA GLY N 108 -22.19 4.78 -18.36
C GLY N 108 -20.86 5.48 -18.50
N ILE N 109 -20.03 4.99 -19.39
CA ILE N 109 -18.71 5.57 -19.60
C ILE N 109 -18.76 6.16 -20.98
N GLY N 110 -19.77 5.73 -21.73
CA GLY N 110 -19.96 6.24 -23.08
C GLY N 110 -19.66 5.32 -24.25
N ASP N 111 -20.15 4.08 -24.19
CA ASP N 111 -19.94 3.15 -25.30
C ASP N 111 -21.10 2.18 -25.47
N VAL N 112 -21.39 1.85 -26.72
CA VAL N 112 -22.48 0.97 -27.06
C VAL N 112 -21.89 -0.23 -27.74
N VAL N 113 -22.32 -1.42 -27.32
CA VAL N 113 -21.78 -2.65 -27.89
C VAL N 113 -22.84 -3.59 -28.44
N GLN N 114 -22.61 -4.10 -29.64
CA GLN N 114 -23.57 -5.02 -30.23
C GLN N 114 -23.16 -6.43 -29.90
N PRO N 115 -24.13 -7.33 -29.74
CA PRO N 115 -23.86 -8.74 -29.42
C PRO N 115 -22.95 -9.36 -30.47
N GLU N 116 -22.63 -10.64 -30.30
CA GLU N 116 -21.83 -11.33 -31.29
C GLU N 116 -22.90 -12.14 -32.03
N GLU N 117 -22.54 -12.74 -33.15
CA GLU N 117 -23.47 -13.53 -33.97
C GLU N 117 -24.62 -14.27 -33.26
N ASP N 118 -24.37 -14.92 -32.11
CA ASP N 118 -25.43 -15.66 -31.42
C ASP N 118 -26.51 -14.81 -30.76
N GLN N 119 -26.27 -13.51 -30.64
CA GLN N 119 -27.25 -12.61 -30.04
C GLN N 119 -27.55 -12.93 -28.57
N ILE N 120 -26.51 -13.05 -27.74
CA ILE N 120 -26.67 -13.31 -26.31
C ILE N 120 -25.90 -12.25 -25.56
N LEU N 121 -26.53 -11.69 -24.53
CA LEU N 121 -25.89 -10.66 -23.72
C LEU N 121 -26.09 -10.87 -22.23
N ALA N 122 -25.02 -10.67 -21.46
CA ALA N 122 -25.07 -10.82 -20.02
C ALA N 122 -24.19 -9.75 -19.38
N ILE N 123 -24.56 -9.33 -18.18
CA ILE N 123 -23.74 -8.33 -17.49
C ILE N 123 -23.86 -8.57 -15.99
N GLY N 124 -22.96 -7.94 -15.22
CA GLY N 124 -22.97 -8.11 -13.78
C GLY N 124 -22.04 -9.21 -13.32
N SER N 125 -21.77 -9.27 -12.02
CA SER N 125 -20.89 -10.29 -11.48
C SER N 125 -21.24 -11.70 -11.99
N GLY N 126 -22.51 -12.07 -11.94
CA GLY N 126 -22.90 -13.38 -12.42
C GLY N 126 -22.93 -13.47 -13.94
N GLY N 127 -22.55 -12.37 -14.57
CA GLY N 127 -22.55 -12.29 -16.02
C GLY N 127 -22.16 -13.51 -16.81
N ASN N 128 -20.86 -13.69 -16.95
CA ASN N 128 -20.29 -14.80 -17.71
C ASN N 128 -20.78 -16.20 -17.32
N TYR N 129 -21.31 -16.39 -16.11
CA TYR N 129 -21.79 -17.71 -15.75
C TYR N 129 -23.02 -17.95 -16.59
N ALA N 130 -23.89 -16.93 -16.65
CA ALA N 130 -25.12 -17.03 -17.42
C ALA N 130 -24.82 -17.12 -18.90
N LEU N 131 -23.88 -16.28 -19.32
CA LEU N 131 -23.49 -16.25 -20.71
C LEU N 131 -22.94 -17.60 -21.16
N SER N 132 -22.36 -18.35 -20.23
CA SER N 132 -21.77 -19.66 -20.52
C SER N 132 -22.84 -20.71 -20.66
N ALA N 133 -23.82 -20.65 -19.78
CA ALA N 133 -24.93 -21.60 -19.83
C ALA N 133 -25.82 -21.27 -21.05
N ALA N 134 -25.96 -19.98 -21.34
CA ALA N 134 -26.78 -19.53 -22.45
C ALA N 134 -26.22 -20.10 -23.74
N ARG N 135 -24.98 -19.75 -24.04
CA ARG N 135 -24.35 -20.24 -25.25
C ARG N 135 -24.42 -21.75 -25.30
N ALA N 136 -24.22 -22.39 -24.15
CA ALA N 136 -24.28 -23.84 -24.11
C ALA N 136 -25.61 -24.33 -24.65
N LEU N 137 -26.70 -23.75 -24.14
CA LEU N 137 -28.07 -24.10 -24.55
C LEU N 137 -28.42 -23.68 -25.98
N VAL N 138 -28.32 -22.39 -26.27
CA VAL N 138 -28.62 -21.91 -27.61
C VAL N 138 -28.00 -22.78 -28.69
N GLU N 139 -26.74 -23.13 -28.53
CA GLU N 139 -26.00 -23.92 -29.53
C GLU N 139 -26.24 -25.44 -29.46
N ASN N 140 -26.94 -25.93 -28.44
CA ASN N 140 -27.14 -27.38 -28.30
C ASN N 140 -28.55 -27.83 -27.92
N THR N 141 -29.49 -26.90 -27.91
CA THR N 141 -30.84 -27.26 -27.54
C THR N 141 -31.86 -26.47 -28.36
N GLU N 142 -33.13 -26.85 -28.24
CA GLU N 142 -34.20 -26.19 -28.97
C GLU N 142 -34.97 -25.21 -28.10
N LEU N 143 -34.70 -25.25 -26.80
CA LEU N 143 -35.35 -24.38 -25.83
C LEU N 143 -35.61 -22.96 -26.31
N SER N 144 -36.73 -22.39 -25.88
CA SER N 144 -37.11 -21.03 -26.24
C SER N 144 -36.20 -20.03 -25.55
N ALA N 145 -36.11 -18.82 -26.09
CA ALA N 145 -35.24 -17.82 -25.47
C ALA N 145 -35.68 -17.57 -24.04
N HIS N 146 -36.94 -17.83 -23.73
CA HIS N 146 -37.38 -17.60 -22.36
C HIS N 146 -36.83 -18.73 -21.47
N GLU N 147 -37.13 -19.97 -21.83
CA GLU N 147 -36.65 -21.13 -21.08
C GLU N 147 -35.14 -20.99 -20.84
N ILE N 148 -34.39 -20.65 -21.88
CA ILE N 148 -32.94 -20.48 -21.74
C ILE N 148 -32.60 -19.40 -20.70
N VAL N 149 -33.10 -18.18 -20.87
CA VAL N 149 -32.81 -17.13 -19.88
C VAL N 149 -33.10 -17.68 -18.47
N GLU N 150 -34.25 -18.31 -18.33
CA GLU N 150 -34.67 -18.88 -17.06
C GLU N 150 -33.61 -19.86 -16.57
N LYS N 151 -33.30 -20.86 -17.38
CA LYS N 151 -32.29 -21.84 -16.99
C LYS N 151 -30.92 -21.18 -16.69
N SER N 152 -30.40 -20.39 -17.62
CA SER N 152 -29.11 -19.70 -17.45
C SER N 152 -29.03 -18.84 -16.19
N LEU N 153 -30.15 -18.22 -15.80
CA LEU N 153 -30.12 -17.39 -14.60
C LEU N 153 -29.88 -18.19 -13.35
N ARG N 154 -30.54 -19.33 -13.24
CA ARG N 154 -30.37 -20.20 -12.07
C ARG N 154 -28.94 -20.74 -11.98
N ILE N 155 -28.40 -21.20 -13.11
CA ILE N 155 -27.05 -21.72 -13.14
C ILE N 155 -26.14 -20.65 -12.54
N ALA N 156 -26.40 -19.39 -12.86
CA ALA N 156 -25.58 -18.29 -12.36
C ALA N 156 -25.85 -17.88 -10.91
N GLY N 157 -27.01 -18.20 -10.37
CA GLY N 157 -27.28 -17.80 -9.01
C GLY N 157 -26.60 -18.74 -8.04
N ASP N 158 -26.33 -19.94 -8.53
CA ASP N 158 -25.70 -21.02 -7.77
C ASP N 158 -24.18 -20.98 -7.78
N ILE N 159 -23.63 -19.95 -8.41
CA ILE N 159 -22.19 -19.81 -8.48
C ILE N 159 -21.82 -18.43 -7.99
N CYS N 160 -22.59 -17.42 -8.37
CA CYS N 160 -22.29 -16.09 -7.89
C CYS N 160 -22.93 -15.90 -6.52
N VAL N 161 -22.16 -15.34 -5.60
CA VAL N 161 -22.63 -15.10 -4.24
C VAL N 161 -23.40 -13.78 -4.14
N PHE N 162 -23.51 -13.11 -5.28
CA PHE N 162 -24.21 -11.84 -5.34
C PHE N 162 -25.40 -11.95 -6.27
N THR N 163 -25.85 -13.19 -6.44
CA THR N 163 -26.96 -13.49 -7.31
C THR N 163 -27.81 -14.58 -6.69
N ASN N 164 -29.12 -14.36 -6.71
CA ASN N 164 -30.08 -15.31 -6.15
C ASN N 164 -31.00 -15.93 -7.17
N THR N 165 -31.85 -16.83 -6.70
CA THR N 165 -32.77 -17.52 -7.57
C THR N 165 -34.12 -16.84 -7.63
N ASN N 166 -34.14 -15.60 -7.18
CA ASN N 166 -35.37 -14.81 -7.18
C ASN N 166 -35.29 -13.79 -8.32
N PHE N 167 -35.64 -14.23 -9.53
CA PHE N 167 -35.58 -13.32 -10.68
C PHE N 167 -36.89 -12.89 -11.32
N THR N 168 -36.78 -11.84 -12.13
CA THR N 168 -37.87 -11.24 -12.88
C THR N 168 -37.52 -11.19 -14.38
N ILE N 169 -38.28 -11.91 -15.19
CA ILE N 169 -38.04 -11.97 -16.63
C ILE N 169 -39.11 -11.26 -17.49
N GLU N 170 -38.67 -10.55 -18.52
CA GLU N 170 -39.56 -9.82 -19.43
C GLU N 170 -39.27 -10.21 -20.88
N GLU N 171 -40.30 -10.34 -21.70
CA GLU N 171 -40.07 -10.69 -23.10
C GLU N 171 -40.89 -9.87 -24.10
N LEU N 172 -40.45 -9.90 -25.36
CA LEU N 172 -41.11 -9.18 -26.45
C LEU N 172 -41.27 -10.14 -27.61
N PRO N 173 -42.42 -10.06 -28.31
CA PRO N 173 -43.57 -9.15 -28.15
C PRO N 173 -44.50 -9.48 -26.97
N THR O 1 -24.02 3.60 14.23
CA THR O 1 -25.28 3.60 15.00
C THR O 1 -26.09 2.26 14.67
N THR O 2 -27.30 2.05 15.26
CA THR O 2 -28.26 0.92 14.89
C THR O 2 -29.65 1.57 14.83
N ILE O 3 -30.27 1.57 13.66
CA ILE O 3 -31.57 2.21 13.48
C ILE O 3 -32.48 1.14 12.90
N VAL O 4 -33.55 0.81 13.59
CA VAL O 4 -34.45 -0.22 13.08
C VAL O 4 -35.92 0.23 13.11
N SER O 5 -36.70 -0.26 12.15
CA SER O 5 -38.12 0.09 12.04
C SER O 5 -39.01 -1.10 11.73
N VAL O 6 -39.96 -1.36 12.63
CA VAL O 6 -40.90 -2.46 12.44
C VAL O 6 -42.30 -1.88 12.25
N ARG O 7 -43.15 -2.62 11.55
CA ARG O 7 -44.52 -2.20 11.26
C ARG O 7 -45.49 -3.38 11.43
N ARG O 8 -46.28 -3.33 12.50
CA ARG O 8 -47.25 -4.39 12.78
C ARG O 8 -48.51 -3.82 13.43
N ASN O 9 -49.66 -4.20 12.86
CA ASN O 9 -50.98 -3.78 13.32
C ASN O 9 -51.22 -2.28 13.25
N GLY O 10 -51.09 -1.72 12.05
CA GLY O 10 -51.28 -0.29 11.86
C GLY O 10 -50.34 0.52 12.72
N GLN O 11 -49.23 -0.09 13.10
CA GLN O 11 -48.23 0.57 13.92
C GLN O 11 -46.92 0.72 13.17
N VAL O 12 -46.31 1.88 13.30
CA VAL O 12 -45.04 2.14 12.64
C VAL O 12 -44.09 2.71 13.69
N VAL O 13 -43.10 1.89 14.07
CA VAL O 13 -42.13 2.31 15.06
C VAL O 13 -40.77 2.50 14.41
N VAL O 14 -39.96 3.39 14.98
CA VAL O 14 -38.62 3.66 14.47
C VAL O 14 -37.66 4.02 15.61
N GLY O 15 -36.82 3.05 15.97
CA GLY O 15 -35.87 3.25 17.05
C GLY O 15 -34.42 3.38 16.60
N GLY O 16 -33.60 3.82 17.54
CA GLY O 16 -32.19 3.99 17.27
C GLY O 16 -31.50 4.30 18.57
N ASP O 17 -30.27 3.82 18.74
CA ASP O 17 -29.51 4.07 19.98
C ASP O 17 -29.04 5.51 20.01
N GLY O 18 -28.13 5.82 20.92
CA GLY O 18 -27.66 7.19 20.99
C GLY O 18 -26.18 7.38 21.22
N GLN O 19 -25.35 6.67 20.45
CA GLN O 19 -23.90 6.75 20.62
C GLN O 19 -23.16 7.41 19.49
N VAL O 20 -22.60 8.59 19.74
CA VAL O 20 -21.84 9.26 18.70
C VAL O 20 -20.39 8.82 18.89
N SER O 21 -19.89 8.06 17.92
CA SER O 21 -18.53 7.54 17.99
C SER O 21 -17.53 8.34 17.19
N LEU O 22 -16.35 8.53 17.78
CA LEU O 22 -15.25 9.24 17.15
C LEU O 22 -14.06 8.31 17.30
N GLY O 23 -13.61 7.74 16.19
CA GLY O 23 -12.52 6.80 16.28
C GLY O 23 -13.12 5.63 17.04
N ASN O 24 -12.38 5.14 18.02
CA ASN O 24 -12.87 4.04 18.84
C ASN O 24 -13.27 4.55 20.22
N THR O 25 -13.48 5.86 20.29
CA THR O 25 -13.90 6.48 21.53
C THR O 25 -15.34 6.94 21.40
N VAL O 26 -15.98 7.13 22.54
CA VAL O 26 -17.36 7.58 22.58
C VAL O 26 -17.39 9.03 23.02
N MET O 27 -17.89 9.89 22.15
CA MET O 27 -17.97 11.32 22.43
C MET O 27 -19.29 11.75 23.10
N LYS O 28 -20.40 11.24 22.61
CA LYS O 28 -21.71 11.56 23.19
C LYS O 28 -22.55 10.29 23.16
N GLY O 29 -23.22 9.98 24.28
CA GLY O 29 -23.99 8.75 24.32
C GLY O 29 -25.49 8.84 24.51
N ASN O 30 -26.04 10.04 24.39
CA ASN O 30 -27.48 10.23 24.56
C ASN O 30 -28.17 10.63 23.27
N ALA O 31 -27.39 11.19 22.35
CA ALA O 31 -27.85 11.64 21.03
C ALA O 31 -29.17 11.03 20.50
N ARG O 32 -30.07 11.90 20.03
CA ARG O 32 -31.35 11.47 19.47
C ARG O 32 -31.12 11.17 18.00
N LYS O 33 -31.24 9.90 17.62
CA LYS O 33 -31.00 9.52 16.25
C LYS O 33 -32.27 9.42 15.44
N VAL O 34 -33.42 9.36 16.12
CA VAL O 34 -34.72 9.30 15.43
C VAL O 34 -35.47 10.60 15.74
N ARG O 35 -35.74 11.38 14.69
CA ARG O 35 -36.42 12.66 14.83
C ARG O 35 -37.79 12.63 14.14
N ARG O 36 -38.62 13.63 14.43
CA ARG O 36 -39.96 13.75 13.83
C ARG O 36 -40.02 14.84 12.78
N LEU O 37 -40.73 14.57 11.69
CA LEU O 37 -40.83 15.53 10.61
C LEU O 37 -42.26 15.87 10.17
N TYR O 38 -42.43 17.07 9.63
CA TYR O 38 -43.72 17.54 9.14
C TYR O 38 -44.78 17.55 10.24
N ASN O 39 -44.53 18.36 11.27
CA ASN O 39 -45.44 18.51 12.39
C ASN O 39 -45.75 17.21 13.13
N GLY O 40 -44.92 16.20 12.92
CA GLY O 40 -45.10 14.92 13.59
C GLY O 40 -45.73 13.86 12.72
N LYS O 41 -45.84 14.16 11.43
CA LYS O 41 -46.44 13.24 10.48
C LYS O 41 -45.54 12.09 10.02
N VAL O 42 -44.23 12.34 9.99
CA VAL O 42 -43.25 11.33 9.58
C VAL O 42 -42.05 11.15 10.50
N LEU O 43 -41.60 9.90 10.58
CA LEU O 43 -40.48 9.48 11.40
C LEU O 43 -39.23 9.33 10.55
N ALA O 44 -38.10 9.79 11.08
CA ALA O 44 -36.83 9.71 10.37
C ALA O 44 -35.68 9.33 11.30
N GLY O 45 -34.98 8.27 10.93
CA GLY O 45 -33.84 7.80 11.70
C GLY O 45 -32.64 7.84 10.78
N PHE O 46 -31.54 8.42 11.24
CA PHE O 46 -30.36 8.50 10.39
C PHE O 46 -29.14 7.78 10.93
N ALA O 47 -28.21 7.53 10.01
CA ALA O 47 -26.95 6.85 10.29
C ALA O 47 -25.93 7.26 9.25
N GLY O 48 -24.68 7.46 9.68
CA GLY O 48 -23.66 7.84 8.73
C GLY O 48 -22.81 9.04 9.04
N GLY O 49 -22.44 9.20 10.29
CA GLY O 49 -21.58 10.32 10.59
C GLY O 49 -22.18 11.71 10.43
N THR O 50 -22.57 12.23 11.60
CA THR O 50 -23.15 13.54 11.79
C THR O 50 -23.40 14.35 10.52
N ALA O 51 -22.54 15.34 10.26
CA ALA O 51 -22.64 16.24 9.10
C ALA O 51 -23.51 15.74 7.95
N ASP O 52 -22.98 14.87 7.09
CA ASP O 52 -23.76 14.33 5.97
C ASP O 52 -25.09 13.72 6.46
N ALA O 53 -25.02 12.92 7.53
CA ALA O 53 -26.23 12.30 8.07
C ALA O 53 -27.30 13.37 8.30
N PHE O 54 -26.87 14.56 8.71
CA PHE O 54 -27.79 15.66 8.97
C PHE O 54 -28.25 16.36 7.71
N THR O 55 -27.31 16.83 6.90
CA THR O 55 -27.70 17.54 5.70
C THR O 55 -28.62 16.65 4.84
N LEU O 56 -28.58 15.34 5.03
CA LEU O 56 -29.47 14.49 4.25
C LEU O 56 -30.87 14.62 4.84
N PHE O 57 -30.91 14.79 6.15
CA PHE O 57 -32.16 14.93 6.89
C PHE O 57 -32.87 16.21 6.48
N GLU O 58 -32.15 17.34 6.54
CA GLU O 58 -32.72 18.64 6.16
C GLU O 58 -33.27 18.61 4.74
N LEU O 59 -32.47 18.12 3.79
CA LEU O 59 -32.89 18.02 2.40
C LEU O 59 -34.18 17.24 2.20
N PHE O 60 -34.49 16.29 3.08
CA PHE O 60 -35.69 15.50 2.92
C PHE O 60 -36.86 16.27 3.52
N GLU O 61 -36.52 17.24 4.36
CA GLU O 61 -37.54 18.06 5.00
C GLU O 61 -37.96 19.13 3.99
N ARG O 62 -36.99 19.87 3.45
CA ARG O 62 -37.29 20.91 2.48
C ARG O 62 -38.07 20.31 1.30
N LYS O 63 -38.17 18.99 1.28
CA LYS O 63 -38.90 18.31 0.19
C LYS O 63 -40.27 17.82 0.68
N LEU O 64 -40.44 17.73 1.99
CA LEU O 64 -41.71 17.28 2.50
C LEU O 64 -42.58 18.50 2.65
N GLU O 65 -41.98 19.56 3.18
CA GLU O 65 -42.68 20.82 3.38
C GLU O 65 -42.58 21.59 2.05
N MET O 66 -42.89 20.87 0.97
CA MET O 66 -42.90 21.39 -0.41
C MET O 66 -43.62 20.36 -1.30
N HIS O 67 -44.23 19.35 -0.68
CA HIS O 67 -44.97 18.30 -1.37
C HIS O 67 -46.08 17.74 -0.49
N GLN O 68 -46.50 18.55 0.48
CA GLN O 68 -47.58 18.18 1.38
C GLN O 68 -47.33 16.93 2.22
N GLY O 69 -46.06 16.65 2.52
CA GLY O 69 -45.74 15.48 3.33
C GLY O 69 -45.95 14.14 2.64
N HIS O 70 -45.97 14.15 1.31
CA HIS O 70 -46.14 12.92 0.55
C HIS O 70 -44.78 12.22 0.54
N LEU O 71 -44.59 11.37 1.53
CA LEU O 71 -43.33 10.62 1.71
C LEU O 71 -42.70 10.14 0.39
N LEU O 72 -43.37 9.16 -0.24
CA LEU O 72 -42.88 8.59 -1.47
C LEU O 72 -42.47 9.63 -2.54
N LYS O 73 -43.31 10.63 -2.77
CA LYS O 73 -42.99 11.67 -3.75
C LYS O 73 -41.81 12.52 -3.29
N SER O 74 -41.82 12.90 -2.01
CA SER O 74 -40.73 13.71 -1.47
C SER O 74 -39.42 12.94 -1.61
N ALA O 75 -39.49 11.62 -1.37
CA ALA O 75 -38.32 10.74 -1.46
C ALA O 75 -37.73 10.81 -2.87
N VAL O 76 -38.55 10.48 -3.85
CA VAL O 76 -38.14 10.48 -5.24
C VAL O 76 -37.71 11.85 -5.76
N GLU O 77 -38.37 12.90 -5.30
CA GLU O 77 -38.01 14.23 -5.74
C GLU O 77 -36.58 14.49 -5.29
N LEU O 78 -36.24 13.96 -4.12
CA LEU O 78 -34.90 14.12 -3.53
C LEU O 78 -33.88 13.24 -4.25
N ALA O 79 -34.26 11.98 -4.48
CA ALA O 79 -33.39 11.04 -5.17
C ALA O 79 -33.01 11.61 -6.54
N LYS O 80 -34.01 12.10 -7.27
CA LYS O 80 -33.80 12.67 -8.61
C LYS O 80 -32.82 13.85 -8.61
N ASP O 81 -32.57 14.46 -7.45
CA ASP O 81 -31.65 15.59 -7.38
C ASP O 81 -30.20 15.13 -7.39
N TRP O 82 -29.99 13.81 -7.46
CA TRP O 82 -28.66 13.20 -7.51
C TRP O 82 -28.45 12.52 -8.84
N ARG O 83 -29.53 11.97 -9.40
CA ARG O 83 -29.48 11.28 -10.67
C ARG O 83 -29.49 12.19 -11.91
N THR O 84 -29.11 13.45 -11.76
CA THR O 84 -29.10 14.37 -12.90
C THR O 84 -27.70 14.57 -13.46
N ASP O 85 -27.57 15.56 -14.35
CA ASP O 85 -26.29 15.87 -14.98
C ASP O 85 -25.39 16.51 -13.93
N ARG O 86 -25.93 17.53 -13.26
CA ARG O 86 -25.24 18.25 -12.22
C ARG O 86 -25.63 17.65 -10.87
N ALA O 87 -24.77 16.77 -10.37
CA ALA O 87 -25.00 16.08 -9.11
C ALA O 87 -25.18 17.01 -7.90
N LEU O 88 -25.66 16.43 -6.81
CA LEU O 88 -25.89 17.16 -5.59
C LEU O 88 -24.87 16.67 -4.56
N ARG O 89 -23.59 16.88 -4.85
CA ARG O 89 -22.54 16.41 -3.96
C ARG O 89 -22.78 14.92 -3.77
N LYS O 90 -22.38 14.38 -2.62
CA LYS O 90 -22.55 12.96 -2.32
C LYS O 90 -22.47 12.81 -0.80
N LEU O 91 -23.51 12.25 -0.22
CA LEU O 91 -23.57 12.10 1.23
C LEU O 91 -23.25 10.73 1.80
N GLU O 92 -22.39 10.74 2.81
CA GLU O 92 -21.97 9.52 3.47
C GLU O 92 -22.99 9.19 4.55
N ALA O 93 -24.21 8.84 4.17
CA ALA O 93 -25.24 8.51 5.17
C ALA O 93 -26.53 8.02 4.55
N MET O 94 -27.43 7.51 5.39
CA MET O 94 -28.70 7.02 4.90
C MET O 94 -29.81 7.18 5.97
N LEU O 95 -31.05 7.31 5.49
CA LEU O 95 -32.22 7.55 6.33
C LEU O 95 -33.29 6.49 6.22
N ILE O 96 -34.00 6.27 7.32
CA ILE O 96 -35.14 5.36 7.31
C ILE O 96 -36.25 6.33 7.65
N VAL O 97 -37.19 6.48 6.72
CA VAL O 97 -38.32 7.38 6.88
C VAL O 97 -39.63 6.61 6.80
N ALA O 98 -40.58 6.98 7.63
CA ALA O 98 -41.87 6.30 7.62
C ALA O 98 -42.99 7.08 8.26
N ASP O 99 -44.15 7.05 7.61
CA ASP O 99 -45.37 7.70 8.08
C ASP O 99 -46.43 6.61 8.17
N GLU O 100 -47.67 6.98 8.48
CA GLU O 100 -48.74 6.01 8.61
C GLU O 100 -48.87 5.12 7.36
N LYS O 101 -48.64 5.71 6.19
CA LYS O 101 -48.77 5.00 4.92
C LYS O 101 -47.61 4.07 4.55
N GLU O 102 -46.47 4.65 4.18
CA GLU O 102 -45.30 3.88 3.75
C GLU O 102 -44.07 4.06 4.65
N SER O 103 -43.02 3.29 4.36
CA SER O 103 -41.75 3.36 5.07
C SER O 103 -40.65 3.16 4.02
N LEU O 104 -39.58 3.95 4.13
CA LEU O 104 -38.49 3.88 3.17
C LEU O 104 -37.09 3.99 3.76
N ILE O 105 -36.12 3.89 2.86
CA ILE O 105 -34.71 4.02 3.20
C ILE O 105 -34.09 4.79 2.03
N ILE O 106 -33.60 5.98 2.34
CA ILE O 106 -33.02 6.87 1.33
C ILE O 106 -31.55 7.11 1.59
N THR O 107 -30.72 6.92 0.57
CA THR O 107 -29.27 7.12 0.69
C THR O 107 -28.86 8.41 0.01
N GLY O 108 -27.86 9.08 0.60
CA GLY O 108 -27.38 10.34 0.08
C GLY O 108 -26.59 10.19 -1.19
N ILE O 109 -26.81 9.09 -1.90
CA ILE O 109 -26.11 8.83 -3.14
C ILE O 109 -27.17 8.97 -4.22
N GLY O 110 -28.43 8.97 -3.79
CA GLY O 110 -29.50 9.12 -4.74
C GLY O 110 -30.33 7.90 -5.07
N ASP O 111 -30.74 7.12 -4.06
CA ASP O 111 -31.58 5.95 -4.33
C ASP O 111 -32.58 5.74 -3.20
N VAL O 112 -33.76 5.24 -3.56
CA VAL O 112 -34.83 4.99 -2.60
C VAL O 112 -35.17 3.51 -2.64
N VAL O 113 -35.22 2.89 -1.47
CA VAL O 113 -35.51 1.47 -1.41
C VAL O 113 -36.71 1.12 -0.55
N GLN O 114 -37.55 0.25 -1.06
CA GLN O 114 -38.73 -0.15 -0.29
C GLN O 114 -38.41 -1.44 0.44
N PRO O 115 -38.99 -1.63 1.64
CA PRO O 115 -38.76 -2.83 2.45
C PRO O 115 -39.13 -4.09 1.68
N GLU O 116 -38.90 -5.24 2.30
CA GLU O 116 -39.27 -6.50 1.66
C GLU O 116 -40.63 -6.80 2.31
N GLU O 117 -41.33 -7.83 1.83
CA GLU O 117 -42.65 -8.17 2.35
C GLU O 117 -42.92 -7.98 3.87
N ASP O 118 -41.97 -8.33 4.74
CA ASP O 118 -42.19 -8.19 6.19
C ASP O 118 -42.23 -6.75 6.73
N GLN O 119 -41.83 -5.79 5.91
CA GLN O 119 -41.85 -4.39 6.32
C GLN O 119 -40.93 -4.07 7.49
N ILE O 120 -39.69 -4.54 7.43
CA ILE O 120 -38.71 -4.27 8.47
C ILE O 120 -37.50 -3.57 7.86
N LEU O 121 -37.02 -2.51 8.50
CA LEU O 121 -35.88 -1.77 7.99
C LEU O 121 -34.85 -1.46 9.07
N ALA O 122 -33.58 -1.63 8.72
CA ALA O 122 -32.48 -1.34 9.66
C ALA O 122 -31.29 -0.74 8.92
N ILE O 123 -30.52 0.10 9.61
CA ILE O 123 -29.36 0.69 8.96
C ILE O 123 -28.31 0.95 10.03
N GLY O 124 -27.09 1.25 9.59
CA GLY O 124 -26.02 1.49 10.55
C GLY O 124 -25.22 0.24 10.87
N SER O 125 -24.04 0.41 11.44
CA SER O 125 -23.19 -0.72 11.76
C SER O 125 -23.97 -1.83 12.47
N GLY O 126 -24.79 -1.46 13.46
CA GLY O 126 -25.57 -2.45 14.16
C GLY O 126 -26.77 -2.95 13.37
N GLY O 127 -26.92 -2.38 12.17
CA GLY O 127 -28.03 -2.72 11.30
C GLY O 127 -28.56 -4.14 11.32
N ASN O 128 -27.89 -5.00 10.55
CA ASN O 128 -28.29 -6.40 10.41
C ASN O 128 -28.49 -7.16 11.72
N TYR O 129 -27.88 -6.72 12.82
CA TYR O 129 -28.07 -7.46 14.06
C TYR O 129 -29.52 -7.27 14.47
N ALA O 130 -29.96 -6.01 14.40
CA ALA O 130 -31.33 -5.65 14.75
C ALA O 130 -32.29 -6.28 13.75
N LEU O 131 -31.93 -6.18 12.47
CA LEU O 131 -32.76 -6.74 11.43
C LEU O 131 -32.93 -8.26 11.61
N SER O 132 -31.94 -8.90 12.22
CA SER O 132 -31.98 -10.35 12.40
C SER O 132 -32.88 -10.69 13.54
N ALA O 133 -32.83 -9.89 14.60
CA ALA O 133 -33.67 -10.14 15.76
C ALA O 133 -35.11 -9.75 15.41
N ALA O 134 -35.26 -8.64 14.67
CA ALA O 134 -36.57 -8.16 14.27
C ALA O 134 -37.29 -9.27 13.52
N ARG O 135 -36.72 -9.68 12.39
CA ARG O 135 -37.34 -10.74 11.63
C ARG O 135 -37.62 -11.93 12.53
N ALA O 136 -36.69 -12.24 13.41
CA ALA O 136 -36.86 -13.37 14.29
C ALA O 136 -38.18 -13.26 15.04
N LEU O 137 -38.37 -12.09 15.65
CA LEU O 137 -39.57 -11.79 16.43
C LEU O 137 -40.88 -11.70 15.61
N VAL O 138 -40.91 -10.76 14.68
CA VAL O 138 -42.08 -10.58 13.81
C VAL O 138 -42.62 -11.90 13.30
N GLU O 139 -41.74 -12.78 12.85
CA GLU O 139 -42.13 -14.07 12.29
C GLU O 139 -42.46 -15.17 13.32
N ASN O 140 -42.13 -14.97 14.59
CA ASN O 140 -42.37 -15.99 15.61
C ASN O 140 -43.00 -15.54 16.93
N THR O 141 -43.41 -14.28 16.99
CA THR O 141 -44.01 -13.76 18.20
C THR O 141 -45.19 -12.85 17.87
N GLU O 142 -45.91 -12.43 18.91
CA GLU O 142 -47.08 -11.56 18.73
C GLU O 142 -46.76 -10.13 19.12
N LEU O 143 -45.57 -9.96 19.72
CA LEU O 143 -45.10 -8.66 20.19
C LEU O 143 -45.45 -7.49 19.26
N SER O 144 -45.72 -6.34 19.86
CA SER O 144 -46.07 -5.14 19.12
C SER O 144 -44.82 -4.62 18.41
N ALA O 145 -45.04 -3.79 17.38
CA ALA O 145 -43.91 -3.25 16.63
C ALA O 145 -43.02 -2.47 17.57
N HIS O 146 -43.59 -1.91 18.64
CA HIS O 146 -42.77 -1.15 19.56
C HIS O 146 -41.89 -2.11 20.37
N GLU O 147 -42.53 -3.08 21.03
CA GLU O 147 -41.80 -4.08 21.81
C GLU O 147 -40.66 -4.68 20.97
N ILE O 148 -40.96 -5.10 19.75
CA ILE O 148 -39.92 -5.65 18.88
C ILE O 148 -38.75 -4.66 18.66
N VAL O 149 -39.04 -3.44 18.19
CA VAL O 149 -37.98 -2.47 17.98
C VAL O 149 -37.15 -2.35 19.24
N GLU O 150 -37.83 -2.26 20.37
CA GLU O 150 -37.17 -2.14 21.66
C GLU O 150 -36.23 -3.33 21.84
N LYS O 151 -36.79 -4.54 21.81
CA LYS O 151 -36.01 -5.76 21.98
C LYS O 151 -34.84 -5.87 20.96
N SER O 152 -35.13 -5.73 19.67
CA SER O 152 -34.09 -5.79 18.62
C SER O 152 -32.98 -4.78 18.83
N LEU O 153 -33.29 -3.57 19.28
CA LEU O 153 -32.23 -2.60 19.46
C LEU O 153 -31.22 -3.04 20.49
N ARG O 154 -31.70 -3.61 21.60
CA ARG O 154 -30.81 -4.07 22.66
C ARG O 154 -29.94 -5.23 22.17
N ILE O 155 -30.55 -6.18 21.46
CA ILE O 155 -29.81 -7.32 20.94
C ILE O 155 -28.62 -6.79 20.13
N ALA O 156 -28.84 -5.68 19.43
CA ALA O 156 -27.81 -5.08 18.59
C ALA O 156 -26.80 -4.22 19.33
N GLY O 157 -27.15 -3.70 20.49
CA GLY O 157 -26.21 -2.88 21.23
C GLY O 157 -25.16 -3.73 21.92
N ASP O 158 -25.54 -4.99 22.18
CA ASP O 158 -24.69 -5.99 22.84
C ASP O 158 -23.75 -6.75 21.91
N ILE O 159 -23.74 -6.38 20.63
CA ILE O 159 -22.89 -7.04 19.67
C ILE O 159 -22.13 -5.96 18.94
N CYS O 160 -22.77 -4.84 18.64
CA CYS O 160 -22.06 -3.78 17.96
C CYS O 160 -21.35 -2.93 19.00
N VAL O 161 -20.11 -2.59 18.71
CA VAL O 161 -19.30 -1.79 19.62
C VAL O 161 -19.51 -0.28 19.38
N PHE O 162 -20.39 0.00 18.43
CA PHE O 162 -20.68 1.38 18.09
C PHE O 162 -22.14 1.66 18.36
N THR O 163 -22.73 0.81 19.20
CA THR O 163 -24.12 0.91 19.55
C THR O 163 -24.31 0.66 21.03
N ASN O 164 -25.11 1.53 21.66
CA ASN O 164 -25.39 1.41 23.10
C ASN O 164 -26.82 1.07 23.41
N THR O 165 -27.11 0.91 24.69
CA THR O 165 -28.44 0.55 25.14
C THR O 165 -29.24 1.78 25.52
N ASN O 166 -28.72 2.94 25.12
CA ASN O 166 -29.35 4.21 25.39
C ASN O 166 -30.08 4.68 24.14
N PHE O 167 -31.29 4.18 23.90
CA PHE O 167 -32.03 4.57 22.71
C PHE O 167 -33.29 5.42 22.88
N THR O 168 -33.71 6.03 21.76
CA THR O 168 -34.89 6.88 21.65
C THR O 168 -35.85 6.34 20.58
N ILE O 169 -37.05 5.92 20.99
CA ILE O 169 -38.00 5.37 20.03
C ILE O 169 -39.23 6.27 19.78
N GLU O 170 -39.67 6.31 18.52
CA GLU O 170 -40.83 7.10 18.11
C GLU O 170 -41.82 6.24 17.32
N GLU O 171 -43.11 6.44 17.52
CA GLU O 171 -44.10 5.66 16.79
C GLU O 171 -45.27 6.47 16.24
N LEU O 172 -45.98 5.88 15.28
CA LEU O 172 -47.14 6.50 14.67
C LEU O 172 -48.28 5.48 14.65
N PRO O 173 -49.52 5.94 14.89
CA PRO O 173 -49.97 7.32 15.17
C PRO O 173 -49.68 7.89 16.56
N THR P 1 -3.24 19.19 20.36
CA THR P 1 -3.45 20.00 21.58
C THR P 1 -4.30 19.23 22.62
N THR P 2 -4.67 19.84 23.79
CA THR P 2 -5.70 19.33 24.80
C THR P 2 -6.49 20.55 25.24
N ILE P 3 -7.78 20.53 24.89
CA ILE P 3 -8.68 21.65 25.20
C ILE P 3 -9.84 21.10 26.03
N VAL P 4 -9.99 21.60 27.26
CA VAL P 4 -11.07 21.11 28.09
C VAL P 4 -11.91 22.24 28.72
N SER P 5 -13.19 21.95 28.92
CA SER P 5 -14.11 22.93 29.50
C SER P 5 -15.08 22.33 30.52
N VAL P 6 -14.97 22.83 31.75
CA VAL P 6 -15.84 22.38 32.85
C VAL P 6 -16.77 23.52 33.23
N ARG P 7 -17.95 23.15 33.73
CA ARG P 7 -18.96 24.12 34.15
C ARG P 7 -19.58 23.73 35.50
N ARG P 8 -19.20 24.46 36.56
CA ARG P 8 -19.73 24.18 37.90
C ARG P 8 -19.93 25.44 38.71
N ASN P 9 -21.15 25.58 39.26
CA ASN P 9 -21.56 26.73 40.08
C ASN P 9 -21.56 28.06 39.30
N GLY P 10 -22.36 28.11 38.24
CA GLY P 10 -22.44 29.31 37.43
C GLY P 10 -21.08 29.74 36.92
N GLN P 11 -20.19 28.76 36.83
CA GLN P 11 -18.84 29.00 36.34
C GLN P 11 -18.59 28.23 35.04
N VAL P 12 -17.98 28.91 34.08
CA VAL P 12 -17.65 28.30 32.80
C VAL P 12 -16.19 28.58 32.53
N VAL P 13 -15.39 27.51 32.61
CA VAL P 13 -13.97 27.63 32.37
C VAL P 13 -13.61 26.89 31.08
N VAL P 14 -12.56 27.38 30.42
CA VAL P 14 -12.08 26.76 29.19
C VAL P 14 -10.56 26.86 29.07
N GLY P 15 -9.90 25.74 29.31
CA GLY P 15 -8.44 25.70 29.26
C GLY P 15 -7.89 24.94 28.08
N GLY P 16 -6.59 25.16 27.84
CA GLY P 16 -5.90 24.50 26.75
C GLY P 16 -4.41 24.74 26.92
N ASP P 17 -3.59 23.78 26.54
CA ASP P 17 -2.14 23.93 26.65
C ASP P 17 -1.63 24.89 25.57
N GLY P 18 -0.33 24.87 25.32
CA GLY P 18 0.21 25.77 24.32
C GLY P 18 1.36 25.24 23.49
N GLN P 19 1.17 24.03 22.96
CA GLN P 19 2.21 23.40 22.17
C GLN P 19 1.87 23.23 20.70
N VAL P 20 2.60 23.96 19.85
CA VAL P 20 2.37 23.86 18.42
C VAL P 20 3.34 22.80 17.92
N SER P 21 2.78 21.69 17.48
CA SER P 21 3.58 20.57 17.02
C SER P 21 3.67 20.49 15.51
N LEU P 22 4.89 20.22 15.05
CA LEU P 22 5.18 20.06 13.63
C LEU P 22 5.88 18.72 13.55
N GLY P 23 5.20 17.72 12.99
CA GLY P 23 5.80 16.41 12.93
C GLY P 23 5.94 15.94 14.37
N ASN P 24 7.11 15.45 14.75
CA ASN P 24 7.29 15.04 16.14
C ASN P 24 8.18 16.04 16.86
N THR P 25 8.27 17.22 16.29
CA THR P 25 9.06 18.27 16.90
C THR P 25 8.12 19.35 17.42
N VAL P 26 8.64 20.17 18.34
CA VAL P 26 7.87 21.26 18.92
C VAL P 26 8.38 22.59 18.38
N MET P 27 7.52 23.31 17.67
CA MET P 27 7.89 24.60 17.08
C MET P 27 7.68 25.80 18.01
N LYS P 28 6.51 25.84 18.65
CA LYS P 28 6.18 26.91 19.59
C LYS P 28 5.49 26.28 20.80
N GLY P 29 5.91 26.66 22.00
CA GLY P 29 5.31 26.09 23.19
C GLY P 29 4.51 27.00 24.13
N ASN P 30 4.24 28.23 23.71
CA ASN P 30 3.49 29.15 24.57
C ASN P 30 2.09 29.46 24.01
N ALA P 31 1.94 29.26 22.71
CA ALA P 31 0.69 29.49 21.99
C ALA P 31 -0.59 29.56 22.81
N ARG P 32 -1.39 30.59 22.57
CA ARG P 32 -2.67 30.75 23.27
C ARG P 32 -3.70 29.98 22.46
N LYS P 33 -4.24 28.91 23.04
CA LYS P 33 -5.22 28.11 22.31
C LYS P 33 -6.67 28.44 22.66
N VAL P 34 -6.87 29.19 23.74
CA VAL P 34 -8.20 29.61 24.15
C VAL P 34 -8.24 31.13 24.04
N ARG P 35 -9.14 31.62 23.19
CA ARG P 35 -9.29 33.05 22.95
C ARG P 35 -10.69 33.54 23.37
N ARG P 36 -10.83 34.86 23.50
CA ARG P 36 -12.10 35.48 23.88
C ARG P 36 -12.82 36.12 22.70
N LEU P 37 -14.12 35.97 22.65
CA LEU P 37 -14.90 36.52 21.55
C LEU P 37 -16.07 37.40 21.97
N TYR P 38 -16.46 38.30 21.07
CA TYR P 38 -17.58 39.21 21.32
C TYR P 38 -17.37 40.05 22.56
N ASN P 39 -16.33 40.87 22.53
CA ASN P 39 -15.99 41.78 23.62
C ASN P 39 -15.76 41.10 24.96
N GLY P 40 -15.58 39.79 24.93
CA GLY P 40 -15.32 39.05 26.16
C GLY P 40 -16.54 38.28 26.64
N LYS P 41 -17.54 38.17 25.78
CA LYS P 41 -18.78 37.47 26.13
C LYS P 41 -18.72 35.94 25.98
N VAL P 42 -17.91 35.46 25.02
CA VAL P 42 -17.78 34.02 24.80
C VAL P 42 -16.34 33.50 24.74
N LEU P 43 -16.18 32.28 25.20
CA LEU P 43 -14.89 31.61 25.22
C LEU P 43 -14.80 30.62 24.07
N ALA P 44 -13.61 30.56 23.45
CA ALA P 44 -13.40 29.64 22.35
C ALA P 44 -12.02 29.01 22.42
N GLY P 45 -12.01 27.68 22.36
CA GLY P 45 -10.77 26.92 22.38
C GLY P 45 -10.76 26.10 21.11
N PHE P 46 -9.64 26.10 20.39
CA PHE P 46 -9.55 25.34 19.16
C PHE P 46 -8.47 24.29 19.14
N ALA P 47 -8.62 23.36 18.20
CA ALA P 47 -7.70 22.25 18.01
C ALA P 47 -7.82 21.72 16.58
N GLY P 48 -6.68 21.36 15.97
CA GLY P 48 -6.72 20.82 14.61
C GLY P 48 -5.79 21.45 13.58
N GLY P 49 -4.60 21.81 13.98
CA GLY P 49 -3.69 22.37 13.00
C GLY P 49 -3.97 23.79 12.53
N THR P 50 -3.24 24.71 13.15
CA THR P 50 -3.31 26.12 12.88
C THR P 50 -4.34 26.54 11.83
N ALA P 51 -3.87 26.86 10.63
CA ALA P 51 -4.72 27.29 9.52
C ALA P 51 -6.23 27.02 9.67
N ASP P 52 -6.68 25.81 9.34
CA ASP P 52 -8.10 25.48 9.46
C ASP P 52 -8.61 25.79 10.85
N ALA P 53 -7.84 25.42 11.85
CA ALA P 53 -8.24 25.69 13.22
C ALA P 53 -8.62 27.17 13.38
N PHE P 54 -7.87 28.04 12.72
CA PHE P 54 -8.09 29.49 12.79
C PHE P 54 -9.25 29.98 11.96
N THR P 55 -9.26 29.62 10.68
CA THR P 55 -10.34 30.07 9.84
C THR P 55 -11.67 29.56 10.38
N LEU P 56 -11.66 28.53 11.22
CA LEU P 56 -12.93 28.06 11.77
C LEU P 56 -13.32 29.02 12.89
N PHE P 57 -12.31 29.57 13.56
CA PHE P 57 -12.47 30.51 14.65
C PHE P 57 -13.08 31.81 14.12
N GLU P 58 -12.48 32.37 13.06
CA GLU P 58 -12.94 33.60 12.43
C GLU P 58 -14.39 33.48 11.98
N LEU P 59 -14.69 32.44 11.23
CA LEU P 59 -16.05 32.19 10.73
C LEU P 59 -17.12 32.11 11.81
N PHE P 60 -16.73 31.84 13.05
CA PHE P 60 -17.70 31.75 14.14
C PHE P 60 -17.82 33.14 14.75
N GLU P 61 -16.83 33.98 14.48
CA GLU P 61 -16.87 35.34 14.99
C GLU P 61 -17.77 36.15 14.06
N ARG P 62 -17.52 36.07 12.76
CA ARG P 62 -18.31 36.80 11.77
C ARG P 62 -19.79 36.39 11.92
N LYS P 63 -20.05 35.35 12.71
CA LYS P 63 -21.42 34.85 12.92
C LYS P 63 -21.99 35.28 14.27
N LEU P 64 -21.10 35.68 15.18
CA LEU P 64 -21.54 36.12 16.48
C LEU P 64 -21.78 37.62 16.37
N GLU P 65 -20.84 38.32 15.73
CA GLU P 65 -20.95 39.75 15.55
C GLU P 65 -21.84 39.94 14.30
N MET P 66 -22.95 39.19 14.28
CA MET P 66 -23.95 39.24 13.21
C MET P 66 -25.22 38.55 13.71
N HIS P 67 -25.25 38.21 14.99
CA HIS P 67 -26.40 37.56 15.64
C HIS P 67 -26.46 37.91 17.13
N GLN P 68 -25.90 39.08 17.46
CA GLN P 68 -25.89 39.60 18.83
C GLN P 68 -25.25 38.69 19.85
N GLY P 69 -24.27 37.89 19.45
CA GLY P 69 -23.62 37.00 20.39
C GLY P 69 -24.44 35.81 20.85
N HIS P 70 -25.48 35.48 20.11
CA HIS P 70 -26.31 34.34 20.47
C HIS P 70 -25.58 33.08 20.07
N LEU P 71 -24.79 32.55 21.00
CA LEU P 71 -23.98 31.34 20.79
C LEU P 71 -24.66 30.26 19.96
N LEU P 72 -25.69 29.63 20.52
CA LEU P 72 -26.42 28.57 19.84
C LEU P 72 -26.86 28.92 18.39
N LYS P 73 -27.44 30.11 18.19
CA LYS P 73 -27.86 30.51 16.85
C LYS P 73 -26.66 30.72 15.92
N SER P 74 -25.63 31.38 16.44
CA SER P 74 -24.42 31.63 15.64
C SER P 74 -23.81 30.29 15.22
N ALA P 75 -23.85 29.32 16.14
CA ALA P 75 -23.32 27.97 15.90
C ALA P 75 -24.05 27.32 14.74
N VAL P 76 -25.37 27.23 14.87
CA VAL P 76 -26.20 26.65 13.82
C VAL P 76 -26.19 27.42 12.50
N GLU P 77 -26.04 28.72 12.55
CA GLU P 77 -25.99 29.51 11.33
C GLU P 77 -24.72 29.11 10.57
N LEU P 78 -23.66 28.83 11.33
CA LEU P 78 -22.36 28.42 10.79
C LEU P 78 -22.38 26.98 10.27
N ALA P 79 -22.97 26.08 11.05
CA ALA P 79 -23.10 24.68 10.67
C ALA P 79 -23.87 24.57 9.36
N LYS P 80 -24.97 25.31 9.24
CA LYS P 80 -25.80 25.28 8.05
C LYS P 80 -25.06 25.71 6.79
N ASP P 81 -23.94 26.41 6.96
CA ASP P 81 -23.13 26.87 5.82
C ASP P 81 -22.28 25.74 5.23
N TRP P 82 -22.43 24.54 5.80
CA TRP P 82 -21.72 23.35 5.35
C TRP P 82 -22.71 22.34 4.86
N ARG P 83 -23.88 22.33 5.48
CA ARG P 83 -24.92 21.37 5.11
C ARG P 83 -25.77 21.77 3.90
N THR P 84 -25.27 22.64 3.04
CA THR P 84 -26.02 23.07 1.85
C THR P 84 -25.57 22.35 0.58
N ASP P 85 -26.06 22.85 -0.55
CA ASP P 85 -25.71 22.29 -1.85
C ASP P 85 -24.24 22.63 -2.13
N ARG P 86 -23.94 23.93 -2.05
CA ARG P 86 -22.60 24.44 -2.28
C ARG P 86 -21.87 24.52 -0.94
N ALA P 87 -21.08 23.49 -0.65
CA ALA P 87 -20.33 23.41 0.62
C ALA P 87 -19.40 24.58 0.88
N LEU P 88 -18.91 24.64 2.11
CA LEU P 88 -18.00 25.70 2.54
C LEU P 88 -16.64 25.06 2.79
N ARG P 89 -16.06 24.48 1.75
CA ARG P 89 -14.77 23.81 1.89
C ARG P 89 -14.99 22.76 2.99
N LYS P 90 -13.94 22.45 3.72
CA LYS P 90 -14.00 21.47 4.81
C LYS P 90 -12.79 21.74 5.71
N LEU P 91 -13.05 21.98 6.98
CA LEU P 91 -11.97 22.28 7.89
C LEU P 91 -11.51 21.14 8.81
N GLU P 92 -10.19 21.00 8.86
CA GLU P 92 -9.55 19.98 9.69
C GLU P 92 -9.38 20.53 11.10
N ALA P 93 -10.48 20.82 11.80
CA ALA P 93 -10.38 21.35 13.15
C ALA P 93 -11.73 21.39 13.85
N MET P 94 -11.71 21.65 15.16
CA MET P 94 -12.94 21.76 15.92
C MET P 94 -12.77 22.75 17.08
N LEU P 95 -13.90 23.37 17.46
CA LEU P 95 -13.94 24.38 18.49
C LEU P 95 -14.82 24.05 19.68
N ILE P 96 -14.43 24.55 20.83
CA ILE P 96 -15.24 24.40 22.04
C ILE P 96 -15.54 25.85 22.36
N VAL P 97 -16.83 26.18 22.30
CA VAL P 97 -17.32 27.54 22.56
C VAL P 97 -18.29 27.55 23.72
N ALA P 98 -18.17 28.57 24.58
CA ALA P 98 -19.06 28.67 25.72
C ALA P 98 -19.14 30.07 26.31
N ASP P 99 -20.37 30.47 26.65
CA ASP P 99 -20.65 31.76 27.26
C ASP P 99 -21.38 31.45 28.57
N GLU P 100 -21.86 32.47 29.26
CA GLU P 100 -22.57 32.26 30.52
C GLU P 100 -23.73 31.26 30.37
N LYS P 101 -24.43 31.30 29.25
CA LYS P 101 -25.58 30.43 29.01
C LYS P 101 -25.26 28.98 28.63
N GLU P 102 -24.77 28.79 27.41
CA GLU P 102 -24.46 27.44 26.91
C GLU P 102 -22.98 27.21 26.56
N SER P 103 -22.68 25.96 26.23
CA SER P 103 -21.34 25.54 25.83
C SER P 103 -21.49 24.52 24.70
N LEU P 104 -20.66 24.67 23.67
CA LEU P 104 -20.71 23.77 22.52
C LEU P 104 -19.37 23.35 21.94
N ILE P 105 -19.49 22.46 20.95
CA ILE P 105 -18.36 21.94 20.22
C ILE P 105 -18.79 21.93 18.75
N ILE P 106 -18.09 22.73 17.96
CA ILE P 106 -18.37 22.90 16.53
C ILE P 106 -17.23 22.40 15.66
N THR P 107 -17.54 21.53 14.71
CA THR P 107 -16.54 20.99 13.82
C THR P 107 -16.63 21.66 12.45
N GLY P 108 -15.47 21.87 11.83
CA GLY P 108 -15.42 22.49 10.52
C GLY P 108 -15.91 21.58 9.39
N ILE P 109 -16.77 20.63 9.72
CA ILE P 109 -17.32 19.70 8.74
C ILE P 109 -18.79 20.07 8.66
N GLY P 110 -19.24 20.83 9.66
CA GLY P 110 -20.62 21.25 9.70
C GLY P 110 -21.54 20.59 10.71
N ASP P 111 -21.10 20.47 11.95
CA ASP P 111 -21.95 19.88 12.99
C ASP P 111 -21.70 20.53 14.34
N VAL P 112 -22.78 20.61 15.12
CA VAL P 112 -22.76 21.22 16.45
C VAL P 112 -23.19 20.15 17.45
N VAL P 113 -22.40 20.00 18.51
CA VAL P 113 -22.72 19.00 19.53
C VAL P 113 -22.82 19.59 20.93
N GLN P 114 -23.88 19.19 21.63
CA GLN P 114 -24.09 19.67 23.00
C GLN P 114 -23.50 18.67 23.96
N PRO P 115 -22.93 19.16 25.08
CA PRO P 115 -22.33 18.30 26.10
C PRO P 115 -23.31 17.24 26.58
N GLU P 116 -22.83 16.35 27.45
CA GLU P 116 -23.70 15.33 28.03
C GLU P 116 -24.05 15.96 29.39
N GLU P 117 -25.03 15.38 30.09
CA GLU P 117 -25.48 15.91 31.38
C GLU P 117 -24.45 16.61 32.27
N ASP P 118 -23.24 16.06 32.41
CA ASP P 118 -22.23 16.68 33.28
C ASP P 118 -21.64 18.01 32.80
N GLN P 119 -21.93 18.37 31.56
CA GLN P 119 -21.43 19.64 31.02
C GLN P 119 -19.90 19.76 30.96
N ILE P 120 -19.24 18.74 30.43
CA ILE P 120 -17.79 18.75 30.31
C ILE P 120 -17.43 18.52 28.84
N LEU P 121 -16.52 19.34 28.33
CA LEU P 121 -16.10 19.21 26.94
C LEU P 121 -14.58 19.24 26.79
N ALA P 122 -14.07 18.36 25.91
CA ALA P 122 -12.63 18.28 25.64
C ALA P 122 -12.41 17.92 24.16
N ILE P 123 -11.34 18.42 23.59
CA ILE P 123 -11.04 18.12 22.20
C ILE P 123 -9.51 18.07 22.03
N GLY P 124 -9.06 17.54 20.90
CA GLY P 124 -7.62 17.45 20.67
C GLY P 124 -7.08 16.08 21.05
N SER P 125 -5.83 15.81 20.65
CA SER P 125 -5.19 14.54 20.95
C SER P 125 -5.27 14.25 22.45
N GLY P 126 -4.97 15.25 23.28
CA GLY P 126 -5.03 15.05 24.71
C GLY P 126 -6.44 15.10 25.24
N GLY P 127 -7.41 15.20 24.34
CA GLY P 127 -8.80 15.29 24.70
C GLY P 127 -9.30 14.37 25.81
N ASN P 128 -9.57 13.12 25.46
CA ASN P 128 -10.08 12.15 26.41
C ASN P 128 -9.31 12.01 27.70
N TYR P 129 -8.03 12.36 27.72
CA TYR P 129 -7.30 12.19 28.98
C TYR P 129 -7.87 13.22 29.95
N ALA P 130 -8.02 14.46 29.47
CA ALA P 130 -8.56 15.54 30.29
C ALA P 130 -10.03 15.24 30.65
N LEU P 131 -10.77 14.77 29.65
CA LEU P 131 -12.17 14.45 29.86
C LEU P 131 -12.32 13.36 30.92
N SER P 132 -11.32 12.50 31.06
CA SER P 132 -11.37 11.40 32.01
C SER P 132 -11.11 11.91 33.41
N ALA P 133 -10.13 12.80 33.51
CA ALA P 133 -9.74 13.37 34.80
C ALA P 133 -10.85 14.31 35.24
N ALA P 134 -11.40 15.06 34.29
CA ALA P 134 -12.48 16.00 34.55
C ALA P 134 -13.68 15.29 35.17
N ARG P 135 -14.24 14.33 34.44
CA ARG P 135 -15.36 13.59 34.98
C ARG P 135 -15.01 13.00 36.33
N ALA P 136 -13.78 12.52 36.46
CA ALA P 136 -13.35 11.92 37.71
C ALA P 136 -13.55 12.90 38.85
N LEU P 137 -13.04 14.12 38.65
CA LEU P 137 -13.13 15.20 39.61
C LEU P 137 -14.55 15.72 39.85
N VAL P 138 -15.18 16.22 38.81
CA VAL P 138 -16.55 16.73 38.90
C VAL P 138 -17.47 15.84 39.69
N GLU P 139 -17.39 14.54 39.41
CA GLU P 139 -18.23 13.54 40.08
C GLU P 139 -17.77 13.09 41.48
N ASN P 140 -16.55 13.45 41.88
CA ASN P 140 -16.04 13.01 43.18
C ASN P 140 -15.35 14.07 44.03
N THR P 141 -15.41 15.33 43.61
CA THR P 141 -14.76 16.39 44.38
C THR P 141 -15.62 17.63 44.39
N GLU P 142 -15.20 18.64 45.17
CA GLU P 142 -15.94 19.89 45.28
C GLU P 142 -15.25 20.99 44.51
N LEU P 143 -14.06 20.69 44.03
CA LEU P 143 -13.24 21.63 43.28
C LEU P 143 -14.05 22.50 42.30
N SER P 144 -13.58 23.74 42.14
CA SER P 144 -14.24 24.70 41.24
C SER P 144 -13.95 24.30 39.79
N ALA P 145 -14.78 24.77 38.86
CA ALA P 145 -14.58 24.43 37.46
C ALA P 145 -13.20 24.90 36.98
N HIS P 146 -12.64 25.90 37.64
CA HIS P 146 -11.33 26.36 37.24
C HIS P 146 -10.26 25.39 37.74
N GLU P 147 -10.29 25.07 39.04
CA GLU P 147 -9.34 24.13 39.61
C GLU P 147 -9.37 22.83 38.79
N ILE P 148 -10.58 22.32 38.50
CA ILE P 148 -10.70 21.11 37.70
C ILE P 148 -10.01 21.24 36.35
N VAL P 149 -10.42 22.19 35.53
CA VAL P 149 -9.76 22.40 34.23
C VAL P 149 -8.23 22.43 34.43
N GLU P 150 -7.76 23.20 35.40
CA GLU P 150 -6.33 23.31 35.69
C GLU P 150 -5.76 21.91 35.92
N LYS P 151 -6.31 21.21 36.91
CA LYS P 151 -5.85 19.86 37.22
C LYS P 151 -5.93 18.90 36.01
N SER P 152 -7.12 18.78 35.39
CA SER P 152 -7.31 17.91 34.24
C SER P 152 -6.35 18.18 33.09
N LEU P 153 -5.98 19.45 32.88
CA LEU P 153 -5.06 19.78 31.79
C LEU P 153 -3.69 19.18 32.03
N ARG P 154 -3.20 19.29 33.25
CA ARG P 154 -1.90 18.73 33.57
C ARG P 154 -1.90 17.22 33.41
N ILE P 155 -2.94 16.54 33.91
CA ILE P 155 -3.00 15.07 33.80
C ILE P 155 -2.83 14.68 32.34
N ALA P 156 -3.38 15.48 31.46
CA ALA P 156 -3.31 15.19 30.03
C ALA P 156 -2.00 15.61 29.38
N GLY P 157 -1.24 16.50 30.00
CA GLY P 157 0.00 16.92 29.38
C GLY P 157 1.09 15.89 29.59
N ASP P 158 0.89 15.12 30.67
CA ASP P 158 1.80 14.06 31.11
C ASP P 158 1.55 12.70 30.45
N ILE P 159 0.58 12.66 29.54
CA ILE P 159 0.27 11.44 28.83
C ILE P 159 0.30 11.69 27.33
N CYS P 160 -0.14 12.88 26.92
CA CYS P 160 -0.08 13.19 25.50
C CYS P 160 1.27 13.79 25.19
N VAL P 161 1.87 13.33 24.10
CA VAL P 161 3.18 13.82 23.71
C VAL P 161 3.09 15.09 22.87
N PHE P 162 1.84 15.52 22.66
CA PHE P 162 1.57 16.70 21.87
C PHE P 162 0.91 17.76 22.73
N THR P 163 1.08 17.61 24.04
CA THR P 163 0.47 18.50 25.00
C THR P 163 1.46 18.80 26.11
N ASN P 164 1.56 20.08 26.46
CA ASN P 164 2.48 20.50 27.52
C ASN P 164 1.80 21.04 28.75
N THR P 165 2.61 21.44 29.71
CA THR P 165 2.10 21.94 30.96
C THR P 165 2.09 23.46 30.94
N ASN P 166 2.20 24.03 29.75
CA ASN P 166 2.19 25.48 29.60
C ASN P 166 0.82 25.89 29.05
N PHE P 167 -0.17 26.03 29.92
CA PHE P 167 -1.49 26.39 29.43
C PHE P 167 -2.02 27.78 29.79
N THR P 168 -3.09 28.17 29.08
CA THR P 168 -3.79 29.45 29.24
C THR P 168 -5.27 29.16 29.48
N ILE P 169 -5.78 29.58 30.63
CA ILE P 169 -7.18 29.35 30.98
C ILE P 169 -8.02 30.64 31.06
N GLU P 170 -9.26 30.56 30.59
CA GLU P 170 -10.19 31.69 30.59
C GLU P 170 -11.52 31.27 31.21
N GLU P 171 -12.15 32.16 31.98
CA GLU P 171 -13.42 31.82 32.60
C GLU P 171 -14.46 32.93 32.54
N LEU P 172 -15.72 32.54 32.73
CA LEU P 172 -16.84 33.47 32.73
C LEU P 172 -17.69 33.26 33.97
N PRO P 173 -18.22 34.33 34.57
CA PRO P 173 -18.10 35.76 34.22
C PRO P 173 -16.76 36.44 34.54
N THR Q 1 16.28 22.92 2.83
CA THR Q 1 17.25 23.99 3.13
C THR Q 1 17.49 24.08 4.70
N THR Q 2 18.17 25.16 5.27
CA THR Q 2 18.31 25.50 6.74
C THR Q 2 18.28 27.03 6.74
N ILE Q 3 17.21 27.59 7.31
CA ILE Q 3 17.03 29.04 7.39
C ILE Q 3 16.86 29.41 8.87
N VAL Q 4 17.77 30.21 9.40
CA VAL Q 4 17.67 30.59 10.79
C VAL Q 4 17.83 32.10 11.00
N SER Q 5 17.14 32.62 12.02
CA SER Q 5 17.16 34.04 12.34
C SER Q 5 17.30 34.33 13.83
N VAL Q 6 18.38 35.00 14.20
CA VAL Q 6 18.61 35.36 15.59
C VAL Q 6 18.50 36.89 15.73
N ARG Q 7 18.11 37.33 16.93
CA ARG Q 7 17.94 38.74 17.23
C ARG Q 7 18.57 39.09 18.58
N ARG Q 8 19.69 39.81 18.54
CA ARG Q 8 20.38 40.22 19.76
C ARG Q 8 21.05 41.58 19.62
N ASN Q 9 20.77 42.47 20.59
CA ASN Q 9 21.30 43.83 20.65
C ASN Q 9 20.87 44.73 19.49
N GLY Q 10 19.56 44.88 19.31
CA GLY Q 10 19.03 45.69 18.23
C GLY Q 10 19.49 45.19 16.87
N GLN Q 11 19.86 43.92 16.82
CA GLN Q 11 20.34 43.28 15.60
C GLN Q 11 19.38 42.18 15.16
N VAL Q 12 19.10 42.15 13.86
CA VAL Q 12 18.22 41.13 13.30
C VAL Q 12 18.96 40.51 12.12
N VAL Q 13 19.38 39.26 12.27
CA VAL Q 13 20.10 38.56 11.22
C VAL Q 13 19.25 37.44 10.66
N VAL Q 14 19.43 37.15 9.39
CA VAL Q 14 18.70 36.07 8.74
C VAL Q 14 19.56 35.33 7.72
N GLY Q 15 19.98 34.12 8.11
CA GLY Q 15 20.82 33.30 7.25
C GLY Q 15 20.15 32.07 6.68
N GLY Q 16 20.82 31.51 5.68
CA GLY Q 16 20.34 30.33 5.01
C GLY Q 16 21.42 29.83 4.08
N ASP Q 17 21.52 28.52 3.92
CA ASP Q 17 22.52 27.92 3.04
C ASP Q 17 22.14 28.14 1.57
N GLY Q 18 22.78 27.40 0.68
CA GLY Q 18 22.48 27.57 -0.74
C GLY Q 18 22.39 26.30 -1.58
N GLN Q 19 21.72 25.28 -1.07
CA GLN Q 19 21.62 24.03 -1.81
C GLN Q 19 20.25 23.68 -2.37
N VAL Q 20 20.12 23.70 -3.68
CA VAL Q 20 18.84 23.34 -4.29
C VAL Q 20 18.92 21.84 -4.54
N SER Q 21 18.10 21.08 -3.83
CA SER Q 21 18.11 19.63 -3.97
C SER Q 21 16.98 19.12 -4.84
N LEU Q 22 17.32 18.14 -5.66
CA LEU Q 22 16.36 17.48 -6.55
C LEU Q 22 16.57 16.00 -6.27
N GLY Q 23 15.57 15.35 -5.68
CA GLY Q 23 15.76 13.95 -5.34
C GLY Q 23 16.89 13.92 -4.31
N ASN Q 24 17.86 13.04 -4.49
CA ASN Q 24 18.98 13.00 -3.54
C ASN Q 24 20.20 13.54 -4.22
N THR Q 25 19.97 14.33 -5.27
CA THR Q 25 21.07 14.93 -5.99
C THR Q 25 21.03 16.42 -5.75
N VAL Q 26 22.16 17.08 -6.00
CA VAL Q 26 22.29 18.52 -5.82
C VAL Q 26 22.37 19.19 -7.18
N MET Q 27 21.35 20.00 -7.49
CA MET Q 27 21.32 20.71 -8.76
C MET Q 27 22.06 22.04 -8.75
N LYS Q 28 21.85 22.85 -7.73
CA LYS Q 28 22.53 24.13 -7.63
C LYS Q 28 22.96 24.30 -6.17
N GLY Q 29 24.20 24.74 -5.95
CA GLY Q 29 24.69 24.91 -4.60
C GLY Q 29 25.09 26.30 -4.11
N ASN Q 30 24.71 27.35 -4.85
CA ASN Q 30 25.04 28.71 -4.46
C ASN Q 30 23.79 29.53 -4.14
N ALA Q 31 22.64 29.10 -4.68
CA ALA Q 31 21.34 29.73 -4.48
C ALA Q 31 21.19 30.66 -3.28
N ARG Q 32 20.66 31.88 -3.51
CA ARG Q 32 20.43 32.84 -2.42
C ARG Q 32 19.06 32.53 -1.84
N LYS Q 33 19.02 32.07 -0.60
CA LYS Q 33 17.75 31.72 0.02
C LYS Q 33 17.19 32.85 0.89
N VAL Q 34 18.03 33.83 1.21
CA VAL Q 34 17.60 34.98 2.00
C VAL Q 34 17.68 36.22 1.10
N ARG Q 35 16.52 36.82 0.83
CA ARG Q 35 16.41 38.00 -0.02
C ARG Q 35 15.95 39.22 0.77
N ARG Q 36 16.13 40.42 0.20
CA ARG Q 36 15.72 41.67 0.84
C ARG Q 36 14.41 42.23 0.23
N LEU Q 37 13.55 42.79 1.06
CA LEU Q 37 12.30 43.34 0.58
C LEU Q 37 12.01 44.77 1.02
N TYR Q 38 11.19 45.45 0.24
CA TYR Q 38 10.80 46.82 0.52
C TYR Q 38 12.01 47.76 0.64
N ASN Q 39 12.75 47.87 -0.46
CA ASN Q 39 13.92 48.74 -0.54
C ASN Q 39 15.01 48.42 0.48
N GLY Q 40 14.93 47.23 1.07
CA GLY Q 40 15.94 46.83 2.04
C GLY Q 40 15.46 47.00 3.47
N LYS Q 41 14.16 47.16 3.64
CA LYS Q 41 13.60 47.34 4.97
C LYS Q 41 13.33 46.02 5.71
N VAL Q 42 13.02 44.97 4.96
CA VAL Q 42 12.74 43.66 5.56
C VAL Q 42 13.52 42.49 4.97
N LEU Q 43 13.81 41.51 5.83
CA LEU Q 43 14.54 40.31 5.45
C LEU Q 43 13.58 39.14 5.32
N ALA Q 44 13.80 38.33 4.28
CA ALA Q 44 12.97 37.16 4.04
C ALA Q 44 13.78 35.95 3.60
N GLY Q 45 13.59 34.86 4.33
CA GLY Q 45 14.25 33.61 4.02
C GLY Q 45 13.15 32.59 3.78
N PHE Q 46 13.28 31.83 2.69
CA PHE Q 46 12.27 30.82 2.36
C PHE Q 46 12.80 29.41 2.31
N ALA Q 47 11.86 28.47 2.37
CA ALA Q 47 12.14 27.05 2.36
C ALA Q 47 10.89 26.32 1.90
N GLY Q 48 11.06 25.26 1.11
CA GLY Q 48 9.89 24.50 0.66
C GLY Q 48 9.75 24.24 -0.83
N GLY Q 49 10.86 23.99 -1.52
CA GLY Q 49 10.74 23.71 -2.93
C GLY Q 49 10.37 24.86 -3.84
N THR Q 50 11.41 25.45 -4.43
CA THR Q 50 11.35 26.56 -5.37
C THR Q 50 9.98 27.18 -5.61
N ALA Q 51 9.33 26.80 -6.72
CA ALA Q 51 8.01 27.32 -7.11
C ALA Q 51 7.17 27.93 -5.97
N ASP Q 52 6.46 27.09 -5.23
CA ASP Q 52 5.64 27.57 -4.13
C ASP Q 52 6.46 28.49 -3.22
N ALA Q 53 7.65 28.05 -2.84
CA ALA Q 53 8.53 28.85 -1.98
C ALA Q 53 8.65 30.27 -2.51
N PHE Q 54 8.65 30.41 -3.83
CA PHE Q 54 8.77 31.71 -4.47
C PHE Q 54 7.47 32.48 -4.53
N THR Q 55 6.42 31.86 -5.06
CA THR Q 55 5.14 32.55 -5.14
C THR Q 55 4.69 33.00 -3.73
N LEU Q 56 5.22 32.38 -2.70
CA LEU Q 56 4.83 32.79 -1.35
C LEU Q 56 5.56 34.10 -1.05
N PHE Q 57 6.79 34.16 -1.54
CA PHE Q 57 7.66 35.33 -1.38
C PHE Q 57 7.05 36.55 -2.08
N GLU Q 58 6.67 36.37 -3.33
CA GLU Q 58 6.08 37.45 -4.10
C GLU Q 58 4.81 37.97 -3.42
N LEU Q 59 3.89 37.06 -3.09
CA LEU Q 59 2.64 37.43 -2.44
C LEU Q 59 2.81 38.26 -1.15
N PHE Q 60 3.94 38.14 -0.48
CA PHE Q 60 4.19 38.88 0.75
C PHE Q 60 4.75 40.23 0.38
N GLU Q 61 5.26 40.34 -0.84
CA GLU Q 61 5.83 41.60 -1.31
C GLU Q 61 4.65 42.48 -1.76
N ARG Q 62 3.78 41.93 -2.59
CA ARG Q 62 2.61 42.65 -3.07
C ARG Q 62 1.76 43.12 -1.89
N LYS Q 63 2.08 42.62 -0.71
CA LYS Q 63 1.35 42.98 0.50
C LYS Q 63 2.15 43.98 1.33
N LEU Q 64 3.45 44.10 1.07
CA LEU Q 64 4.24 45.04 1.82
C LEU Q 64 4.20 46.36 1.08
N GLU Q 65 4.36 46.29 -0.23
CA GLU Q 65 4.32 47.50 -1.04
C GLU Q 65 2.85 47.74 -1.35
N MET Q 66 2.05 47.71 -0.29
CA MET Q 66 0.59 47.93 -0.32
C MET Q 66 0.10 48.14 1.11
N HIS Q 67 1.05 48.27 2.05
CA HIS Q 67 0.75 48.49 3.46
C HIS Q 67 1.92 49.19 4.13
N GLN Q 68 2.67 49.96 3.35
CA GLN Q 68 3.80 50.75 3.83
C GLN Q 68 4.88 49.96 4.57
N GLY Q 69 5.06 48.69 4.22
CA GLY Q 69 6.09 47.87 4.85
C GLY Q 69 5.80 47.48 6.29
N HIS Q 70 4.53 47.50 6.67
CA HIS Q 70 4.13 47.12 8.02
C HIS Q 70 4.09 45.60 8.07
N LEU Q 71 5.22 45.02 8.44
CA LEU Q 71 5.40 43.57 8.51
C LEU Q 71 4.19 42.82 9.04
N LEU Q 72 3.91 43.02 10.32
CA LEU Q 72 2.81 42.34 10.97
C LEU Q 72 1.48 42.46 10.20
N LYS Q 73 1.12 43.66 9.77
CA LYS Q 73 -0.13 43.83 9.03
C LYS Q 73 -0.09 43.11 7.69
N SER Q 74 1.03 43.27 6.98
CA SER Q 74 1.21 42.64 5.67
C SER Q 74 1.05 41.14 5.84
N ALA Q 75 1.65 40.62 6.92
CA ALA Q 75 1.60 39.20 7.24
C ALA Q 75 0.15 38.72 7.35
N VAL Q 76 -0.58 39.34 8.26
CA VAL Q 76 -1.98 38.99 8.50
C VAL Q 76 -2.88 39.21 7.30
N GLU Q 77 -2.60 40.26 6.53
CA GLU Q 77 -3.40 40.56 5.36
C GLU Q 77 -3.25 39.37 4.41
N LEU Q 78 -2.05 38.81 4.38
CA LEU Q 78 -1.71 37.67 3.52
C LEU Q 78 -2.34 36.39 4.04
N ALA Q 79 -2.21 36.18 5.34
CA ALA Q 79 -2.75 35.00 5.98
C ALA Q 79 -4.25 34.93 5.75
N LYS Q 80 -4.93 36.07 5.94
CA LYS Q 80 -6.38 36.12 5.77
C LYS Q 80 -6.84 35.75 4.35
N ASP Q 81 -5.91 35.79 3.39
CA ASP Q 81 -6.25 35.45 2.01
C ASP Q 81 -6.36 33.94 1.81
N TRP Q 82 -6.14 33.18 2.89
CA TRP Q 82 -6.21 31.72 2.88
C TRP Q 82 -7.36 31.28 3.75
N ARG Q 83 -7.58 32.02 4.82
CA ARG Q 83 -8.63 31.71 5.78
C ARG Q 83 -10.04 32.14 5.37
N THR Q 84 -10.28 32.35 4.08
CA THR Q 84 -11.60 32.76 3.61
C THR Q 84 -12.40 31.61 3.03
N ASP Q 85 -13.51 31.95 2.38
CA ASP Q 85 -14.39 30.95 1.76
C ASP Q 85 -13.69 30.41 0.52
N ARG Q 86 -13.22 31.33 -0.32
CA ARG Q 86 -12.52 31.00 -1.56
C ARG Q 86 -11.01 31.06 -1.28
N ALA Q 87 -10.43 29.88 -1.02
CA ALA Q 87 -9.01 29.76 -0.70
C ALA Q 87 -8.08 30.31 -1.76
N LEU Q 88 -6.82 30.45 -1.38
CA LEU Q 88 -5.79 30.96 -2.27
C LEU Q 88 -4.83 29.80 -2.55
N ARG Q 89 -5.36 28.76 -3.17
CA ARG Q 89 -4.56 27.58 -3.48
C ARG Q 89 -3.99 27.13 -2.14
N LYS Q 90 -2.79 26.57 -2.18
CA LYS Q 90 -2.12 26.10 -0.97
C LYS Q 90 -0.65 25.92 -1.32
N LEU Q 91 0.22 26.58 -0.58
CA LEU Q 91 1.64 26.51 -0.87
C LEU Q 91 2.48 25.57 0.00
N GLU Q 92 3.32 24.79 -0.66
CA GLU Q 92 4.22 23.88 0.01
C GLU Q 92 5.51 24.63 0.40
N ALA Q 93 5.40 25.62 1.29
CA ALA Q 93 6.59 26.38 1.70
C ALA Q 93 6.30 27.31 2.88
N MET Q 94 7.35 27.86 3.46
CA MET Q 94 7.20 28.79 4.56
C MET Q 94 8.34 29.82 4.57
N LEU Q 95 8.03 31.00 5.12
CA LEU Q 95 8.95 32.14 5.18
C LEU Q 95 9.28 32.65 6.57
N ILE Q 96 10.49 33.16 6.71
CA ILE Q 96 10.90 33.78 7.95
C ILE Q 96 11.16 35.21 7.50
N VAL Q 97 10.36 36.13 8.05
CA VAL Q 97 10.43 37.54 7.70
C VAL Q 97 10.74 38.38 8.91
N ALA Q 98 11.57 39.39 8.75
CA ALA Q 98 11.91 40.24 9.89
C ALA Q 98 12.51 41.58 9.50
N ASP Q 99 12.07 42.62 10.20
CA ASP Q 99 12.55 43.98 9.99
C ASP Q 99 13.09 44.45 11.34
N GLU Q 100 13.43 45.74 11.43
CA GLU Q 100 13.96 46.27 12.69
C GLU Q 100 13.01 46.01 13.86
N LYS Q 101 11.70 46.09 13.60
CA LYS Q 101 10.69 45.91 14.64
C LYS Q 101 10.40 44.46 15.07
N GLU Q 102 9.73 43.70 14.20
CA GLU Q 102 9.36 42.31 14.49
C GLU Q 102 10.00 41.28 13.55
N SER Q 103 9.74 40.00 13.87
CA SER Q 103 10.21 38.87 13.07
C SER Q 103 9.10 37.81 13.10
N LEU Q 104 8.84 37.21 11.95
CA LEU Q 104 7.78 36.21 11.84
C LEU Q 104 8.10 35.01 10.98
N ILE Q 105 7.15 34.10 10.94
CA ILE Q 105 7.23 32.89 10.13
C ILE Q 105 5.82 32.71 9.58
N ILE Q 106 5.73 32.77 8.25
CA ILE Q 106 4.46 32.67 7.54
C ILE Q 106 4.42 31.47 6.64
N THR Q 107 3.38 30.66 6.78
CA THR Q 107 3.24 29.46 5.97
C THR Q 107 2.21 29.66 4.87
N GLY Q 108 2.48 29.08 3.71
CA GLY Q 108 1.57 29.20 2.58
C GLY Q 108 0.27 28.45 2.75
N ILE Q 109 -0.08 28.16 3.99
CA ILE Q 109 -1.32 27.43 4.28
C ILE Q 109 -2.24 28.44 4.93
N GLY Q 110 -1.65 29.57 5.33
CA GLY Q 110 -2.42 30.62 5.93
C GLY Q 110 -2.29 30.82 7.43
N ASP Q 111 -1.08 30.87 7.94
CA ASP Q 111 -0.91 31.11 9.38
C ASP Q 111 0.39 31.88 9.64
N VAL Q 112 0.35 32.73 10.66
CA VAL Q 112 1.49 33.55 11.03
C VAL Q 112 1.86 33.18 12.44
N VAL Q 113 3.16 32.95 12.67
CA VAL Q 113 3.62 32.56 14.00
C VAL Q 113 4.70 33.49 14.56
N GLN Q 114 4.55 33.85 15.81
CA GLN Q 114 5.54 34.72 16.44
C GLN Q 114 6.52 33.87 17.20
N PRO Q 115 7.79 34.29 17.24
CA PRO Q 115 8.84 33.54 17.94
C PRO Q 115 8.47 33.30 19.39
N GLU Q 116 9.35 32.61 20.11
CA GLU Q 116 9.14 32.37 21.53
C GLU Q 116 10.06 33.42 22.18
N GLU Q 117 9.89 33.66 23.47
CA GLU Q 117 10.67 34.66 24.19
C GLU Q 117 12.11 34.94 23.68
N ASP Q 118 12.88 33.92 23.34
CA ASP Q 118 14.26 34.14 22.88
C ASP Q 118 14.42 34.80 21.50
N GLN Q 119 13.32 34.91 20.75
CA GLN Q 119 13.37 35.53 19.42
C GLN Q 119 14.29 34.83 18.43
N ILE Q 120 14.16 33.50 18.31
CA ILE Q 120 14.96 32.71 17.37
C ILE Q 120 14.02 31.94 16.46
N LEU Q 121 14.31 31.96 15.17
CA LEU Q 121 13.47 31.26 14.21
C LEU Q 121 14.28 30.46 13.19
N ALA Q 122 13.81 29.26 12.91
CA ALA Q 122 14.47 28.39 11.94
C ALA Q 122 13.43 27.57 11.15
N ILE Q 123 13.73 27.28 9.89
CA ILE Q 123 12.79 26.51 9.09
C ILE Q 123 13.60 25.70 8.10
N GLY Q 124 12.93 24.71 7.51
CA GLY Q 124 13.60 23.83 6.55
C GLY Q 124 14.05 22.53 7.21
N SER Q 125 14.46 21.57 6.40
CA SER Q 125 14.92 20.29 6.91
C SER Q 125 16.00 20.51 7.98
N GLY Q 126 16.96 21.37 7.69
CA GLY Q 126 18.03 21.63 8.66
C GLY Q 126 17.59 22.51 9.84
N GLY Q 127 16.31 22.84 9.83
CA GLY Q 127 15.72 23.71 10.84
C GLY Q 127 16.17 23.57 12.28
N ASN Q 128 15.55 22.61 12.94
CA ASN Q 128 15.82 22.34 14.32
C ASN Q 128 17.30 22.19 14.66
N TYR Q 129 18.13 21.81 13.70
CA TYR Q 129 19.54 21.65 14.05
C TYR Q 129 20.10 23.04 14.36
N ALA Q 130 19.78 24.00 13.49
CA ALA Q 130 20.25 25.38 13.69
C ALA Q 130 19.59 25.98 14.93
N LEU Q 131 18.29 25.74 15.05
CA LEU Q 131 17.55 26.25 16.19
C LEU Q 131 18.12 25.72 17.51
N SER Q 132 18.74 24.55 17.47
CA SER Q 132 19.31 23.94 18.68
C SER Q 132 20.65 24.57 19.02
N ALA Q 133 21.43 24.85 17.98
CA ALA Q 133 22.73 25.46 18.19
C ALA Q 133 22.53 26.92 18.56
N ALA Q 134 21.53 27.54 17.93
CA ALA Q 134 21.20 28.94 18.19
C ALA Q 134 20.85 29.12 19.67
N ARG Q 135 19.79 28.46 20.12
CA ARG Q 135 19.42 28.58 21.51
C ARG Q 135 20.62 28.29 22.38
N ALA Q 136 21.39 27.27 22.02
CA ALA Q 136 22.57 26.91 22.80
C ALA Q 136 23.47 28.12 23.01
N LEU Q 137 23.78 28.80 21.90
CA LEU Q 137 24.63 29.98 21.91
C LEU Q 137 24.02 31.20 22.61
N VAL Q 138 22.87 31.65 22.10
CA VAL Q 138 22.16 32.81 22.66
C VAL Q 138 22.08 32.77 24.17
N GLU Q 139 21.72 31.60 24.69
CA GLU Q 139 21.61 31.40 26.13
C GLU Q 139 22.93 31.18 26.88
N ASN Q 140 24.04 30.93 26.20
CA ASN Q 140 25.30 30.65 26.91
C ASN Q 140 26.53 31.39 26.41
N THR Q 141 26.33 32.33 25.48
CA THR Q 141 27.46 33.06 24.93
C THR Q 141 27.08 34.53 24.73
N GLU Q 142 28.08 35.35 24.38
CA GLU Q 142 27.88 36.78 24.16
C GLU Q 142 27.85 37.11 22.67
N LEU Q 143 28.21 36.14 21.85
CA LEU Q 143 28.25 36.28 20.39
C LEU Q 143 27.11 37.13 19.81
N SER Q 144 27.44 37.89 18.77
CA SER Q 144 26.46 38.73 18.10
C SER Q 144 25.46 37.86 17.33
N ALA Q 145 24.28 38.41 17.02
CA ALA Q 145 23.27 37.64 16.29
C ALA Q 145 23.81 37.18 14.94
N HIS Q 146 24.79 37.89 14.42
CA HIS Q 146 25.35 37.49 13.14
C HIS Q 146 26.25 36.27 13.37
N GLU Q 147 27.23 36.40 14.27
CA GLU Q 147 28.13 35.30 14.59
C GLU Q 147 27.32 34.04 14.88
N ILE Q 148 26.30 34.16 15.71
CA ILE Q 148 25.44 33.02 16.03
C ILE Q 148 24.80 32.39 14.78
N VAL Q 149 24.11 33.18 13.96
CA VAL Q 149 23.48 32.65 12.74
C VAL Q 149 24.56 31.94 11.91
N GLU Q 150 25.72 32.59 11.78
CA GLU Q 150 26.82 32.01 11.03
C GLU Q 150 27.19 30.64 11.62
N LYS Q 151 27.52 30.61 12.91
CA LYS Q 151 27.89 29.37 13.59
C LYS Q 151 26.77 28.31 13.50
N SER Q 152 25.54 28.64 13.89
CA SER Q 152 24.40 27.70 13.83
C SER Q 152 24.13 27.13 12.43
N LEU Q 153 24.40 27.90 11.39
CA LEU Q 153 24.13 27.40 10.04
C LEU Q 153 25.07 26.27 9.71
N ARG Q 154 26.35 26.44 10.04
CA ARG Q 154 27.33 25.41 9.76
C ARG Q 154 27.01 24.14 10.53
N ILE Q 155 26.71 24.27 11.81
CA ILE Q 155 26.37 23.12 12.62
C ILE Q 155 25.28 22.33 11.91
N ALA Q 156 24.35 23.02 11.26
CA ALA Q 156 23.23 22.36 10.59
C ALA Q 156 23.55 21.83 9.20
N GLY Q 157 24.61 22.33 8.60
CA GLY Q 157 24.94 21.84 7.28
C GLY Q 157 25.69 20.52 7.37
N ASP Q 158 26.30 20.29 8.53
CA ASP Q 158 27.07 19.10 8.83
C ASP Q 158 26.22 17.95 9.36
N ILE Q 159 24.91 18.17 9.43
CA ILE Q 159 24.02 17.12 9.90
C ILE Q 159 22.93 16.89 8.88
N CYS Q 160 22.48 17.96 8.22
CA CYS Q 160 21.45 17.78 7.23
C CYS Q 160 22.12 17.53 5.88
N VAL Q 161 21.61 16.52 5.18
CA VAL Q 161 22.15 16.15 3.87
C VAL Q 161 21.61 17.03 2.77
N PHE Q 162 20.72 17.94 3.16
CA PHE Q 162 20.11 18.84 2.21
C PHE Q 162 20.48 20.28 2.49
N THR Q 163 21.59 20.45 3.20
CA THR Q 163 22.07 21.76 3.59
C THR Q 163 23.58 21.78 3.46
N ASN Q 164 24.11 22.84 2.87
CA ASN Q 164 25.55 22.96 2.70
C ASN Q 164 26.14 24.08 3.49
N THR Q 165 27.45 24.27 3.35
CA THR Q 165 28.17 25.31 4.07
C THR Q 165 28.34 26.56 3.22
N ASN Q 166 27.56 26.62 2.15
CA ASN Q 166 27.60 27.75 1.24
C ASN Q 166 26.40 28.62 1.51
N PHE Q 167 26.47 29.48 2.53
CA PHE Q 167 25.32 30.32 2.83
C PHE Q 167 25.47 31.82 2.58
N THR Q 168 24.30 32.48 2.56
CA THR Q 168 24.16 33.92 2.34
C THR Q 168 23.40 34.55 3.54
N ILE Q 169 24.06 35.47 4.26
CA ILE Q 169 23.44 36.09 5.42
C ILE Q 169 23.18 37.60 5.26
N GLU Q 170 22.01 38.04 5.73
CA GLU Q 170 21.60 39.45 5.67
C GLU Q 170 21.22 39.95 7.06
N GLU Q 171 21.56 41.19 7.37
CA GLU Q 171 21.21 41.76 8.67
C GLU Q 171 20.67 43.19 8.63
N LEU Q 172 19.98 43.58 9.69
CA LEU Q 172 19.40 44.91 9.83
C LEU Q 172 19.81 45.50 11.18
N PRO Q 173 20.11 46.80 11.22
CA PRO Q 173 20.08 47.80 10.15
C PRO Q 173 21.24 47.73 9.14
N THR R 1 15.15 11.12 -21.00
CA THR R 1 16.12 11.60 -21.97
C THR R 1 17.47 11.98 -21.25
N THR R 2 18.66 12.54 -22.03
CA THR R 2 19.78 13.25 -21.45
C THR R 2 19.92 14.50 -22.29
N ILE R 3 19.82 15.66 -21.63
CA ILE R 3 19.96 16.94 -22.32
C ILE R 3 21.06 17.70 -21.61
N VAL R 4 22.12 18.05 -22.33
CA VAL R 4 23.17 18.79 -21.66
C VAL R 4 23.62 20.01 -22.46
N SER R 5 24.07 21.05 -21.75
CA SER R 5 24.50 22.29 -22.38
C SER R 5 25.78 22.87 -21.78
N VAL R 6 26.81 23.00 -22.61
CA VAL R 6 28.09 23.55 -22.17
C VAL R 6 28.32 24.89 -22.90
N ARG R 7 29.08 25.77 -22.25
CA ARG R 7 29.38 27.09 -22.79
C ARG R 7 30.86 27.43 -22.59
N ARG R 8 31.63 27.42 -23.68
CA ARG R 8 33.06 27.74 -23.62
C ARG R 8 33.51 28.49 -24.86
N ASN R 9 34.21 29.61 -24.63
CA ASN R 9 34.75 30.47 -25.69
C ASN R 9 33.68 31.09 -26.60
N GLY R 10 32.75 31.83 -25.99
CA GLY R 10 31.70 32.45 -26.76
C GLY R 10 30.90 31.42 -27.54
N GLN R 11 30.92 30.19 -27.05
CA GLN R 11 30.20 29.10 -27.67
C GLN R 11 29.12 28.58 -26.73
N VAL R 12 27.93 28.34 -27.29
CA VAL R 12 26.82 27.81 -26.52
C VAL R 12 26.28 26.61 -27.27
N VAL R 13 26.49 25.42 -26.72
CA VAL R 13 26.03 24.19 -27.35
C VAL R 13 24.92 23.58 -26.49
N VAL R 14 24.02 22.87 -27.15
CA VAL R 14 22.94 22.21 -26.46
C VAL R 14 22.59 20.91 -27.17
N GLY R 15 22.95 19.80 -26.52
CA GLY R 15 22.66 18.50 -27.10
C GLY R 15 21.71 17.64 -26.31
N GLY R 16 21.23 16.60 -26.97
CA GLY R 16 20.31 15.67 -26.34
C GLY R 16 20.17 14.46 -27.23
N ASP R 17 19.96 13.28 -26.64
CA ASP R 17 19.80 12.06 -27.41
C ASP R 17 18.46 12.05 -28.14
N GLY R 18 18.04 10.88 -28.56
CA GLY R 18 16.78 10.79 -29.28
C GLY R 18 15.96 9.56 -29.01
N GLN R 19 15.76 9.23 -27.74
CA GLN R 19 15.01 8.04 -27.41
C GLN R 19 13.68 8.31 -26.72
N VAL R 20 12.58 8.00 -27.39
CA VAL R 20 11.28 8.19 -26.76
C VAL R 20 10.94 6.87 -26.11
N SER R 21 10.91 6.86 -24.78
CA SER R 21 10.62 5.65 -24.05
C SER R 21 9.16 5.57 -23.58
N LEU R 22 8.62 4.36 -23.69
CA LEU R 22 7.26 4.07 -23.26
C LEU R 22 7.43 2.83 -22.39
N GLY R 23 7.24 2.99 -21.08
CA GLY R 23 7.42 1.86 -20.20
C GLY R 23 8.90 1.53 -20.28
N ASN R 24 9.24 0.25 -20.45
CA ASN R 24 10.65 -0.11 -20.59
C ASN R 24 10.96 -0.49 -22.03
N THR R 25 10.08 -0.06 -22.93
CA THR R 25 10.26 -0.32 -24.35
C THR R 25 10.64 1.00 -25.03
N VAL R 26 11.20 0.89 -26.23
CA VAL R 26 11.60 2.05 -26.99
C VAL R 26 10.67 2.18 -28.18
N MET R 27 9.95 3.30 -28.23
CA MET R 27 9.00 3.56 -29.32
C MET R 27 9.63 4.27 -30.52
N LYS R 28 10.41 5.32 -30.26
CA LYS R 28 11.07 6.04 -31.34
C LYS R 28 12.49 6.33 -30.86
N GLY R 29 13.48 6.13 -31.73
CA GLY R 29 14.85 6.38 -31.32
C GLY R 29 15.62 7.45 -32.07
N ASN R 30 14.96 8.28 -32.86
CA ASN R 30 15.65 9.34 -33.61
C ASN R 30 15.23 10.74 -33.17
N ALA R 31 14.07 10.82 -32.51
CA ALA R 31 13.49 12.06 -32.00
C ALA R 31 14.44 13.24 -31.75
N ARG R 32 14.08 14.42 -32.27
CA ARG R 32 14.90 15.62 -32.06
C ARG R 32 14.48 16.22 -30.73
N LYS R 33 15.38 16.24 -29.75
CA LYS R 33 15.03 16.77 -28.44
C LYS R 33 15.51 18.19 -28.24
N VAL R 34 16.37 18.67 -29.13
CA VAL R 34 16.87 20.05 -29.07
C VAL R 34 16.38 20.76 -30.32
N ARG R 35 15.55 21.77 -30.12
CA ARG R 35 14.97 22.54 -31.22
C ARG R 35 15.47 23.99 -31.18
N ARG R 36 15.27 24.72 -32.28
CA ARG R 36 15.67 26.14 -32.38
C ARG R 36 14.46 27.08 -32.26
N LEU R 37 14.65 28.19 -31.56
CA LEU R 37 13.57 29.16 -31.40
C LEU R 37 13.92 30.59 -31.78
N TYR R 38 12.88 31.35 -32.14
CA TYR R 38 13.03 32.74 -32.52
C TYR R 38 13.98 32.91 -33.72
N ASN R 39 13.59 32.35 -34.85
CA ASN R 39 14.35 32.43 -36.09
C ASN R 39 15.79 31.91 -35.98
N GLY R 40 16.07 31.15 -34.94
CA GLY R 40 17.39 30.58 -34.77
C GLY R 40 18.21 31.34 -33.75
N LYS R 41 17.56 32.18 -32.98
CA LYS R 41 18.27 32.96 -31.98
C LYS R 41 18.49 32.23 -30.66
N VAL R 42 17.58 31.31 -30.30
CA VAL R 42 17.72 30.56 -29.06
C VAL R 42 17.57 29.06 -29.19
N LEU R 43 18.31 28.35 -28.34
CA LEU R 43 18.32 26.90 -28.28
C LEU R 43 17.47 26.39 -27.13
N ALA R 44 16.73 25.33 -27.39
CA ALA R 44 15.89 24.76 -26.36
C ALA R 44 15.91 23.24 -26.40
N GLY R 45 16.20 22.63 -25.25
CA GLY R 45 16.22 21.19 -25.15
C GLY R 45 15.22 20.83 -24.07
N PHE R 46 14.38 19.85 -24.33
CA PHE R 46 13.38 19.46 -23.34
C PHE R 46 13.48 18.03 -22.86
N ALA R 47 12.82 17.79 -21.74
CA ALA R 47 12.80 16.49 -21.11
C ALA R 47 11.55 16.38 -20.22
N GLY R 48 10.92 15.20 -20.18
CA GLY R 48 9.76 15.06 -19.33
C GLY R 48 8.49 14.51 -19.94
N GLY R 49 8.61 13.58 -20.86
CA GLY R 49 7.39 13.05 -21.40
C GLY R 49 6.59 13.92 -22.34
N THR R 50 6.84 13.68 -23.62
CA THR R 50 6.22 14.36 -24.74
C THR R 50 5.26 15.48 -24.39
N ALA R 51 3.95 15.21 -24.44
CA ALA R 51 2.90 16.20 -24.15
C ALA R 51 3.35 17.44 -23.36
N ASP R 52 3.39 17.32 -22.03
CA ASP R 52 3.82 18.44 -21.18
C ASP R 52 5.16 19.01 -21.67
N ALA R 53 6.12 18.14 -21.94
CA ALA R 53 7.43 18.57 -22.42
C ALA R 53 7.27 19.52 -23.60
N PHE R 54 6.25 19.28 -24.41
CA PHE R 54 5.99 20.10 -25.58
C PHE R 54 5.25 21.37 -25.27
N THR R 55 4.10 21.24 -24.60
CA THR R 55 3.35 22.43 -24.28
C THR R 55 4.19 23.42 -23.48
N LEU R 56 5.26 22.95 -22.84
CA LEU R 56 6.11 23.86 -22.09
C LEU R 56 6.99 24.60 -23.09
N PHE R 57 7.32 23.90 -24.17
CA PHE R 57 8.14 24.45 -25.21
C PHE R 57 7.39 25.57 -25.91
N GLU R 58 6.17 25.28 -26.33
CA GLU R 58 5.30 26.25 -27.01
C GLU R 58 5.13 27.51 -26.17
N LEU R 59 4.70 27.34 -24.93
CA LEU R 59 4.51 28.46 -24.02
C LEU R 59 5.71 29.38 -23.88
N PHE R 60 6.93 28.87 -24.08
CA PHE R 60 8.12 29.70 -23.95
C PHE R 60 8.35 30.43 -25.25
N GLU R 61 7.73 29.93 -26.31
CA GLU R 61 7.86 30.53 -27.62
C GLU R 61 6.91 31.73 -27.66
N ARG R 62 5.64 31.48 -27.34
CA ARG R 62 4.65 32.55 -27.34
C ARG R 62 5.11 33.69 -26.42
N LYS R 63 6.17 33.43 -25.65
CA LYS R 63 6.71 34.44 -24.72
C LYS R 63 7.99 35.08 -25.27
N LEU R 64 8.61 34.44 -26.25
CA LEU R 64 9.80 35.02 -26.84
C LEU R 64 9.36 35.92 -27.98
N GLU R 65 8.43 35.40 -28.77
CA GLU R 65 7.88 36.14 -29.89
C GLU R 65 6.77 37.03 -29.33
N MET R 66 7.10 37.69 -28.23
CA MET R 66 6.20 38.64 -27.54
C MET R 66 7.04 39.46 -26.56
N HIS R 67 8.36 39.31 -26.65
CA HIS R 67 9.30 40.04 -25.80
C HIS R 67 10.64 40.25 -26.51
N GLN R 68 10.59 40.22 -27.84
CA GLN R 68 11.77 40.43 -28.67
C GLN R 68 12.90 39.43 -28.43
N GLY R 69 12.55 38.20 -28.05
CA GLY R 69 13.55 37.18 -27.82
C GLY R 69 14.46 37.40 -26.63
N HIS R 70 13.99 38.19 -25.66
CA HIS R 70 14.75 38.45 -24.45
C HIS R 70 14.58 37.24 -23.55
N LEU R 71 15.52 36.31 -23.67
CA LEU R 71 15.48 35.06 -22.93
C LEU R 71 15.04 35.22 -21.49
N LEU R 72 15.89 35.88 -20.70
CA LEU R 72 15.62 36.07 -19.28
C LEU R 72 14.23 36.62 -18.99
N LYS R 73 13.84 37.68 -19.69
CA LYS R 73 12.51 38.24 -19.45
C LYS R 73 11.42 37.27 -19.87
N SER R 74 11.60 36.62 -21.02
CA SER R 74 10.60 35.67 -21.50
C SER R 74 10.44 34.56 -20.46
N ALA R 75 11.57 34.14 -19.89
CA ALA R 75 11.59 33.08 -18.89
C ALA R 75 10.72 33.45 -17.71
N VAL R 76 11.07 34.57 -17.09
CA VAL R 76 10.35 35.05 -15.93
C VAL R 76 8.90 35.38 -16.21
N GLU R 77 8.60 35.86 -17.41
CA GLU R 77 7.23 36.20 -17.75
C GLU R 77 6.44 34.91 -17.70
N LEU R 78 7.09 33.83 -18.12
CA LEU R 78 6.48 32.51 -18.16
C LEU R 78 6.33 31.91 -16.77
N ALA R 79 7.39 32.04 -15.99
CA ALA R 79 7.40 31.53 -14.62
C ALA R 79 6.28 32.18 -13.81
N LYS R 80 6.16 33.49 -13.94
CA LYS R 80 5.14 34.24 -13.22
C LYS R 80 3.71 33.78 -13.54
N ASP R 81 3.53 33.09 -14.65
CA ASP R 81 2.20 32.60 -15.04
C ASP R 81 1.82 31.35 -14.24
N TRP R 82 2.71 30.95 -13.34
CA TRP R 82 2.47 29.78 -12.48
C TRP R 82 2.38 30.24 -11.04
N ARG R 83 3.16 31.27 -10.72
CA ARG R 83 3.20 31.81 -9.37
C ARG R 83 2.06 32.78 -9.02
N THR R 84 0.93 32.70 -9.71
CA THR R 84 -0.18 33.59 -9.42
C THR R 84 -1.28 32.89 -8.62
N ASP R 85 -2.42 33.57 -8.51
CA ASP R 85 -3.58 33.03 -7.79
C ASP R 85 -4.17 31.89 -8.59
N ARG R 86 -4.44 32.17 -9.86
CA ARG R 86 -4.99 31.19 -10.79
C ARG R 86 -3.83 30.55 -11.55
N ALA R 87 -3.42 29.37 -11.10
CA ALA R 87 -2.31 28.64 -11.69
C ALA R 87 -2.48 28.31 -13.17
N LEU R 88 -1.39 27.91 -13.79
CA LEU R 88 -1.37 27.56 -15.19
C LEU R 88 -1.14 26.04 -15.28
N ARG R 89 -2.09 25.27 -14.74
CA ARG R 89 -1.97 23.82 -14.73
C ARG R 89 -0.63 23.53 -14.07
N LYS R 90 -0.02 22.42 -14.44
CA LYS R 90 1.29 22.01 -13.90
C LYS R 90 1.91 21.03 -14.89
N LEU R 91 3.10 21.36 -15.39
CA LEU R 91 3.74 20.52 -16.36
C LEU R 91 4.84 19.58 -15.87
N GLU R 92 4.70 18.32 -16.26
CA GLU R 92 5.67 17.30 -15.88
C GLU R 92 6.85 17.39 -16.84
N ALA R 93 7.59 18.51 -16.86
CA ALA R 93 8.73 18.62 -17.77
C ALA R 93 9.57 19.82 -17.47
N MET R 94 10.74 19.88 -18.09
CA MET R 94 11.65 21.00 -17.91
C MET R 94 12.50 21.26 -19.17
N LEU R 95 12.89 22.53 -19.34
CA LEU R 95 13.65 23.00 -20.48
C LEU R 95 15.00 23.61 -20.16
N ILE R 96 15.91 23.49 -21.11
CA ILE R 96 17.21 24.12 -20.98
C ILE R 96 17.21 25.01 -22.20
N VAL R 97 17.23 26.32 -21.94
CA VAL R 97 17.19 27.34 -23.01
C VAL R 97 18.45 28.18 -22.94
N ALA R 98 18.96 28.57 -24.11
CA ALA R 98 20.16 29.37 -24.15
C ALA R 98 20.39 30.05 -25.48
N ASP R 99 20.79 31.32 -25.42
CA ASP R 99 21.10 32.12 -26.59
C ASP R 99 22.53 32.61 -26.40
N GLU R 100 23.00 33.48 -27.28
CA GLU R 100 24.36 34.01 -27.18
C GLU R 100 24.66 34.61 -25.80
N LYS R 101 23.65 35.27 -25.22
CA LYS R 101 23.81 35.92 -23.93
C LYS R 101 23.78 35.01 -22.70
N GLU R 102 22.60 34.50 -22.37
CA GLU R 102 22.41 33.64 -21.20
C GLU R 102 21.93 32.22 -21.52
N SER R 103 21.88 31.38 -20.47
CA SER R 103 21.40 30.00 -20.57
C SER R 103 20.61 29.72 -19.29
N LEU R 104 19.48 29.02 -19.43
CA LEU R 104 18.63 28.73 -18.30
C LEU R 104 17.99 27.36 -18.30
N ILE R 105 17.26 27.10 -17.23
CA ILE R 105 16.53 25.87 -17.07
C ILE R 105 15.19 26.27 -16.44
N ILE R 106 14.11 26.03 -17.17
CA ILE R 106 12.78 26.40 -16.75
C ILE R 106 11.90 25.18 -16.53
N THR R 107 11.26 25.09 -15.38
CA THR R 107 10.40 23.96 -15.08
C THR R 107 8.93 24.35 -15.22
N GLY R 108 8.11 23.40 -15.67
CA GLY R 108 6.70 23.65 -15.87
C GLY R 108 5.93 23.75 -14.58
N ILE R 109 6.64 24.06 -13.50
CA ILE R 109 6.02 24.18 -12.20
C ILE R 109 6.06 25.66 -11.85
N GLY R 110 6.89 26.38 -12.61
CA GLY R 110 7.00 27.81 -12.39
C GLY R 110 8.26 28.32 -11.73
N ASP R 111 9.43 27.87 -12.18
CA ASP R 111 10.69 28.36 -11.61
C ASP R 111 11.77 28.41 -12.67
N VAL R 112 12.66 29.39 -12.53
CA VAL R 112 13.75 29.59 -13.47
C VAL R 112 15.05 29.48 -12.70
N VAL R 113 15.99 28.70 -13.22
CA VAL R 113 17.27 28.51 -12.54
C VAL R 113 18.47 28.83 -13.40
N GLN R 114 19.40 29.56 -12.82
CA GLN R 114 20.62 29.95 -13.53
C GLN R 114 21.69 28.95 -13.18
N PRO R 115 22.56 28.62 -14.15
CA PRO R 115 23.66 27.68 -13.96
C PRO R 115 24.54 28.10 -12.79
N GLU R 116 25.56 27.30 -12.50
CA GLU R 116 26.49 27.63 -11.44
C GLU R 116 27.67 28.20 -12.23
N GLU R 117 28.64 28.79 -11.53
CA GLU R 117 29.81 29.40 -12.17
C GLU R 117 30.35 28.75 -13.48
N ASP R 118 30.43 27.43 -13.54
CA ASP R 118 30.96 26.76 -14.75
C ASP R 118 30.07 26.86 -16.00
N GLN R 119 28.81 27.25 -15.82
CA GLN R 119 27.88 27.41 -16.93
C GLN R 119 27.53 26.11 -17.66
N ILE R 120 27.24 25.05 -16.90
CA ILE R 120 26.89 23.75 -17.48
C ILE R 120 25.51 23.37 -17.02
N LEU R 121 24.68 22.90 -17.93
CA LEU R 121 23.33 22.48 -17.57
C LEU R 121 22.92 21.14 -18.17
N ALA R 122 22.25 20.31 -17.37
CA ALA R 122 21.81 19.01 -17.83
C ALA R 122 20.47 18.66 -17.21
N ILE R 123 19.64 17.91 -17.91
CA ILE R 123 18.35 17.54 -17.35
C ILE R 123 17.98 16.17 -17.90
N GLY R 124 16.94 15.55 -17.33
CA GLY R 124 16.51 14.24 -17.80
C GLY R 124 17.15 13.15 -16.97
N SER R 125 16.65 11.92 -17.09
CA SER R 125 17.20 10.78 -16.35
C SER R 125 18.73 10.69 -16.50
N GLY R 126 19.22 10.83 -17.73
CA GLY R 126 20.65 10.77 -17.96
C GLY R 126 21.37 12.02 -17.54
N GLY R 127 20.61 12.95 -16.99
CA GLY R 127 21.12 14.23 -16.59
C GLY R 127 22.48 14.30 -15.94
N ASN R 128 22.51 13.96 -14.66
CA ASN R 128 23.73 14.01 -13.88
C ASN R 128 24.90 13.22 -14.45
N TYR R 129 24.65 12.22 -15.29
CA TYR R 129 25.77 11.47 -15.82
C TYR R 129 26.52 12.39 -16.76
N ALA R 130 25.76 13.10 -17.60
CA ALA R 130 26.33 14.04 -18.56
C ALA R 130 26.97 15.20 -17.81
N LEU R 131 26.25 15.70 -16.83
CA LEU R 131 26.74 16.82 -16.05
C LEU R 131 28.05 16.46 -15.35
N SER R 132 28.26 15.17 -15.06
CA SER R 132 29.46 14.74 -14.37
C SER R 132 30.65 14.65 -15.32
N ALA R 133 30.36 14.21 -16.53
CA ALA R 133 31.38 14.09 -17.55
C ALA R 133 31.73 15.49 -18.03
N ALA R 134 30.71 16.34 -18.16
CA ALA R 134 30.90 17.72 -18.62
C ALA R 134 31.86 18.45 -17.69
N ARG R 135 31.48 18.56 -16.43
CA ARG R 135 32.35 19.22 -15.47
C ARG R 135 33.73 18.59 -15.51
N ALA R 136 33.79 17.28 -15.66
CA ALA R 136 35.07 16.60 -15.71
C ALA R 136 35.94 17.19 -16.79
N LEU R 137 35.38 17.27 -17.99
CA LEU R 137 36.07 17.81 -19.16
C LEU R 137 36.36 19.31 -19.08
N VAL R 138 35.31 20.12 -18.92
CA VAL R 138 35.47 21.56 -18.83
C VAL R 138 36.58 21.97 -17.89
N GLU R 139 36.63 21.32 -16.73
CA GLU R 139 37.65 21.61 -15.73
C GLU R 139 39.03 20.97 -15.93
N ASN R 140 39.16 20.04 -16.87
CA ASN R 140 40.44 19.36 -17.09
C ASN R 140 40.86 19.22 -18.54
N THR R 141 40.14 19.83 -19.46
CA THR R 141 40.50 19.71 -20.86
C THR R 141 40.33 21.05 -21.60
N GLU R 142 40.77 21.10 -22.85
CA GLU R 142 40.65 22.31 -23.65
C GLU R 142 39.52 22.20 -24.65
N LEU R 143 38.98 20.99 -24.78
CA LEU R 143 37.89 20.70 -25.71
C LEU R 143 36.84 21.81 -25.84
N SER R 144 36.33 21.99 -27.05
CA SER R 144 35.32 22.99 -27.32
C SER R 144 34.02 22.58 -26.65
N ALA R 145 33.10 23.52 -26.48
CA ALA R 145 31.82 23.21 -25.85
C ALA R 145 31.04 22.20 -26.67
N HIS R 146 31.32 22.13 -27.96
CA HIS R 146 30.63 21.16 -28.81
C HIS R 146 31.20 19.77 -28.53
N GLU R 147 32.52 19.63 -28.65
CA GLU R 147 33.18 18.35 -28.40
C GLU R 147 32.74 17.83 -27.04
N ILE R 148 32.77 18.69 -26.02
CA ILE R 148 32.35 18.27 -24.69
C ILE R 148 30.90 17.75 -24.65
N VAL R 149 29.96 18.53 -25.19
CA VAL R 149 28.57 18.08 -25.21
C VAL R 149 28.47 16.73 -25.88
N GLU R 150 29.15 16.62 -27.02
CA GLU R 150 29.19 15.37 -27.78
C GLU R 150 29.68 14.23 -26.87
N LYS R 151 30.90 14.39 -26.33
CA LYS R 151 31.49 13.39 -25.45
C LYS R 151 30.58 13.06 -24.23
N SER R 152 30.17 14.09 -23.48
CA SER R 152 29.31 13.89 -22.32
C SER R 152 27.99 13.18 -22.61
N LEU R 153 27.42 13.40 -23.79
CA LEU R 153 26.16 12.76 -24.11
C LEU R 153 26.34 11.26 -24.24
N ARG R 154 27.42 10.83 -24.88
CA ARG R 154 27.70 9.41 -25.05
C ARG R 154 27.94 8.75 -23.70
N ILE R 155 28.77 9.36 -22.86
CA ILE R 155 29.04 8.79 -21.56
C ILE R 155 27.71 8.51 -20.85
N ALA R 156 26.74 9.39 -21.05
CA ALA R 156 25.44 9.25 -20.42
C ALA R 156 24.49 8.26 -21.11
N GLY R 157 24.71 7.98 -22.38
CA GLY R 157 23.85 7.04 -23.05
C GLY R 157 24.16 5.60 -22.69
N ASP R 158 25.42 5.40 -22.27
CA ASP R 158 25.99 4.10 -21.87
C ASP R 158 25.74 3.74 -20.41
N ILE R 159 25.02 4.59 -19.70
CA ILE R 159 24.72 4.35 -18.30
C ILE R 159 23.22 4.47 -18.11
N CYS R 160 22.59 5.40 -18.82
CA CYS R 160 21.15 5.50 -18.69
C CYS R 160 20.47 4.58 -19.70
N VAL R 161 19.50 3.83 -19.22
CA VAL R 161 18.77 2.89 -20.05
C VAL R 161 17.65 3.57 -20.80
N PHE R 162 17.57 4.88 -20.64
CA PHE R 162 16.53 5.65 -21.30
C PHE R 162 17.18 6.70 -22.16
N THR R 163 18.44 6.45 -22.49
CA THR R 163 19.23 7.36 -23.32
C THR R 163 20.05 6.55 -24.31
N ASN R 164 20.03 7.01 -25.57
CA ASN R 164 20.79 6.34 -26.62
C ASN R 164 21.91 7.17 -27.17
N THR R 165 22.64 6.61 -28.13
CA THR R 165 23.78 7.30 -28.71
C THR R 165 23.37 7.99 -30.00
N ASN R 166 22.06 8.14 -30.19
CA ASN R 166 21.53 8.79 -31.38
C ASN R 166 21.11 10.21 -31.02
N PHE R 167 22.06 11.14 -30.97
CA PHE R 167 21.72 12.51 -30.60
C PHE R 167 21.79 13.62 -31.66
N THR R 168 21.14 14.73 -31.33
CA THR R 168 21.06 15.93 -32.16
C THR R 168 21.61 17.14 -31.39
N ILE R 169 22.69 17.74 -31.89
CA ILE R 169 23.28 18.88 -31.23
C ILE R 169 23.17 20.20 -32.01
N GLU R 170 22.89 21.28 -31.30
CA GLU R 170 22.74 22.63 -31.89
C GLU R 170 23.65 23.62 -31.16
N GLU R 171 24.25 24.55 -31.90
CA GLU R 171 25.12 25.54 -31.26
C GLU R 171 24.94 26.97 -31.78
N LEU R 172 25.40 27.93 -30.99
CA LEU R 172 25.30 29.35 -31.32
C LEU R 172 26.67 29.97 -31.13
N PRO R 173 27.05 30.93 -32.00
CA PRO R 173 26.34 31.44 -33.18
C PRO R 173 26.25 30.53 -34.40
N SER S 2 -45.91 38.36 -66.06
CA SER S 2 -44.84 39.24 -66.62
C SER S 2 -43.47 38.88 -66.07
N GLU S 3 -43.01 37.66 -66.33
CA GLU S 3 -41.70 37.22 -65.85
C GLU S 3 -41.18 36.05 -66.67
N MET S 4 -39.85 35.93 -66.71
CA MET S 4 -39.17 34.87 -67.46
C MET S 4 -39.59 33.44 -67.14
N THR S 5 -39.00 32.51 -67.88
CA THR S 5 -39.25 31.08 -67.73
C THR S 5 -38.00 30.48 -67.08
N PRO S 6 -38.15 29.34 -66.37
CA PRO S 6 -36.96 28.74 -65.73
C PRO S 6 -35.82 28.52 -66.72
N ARG S 7 -36.14 27.99 -67.90
CA ARG S 7 -35.15 27.74 -68.94
C ARG S 7 -34.31 29.00 -69.19
N GLU S 8 -34.94 30.16 -69.08
CA GLU S 8 -34.28 31.44 -69.31
C GLU S 8 -33.52 31.96 -68.10
N ILE S 9 -34.07 31.74 -66.91
CA ILE S 9 -33.40 32.21 -65.70
C ILE S 9 -32.07 31.50 -65.59
N VAL S 10 -32.07 30.22 -65.94
CA VAL S 10 -30.87 29.40 -65.90
C VAL S 10 -29.82 30.02 -66.84
N SER S 11 -30.19 30.12 -68.11
CA SER S 11 -29.32 30.66 -69.15
C SER S 11 -28.82 32.08 -68.89
N GLU S 12 -29.55 32.84 -68.09
CA GLU S 12 -29.14 34.20 -67.79
C GLU S 12 -28.18 34.22 -66.61
N LEU S 13 -28.16 33.12 -65.87
CA LEU S 13 -27.28 32.97 -64.73
C LEU S 13 -25.96 32.36 -65.17
N ASP S 14 -26.01 31.58 -66.25
CA ASP S 14 -24.82 30.92 -66.78
C ASP S 14 -23.80 31.90 -67.34
N GLN S 15 -23.98 33.19 -67.09
CA GLN S 15 -23.06 34.20 -67.60
C GLN S 15 -22.21 34.89 -66.54
N HIS S 16 -22.62 34.78 -65.28
CA HIS S 16 -21.88 35.40 -64.18
C HIS S 16 -21.41 34.32 -63.20
N ILE S 17 -22.15 33.23 -63.17
CA ILE S 17 -21.87 32.10 -62.29
C ILE S 17 -21.71 30.81 -63.07
N ILE S 18 -20.57 30.64 -63.72
CA ILE S 18 -20.33 29.43 -64.50
C ILE S 18 -20.03 28.28 -63.55
N GLY S 19 -20.57 27.12 -63.85
CA GLY S 19 -20.38 25.98 -63.00
C GLY S 19 -21.70 25.63 -62.34
N GLN S 20 -21.65 24.77 -61.33
CA GLN S 20 -22.86 24.35 -60.62
C GLN S 20 -23.84 23.81 -61.65
N ALA S 21 -25.11 23.79 -61.30
CA ALA S 21 -26.13 23.28 -62.20
C ALA S 21 -27.44 23.16 -61.45
N ASP S 22 -27.59 22.07 -60.71
CA ASP S 22 -28.79 21.82 -59.93
C ASP S 22 -28.99 23.04 -59.04
N ALA S 23 -27.91 23.80 -58.86
CA ALA S 23 -27.92 25.01 -58.06
C ALA S 23 -28.93 25.98 -58.64
N LYS S 24 -28.66 26.43 -59.86
CA LYS S 24 -29.51 27.36 -60.57
C LYS S 24 -30.92 26.78 -60.72
N ARG S 25 -31.00 25.56 -61.25
CA ARG S 25 -32.28 24.88 -61.45
C ARG S 25 -33.30 25.04 -60.32
N ALA S 26 -32.91 24.67 -59.11
CA ALA S 26 -33.80 24.78 -57.95
C ALA S 26 -34.10 26.24 -57.61
N VAL S 27 -33.16 27.13 -57.93
CA VAL S 27 -33.32 28.55 -57.64
C VAL S 27 -34.29 29.16 -58.65
N ALA S 28 -34.21 28.69 -59.89
CA ALA S 28 -35.07 29.18 -60.95
C ALA S 28 -36.53 28.89 -60.63
N ILE S 29 -36.86 27.61 -60.47
CA ILE S 29 -38.21 27.21 -60.16
C ILE S 29 -38.74 27.84 -58.87
N ALA S 30 -37.85 28.48 -58.11
CA ALA S 30 -38.26 29.13 -56.87
C ALA S 30 -38.88 30.48 -57.19
N LEU S 31 -38.41 31.09 -58.27
CA LEU S 31 -38.89 32.39 -58.74
C LEU S 31 -40.09 32.20 -59.65
N ARG S 32 -39.95 31.24 -60.55
CA ARG S 32 -41.00 30.90 -61.51
C ARG S 32 -42.32 30.56 -60.84
N ASN S 33 -42.27 29.85 -59.73
CA ASN S 33 -43.49 29.47 -59.03
C ASN S 33 -44.01 30.46 -57.99
N ARG S 34 -43.34 31.59 -57.86
CA ARG S 34 -43.79 32.61 -56.93
C ARG S 34 -44.57 33.59 -57.80
N TRP S 35 -44.45 33.39 -59.10
CA TRP S 35 -45.14 34.19 -60.10
C TRP S 35 -46.41 33.44 -60.50
N ARG S 36 -46.27 32.13 -60.72
CA ARG S 36 -47.39 31.27 -61.09
C ARG S 36 -48.42 31.31 -59.99
N ARG S 37 -48.00 31.85 -58.84
CA ARG S 37 -48.85 31.99 -57.66
C ARG S 37 -49.81 33.15 -57.87
N MET S 38 -49.43 34.05 -58.78
CA MET S 38 -50.23 35.22 -59.10
C MET S 38 -51.52 34.87 -59.85
N GLN S 39 -51.38 34.14 -60.95
CA GLN S 39 -52.54 33.74 -61.75
C GLN S 39 -53.37 32.66 -61.06
N LEU S 40 -53.97 33.03 -59.93
CA LEU S 40 -54.82 32.12 -59.16
C LEU S 40 -55.90 32.93 -58.46
N GLN S 41 -57.02 32.27 -58.14
CA GLN S 41 -58.13 32.95 -57.48
C GLN S 41 -57.77 33.52 -56.11
N GLU S 42 -58.68 33.40 -55.15
CA GLU S 42 -58.43 33.91 -53.79
C GLU S 42 -58.01 32.80 -52.83
N PRO S 43 -58.75 31.68 -52.78
CA PRO S 43 -58.37 30.59 -51.88
C PRO S 43 -56.95 30.07 -52.17
N LEU S 44 -56.76 29.50 -53.35
CA LEU S 44 -55.47 28.96 -53.75
C LEU S 44 -54.50 30.06 -54.16
N ARG S 45 -54.34 31.08 -53.32
CA ARG S 45 -53.40 32.15 -53.65
C ARG S 45 -52.81 32.81 -52.42
N HIS S 46 -53.62 33.05 -51.40
CA HIS S 46 -53.09 33.67 -50.18
C HIS S 46 -52.47 32.61 -49.30
N GLU S 47 -52.54 31.37 -49.75
CA GLU S 47 -51.95 30.25 -49.02
C GLU S 47 -51.24 29.28 -49.96
N VAL S 48 -49.93 29.47 -50.05
CA VAL S 48 -49.06 28.65 -50.89
C VAL S 48 -47.65 29.20 -50.70
N THR S 49 -47.08 28.94 -49.52
CA THR S 49 -45.75 29.40 -49.17
C THR S 49 -44.68 28.92 -50.15
N PRO S 50 -43.72 29.81 -50.47
CA PRO S 50 -42.65 29.46 -51.40
C PRO S 50 -41.81 28.29 -50.88
N LYS S 51 -41.44 27.38 -51.78
CA LYS S 51 -40.64 26.23 -51.41
C LYS S 51 -39.21 26.71 -51.20
N ASN S 52 -38.90 27.14 -49.99
CA ASN S 52 -37.58 27.65 -49.63
C ASN S 52 -36.43 26.73 -50.03
N ILE S 53 -35.24 27.30 -50.16
CA ILE S 53 -34.07 26.53 -50.59
C ILE S 53 -32.94 26.47 -49.57
N LEU S 54 -32.22 25.35 -49.58
CA LEU S 54 -31.07 25.11 -48.72
C LEU S 54 -29.88 24.69 -49.56
N MET S 55 -28.91 25.59 -49.70
CA MET S 55 -27.72 25.33 -50.52
C MET S 55 -26.57 24.76 -49.69
N ILE S 56 -26.21 23.52 -49.99
CA ILE S 56 -25.13 22.83 -49.31
C ILE S 56 -23.91 22.75 -50.22
N GLY S 57 -22.86 23.48 -49.85
CA GLY S 57 -21.64 23.48 -50.65
C GLY S 57 -20.46 24.16 -49.97
N PRO S 58 -19.23 23.96 -50.49
CA PRO S 58 -17.98 24.55 -49.95
C PRO S 58 -18.01 26.05 -49.73
N THR S 59 -16.83 26.66 -49.74
CA THR S 59 -16.72 28.10 -49.57
C THR S 59 -16.09 28.71 -50.80
N GLY S 60 -16.85 29.54 -51.50
CA GLY S 60 -16.37 30.18 -52.70
C GLY S 60 -16.75 29.40 -53.95
N VAL S 61 -17.89 28.72 -53.88
CA VAL S 61 -18.37 27.93 -55.03
C VAL S 61 -19.55 28.59 -55.73
N GLY S 62 -20.13 29.60 -55.08
CA GLY S 62 -21.25 30.30 -55.68
C GLY S 62 -22.60 30.13 -55.00
N LYS S 63 -22.60 30.09 -53.68
CA LYS S 63 -23.86 29.95 -52.95
C LYS S 63 -24.53 31.32 -52.80
N THR S 64 -23.72 32.37 -52.71
CA THR S 64 -24.21 33.74 -52.55
C THR S 64 -24.45 34.41 -53.90
N GLU S 65 -23.62 34.08 -54.89
CA GLU S 65 -23.78 34.66 -56.21
C GLU S 65 -25.13 34.35 -56.80
N ILE S 66 -25.47 33.06 -56.82
CA ILE S 66 -26.76 32.61 -57.35
C ILE S 66 -27.95 33.20 -56.61
N ALA S 67 -27.72 33.80 -55.46
CA ALA S 67 -28.81 34.41 -54.70
C ALA S 67 -28.87 35.90 -54.99
N ARG S 68 -27.74 36.45 -55.44
CA ARG S 68 -27.63 37.86 -55.77
C ARG S 68 -28.01 38.11 -57.23
N ARG S 69 -27.52 37.24 -58.12
CA ARG S 69 -27.83 37.34 -59.55
C ARG S 69 -29.23 36.82 -59.80
N LEU S 70 -30.08 36.89 -58.78
CA LEU S 70 -31.46 36.45 -58.88
C LEU S 70 -32.26 37.44 -58.05
N ALA S 71 -31.63 38.57 -57.75
CA ALA S 71 -32.26 39.64 -56.98
C ALA S 71 -32.28 40.86 -57.88
N LYS S 72 -31.41 40.83 -58.88
CA LYS S 72 -31.31 41.92 -59.85
C LYS S 72 -31.85 41.42 -61.18
N LEU S 73 -31.46 40.19 -61.55
CA LEU S 73 -31.92 39.58 -62.80
C LEU S 73 -33.29 38.94 -62.58
N ALA S 74 -34.11 39.63 -61.81
CA ALA S 74 -35.46 39.21 -61.47
C ALA S 74 -36.05 40.39 -60.68
N ASN S 75 -35.18 41.31 -60.29
CA ASN S 75 -35.52 42.52 -59.56
C ASN S 75 -36.45 42.31 -58.36
N ALA S 76 -35.87 42.36 -57.17
CA ALA S 76 -36.60 42.19 -55.93
C ALA S 76 -35.70 42.54 -54.75
N PRO S 77 -36.29 42.95 -53.61
CA PRO S 77 -35.52 43.30 -52.42
C PRO S 77 -34.68 42.12 -51.93
N PHE S 78 -33.37 42.36 -51.80
CA PHE S 78 -32.43 41.32 -51.39
C PHE S 78 -31.72 41.70 -50.09
N ILE S 79 -31.19 40.70 -49.40
CA ILE S 79 -30.47 40.93 -48.15
C ILE S 79 -29.79 39.65 -47.67
N LYS S 80 -28.53 39.77 -47.26
CA LYS S 80 -27.80 38.60 -46.77
C LYS S 80 -27.48 38.74 -45.28
N VAL S 81 -27.70 37.66 -44.53
CA VAL S 81 -27.44 37.66 -43.10
C VAL S 81 -26.81 36.34 -42.64
N GLU S 82 -25.88 36.45 -41.68
CA GLU S 82 -25.19 35.30 -41.12
C GLU S 82 -25.39 35.21 -39.61
N ALA S 83 -25.98 34.11 -39.14
CA ALA S 83 -26.21 33.93 -37.71
C ALA S 83 -24.90 34.00 -36.92
N GLU S 95 -30.85 41.32 -33.15
CA GLU S 95 -32.29 41.18 -33.37
C GLU S 95 -32.58 40.31 -34.60
N VAL S 96 -33.77 39.73 -34.65
CA VAL S 96 -34.16 38.87 -35.77
C VAL S 96 -35.18 39.53 -36.69
N ASP S 97 -36.05 40.34 -36.12
CA ASP S 97 -37.08 41.03 -36.92
C ASP S 97 -36.48 42.19 -37.72
N SER S 98 -35.23 42.54 -37.41
CA SER S 98 -34.55 43.64 -38.10
C SER S 98 -33.95 43.13 -39.40
N ILE S 99 -34.37 41.95 -39.83
CA ILE S 99 -33.89 41.37 -41.08
C ILE S 99 -34.91 41.76 -42.13
N ILE S 100 -36.13 42.04 -41.66
CA ILE S 100 -37.23 42.44 -42.53
C ILE S 100 -37.22 43.96 -42.64
N ARG S 101 -36.82 44.63 -41.57
CA ARG S 101 -36.76 46.08 -41.56
C ARG S 101 -35.66 46.57 -42.50
N ASP S 102 -34.80 45.65 -42.92
CA ASP S 102 -33.71 45.97 -43.83
C ASP S 102 -34.07 45.55 -45.26
N LEU S 103 -35.02 44.64 -45.38
CA LEU S 103 -35.47 44.17 -46.68
C LEU S 103 -36.41 45.23 -47.25
N THR S 104 -36.94 46.06 -46.35
CA THR S 104 -37.85 47.14 -46.71
C THR S 104 -37.05 48.38 -47.09
N ASP S 105 -35.96 48.62 -46.38
CA ASP S 105 -35.09 49.78 -46.64
C ASP S 105 -34.29 49.56 -47.92
N SER S 106 -34.42 48.36 -48.49
CA SER S 106 -33.73 48.01 -49.71
C SER S 106 -34.76 47.88 -50.83
N ALA S 107 -36.01 48.21 -50.51
CA ALA S 107 -37.10 48.16 -51.47
C ALA S 107 -37.41 49.57 -51.92
N MET S 108 -36.76 50.53 -51.27
CA MET S 108 -36.93 51.95 -51.59
C MET S 108 -35.87 52.34 -52.61
N LYS S 109 -35.69 51.47 -53.61
CA LYS S 109 -34.71 51.72 -54.67
C LYS S 109 -35.20 51.08 -55.98
N LEU S 110 -36.38 50.46 -55.90
CA LEU S 110 -37.00 49.81 -57.06
C LEU S 110 -38.43 50.36 -57.13
N VAL S 111 -38.65 51.45 -56.40
CA VAL S 111 -39.94 52.12 -56.34
C VAL S 111 -39.67 53.64 -56.31
N ARG S 112 -38.44 53.99 -55.97
CA ARG S 112 -38.02 55.39 -55.92
C ARG S 112 -36.78 55.55 -56.81
N GLN S 113 -36.74 54.76 -57.87
CA GLN S 113 -35.66 54.75 -58.84
C GLN S 113 -36.20 53.97 -60.03
N GLN S 114 -37.31 53.29 -59.79
CA GLN S 114 -37.99 52.50 -60.82
C GLN S 114 -39.28 53.22 -61.19
N GLU S 115 -39.68 54.15 -60.34
CA GLU S 115 -40.88 54.94 -60.57
C GLU S 115 -40.56 56.43 -60.43
N ILE S 116 -39.30 56.77 -60.70
CA ILE S 116 -38.82 58.15 -60.63
C ILE S 116 -38.37 58.52 -62.05
N ALA S 117 -38.04 57.49 -62.81
CA ALA S 117 -37.61 57.65 -64.19
C ALA S 117 -38.67 57.00 -65.08
N LYS S 118 -39.63 56.33 -64.44
CA LYS S 118 -40.73 55.66 -65.14
C LYS S 118 -41.98 56.53 -65.05
N ASN S 119 -42.46 56.72 -63.82
CA ASN S 119 -43.65 57.52 -63.57
C ASN S 119 -43.22 58.98 -63.47
N ARG S 120 -42.62 59.47 -64.57
CA ARG S 120 -42.14 60.84 -64.65
C ARG S 120 -42.45 61.41 -66.03
N LYS S 233 -42.62 66.12 -57.25
CA LYS S 233 -43.90 65.79 -57.86
C LYS S 233 -44.20 64.31 -57.74
N LEU S 234 -45.48 63.96 -57.86
CA LEU S 234 -45.95 62.56 -57.76
C LEU S 234 -45.62 62.01 -56.38
N ILE S 235 -45.04 62.88 -55.55
CA ILE S 235 -44.63 62.56 -54.19
C ILE S 235 -45.59 61.58 -53.51
N ASN S 236 -46.50 62.11 -52.70
CA ASN S 236 -47.48 61.28 -52.00
C ASN S 236 -46.89 60.00 -51.41
N PRO S 237 -46.23 60.11 -50.25
CA PRO S 237 -45.62 58.97 -49.57
C PRO S 237 -46.65 57.95 -49.09
N GLU S 238 -47.84 58.43 -48.72
CA GLU S 238 -48.92 57.55 -48.26
C GLU S 238 -49.41 56.75 -49.47
N GLU S 239 -48.82 57.05 -50.61
CA GLU S 239 -49.17 56.40 -51.87
C GLU S 239 -48.19 55.27 -52.19
N LEU S 240 -46.92 55.44 -51.77
CA LEU S 240 -45.87 54.43 -52.00
C LEU S 240 -45.65 53.50 -50.81
N LYS S 241 -46.36 53.75 -49.71
CA LYS S 241 -46.24 52.94 -48.50
C LYS S 241 -47.02 51.64 -48.66
N GLN S 242 -47.78 51.53 -49.75
CA GLN S 242 -48.57 50.34 -50.05
C GLN S 242 -48.18 49.89 -51.46
N LYS S 243 -47.17 50.54 -52.02
CA LYS S 243 -46.68 50.22 -53.35
C LYS S 243 -45.30 49.61 -53.12
N ALA S 244 -44.72 49.93 -51.97
CA ALA S 244 -43.41 49.42 -51.59
C ALA S 244 -43.61 48.11 -50.84
N ILE S 245 -44.58 48.12 -49.93
CA ILE S 245 -44.90 46.94 -49.13
C ILE S 245 -45.42 45.84 -50.02
N ASP S 246 -46.47 46.13 -50.79
CA ASP S 246 -47.02 45.14 -51.70
C ASP S 246 -45.87 44.42 -52.41
N ALA S 247 -44.76 45.14 -52.58
CA ALA S 247 -43.57 44.59 -53.24
C ALA S 247 -42.91 43.52 -52.38
N VAL S 248 -42.30 43.94 -51.28
CA VAL S 248 -41.61 43.04 -50.34
C VAL S 248 -42.42 41.76 -50.09
N GLU S 249 -43.66 41.92 -49.63
CA GLU S 249 -44.53 40.78 -49.35
C GLU S 249 -44.64 39.83 -50.53
N GLN S 250 -44.37 40.33 -51.73
CA GLN S 250 -44.43 39.52 -52.95
C GLN S 250 -43.02 39.13 -53.38
N ASN S 251 -42.22 40.13 -53.72
CA ASN S 251 -40.84 39.92 -54.14
C ASN S 251 -39.93 40.14 -52.95
N GLY S 252 -39.51 39.05 -52.32
CA GLY S 252 -38.64 39.15 -51.15
C GLY S 252 -37.71 37.96 -51.04
N ILE S 253 -36.42 38.23 -51.15
CA ILE S 253 -35.42 37.18 -51.06
C ILE S 253 -34.47 37.41 -49.90
N VAL S 254 -34.66 36.61 -48.84
CA VAL S 254 -33.83 36.69 -47.65
C VAL S 254 -32.81 35.54 -47.71
N PHE S 255 -31.54 35.90 -47.69
CA PHE S 255 -30.46 34.93 -47.78
C PHE S 255 -29.72 34.76 -46.46
N ILE S 256 -29.72 33.54 -45.94
CA ILE S 256 -29.04 33.23 -44.68
C ILE S 256 -27.75 32.45 -44.94
N ASP S 257 -26.63 33.15 -44.95
CA ASP S 257 -25.34 32.51 -45.18
C ASP S 257 -24.86 31.88 -43.87
N GLU S 258 -24.21 30.72 -43.97
CA GLU S 258 -23.70 30.01 -42.80
C GLU S 258 -24.82 29.80 -41.79
N ILE S 259 -25.69 28.84 -42.07
CA ILE S 259 -26.79 28.52 -41.18
C ILE S 259 -26.41 27.28 -40.39
N ASP S 260 -25.41 26.55 -40.89
CA ASP S 260 -24.94 25.33 -40.24
C ASP S 260 -24.21 25.72 -38.96
N LYS S 261 -23.90 27.01 -38.84
CA LYS S 261 -23.21 27.53 -37.67
C LYS S 261 -24.13 27.72 -36.47
N ILE S 262 -25.34 27.17 -36.53
CA ILE S 262 -26.28 27.28 -35.41
C ILE S 262 -27.04 25.99 -35.15
N CYS S 263 -26.29 24.88 -35.12
CA CYS S 263 -26.87 23.57 -34.88
C CYS S 263 -26.43 22.97 -33.55
N LYS S 264 -27.13 21.92 -33.14
CA LYS S 264 -26.82 21.22 -31.90
C LYS S 264 -25.55 20.42 -32.13
N LYS S 265 -24.44 20.91 -31.58
CA LYS S 265 -23.14 20.26 -31.73
C LYS S 265 -22.77 20.14 -33.21
N SER S 269 -19.76 23.44 -31.08
CA SER S 269 -20.73 23.44 -29.99
C SER S 269 -20.51 22.24 -29.08
N GLY S 270 -19.95 22.47 -27.91
CA GLY S 270 -19.71 21.39 -26.97
C GLY S 270 -19.98 21.80 -25.53
N ALA S 271 -20.56 22.98 -25.36
CA ALA S 271 -20.88 23.49 -24.02
C ALA S 271 -22.30 24.04 -23.93
N ASP S 272 -22.58 25.13 -24.66
CA ASP S 272 -23.91 25.74 -24.65
C ASP S 272 -24.70 25.58 -25.94
N VAL S 273 -26.02 25.59 -25.82
CA VAL S 273 -26.91 25.44 -26.96
C VAL S 273 -27.91 26.60 -27.00
N SER S 274 -27.39 27.80 -27.22
CA SER S 274 -28.22 29.00 -27.32
C SER S 274 -28.28 29.37 -28.79
N ARG S 275 -27.47 28.66 -29.59
CA ARG S 275 -27.43 28.86 -31.03
C ARG S 275 -28.71 28.25 -31.59
N GLU S 276 -29.37 27.45 -30.75
CA GLU S 276 -30.62 26.79 -31.12
C GLU S 276 -31.75 27.70 -30.68
N GLY S 277 -31.37 28.86 -30.15
CA GLY S 277 -32.34 29.85 -29.72
C GLY S 277 -32.54 30.80 -30.88
N VAL S 278 -31.44 31.04 -31.61
CA VAL S 278 -31.45 31.90 -32.78
C VAL S 278 -32.27 31.20 -33.84
N GLN S 279 -32.11 29.89 -33.92
CA GLN S 279 -32.82 29.07 -34.88
C GLN S 279 -34.30 29.06 -34.49
N ARG S 280 -34.61 29.55 -33.29
CA ARG S 280 -35.98 29.59 -32.80
C ARG S 280 -36.64 30.96 -33.01
N ASP S 281 -35.85 32.03 -32.91
CA ASP S 281 -36.35 33.39 -33.11
C ASP S 281 -36.44 33.67 -34.61
N LEU S 282 -35.72 32.87 -35.39
CA LEU S 282 -35.69 32.98 -36.84
C LEU S 282 -36.75 32.06 -37.43
N LEU S 283 -37.69 31.64 -36.58
CA LEU S 283 -38.74 30.74 -37.03
C LEU S 283 -40.00 31.48 -37.47
N PRO S 284 -40.45 32.46 -36.67
CA PRO S 284 -41.66 33.19 -37.05
C PRO S 284 -41.56 33.80 -38.46
N LEU S 285 -40.35 34.05 -38.93
CA LEU S 285 -40.15 34.64 -40.24
C LEU S 285 -40.33 33.65 -41.39
N VAL S 286 -39.61 32.54 -41.36
CA VAL S 286 -39.72 31.54 -42.41
C VAL S 286 -41.10 30.92 -42.42
N GLU S 287 -41.83 31.10 -41.31
CA GLU S 287 -43.18 30.57 -41.18
C GLU S 287 -44.18 31.57 -41.77
N GLY S 288 -44.31 32.70 -41.09
CA GLY S 288 -45.23 33.73 -41.54
C GLY S 288 -45.79 34.56 -40.40
N SER S 289 -45.24 35.76 -40.24
CA SER S 289 -45.69 36.67 -39.18
C SER S 289 -45.85 38.06 -39.77
N THR S 290 -45.96 39.07 -38.91
CA THR S 290 -46.13 40.44 -39.36
C THR S 290 -45.12 41.37 -38.70
N VAL S 291 -43.99 41.58 -39.37
CA VAL S 291 -42.95 42.45 -38.86
C VAL S 291 -43.40 43.90 -38.96
N SER S 292 -43.18 44.67 -37.90
CA SER S 292 -43.58 46.08 -37.90
C SER S 292 -42.41 47.01 -38.21
N THR S 293 -42.33 47.43 -39.48
CA THR S 293 -41.27 48.33 -39.93
C THR S 293 -41.75 49.77 -39.86
N LYS S 294 -40.88 50.71 -40.24
CA LYS S 294 -41.22 52.12 -40.22
C LYS S 294 -42.06 52.53 -41.43
N HIS S 295 -42.47 51.55 -42.23
CA HIS S 295 -43.28 51.81 -43.41
C HIS S 295 -44.63 51.11 -43.29
N GLY S 296 -44.84 50.40 -42.19
CA GLY S 296 -46.09 49.72 -41.98
C GLY S 296 -45.96 48.26 -41.65
N MET S 297 -47.09 47.58 -41.52
CA MET S 297 -47.11 46.16 -41.19
C MET S 297 -46.89 45.31 -42.43
N VAL S 298 -45.66 44.85 -42.62
CA VAL S 298 -45.29 44.01 -43.77
C VAL S 298 -45.32 42.54 -43.38
N LYS S 299 -46.17 41.77 -44.06
CA LYS S 299 -46.31 40.34 -43.81
C LYS S 299 -45.09 39.63 -44.39
N THR S 300 -44.86 38.38 -44.00
CA THR S 300 -43.71 37.61 -44.49
C THR S 300 -44.09 36.28 -45.12
N ASP S 301 -45.29 35.79 -44.79
CA ASP S 301 -45.80 34.53 -45.28
C ASP S 301 -45.38 34.11 -46.69
N HIS S 302 -45.20 35.07 -47.59
CA HIS S 302 -44.84 34.74 -48.96
C HIS S 302 -43.41 35.04 -49.37
N ILE S 303 -42.60 35.53 -48.45
CA ILE S 303 -41.21 35.82 -48.77
C ILE S 303 -40.49 34.50 -49.07
N LEU S 304 -39.47 34.58 -49.92
CA LEU S 304 -38.71 33.40 -50.30
C LEU S 304 -37.35 33.40 -49.62
N PHE S 305 -37.15 32.47 -48.70
CA PHE S 305 -35.88 32.36 -47.98
C PHE S 305 -34.94 31.30 -48.56
N ILE S 306 -33.66 31.65 -48.61
CA ILE S 306 -32.63 30.76 -49.11
C ILE S 306 -31.49 30.76 -48.10
N ALA S 307 -31.21 29.59 -47.53
CA ALA S 307 -30.13 29.45 -46.54
C ALA S 307 -28.98 28.59 -47.07
N SER S 308 -27.75 29.04 -46.84
CA SER S 308 -26.58 28.32 -47.29
C SER S 308 -25.80 27.76 -46.10
N GLY S 309 -24.98 26.75 -46.37
CA GLY S 309 -24.18 26.16 -45.32
C GLY S 309 -23.13 25.19 -45.84
N ALA S 310 -22.02 25.10 -45.12
CA ALA S 310 -20.93 24.21 -45.48
C ALA S 310 -21.38 22.79 -45.12
N PHE S 311 -21.99 22.67 -43.93
CA PHE S 311 -22.48 21.38 -43.45
C PHE S 311 -21.46 20.28 -43.62
N GLN S 312 -20.30 20.50 -43.01
CA GLN S 312 -19.19 19.55 -43.05
C GLN S 312 -19.09 18.88 -41.68
N VAL S 313 -19.42 19.66 -40.66
CA VAL S 313 -19.40 19.18 -39.27
C VAL S 313 -20.78 18.65 -38.92
N ALA S 314 -21.81 19.43 -39.19
CA ALA S 314 -23.18 19.03 -38.91
C ALA S 314 -23.88 18.47 -40.14
N ARG S 315 -25.16 18.17 -40.00
CA ARG S 315 -25.96 17.64 -41.11
C ARG S 315 -27.25 18.46 -41.12
N PRO S 316 -27.94 18.50 -42.27
CA PRO S 316 -29.19 19.27 -42.36
C PRO S 316 -30.18 18.87 -41.26
N SER S 317 -30.25 17.58 -40.96
CA SER S 317 -31.15 17.06 -39.94
C SER S 317 -30.83 17.49 -38.50
N ASP S 318 -29.74 18.25 -38.34
CA ASP S 318 -29.35 18.73 -37.02
C ASP S 318 -30.03 20.06 -36.71
N LEU S 319 -31.02 20.40 -37.53
CA LEU S 319 -31.80 21.62 -37.37
C LEU S 319 -33.15 21.22 -36.80
N ILE S 320 -33.70 22.06 -35.92
CA ILE S 320 -34.99 21.76 -35.30
C ILE S 320 -36.01 21.30 -36.33
N PRO S 321 -36.63 20.12 -36.10
CA PRO S 321 -37.63 19.57 -37.02
C PRO S 321 -38.74 20.55 -37.38
N GLU S 322 -38.98 21.48 -36.47
CA GLU S 322 -40.01 22.49 -36.64
C GLU S 322 -39.50 23.59 -37.57
N LEU S 323 -38.66 23.20 -38.53
CA LEU S 323 -38.06 24.12 -39.50
C LEU S 323 -37.34 23.37 -40.61
N GLN S 324 -37.41 22.04 -40.56
CA GLN S 324 -36.78 21.23 -41.61
C GLN S 324 -37.80 21.10 -42.72
N GLY S 325 -39.07 21.15 -42.33
CA GLY S 325 -40.15 21.03 -43.29
C GLY S 325 -40.57 22.38 -43.87
N ARG S 326 -39.79 23.40 -43.56
CA ARG S 326 -40.04 24.75 -44.07
C ARG S 326 -38.87 25.13 -44.96
N LEU S 327 -38.21 24.12 -45.50
CA LEU S 327 -37.07 24.26 -46.39
C LEU S 327 -36.99 22.99 -47.24
N PRO S 328 -38.09 22.64 -47.95
CA PRO S 328 -38.21 21.47 -48.80
C PRO S 328 -37.14 21.25 -49.88
N ILE S 329 -36.63 22.35 -50.45
CA ILE S 329 -35.62 22.24 -51.49
C ILE S 329 -34.20 22.06 -50.95
N ARG S 330 -33.61 20.91 -51.27
CA ARG S 330 -32.25 20.60 -50.84
C ARG S 330 -31.36 20.51 -52.08
N VAL S 331 -30.54 21.54 -52.30
CA VAL S 331 -29.65 21.55 -53.45
C VAL S 331 -28.19 21.52 -52.99
N GLU S 332 -27.41 20.62 -53.57
CA GLU S 332 -26.00 20.49 -53.20
C GLU S 332 -25.02 20.97 -54.29
N LEU S 333 -24.30 22.05 -54.00
CA LEU S 333 -23.35 22.59 -54.96
C LEU S 333 -22.02 21.87 -54.83
N THR S 334 -21.28 21.78 -55.93
CA THR S 334 -19.98 21.11 -55.92
C THR S 334 -18.86 22.13 -55.81
N ALA S 335 -17.64 21.63 -55.55
CA ALA S 335 -16.48 22.50 -55.43
C ALA S 335 -16.00 22.82 -56.84
N LEU S 336 -15.10 23.81 -56.94
CA LEU S 336 -14.56 24.25 -58.23
C LEU S 336 -13.21 23.62 -58.55
N SER S 337 -13.15 22.87 -59.65
CA SER S 337 -11.92 22.19 -60.05
C SER S 337 -10.93 23.11 -60.76
N ALA S 338 -9.94 22.51 -61.43
CA ALA S 338 -8.92 23.25 -62.14
C ALA S 338 -9.56 23.90 -63.37
N ALA S 339 -10.33 23.11 -64.10
CA ALA S 339 -11.01 23.58 -65.30
C ALA S 339 -12.08 24.63 -64.97
N ASP S 340 -12.78 24.41 -63.87
CA ASP S 340 -13.83 25.31 -63.42
C ASP S 340 -13.28 26.67 -63.03
N PHE S 341 -12.00 26.71 -62.64
CA PHE S 341 -11.34 27.95 -62.24
C PHE S 341 -10.84 28.69 -63.47
N GLU S 342 -10.69 27.94 -64.56
CA GLU S 342 -10.21 28.47 -65.83
C GLU S 342 -11.31 29.29 -66.48
N ARG S 343 -12.53 28.76 -66.45
CA ARG S 343 -13.70 29.41 -67.02
C ARG S 343 -14.16 30.62 -66.22
N ILE S 344 -14.22 30.48 -64.90
CA ILE S 344 -14.64 31.58 -64.03
C ILE S 344 -13.73 32.79 -64.19
N LEU S 345 -12.58 32.58 -64.82
CA LEU S 345 -11.62 33.65 -65.00
C LEU S 345 -11.92 34.53 -66.22
N THR S 346 -12.75 34.03 -67.14
CA THR S 346 -13.09 34.80 -68.34
C THR S 346 -14.58 34.89 -68.69
N GLU S 347 -15.22 33.74 -68.95
CA GLU S 347 -16.64 33.68 -69.32
C GLU S 347 -17.62 34.57 -68.55
N PRO S 348 -17.51 34.62 -67.21
CA PRO S 348 -18.44 35.48 -66.47
C PRO S 348 -18.32 36.96 -66.84
N HIS S 349 -19.45 37.66 -66.88
CA HIS S 349 -19.43 39.09 -67.19
C HIS S 349 -18.61 39.77 -66.11
N ALA S 350 -17.74 40.68 -66.51
CA ALA S 350 -16.89 41.40 -65.56
C ALA S 350 -15.92 40.43 -64.88
N SER S 351 -15.44 39.46 -65.64
CA SER S 351 -14.49 38.49 -65.14
C SER S 351 -13.19 39.22 -64.82
N LEU S 352 -12.32 38.58 -64.05
CA LEU S 352 -11.03 39.18 -63.69
C LEU S 352 -10.18 39.52 -64.91
N THR S 353 -10.29 38.71 -65.96
CA THR S 353 -9.53 38.96 -67.17
C THR S 353 -9.97 40.28 -67.80
N GLU S 354 -11.29 40.53 -67.79
CA GLU S 354 -11.84 41.75 -68.35
C GLU S 354 -11.64 42.95 -67.43
N GLN S 355 -11.94 42.76 -66.16
CA GLN S 355 -11.79 43.83 -65.19
C GLN S 355 -10.40 44.43 -65.18
N TYR S 356 -9.38 43.62 -65.44
CA TYR S 356 -8.02 44.13 -65.46
C TYR S 356 -7.66 44.66 -66.83
N LYS S 357 -8.33 44.13 -67.85
CA LYS S 357 -8.09 44.55 -69.23
C LYS S 357 -8.57 46.00 -69.34
N ALA S 358 -9.68 46.28 -68.65
CA ALA S 358 -10.29 47.61 -68.65
C ALA S 358 -9.63 48.58 -67.67
N LEU S 359 -9.41 48.14 -66.44
CA LEU S 359 -8.80 48.99 -65.42
C LEU S 359 -7.38 49.40 -65.80
N MET S 360 -6.81 48.69 -66.77
CA MET S 360 -5.45 48.98 -67.23
C MET S 360 -5.48 49.64 -68.61
N ALA S 361 -6.67 49.69 -69.20
CA ALA S 361 -6.83 50.32 -70.51
C ALA S 361 -6.99 51.82 -70.26
N THR S 362 -7.52 52.15 -69.09
CA THR S 362 -7.73 53.53 -68.69
C THR S 362 -6.38 54.20 -68.46
N GLU S 363 -5.36 53.38 -68.21
CA GLU S 363 -4.01 53.90 -67.99
C GLU S 363 -3.40 54.13 -69.36
N GLY S 364 -4.08 53.62 -70.38
CA GLY S 364 -3.61 53.76 -71.74
C GLY S 364 -2.78 52.56 -72.16
N VAL S 365 -2.93 51.46 -71.44
CA VAL S 365 -2.19 50.24 -71.72
C VAL S 365 -3.10 49.07 -72.07
N ASN S 366 -2.69 48.28 -73.05
CA ASN S 366 -3.46 47.12 -73.47
C ASN S 366 -2.75 45.88 -72.93
N ILE S 367 -3.50 44.85 -72.62
CA ILE S 367 -2.91 43.62 -72.07
C ILE S 367 -3.56 42.35 -72.61
N ALA S 368 -2.72 41.41 -73.04
CA ALA S 368 -3.20 40.15 -73.59
C ALA S 368 -3.09 38.98 -72.60
N PHE S 369 -4.22 38.32 -72.38
CA PHE S 369 -4.27 37.17 -71.48
C PHE S 369 -4.40 35.91 -72.30
N THR S 370 -3.27 35.38 -72.77
CA THR S 370 -3.28 34.18 -73.58
C THR S 370 -3.95 33.01 -72.85
N THR S 371 -4.39 31.99 -73.59
CA THR S 371 -5.05 30.84 -72.99
C THR S 371 -4.14 29.90 -72.22
N ASP S 372 -2.90 29.72 -72.70
CA ASP S 372 -1.97 28.84 -72.01
C ASP S 372 -1.54 29.49 -70.70
N ALA S 373 -1.93 30.74 -70.50
CA ALA S 373 -1.59 31.48 -69.30
C ALA S 373 -2.78 31.61 -68.35
N VAL S 374 -3.96 31.20 -68.84
CA VAL S 374 -5.16 31.23 -68.01
C VAL S 374 -5.20 29.90 -67.27
N LYS S 375 -4.65 28.87 -67.90
CA LYS S 375 -4.57 27.55 -67.29
C LYS S 375 -3.60 27.63 -66.13
N LYS S 376 -2.51 28.34 -66.32
CA LYS S 376 -1.50 28.49 -65.28
C LYS S 376 -1.87 29.52 -64.23
N ILE S 377 -3.15 29.88 -64.17
CA ILE S 377 -3.64 30.83 -63.17
C ILE S 377 -4.80 30.18 -62.45
N ALA S 378 -5.44 29.23 -63.13
CA ALA S 378 -6.57 28.50 -62.56
C ALA S 378 -5.97 27.27 -61.88
N GLU S 379 -4.97 26.69 -62.52
CA GLU S 379 -4.31 25.51 -62.00
C GLU S 379 -3.07 25.97 -61.25
N ALA S 380 -3.19 27.13 -60.62
CA ALA S 380 -2.13 27.74 -59.83
C ALA S 380 -2.79 28.44 -58.65
N ALA S 381 -4.11 28.49 -58.67
CA ALA S 381 -4.88 29.09 -57.61
C ALA S 381 -5.63 27.94 -56.99
N PHE S 382 -5.57 26.80 -57.67
CA PHE S 382 -6.21 25.57 -57.22
C PHE S 382 -5.16 24.85 -56.40
N ARG S 383 -3.92 24.91 -56.88
CA ARG S 383 -2.79 24.29 -56.21
C ARG S 383 -2.67 24.89 -54.80
N VAL S 384 -3.12 26.13 -54.64
CA VAL S 384 -3.06 26.82 -53.35
C VAL S 384 -4.28 26.53 -52.48
N ASN S 385 -5.37 26.10 -53.08
CA ASN S 385 -6.56 25.80 -52.30
C ASN S 385 -6.53 24.39 -51.77
N GLU S 386 -5.59 23.59 -52.27
CA GLU S 386 -5.46 22.21 -51.81
C GLU S 386 -4.19 22.04 -50.97
N LYS S 387 -3.75 23.14 -50.37
CA LYS S 387 -2.56 23.14 -49.53
C LYS S 387 -2.71 24.20 -48.45
N THR S 388 -3.91 24.77 -48.36
CA THR S 388 -4.24 25.79 -47.37
C THR S 388 -5.76 25.77 -47.29
N GLU S 389 -6.36 26.78 -46.65
CA GLU S 389 -7.81 26.84 -46.56
C GLU S 389 -8.35 26.95 -47.98
N ASN S 390 -9.46 26.28 -48.23
CA ASN S 390 -10.07 26.32 -49.55
C ASN S 390 -11.07 27.47 -49.59
N ILE S 391 -10.57 28.67 -49.80
CA ILE S 391 -11.42 29.86 -49.84
C ILE S 391 -12.32 29.92 -51.08
N GLY S 392 -12.11 28.99 -52.00
CA GLY S 392 -12.92 28.95 -53.20
C GLY S 392 -12.45 29.89 -54.31
N ALA S 393 -13.41 30.39 -55.09
CA ALA S 393 -13.09 31.30 -56.20
C ALA S 393 -12.35 32.55 -55.75
N ARG S 394 -12.67 33.03 -54.55
CA ARG S 394 -12.02 34.23 -54.03
C ARG S 394 -10.50 34.11 -53.98
N ARG S 395 -9.99 32.92 -54.31
CA ARG S 395 -8.55 32.67 -54.31
C ARG S 395 -7.97 33.34 -55.55
N LEU S 396 -8.77 33.42 -56.60
CA LEU S 396 -8.36 34.02 -57.85
C LEU S 396 -8.00 35.49 -57.67
N HIS S 397 -8.77 36.19 -56.85
CA HIS S 397 -8.54 37.60 -56.61
C HIS S 397 -7.16 37.86 -56.01
N THR S 398 -6.80 37.06 -55.00
CA THR S 398 -5.52 37.21 -54.33
C THR S 398 -4.35 36.77 -55.20
N VAL S 399 -4.63 35.94 -56.20
CA VAL S 399 -3.61 35.46 -57.11
C VAL S 399 -3.36 36.53 -58.17
N MET S 400 -4.45 37.02 -58.76
CA MET S 400 -4.39 38.06 -59.78
C MET S 400 -3.70 39.29 -59.22
N GLU S 401 -4.11 39.70 -58.03
CA GLU S 401 -3.53 40.87 -57.38
C GLU S 401 -2.01 40.76 -57.23
N ARG S 402 -1.47 39.54 -57.26
CA ARG S 402 -0.03 39.35 -57.14
C ARG S 402 0.60 39.35 -58.53
N LEU S 403 -0.21 38.98 -59.52
CA LEU S 403 0.20 38.95 -60.91
C LEU S 403 0.20 40.36 -61.49
N MET S 404 -0.94 41.04 -61.33
CA MET S 404 -1.12 42.40 -61.82
C MET S 404 -0.57 43.36 -60.77
N ASP S 405 0.56 43.00 -60.19
CA ASP S 405 1.21 43.80 -59.16
C ASP S 405 2.29 44.65 -59.81
N LYS S 406 3.04 44.01 -60.70
CA LYS S 406 4.14 44.67 -61.41
C LYS S 406 3.60 45.73 -62.37
N ILE S 407 2.50 45.39 -63.03
CA ILE S 407 1.88 46.28 -64.01
C ILE S 407 1.05 47.42 -63.39
N SER S 408 0.17 47.08 -62.46
CA SER S 408 -0.69 48.08 -61.83
C SER S 408 0.03 49.31 -61.29
N PHE S 409 1.29 49.15 -60.88
CA PHE S 409 2.06 50.26 -60.31
C PHE S 409 2.61 51.20 -61.37
N SER S 410 3.39 50.65 -62.30
CA SER S 410 3.97 51.44 -63.36
C SER S 410 3.24 51.27 -64.69
N ALA S 411 1.92 51.44 -64.65
CA ALA S 411 1.09 51.31 -65.85
C ALA S 411 0.95 52.66 -66.53
N SER S 412 0.86 53.71 -65.72
CA SER S 412 0.72 55.07 -66.21
C SER S 412 2.01 55.48 -66.92
N ASP S 413 3.14 55.16 -66.31
CA ASP S 413 4.44 55.49 -66.86
C ASP S 413 4.87 54.58 -68.01
N MET S 414 3.91 53.88 -68.58
CA MET S 414 4.15 52.98 -69.71
C MET S 414 2.94 53.03 -70.62
N ASN S 415 2.53 54.24 -70.97
CA ASN S 415 1.38 54.48 -71.81
C ASN S 415 1.54 53.95 -73.23
N GLY S 416 0.45 53.40 -73.76
CA GLY S 416 0.46 52.88 -75.12
C GLY S 416 1.35 51.68 -75.36
N GLN S 417 1.12 50.60 -74.62
CA GLN S 417 1.91 49.38 -74.79
C GLN S 417 1.05 48.14 -74.63
N THR S 418 1.27 47.16 -75.51
CA THR S 418 0.53 45.91 -75.47
C THR S 418 1.42 44.86 -74.83
N VAL S 419 1.18 44.56 -73.57
CA VAL S 419 1.97 43.56 -72.85
C VAL S 419 1.33 42.18 -72.97
N ASN S 420 2.15 41.20 -73.35
CA ASN S 420 1.67 39.83 -73.51
C ASN S 420 1.89 39.00 -72.24
N ILE S 421 0.81 38.73 -71.54
CA ILE S 421 0.87 37.92 -70.31
C ILE S 421 0.64 36.47 -70.69
N ASP S 422 1.72 35.73 -70.79
CA ASP S 422 1.70 34.30 -71.16
C ASP S 422 2.29 33.41 -70.08
N ALA S 423 2.42 32.13 -70.41
CA ALA S 423 2.96 31.14 -69.48
C ALA S 423 4.30 31.60 -68.89
N ALA S 424 5.13 32.21 -69.73
CA ALA S 424 6.45 32.67 -69.28
C ALA S 424 6.37 33.81 -68.28
N TYR S 425 5.36 34.66 -68.43
CA TYR S 425 5.19 35.80 -67.54
C TYR S 425 4.54 35.38 -66.22
N VAL S 426 3.43 34.65 -66.31
CA VAL S 426 2.73 34.19 -65.12
C VAL S 426 3.65 33.37 -64.23
N ALA S 427 4.39 32.44 -64.84
CA ALA S 427 5.30 31.58 -64.11
C ALA S 427 6.24 32.40 -63.21
N ASP S 428 6.97 33.32 -63.83
CA ASP S 428 7.90 34.16 -63.08
C ASP S 428 7.23 35.48 -62.73
N ALA S 429 6.03 35.38 -62.14
CA ALA S 429 5.29 36.56 -61.74
C ALA S 429 5.00 36.50 -60.26
N LEU S 430 4.73 35.29 -59.77
CA LEU S 430 4.44 35.08 -58.36
C LEU S 430 5.56 34.30 -57.66
N GLY S 431 5.94 33.15 -58.22
CA GLY S 431 7.00 32.34 -57.63
C GLY S 431 6.58 30.89 -57.37
N GLU S 432 6.44 30.53 -56.10
CA GLU S 432 6.03 29.17 -55.70
C GLU S 432 5.43 29.20 -54.30
N VAL S 433 4.54 28.25 -54.00
CA VAL S 433 3.88 28.21 -52.69
C VAL S 433 3.74 26.79 -52.09
N VAL S 434 4.81 26.28 -51.48
CA VAL S 434 4.78 24.96 -50.85
C VAL S 434 4.26 25.10 -49.41
N GLU S 435 3.76 24.01 -48.85
CA GLU S 435 3.21 24.00 -47.50
C GLU S 435 4.11 24.73 -46.50
N ASN S 436 3.54 25.07 -45.35
CA ASN S 436 4.28 25.81 -44.31
C ASN S 436 5.54 25.10 -43.81
N GLU S 437 5.43 24.47 -42.64
CA GLU S 437 6.54 23.75 -42.03
C GLU S 437 6.00 22.78 -40.98
N ASP S 438 4.68 22.88 -40.76
CA ASP S 438 3.95 22.05 -39.82
C ASP S 438 4.81 21.07 -39.03
N LEU S 439 5.22 20.00 -39.71
CA LEU S 439 6.05 18.96 -39.10
C LEU S 439 7.17 19.45 -38.18
N SER S 440 8.37 19.57 -38.73
CA SER S 440 9.56 19.99 -38.00
C SER S 440 9.37 20.98 -36.85
N ARG S 441 8.18 21.59 -36.76
CA ARG S 441 7.92 22.55 -35.70
C ARG S 441 7.39 21.90 -34.43
N PHE S 442 6.23 21.26 -34.51
CA PHE S 442 5.67 20.61 -33.34
C PHE S 442 5.20 19.18 -33.56
N ILE S 443 6.17 18.26 -33.56
CA ILE S 443 5.97 16.82 -33.72
C ILE S 443 7.31 16.25 -33.32
N LEU S 444 7.31 15.13 -32.61
CA LEU S 444 8.57 14.49 -32.19
C LEU S 444 8.82 13.20 -32.95
N SER T 2 -74.58 37.03 -32.29
CA SER T 2 -74.24 37.03 -33.74
C SER T 2 -73.00 36.18 -34.03
N GLU T 3 -73.08 34.87 -33.75
CA GLU T 3 -71.98 33.96 -34.00
C GLU T 3 -72.44 32.51 -34.11
N MET T 4 -71.68 31.72 -34.84
CA MET T 4 -71.99 30.31 -35.07
C MET T 4 -72.21 29.45 -33.83
N THR T 5 -72.56 28.20 -34.08
CA THR T 5 -72.79 27.21 -33.02
C THR T 5 -71.60 26.25 -33.04
N PRO T 6 -71.29 25.60 -31.90
CA PRO T 6 -70.16 24.67 -31.89
C PRO T 6 -70.24 23.62 -32.99
N ARG T 7 -71.43 23.05 -33.18
CA ARG T 7 -71.66 22.05 -34.21
C ARG T 7 -71.15 22.53 -35.58
N GLU T 8 -71.29 23.84 -35.81
CA GLU T 8 -70.89 24.47 -37.07
C GLU T 8 -69.41 24.85 -37.12
N ILE T 9 -68.85 25.27 -35.99
CA ILE T 9 -67.45 25.63 -35.95
C ILE T 9 -66.64 24.38 -36.27
N VAL T 10 -67.09 23.24 -35.72
CA VAL T 10 -66.43 21.96 -35.96
C VAL T 10 -66.44 21.66 -37.45
N SER T 11 -67.64 21.60 -38.02
CA SER T 11 -67.83 21.30 -39.45
C SER T 11 -67.13 22.27 -40.41
N GLU T 12 -66.85 23.48 -39.95
CA GLU T 12 -66.18 24.46 -40.79
C GLU T 12 -64.67 24.28 -40.70
N LEU T 13 -64.23 23.59 -39.65
CA LEU T 13 -62.82 23.31 -39.44
C LEU T 13 -62.43 22.01 -40.12
N ASP T 14 -63.40 21.10 -40.25
CA ASP T 14 -63.17 19.81 -40.89
C ASP T 14 -62.85 19.92 -42.38
N GLN T 15 -62.58 21.13 -42.85
CA GLN T 15 -62.27 21.33 -44.27
C GLN T 15 -60.83 21.72 -44.55
N HIS T 16 -60.11 22.20 -43.54
CA HIS T 16 -58.71 22.59 -43.71
C HIS T 16 -57.82 21.73 -42.82
N ILE T 17 -58.39 21.25 -41.72
CA ILE T 17 -57.69 20.42 -40.74
C ILE T 17 -58.40 19.08 -40.56
N ILE T 18 -58.24 18.17 -41.51
CA ILE T 18 -58.86 16.87 -41.40
C ILE T 18 -58.10 16.04 -40.37
N GLY T 19 -58.83 15.30 -39.56
CA GLY T 19 -58.21 14.49 -38.53
C GLY T 19 -58.55 15.07 -37.18
N GLN T 20 -57.85 14.63 -36.14
CA GLN T 20 -58.10 15.12 -34.79
C GLN T 20 -59.59 14.91 -34.50
N ALA T 21 -60.10 15.65 -33.53
CA ALA T 21 -61.51 15.54 -33.15
C ALA T 21 -61.74 16.34 -31.89
N ASP T 22 -61.40 15.73 -30.76
CA ASP T 22 -61.56 16.36 -29.46
C ASP T 22 -60.82 17.69 -29.54
N ALA T 23 -59.91 17.78 -30.50
CA ALA T 23 -59.12 18.98 -30.72
C ALA T 23 -60.07 20.14 -30.99
N LYS T 24 -60.78 20.02 -32.11
CA LYS T 24 -61.75 21.03 -32.53
C LYS T 24 -62.82 21.27 -31.46
N ARG T 25 -63.44 20.19 -31.02
CA ARG T 25 -64.48 20.24 -30.00
C ARG T 25 -64.19 21.22 -28.86
N ALA T 26 -63.07 21.02 -28.17
CA ALA T 26 -62.71 21.89 -27.06
C ALA T 26 -62.42 23.32 -27.51
N VAL T 27 -61.98 23.47 -28.75
CA VAL T 27 -61.66 24.78 -29.31
C VAL T 27 -62.96 25.51 -29.67
N ALA T 28 -63.93 24.75 -30.15
CA ALA T 28 -65.23 25.30 -30.54
C ALA T 28 -65.91 25.92 -29.32
N ILE T 29 -66.17 25.12 -28.30
CA ILE T 29 -66.82 25.58 -27.10
C ILE T 29 -66.04 26.71 -26.41
N ALA T 30 -64.82 26.98 -26.88
CA ALA T 30 -64.01 28.04 -26.29
C ALA T 30 -64.46 29.38 -26.87
N LEU T 31 -64.91 29.34 -28.12
CA LEU T 31 -65.39 30.52 -28.84
C LEU T 31 -66.87 30.73 -28.53
N ARG T 32 -67.63 29.64 -28.60
CA ARG T 32 -69.06 29.65 -28.33
C ARG T 32 -69.41 30.25 -26.99
N ASN T 33 -68.61 29.95 -25.96
CA ASN T 33 -68.87 30.46 -24.62
C ASN T 33 -68.23 31.81 -24.29
N ARG T 34 -67.57 32.42 -25.26
CA ARG T 34 -66.98 33.73 -25.04
C ARG T 34 -68.00 34.70 -25.63
N TRP T 35 -68.96 34.12 -26.34
CA TRP T 35 -70.06 34.86 -26.96
C TRP T 35 -71.25 34.81 -26.01
N ARG T 36 -71.53 33.62 -25.49
CA ARG T 36 -72.63 33.40 -24.53
C ARG T 36 -72.38 34.29 -23.31
N ARG T 37 -71.16 34.79 -23.21
CA ARG T 37 -70.76 35.67 -22.12
C ARG T 37 -71.34 37.05 -22.34
N MET T 38 -71.69 37.33 -23.59
CA MET T 38 -72.26 38.62 -23.96
C MET T 38 -73.69 38.80 -23.44
N GLN T 39 -74.56 37.83 -23.73
CA GLN T 39 -75.95 37.89 -23.29
C GLN T 39 -76.09 37.64 -21.78
N LEU T 40 -75.54 38.56 -20.98
CA LEU T 40 -75.58 38.48 -19.52
C LEU T 40 -75.58 39.89 -18.93
N GLN T 41 -76.12 40.04 -17.73
CA GLN T 41 -76.19 41.34 -17.08
C GLN T 41 -74.83 41.96 -16.83
N GLU T 42 -74.66 42.62 -15.68
CA GLU T 42 -73.40 43.26 -15.35
C GLU T 42 -72.54 42.40 -14.42
N PRO T 43 -73.12 41.89 -13.32
CA PRO T 43 -72.34 41.06 -12.40
C PRO T 43 -71.75 39.82 -13.11
N LEU T 44 -72.64 38.93 -13.56
CA LEU T 44 -72.22 37.72 -14.24
C LEU T 44 -71.76 37.98 -15.68
N ARG T 45 -70.91 38.96 -15.88
CA ARG T 45 -70.43 39.27 -17.23
C ARG T 45 -69.01 39.81 -17.25
N HIS T 46 -68.68 40.72 -16.34
CA HIS T 46 -67.34 41.26 -16.30
C HIS T 46 -66.41 40.32 -15.54
N GLU T 47 -66.97 39.22 -15.06
CA GLU T 47 -66.21 38.21 -14.35
C GLU T 47 -66.63 36.80 -14.76
N VAL T 48 -65.87 36.25 -15.71
CA VAL T 48 -66.09 34.92 -16.23
C VAL T 48 -65.01 34.69 -17.29
N THR T 49 -63.78 34.49 -16.78
CA THR T 49 -62.62 34.26 -17.64
C THR T 49 -62.79 33.05 -18.55
N PRO T 50 -62.34 33.17 -19.81
CA PRO T 50 -62.44 32.07 -20.77
C PRO T 50 -61.70 30.83 -20.29
N LYS T 51 -62.29 29.67 -20.51
CA LYS T 51 -61.67 28.40 -20.11
C LYS T 51 -60.55 28.09 -21.10
N ASN T 52 -59.35 28.63 -20.84
CA ASN T 52 -58.20 28.43 -21.71
C ASN T 52 -57.94 26.97 -22.08
N ILE T 53 -57.22 26.78 -23.20
CA ILE T 53 -56.93 25.45 -23.70
C ILE T 53 -55.45 25.08 -23.77
N LEU T 54 -55.18 23.79 -23.55
CA LEU T 54 -53.82 23.23 -23.59
C LEU T 54 -53.82 22.05 -24.55
N MET T 55 -53.20 22.22 -25.71
CA MET T 55 -53.12 21.17 -26.71
C MET T 55 -51.85 20.34 -26.60
N ILE T 56 -52.04 19.07 -26.26
CA ILE T 56 -50.94 18.13 -26.11
C ILE T 56 -50.91 17.19 -27.30
N GLY T 57 -49.86 17.34 -28.12
CA GLY T 57 -49.72 16.49 -29.31
C GLY T 57 -48.38 16.60 -30.03
N PRO T 58 -48.05 15.63 -30.90
CA PRO T 58 -46.79 15.61 -31.67
C PRO T 58 -46.43 16.93 -32.37
N THR T 59 -45.64 16.81 -33.44
CA THR T 59 -45.23 17.97 -34.21
C THR T 59 -45.72 17.79 -35.65
N GLY T 60 -46.61 18.68 -36.07
CA GLY T 60 -47.16 18.60 -37.41
C GLY T 60 -48.47 17.84 -37.45
N VAL T 61 -49.22 17.89 -36.36
CA VAL T 61 -50.50 17.19 -36.28
C VAL T 61 -51.68 18.15 -36.38
N GLY T 62 -51.39 19.45 -36.23
CA GLY T 62 -52.46 20.43 -36.33
C GLY T 62 -52.79 21.18 -35.05
N LYS T 63 -51.76 21.53 -34.27
CA LYS T 63 -51.98 22.26 -33.03
C LYS T 63 -52.08 23.76 -33.32
N THR T 64 -51.37 24.20 -34.35
CA THR T 64 -51.36 25.60 -34.74
C THR T 64 -52.47 25.92 -35.76
N GLU T 65 -52.77 24.96 -36.61
CA GLU T 65 -53.81 25.14 -37.62
C GLU T 65 -55.15 25.45 -36.96
N ILE T 66 -55.57 24.57 -36.06
CA ILE T 66 -56.84 24.74 -35.35
C ILE T 66 -56.91 26.06 -34.56
N ALA T 67 -55.78 26.71 -34.37
CA ALA T 67 -55.77 27.98 -33.63
C ALA T 67 -55.83 29.12 -34.62
N ARG T 68 -55.41 28.85 -35.85
CA ARG T 68 -55.40 29.84 -36.91
C ARG T 68 -56.74 29.85 -37.66
N ARG T 69 -57.26 28.66 -37.95
CA ARG T 69 -58.53 28.52 -38.64
C ARG T 69 -59.67 28.76 -37.66
N LEU T 70 -59.38 29.54 -36.64
CA LEU T 70 -60.36 29.87 -35.62
C LEU T 70 -60.08 31.32 -35.23
N ALA T 71 -59.30 31.99 -36.08
CA ALA T 71 -58.94 33.40 -35.88
C ALA T 71 -59.49 34.15 -37.08
N LYS T 72 -59.72 33.41 -38.16
CA LYS T 72 -60.27 33.96 -39.39
C LYS T 72 -61.71 33.48 -39.52
N LEU T 73 -61.91 32.18 -39.28
CA LEU T 73 -63.25 31.58 -39.36
C LEU T 73 -64.02 31.83 -38.07
N ALA T 74 -63.83 33.04 -37.54
CA ALA T 74 -64.47 33.50 -36.32
C ALA T 74 -64.06 34.97 -36.20
N ASN T 75 -63.09 35.35 -37.02
CA ASN T 75 -62.54 36.71 -37.09
C ASN T 75 -62.22 37.35 -35.75
N ALA T 76 -60.93 37.42 -35.44
CA ALA T 76 -60.45 38.00 -34.18
C ALA T 76 -58.94 38.13 -34.24
N PRO T 77 -58.37 39.08 -33.48
CA PRO T 77 -56.91 39.29 -33.45
C PRO T 77 -56.18 38.02 -33.00
N PHE T 78 -55.23 37.56 -33.83
CA PHE T 78 -54.48 36.35 -33.54
C PHE T 78 -52.98 36.64 -33.45
N ILE T 79 -52.26 35.73 -32.80
CA ILE T 79 -50.82 35.87 -32.63
C ILE T 79 -50.21 34.61 -32.04
N LYS T 80 -49.10 34.15 -32.60
CA LYS T 80 -48.44 32.95 -32.08
C LYS T 80 -47.06 33.32 -31.51
N VAL T 81 -46.76 32.75 -30.35
CA VAL T 81 -45.49 33.01 -29.67
C VAL T 81 -44.91 31.74 -29.04
N GLU T 82 -43.59 31.60 -29.08
CA GLU T 82 -42.91 30.45 -28.53
C GLU T 82 -41.88 30.91 -27.50
N ALA T 83 -42.02 30.44 -26.26
CA ALA T 83 -41.07 30.81 -25.20
C ALA T 83 -39.64 30.43 -25.57
N GLU T 95 -39.35 40.43 -24.05
CA GLU T 95 -40.43 41.00 -23.27
C GLU T 95 -41.69 40.11 -23.29
N VAL T 96 -42.55 40.26 -22.30
CA VAL T 96 -43.78 39.46 -22.21
C VAL T 96 -45.03 40.28 -22.51
N ASP T 97 -45.02 41.55 -22.16
CA ASP T 97 -46.16 42.43 -22.38
C ASP T 97 -46.26 42.85 -23.85
N SER T 98 -45.20 42.58 -24.61
CA SER T 98 -45.18 42.93 -26.03
C SER T 98 -45.88 41.85 -26.84
N ILE T 99 -46.62 40.99 -26.16
CA ILE T 99 -47.37 39.92 -26.83
C ILE T 99 -48.77 40.48 -27.04
N ILE T 100 -49.10 41.48 -26.23
CA ILE T 100 -50.40 42.14 -26.31
C ILE T 100 -50.27 43.34 -27.25
N ARG T 101 -49.11 43.97 -27.24
CA ARG T 101 -48.87 45.12 -28.10
C ARG T 101 -48.84 44.68 -29.56
N ASP T 102 -48.78 43.37 -29.79
CA ASP T 102 -48.77 42.81 -31.15
C ASP T 102 -50.15 42.27 -31.50
N LEU T 103 -50.96 42.00 -30.48
CA LEU T 103 -52.32 41.50 -30.68
C LEU T 103 -53.19 42.70 -31.06
N THR T 104 -52.71 43.88 -30.71
CA THR T 104 -53.38 45.13 -31.00
C THR T 104 -53.02 45.63 -32.40
N ASP T 105 -51.76 45.46 -32.78
CA ASP T 105 -51.27 45.86 -34.09
C ASP T 105 -51.80 44.92 -35.17
N SER T 106 -52.49 43.86 -34.74
CA SER T 106 -53.06 42.88 -35.64
C SER T 106 -54.58 43.03 -35.68
N ALA T 107 -55.07 44.14 -35.13
CA ALA T 107 -56.49 44.42 -35.11
C ALA T 107 -56.75 45.62 -36.04
N MET T 108 -55.66 46.18 -36.56
CA MET T 108 -55.71 47.31 -37.49
C MET T 108 -55.94 46.71 -38.87
N LYS T 109 -56.24 45.42 -38.89
CA LYS T 109 -56.49 44.68 -40.11
C LYS T 109 -57.79 43.89 -39.99
N LEU T 110 -58.67 44.38 -39.12
CA LEU T 110 -59.97 43.77 -38.88
C LEU T 110 -60.96 44.92 -38.68
N VAL T 111 -60.40 46.10 -38.44
CA VAL T 111 -61.18 47.32 -38.22
C VAL T 111 -60.87 48.35 -39.32
N ARG T 112 -59.59 48.60 -39.57
CA ARG T 112 -59.19 49.54 -40.59
C ARG T 112 -59.30 48.89 -41.97
N GLN T 113 -59.85 47.67 -41.98
CA GLN T 113 -60.04 46.92 -43.21
C GLN T 113 -61.53 46.62 -43.40
N GLN T 114 -62.29 46.65 -42.30
CA GLN T 114 -63.72 46.39 -42.38
C GLN T 114 -64.52 47.70 -42.42
N GLU T 115 -64.02 48.74 -41.76
CA GLU T 115 -64.68 50.04 -41.74
C GLU T 115 -64.19 50.82 -42.96
N ILE T 116 -64.33 50.20 -44.11
CA ILE T 116 -63.95 50.77 -45.39
C ILE T 116 -64.56 49.84 -46.45
N ALA T 117 -64.86 48.62 -46.02
CA ALA T 117 -65.46 47.60 -46.88
C ALA T 117 -66.98 47.63 -46.75
N LYS T 118 -67.49 48.66 -46.08
CA LYS T 118 -68.92 48.85 -45.88
C LYS T 118 -69.16 50.33 -45.58
N ASN T 119 -68.08 51.03 -45.22
CA ASN T 119 -68.13 52.45 -44.92
C ASN T 119 -67.64 53.23 -46.14
N ARG T 120 -68.56 53.54 -47.04
CA ARG T 120 -68.25 54.29 -48.27
C ARG T 120 -69.52 54.73 -49.01
N LYS T 233 -60.54 59.56 -46.47
CA LYS T 233 -61.70 60.36 -46.12
C LYS T 233 -62.26 59.95 -44.76
N LEU T 234 -62.73 60.92 -43.98
CA LEU T 234 -63.31 60.66 -42.67
C LEU T 234 -62.34 59.87 -41.77
N ILE T 235 -61.20 60.48 -41.46
CA ILE T 235 -60.19 59.83 -40.63
C ILE T 235 -60.80 59.34 -39.31
N ASN T 236 -60.99 60.26 -38.38
CA ASN T 236 -61.58 59.94 -37.07
C ASN T 236 -60.61 59.11 -36.21
N PRO T 237 -59.45 59.70 -35.84
CA PRO T 237 -58.43 59.02 -35.02
C PRO T 237 -58.92 58.56 -33.64
N GLU T 238 -59.25 59.53 -32.79
CA GLU T 238 -59.71 59.26 -31.42
C GLU T 238 -60.78 58.17 -31.30
N GLU T 239 -61.41 57.82 -32.41
CA GLU T 239 -62.45 56.78 -32.41
C GLU T 239 -61.85 55.37 -32.40
N LEU T 240 -60.79 55.18 -33.18
CA LEU T 240 -60.13 53.88 -33.28
C LEU T 240 -59.53 53.45 -31.93
N LYS T 241 -59.12 54.44 -31.14
CA LYS T 241 -58.54 54.20 -29.81
C LYS T 241 -59.68 53.86 -28.84
N GLN T 242 -60.67 53.13 -29.35
CA GLN T 242 -61.84 52.73 -28.55
C GLN T 242 -62.69 51.78 -29.40
N LYS T 243 -62.54 51.90 -30.72
CA LYS T 243 -63.30 51.08 -31.66
C LYS T 243 -62.59 49.75 -31.91
N ALA T 244 -61.26 49.80 -31.98
CA ALA T 244 -60.47 48.61 -32.23
C ALA T 244 -60.06 47.86 -30.96
N ILE T 245 -59.78 48.60 -29.90
CA ILE T 245 -59.37 48.00 -28.63
C ILE T 245 -60.50 47.18 -27.99
N ASP T 246 -61.75 47.51 -28.35
CA ASP T 246 -62.91 46.78 -27.84
C ASP T 246 -63.04 45.44 -28.56
N ALA T 247 -62.21 45.26 -29.59
CA ALA T 247 -62.20 44.04 -30.39
C ALA T 247 -61.15 43.07 -29.83
N VAL T 248 -60.15 43.61 -29.14
CA VAL T 248 -59.09 42.80 -28.53
C VAL T 248 -59.57 42.26 -27.18
N GLU T 249 -59.95 43.16 -26.28
CA GLU T 249 -60.44 42.78 -24.95
C GLU T 249 -61.55 41.74 -25.02
N GLN T 250 -62.24 41.69 -26.16
CA GLN T 250 -63.33 40.73 -26.34
C GLN T 250 -62.85 39.57 -27.20
N ASN T 251 -62.48 39.87 -28.43
CA ASN T 251 -61.98 38.86 -29.36
C ASN T 251 -60.47 38.89 -29.33
N GLY T 252 -59.87 37.96 -28.60
CA GLY T 252 -58.43 37.90 -28.51
C GLY T 252 -57.94 36.48 -28.33
N ILE T 253 -57.18 36.00 -29.30
CA ILE T 253 -56.66 34.64 -29.24
C ILE T 253 -55.12 34.64 -29.26
N VAL T 254 -54.54 34.39 -28.09
CA VAL T 254 -53.09 34.34 -27.95
C VAL T 254 -52.66 32.86 -27.91
N PHE T 255 -51.83 32.49 -28.87
CA PHE T 255 -51.36 31.11 -28.99
C PHE T 255 -49.91 30.94 -28.58
N ILE T 256 -49.68 30.09 -27.59
CA ILE T 256 -48.32 29.83 -27.11
C ILE T 256 -47.84 28.46 -27.57
N ASP T 257 -47.04 28.44 -28.64
CA ASP T 257 -46.52 27.19 -29.15
C ASP T 257 -45.29 26.80 -28.34
N GLU T 258 -45.15 25.48 -28.12
CA GLU T 258 -44.04 24.95 -27.35
C GLU T 258 -43.96 25.64 -26.00
N ILE T 259 -44.84 25.21 -25.09
CA ILE T 259 -44.88 25.78 -23.74
C ILE T 259 -44.19 24.79 -22.81
N ASP T 260 -44.09 23.54 -23.27
CA ASP T 260 -43.45 22.49 -22.49
C ASP T 260 -41.96 22.78 -22.41
N LYS T 261 -41.50 23.70 -23.24
CA LYS T 261 -40.10 24.09 -23.29
C LYS T 261 -39.69 25.03 -22.17
N ILE T 262 -40.56 25.21 -21.17
CA ILE T 262 -40.24 26.09 -20.05
C ILE T 262 -40.68 25.49 -18.72
N CYS T 263 -40.37 24.22 -18.51
CA CYS T 263 -40.73 23.54 -17.28
C CYS T 263 -39.50 23.20 -16.43
N LYS T 264 -39.76 22.81 -15.18
CA LYS T 264 -38.71 22.42 -14.26
C LYS T 264 -38.21 21.03 -14.70
N LYS T 265 -37.02 21.01 -15.30
CA LYS T 265 -36.42 19.75 -15.80
C LYS T 265 -37.37 19.06 -16.78
N SER T 269 -33.42 20.75 -19.23
CA SER T 269 -33.17 21.55 -18.04
C SER T 269 -32.50 20.70 -16.96
N GLY T 270 -31.20 20.92 -16.76
CA GLY T 270 -30.47 20.16 -15.75
C GLY T 270 -29.47 21.02 -15.00
N ALA T 271 -29.52 22.33 -15.24
CA ALA T 271 -28.61 23.28 -14.58
C ALA T 271 -29.34 24.49 -13.99
N ASP T 272 -29.93 25.31 -14.86
CA ASP T 272 -30.66 26.50 -14.41
C ASP T 272 -32.17 26.42 -14.60
N VAL T 273 -32.89 27.15 -13.76
CA VAL T 273 -34.35 27.20 -13.81
C VAL T 273 -34.84 28.65 -13.90
N SER T 274 -34.51 29.30 -15.01
CA SER T 274 -34.93 30.67 -15.27
C SER T 274 -36.07 30.59 -16.29
N ARG T 275 -36.29 29.40 -16.82
CA ARG T 275 -37.35 29.14 -17.77
C ARG T 275 -38.66 29.17 -16.99
N GLU T 276 -38.52 29.09 -15.67
CA GLU T 276 -39.67 29.11 -14.78
C GLU T 276 -39.89 30.57 -14.36
N GLY T 277 -39.08 31.44 -14.96
CA GLY T 277 -39.20 32.87 -14.69
C GLY T 277 -40.08 33.43 -15.78
N VAL T 278 -39.95 32.85 -16.97
CA VAL T 278 -40.75 33.24 -18.12
C VAL T 278 -42.19 32.82 -17.83
N GLN T 279 -42.32 31.63 -17.25
CA GLN T 279 -43.63 31.09 -16.90
C GLN T 279 -44.26 31.96 -15.81
N ARG T 280 -43.44 32.83 -15.22
CA ARG T 280 -43.89 33.72 -14.15
C ARG T 280 -44.26 35.12 -14.68
N ASP T 281 -43.55 35.59 -15.70
CA ASP T 281 -43.81 36.90 -16.29
C ASP T 281 -45.00 36.79 -17.24
N LEU T 282 -45.26 35.55 -17.66
CA LEU T 282 -46.35 35.23 -18.56
C LEU T 282 -47.59 34.88 -17.75
N LEU T 283 -47.58 35.26 -16.48
CA LEU T 283 -48.70 34.96 -15.59
C LEU T 283 -49.71 36.09 -15.52
N PRO T 284 -49.23 37.34 -15.36
CA PRO T 284 -50.17 38.46 -15.29
C PRO T 284 -51.11 38.53 -16.49
N LEU T 285 -50.70 37.97 -17.62
CA LEU T 285 -51.52 37.97 -18.83
C LEU T 285 -52.65 36.95 -18.81
N VAL T 286 -52.33 35.67 -18.58
CA VAL T 286 -53.35 34.64 -18.55
C VAL T 286 -54.30 34.86 -17.36
N GLU T 287 -53.87 35.69 -16.41
CA GLU T 287 -54.68 36.00 -15.24
C GLU T 287 -55.60 37.18 -15.56
N GLY T 288 -55.01 38.35 -15.73
CA GLY T 288 -55.79 39.54 -16.03
C GLY T 288 -55.12 40.81 -15.54
N SER T 289 -54.50 41.53 -16.45
CA SER T 289 -53.83 42.78 -16.12
C SER T 289 -54.19 43.84 -17.15
N THR T 290 -53.45 44.94 -17.15
CA THR T 290 -53.70 46.01 -18.10
C THR T 290 -52.44 46.42 -18.84
N VAL T 291 -52.23 45.82 -20.00
CA VAL T 291 -51.07 46.12 -20.83
C VAL T 291 -51.22 47.50 -21.45
N SER T 292 -50.17 48.32 -21.40
CA SER T 292 -50.23 49.66 -21.97
C SER T 292 -49.63 49.72 -23.38
N THR T 293 -50.50 49.67 -24.39
CA THR T 293 -50.07 49.73 -25.78
C THR T 293 -50.11 51.17 -26.28
N LYS T 294 -49.74 51.36 -27.55
CA LYS T 294 -49.73 52.70 -28.14
C LYS T 294 -51.13 53.14 -28.58
N HIS T 295 -52.14 52.34 -28.25
CA HIS T 295 -53.52 52.64 -28.58
C HIS T 295 -54.35 52.83 -27.33
N GLY T 296 -53.72 52.66 -26.16
CA GLY T 296 -54.43 52.83 -24.91
C GLY T 296 -54.29 51.65 -23.97
N MET T 297 -54.99 51.73 -22.83
CA MET T 297 -54.95 50.67 -21.82
C MET T 297 -55.89 49.53 -22.16
N VAL T 298 -55.35 48.48 -22.75
CA VAL T 298 -56.13 47.30 -23.14
C VAL T 298 -56.05 46.21 -22.06
N LYS T 299 -57.20 45.86 -21.51
CA LYS T 299 -57.30 44.83 -20.48
C LYS T 299 -57.09 43.46 -21.14
N THR T 300 -56.84 42.44 -20.32
CA THR T 300 -56.61 41.09 -20.85
C THR T 300 -57.52 40.03 -20.22
N ASP T 301 -58.06 40.37 -19.05
CA ASP T 301 -58.94 39.46 -18.30
C ASP T 301 -59.80 38.52 -19.13
N HIS T 302 -60.27 38.97 -20.28
CA HIS T 302 -61.16 38.14 -21.09
C HIS T 302 -60.54 37.51 -22.33
N ILE T 303 -59.26 37.74 -22.56
CA ILE T 303 -58.61 37.17 -23.73
C ILE T 303 -58.61 35.66 -23.58
N LEU T 304 -58.62 34.95 -24.70
CA LEU T 304 -58.61 33.50 -24.71
C LEU T 304 -57.25 32.97 -25.11
N PHE T 305 -56.54 32.36 -24.18
CA PHE T 305 -55.21 31.83 -24.45
C PHE T 305 -55.22 30.32 -24.74
N ILE T 306 -54.43 29.92 -25.73
CA ILE T 306 -54.30 28.52 -26.10
C ILE T 306 -52.82 28.19 -26.19
N ALA T 307 -52.35 27.25 -25.38
CA ALA T 307 -50.95 26.84 -25.37
C ALA T 307 -50.78 25.41 -25.87
N SER T 308 -49.77 25.20 -26.70
CA SER T 308 -49.48 23.87 -27.24
C SER T 308 -48.16 23.33 -26.72
N GLY T 309 -48.01 22.02 -26.79
CA GLY T 309 -46.78 21.42 -26.32
C GLY T 309 -46.69 19.95 -26.68
N ALA T 310 -45.46 19.49 -26.85
CA ALA T 310 -45.21 18.09 -27.19
C ALA T 310 -45.40 17.28 -25.91
N PHE T 311 -44.88 17.81 -24.81
CA PHE T 311 -44.98 17.15 -23.51
C PHE T 311 -44.63 15.68 -23.58
N GLN T 312 -43.40 15.40 -24.03
CA GLN T 312 -42.89 14.05 -24.17
C GLN T 312 -41.85 13.83 -23.07
N VAL T 313 -41.15 14.91 -22.73
CA VAL T 313 -40.13 14.89 -21.70
C VAL T 313 -40.77 15.26 -20.37
N ALA T 314 -41.53 16.36 -20.38
CA ALA T 314 -42.21 16.84 -19.18
C ALA T 314 -43.68 16.40 -19.15
N ARG T 315 -44.39 16.87 -18.13
CA ARG T 315 -45.81 16.57 -17.99
C ARG T 315 -46.50 17.90 -17.69
N PRO T 316 -47.80 18.00 -17.97
CA PRO T 316 -48.54 19.24 -17.71
C PRO T 316 -48.34 19.75 -16.28
N SER T 317 -48.35 18.81 -15.34
CA SER T 317 -48.18 19.12 -13.92
C SER T 317 -46.81 19.70 -13.56
N ASP T 318 -45.92 19.78 -14.54
CA ASP T 318 -44.58 20.32 -14.29
C ASP T 318 -44.59 21.84 -14.45
N LEU T 319 -45.79 22.40 -14.54
CA LEU T 319 -45.96 23.84 -14.68
C LEU T 319 -46.39 24.38 -13.31
N ILE T 320 -45.95 25.59 -12.98
CA ILE T 320 -46.29 26.19 -11.69
C ILE T 320 -47.79 26.06 -11.42
N PRO T 321 -48.15 25.50 -10.26
CA PRO T 321 -49.55 25.31 -9.87
C PRO T 321 -50.38 26.60 -9.98
N GLU T 322 -49.70 27.73 -9.85
CA GLU T 322 -50.33 29.04 -9.92
C GLU T 322 -50.58 29.42 -11.38
N LEU T 323 -50.88 28.42 -12.20
CA LEU T 323 -51.14 28.60 -13.63
C LEU T 323 -51.65 27.29 -14.25
N GLN T 324 -51.82 26.26 -13.43
CA GLN T 324 -52.35 25.00 -13.94
C GLN T 324 -53.86 25.11 -13.90
N GLY T 325 -54.34 25.93 -12.96
CA GLY T 325 -55.77 26.14 -12.80
C GLY T 325 -56.29 27.29 -13.64
N ARG T 326 -55.44 27.81 -14.52
CA ARG T 326 -55.80 28.89 -15.43
C ARG T 326 -55.71 28.35 -16.86
N LEU T 327 -55.88 27.03 -16.97
CA LEU T 327 -55.84 26.31 -18.25
C LEU T 327 -56.63 25.01 -18.05
N PRO T 328 -57.88 25.11 -17.59
CA PRO T 328 -58.78 23.97 -17.34
C PRO T 328 -58.98 22.97 -18.46
N ILE T 329 -58.97 23.43 -19.70
CA ILE T 329 -59.17 22.53 -20.83
C ILE T 329 -57.90 21.79 -21.26
N ARG T 330 -57.96 20.47 -21.14
CA ARG T 330 -56.85 19.61 -21.52
C ARG T 330 -57.27 18.75 -22.70
N VAL T 331 -56.79 19.09 -23.90
CA VAL T 331 -57.12 18.33 -25.09
C VAL T 331 -55.87 17.67 -25.68
N GLU T 332 -55.96 16.37 -25.95
CA GLU T 332 -54.82 15.63 -26.49
C GLU T 332 -55.00 15.23 -27.95
N LEU T 333 -54.20 15.80 -28.84
CA LEU T 333 -54.29 15.49 -30.26
C LEU T 333 -53.47 14.24 -30.56
N THR T 334 -53.87 13.48 -31.58
CA THR T 334 -53.15 12.27 -31.95
C THR T 334 -52.22 12.53 -33.14
N ALA T 335 -51.33 11.57 -33.40
CA ALA T 335 -50.40 11.70 -34.51
C ALA T 335 -51.13 11.31 -35.79
N LEU T 336 -50.50 11.56 -36.93
CA LEU T 336 -51.11 11.27 -38.22
C LEU T 336 -50.60 9.96 -38.81
N SER T 337 -51.52 9.01 -39.03
CA SER T 337 -51.17 7.71 -39.59
C SER T 337 -50.98 7.73 -41.10
N ALA T 338 -51.00 6.54 -41.70
CA ALA T 338 -50.84 6.41 -43.14
C ALA T 338 -52.09 6.92 -43.84
N ALA T 339 -53.25 6.49 -43.35
CA ALA T 339 -54.53 6.90 -43.92
C ALA T 339 -54.79 8.38 -43.70
N ASP T 340 -54.39 8.88 -42.53
CA ASP T 340 -54.55 10.30 -42.18
C ASP T 340 -53.71 11.21 -43.08
N PHE T 341 -52.63 10.68 -43.63
CA PHE T 341 -51.74 11.44 -44.51
C PHE T 341 -52.30 11.43 -45.92
N GLU T 342 -53.15 10.44 -46.18
CA GLU T 342 -53.77 10.26 -47.49
C GLU T 342 -54.85 11.32 -47.69
N ARG T 343 -55.64 11.54 -46.65
CA ARG T 343 -56.71 12.52 -46.66
C ARG T 343 -56.21 13.94 -46.63
N ILE T 344 -55.23 14.24 -45.78
CA ILE T 344 -54.67 15.59 -45.68
C ILE T 344 -54.08 16.05 -47.01
N LEU T 345 -53.87 15.11 -47.92
CA LEU T 345 -53.29 15.41 -49.21
C LEU T 345 -54.31 15.94 -50.23
N THR T 346 -55.60 15.70 -49.99
CA THR T 346 -56.65 16.15 -50.91
C THR T 346 -57.82 16.93 -50.28
N GLU T 347 -58.57 16.28 -49.39
CA GLU T 347 -59.73 16.87 -48.73
C GLU T 347 -59.60 18.32 -48.25
N PRO T 348 -58.50 18.67 -47.58
CA PRO T 348 -58.37 20.05 -47.12
C PRO T 348 -58.38 21.06 -48.25
N HIS T 349 -59.00 22.22 -48.01
CA HIS T 349 -59.06 23.27 -49.02
C HIS T 349 -57.62 23.70 -49.28
N ALA T 350 -57.26 23.86 -50.55
CA ALA T 350 -55.91 24.25 -50.90
C ALA T 350 -54.92 23.15 -50.53
N SER T 351 -55.35 21.90 -50.69
CA SER T 351 -54.50 20.75 -50.41
C SER T 351 -53.36 20.74 -51.42
N LEU T 352 -52.31 19.97 -51.13
CA LEU T 352 -51.17 19.89 -52.04
C LEU T 352 -51.55 19.37 -53.42
N THR T 353 -52.54 18.48 -53.48
CA THR T 353 -52.98 17.94 -54.76
C THR T 353 -53.57 19.06 -55.61
N GLU T 354 -54.32 19.95 -54.98
CA GLU T 354 -54.94 21.07 -55.68
C GLU T 354 -53.93 22.18 -55.97
N GLN T 355 -53.15 22.55 -54.97
CA GLN T 355 -52.16 23.61 -55.13
C GLN T 355 -51.21 23.37 -56.30
N TYR T 356 -50.91 22.11 -56.57
CA TYR T 356 -50.02 21.78 -57.67
C TYR T 356 -50.79 21.63 -58.97
N LYS T 357 -52.07 21.27 -58.85
CA LYS T 357 -52.94 21.10 -60.02
C LYS T 357 -53.12 22.49 -60.62
N ALA T 358 -53.23 23.50 -59.75
CA ALA T 358 -53.42 24.89 -60.15
C ALA T 358 -52.12 25.58 -60.54
N LEU T 359 -51.08 25.45 -59.72
CA LEU T 359 -49.80 26.09 -60.00
C LEU T 359 -49.16 25.56 -61.28
N MET T 360 -49.67 24.43 -61.76
CA MET T 360 -49.17 23.81 -62.98
C MET T 360 -50.16 23.98 -64.13
N ALA T 361 -51.35 24.48 -63.80
CA ALA T 361 -52.38 24.71 -64.82
C ALA T 361 -52.08 26.07 -65.44
N THR T 362 -51.45 26.94 -64.66
CA THR T 362 -51.08 28.28 -65.12
C THR T 362 -49.97 28.18 -66.16
N GLU T 363 -49.27 27.05 -66.16
CA GLU T 363 -48.20 26.81 -67.11
C GLU T 363 -48.86 26.29 -68.39
N GLY T 364 -50.14 25.96 -68.26
CA GLY T 364 -50.90 25.45 -69.39
C GLY T 364 -50.89 23.93 -69.42
N VAL T 365 -50.55 23.33 -68.27
CA VAL T 365 -50.48 21.88 -68.15
C VAL T 365 -51.49 21.33 -67.14
N ASN T 366 -52.09 20.20 -67.49
CA ASN T 366 -53.06 19.55 -66.61
C ASN T 366 -52.36 18.33 -66.01
N ILE T 367 -52.71 17.98 -64.78
CA ILE T 367 -52.09 16.84 -64.09
C ILE T 367 -53.07 16.01 -63.29
N ALA T 368 -53.02 14.70 -63.47
CA ALA T 368 -53.92 13.78 -62.77
C ALA T 368 -53.24 13.07 -61.60
N PHE T 369 -53.84 13.17 -60.42
CA PHE T 369 -53.33 12.53 -59.21
C PHE T 369 -54.21 11.36 -58.87
N THR T 370 -53.98 10.23 -59.51
CA THR T 370 -54.79 9.04 -59.25
C THR T 370 -54.77 8.67 -57.77
N THR T 371 -55.75 7.87 -57.35
CA THR T 371 -55.86 7.46 -55.94
C THR T 371 -54.82 6.43 -55.50
N ASP T 372 -54.48 5.49 -56.39
CA ASP T 372 -53.48 4.48 -56.03
C ASP T 372 -52.09 5.13 -55.92
N ALA T 373 -52.03 6.40 -56.31
CA ALA T 373 -50.78 7.17 -56.26
C ALA T 373 -50.76 8.15 -55.10
N VAL T 374 -51.91 8.31 -54.44
CA VAL T 374 -52.00 9.20 -53.29
C VAL T 374 -51.62 8.35 -52.09
N LYS T 375 -51.92 7.05 -52.17
CA LYS T 375 -51.58 6.13 -51.11
C LYS T 375 -50.06 6.02 -51.05
N LYS T 376 -49.45 5.94 -52.23
CA LYS T 376 -47.99 5.83 -52.30
C LYS T 376 -47.26 7.15 -52.08
N ILE T 377 -47.96 8.13 -51.51
CA ILE T 377 -47.34 9.42 -51.22
C ILE T 377 -47.59 9.72 -49.76
N ALA T 378 -48.62 9.09 -49.21
CA ALA T 378 -48.98 9.26 -47.82
C ALA T 378 -48.26 8.16 -47.07
N GLU T 379 -48.23 6.98 -47.67
CA GLU T 379 -47.57 5.83 -47.08
C GLU T 379 -46.16 5.75 -47.64
N ALA T 380 -45.59 6.93 -47.90
CA ALA T 380 -44.24 7.07 -48.43
C ALA T 380 -43.64 8.30 -47.78
N ALA T 381 -44.46 9.04 -47.06
CA ALA T 381 -44.02 10.24 -46.35
C ALA T 381 -44.15 9.89 -44.88
N PHE T 382 -44.78 8.74 -44.64
CA PHE T 382 -45.00 8.20 -43.30
C PHE T 382 -43.81 7.30 -43.03
N ARG T 383 -43.43 6.55 -44.06
CA ARG T 383 -42.30 5.63 -44.00
C ARG T 383 -41.05 6.44 -43.61
N VAL T 384 -41.04 7.71 -44.00
CA VAL T 384 -39.92 8.60 -43.71
C VAL T 384 -40.01 9.26 -42.34
N ASN T 385 -41.22 9.33 -41.78
CA ASN T 385 -41.38 9.93 -40.47
C ASN T 385 -41.14 8.92 -39.35
N GLU T 386 -41.05 7.65 -39.71
CA GLU T 386 -40.80 6.60 -38.73
C GLU T 386 -39.41 6.03 -38.92
N LYS T 387 -38.52 6.85 -39.45
CA LYS T 387 -37.13 6.46 -39.68
C LYS T 387 -36.24 7.68 -39.60
N THR T 388 -36.82 8.80 -39.20
CA THR T 388 -36.10 10.07 -39.04
C THR T 388 -36.99 10.89 -38.10
N GLU T 389 -36.70 12.20 -37.97
CA GLU T 389 -37.53 13.02 -37.10
C GLU T 389 -38.95 13.00 -37.64
N ASN T 390 -39.93 12.98 -36.75
CA ASN T 390 -41.32 12.96 -37.15
C ASN T 390 -41.81 14.40 -37.25
N ILE T 391 -41.49 15.06 -38.36
CA ILE T 391 -41.90 16.44 -38.57
C ILE T 391 -43.40 16.62 -38.79
N GLY T 392 -44.12 15.50 -38.89
CA GLY T 392 -45.55 15.56 -39.07
C GLY T 392 -46.00 15.76 -40.50
N ALA T 393 -47.13 16.45 -40.67
CA ALA T 393 -47.68 16.70 -42.01
C ALA T 393 -46.70 17.45 -42.90
N ARG T 394 -45.90 18.35 -42.33
CA ARG T 394 -44.92 19.11 -43.11
C ARG T 394 -43.96 18.22 -43.91
N ARG T 395 -44.07 16.91 -43.71
CA ARG T 395 -43.24 15.93 -44.42
C ARG T 395 -43.75 15.81 -45.85
N LEU T 396 -45.05 16.02 -46.01
CA LEU T 396 -45.69 15.94 -47.31
C LEU T 396 -45.13 17.00 -48.26
N HIS T 397 -44.88 18.20 -47.75
CA HIS T 397 -44.35 19.27 -48.58
C HIS T 397 -42.99 18.93 -49.20
N THR T 398 -42.10 18.36 -48.39
CA THR T 398 -40.76 17.99 -48.84
C THR T 398 -40.80 16.78 -49.77
N VAL T 399 -41.85 15.97 -49.66
CA VAL T 399 -42.00 14.79 -50.49
C VAL T 399 -42.53 15.23 -51.86
N MET T 400 -43.58 16.05 -51.85
CA MET T 400 -44.19 16.56 -53.07
C MET T 400 -43.17 17.34 -53.88
N GLU T 401 -42.43 18.22 -53.19
CA GLU T 401 -41.41 19.02 -53.85
C GLU T 401 -40.37 18.17 -54.59
N ARG T 402 -40.24 16.90 -54.22
CA ARG T 402 -39.29 16.02 -54.89
C ARG T 402 -39.99 15.31 -56.04
N LEU T 403 -41.30 15.17 -55.91
CA LEU T 403 -42.14 14.53 -56.91
C LEU T 403 -42.40 15.52 -58.05
N MET T 404 -42.88 16.70 -57.68
CA MET T 404 -43.19 17.77 -58.64
C MET T 404 -41.90 18.54 -58.93
N ASP T 405 -40.81 17.79 -59.07
CA ASP T 405 -39.50 18.38 -59.34
C ASP T 405 -39.22 18.31 -60.83
N LYS T 406 -39.54 17.17 -61.41
CA LYS T 406 -39.34 16.91 -62.83
C LYS T 406 -40.27 17.78 -63.67
N ILE T 407 -41.51 17.90 -63.21
CA ILE T 407 -42.53 18.68 -63.89
C ILE T 407 -42.40 20.20 -63.73
N SER T 408 -42.25 20.66 -62.49
CA SER T 408 -42.14 22.08 -62.20
C SER T 408 -41.12 22.85 -63.04
N PHE T 409 -40.06 22.18 -63.46
CA PHE T 409 -39.00 22.81 -64.24
C PHE T 409 -39.37 22.99 -65.70
N SER T 410 -39.67 21.88 -66.37
CA SER T 410 -40.04 21.89 -67.78
C SER T 410 -41.55 21.77 -67.99
N ALA T 411 -42.31 22.62 -67.29
CA ALA T 411 -43.76 22.62 -67.39
C ALA T 411 -44.19 23.60 -68.48
N SER T 412 -43.47 24.71 -68.57
CA SER T 412 -43.76 25.74 -69.56
C SER T 412 -43.47 25.19 -70.96
N ASP T 413 -42.34 24.51 -71.09
CA ASP T 413 -41.92 23.95 -72.36
C ASP T 413 -42.68 22.67 -72.73
N MET T 414 -43.81 22.45 -72.07
CA MET T 414 -44.65 21.28 -72.33
C MET T 414 -46.11 21.70 -72.18
N ASN T 415 -46.45 22.81 -72.82
CA ASN T 415 -47.79 23.37 -72.77
C ASN T 415 -48.86 22.46 -73.36
N GLY T 416 -50.03 22.45 -72.72
CA GLY T 416 -51.15 21.64 -73.18
C GLY T 416 -50.95 20.15 -73.15
N GLN T 417 -50.66 19.60 -71.97
CA GLN T 417 -50.46 18.17 -71.82
C GLN T 417 -51.04 17.67 -70.50
N THR T 418 -51.72 16.54 -70.55
CA THR T 418 -52.32 15.94 -69.37
C THR T 418 -51.43 14.79 -68.92
N VAL T 419 -50.63 15.03 -67.87
CA VAL T 419 -49.72 14.01 -67.36
C VAL T 419 -50.39 13.20 -66.25
N ASN T 420 -50.32 11.88 -66.37
CA ASN T 420 -50.91 10.98 -65.39
C ASN T 420 -49.90 10.54 -64.34
N ILE T 421 -50.03 11.10 -63.15
CA ILE T 421 -49.15 10.77 -62.04
C ILE T 421 -49.79 9.62 -61.25
N ASP T 422 -49.31 8.40 -61.53
CA ASP T 422 -49.82 7.19 -60.89
C ASP T 422 -48.74 6.45 -60.10
N ALA T 423 -49.09 5.26 -59.62
CA ALA T 423 -48.16 4.44 -58.85
C ALA T 423 -46.82 4.26 -59.56
N ALA T 424 -46.87 4.07 -60.87
CA ALA T 424 -45.67 3.88 -61.67
C ALA T 424 -44.78 5.13 -61.71
N TYR T 425 -45.41 6.30 -61.70
CA TYR T 425 -44.67 7.55 -61.75
C TYR T 425 -44.08 7.91 -60.39
N VAL T 426 -44.93 7.89 -59.36
CA VAL T 426 -44.51 8.21 -58.01
C VAL T 426 -43.36 7.31 -57.58
N ALA T 427 -43.50 6.01 -57.81
CA ALA T 427 -42.49 5.04 -57.44
C ALA T 427 -41.12 5.44 -57.97
N ASP T 428 -41.01 5.64 -59.27
CA ASP T 428 -39.75 6.03 -59.88
C ASP T 428 -39.72 7.55 -60.06
N ALA T 429 -40.00 8.26 -58.96
CA ALA T 429 -40.00 9.72 -58.98
C ALA T 429 -39.03 10.26 -57.95
N LEU T 430 -38.96 9.59 -56.80
CA LEU T 430 -38.06 9.98 -55.72
C LEU T 430 -36.93 8.97 -55.54
N GLY T 431 -37.27 7.70 -55.43
CA GLY T 431 -36.26 6.67 -55.24
C GLY T 431 -36.53 5.84 -54.01
N GLU T 432 -35.67 5.97 -53.01
CA GLU T 432 -35.82 5.23 -51.76
C GLU T 432 -35.10 5.96 -50.64
N VAL T 433 -35.53 5.75 -49.39
CA VAL T 433 -34.89 6.42 -48.25
C VAL T 433 -34.71 5.52 -47.02
N VAL T 434 -33.63 4.73 -47.00
CA VAL T 434 -33.36 3.85 -45.87
C VAL T 434 -32.55 4.64 -44.84
N GLU T 435 -32.57 4.17 -43.60
CA GLU T 435 -31.86 4.82 -42.49
C GLU T 435 -30.45 5.24 -42.86
N ASN T 436 -29.85 6.10 -42.05
CA ASN T 436 -28.50 6.59 -42.32
C ASN T 436 -27.45 5.48 -42.35
N GLU T 437 -26.65 5.38 -41.29
CA GLU T 437 -25.60 4.36 -41.21
C GLU T 437 -25.27 4.14 -39.74
N ASP T 438 -25.84 4.99 -38.91
CA ASP T 438 -25.69 4.95 -37.45
C ASP T 438 -24.69 3.95 -36.90
N LEU T 439 -25.04 2.67 -36.97
CA LEU T 439 -24.22 1.55 -36.49
C LEU T 439 -22.74 1.58 -36.89
N SER T 440 -22.43 0.93 -38.02
CA SER T 440 -21.07 0.83 -38.55
C SER T 440 -20.16 2.06 -38.35
N ARG T 441 -20.73 3.19 -37.93
CA ARG T 441 -19.93 4.40 -37.73
C ARG T 441 -19.32 4.51 -36.33
N PHE T 442 -20.16 4.58 -35.29
CA PHE T 442 -19.66 4.67 -33.92
C PHE T 442 -20.32 3.69 -32.97
N ILE T 443 -19.94 2.42 -33.11
CA ILE T 443 -20.43 1.32 -32.31
C ILE T 443 -19.36 0.26 -32.46
N LEU T 444 -18.98 -0.43 -31.38
CA LEU T 444 -17.96 -1.46 -31.50
C LEU T 444 -18.55 -2.85 -31.31
N SER U 2 -66.16 59.64 5.09
CA SER U 2 -67.08 59.07 4.05
C SER U 2 -66.64 57.67 3.62
N GLU U 3 -66.67 56.72 4.55
CA GLU U 3 -66.29 55.35 4.26
C GLU U 3 -66.86 54.36 5.27
N MET U 4 -67.07 53.13 4.84
CA MET U 4 -67.64 52.07 5.68
C MET U 4 -66.92 51.81 7.00
N THR U 5 -67.49 50.90 7.77
CA THR U 5 -66.97 50.49 9.06
C THR U 5 -66.38 49.08 8.88
N PRO U 6 -65.39 48.69 9.71
CA PRO U 6 -64.82 47.35 9.57
C PRO U 6 -65.87 46.25 9.56
N ARG U 7 -66.83 46.35 10.47
CA ARG U 7 -67.91 45.37 10.58
C ARG U 7 -68.59 45.17 9.22
N GLU U 8 -68.66 46.24 8.44
CA GLU U 8 -69.30 46.22 7.12
C GLU U 8 -68.39 45.74 6.00
N ILE U 9 -67.11 46.11 6.08
CA ILE U 9 -66.15 45.69 5.06
C ILE U 9 -66.06 44.17 5.09
N VAL U 10 -66.07 43.61 6.31
CA VAL U 10 -66.02 42.17 6.50
C VAL U 10 -67.21 41.53 5.81
N SER U 11 -68.41 41.95 6.22
CA SER U 11 -69.67 41.43 5.69
C SER U 11 -69.84 41.61 4.18
N GLU U 12 -69.16 42.58 3.60
CA GLU U 12 -69.26 42.81 2.17
C GLU U 12 -68.29 41.91 1.41
N LEU U 13 -67.28 41.41 2.13
CA LEU U 13 -66.29 40.52 1.58
C LEU U 13 -66.76 39.07 1.68
N ASP U 14 -67.60 38.79 2.68
CA ASP U 14 -68.13 37.45 2.91
C ASP U 14 -69.06 36.98 1.79
N GLN U 15 -69.11 37.71 0.69
CA GLN U 15 -69.98 37.34 -0.43
C GLN U 15 -69.26 36.84 -1.68
N HIS U 16 -67.96 37.14 -1.79
CA HIS U 16 -67.17 36.71 -2.94
C HIS U 16 -66.05 35.78 -2.47
N ILE U 17 -65.60 35.98 -1.24
CA ILE U 17 -64.53 35.20 -0.63
C ILE U 17 -65.00 34.51 0.65
N ILE U 18 -65.77 33.43 0.50
CA ILE U 18 -66.25 32.71 1.67
C ILE U 18 -65.11 31.90 2.26
N GLY U 19 -65.04 31.88 3.59
CA GLY U 19 -63.97 31.17 4.26
C GLY U 19 -63.05 32.18 4.91
N GLN U 20 -61.86 31.75 5.34
CA GLN U 20 -60.92 32.63 6.01
C GLN U 20 -61.63 33.31 7.17
N ALA U 21 -61.10 34.43 7.62
CA ALA U 21 -61.70 35.14 8.73
C ALA U 21 -60.76 36.25 9.16
N ASP U 22 -59.74 35.87 9.95
CA ASP U 22 -58.75 36.81 10.44
C ASP U 22 -58.17 37.52 9.22
N ALA U 23 -58.33 36.86 8.07
CA ALA U 23 -57.87 37.38 6.80
C ALA U 23 -58.50 38.75 6.57
N LYS U 24 -59.81 38.73 6.40
CA LYS U 24 -60.61 39.94 6.17
C LYS U 24 -60.42 40.94 7.29
N ARG U 25 -60.59 40.49 8.53
CA ARG U 25 -60.45 41.34 9.72
C ARG U 25 -59.25 42.30 9.67
N ALA U 26 -58.05 41.75 9.49
CA ALA U 26 -56.84 42.56 9.44
C ALA U 26 -56.81 43.47 8.20
N VAL U 27 -57.48 43.03 7.14
CA VAL U 27 -57.55 43.81 5.90
C VAL U 27 -58.51 44.97 6.06
N ALA U 28 -59.60 44.71 6.78
CA ALA U 28 -60.62 45.71 7.03
C ALA U 28 -60.03 46.88 7.79
N ILE U 29 -59.50 46.61 8.98
CA ILE U 29 -58.90 47.64 9.81
C ILE U 29 -57.74 48.37 9.11
N ALA U 30 -57.30 47.84 7.97
CA ALA U 30 -56.21 48.44 7.22
C ALA U 30 -56.75 49.62 6.42
N LEU U 31 -58.01 49.49 6.00
CA LEU U 31 -58.71 50.51 5.22
C LEU U 31 -59.35 51.52 6.15
N ARG U 32 -60.02 51.00 7.17
CA ARG U 32 -60.70 51.82 8.16
C ARG U 32 -59.77 52.84 8.82
N ASN U 33 -58.54 52.44 9.11
CA ASN U 33 -57.59 53.34 9.75
C ASN U 33 -56.76 54.21 8.81
N ARG U 34 -57.02 54.13 7.51
CA ARG U 34 -56.30 54.96 6.57
C ARG U 34 -57.26 56.12 6.30
N TRP U 35 -58.49 55.95 6.79
CA TRP U 35 -59.54 56.94 6.66
C TRP U 35 -59.55 57.76 7.96
N ARG U 36 -59.47 57.06 9.09
CA ARG U 36 -59.45 57.70 10.40
C ARG U 36 -58.24 58.62 10.47
N ARG U 37 -57.33 58.44 9.51
CA ARG U 37 -56.12 59.23 9.42
C ARG U 37 -56.47 60.61 8.88
N MET U 38 -57.61 60.69 8.21
CA MET U 38 -58.07 61.93 7.62
C MET U 38 -58.52 62.95 8.68
N GLN U 39 -59.42 62.53 9.56
CA GLN U 39 -59.92 63.41 10.63
C GLN U 39 -58.87 63.66 11.70
N LEU U 40 -57.79 64.34 11.30
CA LEU U 40 -56.70 64.68 12.23
C LEU U 40 -56.06 65.98 11.78
N GLN U 41 -55.44 66.70 12.72
CA GLN U 41 -54.81 67.98 12.42
C GLN U 41 -53.68 67.86 11.39
N GLU U 42 -52.60 68.62 11.60
CA GLU U 42 -51.47 68.60 10.67
C GLU U 42 -50.33 67.69 11.17
N PRO U 43 -49.91 67.86 12.44
CA PRO U 43 -48.83 67.02 12.95
C PRO U 43 -49.19 65.53 12.90
N LEU U 44 -50.22 65.14 13.65
CA LEU U 44 -50.65 63.75 13.69
C LEU U 44 -51.46 63.34 12.44
N ARG U 45 -50.94 63.64 11.26
CA ARG U 45 -51.64 63.28 10.03
C ARG U 45 -50.71 62.99 8.87
N HIS U 46 -49.68 63.82 8.70
CA HIS U 46 -48.73 63.60 7.61
C HIS U 46 -47.71 62.56 8.02
N GLU U 47 -47.84 62.06 9.25
CA GLU U 47 -46.94 61.03 9.76
C GLU U 47 -47.70 59.98 10.56
N VAL U 48 -48.04 58.89 9.88
CA VAL U 48 -48.77 57.77 10.46
C VAL U 48 -48.94 56.76 9.34
N THR U 49 -47.83 56.11 8.99
CA THR U 49 -47.80 55.11 7.94
C THR U 49 -48.78 53.96 8.18
N PRO U 50 -49.46 53.51 7.12
CA PRO U 50 -50.42 52.41 7.24
C PRO U 50 -49.76 51.14 7.76
N LYS U 51 -50.45 50.42 8.62
CA LYS U 51 -49.93 49.18 9.18
C LYS U 51 -50.07 48.09 8.11
N ASN U 52 -49.04 47.97 7.27
CA ASN U 52 -49.02 47.00 6.17
C ASN U 52 -49.35 45.58 6.60
N ILE U 53 -49.80 44.78 5.65
CA ILE U 53 -50.18 43.40 5.94
C ILE U 53 -49.35 42.32 5.23
N LEU U 54 -49.20 41.18 5.90
CA LEU U 54 -48.47 40.02 5.37
C LEU U 54 -49.36 38.79 5.47
N MET U 55 -49.86 38.33 4.33
CA MET U 55 -50.73 37.17 4.31
C MET U 55 -49.98 35.87 4.09
N ILE U 56 -50.03 35.00 5.09
CA ILE U 56 -49.36 33.72 5.06
C ILE U 56 -50.40 32.60 4.85
N GLY U 57 -50.38 31.97 3.69
CA GLY U 57 -51.31 30.90 3.42
C GLY U 57 -50.99 30.12 2.13
N PRO U 58 -51.62 28.94 1.94
CA PRO U 58 -51.43 28.06 0.76
C PRO U 58 -51.58 28.75 -0.60
N THR U 59 -51.94 27.98 -1.62
CA THR U 59 -52.13 28.52 -2.95
C THR U 59 -53.56 28.25 -3.39
N GLY U 60 -54.33 29.32 -3.59
CA GLY U 60 -55.70 29.19 -4.00
C GLY U 60 -56.66 29.22 -2.82
N VAL U 61 -56.27 29.94 -1.77
CA VAL U 61 -57.09 30.04 -0.57
C VAL U 61 -57.74 31.41 -0.45
N GLY U 62 -57.28 32.37 -1.25
CA GLY U 62 -57.86 33.71 -1.22
C GLY U 62 -56.97 34.81 -0.70
N LYS U 63 -55.70 34.78 -1.06
CA LYS U 63 -54.78 35.82 -0.61
C LYS U 63 -54.86 37.01 -1.55
N THR U 64 -55.16 36.74 -2.83
CA THR U 64 -55.27 37.79 -3.83
C THR U 64 -56.69 38.34 -3.93
N GLU U 65 -57.68 37.48 -3.71
CA GLU U 65 -59.08 37.90 -3.77
C GLU U 65 -59.36 39.00 -2.77
N ILE U 66 -59.03 38.75 -1.51
CA ILE U 66 -59.24 39.71 -0.43
C ILE U 66 -58.49 41.03 -0.66
N ALA U 67 -57.55 41.04 -1.60
CA ALA U 67 -56.81 42.26 -1.88
C ALA U 67 -57.45 42.99 -3.06
N ARG U 68 -58.19 42.22 -3.87
CA ARG U 68 -58.87 42.76 -5.05
C ARG U 68 -60.27 43.25 -4.68
N ARG U 69 -60.99 42.45 -3.89
CA ARG U 69 -62.34 42.81 -3.45
C ARG U 69 -62.24 43.84 -2.34
N LEU U 70 -61.15 44.61 -2.34
CA LEU U 70 -60.92 45.65 -1.36
C LEU U 70 -60.26 46.80 -2.10
N ALA U 71 -60.33 46.72 -3.43
CA ALA U 71 -59.77 47.73 -4.32
C ALA U 71 -60.92 48.32 -5.10
N LYS U 72 -62.01 47.55 -5.17
CA LYS U 72 -63.23 47.95 -5.85
C LYS U 72 -64.29 48.26 -4.80
N LEU U 73 -64.42 47.36 -3.82
CA LEU U 73 -65.39 47.53 -2.74
C LEU U 73 -64.82 48.47 -1.68
N ALA U 74 -64.13 49.50 -2.15
CA ALA U 74 -63.51 50.53 -1.33
C ALA U 74 -62.96 51.56 -2.32
N ASN U 75 -62.95 51.15 -3.58
CA ASN U 75 -62.48 51.97 -4.69
C ASN U 75 -61.15 52.69 -4.48
N ALA U 76 -60.09 52.15 -5.08
CA ALA U 76 -58.75 52.71 -4.97
C ALA U 76 -57.84 52.02 -5.98
N PRO U 77 -56.78 52.72 -6.42
CA PRO U 77 -55.81 52.16 -7.38
C PRO U 77 -55.20 50.86 -6.86
N PHE U 78 -55.32 49.80 -7.65
CA PHE U 78 -54.81 48.48 -7.26
C PHE U 78 -53.76 47.99 -8.26
N ILE U 79 -52.92 47.05 -7.83
CA ILE U 79 -51.88 46.48 -8.67
C ILE U 79 -51.22 45.28 -7.99
N LYS U 80 -51.04 44.19 -8.72
CA LYS U 80 -50.40 43.00 -8.16
C LYS U 80 -49.07 42.76 -8.85
N VAL U 81 -48.04 42.45 -8.04
CA VAL U 81 -46.70 42.19 -8.56
C VAL U 81 -46.04 41.02 -7.82
N GLU U 82 -45.27 40.22 -8.57
CA GLU U 82 -44.57 39.07 -8.00
C GLU U 82 -43.08 39.19 -8.29
N ALA U 83 -42.27 39.20 -7.23
CA ALA U 83 -40.82 39.30 -7.40
C ALA U 83 -40.26 38.14 -8.26
N GLU U 95 -37.55 46.61 -13.12
CA GLU U 95 -37.53 47.84 -12.34
C GLU U 95 -38.46 47.74 -11.11
N VAL U 96 -38.18 48.57 -10.09
CA VAL U 96 -38.99 48.56 -8.87
C VAL U 96 -39.89 49.79 -8.75
N ASP U 97 -39.42 50.93 -9.26
CA ASP U 97 -40.18 52.16 -9.21
C ASP U 97 -41.31 52.16 -10.23
N SER U 98 -41.29 51.19 -11.12
CA SER U 98 -42.33 51.08 -12.15
C SER U 98 -43.54 50.34 -11.61
N ILE U 99 -43.59 50.22 -10.29
CA ILE U 99 -44.73 49.56 -9.65
C ILE U 99 -45.68 50.66 -9.24
N ILE U 100 -45.13 51.87 -9.12
CA ILE U 100 -45.88 53.06 -8.76
C ILE U 100 -46.37 53.73 -10.04
N ARG U 101 -45.56 53.64 -11.09
CA ARG U 101 -45.92 54.23 -12.38
C ARG U 101 -47.10 53.48 -12.99
N ASP U 102 -47.42 52.32 -12.42
CA ASP U 102 -48.53 51.50 -12.90
C ASP U 102 -49.74 51.66 -11.98
N LEU U 103 -49.50 52.12 -10.76
CA LEU U 103 -50.56 52.35 -9.80
C LEU U 103 -51.22 53.68 -10.18
N THR U 104 -50.47 54.50 -10.91
CA THR U 104 -50.95 55.80 -11.36
C THR U 104 -51.74 55.65 -12.66
N ASP U 105 -51.28 54.75 -13.53
CA ASP U 105 -51.94 54.49 -14.81
C ASP U 105 -53.22 53.69 -14.58
N SER U 106 -53.45 53.30 -13.34
CA SER U 106 -54.65 52.55 -12.97
C SER U 106 -55.51 53.45 -12.10
N ALA U 107 -55.03 54.66 -11.87
CA ALA U 107 -55.74 55.65 -11.08
C ALA U 107 -56.60 56.47 -12.03
N MET U 108 -56.55 56.09 -13.30
CA MET U 108 -57.33 56.76 -14.35
C MET U 108 -58.56 55.90 -14.65
N LYS U 109 -59.14 55.37 -13.58
CA LYS U 109 -60.33 54.54 -13.66
C LYS U 109 -61.38 55.21 -12.79
N LEU U 110 -61.02 56.37 -12.25
CA LEU U 110 -61.89 57.16 -11.40
C LEU U 110 -61.77 58.63 -11.80
N VAL U 111 -60.54 59.14 -11.79
CA VAL U 111 -60.24 60.53 -12.13
C VAL U 111 -60.64 60.89 -13.56
N ARG U 112 -60.60 59.92 -14.47
CA ARG U 112 -60.96 60.19 -15.85
C ARG U 112 -61.81 59.07 -16.46
N GLN U 113 -62.56 58.36 -15.62
CA GLN U 113 -63.44 57.29 -16.08
C GLN U 113 -64.71 57.33 -15.23
N GLN U 114 -64.64 58.08 -14.14
CA GLN U 114 -65.76 58.25 -13.23
C GLN U 114 -66.03 59.75 -13.10
N GLU U 115 -65.14 60.55 -13.69
CA GLU U 115 -65.26 62.00 -13.69
C GLU U 115 -65.29 62.51 -15.12
N ILE U 116 -65.88 61.69 -15.99
CA ILE U 116 -66.04 62.01 -17.40
C ILE U 116 -67.43 61.50 -17.77
N ALA U 117 -67.97 60.68 -16.88
CA ALA U 117 -69.30 60.10 -17.04
C ALA U 117 -70.16 60.55 -15.86
N LYS U 118 -69.87 61.73 -15.34
CA LYS U 118 -70.59 62.29 -14.21
C LYS U 118 -70.36 63.80 -14.08
N ASN U 119 -69.09 64.20 -14.02
CA ASN U 119 -68.73 65.61 -13.90
C ASN U 119 -68.44 66.20 -15.27
N ARG U 120 -68.78 65.43 -16.31
CA ARG U 120 -68.56 65.85 -17.69
C ARG U 120 -69.33 67.14 -18.01
N LYS U 233 -68.58 65.47 -21.91
CA LYS U 233 -67.91 66.65 -22.45
C LYS U 233 -66.75 67.11 -21.56
N LEU U 234 -66.53 68.43 -21.53
CA LEU U 234 -65.45 69.04 -20.74
C LEU U 234 -64.07 68.57 -21.17
N ILE U 235 -63.26 69.53 -21.64
CA ILE U 235 -61.90 69.25 -22.09
C ILE U 235 -60.92 69.30 -20.90
N ASN U 236 -60.29 70.45 -20.68
CA ASN U 236 -59.33 70.65 -19.59
C ASN U 236 -58.26 69.56 -19.46
N PRO U 237 -57.13 69.73 -20.18
CA PRO U 237 -55.99 68.78 -20.19
C PRO U 237 -55.16 68.77 -18.90
N GLU U 238 -54.27 69.77 -18.77
CA GLU U 238 -53.39 69.89 -17.61
C GLU U 238 -54.15 70.07 -16.30
N GLU U 239 -55.47 70.13 -16.41
CA GLU U 239 -56.35 70.31 -15.26
C GLU U 239 -56.17 69.24 -14.18
N LEU U 240 -56.68 68.04 -14.44
CA LEU U 240 -56.63 66.93 -13.50
C LEU U 240 -55.29 66.22 -13.31
N LYS U 241 -54.20 66.84 -13.75
CA LYS U 241 -52.88 66.22 -13.60
C LYS U 241 -52.50 66.03 -12.14
N GLN U 242 -52.96 66.95 -11.29
CA GLN U 242 -52.68 66.89 -9.86
C GLN U 242 -53.88 66.25 -9.17
N LYS U 243 -54.75 65.63 -9.97
CA LYS U 243 -55.95 64.96 -9.47
C LYS U 243 -55.66 63.46 -9.32
N ALA U 244 -54.74 62.96 -10.14
CA ALA U 244 -54.35 61.56 -10.09
C ALA U 244 -53.50 61.35 -8.85
N ILE U 245 -52.47 62.18 -8.72
CA ILE U 245 -51.54 62.14 -7.59
C ILE U 245 -52.26 62.01 -6.25
N ASP U 246 -53.46 62.59 -6.16
CA ASP U 246 -54.27 62.54 -4.94
C ASP U 246 -54.92 61.18 -4.75
N ALA U 247 -55.47 60.63 -5.83
CA ALA U 247 -56.14 59.34 -5.81
C ALA U 247 -55.18 58.18 -5.57
N VAL U 248 -53.90 58.48 -5.42
CA VAL U 248 -52.89 57.44 -5.20
C VAL U 248 -52.21 57.59 -3.84
N GLU U 249 -51.63 58.76 -3.61
CA GLU U 249 -50.94 59.05 -2.34
C GLU U 249 -51.83 58.75 -1.14
N GLN U 250 -53.15 58.77 -1.35
CA GLN U 250 -54.11 58.49 -0.28
C GLN U 250 -54.63 57.07 -0.41
N ASN U 251 -55.31 56.81 -1.52
CA ASN U 251 -55.86 55.48 -1.78
C ASN U 251 -54.89 54.73 -2.68
N GLY U 252 -54.09 53.86 -2.10
CA GLY U 252 -53.12 53.10 -2.87
C GLY U 252 -52.88 51.74 -2.26
N ILE U 253 -53.23 50.70 -3.00
CA ILE U 253 -53.05 49.33 -2.54
C ILE U 253 -52.12 48.55 -3.46
N VAL U 254 -50.88 48.34 -3.00
CA VAL U 254 -49.88 47.60 -3.75
C VAL U 254 -49.82 46.18 -3.17
N PHE U 255 -50.09 45.20 -4.02
CA PHE U 255 -50.09 43.80 -3.61
C PHE U 255 -48.89 43.03 -4.15
N ILE U 256 -48.08 42.48 -3.24
CA ILE U 256 -46.91 41.71 -3.64
C ILE U 256 -47.15 40.22 -3.42
N ASP U 257 -47.49 39.51 -4.49
CA ASP U 257 -47.74 38.08 -4.42
C ASP U 257 -46.40 37.33 -4.46
N GLU U 258 -46.31 36.25 -3.69
CA GLU U 258 -45.10 35.44 -3.60
C GLU U 258 -43.91 36.34 -3.25
N ILE U 259 -43.81 36.67 -1.97
CA ILE U 259 -42.72 37.51 -1.48
C ILE U 259 -41.72 36.60 -0.79
N ASP U 260 -42.18 35.40 -0.44
CA ASP U 260 -41.32 34.42 0.22
C ASP U 260 -40.29 33.91 -0.78
N LYS U 261 -40.53 34.20 -2.05
CA LYS U 261 -39.64 33.79 -3.13
C LYS U 261 -38.41 34.68 -3.23
N ILE U 262 -38.17 35.52 -2.24
CA ILE U 262 -36.99 36.37 -2.28
C ILE U 262 -36.28 36.47 -0.93
N CYS U 263 -36.10 35.31 -0.29
CA CYS U 263 -35.46 35.25 1.02
C CYS U 263 -34.09 34.58 0.97
N LYS U 264 -33.34 34.72 2.05
CA LYS U 264 -32.02 34.11 2.17
C LYS U 264 -32.24 32.61 2.39
N LYS U 265 -31.99 31.81 1.34
CA LYS U 265 -32.17 30.37 1.40
C LYS U 265 -33.61 30.01 1.78
N SER U 269 -32.83 28.73 -2.91
CA SER U 269 -31.65 29.58 -2.83
C SER U 269 -30.51 28.83 -2.12
N GLY U 270 -29.52 28.38 -2.90
CA GLY U 270 -28.40 27.67 -2.34
C GLY U 270 -27.08 28.05 -2.98
N ALA U 271 -27.12 29.09 -3.83
CA ALA U 271 -25.92 29.57 -4.51
C ALA U 271 -25.75 31.09 -4.42
N ASP U 272 -26.68 31.84 -5.02
CA ASP U 272 -26.60 33.30 -5.00
C ASP U 272 -27.70 33.97 -4.16
N VAL U 273 -27.38 35.15 -3.66
CA VAL U 273 -28.33 35.91 -2.84
C VAL U 273 -28.51 37.33 -3.40
N SER U 274 -29.08 37.39 -4.60
CA SER U 274 -29.35 38.67 -5.26
C SER U 274 -30.85 38.91 -5.13
N ARG U 275 -31.56 37.91 -4.63
CA ARG U 275 -32.99 38.00 -4.40
C ARG U 275 -33.19 38.88 -3.18
N GLU U 276 -32.09 39.10 -2.47
CA GLU U 276 -32.09 39.95 -1.27
C GLU U 276 -31.71 41.36 -1.72
N GLY U 277 -31.55 41.51 -3.03
CA GLY U 277 -31.24 42.81 -3.59
C GLY U 277 -32.55 43.44 -4.00
N VAL U 278 -33.47 42.59 -4.44
CA VAL U 278 -34.81 42.99 -4.86
C VAL U 278 -35.53 43.45 -3.60
N GLN U 279 -35.32 42.71 -2.52
CA GLN U 279 -35.92 43.02 -1.23
C GLN U 279 -35.34 44.33 -0.71
N ARG U 280 -34.27 44.80 -1.36
CA ARG U 280 -33.59 46.03 -0.96
C ARG U 280 -34.03 47.23 -1.81
N ASP U 281 -34.32 46.98 -3.09
CA ASP U 281 -34.77 48.04 -3.99
C ASP U 281 -36.26 48.28 -3.78
N LEU U 282 -36.92 47.30 -3.16
CA LEU U 282 -38.33 47.35 -2.86
C LEU U 282 -38.52 47.91 -1.46
N LEU U 283 -37.49 48.56 -0.95
CA LEU U 283 -37.53 49.12 0.39
C LEU U 283 -37.93 50.59 0.39
N PRO U 284 -37.35 51.41 -0.48
CA PRO U 284 -37.71 52.82 -0.50
C PRO U 284 -39.22 53.04 -0.67
N LEU U 285 -39.91 52.06 -1.24
CA LEU U 285 -41.35 52.16 -1.46
C LEU U 285 -42.19 51.92 -0.20
N VAL U 286 -41.99 50.77 0.44
CA VAL U 286 -42.74 50.47 1.65
C VAL U 286 -42.39 51.44 2.77
N GLU U 287 -41.26 52.15 2.61
CA GLU U 287 -40.81 53.12 3.60
C GLU U 287 -41.46 54.47 3.31
N GLY U 288 -41.07 55.08 2.20
CA GLY U 288 -41.61 56.36 1.83
C GLY U 288 -40.66 57.20 1.01
N SER U 289 -40.88 57.24 -0.30
CA SER U 289 -40.03 58.01 -1.20
C SER U 289 -40.91 58.79 -2.16
N THR U 290 -40.31 59.31 -3.22
CA THR U 290 -41.04 60.08 -4.21
C THR U 290 -40.79 59.57 -5.63
N VAL U 291 -41.64 58.66 -6.09
CA VAL U 291 -41.53 58.09 -7.43
C VAL U 291 -41.92 59.14 -8.46
N SER U 292 -41.12 59.28 -9.51
CA SER U 292 -41.40 60.26 -10.56
C SER U 292 -42.11 59.64 -11.77
N THR U 293 -43.43 59.77 -11.80
CA THR U 293 -44.24 59.24 -12.89
C THR U 293 -44.44 60.32 -13.95
N LYS U 294 -45.17 59.95 -15.01
CA LYS U 294 -45.45 60.88 -16.10
C LYS U 294 -46.59 61.85 -15.76
N HIS U 295 -47.06 61.79 -14.52
CA HIS U 295 -48.14 62.66 -14.07
C HIS U 295 -47.66 63.56 -12.94
N GLY U 296 -46.39 63.41 -12.56
CA GLY U 296 -45.83 64.23 -11.51
C GLY U 296 -45.17 63.45 -10.38
N MET U 297 -44.71 64.16 -9.36
CA MET U 297 -44.04 63.54 -8.22
C MET U 297 -45.05 63.00 -7.22
N VAL U 298 -45.32 61.69 -7.30
CA VAL U 298 -46.26 61.03 -6.41
C VAL U 298 -45.53 60.38 -5.21
N LYS U 299 -45.87 60.83 -4.02
CA LYS U 299 -45.27 60.30 -2.78
C LYS U 299 -45.84 58.92 -2.52
N THR U 300 -45.19 58.15 -1.64
CA THR U 300 -45.64 56.80 -1.33
C THR U 300 -45.86 56.55 0.16
N ASP U 301 -45.26 57.41 0.98
CA ASP U 301 -45.33 57.32 2.44
C ASP U 301 -46.63 56.77 3.02
N HIS U 302 -47.75 57.07 2.38
CA HIS U 302 -49.04 56.64 2.90
C HIS U 302 -49.72 55.49 2.15
N ILE U 303 -49.06 54.96 1.14
CA ILE U 303 -49.65 53.85 0.39
C ILE U 303 -49.73 52.65 1.32
N LEU U 304 -50.71 51.79 1.07
CA LEU U 304 -50.91 50.60 1.88
C LEU U 304 -50.45 49.35 1.12
N PHE U 305 -49.36 48.73 1.59
CA PHE U 305 -48.83 47.54 0.93
C PHE U 305 -49.26 46.25 1.62
N ILE U 306 -49.58 45.26 0.80
CA ILE U 306 -50.00 43.95 1.29
C ILE U 306 -49.20 42.89 0.52
N ALA U 307 -48.41 42.10 1.24
CA ALA U 307 -47.60 41.05 0.63
C ALA U 307 -48.07 39.66 1.04
N SER U 308 -48.12 38.75 0.08
CA SER U 308 -48.54 37.38 0.34
C SER U 308 -47.39 36.41 0.16
N GLY U 309 -47.53 35.22 0.74
CA GLY U 309 -46.48 34.24 0.62
C GLY U 309 -46.90 32.88 1.17
N ALA U 310 -46.35 31.83 0.58
CA ALA U 310 -46.65 30.48 1.02
C ALA U 310 -45.89 30.24 2.31
N PHE U 311 -44.64 30.71 2.35
CA PHE U 311 -43.79 30.57 3.52
C PHE U 311 -43.81 29.15 4.09
N GLN U 312 -43.46 28.19 3.24
CA GLN U 312 -43.43 26.79 3.61
C GLN U 312 -41.97 26.36 3.75
N VAL U 313 -41.12 26.98 2.92
CA VAL U 313 -39.69 26.71 2.93
C VAL U 313 -39.01 27.70 3.87
N ALA U 314 -39.34 28.97 3.71
CA ALA U 314 -38.76 30.03 4.54
C ALA U 314 -39.72 30.44 5.67
N ARG U 315 -39.32 31.45 6.43
CA ARG U 315 -40.12 31.96 7.53
C ARG U 315 -40.14 33.47 7.37
N PRO U 316 -41.13 34.15 7.94
CA PRO U 316 -41.23 35.61 7.84
C PRO U 316 -39.93 36.31 8.27
N SER U 317 -39.32 35.78 9.33
CA SER U 317 -38.08 36.33 9.87
C SER U 317 -36.86 36.20 8.95
N ASP U 318 -37.04 35.54 7.80
CA ASP U 318 -35.95 35.38 6.85
C ASP U 318 -35.88 36.59 5.90
N LEU U 319 -36.62 37.63 6.25
CA LEU U 319 -36.64 38.87 5.46
C LEU U 319 -35.78 39.88 6.20
N ILE U 320 -35.08 40.73 5.47
CA ILE U 320 -34.21 41.73 6.09
C ILE U 320 -34.94 42.45 7.22
N PRO U 321 -34.33 42.51 8.41
CA PRO U 321 -34.93 43.17 9.56
C PRO U 321 -35.35 44.61 9.28
N GLU U 322 -34.67 45.23 8.33
CA GLU U 322 -34.94 46.60 7.94
C GLU U 322 -36.18 46.65 7.03
N LEU U 323 -37.13 45.76 7.30
CA LEU U 323 -38.37 45.66 6.53
C LEU U 323 -39.34 44.68 7.19
N GLN U 324 -38.96 44.15 8.35
CA GLN U 324 -39.86 43.26 9.07
C GLN U 324 -40.76 44.13 9.93
N GLY U 325 -40.21 45.29 10.32
CA GLY U 325 -40.95 46.24 11.15
C GLY U 325 -41.76 47.22 10.33
N ARG U 326 -41.85 46.96 9.03
CA ARG U 326 -42.63 47.81 8.12
C ARG U 326 -43.74 46.95 7.54
N LEU U 327 -44.12 45.92 8.31
CA LEU U 327 -45.17 44.98 7.96
C LEU U 327 -45.70 44.36 9.25
N PRO U 328 -46.10 45.21 10.21
CA PRO U 328 -46.61 44.81 11.52
C PRO U 328 -47.74 43.78 11.55
N ILE U 329 -48.63 43.83 10.58
CA ILE U 329 -49.75 42.90 10.55
C ILE U 329 -49.38 41.54 9.97
N ARG U 330 -49.52 40.51 10.79
CA ARG U 330 -49.24 39.14 10.38
C ARG U 330 -50.52 38.31 10.43
N VAL U 331 -51.11 38.05 9.27
CA VAL U 331 -52.34 37.28 9.21
C VAL U 331 -52.12 35.96 8.50
N GLU U 332 -52.57 34.87 9.12
CA GLU U 332 -52.40 33.55 8.55
C GLU U 332 -53.70 32.94 8.04
N LEU U 333 -53.81 32.76 6.73
CA LEU U 333 -55.00 32.16 6.12
C LEU U 333 -54.89 30.66 6.15
N THR U 334 -56.03 29.97 6.23
CA THR U 334 -56.03 28.52 6.26
C THR U 334 -56.34 27.95 4.88
N ALA U 335 -56.13 26.63 4.72
CA ALA U 335 -56.41 25.96 3.46
C ALA U 335 -57.91 25.69 3.38
N LEU U 336 -58.38 25.32 2.20
CA LEU U 336 -59.80 25.05 1.98
C LEU U 336 -60.12 23.55 2.08
N SER U 337 -60.96 23.19 3.04
CA SER U 337 -61.34 21.79 3.26
C SER U 337 -62.39 21.30 2.28
N ALA U 338 -63.02 20.17 2.62
CA ALA U 338 -64.05 19.58 1.78
C ALA U 338 -65.30 20.45 1.84
N ALA U 339 -65.69 20.83 3.05
CA ALA U 339 -66.86 21.65 3.26
C ALA U 339 -66.67 23.06 2.69
N ASP U 340 -65.46 23.58 2.82
CA ASP U 340 -65.13 24.93 2.34
C ASP U 340 -65.18 25.01 0.81
N PHE U 341 -65.01 23.86 0.16
CA PHE U 341 -65.04 23.80 -1.31
C PHE U 341 -66.48 23.68 -1.78
N GLU U 342 -67.34 23.22 -0.87
CA GLU U 342 -68.75 23.03 -1.14
C GLU U 342 -69.45 24.39 -1.21
N ARG U 343 -69.09 25.26 -0.28
CA ARG U 343 -69.64 26.60 -0.19
C ARG U 343 -69.12 27.53 -1.28
N ILE U 344 -67.81 27.49 -1.54
CA ILE U 344 -67.22 28.35 -2.56
C ILE U 344 -67.83 28.06 -3.94
N LEU U 345 -68.51 26.93 -4.04
CA LEU U 345 -69.13 26.54 -5.30
C LEU U 345 -70.47 27.21 -5.58
N THR U 346 -71.12 27.74 -4.54
CA THR U 346 -72.43 28.39 -4.68
C THR U 346 -72.57 29.79 -4.07
N GLU U 347 -72.42 29.88 -2.75
CA GLU U 347 -72.54 31.14 -2.00
C GLU U 347 -71.91 32.39 -2.63
N PRO U 348 -70.66 32.30 -3.08
CA PRO U 348 -70.06 33.50 -3.68
C PRO U 348 -70.82 34.02 -4.89
N HIS U 349 -70.85 35.34 -5.04
CA HIS U 349 -71.53 35.94 -6.18
C HIS U 349 -70.79 35.49 -7.44
N ALA U 350 -71.54 35.08 -8.45
CA ALA U 350 -70.94 34.61 -9.69
C ALA U 350 -70.19 33.31 -9.45
N SER U 351 -70.74 32.46 -8.58
CA SER U 351 -70.12 31.18 -8.27
C SER U 351 -70.21 30.31 -9.52
N LEU U 352 -69.43 29.23 -9.54
CA LEU U 352 -69.43 28.32 -10.70
C LEU U 352 -70.81 27.72 -10.96
N THR U 353 -71.59 27.48 -9.91
CA THR U 353 -72.91 26.92 -10.08
C THR U 353 -73.78 27.89 -10.86
N GLU U 354 -73.66 29.18 -10.54
CA GLU U 354 -74.44 30.23 -11.20
C GLU U 354 -73.90 30.54 -12.61
N GLN U 355 -72.59 30.70 -12.71
CA GLN U 355 -71.94 31.01 -13.99
C GLN U 355 -72.31 30.01 -15.08
N TYR U 356 -72.49 28.76 -14.71
CA TYR U 356 -72.85 27.73 -15.67
C TYR U 356 -74.35 27.66 -15.88
N LYS U 357 -75.10 28.05 -14.84
CA LYS U 357 -76.55 28.05 -14.89
C LYS U 357 -76.96 29.11 -15.90
N ALA U 358 -76.22 30.22 -15.91
CA ALA U 358 -76.46 31.34 -16.80
C ALA U 358 -75.88 31.15 -18.20
N LEU U 359 -74.62 30.74 -18.29
CA LEU U 359 -73.98 30.53 -19.57
C LEU U 359 -74.64 29.42 -20.38
N MET U 360 -75.47 28.61 -19.72
CA MET U 360 -76.19 27.52 -20.37
C MET U 360 -77.66 27.84 -20.52
N ALA U 361 -78.09 28.94 -19.91
CA ALA U 361 -79.48 29.38 -20.00
C ALA U 361 -79.61 30.17 -21.30
N THR U 362 -78.50 30.78 -21.72
CA THR U 362 -78.46 31.57 -22.96
C THR U 362 -78.59 30.63 -24.15
N GLU U 363 -78.30 29.35 -23.94
CA GLU U 363 -78.40 28.34 -24.98
C GLU U 363 -79.87 27.90 -25.02
N GLY U 364 -80.61 28.33 -24.00
CA GLY U 364 -82.01 27.97 -23.91
C GLY U 364 -82.20 26.72 -23.08
N VAL U 365 -81.18 26.38 -22.29
CA VAL U 365 -81.23 25.19 -21.45
C VAL U 365 -81.14 25.54 -19.96
N ASN U 366 -81.92 24.83 -19.16
CA ASN U 366 -81.93 25.03 -17.71
C ASN U 366 -81.19 23.84 -17.10
N ILE U 367 -80.49 24.07 -15.99
CA ILE U 367 -79.73 23.01 -15.32
C ILE U 367 -79.82 23.05 -13.80
N ALA U 368 -80.11 21.89 -13.21
CA ALA U 368 -80.24 21.78 -11.76
C ALA U 368 -79.00 21.18 -11.09
N PHE U 369 -78.45 21.92 -10.12
CA PHE U 369 -77.27 21.48 -9.38
C PHE U 369 -77.70 21.05 -7.97
N THR U 370 -78.20 19.83 -7.84
CA THR U 370 -78.64 19.34 -6.54
C THR U 370 -77.54 19.45 -5.51
N THR U 371 -77.91 19.42 -4.22
CA THR U 371 -76.95 19.52 -3.14
C THR U 371 -76.10 18.26 -2.92
N ASP U 372 -76.68 17.07 -3.11
CA ASP U 372 -75.92 15.84 -2.93
C ASP U 372 -74.89 15.70 -4.06
N ALA U 373 -74.98 16.59 -5.03
CA ALA U 373 -74.07 16.60 -6.18
C ALA U 373 -73.04 17.72 -6.08
N VAL U 374 -73.22 18.61 -5.11
CA VAL U 374 -72.28 19.69 -4.91
C VAL U 374 -71.22 19.14 -3.96
N LYS U 375 -71.62 18.21 -3.11
CA LYS U 375 -70.71 17.58 -2.17
C LYS U 375 -69.75 16.72 -2.99
N LYS U 376 -70.29 16.02 -3.98
CA LYS U 376 -69.47 15.17 -4.83
C LYS U 376 -68.67 15.93 -5.88
N ILE U 377 -68.53 17.24 -5.69
CA ILE U 377 -67.76 18.07 -6.62
C ILE U 377 -66.75 18.86 -5.81
N ALA U 378 -67.04 19.02 -4.53
CA ALA U 378 -66.15 19.72 -3.62
C ALA U 378 -65.26 18.65 -3.01
N GLU U 379 -65.86 17.51 -2.70
CA GLU U 379 -65.15 16.38 -2.11
C GLU U 379 -64.72 15.44 -3.23
N ALA U 380 -64.40 16.04 -4.36
CA ALA U 380 -63.96 15.31 -5.54
C ALA U 380 -62.93 16.20 -6.23
N ALA U 381 -62.80 17.43 -5.75
CA ALA U 381 -61.84 18.39 -6.29
C ALA U 381 -60.83 18.57 -5.16
N PHE U 382 -61.18 18.01 -4.01
CA PHE U 382 -60.33 18.05 -2.83
C PHE U 382 -59.51 16.77 -2.88
N ARG U 383 -60.16 15.69 -3.28
CA ARG U 383 -59.52 14.39 -3.41
C ARG U 383 -58.36 14.51 -4.38
N VAL U 384 -58.48 15.45 -5.33
CA VAL U 384 -57.44 15.67 -6.33
C VAL U 384 -56.36 16.65 -5.86
N ASN U 385 -56.66 17.46 -4.84
CA ASN U 385 -55.67 18.40 -4.34
C ASN U 385 -54.78 17.76 -3.28
N GLU U 386 -55.17 16.57 -2.82
CA GLU U 386 -54.39 15.85 -1.82
C GLU U 386 -53.73 14.62 -2.44
N LYS U 387 -53.49 14.68 -3.75
CA LYS U 387 -52.86 13.59 -4.48
C LYS U 387 -52.08 14.16 -5.66
N THR U 388 -51.99 15.49 -5.71
CA THR U 388 -51.27 16.21 -6.76
C THR U 388 -50.98 17.58 -6.16
N GLU U 389 -50.55 18.54 -6.97
CA GLU U 389 -50.28 19.87 -6.46
C GLU U 389 -51.59 20.43 -5.90
N ASN U 390 -51.49 21.16 -4.80
CA ASN U 390 -52.68 21.75 -4.19
C ASN U 390 -52.86 23.14 -4.77
N ILE U 391 -53.47 23.21 -5.95
CA ILE U 391 -53.70 24.48 -6.62
C ILE U 391 -54.77 25.34 -5.96
N GLY U 392 -55.44 24.77 -4.95
CA GLY U 392 -56.46 25.50 -4.23
C GLY U 392 -57.83 25.49 -4.89
N ALA U 393 -58.57 26.58 -4.72
CA ALA U 393 -59.91 26.73 -5.29
C ALA U 393 -59.92 26.57 -6.81
N ARG U 394 -58.85 27.04 -7.47
CA ARG U 394 -58.74 26.95 -8.91
C ARG U 394 -58.88 25.52 -9.44
N ARG U 395 -58.96 24.56 -8.52
CA ARG U 395 -59.11 23.15 -8.86
C ARG U 395 -60.56 22.92 -9.30
N LEU U 396 -61.46 23.71 -8.74
CA LEU U 396 -62.87 23.61 -9.06
C LEU U 396 -63.13 23.92 -10.54
N HIS U 397 -62.44 24.92 -11.07
CA HIS U 397 -62.60 25.31 -12.47
C HIS U 397 -62.29 24.18 -13.43
N THR U 398 -61.18 23.48 -13.18
CA THR U 398 -60.76 22.36 -14.02
C THR U 398 -61.63 21.12 -13.85
N VAL U 399 -62.33 21.04 -12.71
CA VAL U 399 -63.21 19.93 -12.43
C VAL U 399 -64.55 20.17 -13.15
N MET U 400 -65.08 21.38 -12.98
CA MET U 400 -66.34 21.78 -13.60
C MET U 400 -66.23 21.68 -15.11
N GLU U 401 -65.14 22.20 -15.66
CA GLU U 401 -64.93 22.16 -17.09
C GLU U 401 -64.96 20.74 -17.65
N ARG U 402 -64.74 19.74 -16.79
CA ARG U 402 -64.77 18.35 -17.26
C ARG U 402 -66.18 17.81 -17.10
N LEU U 403 -66.92 18.40 -16.15
CA LEU U 403 -68.30 18.02 -15.87
C LEU U 403 -69.21 18.66 -16.91
N MET U 404 -69.07 19.97 -17.08
CA MET U 404 -69.87 20.74 -18.04
C MET U 404 -69.20 20.63 -19.42
N ASP U 405 -68.72 19.43 -19.74
CA ASP U 405 -68.05 19.17 -21.00
C ASP U 405 -69.06 18.55 -21.98
N LYS U 406 -69.83 17.61 -21.46
CA LYS U 406 -70.83 16.90 -22.25
C LYS U 406 -71.96 17.86 -22.66
N ILE U 407 -72.34 18.73 -21.73
CA ILE U 407 -73.42 19.70 -21.95
C ILE U 407 -73.01 20.92 -22.78
N SER U 408 -71.90 21.56 -22.42
CA SER U 408 -71.44 22.75 -23.12
C SER U 408 -71.37 22.62 -24.64
N PHE U 409 -71.10 21.42 -25.13
CA PHE U 409 -70.97 21.18 -26.58
C PHE U 409 -72.32 21.11 -27.30
N SER U 410 -73.16 20.17 -26.87
CA SER U 410 -74.48 19.99 -27.47
C SER U 410 -75.59 20.61 -26.62
N ALA U 411 -75.41 21.88 -26.25
CA ALA U 411 -76.40 22.59 -25.44
C ALA U 411 -77.38 23.31 -26.35
N SER U 412 -76.86 23.83 -27.46
CA SER U 412 -77.68 24.54 -28.43
C SER U 412 -78.64 23.56 -29.09
N ASP U 413 -78.13 22.39 -29.44
CA ASP U 413 -78.92 21.36 -30.10
C ASP U 413 -79.84 20.59 -29.15
N MET U 414 -80.06 21.17 -27.97
CA MET U 414 -80.94 20.59 -26.96
C MET U 414 -81.66 21.72 -26.24
N ASN U 415 -82.25 22.62 -27.02
CA ASN U 415 -82.97 23.78 -26.51
C ASN U 415 -84.22 23.43 -25.69
N GLY U 416 -84.43 24.19 -24.63
CA GLY U 416 -85.60 23.97 -23.78
C GLY U 416 -85.62 22.65 -23.04
N GLN U 417 -84.59 22.39 -22.23
CA GLN U 417 -84.53 21.16 -21.45
C GLN U 417 -83.93 21.40 -20.07
N THR U 418 -84.54 20.81 -19.05
CA THR U 418 -84.07 20.94 -17.68
C THR U 418 -83.32 19.66 -17.31
N VAL U 419 -82.00 19.74 -17.33
CA VAL U 419 -81.16 18.60 -17.00
C VAL U 419 -80.82 18.58 -15.50
N ASN U 420 -81.03 17.43 -14.88
CA ASN U 420 -80.76 17.27 -13.46
C ASN U 420 -79.37 16.69 -13.20
N ILE U 421 -78.45 17.55 -12.76
CA ILE U 421 -77.09 17.13 -12.45
C ILE U 421 -77.02 16.73 -10.98
N ASP U 422 -77.09 15.42 -10.75
CA ASP U 422 -77.06 14.86 -9.41
C ASP U 422 -75.87 13.92 -9.18
N ALA U 423 -75.87 13.26 -8.04
CA ALA U 423 -74.80 12.34 -7.68
C ALA U 423 -74.55 11.31 -8.78
N ALA U 424 -75.63 10.82 -9.39
CA ALA U 424 -75.53 9.83 -10.46
C ALA U 424 -74.85 10.38 -11.71
N TYR U 425 -75.08 11.66 -12.00
CA TYR U 425 -74.51 12.29 -13.17
C TYR U 425 -73.05 12.67 -12.95
N VAL U 426 -72.77 13.36 -11.84
CA VAL U 426 -71.41 13.78 -11.51
C VAL U 426 -70.47 12.58 -11.45
N ALA U 427 -70.92 11.52 -10.76
CA ALA U 427 -70.13 10.31 -10.60
C ALA U 427 -69.62 9.80 -11.95
N ASP U 428 -70.55 9.54 -12.86
CA ASP U 428 -70.19 9.06 -14.19
C ASP U 428 -70.10 10.23 -15.16
N ALA U 429 -69.35 11.26 -14.77
CA ALA U 429 -69.18 12.45 -15.61
C ALA U 429 -67.70 12.68 -15.89
N LEU U 430 -66.87 12.40 -14.89
CA LEU U 430 -65.43 12.55 -15.02
C LEU U 430 -64.72 11.20 -15.00
N GLY U 431 -65.00 10.40 -13.97
CA GLY U 431 -64.39 9.09 -13.86
C GLY U 431 -63.71 8.89 -12.52
N GLU U 432 -62.38 8.79 -12.52
CA GLU U 432 -61.59 8.60 -11.30
C GLU U 432 -60.17 9.11 -11.49
N VAL U 433 -59.51 9.52 -10.40
CA VAL U 433 -58.14 10.04 -10.47
C VAL U 433 -57.19 9.55 -9.38
N VAL U 434 -56.65 8.34 -9.55
CA VAL U 434 -55.71 7.78 -8.57
C VAL U 434 -54.31 8.32 -8.90
N GLU U 435 -53.40 8.26 -7.92
CA GLU U 435 -52.03 8.74 -8.08
C GLU U 435 -51.37 8.22 -9.36
N ASN U 436 -50.27 8.85 -9.76
CA ASN U 436 -49.58 8.46 -10.99
C ASN U 436 -49.11 7.01 -11.00
N GLU U 437 -47.81 6.79 -10.77
CA GLU U 437 -47.24 5.45 -10.77
C GLU U 437 -45.92 5.49 -10.02
N ASP U 438 -45.53 6.71 -9.68
CA ASP U 438 -44.30 7.02 -8.95
C ASP U 438 -43.39 5.82 -8.71
N LEU U 439 -43.84 4.96 -7.80
CA LEU U 439 -43.10 3.75 -7.39
C LEU U 439 -42.48 2.89 -8.50
N SER U 440 -43.25 1.90 -8.95
CA SER U 440 -42.83 0.97 -9.98
C SER U 440 -41.93 1.56 -11.07
N ARG U 441 -41.87 2.88 -11.16
CA ARG U 441 -41.04 3.52 -12.17
C ARG U 441 -39.59 3.69 -11.74
N PHE U 442 -39.35 4.50 -10.72
CA PHE U 442 -37.98 4.69 -10.26
C PHE U 442 -37.75 4.50 -8.77
N ILE U 443 -37.77 3.23 -8.38
CA ILE U 443 -37.55 2.78 -7.00
C ILE U 443 -37.20 1.30 -7.15
N LEU U 444 -36.19 0.84 -6.42
CA LEU U 444 -35.80 -0.56 -6.51
C LEU U 444 -36.20 -1.34 -5.26
N SER V 2 -29.14 83.88 8.74
CA SER V 2 -30.58 83.61 9.01
C SER V 2 -30.84 82.13 9.31
N GLU V 3 -30.25 81.63 10.38
CA GLU V 3 -30.42 80.23 10.76
C GLU V 3 -30.11 79.99 12.24
N MET V 4 -30.74 78.96 12.80
CA MET V 4 -30.58 78.62 14.21
C MET V 4 -29.15 78.40 14.71
N THR V 5 -29.03 78.15 16.00
CA THR V 5 -27.74 77.90 16.65
C THR V 5 -27.69 76.41 16.98
N PRO V 6 -26.49 75.82 17.10
CA PRO V 6 -26.42 74.39 17.42
C PRO V 6 -27.23 74.02 18.66
N ARG V 7 -27.11 74.85 19.70
CA ARG V 7 -27.83 74.62 20.96
C ARG V 7 -29.33 74.44 20.70
N GLU V 8 -29.84 75.14 19.70
CA GLU V 8 -31.26 75.09 19.33
C GLU V 8 -31.62 73.93 18.42
N ILE V 9 -30.71 73.59 17.51
CA ILE V 9 -30.96 72.48 16.58
C ILE V 9 -31.08 71.20 17.40
N VAL V 10 -30.23 71.08 18.40
CA VAL V 10 -30.22 69.92 19.29
C VAL V 10 -31.59 69.83 19.96
N SER V 11 -31.94 70.90 20.69
CA SER V 11 -33.21 70.98 21.42
C SER V 11 -34.46 70.81 20.58
N GLU V 12 -34.36 71.09 19.28
CA GLU V 12 -35.51 70.95 18.40
C GLU V 12 -35.60 69.52 17.89
N LEU V 13 -34.49 68.79 18.00
CA LEU V 13 -34.43 67.40 17.58
C LEU V 13 -34.83 66.49 18.73
N ASP V 14 -34.60 66.95 19.96
CA ASP V 14 -34.93 66.18 21.16
C ASP V 14 -36.43 65.97 21.35
N GLN V 15 -37.22 66.29 20.33
CA GLN V 15 -38.67 66.15 20.43
C GLN V 15 -39.25 65.04 19.56
N HIS V 16 -38.49 64.59 18.56
CA HIS V 16 -38.95 63.52 17.67
C HIS V 16 -38.02 62.31 17.79
N ILE V 17 -36.76 62.59 18.12
CA ILE V 17 -35.73 61.58 18.27
C ILE V 17 -35.12 61.59 19.67
N ILE V 18 -35.85 61.05 20.64
CA ILE V 18 -35.34 61.01 22.00
C ILE V 18 -34.27 59.92 22.10
N GLY V 19 -33.20 60.24 22.81
CA GLY V 19 -32.11 59.28 22.94
C GLY V 19 -30.92 59.83 22.21
N GLN V 20 -29.90 58.98 22.01
CA GLN V 20 -28.68 59.40 21.33
C GLN V 20 -28.13 60.62 22.05
N ALA V 21 -27.28 61.38 21.37
CA ALA V 21 -26.70 62.58 21.96
C ALA V 21 -25.64 63.13 21.03
N ASP V 22 -24.47 62.52 21.08
CA ASP V 22 -23.36 62.93 20.24
C ASP V 22 -23.85 62.88 18.80
N ALA V 23 -24.93 62.13 18.61
CA ALA V 23 -25.56 61.96 17.30
C ALA V 23 -25.97 63.34 16.77
N LYS V 24 -26.92 63.95 17.48
CA LYS V 24 -27.42 65.26 17.13
C LYS V 24 -26.29 66.28 17.10
N ARG V 25 -25.51 66.34 18.17
CA ARG V 25 -24.39 67.27 18.28
C ARG V 25 -23.58 67.42 17.00
N ALA V 26 -23.03 66.32 16.50
CA ALA V 26 -22.23 66.37 15.29
C ALA V 26 -23.05 66.77 14.06
N VAL V 27 -24.33 66.45 14.09
CA VAL V 27 -25.23 66.78 12.98
C VAL V 27 -25.57 68.27 13.01
N ALA V 28 -25.69 68.81 14.21
CA ALA V 28 -26.00 70.22 14.40
C ALA V 28 -24.89 71.08 13.82
N ILE V 29 -23.68 70.91 14.34
CA ILE V 29 -22.53 71.68 13.87
C ILE V 29 -22.25 71.48 12.38
N ALA V 30 -22.94 70.53 11.76
CA ALA V 30 -22.77 70.27 10.32
C ALA V 30 -23.58 71.29 9.52
N LEU V 31 -24.70 71.72 10.11
CA LEU V 31 -25.61 72.68 9.50
C LEU V 31 -25.16 74.09 9.86
N ARG V 32 -24.85 74.28 11.12
CA ARG V 32 -24.39 75.56 11.64
C ARG V 32 -23.18 76.10 10.88
N ASN V 33 -22.24 75.23 10.54
CA ASN V 33 -21.04 75.67 9.84
C ASN V 33 -21.13 75.69 8.32
N ARG V 34 -22.31 75.39 7.78
CA ARG V 34 -22.51 75.45 6.33
C ARG V 34 -23.16 76.81 6.10
N TRP V 35 -23.56 77.44 7.21
CA TRP V 35 -24.17 78.74 7.20
C TRP V 35 -23.08 79.77 7.49
N ARG V 36 -22.24 79.47 8.49
CA ARG V 36 -21.12 80.33 8.87
C ARG V 36 -20.19 80.48 7.67
N ARG V 37 -20.40 79.62 6.68
CA ARG V 37 -19.61 79.61 5.46
C ARG V 37 -20.07 80.77 4.57
N MET V 38 -21.29 81.23 4.83
CA MET V 38 -21.88 82.32 4.07
C MET V 38 -21.21 83.67 4.38
N GLN V 39 -21.13 84.02 5.65
CA GLN V 39 -20.50 85.29 6.07
C GLN V 39 -18.99 85.25 5.90
N LEU V 40 -18.53 85.16 4.66
CA LEU V 40 -17.11 85.12 4.35
C LEU V 40 -16.89 85.74 2.96
N GLN V 41 -15.68 86.27 2.74
CA GLN V 41 -15.36 86.90 1.46
C GLN V 41 -15.46 85.95 0.26
N GLU V 42 -14.54 86.07 -0.69
CA GLU V 42 -14.55 85.22 -1.88
C GLU V 42 -13.59 84.04 -1.75
N PRO V 43 -12.32 84.31 -1.39
CA PRO V 43 -11.36 83.21 -1.25
C PRO V 43 -11.82 82.16 -0.24
N LEU V 44 -11.91 82.56 1.03
CA LEU V 44 -12.34 81.66 2.10
C LEU V 44 -13.85 81.42 2.07
N ARG V 45 -14.41 81.08 0.92
CA ARG V 45 -15.85 80.82 0.85
C ARG V 45 -16.21 79.79 -0.21
N HIS V 46 -15.60 79.89 -1.38
CA HIS V 46 -15.88 78.92 -2.44
C HIS V 46 -15.07 77.65 -2.23
N GLU V 47 -14.26 77.64 -1.18
CA GLU V 47 -13.44 76.49 -0.83
C GLU V 47 -13.43 76.24 0.67
N VAL V 48 -14.32 75.34 1.09
CA VAL V 48 -14.46 74.96 2.48
C VAL V 48 -15.57 73.91 2.52
N THR V 49 -15.23 72.71 2.02
CA THR V 49 -16.15 71.59 1.96
C THR V 49 -16.72 71.22 3.33
N PRO V 50 -18.02 70.91 3.39
CA PRO V 50 -18.67 70.53 4.64
C PRO V 50 -18.03 69.29 5.26
N LYS V 51 -17.86 69.31 6.58
CA LYS V 51 -17.27 68.17 7.28
C LYS V 51 -18.31 67.07 7.36
N ASN V 52 -18.36 66.23 6.32
CA ASN V 52 -19.32 65.14 6.24
C ASN V 52 -19.38 64.25 7.47
N ILE V 53 -20.50 63.55 7.65
CA ILE V 53 -20.69 62.72 8.82
C ILE V 53 -20.88 61.23 8.53
N LEU V 54 -20.40 60.40 9.47
CA LEU V 54 -20.50 58.95 9.39
C LEU V 54 -21.14 58.42 10.67
N MET V 55 -22.40 58.00 10.58
CA MET V 55 -23.11 57.47 11.74
C MET V 55 -23.00 55.96 11.89
N ILE V 56 -22.34 55.56 12.97
CA ILE V 56 -22.13 54.15 13.28
C ILE V 56 -23.07 53.72 14.40
N GLY V 57 -24.05 52.88 14.08
CA GLY V 57 -24.98 52.41 15.10
C GLY V 57 -25.90 51.31 14.61
N PRO V 58 -26.55 50.56 15.54
CA PRO V 58 -27.48 49.46 15.24
C PRO V 58 -28.54 49.75 14.18
N THR V 59 -29.62 48.98 14.24
CA THR V 59 -30.72 49.16 13.29
C THR V 59 -31.98 49.53 14.05
N GLY V 60 -32.47 50.75 13.79
CA GLY V 60 -33.67 51.23 14.46
C GLY V 60 -33.32 52.06 15.67
N VAL V 61 -32.17 52.74 15.64
CA VAL V 61 -31.73 53.58 16.75
C VAL V 61 -31.85 55.06 16.45
N GLY V 62 -32.09 55.39 15.17
CA GLY V 62 -32.25 56.78 14.80
C GLY V 62 -31.14 57.37 13.94
N LYS V 63 -30.64 56.60 12.99
CA LYS V 63 -29.58 57.09 12.10
C LYS V 63 -30.21 57.86 10.94
N THR V 64 -31.42 57.44 10.54
CA THR V 64 -32.14 58.08 9.45
C THR V 64 -33.03 59.22 9.93
N GLU V 65 -33.59 59.09 11.13
CA GLU V 65 -34.44 60.13 11.68
C GLU V 65 -33.68 61.45 11.81
N ILE V 66 -32.54 61.41 12.47
CA ILE V 66 -31.72 62.59 12.67
C ILE V 66 -31.25 63.24 11.36
N ALA V 67 -31.41 62.52 10.26
CA ALA V 67 -31.00 63.06 8.97
C ALA V 67 -32.22 63.66 8.27
N ARG V 68 -33.40 63.18 8.66
CA ARG V 68 -34.66 63.64 8.09
C ARG V 68 -35.19 64.85 8.87
N ARG V 69 -35.10 64.79 10.20
CA ARG V 69 -35.54 65.88 11.05
C ARG V 69 -34.50 66.99 11.06
N LEU V 70 -33.73 67.06 9.97
CA LEU V 70 -32.70 68.07 9.83
C LEU V 70 -32.72 68.47 8.36
N ALA V 71 -33.79 68.07 7.69
CA ALA V 71 -34.01 68.37 6.27
C ALA V 71 -35.26 69.23 6.19
N LYS V 72 -36.09 69.13 7.23
CA LYS V 72 -37.32 69.88 7.32
C LYS V 72 -37.12 70.97 8.38
N LEU V 73 -36.55 70.57 9.51
CA LEU V 73 -36.29 71.49 10.61
C LEU V 73 -34.98 72.26 10.36
N ALA V 74 -34.80 72.63 9.10
CA ALA V 74 -33.64 73.37 8.62
C ALA V 74 -33.93 73.66 7.15
N ASN V 75 -34.96 72.98 6.65
CA ASN V 75 -35.42 73.10 5.27
C ASN V 75 -34.33 73.08 4.20
N ALA V 76 -34.24 71.94 3.52
CA ALA V 76 -33.26 71.74 2.45
C ALA V 76 -33.56 70.44 1.73
N PRO V 77 -33.14 70.34 0.45
CA PRO V 77 -33.37 69.13 -0.35
C PRO V 77 -32.75 67.89 0.31
N PHE V 78 -33.57 66.87 0.54
CA PHE V 78 -33.12 65.65 1.18
C PHE V 78 -33.32 64.44 0.28
N ILE V 79 -32.58 63.37 0.55
CA ILE V 79 -32.67 62.14 -0.23
C ILE V 79 -31.88 61.01 0.43
N LYS V 80 -32.48 59.83 0.52
CA LYS V 80 -31.81 58.67 1.12
C LYS V 80 -31.53 57.60 0.08
N VAL V 81 -30.32 57.06 0.10
CA VAL V 81 -29.92 56.02 -0.83
C VAL V 81 -29.07 54.93 -0.17
N GLU V 82 -29.30 53.69 -0.59
CA GLU V 82 -28.58 52.54 -0.05
C GLU V 82 -27.85 51.79 -1.17
N ALA V 83 -26.54 51.66 -1.06
CA ALA V 83 -25.74 50.97 -2.07
C ALA V 83 -26.20 49.51 -2.23
N GLU V 95 -27.24 53.72 -11.41
CA GLU V 95 -26.45 54.92 -11.67
C GLU V 95 -26.08 55.64 -10.36
N VAL V 96 -25.02 56.45 -10.41
CA VAL V 96 -24.57 57.20 -9.23
C VAL V 96 -24.87 58.69 -9.32
N ASP V 97 -24.83 59.25 -10.54
CA ASP V 97 -25.10 60.66 -10.73
C ASP V 97 -26.58 60.97 -10.63
N SER V 98 -27.41 59.92 -10.63
CA SER V 98 -28.85 60.08 -10.54
C SER V 98 -29.28 60.24 -9.07
N ILE V 99 -28.31 60.53 -8.22
CA ILE V 99 -28.59 60.73 -6.80
C ILE V 99 -28.72 62.24 -6.63
N ILE V 100 -28.13 62.97 -7.57
CA ILE V 100 -28.18 64.42 -7.58
C ILE V 100 -29.38 64.87 -8.41
N ARG V 101 -29.71 64.09 -9.42
CA ARG V 101 -30.84 64.42 -10.27
C ARG V 101 -32.13 64.23 -9.50
N ASP V 102 -32.04 63.60 -8.34
CA ASP V 102 -33.21 63.37 -7.48
C ASP V 102 -33.23 64.37 -6.34
N LEU V 103 -32.06 64.95 -6.04
CA LEU V 103 -31.95 65.95 -4.98
C LEU V 103 -32.46 67.28 -5.55
N THR V 104 -32.49 67.36 -6.87
CA THR V 104 -32.96 68.54 -7.57
C THR V 104 -34.48 68.47 -7.76
N ASP V 105 -34.98 67.26 -8.03
CA ASP V 105 -36.42 67.05 -8.22
C ASP V 105 -37.15 67.12 -6.89
N SER V 106 -36.39 67.25 -5.80
CA SER V 106 -36.94 67.35 -4.46
C SER V 106 -36.72 68.76 -3.94
N ALA V 107 -36.23 69.64 -4.82
CA ALA V 107 -35.96 71.03 -4.48
C ALA V 107 -36.89 71.98 -5.24
N MET V 108 -37.43 71.51 -6.36
CA MET V 108 -38.34 72.32 -7.16
C MET V 108 -39.81 72.08 -6.82
N LYS V 109 -40.03 71.68 -5.57
CA LYS V 109 -41.38 71.45 -5.04
C LYS V 109 -41.35 72.25 -3.75
N LEU V 110 -40.15 72.71 -3.41
CA LEU V 110 -39.89 73.53 -2.23
C LEU V 110 -39.51 74.92 -2.73
N VAL V 111 -39.88 75.20 -3.98
CA VAL V 111 -39.63 76.48 -4.63
C VAL V 111 -40.85 76.74 -5.51
N ARG V 112 -41.56 75.67 -5.85
CA ARG V 112 -42.78 75.74 -6.66
C ARG V 112 -43.95 75.61 -5.70
N GLN V 113 -43.72 76.02 -4.46
CA GLN V 113 -44.73 75.98 -3.41
C GLN V 113 -44.27 76.90 -2.28
N GLN V 114 -43.01 77.32 -2.36
CA GLN V 114 -42.41 78.20 -1.37
C GLN V 114 -42.49 79.65 -1.86
N GLU V 115 -43.07 79.81 -3.05
CA GLU V 115 -43.26 81.12 -3.67
C GLU V 115 -44.53 81.04 -4.52
N ILE V 116 -45.43 80.16 -4.09
CA ILE V 116 -46.70 79.95 -4.76
C ILE V 116 -47.74 80.83 -4.07
N ALA V 117 -47.55 81.04 -2.77
CA ALA V 117 -48.43 81.88 -1.98
C ALA V 117 -47.60 83.04 -1.43
N LYS V 118 -46.47 83.27 -2.07
CA LYS V 118 -45.56 84.35 -1.68
C LYS V 118 -45.80 85.55 -2.59
N ASN V 119 -45.83 85.29 -3.90
CA ASN V 119 -46.06 86.32 -4.91
C ASN V 119 -47.49 86.27 -5.44
N ARG V 120 -48.45 86.73 -4.64
CA ARG V 120 -49.85 86.74 -5.06
C ARG V 120 -50.64 87.88 -4.43
N LYS V 233 -52.18 82.03 -10.66
CA LYS V 233 -51.54 83.03 -11.51
C LYS V 233 -50.01 82.96 -11.41
N LEU V 234 -49.33 83.84 -12.14
CA LEU V 234 -47.87 83.91 -12.16
C LEU V 234 -47.23 82.68 -12.81
N ILE V 235 -46.28 82.91 -13.72
CA ILE V 235 -45.58 81.84 -14.43
C ILE V 235 -44.12 81.72 -13.95
N ASN V 236 -43.32 82.75 -14.26
CA ASN V 236 -41.91 82.83 -13.88
C ASN V 236 -41.08 81.54 -13.81
N PRO V 237 -40.79 80.91 -14.96
CA PRO V 237 -40.00 79.67 -14.98
C PRO V 237 -38.49 79.87 -15.06
N GLU V 238 -38.04 80.90 -15.79
CA GLU V 238 -36.62 81.18 -15.96
C GLU V 238 -35.90 81.82 -14.78
N GLU V 239 -36.59 81.91 -13.65
CA GLU V 239 -36.02 82.50 -12.44
C GLU V 239 -35.44 81.43 -11.52
N LEU V 240 -36.03 80.23 -11.53
CA LEU V 240 -35.57 79.12 -10.70
C LEU V 240 -34.33 78.49 -11.32
N LYS V 241 -33.37 79.33 -11.71
CA LYS V 241 -32.14 78.86 -12.33
C LYS V 241 -30.92 79.33 -11.53
N GLN V 242 -31.12 80.36 -10.72
CA GLN V 242 -30.06 80.91 -9.89
C GLN V 242 -30.60 80.92 -8.45
N LYS V 243 -31.92 80.81 -8.35
CA LYS V 243 -32.59 80.80 -7.06
C LYS V 243 -33.30 79.44 -6.90
N ALA V 244 -32.73 78.43 -7.57
CA ALA V 244 -33.23 77.07 -7.54
C ALA V 244 -32.01 76.15 -7.55
N ILE V 245 -31.02 76.54 -8.36
CA ILE V 245 -29.77 75.79 -8.49
C ILE V 245 -28.92 76.08 -7.26
N ASP V 246 -29.28 77.13 -6.53
CA ASP V 246 -28.56 77.50 -5.32
C ASP V 246 -29.32 76.90 -4.13
N ALA V 247 -30.45 76.28 -4.44
CA ALA V 247 -31.31 75.63 -3.45
C ALA V 247 -30.81 74.23 -3.17
N VAL V 248 -29.78 73.83 -3.92
CA VAL V 248 -29.17 72.52 -3.82
C VAL V 248 -27.68 72.67 -3.54
N GLU V 249 -26.99 73.41 -4.41
CA GLU V 249 -25.55 73.64 -4.26
C GLU V 249 -25.21 74.17 -2.88
N GLN V 250 -26.18 74.80 -2.21
CA GLN V 250 -25.97 75.34 -0.88
C GLN V 250 -26.59 74.42 0.17
N ASN V 251 -27.90 74.25 0.10
CA ASN V 251 -28.62 73.38 1.02
C ASN V 251 -28.82 72.03 0.34
N GLY V 252 -27.98 71.06 0.69
CA GLY V 252 -28.09 69.75 0.10
C GLY V 252 -27.64 68.67 1.06
N ILE V 253 -28.57 67.80 1.44
CA ILE V 253 -28.26 66.73 2.35
C ILE V 253 -28.50 65.36 1.71
N VAL V 254 -27.40 64.69 1.37
CA VAL V 254 -27.46 63.36 0.76
C VAL V 254 -27.16 62.34 1.85
N PHE V 255 -28.10 61.43 2.08
CA PHE V 255 -27.96 60.40 3.09
C PHE V 255 -27.74 59.02 2.51
N ILE V 256 -26.62 58.40 2.85
CA ILE V 256 -26.29 57.06 2.36
C ILE V 256 -26.47 56.02 3.47
N ASP V 257 -27.61 55.34 3.45
CA ASP V 257 -27.88 54.31 4.45
C ASP V 257 -27.19 53.01 4.05
N GLU V 258 -26.67 52.29 5.05
CA GLU V 258 -25.97 51.03 4.81
C GLU V 258 -24.84 51.25 3.81
N ILE V 259 -23.74 51.83 4.29
CA ILE V 259 -22.59 52.10 3.44
C ILE V 259 -21.56 51.03 3.76
N ASP V 260 -21.73 50.38 4.91
CA ASP V 260 -20.82 49.31 5.32
C ASP V 260 -21.02 48.09 4.42
N LYS V 261 -22.12 48.12 3.67
CA LYS V 261 -22.45 47.03 2.76
C LYS V 261 -21.66 47.07 1.46
N ILE V 262 -20.62 47.90 1.41
CA ILE V 262 -19.80 48.00 0.20
C ILE V 262 -18.30 48.10 0.53
N CYS V 263 -17.85 47.22 1.41
CA CYS V 263 -16.45 47.21 1.81
C CYS V 263 -15.74 45.94 1.36
N LYS V 264 -14.41 45.97 1.43
CA LYS V 264 -13.57 44.84 1.07
C LYS V 264 -13.73 43.79 2.17
N LYS V 265 -14.49 42.73 1.87
CA LYS V 265 -14.75 41.65 2.82
C LYS V 265 -15.40 42.21 4.09
N SER V 269 -18.71 39.48 1.66
CA SER V 269 -17.81 39.60 0.53
C SER V 269 -16.67 38.59 0.67
N GLY V 270 -16.72 37.52 -0.11
CA GLY V 270 -15.67 36.52 -0.06
C GLY V 270 -15.29 36.00 -1.43
N ALA V 271 -15.84 36.64 -2.47
CA ALA V 271 -15.57 36.23 -3.84
C ALA V 271 -15.19 37.41 -4.74
N ASP V 272 -16.14 38.32 -4.96
CA ASP V 272 -15.89 39.48 -5.81
C ASP V 272 -15.83 40.81 -5.05
N VAL V 273 -15.09 41.76 -5.61
CA VAL V 273 -14.93 43.08 -5.02
C VAL V 273 -15.31 44.16 -6.02
N SER V 274 -16.57 44.19 -6.42
CA SER V 274 -17.09 45.19 -7.35
C SER V 274 -17.87 46.20 -6.52
N ARG V 275 -18.06 45.87 -5.25
CA ARG V 275 -18.76 46.74 -4.31
C ARG V 275 -17.81 47.88 -4.00
N GLU V 276 -16.55 47.69 -4.36
CA GLU V 276 -15.53 48.70 -4.14
C GLU V 276 -15.46 49.55 -5.41
N GLY V 277 -16.35 49.25 -6.34
CA GLY V 277 -16.42 49.99 -7.58
C GLY V 277 -17.47 51.05 -7.38
N VAL V 278 -18.51 50.69 -6.62
CA VAL V 278 -19.59 51.61 -6.29
C VAL V 278 -19.00 52.68 -5.40
N GLN V 279 -18.13 52.27 -4.49
CA GLN V 279 -17.48 53.17 -3.56
C GLN V 279 -16.54 54.10 -4.35
N ARG V 280 -16.32 53.76 -5.62
CA ARG V 280 -15.44 54.52 -6.50
C ARG V 280 -16.21 55.49 -7.39
N ASP V 281 -17.40 55.09 -7.82
CA ASP V 281 -18.25 55.93 -8.66
C ASP V 281 -18.96 56.97 -7.78
N LEU V 282 -19.02 56.65 -6.49
CA LEU V 282 -19.66 57.51 -5.49
C LEU V 282 -18.61 58.45 -4.90
N LEU V 283 -17.49 58.57 -5.60
CA LEU V 283 -16.41 59.42 -5.11
C LEU V 283 -16.47 60.83 -5.69
N PRO V 284 -16.68 60.97 -7.00
CA PRO V 284 -16.74 62.31 -7.59
C PRO V 284 -17.77 63.22 -6.91
N LEU V 285 -18.78 62.61 -6.28
CA LEU V 285 -19.83 63.38 -5.61
C LEU V 285 -19.40 63.93 -4.26
N VAL V 286 -18.94 63.07 -3.36
CA VAL V 286 -18.50 63.52 -2.05
C VAL V 286 -17.27 64.43 -2.17
N GLU V 287 -16.63 64.40 -3.33
CA GLU V 287 -15.45 65.24 -3.58
C GLU V 287 -15.90 66.58 -4.11
N GLY V 288 -16.44 66.57 -5.32
CA GLY V 288 -16.90 67.81 -5.94
C GLY V 288 -16.83 67.77 -7.45
N SER V 289 -17.97 67.57 -8.08
CA SER V 289 -18.03 67.52 -9.54
C SER V 289 -19.22 68.35 -10.01
N THR V 290 -19.60 68.18 -11.27
CA THR V 290 -20.72 68.91 -11.83
C THR V 290 -21.75 67.99 -12.51
N VAL V 291 -22.74 67.55 -11.75
CA VAL V 291 -23.78 66.67 -12.26
C VAL V 291 -24.68 67.44 -13.20
N SER V 292 -25.00 66.86 -14.36
CA SER V 292 -25.85 67.52 -15.33
C SER V 292 -27.30 67.05 -15.24
N THR V 293 -28.13 67.83 -14.56
CA THR V 293 -29.54 67.51 -14.40
C THR V 293 -30.36 68.20 -15.47
N LYS V 294 -31.68 67.99 -15.44
CA LYS V 294 -32.57 68.59 -16.42
C LYS V 294 -32.89 70.05 -16.09
N HIS V 295 -32.23 70.58 -15.07
CA HIS V 295 -32.43 71.96 -14.66
C HIS V 295 -31.14 72.77 -14.81
N GLY V 296 -30.09 72.09 -15.27
CA GLY V 296 -28.81 72.75 -15.45
C GLY V 296 -27.64 72.07 -14.77
N MET V 297 -26.47 72.71 -14.85
CA MET V 297 -25.26 72.19 -14.25
C MET V 297 -25.18 72.54 -12.77
N VAL V 298 -25.58 71.59 -11.93
CA VAL V 298 -25.55 71.77 -10.47
C VAL V 298 -24.27 71.19 -9.86
N LYS V 299 -23.48 72.06 -9.23
CA LYS V 299 -22.22 71.66 -8.60
C LYS V 299 -22.55 70.88 -7.32
N THR V 300 -21.57 70.15 -6.77
CA THR V 300 -21.79 69.36 -5.57
C THR V 300 -20.79 69.68 -4.45
N ASP V 301 -19.67 70.29 -4.83
CA ASP V 301 -18.60 70.66 -3.90
C ASP V 301 -19.02 71.04 -2.49
N HIS V 302 -20.17 71.67 -2.36
CA HIS V 302 -20.62 72.11 -1.04
C HIS V 302 -21.76 71.32 -0.41
N ILE V 303 -22.23 70.28 -1.09
CA ILE V 303 -23.30 69.47 -0.54
C ILE V 303 -22.79 68.78 0.72
N LEU V 304 -23.70 68.49 1.65
CA LEU V 304 -23.34 67.85 2.90
C LEU V 304 -23.82 66.40 2.88
N PHE V 305 -22.87 65.47 2.86
CA PHE V 305 -23.19 64.03 2.84
C PHE V 305 -23.10 63.38 4.21
N ILE V 306 -24.07 62.53 4.49
CA ILE V 306 -24.11 61.80 5.75
C ILE V 306 -24.35 60.33 5.43
N ALA V 307 -23.41 59.49 5.82
CA ALA V 307 -23.51 58.05 5.58
C ALA V 307 -23.67 57.26 6.89
N SER V 308 -24.56 56.27 6.87
CA SER V 308 -24.81 55.45 8.05
C SER V 308 -24.36 54.02 7.79
N GLY V 309 -24.12 53.28 8.88
CA GLY V 309 -23.71 51.90 8.75
C GLY V 309 -23.72 51.17 10.07
N ALA V 310 -23.97 49.86 10.00
CA ALA V 310 -24.00 49.01 11.18
C ALA V 310 -22.56 48.79 11.60
N PHE V 311 -21.69 48.55 10.62
CA PHE V 311 -20.27 48.32 10.85
C PHE V 311 -20.03 47.33 11.99
N GLN V 312 -20.60 46.15 11.85
CA GLN V 312 -20.48 45.08 12.83
C GLN V 312 -19.51 44.03 12.27
N VAL V 313 -19.55 43.87 10.95
CA VAL V 313 -18.68 42.92 10.25
C VAL V 313 -17.42 43.64 9.81
N ALA V 314 -17.57 44.82 9.20
CA ALA V 314 -16.45 45.60 8.74
C ALA V 314 -16.11 46.73 9.71
N ARG V 315 -15.13 47.54 9.34
CA ARG V 315 -14.71 48.67 10.16
C ARG V 315 -14.66 49.87 9.23
N PRO V 316 -14.74 51.09 9.78
CA PRO V 316 -14.70 52.29 8.95
C PRO V 316 -13.47 52.31 8.04
N SER V 317 -12.33 51.86 8.57
CA SER V 317 -11.07 51.83 7.83
C SER V 317 -11.04 50.84 6.65
N ASP V 318 -12.13 50.11 6.46
CA ASP V 318 -12.22 49.15 5.36
C ASP V 318 -12.75 49.84 4.10
N LEU V 319 -12.79 51.16 4.15
CA LEU V 319 -13.25 51.97 3.02
C LEU V 319 -12.02 52.57 2.38
N ILE V 320 -12.04 52.70 1.05
CA ILE V 320 -10.91 53.26 0.32
C ILE V 320 -10.40 54.52 0.99
N PRO V 321 -9.09 54.57 1.29
CA PRO V 321 -8.47 55.74 1.94
C PRO V 321 -8.76 57.05 1.22
N GLU V 322 -9.01 56.95 -0.09
CA GLU V 322 -9.30 58.10 -0.92
C GLU V 322 -10.76 58.54 -0.73
N LEU V 323 -11.27 58.34 0.49
CA LEU V 323 -12.65 58.68 0.84
C LEU V 323 -12.86 58.59 2.37
N GLN V 324 -11.80 58.27 3.10
CA GLN V 324 -11.91 58.18 4.56
C GLN V 324 -11.67 59.59 5.08
N GLY V 325 -10.89 60.36 4.33
CA GLY V 325 -10.57 61.73 4.70
C GLY V 325 -11.58 62.72 4.16
N ARG V 326 -12.68 62.22 3.61
CA ARG V 326 -13.76 63.04 3.08
C ARG V 326 -15.01 62.75 3.90
N LEU V 327 -14.77 62.32 5.14
CA LEU V 327 -15.83 61.99 6.10
C LEU V 327 -15.22 62.11 7.49
N PRO V 328 -14.61 63.27 7.82
CA PRO V 328 -13.95 63.56 9.10
C PRO V 328 -14.76 63.32 10.38
N ILE V 329 -16.07 63.54 10.32
CA ILE V 329 -16.92 63.34 11.50
C ILE V 329 -17.34 61.89 11.72
N ARG V 330 -16.91 61.34 12.84
CA ARG V 330 -17.22 59.97 13.20
C ARG V 330 -18.09 59.99 14.46
N VAL V 331 -19.38 59.74 14.30
CA VAL V 331 -20.29 59.73 15.44
C VAL V 331 -20.87 58.34 15.64
N GLU V 332 -20.81 57.85 16.88
CA GLU V 332 -21.32 56.51 17.17
C GLU V 332 -22.61 56.54 18.01
N LEU V 333 -23.71 56.08 17.42
CA LEU V 333 -24.99 56.03 18.13
C LEU V 333 -25.09 54.74 18.94
N THR V 334 -25.82 54.78 20.04
CA THR V 334 -25.98 53.61 20.88
C THR V 334 -27.32 52.93 20.60
N ALA V 335 -27.48 51.71 21.10
CA ALA V 335 -28.72 50.97 20.91
C ALA V 335 -29.75 51.49 21.88
N LEU V 336 -30.99 51.04 21.69
CA LEU V 336 -32.08 51.48 22.55
C LEU V 336 -32.39 50.45 23.64
N SER V 337 -32.21 50.86 24.90
CA SER V 337 -32.46 49.97 26.05
C SER V 337 -33.94 49.85 26.40
N ALA V 338 -34.22 49.33 27.60
CA ALA V 338 -35.59 49.16 28.05
C ALA V 338 -36.20 50.52 28.36
N ALA V 339 -35.44 51.35 29.07
CA ALA V 339 -35.88 52.70 29.43
C ALA V 339 -36.02 53.58 28.20
N ASP V 340 -35.09 53.42 27.26
CA ASP V 340 -35.09 54.20 26.02
C ASP V 340 -36.30 53.89 25.14
N PHE V 341 -36.86 52.69 25.32
CA PHE V 341 -38.03 52.27 24.54
C PHE V 341 -39.29 52.78 25.20
N GLU V 342 -39.17 53.10 26.48
CA GLU V 342 -40.27 53.61 27.28
C GLU V 342 -40.57 55.05 26.88
N ARG V 343 -39.51 55.84 26.73
CA ARG V 343 -39.60 57.24 26.36
C ARG V 343 -40.02 57.43 24.91
N ILE V 344 -39.41 56.67 24.00
CA ILE V 344 -39.74 56.77 22.58
C ILE V 344 -41.23 56.48 22.32
N LEU V 345 -41.89 55.88 23.30
CA LEU V 345 -43.29 55.53 23.17
C LEU V 345 -44.24 56.72 23.45
N THR V 346 -43.75 57.75 24.13
CA THR V 346 -44.58 58.91 24.45
C THR V 346 -43.99 60.29 24.10
N GLU V 347 -42.87 60.65 24.72
CA GLU V 347 -42.20 61.94 24.51
C GLU V 347 -42.12 62.48 23.09
N PRO V 348 -41.75 61.63 22.11
CA PRO V 348 -41.68 62.13 20.73
C PRO V 348 -43.03 62.63 20.21
N HIS V 349 -43.00 63.71 19.42
CA HIS V 349 -44.21 64.25 18.84
C HIS V 349 -44.79 63.16 17.95
N ALA V 350 -46.09 62.93 18.04
CA ALA V 350 -46.75 61.91 17.24
C ALA V 350 -46.27 60.52 17.65
N SER V 351 -46.03 60.35 18.94
CA SER V 351 -45.58 59.07 19.47
C SER V 351 -46.72 58.06 19.30
N LEU V 352 -46.41 56.78 19.42
CA LEU V 352 -47.43 55.74 19.26
C LEU V 352 -48.56 55.87 20.27
N THR V 353 -48.25 56.37 21.47
CA THR V 353 -49.28 56.54 22.50
C THR V 353 -50.29 57.58 22.03
N GLU V 354 -49.79 58.66 21.41
CA GLU V 354 -50.65 59.74 20.93
C GLU V 354 -51.37 59.34 19.64
N GLN V 355 -50.62 58.77 18.70
CA GLN V 355 -51.17 58.37 17.42
C GLN V 355 -52.38 57.45 17.56
N TYR V 356 -52.36 56.60 18.59
CA TYR V 356 -53.47 55.68 18.82
C TYR V 356 -54.56 56.34 19.66
N LYS V 357 -54.16 57.31 20.47
CA LYS V 357 -55.10 58.04 21.32
C LYS V 357 -56.00 58.86 20.39
N ALA V 358 -55.39 59.38 19.32
CA ALA V 358 -56.10 60.20 18.33
C ALA V 358 -56.86 59.37 17.29
N LEU V 359 -56.20 58.36 16.71
CA LEU V 359 -56.83 57.51 15.71
C LEU V 359 -58.01 56.73 16.27
N MET V 360 -58.11 56.67 17.59
CA MET V 360 -59.20 55.97 18.27
C MET V 360 -60.19 56.96 18.88
N ALA V 361 -59.83 58.24 18.87
CA ALA V 361 -60.69 59.29 19.40
C ALA V 361 -61.68 59.66 18.29
N THR V 362 -61.24 59.46 17.05
CA THR V 362 -62.07 59.76 15.88
C THR V 362 -63.22 58.73 15.82
N GLU V 363 -63.03 57.59 16.47
CA GLU V 363 -64.04 56.55 16.51
C GLU V 363 -65.03 56.92 17.61
N GLY V 364 -64.65 57.93 18.39
CA GLY V 364 -65.48 58.39 19.48
C GLY V 364 -65.12 57.70 20.78
N VAL V 365 -63.93 57.10 20.82
CA VAL V 365 -63.46 56.38 22.00
C VAL V 365 -62.20 57.01 22.60
N ASN V 366 -62.15 57.05 23.93
CA ASN V 366 -61.00 57.60 24.63
C ASN V 366 -60.22 56.41 25.21
N ILE V 367 -58.90 56.53 25.29
CA ILE V 367 -58.06 55.45 25.80
C ILE V 367 -56.92 55.92 26.70
N ALA V 368 -56.78 55.29 27.86
CA ALA V 368 -55.75 55.65 28.82
C ALA V 368 -54.55 54.71 28.80
N PHE V 369 -53.37 55.29 28.62
CA PHE V 369 -52.13 54.52 28.59
C PHE V 369 -51.37 54.78 29.89
N THR V 370 -51.72 54.05 30.93
CA THR V 370 -51.05 54.23 32.22
C THR V 370 -49.55 54.02 32.10
N THR V 371 -48.79 54.52 33.07
CA THR V 371 -47.33 54.39 33.03
C THR V 371 -46.81 53.00 33.35
N ASP V 372 -47.47 52.29 34.26
CA ASP V 372 -47.03 50.94 34.59
C ASP V 372 -47.31 50.00 33.42
N ALA V 373 -48.02 50.50 32.42
CA ALA V 373 -48.34 49.73 31.22
C ALA V 373 -47.48 50.14 30.03
N VAL V 374 -46.71 51.22 30.19
CA VAL V 374 -45.82 51.68 29.13
C VAL V 374 -44.52 50.93 29.34
N LYS V 375 -44.23 50.61 30.59
CA LYS V 375 -43.02 49.87 30.94
C LYS V 375 -43.17 48.47 30.38
N LYS V 376 -44.37 47.91 30.52
CA LYS V 376 -44.64 46.56 30.02
C LYS V 376 -44.87 46.50 28.52
N ILE V 377 -44.46 47.54 27.81
CA ILE V 377 -44.60 47.59 26.36
C ILE V 377 -43.23 47.91 25.78
N ALA V 378 -42.41 48.55 26.59
CA ALA V 378 -41.06 48.90 26.17
C ALA V 378 -40.16 47.75 26.59
N GLU V 379 -40.45 47.20 27.76
CA GLU V 379 -39.69 46.08 28.31
C GLU V 379 -40.44 44.80 27.94
N ALA V 380 -41.06 44.82 26.77
CA ALA V 380 -41.80 43.69 26.25
C ALA V 380 -41.59 43.68 24.74
N ALA V 381 -40.98 44.75 24.23
CA ALA V 381 -40.66 44.90 22.81
C ALA V 381 -39.15 44.82 22.75
N PHE V 382 -38.53 44.87 23.93
CA PHE V 382 -37.08 44.78 24.08
C PHE V 382 -36.78 43.31 24.27
N ARG V 383 -37.64 42.65 25.04
CA ARG V 383 -37.52 41.22 25.31
C ARG V 383 -37.54 40.46 23.99
N VAL V 384 -38.23 41.02 22.99
CA VAL V 384 -38.34 40.42 21.67
C VAL V 384 -37.19 40.79 20.75
N ASN V 385 -36.47 41.87 21.05
CA ASN V 385 -35.35 42.26 20.21
C ASN V 385 -34.06 41.56 20.64
N GLU V 386 -34.10 40.91 21.81
CA GLU V 386 -32.94 40.20 22.31
C GLU V 386 -33.19 38.70 22.25
N LYS V 387 -34.06 38.28 21.34
CA LYS V 387 -34.38 36.87 21.15
C LYS V 387 -34.75 36.61 19.70
N THR V 388 -34.53 37.63 18.87
CA THR V 388 -34.80 37.58 17.43
C THR V 388 -33.98 38.72 16.83
N GLU V 389 -34.21 39.06 15.56
CA GLU V 389 -33.48 40.15 14.95
C GLU V 389 -33.78 41.41 15.73
N ASN V 390 -32.77 42.25 15.90
CA ASN V 390 -32.93 43.50 16.61
C ASN V 390 -33.33 44.60 15.63
N ILE V 391 -34.61 44.64 15.27
CA ILE V 391 -35.11 45.62 14.31
C ILE V 391 -35.11 47.04 14.86
N GLY V 392 -34.83 47.18 16.16
CA GLY V 392 -34.80 48.50 16.77
C GLY V 392 -36.15 49.02 17.21
N ALA V 393 -36.32 50.35 17.14
CA ALA V 393 -37.57 50.99 17.54
C ALA V 393 -38.78 50.47 16.77
N ARG V 394 -38.59 50.14 15.49
CA ARG V 394 -39.67 49.63 14.65
C ARG V 394 -40.36 48.39 15.25
N ARG V 395 -39.80 47.88 16.35
CA ARG V 395 -40.36 46.71 17.04
C ARG V 395 -41.62 47.13 17.77
N LEU V 396 -41.63 48.39 18.20
CA LEU V 396 -42.76 48.97 18.92
C LEU V 396 -44.03 48.95 18.07
N HIS V 397 -43.88 49.28 16.78
CA HIS V 397 -45.03 49.31 15.88
C HIS V 397 -45.72 47.95 15.76
N THR V 398 -44.94 46.88 15.64
CA THR V 398 -45.47 45.52 15.52
C THR V 398 -46.05 45.01 16.84
N VAL V 399 -45.59 45.60 17.94
CA VAL V 399 -46.08 45.23 19.27
C VAL V 399 -47.42 45.92 19.51
N MET V 400 -47.45 47.23 19.27
CA MET V 400 -48.65 48.03 19.44
C MET V 400 -49.77 47.49 18.58
N GLU V 401 -49.46 47.21 17.32
CA GLU V 401 -50.45 46.68 16.40
C GLU V 401 -51.09 45.39 16.89
N ARG V 402 -50.42 44.70 17.81
CA ARG V 402 -50.98 43.46 18.34
C ARG V 402 -51.80 43.78 19.58
N LEU V 403 -51.44 44.89 20.23
CA LEU V 403 -52.13 45.38 21.43
C LEU V 403 -53.43 46.08 21.04
N MET V 404 -53.30 47.05 20.13
CA MET V 404 -54.43 47.82 19.62
C MET V 404 -55.10 47.02 18.51
N ASP V 405 -55.20 45.71 18.70
CA ASP V 405 -55.81 44.81 17.73
C ASP V 405 -57.26 44.56 18.11
N LYS V 406 -57.46 44.33 19.40
CA LYS V 406 -58.80 44.07 19.95
C LYS V 406 -59.68 45.31 19.85
N ILE V 407 -59.07 46.47 20.13
CA ILE V 407 -59.77 47.76 20.10
C ILE V 407 -60.01 48.33 18.70
N SER V 408 -58.97 48.37 17.88
CA SER V 408 -59.07 48.92 16.53
C SER V 408 -60.22 48.37 15.68
N PHE V 409 -60.61 47.12 15.92
CA PHE V 409 -61.68 46.48 15.16
C PHE V 409 -63.07 46.91 15.59
N SER V 410 -63.38 46.70 16.86
CA SER V 410 -64.68 47.06 17.42
C SER V 410 -64.63 48.37 18.23
N ALA V 411 -64.06 49.41 17.63
CA ALA V 411 -63.94 50.71 18.26
C ALA V 411 -65.15 51.57 17.94
N SER V 412 -65.64 51.43 16.71
CA SER V 412 -66.79 52.17 16.24
C SER V 412 -68.03 51.70 16.98
N ASP V 413 -68.15 50.37 17.14
CA ASP V 413 -69.29 49.76 17.82
C ASP V 413 -69.21 49.87 19.34
N MET V 414 -68.36 50.76 19.83
CA MET V 414 -68.19 51.00 21.26
C MET V 414 -67.91 52.49 21.47
N ASN V 415 -68.77 53.31 20.86
CA ASN V 415 -68.65 54.76 20.94
C ASN V 415 -68.83 55.33 22.34
N GLY V 416 -68.04 56.35 22.66
CA GLY V 416 -68.11 57.00 23.96
C GLY V 416 -67.72 56.13 25.14
N GLN V 417 -66.50 55.61 25.14
CA GLN V 417 -66.02 54.78 26.24
C GLN V 417 -64.54 55.02 26.52
N THR V 418 -64.21 55.13 27.81
CA THR V 418 -62.83 55.36 28.23
C THR V 418 -62.25 54.03 28.69
N VAL V 419 -61.44 53.41 27.84
CA VAL V 419 -60.82 52.13 28.18
C VAL V 419 -59.46 52.34 28.83
N ASN V 420 -59.25 51.68 29.96
CA ASN V 420 -58.00 51.78 30.70
C ASN V 420 -57.03 50.67 30.33
N ILE V 421 -56.00 51.02 29.57
CA ILE V 421 -54.98 50.06 29.15
C ILE V 421 -53.85 50.08 30.18
N ASP V 422 -53.88 49.11 31.09
CA ASP V 422 -52.89 48.99 32.15
C ASP V 422 -52.12 47.68 32.09
N ALA V 423 -51.30 47.44 33.11
CA ALA V 423 -50.51 46.24 33.20
C ALA V 423 -51.34 44.97 32.99
N ALA V 424 -52.54 44.97 33.56
CA ALA V 424 -53.44 43.82 33.44
C ALA V 424 -53.94 43.60 32.02
N TYR V 425 -54.13 44.68 31.28
CA TYR V 425 -54.60 44.60 29.91
C TYR V 425 -53.48 44.21 28.94
N VAL V 426 -52.36 44.93 29.02
CA VAL V 426 -51.21 44.66 28.16
C VAL V 426 -50.73 43.22 28.31
N ALA V 427 -50.61 42.77 29.56
CA ALA V 427 -50.16 41.40 29.86
C ALA V 427 -50.97 40.38 29.07
N ASP V 428 -52.29 40.39 29.25
CA ASP V 428 -53.16 39.46 28.56
C ASP V 428 -53.71 40.12 27.29
N ALA V 429 -52.82 40.68 26.49
CA ALA V 429 -53.20 41.34 25.24
C ALA V 429 -52.49 40.69 24.08
N LEU V 430 -51.23 40.31 24.30
CA LEU V 430 -50.42 39.66 23.27
C LEU V 430 -50.14 38.21 23.63
N GLY V 431 -49.60 37.99 24.82
CA GLY V 431 -49.29 36.64 25.28
C GLY V 431 -47.86 36.51 25.76
N GLU V 432 -47.05 35.74 25.03
CA GLU V 432 -45.64 35.51 25.38
C GLU V 432 -44.85 35.16 24.12
N VAL V 433 -43.55 35.43 24.12
CA VAL V 433 -42.72 35.13 22.94
C VAL V 433 -41.35 34.52 23.27
N VAL V 434 -41.33 33.22 23.53
CA VAL V 434 -40.07 32.53 23.84
C VAL V 434 -39.37 32.17 22.52
N GLU V 435 -38.06 31.93 22.60
CA GLU V 435 -37.26 31.59 21.42
C GLU V 435 -37.91 30.49 20.59
N ASN V 436 -37.44 30.32 19.37
CA ASN V 436 -38.01 29.32 18.46
C ASN V 436 -37.94 27.88 18.96
N GLU V 437 -36.98 27.12 18.46
CA GLU V 437 -36.80 25.72 18.84
C GLU V 437 -35.40 25.28 18.47
N ASP V 438 -34.69 26.18 17.79
CA ASP V 438 -33.31 26.01 17.34
C ASP V 438 -32.69 24.64 17.61
N LEU V 439 -32.42 24.38 18.88
CA LEU V 439 -31.82 23.14 19.34
C LEU V 439 -32.42 21.84 18.78
N SER V 440 -33.34 21.26 19.56
CA SER V 440 -34.01 20.00 19.21
C SER V 440 -34.26 19.73 17.73
N ARG V 441 -34.09 20.74 16.89
CA ARG V 441 -34.31 20.56 15.46
C ARG V 441 -33.05 20.04 14.76
N PHE V 442 -31.99 20.86 14.75
CA PHE V 442 -30.75 20.45 14.09
C PHE V 442 -29.50 20.62 14.92
N ILE V 443 -29.27 19.64 15.80
CA ILE V 443 -28.13 19.57 16.70
C ILE V 443 -28.23 18.15 17.24
N LEU V 444 -27.10 17.47 17.42
CA LEU V 444 -27.15 16.10 17.94
C LEU V 444 -26.53 16.00 19.33
N SER W 2 -0.81 85.67 -25.00
CA SER W 2 -1.51 86.24 -23.82
C SER W 2 -1.59 85.26 -22.66
N GLU W 3 -0.44 84.83 -22.14
CA GLU W 3 -0.40 83.90 -21.03
C GLU W 3 0.92 83.96 -20.27
N MET W 4 0.87 83.60 -18.99
CA MET W 4 2.05 83.63 -18.11
C MET W 4 3.26 82.87 -18.58
N THR W 5 4.33 82.96 -17.80
CA THR W 5 5.59 82.29 -18.07
C THR W 5 5.71 81.13 -17.06
N PRO W 6 6.46 80.06 -17.39
CA PRO W 6 6.58 78.95 -16.44
C PRO W 6 7.04 79.41 -15.05
N ARG W 7 8.02 80.30 -15.01
CA ARG W 7 8.55 80.83 -13.75
C ARG W 7 7.41 81.37 -12.88
N GLU W 8 6.40 81.93 -13.53
CA GLU W 8 5.24 82.51 -12.85
C GLU W 8 4.17 81.48 -12.49
N ILE W 9 3.96 80.49 -13.36
CA ILE W 9 2.96 79.47 -13.09
C ILE W 9 3.38 78.71 -11.84
N VAL W 10 4.68 78.49 -11.71
CA VAL W 10 5.26 77.79 -10.57
C VAL W 10 4.95 78.58 -9.31
N SER W 11 5.42 79.83 -9.28
CA SER W 11 5.23 80.73 -8.15
C SER W 11 3.77 81.01 -7.76
N GLU W 12 2.85 80.83 -8.71
CA GLU W 12 1.43 81.05 -8.41
C GLU W 12 0.83 79.78 -7.83
N LEU W 13 1.50 78.66 -8.03
CA LEU W 13 1.06 77.37 -7.52
C LEU W 13 1.61 77.14 -6.11
N ASP W 14 2.77 77.74 -5.84
CA ASP W 14 3.42 77.61 -4.53
C ASP W 14 2.63 78.27 -3.40
N GLN W 15 1.39 78.64 -3.68
CA GLN W 15 0.55 79.28 -2.67
C GLN W 15 -0.61 78.43 -2.19
N HIS W 16 -0.98 77.40 -2.94
CA HIS W 16 -2.08 76.53 -2.54
C HIS W 16 -1.56 75.10 -2.36
N ILE W 17 -0.48 74.79 -3.07
CA ILE W 17 0.13 73.47 -3.03
C ILE W 17 1.60 73.57 -2.64
N ILE W 18 1.87 73.77 -1.35
CA ILE W 18 3.25 73.87 -0.90
C ILE W 18 3.86 72.47 -0.88
N GLY W 19 5.12 72.38 -1.29
CA GLY W 19 5.78 71.10 -1.34
C GLY W 19 5.99 70.72 -2.80
N GLN W 20 6.35 69.47 -3.05
CA GLN W 20 6.60 69.00 -4.40
C GLN W 20 7.64 69.91 -5.03
N ALA W 21 7.71 69.92 -6.36
CA ALA W 21 8.67 70.75 -7.06
C ALA W 21 8.64 70.40 -8.53
N ASP W 22 9.34 69.31 -8.87
CA ASP W 22 9.39 68.84 -10.24
C ASP W 22 7.94 68.64 -10.70
N ALA W 23 7.05 68.53 -9.74
CA ALA W 23 5.62 68.34 -9.98
C ALA W 23 5.13 69.52 -10.81
N LYS W 24 5.18 70.71 -10.20
CA LYS W 24 4.76 71.96 -10.82
C LYS W 24 5.52 72.21 -12.11
N ARG W 25 6.86 72.19 -12.02
CA ARG W 25 7.72 72.40 -13.18
C ARG W 25 7.23 71.74 -14.47
N ALA W 26 7.04 70.42 -14.45
CA ALA W 26 6.59 69.70 -15.64
C ALA W 26 5.18 70.08 -16.04
N VAL W 27 4.37 70.51 -15.07
CA VAL W 27 2.99 70.91 -15.32
C VAL W 27 2.98 72.30 -15.95
N ALA W 28 3.89 73.15 -15.51
CA ALA W 28 4.01 74.50 -16.02
C ALA W 28 4.33 74.48 -17.51
N ILE W 29 5.46 73.88 -17.87
CA ILE W 29 5.88 73.80 -19.26
C ILE W 29 4.83 73.08 -20.13
N ALA W 30 3.83 72.47 -19.51
CA ALA W 30 2.79 71.76 -20.26
C ALA W 30 1.80 72.78 -20.80
N LEU W 31 1.62 73.85 -20.03
CA LEU W 31 0.70 74.95 -20.37
C LEU W 31 1.41 75.95 -21.25
N ARG W 32 2.62 76.32 -20.83
CA ARG W 32 3.45 77.27 -21.55
C ARG W 32 3.66 76.90 -23.01
N ASN W 33 3.86 75.61 -23.29
CA ASN W 33 4.08 75.14 -24.65
C ASN W 33 2.83 74.79 -25.44
N ARG W 34 1.65 75.00 -24.85
CA ARG W 34 0.42 74.74 -25.58
C ARG W 34 -0.01 76.11 -26.08
N TRP W 35 0.70 77.13 -25.58
CA TRP W 35 0.46 78.51 -25.96
C TRP W 35 1.47 78.87 -27.04
N ARG W 36 2.73 78.48 -26.84
CA ARG W 36 3.80 78.72 -27.79
C ARG W 36 3.44 78.04 -29.11
N ARG W 37 2.45 77.16 -29.03
CA ARG W 37 1.96 76.42 -30.19
C ARG W 37 1.11 77.35 -31.05
N MET W 38 0.63 78.43 -30.45
CA MET W 38 -0.20 79.41 -31.13
C MET W 38 0.60 80.25 -32.13
N GLN W 39 1.69 80.84 -31.67
CA GLN W 39 2.54 81.66 -32.54
C GLN W 39 3.33 80.82 -33.52
N LEU W 40 2.63 80.18 -34.45
CA LEU W 40 3.25 79.34 -35.47
C LEU W 40 2.38 79.34 -36.73
N GLN W 41 2.99 79.10 -37.88
CA GLN W 41 2.26 79.09 -39.15
C GLN W 41 1.14 78.04 -39.20
N GLU W 42 0.96 77.41 -40.36
CA GLU W 42 -0.07 76.39 -40.52
C GLU W 42 0.48 74.97 -40.37
N PRO W 43 1.57 74.64 -41.08
CA PRO W 43 2.13 73.30 -40.96
C PRO W 43 2.53 72.95 -39.53
N LEU W 44 3.52 73.68 -39.00
CA LEU W 44 3.99 73.45 -37.65
C LEU W 44 3.03 74.02 -36.61
N ARG W 45 1.74 73.71 -36.72
CA ARG W 45 0.78 74.20 -35.75
C ARG W 45 -0.37 73.25 -35.53
N HIS W 46 -0.92 72.69 -36.60
CA HIS W 46 -2.04 71.77 -36.46
C HIS W 46 -1.52 70.38 -36.12
N GLU W 47 -0.19 70.27 -36.02
CA GLU W 47 0.45 69.01 -35.67
C GLU W 47 1.61 69.21 -34.71
N VAL W 48 1.29 69.04 -33.43
CA VAL W 48 2.26 69.18 -32.35
C VAL W 48 1.49 68.89 -31.05
N THR W 49 1.17 67.62 -30.85
CA THR W 49 0.42 67.15 -29.68
C THR W 49 1.11 67.52 -28.36
N PRO W 50 0.32 67.94 -27.37
CA PRO W 50 0.88 68.32 -26.06
C PRO W 50 1.62 67.16 -25.42
N LYS W 51 2.75 67.45 -24.78
CA LYS W 51 3.53 66.43 -24.11
C LYS W 51 2.83 66.07 -22.80
N ASN W 52 1.90 65.13 -22.87
CA ASN W 52 1.11 64.71 -21.71
C ASN W 52 1.96 64.38 -20.49
N ILE W 53 1.33 64.41 -19.32
CA ILE W 53 2.04 64.14 -18.07
C ILE W 53 1.53 62.94 -17.27
N LEU W 54 2.47 62.28 -16.58
CA LEU W 54 2.18 61.13 -15.73
C LEU W 54 2.75 61.39 -14.34
N MET W 55 1.87 61.63 -13.38
CA MET W 55 2.27 61.90 -12.00
C MET W 55 2.28 60.64 -11.14
N ILE W 56 3.49 60.28 -10.70
CA ILE W 56 3.69 59.11 -9.86
C ILE W 56 3.96 59.55 -8.43
N GLY W 57 3.01 59.27 -7.54
CA GLY W 57 3.17 59.66 -6.14
C GLY W 57 2.14 59.04 -5.20
N PRO W 58 2.36 59.09 -3.88
CA PRO W 58 1.44 58.54 -2.85
C PRO W 58 -0.01 58.98 -2.95
N THR W 59 -0.71 58.98 -1.83
CA THR W 59 -2.11 59.41 -1.82
C THR W 59 -2.24 60.59 -0.86
N GLY W 60 -2.60 61.74 -1.39
CA GLY W 60 -2.76 62.93 -0.57
C GLY W 60 -1.50 63.76 -0.56
N VAL W 61 -0.75 63.73 -1.67
CA VAL W 61 0.49 64.50 -1.77
C VAL W 61 0.33 65.70 -2.71
N GLY W 62 -0.77 65.72 -3.46
CA GLY W 62 -1.01 66.84 -4.35
C GLY W 62 -0.95 66.53 -5.84
N LYS W 63 -1.48 65.38 -6.24
CA LYS W 63 -1.47 65.00 -7.64
C LYS W 63 -2.68 65.61 -8.34
N THR W 64 -3.76 65.77 -7.59
CA THR W 64 -4.99 66.35 -8.14
C THR W 64 -5.02 67.87 -7.99
N GLU W 65 -4.42 68.38 -6.92
CA GLU W 65 -4.39 69.81 -6.68
C GLU W 65 -3.69 70.53 -7.81
N ILE W 66 -2.48 70.10 -8.12
CA ILE W 66 -1.68 70.71 -9.17
C ILE W 66 -2.35 70.63 -10.54
N ALA W 67 -3.40 69.82 -10.65
CA ALA W 67 -4.10 69.69 -11.92
C ALA W 67 -5.33 70.59 -11.90
N ARG W 68 -5.79 70.92 -10.69
CA ARG W 68 -6.95 71.78 -10.51
C ARG W 68 -6.52 73.25 -10.46
N ARG W 69 -5.45 73.53 -9.73
CA ARG W 69 -4.91 74.88 -9.61
C ARG W 69 -4.16 75.24 -10.87
N LEU W 70 -4.53 74.60 -11.97
CA LEU W 70 -3.91 74.85 -13.26
C LEU W 70 -5.04 74.77 -14.29
N ALA W 71 -6.27 74.82 -13.79
CA ALA W 71 -7.46 74.78 -14.62
C ALA W 71 -8.20 76.10 -14.39
N LYS W 72 -7.89 76.72 -13.26
CA LYS W 72 -8.46 78.00 -12.89
C LYS W 72 -7.40 79.07 -13.02
N LEU W 73 -6.21 78.77 -12.52
CA LEU W 73 -5.08 79.70 -12.58
C LEU W 73 -4.41 79.59 -13.94
N ALA W 74 -5.24 79.45 -14.97
CA ALA W 74 -4.83 79.35 -16.35
C ALA W 74 -6.12 79.31 -17.16
N ASN W 75 -7.22 79.14 -16.43
CA ASN W 75 -8.57 79.10 -16.99
C ASN W 75 -8.73 78.22 -18.22
N ALA W 76 -9.34 77.06 -18.02
CA ALA W 76 -9.60 76.11 -19.10
C ALA W 76 -10.50 74.99 -18.58
N PRO W 77 -11.27 74.35 -19.48
CA PRO W 77 -12.18 73.26 -19.09
C PRO W 77 -11.42 72.13 -18.41
N PHE W 78 -11.85 71.77 -17.21
CA PHE W 78 -11.21 70.71 -16.43
C PHE W 78 -12.18 69.57 -16.12
N ILE W 79 -11.63 68.41 -15.79
CA ILE W 79 -12.45 67.24 -15.48
C ILE W 79 -11.56 66.10 -14.95
N LYS W 80 -12.00 65.45 -13.87
CA LYS W 80 -11.23 64.36 -13.30
C LYS W 80 -12.02 63.04 -13.44
N VAL W 81 -11.31 61.99 -13.85
CA VAL W 81 -11.92 60.68 -14.03
C VAL W 81 -11.01 59.55 -13.55
N GLU W 82 -11.61 58.53 -12.94
CA GLU W 82 -10.88 57.38 -12.43
C GLU W 82 -11.40 56.09 -13.07
N ALA W 83 -10.51 55.35 -13.72
CA ALA W 83 -10.91 54.10 -14.38
C ALA W 83 -11.50 53.11 -13.37
N GLU W 95 -18.83 54.47 -20.23
CA GLU W 95 -18.43 54.99 -21.53
C GLU W 95 -17.10 55.76 -21.44
N VAL W 96 -16.39 55.89 -22.57
CA VAL W 96 -15.11 56.59 -22.60
C VAL W 96 -15.19 57.94 -23.30
N ASP W 97 -16.05 58.03 -24.32
CA ASP W 97 -16.20 59.27 -25.07
C ASP W 97 -17.01 60.30 -24.29
N SER W 98 -17.63 59.87 -23.20
CA SER W 98 -18.42 60.77 -22.36
C SER W 98 -17.52 61.51 -21.39
N ILE W 99 -16.22 61.49 -21.66
CA ILE W 99 -15.25 62.19 -20.82
C ILE W 99 -15.03 63.52 -21.49
N ILE W 100 -15.33 63.55 -22.79
CA ILE W 100 -15.20 64.76 -23.60
C ILE W 100 -16.53 65.51 -23.58
N ARG W 101 -17.63 64.76 -23.51
CA ARG W 101 -18.95 65.36 -23.47
C ARG W 101 -19.15 66.09 -22.14
N ASP W 102 -18.26 65.86 -21.19
CA ASP W 102 -18.32 66.50 -19.89
C ASP W 102 -17.30 67.64 -19.81
N LEU W 103 -16.31 67.60 -20.69
CA LEU W 103 -15.29 68.65 -20.74
C LEU W 103 -15.89 69.84 -21.47
N THR W 104 -16.94 69.55 -22.26
CA THR W 104 -17.65 70.57 -23.02
C THR W 104 -18.73 71.22 -22.16
N ASP W 105 -19.39 70.41 -21.33
CA ASP W 105 -20.43 70.91 -20.44
C ASP W 105 -19.82 71.71 -19.28
N SER W 106 -18.50 71.73 -19.23
CA SER W 106 -17.76 72.47 -18.20
C SER W 106 -17.06 73.65 -18.87
N ALA W 107 -17.36 73.83 -20.16
CA ALA W 107 -16.79 74.90 -20.95
C ALA W 107 -17.91 75.88 -21.33
N MET W 108 -19.08 75.69 -20.72
CA MET W 108 -20.24 76.55 -20.94
C MET W 108 -20.17 77.72 -19.97
N LYS W 109 -19.91 77.40 -18.71
CA LYS W 109 -19.80 78.43 -17.67
C LYS W 109 -18.47 79.18 -17.75
N LEU W 110 -18.17 79.66 -18.94
CA LEU W 110 -16.96 80.44 -19.22
C LEU W 110 -17.27 81.23 -20.49
N VAL W 111 -18.55 81.19 -20.86
CA VAL W 111 -19.08 81.89 -22.02
C VAL W 111 -20.43 82.47 -21.63
N ARG W 112 -21.38 81.60 -21.26
CA ARG W 112 -22.70 82.06 -20.83
C ARG W 112 -22.58 82.36 -19.34
N GLN W 113 -21.52 83.10 -19.02
CA GLN W 113 -21.21 83.51 -17.65
C GLN W 113 -20.03 84.49 -17.74
N GLN W 114 -18.99 84.09 -18.47
CA GLN W 114 -17.82 84.93 -18.62
C GLN W 114 -18.05 85.96 -19.73
N GLU W 115 -18.51 85.50 -20.89
CA GLU W 115 -18.77 86.38 -22.02
C GLU W 115 -20.12 87.08 -21.89
N ILE W 116 -20.43 87.48 -20.67
CA ILE W 116 -21.65 88.20 -20.35
C ILE W 116 -21.31 88.93 -19.05
N ALA W 117 -20.03 88.86 -18.71
CA ALA W 117 -19.47 89.49 -17.52
C ALA W 117 -18.11 90.06 -17.92
N LYS W 118 -18.09 90.71 -19.08
CA LYS W 118 -16.88 91.33 -19.64
C LYS W 118 -17.39 92.13 -20.84
N ASN W 119 -18.31 91.50 -21.57
CA ASN W 119 -18.95 92.08 -22.74
C ASN W 119 -20.44 91.70 -22.65
N ARG W 120 -21.05 92.16 -21.55
CA ARG W 120 -22.47 91.92 -21.24
C ARG W 120 -23.36 91.86 -22.48
N LYS W 233 -29.90 89.93 -23.91
CA LYS W 233 -29.29 90.47 -25.12
C LYS W 233 -27.92 89.84 -25.37
N LEU W 234 -27.46 89.93 -26.61
CA LEU W 234 -26.16 89.38 -27.01
C LEU W 234 -26.08 87.86 -26.85
N ILE W 235 -27.24 87.21 -26.89
CA ILE W 235 -27.33 85.75 -26.75
C ILE W 235 -26.62 85.09 -27.93
N ASN W 236 -27.38 84.84 -28.99
CA ASN W 236 -26.86 84.22 -30.21
C ASN W 236 -26.48 82.74 -30.01
N PRO W 237 -27.47 81.83 -30.15
CA PRO W 237 -27.20 80.40 -29.99
C PRO W 237 -26.04 79.95 -30.88
N GLU W 238 -26.15 80.24 -32.18
CA GLU W 238 -25.12 79.90 -33.14
C GLU W 238 -23.96 80.89 -33.01
N GLU W 239 -23.30 80.86 -31.85
CA GLU W 239 -22.17 81.74 -31.58
C GLU W 239 -21.42 81.17 -30.37
N LEU W 240 -22.13 80.34 -29.59
CA LEU W 240 -21.55 79.69 -28.43
C LEU W 240 -21.02 78.31 -28.85
N LYS W 241 -21.50 77.83 -29.99
CA LYS W 241 -21.06 76.55 -30.53
C LYS W 241 -19.93 76.83 -31.53
N GLN W 242 -18.98 77.64 -31.11
CA GLN W 242 -17.83 78.04 -31.92
C GLN W 242 -16.91 78.87 -31.03
N LYS W 243 -17.48 79.38 -29.94
CA LYS W 243 -16.74 80.21 -28.99
C LYS W 243 -16.33 79.32 -27.81
N ALA W 244 -17.00 78.16 -27.70
CA ALA W 244 -16.74 77.20 -26.62
C ALA W 244 -15.91 76.01 -27.08
N ILE W 245 -16.23 75.47 -28.26
CA ILE W 245 -15.49 74.33 -28.78
C ILE W 245 -14.06 74.76 -29.08
N ASP W 246 -13.89 76.00 -29.56
CA ASP W 246 -12.56 76.52 -29.87
C ASP W 246 -11.76 76.68 -28.57
N ALA W 247 -12.46 76.57 -27.45
CA ALA W 247 -11.84 76.69 -26.13
C ALA W 247 -11.46 75.32 -25.58
N VAL W 248 -12.24 74.30 -25.94
CA VAL W 248 -11.96 72.93 -25.50
C VAL W 248 -10.80 72.38 -26.33
N GLU W 249 -10.97 72.38 -27.65
CA GLU W 249 -9.95 71.88 -28.58
C GLU W 249 -8.59 72.53 -28.31
N GLN W 250 -8.61 73.71 -27.71
CA GLN W 250 -7.36 74.42 -27.42
C GLN W 250 -7.02 74.25 -25.95
N ASN W 251 -7.89 74.76 -25.10
CA ASN W 251 -7.70 74.68 -23.66
C ASN W 251 -8.52 73.50 -23.14
N GLY W 252 -7.84 72.38 -22.89
CA GLY W 252 -8.53 71.20 -22.40
C GLY W 252 -7.62 70.37 -21.53
N ILE W 253 -7.98 70.23 -20.26
CA ILE W 253 -7.19 69.45 -19.34
C ILE W 253 -7.98 68.28 -18.78
N VAL W 254 -7.67 67.09 -19.25
CA VAL W 254 -8.34 65.86 -18.80
C VAL W 254 -7.42 65.18 -17.80
N PHE W 255 -7.92 64.96 -16.60
CA PHE W 255 -7.14 64.34 -15.53
C PHE W 255 -7.63 62.94 -15.20
N ILE W 256 -6.75 61.96 -15.34
CA ILE W 256 -7.09 60.57 -15.04
C ILE W 256 -6.43 60.11 -13.74
N ASP W 257 -7.21 60.12 -12.66
CA ASP W 257 -6.72 59.71 -11.36
C ASP W 257 -6.75 58.20 -11.27
N GLU W 258 -5.75 57.63 -10.62
CA GLU W 258 -5.63 56.19 -10.45
C GLU W 258 -5.71 55.52 -11.83
N ILE W 259 -4.60 55.55 -12.55
CA ILE W 259 -4.52 54.95 -13.86
C ILE W 259 -3.77 53.63 -13.71
N ASP W 260 -3.03 53.51 -12.62
CA ASP W 260 -2.28 52.30 -12.34
C ASP W 260 -3.26 51.18 -12.02
N LYS W 261 -4.52 51.54 -11.80
CA LYS W 261 -5.55 50.56 -11.48
C LYS W 261 -6.09 49.83 -12.69
N ILE W 262 -5.41 49.96 -13.83
CA ILE W 262 -5.85 49.28 -15.05
C ILE W 262 -4.67 48.70 -15.84
N CYS W 263 -3.78 48.01 -15.12
CA CYS W 263 -2.61 47.39 -15.73
C CYS W 263 -2.67 45.88 -15.70
N LYS W 264 -1.78 45.25 -16.48
CA LYS W 264 -1.70 43.81 -16.53
C LYS W 264 -1.06 43.34 -15.23
N LYS W 265 -1.89 42.77 -14.35
CA LYS W 265 -1.42 42.29 -13.05
C LYS W 265 -0.74 43.43 -12.28
N SER W 269 -4.98 42.21 -10.05
CA SER W 269 -5.31 41.53 -11.29
C SER W 269 -4.61 40.16 -11.34
N GLY W 270 -5.38 39.09 -11.15
CA GLY W 270 -4.81 37.76 -11.18
C GLY W 270 -5.72 36.76 -11.87
N ALA W 271 -6.79 37.26 -12.48
CA ALA W 271 -7.75 36.40 -13.18
C ALA W 271 -8.09 36.93 -14.57
N ASP W 272 -8.74 38.10 -14.63
CA ASP W 272 -9.12 38.68 -15.91
C ASP W 272 -8.34 39.94 -16.28
N VAL W 273 -8.22 40.19 -17.58
CA VAL W 273 -7.51 41.34 -18.10
C VAL W 273 -8.41 42.14 -19.05
N SER W 274 -9.49 42.70 -18.51
CA SER W 274 -10.41 43.51 -19.28
C SER W 274 -10.13 44.97 -18.92
N ARG W 275 -9.28 45.14 -17.91
CA ARG W 275 -8.87 46.47 -17.44
C ARG W 275 -7.93 47.03 -18.50
N GLU W 276 -7.47 46.14 -19.37
CA GLU W 276 -6.55 46.51 -20.44
C GLU W 276 -7.41 46.80 -21.67
N GLY W 277 -8.73 46.73 -21.47
CA GLY W 277 -9.67 47.02 -22.54
C GLY W 277 -10.03 48.48 -22.41
N VAL W 278 -10.10 48.93 -21.16
CA VAL W 278 -10.40 50.33 -20.83
C VAL W 278 -9.21 51.16 -21.29
N GLN W 279 -8.02 50.62 -21.09
CA GLN W 279 -6.79 51.28 -21.48
C GLN W 279 -6.75 51.34 -23.02
N ARG W 280 -7.64 50.57 -23.65
CA ARG W 280 -7.71 50.51 -25.11
C ARG W 280 -8.77 51.45 -25.69
N ASP W 281 -9.87 51.63 -24.97
CA ASP W 281 -10.95 52.52 -25.41
C ASP W 281 -10.58 53.97 -25.08
N LEU W 282 -9.63 54.10 -24.15
CA LEU W 282 -9.15 55.39 -23.68
C LEU W 282 -7.94 55.80 -24.52
N LEU W 283 -7.78 55.13 -25.66
CA LEU W 283 -6.64 55.41 -26.54
C LEU W 283 -6.98 56.42 -27.63
N PRO W 284 -8.13 56.26 -28.30
CA PRO W 284 -8.48 57.22 -29.35
C PRO W 284 -8.46 58.68 -28.87
N LEU W 285 -8.66 58.87 -27.56
CA LEU W 285 -8.67 60.22 -26.98
C LEU W 285 -7.29 60.82 -26.81
N VAL W 286 -6.39 60.13 -26.10
CA VAL W 286 -5.05 60.65 -25.90
C VAL W 286 -4.29 60.75 -27.22
N GLU W 287 -4.81 60.08 -28.24
CA GLU W 287 -4.20 60.08 -29.57
C GLU W 287 -4.73 61.26 -30.37
N GLY W 288 -6.02 61.20 -30.70
CA GLY W 288 -6.63 62.26 -31.46
C GLY W 288 -7.78 61.78 -32.32
N SER W 289 -9.00 62.01 -31.86
CA SER W 289 -10.19 61.60 -32.59
C SER W 289 -11.20 62.75 -32.61
N THR W 290 -12.43 62.45 -32.98
CA THR W 290 -13.48 63.47 -33.02
C THR W 290 -14.73 63.03 -32.26
N VAL W 291 -14.80 63.41 -30.99
CA VAL W 291 -15.93 63.07 -30.14
C VAL W 291 -17.14 63.90 -30.56
N SER W 292 -18.29 63.25 -30.67
CA SER W 292 -19.51 63.96 -31.07
C SER W 292 -20.38 64.34 -29.88
N THR W 293 -20.26 65.59 -29.43
CA THR W 293 -21.03 66.09 -28.31
C THR W 293 -22.30 66.77 -28.80
N LYS W 294 -23.11 67.26 -27.87
CA LYS W 294 -24.35 67.94 -28.20
C LYS W 294 -24.12 69.38 -28.66
N HIS W 295 -22.86 69.76 -28.79
CA HIS W 295 -22.49 71.10 -29.22
C HIS W 295 -21.74 71.06 -30.54
N GLY W 296 -21.52 69.85 -31.06
CA GLY W 296 -20.82 69.70 -32.31
C GLY W 296 -19.65 68.74 -32.26
N MET W 297 -18.92 68.63 -33.38
CA MET W 297 -17.77 67.75 -33.49
C MET W 297 -16.52 68.41 -32.92
N VAL W 298 -16.20 68.07 -31.66
CA VAL W 298 -15.03 68.61 -30.99
C VAL W 298 -13.85 67.65 -31.10
N LYS W 299 -12.76 68.13 -31.69
CA LYS W 299 -11.55 67.35 -31.88
C LYS W 299 -10.83 67.24 -30.54
N THR W 300 -9.89 66.31 -30.43
CA THR W 300 -9.16 66.11 -29.17
C THR W 300 -7.65 66.18 -29.33
N ASP W 301 -7.19 66.00 -30.57
CA ASP W 301 -5.77 66.01 -30.91
C ASP W 301 -4.88 66.93 -30.07
N HIS W 302 -5.40 68.08 -29.67
CA HIS W 302 -4.59 69.02 -28.92
C HIS W 302 -4.89 69.13 -27.43
N ILE W 303 -5.81 68.32 -26.94
CA ILE W 303 -6.14 68.36 -25.52
C ILE W 303 -4.93 67.89 -24.74
N LEU W 304 -4.79 68.38 -23.51
CA LEU W 304 -3.66 68.02 -22.67
C LEU W 304 -4.12 67.09 -21.56
N PHE W 305 -3.68 65.83 -21.63
CA PHE W 305 -4.04 64.83 -20.64
C PHE W 305 -2.96 64.63 -19.55
N ILE W 306 -3.44 64.51 -18.31
CA ILE W 306 -2.55 64.28 -17.17
C ILE W 306 -3.12 63.11 -16.38
N ALA W 307 -2.33 62.05 -16.24
CA ALA W 307 -2.75 60.85 -15.50
C ALA W 307 -1.92 60.65 -14.25
N SER W 308 -2.58 60.29 -13.15
CA SER W 308 -1.90 60.08 -11.89
C SER W 308 -2.00 58.62 -11.47
N GLY W 309 -1.08 58.21 -10.60
CA GLY W 309 -1.09 56.84 -10.14
C GLY W 309 -0.14 56.62 -8.98
N ALA W 310 -0.49 55.66 -8.13
CA ALA W 310 0.32 55.31 -6.98
C ALA W 310 1.51 54.50 -7.50
N PHE W 311 1.23 53.60 -8.41
CA PHE W 311 2.26 52.75 -9.02
C PHE W 311 3.19 52.15 -7.98
N GLN W 312 2.60 51.42 -7.04
CA GLN W 312 3.32 50.77 -5.96
C GLN W 312 3.34 49.28 -6.26
N VAL W 313 2.27 48.81 -6.89
CA VAL W 313 2.13 47.41 -7.27
C VAL W 313 2.65 47.22 -8.68
N ALA W 314 2.22 48.08 -9.60
CA ALA W 314 2.65 48.00 -10.98
C ALA W 314 3.74 49.01 -11.28
N ARG W 315 4.14 49.09 -12.54
CA ARG W 315 5.17 50.03 -12.97
C ARG W 315 4.61 50.72 -14.21
N PRO W 316 5.12 51.91 -14.55
CA PRO W 316 4.63 52.63 -15.73
C PRO W 316 4.66 51.77 -16.99
N SER W 317 5.73 50.97 -17.14
CA SER W 317 5.90 50.10 -18.30
C SER W 317 4.88 48.96 -18.40
N ASP W 318 3.98 48.86 -17.42
CA ASP W 318 2.97 47.82 -17.44
C ASP W 318 1.74 48.29 -18.20
N LEU W 319 1.90 49.41 -18.90
CA LEU W 319 0.83 49.98 -19.71
C LEU W 319 1.13 49.66 -21.15
N ILE W 320 0.09 49.40 -21.95
CA ILE W 320 0.28 49.07 -23.36
C ILE W 320 1.27 50.04 -24.01
N PRO W 321 2.30 49.51 -24.67
CA PRO W 321 3.31 50.33 -25.34
C PRO W 321 2.72 51.35 -26.32
N GLU W 322 1.53 51.02 -26.83
CA GLU W 322 0.83 51.88 -27.78
C GLU W 322 0.13 53.02 -27.03
N LEU W 323 0.77 53.49 -25.97
CA LEU W 323 0.24 54.57 -25.12
C LEU W 323 1.29 55.00 -24.08
N GLN W 324 2.48 54.41 -24.12
CA GLN W 324 3.54 54.79 -23.21
C GLN W 324 4.25 55.96 -23.86
N GLY W 325 4.22 55.98 -25.19
CA GLY W 325 4.86 57.03 -25.95
C GLY W 325 3.95 58.22 -26.19
N ARG W 326 2.78 58.19 -25.55
CA ARG W 326 1.80 59.27 -25.65
C ARG W 326 1.66 59.90 -24.27
N LEU W 327 2.73 59.77 -23.48
CA LEU W 327 2.80 60.31 -22.13
C LEU W 327 4.28 60.49 -21.79
N PRO W 328 5.02 61.21 -22.64
CA PRO W 328 6.45 61.48 -22.49
C PRO W 328 6.93 62.04 -21.15
N ILE W 329 6.10 62.86 -20.51
CA ILE W 329 6.50 63.46 -19.24
C ILE W 329 6.26 62.54 -18.04
N ARG W 330 7.35 62.20 -17.36
CA ARG W 330 7.30 61.34 -16.18
C ARG W 330 7.76 62.14 -14.96
N VAL W 331 6.80 62.57 -14.14
CA VAL W 331 7.13 63.34 -12.95
C VAL W 331 6.78 62.56 -11.69
N GLU W 332 7.73 62.47 -10.75
CA GLU W 332 7.50 61.73 -9.52
C GLU W 332 7.39 62.62 -8.28
N LEU W 333 6.19 62.63 -7.69
CA LEU W 333 5.94 63.44 -6.50
C LEU W 333 6.36 62.68 -5.25
N THR W 334 6.81 63.40 -4.23
CA THR W 334 7.25 62.77 -2.98
C THR W 334 6.13 62.82 -1.95
N ALA W 335 6.30 62.06 -0.87
CA ALA W 335 5.32 62.02 0.21
C ALA W 335 5.54 63.24 1.09
N LEU W 336 4.58 63.52 1.99
CA LEU W 336 4.65 64.69 2.88
C LEU W 336 5.17 64.33 4.27
N SER W 337 6.29 64.94 4.65
CA SER W 337 6.90 64.67 5.95
C SER W 337 6.24 65.42 7.10
N ALA W 338 6.95 65.47 8.23
CA ALA W 338 6.45 66.16 9.42
C ALA W 338 6.47 67.66 9.17
N ALA W 339 7.60 68.16 8.66
CA ALA W 339 7.76 69.59 8.36
C ALA W 339 6.85 70.03 7.22
N ASP W 340 6.65 69.16 6.24
CA ASP W 340 5.80 69.44 5.09
C ASP W 340 4.32 69.56 5.49
N PHE W 341 3.96 68.92 6.60
CA PHE W 341 2.58 68.97 7.09
C PHE W 341 2.37 70.23 7.91
N GLU W 342 3.48 70.77 8.40
CA GLU W 342 3.49 71.97 9.21
C GLU W 342 3.17 73.17 8.34
N ARG W 343 3.83 73.22 7.18
CA ARG W 343 3.65 74.31 6.22
C ARG W 343 2.29 74.26 5.53
N ILE W 344 1.85 73.08 5.11
CA ILE W 344 0.56 72.93 4.43
C ILE W 344 -0.59 73.40 5.33
N LEU W 345 -0.29 73.53 6.62
CA LEU W 345 -1.30 73.94 7.58
C LEU W 345 -1.53 75.45 7.62
N THR W 346 -0.57 76.23 7.11
CA THR W 346 -0.70 77.69 7.13
C THR W 346 -0.45 78.41 5.79
N GLU W 347 0.78 78.30 5.27
CA GLU W 347 1.19 78.95 4.02
C GLU W 347 0.19 78.93 2.86
N PRO W 348 -0.44 77.78 2.57
CA PRO W 348 -1.40 77.77 1.47
C PRO W 348 -2.57 78.71 1.68
N HIS W 349 -3.03 79.35 0.60
CA HIS W 349 -4.17 80.24 0.69
C HIS W 349 -5.36 79.41 1.14
N ALA W 350 -6.12 79.93 2.09
CA ALA W 350 -7.28 79.21 2.62
C ALA W 350 -6.83 77.96 3.36
N SER W 351 -5.70 78.06 4.05
CA SER W 351 -5.18 76.94 4.83
C SER W 351 -6.14 76.66 5.98
N LEU W 352 -6.02 75.49 6.60
CA LEU W 352 -6.89 75.13 7.71
C LEU W 352 -6.79 76.10 8.88
N THR W 353 -5.60 76.68 9.08
CA THR W 353 -5.42 77.62 10.16
C THR W 353 -6.28 78.86 9.90
N GLU W 354 -6.31 79.30 8.64
CA GLU W 354 -7.10 80.47 8.26
C GLU W 354 -8.59 80.16 8.17
N GLN W 355 -8.92 79.05 7.52
CA GLN W 355 -10.32 78.66 7.37
C GLN W 355 -11.06 78.57 8.69
N TYR W 356 -10.36 78.16 9.74
CA TYR W 356 -10.98 78.05 11.06
C TYR W 356 -10.93 79.39 11.81
N LYS W 357 -9.93 80.21 11.48
CA LYS W 357 -9.76 81.52 12.09
C LYS W 357 -10.95 82.37 11.63
N ALA W 358 -11.33 82.20 10.37
CA ALA W 358 -12.44 82.94 9.77
C ALA W 358 -13.81 82.35 10.11
N LEU W 359 -13.97 81.04 9.96
CA LEU W 359 -15.24 80.39 10.26
C LEU W 359 -15.64 80.52 11.72
N MET W 360 -14.68 80.89 12.56
CA MET W 360 -14.91 81.08 13.99
C MET W 360 -14.93 82.56 14.35
N ALA W 361 -14.55 83.41 13.40
CA ALA W 361 -14.55 84.86 13.61
C ALA W 361 -15.97 85.35 13.36
N THR W 362 -16.70 84.62 12.52
CA THR W 362 -18.09 84.94 12.19
C THR W 362 -18.98 84.68 13.41
N GLU W 363 -18.48 83.86 14.32
CA GLU W 363 -19.22 83.53 15.55
C GLU W 363 -18.92 84.66 16.53
N GLY W 364 -17.95 85.50 16.17
CA GLY W 364 -17.56 86.61 17.02
C GLY W 364 -16.41 86.22 17.93
N VAL W 365 -15.73 85.13 17.59
CA VAL W 365 -14.61 84.64 18.39
C VAL W 365 -13.28 84.68 17.63
N ASN W 366 -12.23 85.05 18.32
CA ASN W 366 -10.90 85.10 17.73
C ASN W 366 -10.14 83.89 18.26
N ILE W 367 -9.22 83.36 17.45
CA ILE W 367 -8.43 82.19 17.85
C ILE W 367 -6.96 82.25 17.41
N ALA W 368 -6.07 82.00 18.35
CA ALA W 368 -4.64 82.02 18.08
C ALA W 368 -4.04 80.62 17.90
N PHE W 369 -3.37 80.43 16.76
CA PHE W 369 -2.73 79.15 16.47
C PHE W 369 -1.22 79.33 16.60
N THR W 370 -0.71 79.24 17.81
CA THR W 370 0.72 79.40 18.04
C THR W 370 1.54 78.42 17.20
N THR W 371 2.82 78.72 17.01
CA THR W 371 3.69 77.86 16.20
C THR W 371 4.08 76.54 16.88
N ASP W 372 4.29 76.56 18.18
CA ASP W 372 4.66 75.32 18.89
C ASP W 372 3.46 74.37 18.92
N ALA W 373 2.31 74.87 18.46
CA ALA W 373 1.08 74.08 18.43
C ALA W 373 0.74 73.64 17.01
N VAL W 374 1.47 74.16 16.04
CA VAL W 374 1.25 73.78 14.65
C VAL W 374 2.13 72.56 14.42
N LYS W 375 3.25 72.51 15.14
CA LYS W 375 4.17 71.37 15.04
C LYS W 375 3.47 70.15 15.61
N LYS W 376 2.78 70.35 16.73
CA LYS W 376 2.07 69.26 17.38
C LYS W 376 0.75 68.92 16.69
N ILE W 377 0.58 69.37 15.46
CA ILE W 377 -0.64 69.06 14.71
C ILE W 377 -0.21 68.45 13.38
N ALA W 378 1.02 68.77 12.99
CA ALA W 378 1.58 68.25 11.75
C ALA W 378 2.31 66.97 12.12
N GLU W 379 2.98 67.00 13.26
CA GLU W 379 3.72 65.85 13.76
C GLU W 379 2.81 65.09 14.73
N ALA W 380 1.52 65.10 14.41
CA ALA W 380 0.50 64.41 15.20
C ALA W 380 -0.53 63.88 14.21
N ALA W 381 -0.39 64.29 12.96
CA ALA W 381 -1.29 63.85 11.90
C ALA W 381 -0.42 62.98 11.00
N PHE W 382 0.89 63.04 11.27
CA PHE W 382 1.89 62.27 10.55
C PHE W 382 2.05 60.97 11.32
N ARG W 383 2.04 61.10 12.64
CA ARG W 383 2.15 59.96 13.55
C ARG W 383 1.01 58.98 13.24
N VAL W 384 -0.11 59.51 12.76
CA VAL W 384 -1.29 58.71 12.44
C VAL W 384 -1.24 58.13 11.03
N ASN W 385 -0.44 58.73 10.15
CA ASN W 385 -0.33 58.23 8.78
C ASN W 385 0.71 57.13 8.67
N GLU W 386 1.51 56.97 9.71
CA GLU W 386 2.53 55.93 9.71
C GLU W 386 2.14 54.84 10.69
N LYS W 387 0.84 54.69 10.93
CA LYS W 387 0.32 53.67 11.82
C LYS W 387 -1.06 53.24 11.36
N THR W 388 -1.44 53.73 10.19
CA THR W 388 -2.74 53.41 9.57
C THR W 388 -2.56 53.73 8.09
N GLU W 389 -3.65 53.78 7.32
CA GLU W 389 -3.54 54.10 5.90
C GLU W 389 -2.95 55.51 5.81
N ASN W 390 -2.10 55.72 4.82
CA ASN W 390 -1.48 57.03 4.62
C ASN W 390 -2.36 57.81 3.66
N ILE W 391 -3.43 58.40 4.18
CA ILE W 391 -4.36 59.18 3.37
C ILE W 391 -3.76 60.50 2.88
N GLY W 392 -2.56 60.82 3.35
CA GLY W 392 -1.90 62.06 2.94
C GLY W 392 -2.33 63.30 3.69
N ALA W 393 -2.32 64.45 3.01
CA ALA W 393 -2.70 65.71 3.61
C ALA W 393 -4.12 65.68 4.18
N ARG W 394 -5.02 64.96 3.52
CA ARG W 394 -6.41 64.86 3.98
C ARG W 394 -6.53 64.38 5.42
N ARG W 395 -5.40 64.02 6.01
CA ARG W 395 -5.36 63.55 7.40
C ARG W 395 -5.50 64.75 8.32
N LEU W 396 -5.03 65.89 7.84
CA LEU W 396 -5.09 67.13 8.60
C LEU W 396 -6.55 67.54 8.87
N HIS W 397 -7.42 67.36 7.87
CA HIS W 397 -8.82 67.72 8.03
C HIS W 397 -9.51 66.95 9.16
N THR W 398 -9.27 65.64 9.23
CA THR W 398 -9.86 64.79 10.26
C THR W 398 -9.25 65.05 11.65
N VAL W 399 -8.03 65.60 11.66
CA VAL W 399 -7.35 65.91 12.91
C VAL W 399 -7.91 67.23 13.45
N MET W 400 -7.94 68.24 12.57
CA MET W 400 -8.46 69.55 12.92
C MET W 400 -9.89 69.44 13.41
N GLU W 401 -10.71 68.70 12.67
CA GLU W 401 -12.10 68.52 13.02
C GLU W 401 -12.27 67.95 14.44
N ARG W 402 -11.24 67.29 14.97
CA ARG W 402 -11.33 66.73 16.31
C ARG W 402 -10.82 67.77 17.32
N LEU W 403 -9.96 68.67 16.84
CA LEU W 403 -9.40 69.73 17.65
C LEU W 403 -10.42 70.86 17.79
N MET W 404 -10.93 71.33 16.65
CA MET W 404 -11.93 72.39 16.59
C MET W 404 -13.31 71.77 16.80
N ASP W 405 -13.38 70.83 17.73
CA ASP W 405 -14.63 70.14 18.05
C ASP W 405 -15.26 70.78 19.27
N LYS W 406 -14.42 71.07 20.25
CA LYS W 406 -14.85 71.70 21.50
C LYS W 406 -15.30 73.13 21.25
N ILE W 407 -14.56 73.84 20.40
CA ILE W 407 -14.86 75.23 20.08
C ILE W 407 -16.03 75.41 19.10
N SER W 408 -16.01 74.68 17.99
CA SER W 408 -17.06 74.80 16.97
C SER W 408 -18.51 74.71 17.49
N PHE W 409 -18.71 73.95 18.56
CA PHE W 409 -20.04 73.77 19.13
C PHE W 409 -20.51 74.97 19.95
N SER W 410 -19.75 75.32 20.97
CA SER W 410 -20.07 76.44 21.85
C SER W 410 -19.24 77.69 21.54
N ALA W 411 -19.23 78.08 20.26
CA ALA W 411 -18.50 79.25 19.81
C ALA W 411 -19.40 80.47 19.86
N SER W 412 -20.67 80.26 19.53
CA SER W 412 -21.67 81.32 19.53
C SER W 412 -21.91 81.80 20.96
N ASP W 413 -22.04 80.84 21.87
CA ASP W 413 -22.29 81.12 23.28
C ASP W 413 -21.04 81.59 24.03
N MET W 414 -20.03 82.01 23.29
CA MET W 414 -18.78 82.52 23.87
C MET W 414 -18.27 83.63 22.97
N ASN W 415 -19.17 84.56 22.65
CA ASN W 415 -18.85 85.69 21.79
C ASN W 415 -17.79 86.63 22.37
N GLY W 416 -16.95 87.16 21.49
CA GLY W 416 -15.90 88.08 21.92
C GLY W 416 -14.85 87.51 22.85
N GLN W 417 -14.17 86.45 22.42
CA GLN W 417 -13.12 85.86 23.23
C GLN W 417 -11.95 85.38 22.37
N THR W 418 -10.73 85.65 22.84
CA THR W 418 -9.52 85.25 22.12
C THR W 418 -8.95 84.00 22.80
N VAL W 419 -9.20 82.84 22.20
CA VAL W 419 -8.72 81.57 22.75
C VAL W 419 -7.34 81.23 22.20
N ASN W 420 -6.42 80.92 23.10
CA ASN W 420 -5.06 80.56 22.70
C ASN W 420 -4.88 79.06 22.57
N ILE W 421 -4.80 78.60 21.32
CA ILE W 421 -4.61 77.18 21.04
C ILE W 421 -3.11 76.90 20.93
N ASP W 422 -2.55 76.39 22.02
CA ASP W 422 -1.13 76.09 22.10
C ASP W 422 -0.86 74.61 22.35
N ALA W 423 0.41 74.29 22.59
CA ALA W 423 0.83 72.91 22.84
C ALA W 423 0.00 72.26 23.95
N ALA W 424 -0.30 73.03 24.99
CA ALA W 424 -1.09 72.53 26.11
C ALA W 424 -2.52 72.20 25.71
N TYR W 425 -3.08 72.99 24.79
CA TYR W 425 -4.45 72.76 24.35
C TYR W 425 -4.54 71.61 23.37
N VAL W 426 -3.70 71.63 22.35
CA VAL W 426 -3.70 70.59 21.34
C VAL W 426 -3.46 69.22 21.97
N ALA W 427 -2.48 69.15 22.87
CA ALA W 427 -2.15 67.90 23.54
C ALA W 427 -3.39 67.26 24.15
N ASP W 428 -4.05 67.99 25.02
CA ASP W 428 -5.25 67.50 25.68
C ASP W 428 -6.50 67.95 24.91
N ALA W 429 -6.49 67.71 23.60
CA ALA W 429 -7.62 68.09 22.75
C ALA W 429 -8.16 66.86 22.04
N LEU W 430 -7.26 65.96 21.66
CA LEU W 430 -7.63 64.72 20.97
C LEU W 430 -7.39 63.48 21.83
N GLY W 431 -6.16 63.31 22.31
CA GLY W 431 -5.82 62.16 23.14
C GLY W 431 -4.57 61.43 22.66
N GLU W 432 -4.75 60.18 22.22
CA GLU W 432 -3.64 59.37 21.72
C GLU W 432 -4.17 58.34 20.73
N VAL W 433 -3.32 57.90 19.80
CA VAL W 433 -3.74 56.91 18.79
C VAL W 433 -2.70 55.82 18.50
N VAL W 434 -2.67 54.78 19.34
CA VAL W 434 -1.74 53.66 19.15
C VAL W 434 -2.38 52.63 18.22
N GLU W 435 -1.57 51.76 17.63
CA GLU W 435 -2.05 50.73 16.72
C GLU W 435 -3.23 49.94 17.26
N ASN W 436 -3.96 49.27 16.36
CA ASN W 436 -5.13 48.50 16.76
C ASN W 436 -4.84 47.45 17.82
N GLU W 437 -4.79 46.18 17.40
CA GLU W 437 -4.53 45.06 18.31
C GLU W 437 -4.00 43.89 17.51
N ASP W 438 -4.07 44.05 16.19
CA ASP W 438 -3.61 43.09 15.20
C ASP W 438 -3.20 41.74 15.78
N LEU W 439 -2.02 41.73 16.38
CA LEU W 439 -1.44 40.54 17.00
C LEU W 439 -2.40 39.66 17.79
N SER W 440 -2.41 39.87 19.11
CA SER W 440 -3.24 39.12 20.05
C SER W 440 -4.59 38.62 19.50
N ARG W 441 -4.98 39.09 18.32
CA ARG W 441 -6.27 38.68 17.75
C ARG W 441 -6.15 37.43 16.87
N PHE W 442 -5.38 37.51 15.78
CA PHE W 442 -5.24 36.34 14.90
C PHE W 442 -3.81 36.03 14.50
N ILE W 443 -3.09 35.44 15.45
CA ILE W 443 -1.70 35.02 15.32
C ILE W 443 -1.57 34.04 16.48
N LEU W 444 -0.81 32.96 16.30
CA LEU W 444 -0.65 32.00 17.38
C LEU W 444 0.81 31.95 17.85
N SER X 2 -9.33 62.94 -62.44
CA SER X 2 -8.79 64.10 -61.69
C SER X 2 -8.09 63.68 -60.41
N GLU X 3 -7.01 62.90 -60.54
CA GLU X 3 -6.26 62.45 -59.38
C GLU X 3 -4.83 62.04 -59.76
N MET X 4 -3.93 62.13 -58.78
CA MET X 4 -2.51 61.81 -58.99
C MET X 4 -2.21 60.42 -59.52
N THR X 5 -0.92 60.18 -59.77
CA THR X 5 -0.42 58.92 -60.29
C THR X 5 0.30 58.23 -59.12
N PRO X 6 0.37 56.88 -59.13
CA PRO X 6 1.04 56.18 -58.03
C PRO X 6 2.44 56.72 -57.76
N ARG X 7 3.20 56.95 -58.83
CA ARG X 7 4.56 57.48 -58.73
C ARG X 7 4.59 58.75 -57.87
N GLU X 8 3.52 59.54 -57.95
CA GLU X 8 3.40 60.79 -57.22
C GLU X 8 2.89 60.61 -55.80
N ILE X 9 1.96 59.67 -55.61
CA ILE X 9 1.42 59.43 -54.28
C ILE X 9 2.55 58.97 -53.38
N VAL X 10 3.42 58.14 -53.94
CA VAL X 10 4.57 57.63 -53.20
C VAL X 10 5.43 58.80 -52.77
N SER X 11 5.90 59.56 -53.76
CA SER X 11 6.77 60.72 -53.53
C SER X 11 6.19 61.79 -52.60
N GLU X 12 4.87 61.84 -52.49
CA GLU X 12 4.24 62.82 -51.61
C GLU X 12 4.15 62.27 -50.20
N LEU X 13 4.27 60.95 -50.07
CA LEU X 13 4.23 60.30 -48.77
C LEU X 13 5.63 60.24 -48.18
N ASP X 14 6.64 60.22 -49.04
CA ASP X 14 8.04 60.16 -48.60
C ASP X 14 8.50 61.41 -47.85
N GLN X 15 7.56 62.28 -47.50
CA GLN X 15 7.92 63.51 -46.80
C GLN X 15 7.46 63.56 -45.34
N HIS X 16 6.52 62.71 -44.98
CA HIS X 16 6.01 62.66 -43.60
C HIS X 16 6.31 61.30 -42.99
N ILE X 17 6.37 60.28 -43.84
CA ILE X 17 6.61 58.90 -43.43
C ILE X 17 7.85 58.34 -44.11
N ILE X 18 9.04 58.75 -43.67
CA ILE X 18 10.27 58.25 -44.27
C ILE X 18 10.49 56.82 -43.82
N GLY X 19 10.94 55.97 -44.74
CA GLY X 19 11.16 54.58 -44.40
C GLY X 19 10.15 53.75 -45.15
N GLN X 20 10.02 52.47 -44.77
CA GLN X 20 9.07 51.58 -45.43
C GLN X 20 9.36 51.62 -46.92
N ALA X 21 8.38 51.22 -47.72
CA ALA X 21 8.54 51.20 -49.16
C ALA X 21 7.35 50.51 -49.78
N ASP X 22 7.39 49.17 -49.75
CA ASP X 22 6.32 48.35 -50.31
C ASP X 22 5.04 48.78 -49.62
N ALA X 23 5.20 49.44 -48.48
CA ALA X 23 4.10 49.95 -47.69
C ALA X 23 3.29 50.93 -48.55
N LYS X 24 3.94 52.03 -48.89
CA LYS X 24 3.35 53.08 -49.72
C LYS X 24 2.87 52.52 -51.05
N ARG X 25 3.76 51.84 -51.77
CA ARG X 25 3.43 51.25 -53.05
C ARG X 25 2.06 50.60 -53.12
N ALA X 26 1.80 49.63 -52.24
CA ALA X 26 0.52 48.94 -52.24
C ALA X 26 -0.64 49.85 -51.88
N VAL X 27 -0.32 50.88 -51.08
CA VAL X 27 -1.34 51.85 -50.66
C VAL X 27 -1.66 52.79 -51.82
N ALA X 28 -0.63 53.15 -52.58
CA ALA X 28 -0.79 54.04 -53.72
C ALA X 28 -1.75 53.43 -54.74
N ILE X 29 -1.39 52.27 -55.26
CA ILE X 29 -2.21 51.57 -56.24
C ILE X 29 -3.61 51.25 -55.72
N ALA X 30 -3.85 51.48 -54.43
CA ALA X 30 -5.16 51.21 -53.85
C ALA X 30 -6.07 52.39 -54.16
N LEU X 31 -5.46 53.57 -54.23
CA LEU X 31 -6.15 54.84 -54.51
C LEU X 31 -6.26 55.04 -56.01
N ARG X 32 -5.14 54.83 -56.70
CA ARG X 32 -5.06 54.98 -58.13
C ARG X 32 -6.09 54.13 -58.87
N ASN X 33 -6.34 52.91 -58.39
CA ASN X 33 -7.29 52.04 -59.06
C ASN X 33 -8.73 52.16 -58.58
N ARG X 34 -9.01 53.10 -57.68
CA ARG X 34 -10.37 53.31 -57.22
C ARG X 34 -10.86 54.50 -58.05
N TRP X 35 -9.92 55.11 -58.75
CA TRP X 35 -10.18 56.24 -59.63
C TRP X 35 -10.34 55.70 -61.04
N ARG X 36 -9.43 54.81 -61.44
CA ARG X 36 -9.47 54.18 -62.75
C ARG X 36 -10.78 53.43 -62.89
N ARG X 37 -11.45 53.25 -61.76
CA ARG X 37 -12.74 52.57 -61.71
C ARG X 37 -13.81 53.49 -62.25
N MET X 38 -13.51 54.79 -62.22
CA MET X 38 -14.44 55.81 -62.70
C MET X 38 -14.61 55.78 -64.22
N GLN X 39 -13.50 55.85 -64.95
CA GLN X 39 -13.53 55.84 -66.40
C GLN X 39 -13.91 54.47 -66.95
N LEU X 40 -15.14 54.05 -66.67
CA LEU X 40 -15.63 52.75 -67.14
C LEU X 40 -17.14 52.83 -67.36
N GLN X 41 -17.67 51.99 -68.23
CA GLN X 41 -19.10 51.99 -68.53
C GLN X 41 -19.97 51.69 -67.31
N GLU X 42 -21.04 50.92 -67.51
CA GLU X 42 -21.94 50.59 -66.41
C GLU X 42 -21.67 49.20 -65.84
N PRO X 43 -21.57 48.18 -66.69
CA PRO X 43 -21.31 46.84 -66.19
C PRO X 43 -19.99 46.77 -65.40
N LEU X 44 -18.89 47.02 -66.09
CA LEU X 44 -17.57 46.99 -65.47
C LEU X 44 -17.29 48.23 -64.63
N ARG X 45 -18.22 48.60 -63.75
CA ARG X 45 -18.00 49.78 -62.91
C ARG X 45 -18.68 49.66 -61.56
N HIS X 46 -19.92 49.18 -61.54
CA HIS X 46 -20.63 49.04 -60.27
C HIS X 46 -20.22 47.73 -59.59
N GLU X 47 -19.33 46.99 -60.24
CA GLU X 47 -18.81 45.75 -59.69
C GLU X 47 -17.32 45.60 -59.94
N VAL X 48 -16.55 46.00 -58.94
CA VAL X 48 -15.10 45.93 -58.97
C VAL X 48 -14.62 46.46 -57.61
N THR X 49 -14.82 45.64 -56.58
CA THR X 49 -14.45 45.98 -55.21
C THR X 49 -12.97 46.31 -55.08
N PRO X 50 -12.63 47.34 -54.30
CA PRO X 50 -11.24 47.73 -54.10
C PRO X 50 -10.42 46.61 -53.48
N LYS X 51 -9.19 46.45 -53.95
CA LYS X 51 -8.31 45.41 -53.43
C LYS X 51 -7.79 45.86 -52.07
N ASN X 52 -8.55 45.54 -51.02
CA ASN X 52 -8.20 45.93 -49.65
C ASN X 52 -6.78 45.57 -49.24
N ILE X 53 -6.26 46.27 -48.25
CA ILE X 53 -4.88 46.06 -47.79
C ILE X 53 -4.75 45.58 -46.34
N LEU X 54 -3.71 44.78 -46.09
CA LEU X 54 -3.38 44.23 -44.78
C LEU X 54 -1.93 44.54 -44.45
N MET X 55 -1.72 45.49 -43.55
CA MET X 55 -0.37 45.89 -43.17
C MET X 55 0.15 45.10 -41.98
N ILE X 56 1.21 44.33 -42.22
CA ILE X 56 1.83 43.52 -41.20
C ILE X 56 3.17 44.15 -40.79
N GLY X 57 3.23 44.65 -39.56
CA GLY X 57 4.46 45.25 -39.07
C GLY X 57 4.42 45.57 -37.58
N PRO X 58 5.59 45.87 -36.96
CA PRO X 58 5.74 46.21 -35.54
C PRO X 58 4.79 47.29 -35.02
N THR X 59 5.22 47.96 -33.95
CA THR X 59 4.43 49.03 -33.36
C THR X 59 5.24 50.32 -33.39
N GLY X 60 4.75 51.29 -34.15
CA GLY X 60 5.43 52.56 -34.27
C GLY X 60 6.32 52.60 -35.49
N VAL X 61 5.93 51.88 -36.54
CA VAL X 61 6.72 51.84 -37.77
C VAL X 61 6.05 52.61 -38.89
N GLY X 62 4.77 52.96 -38.71
CA GLY X 62 4.08 53.73 -39.72
C GLY X 62 2.93 53.03 -40.42
N LYS X 63 2.17 52.24 -39.68
CA LYS X 63 1.04 51.54 -40.26
C LYS X 63 -0.18 52.46 -40.32
N THR X 64 -0.28 53.36 -39.34
CA THR X 64 -1.39 54.29 -39.26
C THR X 64 -1.11 55.58 -40.03
N GLU X 65 0.15 56.01 -40.04
CA GLU X 65 0.54 57.22 -40.74
C GLU X 65 0.20 57.12 -42.22
N ILE X 66 0.67 56.06 -42.85
CA ILE X 66 0.42 55.84 -44.28
C ILE X 66 -1.06 55.73 -44.61
N ALA X 67 -1.91 55.57 -43.59
CA ALA X 67 -3.34 55.46 -43.83
C ALA X 67 -3.98 56.82 -43.64
N ARG X 68 -3.30 57.68 -42.87
CA ARG X 68 -3.77 59.03 -42.58
C ARG X 68 -3.28 60.02 -43.65
N ARG X 69 -2.00 59.90 -44.02
CA ARG X 69 -1.42 60.77 -45.03
C ARG X 69 -1.87 60.31 -46.41
N LEU X 70 -3.03 59.66 -46.46
CA LEU X 70 -3.59 59.18 -47.70
C LEU X 70 -5.10 59.38 -47.58
N ALA X 71 -5.48 60.21 -46.61
CA ALA X 71 -6.87 60.53 -46.36
C ALA X 71 -7.00 62.04 -46.56
N LYS X 72 -5.85 62.72 -46.45
CA LYS X 72 -5.79 64.17 -46.62
C LYS X 72 -5.08 64.44 -47.94
N LEU X 73 -3.97 63.74 -48.18
CA LEU X 73 -3.21 63.90 -49.42
C LEU X 73 -3.84 63.08 -50.52
N ALA X 74 -5.18 63.09 -50.53
CA ALA X 74 -5.99 62.39 -51.50
C ALA X 74 -7.43 62.79 -51.19
N ASN X 75 -7.59 63.43 -50.02
CA ASN X 75 -8.87 63.92 -49.54
C ASN X 75 -10.04 62.93 -49.62
N ALA X 76 -10.41 62.37 -48.48
CA ALA X 76 -11.51 61.43 -48.41
C ALA X 76 -11.82 61.14 -46.94
N PRO X 77 -13.06 60.73 -46.64
CA PRO X 77 -13.47 60.41 -45.27
C PRO X 77 -12.61 59.31 -44.66
N PHE X 78 -12.01 59.59 -43.52
CA PHE X 78 -11.13 58.65 -42.84
C PHE X 78 -11.64 58.30 -41.45
N ILE X 79 -11.19 57.17 -40.92
CA ILE X 79 -11.60 56.72 -39.60
C ILE X 79 -10.79 55.51 -39.16
N LYS X 80 -10.31 55.53 -37.92
CA LYS X 80 -9.54 54.41 -37.39
C LYS X 80 -10.29 53.70 -36.27
N VAL X 81 -10.29 52.38 -36.30
CA VAL X 81 -10.97 51.57 -35.29
C VAL X 81 -10.17 50.33 -34.91
N GLU X 82 -10.21 49.99 -33.62
CA GLU X 82 -9.50 48.83 -33.10
C GLU X 82 -10.47 47.87 -32.42
N ALA X 83 -10.53 46.64 -32.91
CA ALA X 83 -11.43 45.64 -32.33
C ALA X 83 -11.13 45.42 -30.83
N GLU X 95 -20.82 48.34 -31.24
CA GLU X 95 -21.51 48.17 -32.52
C GLU X 95 -20.51 48.14 -33.69
N VAL X 96 -20.92 47.54 -34.81
CA VAL X 96 -20.05 47.45 -35.98
C VAL X 96 -20.49 48.38 -37.11
N ASP X 97 -21.79 48.58 -37.23
CA ASP X 97 -22.32 49.44 -38.29
C ASP X 97 -22.10 50.91 -37.96
N SER X 98 -21.69 51.18 -36.72
CA SER X 98 -21.43 52.56 -36.30
C SER X 98 -20.04 52.98 -36.70
N ILE X 99 -19.44 52.22 -37.61
CA ILE X 99 -18.10 52.54 -38.09
C ILE X 99 -18.31 53.32 -39.38
N ILE X 100 -19.49 53.13 -39.96
CA ILE X 100 -19.87 53.80 -41.19
C ILE X 100 -20.58 55.09 -40.84
N ARG X 101 -21.32 55.06 -39.72
CA ARG X 101 -22.04 56.24 -39.27
C ARG X 101 -21.07 57.32 -38.81
N ASP X 102 -19.80 56.93 -38.66
CA ASP X 102 -18.76 57.87 -38.23
C ASP X 102 -17.94 58.31 -39.44
N LEU X 103 -17.98 57.51 -40.50
CA LEU X 103 -17.25 57.82 -41.72
C LEU X 103 -18.06 58.88 -42.47
N THR X 104 -19.34 58.95 -42.14
CA THR X 104 -20.25 59.91 -42.75
C THR X 104 -20.18 61.24 -42.00
N ASP X 105 -20.05 61.17 -40.69
CA ASP X 105 -19.96 62.36 -39.84
C ASP X 105 -18.60 63.02 -40.00
N SER X 106 -17.72 62.37 -40.76
CA SER X 106 -16.39 62.90 -41.02
C SER X 106 -16.32 63.33 -42.47
N ALA X 107 -17.48 63.31 -43.12
CA ALA X 107 -17.63 63.69 -44.52
C ALA X 107 -18.16 65.12 -44.60
N MET X 108 -18.98 65.49 -43.63
CA MET X 108 -19.55 66.82 -43.60
C MET X 108 -18.46 67.88 -43.48
N LYS X 109 -17.55 67.71 -42.53
CA LYS X 109 -16.48 68.68 -42.35
C LYS X 109 -15.50 68.75 -43.53
N LEU X 110 -15.96 68.30 -44.69
CA LEU X 110 -15.17 68.34 -45.91
C LEU X 110 -16.05 68.90 -47.02
N VAL X 111 -17.23 68.30 -47.16
CA VAL X 111 -18.22 68.72 -48.15
C VAL X 111 -18.97 69.92 -47.55
N ARG X 112 -18.28 70.70 -46.72
CA ARG X 112 -18.92 71.83 -46.06
C ARG X 112 -17.91 72.60 -45.20
N GLN X 113 -16.62 72.33 -45.42
CA GLN X 113 -15.56 73.03 -44.69
C GLN X 113 -14.86 73.91 -45.71
N GLN X 114 -14.69 73.36 -46.91
CA GLN X 114 -14.07 74.07 -48.02
C GLN X 114 -15.21 74.68 -48.83
N GLU X 115 -16.32 73.95 -48.91
CA GLU X 115 -17.49 74.38 -49.67
C GLU X 115 -18.19 75.57 -49.01
N ILE X 116 -18.07 75.66 -47.69
CA ILE X 116 -18.68 76.76 -46.93
C ILE X 116 -17.78 77.98 -47.12
N ALA X 117 -16.52 77.71 -47.42
CA ALA X 117 -15.53 78.76 -47.65
C ALA X 117 -15.36 78.89 -49.17
N LYS X 118 -16.39 78.48 -49.90
CA LYS X 118 -16.40 78.54 -51.36
C LYS X 118 -17.74 79.06 -51.88
N ASN X 119 -18.82 78.77 -51.15
CA ASN X 119 -20.15 79.24 -51.53
C ASN X 119 -20.55 80.48 -50.75
N ARG X 120 -20.02 81.62 -51.17
CA ARG X 120 -20.28 82.91 -50.53
C ARG X 120 -19.98 84.10 -51.43
N LYS X 233 -25.90 81.47 -46.75
CA LYS X 233 -26.61 81.38 -48.03
C LYS X 233 -26.10 80.19 -48.86
N LEU X 234 -26.92 79.78 -49.83
CA LEU X 234 -26.63 78.65 -50.71
C LEU X 234 -26.35 77.39 -49.90
N ILE X 235 -26.90 77.36 -48.69
CA ILE X 235 -26.73 76.24 -47.77
C ILE X 235 -27.22 74.94 -48.43
N ASN X 236 -28.53 74.78 -48.49
CA ASN X 236 -29.16 73.60 -49.10
C ASN X 236 -28.68 72.29 -48.47
N PRO X 237 -29.06 72.03 -47.21
CA PRO X 237 -28.66 70.80 -46.52
C PRO X 237 -29.30 69.55 -47.13
N GLU X 238 -29.85 69.68 -48.33
CA GLU X 238 -30.48 68.57 -49.02
C GLU X 238 -29.54 67.89 -50.01
N GLU X 239 -28.48 68.60 -50.39
CA GLU X 239 -27.51 68.05 -51.32
C GLU X 239 -26.41 67.33 -50.54
N LEU X 240 -26.17 67.76 -49.30
CA LEU X 240 -25.17 67.09 -48.46
C LEU X 240 -25.84 65.84 -47.92
N LYS X 241 -26.88 65.41 -48.65
CA LYS X 241 -27.68 64.23 -48.33
C LYS X 241 -27.65 63.30 -49.55
N GLN X 242 -26.84 63.67 -50.55
CA GLN X 242 -26.71 62.87 -51.77
C GLN X 242 -25.42 63.22 -52.52
N LYS X 243 -24.76 64.28 -52.09
CA LYS X 243 -23.50 64.71 -52.70
C LYS X 243 -22.38 64.52 -51.68
N ALA X 244 -22.77 64.34 -50.43
CA ALA X 244 -21.82 64.10 -49.36
C ALA X 244 -21.76 62.59 -49.18
N ILE X 245 -22.71 61.89 -49.79
CA ILE X 245 -22.77 60.43 -49.74
C ILE X 245 -21.85 59.91 -50.82
N ASP X 246 -21.77 60.63 -51.93
CA ASP X 246 -20.89 60.25 -53.03
C ASP X 246 -19.48 60.40 -52.48
N ALA X 247 -19.36 61.23 -51.44
CA ALA X 247 -18.08 61.48 -50.78
C ALA X 247 -17.69 60.33 -49.86
N VAL X 248 -18.58 59.36 -49.71
CA VAL X 248 -18.29 58.19 -48.88
C VAL X 248 -18.28 56.92 -49.71
N GLU X 249 -19.41 56.62 -50.36
CA GLU X 249 -19.53 55.44 -51.19
C GLU X 249 -18.43 55.36 -52.23
N GLN X 250 -17.81 56.49 -52.54
CA GLN X 250 -16.72 56.52 -53.51
C GLN X 250 -15.39 56.65 -52.77
N ASN X 251 -15.21 57.75 -52.07
CA ASN X 251 -14.00 57.99 -51.31
C ASN X 251 -14.26 57.59 -49.86
N GLY X 252 -13.78 56.41 -49.49
CA GLY X 252 -13.98 55.93 -48.13
C GLY X 252 -12.84 55.04 -47.69
N ILE X 253 -12.11 55.48 -46.66
CA ILE X 253 -10.99 54.73 -46.14
C ILE X 253 -11.21 54.36 -44.67
N VAL X 254 -11.53 53.09 -44.43
CA VAL X 254 -11.76 52.57 -43.09
C VAL X 254 -10.50 51.82 -42.65
N PHE X 255 -9.89 52.26 -41.57
CA PHE X 255 -8.67 51.67 -41.06
C PHE X 255 -8.90 50.87 -39.79
N ILE X 256 -8.56 49.59 -39.83
CA ILE X 256 -8.73 48.72 -38.66
C ILE X 256 -7.38 48.40 -38.02
N ASP X 257 -7.04 49.13 -36.97
CA ASP X 257 -5.76 48.91 -36.28
C ASP X 257 -5.91 47.73 -35.34
N GLU X 258 -4.83 46.94 -35.22
CA GLU X 258 -4.83 45.76 -34.37
C GLU X 258 -6.01 44.85 -34.72
N ILE X 259 -5.87 44.11 -35.81
CA ILE X 259 -6.91 43.19 -36.26
C ILE X 259 -6.50 41.79 -35.85
N ASP X 260 -5.21 41.63 -35.58
CA ASP X 260 -4.66 40.34 -35.17
C ASP X 260 -5.17 40.01 -33.78
N LYS X 261 -5.72 41.01 -33.12
CA LYS X 261 -6.25 40.84 -31.78
C LYS X 261 -7.62 40.18 -31.74
N ILE X 262 -8.06 39.63 -32.88
CA ILE X 262 -9.35 38.94 -32.92
C ILE X 262 -9.31 37.64 -33.71
N CYS X 263 -8.27 36.83 -33.44
CA CYS X 263 -8.08 35.56 -34.11
C CYS X 263 -8.29 34.37 -33.18
N LYS X 264 -8.43 33.20 -33.79
CA LYS X 264 -8.60 31.95 -33.03
C LYS X 264 -7.24 31.63 -32.40
N LYS X 265 -7.14 31.84 -31.09
CA LYS X 265 -5.90 31.59 -30.35
C LYS X 265 -4.74 32.39 -30.94
N SER X 269 -5.84 34.21 -26.49
CA SER X 269 -7.08 33.46 -26.61
C SER X 269 -6.84 31.99 -26.28
N GLY X 270 -7.31 31.58 -25.11
CA GLY X 270 -7.14 30.19 -24.69
C GLY X 270 -8.37 29.66 -23.97
N ALA X 271 -9.46 30.44 -23.98
CA ALA X 271 -10.70 30.03 -23.33
C ALA X 271 -11.92 30.23 -24.23
N ASP X 272 -12.23 31.48 -24.55
CA ASP X 272 -13.38 31.79 -25.40
C ASP X 272 -13.01 32.30 -26.79
N VAL X 273 -13.92 32.07 -27.74
CA VAL X 273 -13.72 32.50 -29.11
C VAL X 273 -14.92 33.33 -29.59
N SER X 274 -15.10 34.49 -28.97
CA SER X 274 -16.18 35.40 -29.32
C SER X 274 -15.54 36.53 -30.12
N ARG X 275 -14.21 36.53 -30.15
CA ARG X 275 -13.44 37.52 -30.88
C ARG X 275 -13.59 37.17 -32.37
N GLU X 276 -14.08 35.97 -32.62
CA GLU X 276 -14.29 35.48 -33.97
C GLU X 276 -15.74 35.80 -34.34
N GLY X 277 -16.42 36.50 -33.43
CA GLY X 277 -17.79 36.91 -33.65
C GLY X 277 -17.73 38.33 -34.20
N VAL X 278 -16.75 39.08 -33.70
CA VAL X 278 -16.51 40.46 -34.14
C VAL X 278 -16.04 40.40 -35.57
N GLN X 279 -15.20 39.42 -35.86
CA GLN X 279 -14.65 39.21 -37.19
C GLN X 279 -15.79 38.78 -38.12
N ARG X 280 -16.93 38.44 -37.53
CA ARG X 280 -18.10 38.00 -38.29
C ARG X 280 -19.10 39.13 -38.53
N ASP X 281 -19.22 40.04 -37.57
CA ASP X 281 -20.12 41.18 -37.69
C ASP X 281 -19.45 42.27 -38.54
N LEU X 282 -18.13 42.17 -38.65
CA LEU X 282 -17.31 43.10 -39.42
C LEU X 282 -17.13 42.55 -40.83
N LEU X 283 -17.99 41.61 -41.21
CA LEU X 283 -17.92 41.01 -42.52
C LEU X 283 -18.84 41.68 -43.53
N PRO X 284 -20.09 41.95 -43.16
CA PRO X 284 -21.01 42.60 -44.11
C PRO X 284 -20.46 43.92 -44.66
N LEU X 285 -19.54 44.54 -43.91
CA LEU X 285 -18.94 45.80 -44.34
C LEU X 285 -17.87 45.66 -45.42
N VAL X 286 -16.86 44.83 -45.14
CA VAL X 286 -15.78 44.62 -46.11
C VAL X 286 -16.31 43.93 -47.36
N GLU X 287 -17.50 43.34 -47.26
CA GLU X 287 -18.14 42.66 -48.37
C GLU X 287 -18.94 43.66 -49.19
N GLY X 288 -20.02 44.17 -48.59
CA GLY X 288 -20.86 45.13 -49.27
C GLY X 288 -22.31 45.08 -48.81
N SER X 289 -22.69 46.03 -47.97
CA SER X 289 -24.05 46.09 -47.47
C SER X 289 -24.53 47.53 -47.53
N THR X 290 -25.64 47.83 -46.84
CA THR X 290 -26.19 49.17 -46.84
C THR X 290 -26.44 49.67 -45.43
N VAL X 291 -25.45 50.37 -44.88
CA VAL X 291 -25.55 50.92 -43.53
C VAL X 291 -26.54 52.09 -43.54
N SER X 292 -27.44 52.13 -42.55
CA SER X 292 -28.43 53.21 -42.47
C SER X 292 -28.00 54.31 -41.49
N THR X 293 -27.43 55.38 -42.02
CA THR X 293 -26.98 56.50 -41.22
C THR X 293 -28.08 57.57 -41.15
N LYS X 294 -27.80 58.64 -40.42
CA LYS X 294 -28.76 59.73 -40.28
C LYS X 294 -28.78 60.65 -41.50
N HIS X 295 -28.05 60.27 -42.54
CA HIS X 295 -28.00 61.05 -43.77
C HIS X 295 -28.55 60.25 -44.94
N GLY X 296 -28.96 59.02 -44.65
CA GLY X 296 -29.51 58.17 -45.70
C GLY X 296 -28.85 56.80 -45.82
N MET X 297 -29.26 56.03 -46.82
CA MET X 297 -28.72 54.70 -47.04
C MET X 297 -27.42 54.76 -47.83
N VAL X 298 -26.30 54.67 -47.11
CA VAL X 298 -24.97 54.71 -47.71
C VAL X 298 -24.43 53.29 -47.92
N LYS X 299 -24.16 52.95 -49.18
CA LYS X 299 -23.63 51.65 -49.56
C LYS X 299 -22.17 51.59 -49.15
N THR X 300 -21.61 50.38 -49.09
CA THR X 300 -20.20 50.19 -48.69
C THR X 300 -19.37 49.42 -49.71
N ASP X 301 -20.06 48.68 -50.58
CA ASP X 301 -19.43 47.88 -51.63
C ASP X 301 -18.12 48.40 -52.20
N HIS X 302 -17.99 49.72 -52.32
CA HIS X 302 -16.78 50.28 -52.91
C HIS X 302 -15.81 50.96 -51.95
N ILE X 303 -16.11 50.90 -50.66
CA ILE X 303 -15.22 51.53 -49.68
C ILE X 303 -13.91 50.75 -49.67
N LEU X 304 -12.83 51.44 -49.34
CA LEU X 304 -11.50 50.80 -49.31
C LEU X 304 -11.07 50.58 -47.87
N PHE X 305 -11.01 49.31 -47.44
CA PHE X 305 -10.59 48.99 -46.08
C PHE X 305 -9.11 48.61 -45.97
N ILE X 306 -8.48 49.08 -44.91
CA ILE X 306 -7.07 48.79 -44.65
C ILE X 306 -6.94 48.36 -43.20
N ALA X 307 -6.50 47.12 -42.98
CA ALA X 307 -6.34 46.60 -41.62
C ALA X 307 -4.87 46.36 -41.27
N SER X 308 -4.49 46.74 -40.06
CA SER X 308 -3.12 46.57 -39.60
C SER X 308 -3.04 45.54 -38.48
N GLY X 309 -1.84 45.01 -38.26
CA GLY X 309 -1.67 44.02 -37.21
C GLY X 309 -0.21 43.70 -36.98
N ALA X 310 0.11 43.34 -35.75
CA ALA X 310 1.47 42.97 -35.38
C ALA X 310 1.72 41.57 -35.91
N PHE X 311 0.71 40.71 -35.74
CA PHE X 311 0.78 39.33 -36.20
C PHE X 311 2.10 38.68 -35.81
N GLN X 312 2.35 38.65 -34.50
CA GLN X 312 3.56 38.06 -33.95
C GLN X 312 3.15 36.75 -33.28
N VAL X 313 1.94 36.74 -32.74
CA VAL X 313 1.40 35.56 -32.07
C VAL X 313 0.62 34.73 -33.06
N ALA X 314 -0.24 35.39 -33.82
CA ALA X 314 -1.05 34.71 -34.82
C ALA X 314 -0.47 34.89 -36.22
N ARG X 315 -1.18 34.38 -37.22
CA ARG X 315 -0.78 34.49 -38.60
C ARG X 315 -1.99 34.98 -39.39
N PRO X 316 -1.78 35.60 -40.56
CA PRO X 316 -2.89 36.09 -41.36
C PRO X 316 -3.95 35.01 -41.60
N SER X 317 -3.48 33.79 -41.84
CA SER X 317 -4.37 32.66 -42.12
C SER X 317 -5.23 32.22 -40.92
N ASP X 318 -5.05 32.88 -39.78
CA ASP X 318 -5.83 32.56 -38.60
C ASP X 318 -7.13 33.35 -38.59
N LEU X 319 -7.44 33.99 -39.72
CA LEU X 319 -8.66 34.76 -39.88
C LEU X 319 -9.62 33.93 -40.71
N ILE X 320 -10.92 34.02 -40.40
CA ILE X 320 -11.92 33.25 -41.13
C ILE X 320 -11.69 33.34 -42.63
N PRO X 321 -11.62 32.19 -43.32
CA PRO X 321 -11.41 32.14 -44.76
C PRO X 321 -12.39 32.99 -45.55
N GLU X 322 -13.57 33.18 -44.97
CA GLU X 322 -14.63 33.96 -45.60
C GLU X 322 -14.35 35.46 -45.43
N LEU X 323 -13.07 35.82 -45.44
CA LEU X 323 -12.62 37.19 -45.27
C LEU X 323 -11.12 37.31 -45.54
N GLN X 324 -10.49 36.20 -45.92
CA GLN X 324 -9.07 36.25 -46.24
C GLN X 324 -8.97 36.66 -47.70
N GLY X 325 -10.01 36.30 -48.45
CA GLY X 325 -10.07 36.60 -49.87
C GLY X 325 -10.69 37.95 -50.15
N ARG X 326 -10.92 38.73 -49.08
CA ARG X 326 -11.48 40.07 -49.20
C ARG X 326 -10.43 41.04 -48.68
N LEU X 327 -9.18 40.61 -48.77
CA LEU X 327 -8.01 41.39 -48.36
C LEU X 327 -6.79 40.87 -49.13
N PRO X 328 -6.89 40.84 -50.46
CA PRO X 328 -5.84 40.38 -51.37
C PRO X 328 -4.44 40.97 -51.20
N ILE X 329 -4.36 42.25 -50.86
CA ILE X 329 -3.06 42.88 -50.70
C ILE X 329 -2.40 42.61 -49.35
N ARG X 330 -1.24 41.99 -49.39
CA ARG X 330 -0.50 41.67 -48.18
C ARG X 330 0.81 42.44 -48.23
N VAL X 331 0.92 43.50 -47.44
CA VAL X 331 2.15 44.29 -47.40
C VAL X 331 2.80 44.19 -46.03
N GLU X 332 4.11 43.91 -46.00
CA GLU X 332 4.80 43.77 -44.73
C GLU X 332 5.79 44.90 -44.46
N LEU X 333 5.52 45.70 -43.43
CA LEU X 333 6.39 46.82 -43.09
C LEU X 333 7.50 46.35 -42.18
N THR X 334 8.65 47.00 -42.26
CA THR X 334 9.80 46.63 -41.44
C THR X 334 9.90 47.53 -40.21
N ALA X 335 10.76 47.15 -39.26
CA ALA X 335 10.95 47.94 -38.06
C ALA X 335 11.93 49.06 -38.38
N LEU X 336 12.09 50.00 -37.45
CA LEU X 336 12.98 51.16 -37.65
C LEU X 336 14.34 50.98 -36.97
N SER X 337 15.40 51.00 -37.79
CA SER X 337 16.76 50.82 -37.27
C SER X 337 17.34 52.08 -36.66
N ALA X 338 18.66 52.08 -36.48
CA ALA X 338 19.36 53.23 -35.92
C ALA X 338 19.37 54.37 -36.92
N ALA X 339 19.71 54.05 -38.16
CA ALA X 339 19.75 55.05 -39.22
C ALA X 339 18.36 55.56 -39.55
N ASP X 340 17.37 54.67 -39.49
CA ASP X 340 15.98 55.03 -39.79
C ASP X 340 15.41 55.98 -38.76
N PHE X 341 15.97 55.98 -37.56
CA PHE X 341 15.51 56.85 -36.48
C PHE X 341 16.19 58.20 -36.60
N GLU X 342 17.30 58.22 -37.32
CA GLU X 342 18.10 59.41 -37.54
C GLU X 342 17.37 60.32 -38.52
N ARG X 343 16.85 59.71 -39.58
CA ARG X 343 16.14 60.42 -40.63
C ARG X 343 14.76 60.89 -40.16
N ILE X 344 14.02 60.04 -39.47
CA ILE X 344 12.68 60.38 -38.98
C ILE X 344 12.74 61.59 -38.05
N LEU X 345 13.94 61.90 -37.58
CA LEU X 345 14.12 63.01 -36.67
C LEU X 345 14.21 64.37 -37.37
N THR X 346 14.48 64.37 -38.67
CA THR X 346 14.60 65.63 -39.41
C THR X 346 13.81 65.72 -40.73
N GLU X 347 14.13 64.85 -41.68
CA GLU X 347 13.48 64.84 -42.99
C GLU X 347 11.96 65.03 -43.05
N PRO X 348 11.21 64.32 -42.19
CA PRO X 348 9.76 64.49 -42.24
C PRO X 348 9.31 65.92 -41.94
N HIS X 349 8.26 66.38 -42.62
CA HIS X 349 7.74 67.72 -42.38
C HIS X 349 7.28 67.76 -40.93
N ALA X 350 7.61 68.85 -40.23
CA ALA X 350 7.23 68.99 -38.84
C ALA X 350 7.93 67.95 -37.97
N SER X 351 9.18 67.65 -38.32
CA SER X 351 9.96 66.68 -37.56
C SER X 351 10.24 67.26 -36.19
N LEU X 352 10.67 66.42 -35.25
CA LEU X 352 10.97 66.88 -33.90
C LEU X 352 12.06 67.94 -33.87
N THR X 353 13.01 67.86 -34.78
CA THR X 353 14.08 68.84 -34.83
C THR X 353 13.52 70.21 -35.17
N GLU X 354 12.55 70.25 -36.08
CA GLU X 354 11.91 71.51 -36.50
C GLU X 354 10.89 71.99 -35.46
N GLN X 355 10.04 71.07 -34.99
CA GLN X 355 9.03 71.42 -34.02
C GLN X 355 9.62 72.08 -32.79
N TYR X 356 10.81 71.69 -32.39
CA TYR X 356 11.44 72.28 -31.22
C TYR X 356 12.21 73.55 -31.59
N LYS X 357 12.66 73.60 -32.85
CA LYS X 357 13.41 74.76 -33.34
C LYS X 357 12.44 75.94 -33.36
N ALA X 358 11.19 75.64 -33.73
CA ALA X 358 10.12 76.64 -33.82
C ALA X 358 9.48 76.97 -32.48
N LEU X 359 9.11 75.94 -31.72
CA LEU X 359 8.48 76.15 -30.41
C LEU X 359 9.41 76.85 -29.44
N MET X 360 10.70 76.91 -29.77
CA MET X 360 11.69 77.57 -28.93
C MET X 360 12.16 78.87 -29.55
N ALA X 361 11.73 79.12 -30.79
CA ALA X 361 12.08 80.35 -31.49
C ALA X 361 11.08 81.41 -31.04
N THR X 362 9.88 80.95 -30.69
CA THR X 362 8.82 81.84 -30.23
C THR X 362 9.20 82.43 -28.88
N GLU X 363 10.10 81.75 -28.18
CA GLU X 363 10.57 82.21 -26.87
C GLU X 363 11.66 83.23 -27.14
N GLY X 364 12.08 83.32 -28.40
CA GLY X 364 13.12 84.24 -28.80
C GLY X 364 14.48 83.59 -28.75
N VAL X 365 14.49 82.27 -28.73
CA VAL X 365 15.75 81.51 -28.67
C VAL X 365 15.96 80.65 -29.91
N ASN X 366 17.21 80.61 -30.38
CA ASN X 366 17.57 79.81 -31.54
C ASN X 366 18.32 78.58 -31.03
N ILE X 367 18.17 77.44 -31.71
CA ILE X 367 18.83 76.21 -31.28
C ILE X 367 19.38 75.39 -32.45
N ALA X 368 20.64 74.97 -32.32
CA ALA X 368 21.31 74.19 -33.36
C ALA X 368 21.36 72.69 -33.04
N PHE X 369 20.86 71.89 -33.96
CA PHE X 369 20.85 70.44 -33.81
C PHE X 369 21.89 69.84 -34.75
N THR X 370 23.14 69.83 -34.32
CA THR X 370 24.22 69.29 -35.14
C THR X 370 23.93 67.85 -35.54
N THR X 371 24.60 67.38 -36.59
CA THR X 371 24.40 66.02 -37.09
C THR X 371 25.00 64.93 -36.20
N ASP X 372 26.16 65.19 -35.60
CA ASP X 372 26.79 64.20 -34.73
C ASP X 372 25.97 64.04 -33.45
N ALA X 373 24.97 64.91 -33.28
CA ALA X 373 24.10 64.89 -32.11
C ALA X 373 22.74 64.31 -32.45
N VAL X 374 22.47 64.11 -33.74
CA VAL X 374 21.21 63.52 -34.16
C VAL X 374 21.42 62.01 -34.13
N LYS X 375 22.65 61.59 -34.37
CA LYS X 375 23.00 60.18 -34.33
C LYS X 375 22.88 59.70 -32.89
N LYS X 376 23.35 60.53 -31.96
CA LYS X 376 23.28 60.17 -30.56
C LYS X 376 21.91 60.38 -29.95
N ILE X 377 20.89 60.49 -30.80
CA ILE X 377 19.53 60.66 -30.31
C ILE X 377 18.68 59.59 -30.97
N ALA X 378 19.15 59.11 -32.11
CA ALA X 378 18.46 58.06 -32.84
C ALA X 378 19.03 56.75 -32.34
N GLU X 379 20.34 56.74 -32.12
CA GLU X 379 21.05 55.56 -31.64
C GLU X 379 21.16 55.66 -30.12
N ALA X 380 20.13 56.22 -29.53
CA ALA X 380 20.04 56.40 -28.09
C ALA X 380 18.58 56.22 -27.71
N ALA X 381 17.72 56.15 -28.72
CA ALA X 381 16.29 55.96 -28.52
C ALA X 381 16.02 54.58 -29.07
N PHE X 382 17.04 54.03 -29.72
CA PHE X 382 17.00 52.70 -30.30
C PHE X 382 17.53 51.78 -29.22
N ARG X 383 18.58 52.24 -28.55
CA ARG X 383 19.22 51.51 -27.47
C ARG X 383 18.18 51.21 -26.39
N VAL X 384 17.18 52.09 -26.29
CA VAL X 384 16.10 51.94 -25.31
C VAL X 384 14.94 51.08 -25.81
N ASN X 385 14.83 50.91 -27.13
CA ASN X 385 13.76 50.09 -27.67
C ASN X 385 14.16 48.62 -27.73
N GLU X 386 15.45 48.36 -27.53
CA GLU X 386 15.96 46.98 -27.56
C GLU X 386 16.34 46.56 -26.15
N LYS X 387 15.71 47.18 -25.16
CA LYS X 387 15.98 46.85 -23.76
C LYS X 387 14.72 47.08 -22.94
N THR X 388 13.62 47.33 -23.65
CA THR X 388 12.31 47.58 -23.03
C THR X 388 11.32 47.35 -24.15
N GLU X 389 10.06 47.72 -23.95
CA GLU X 389 9.07 47.54 -25.00
C GLU X 389 9.52 48.35 -26.20
N ASN X 390 9.28 47.83 -27.39
CA ASN X 390 9.65 48.52 -28.61
C ASN X 390 8.46 49.35 -29.07
N ILE X 391 8.30 50.53 -28.48
CA ILE X 391 7.19 51.41 -28.81
C ILE X 391 7.33 52.04 -30.20
N GLY X 392 8.48 51.84 -30.84
CA GLY X 392 8.70 52.38 -32.17
C GLY X 392 9.18 53.82 -32.19
N ALA X 393 8.80 54.57 -33.23
CA ALA X 393 9.19 55.97 -33.37
C ALA X 393 8.77 56.84 -32.17
N ARG X 394 7.61 56.53 -31.59
CA ARG X 394 7.10 57.27 -30.45
C ARG X 394 8.10 57.32 -29.30
N ARG X 395 9.21 56.61 -29.44
CA ARG X 395 10.25 56.58 -28.42
C ARG X 395 11.04 57.89 -28.50
N LEU X 396 11.09 58.44 -29.70
CA LEU X 396 11.79 59.70 -29.94
C LEU X 396 11.17 60.84 -29.14
N HIS X 397 9.84 60.89 -29.07
CA HIS X 397 9.13 61.94 -28.34
C HIS X 397 9.50 61.96 -26.87
N THR X 398 9.56 60.79 -26.23
CA THR X 398 9.90 60.69 -24.81
C THR X 398 11.37 60.96 -24.56
N VAL X 399 12.20 60.80 -25.60
CA VAL X 399 13.64 61.05 -25.48
C VAL X 399 13.88 62.55 -25.60
N MET X 400 13.29 63.16 -26.63
CA MET X 400 13.42 64.59 -26.87
C MET X 400 12.93 65.36 -25.66
N GLU X 401 11.75 64.98 -25.17
CA GLU X 401 11.16 65.64 -24.02
C GLU X 401 12.08 65.65 -22.80
N ARG X 402 13.04 64.72 -22.75
CA ARG X 402 13.97 64.68 -21.64
C ARG X 402 15.20 65.54 -21.96
N LEU X 403 15.44 65.69 -23.26
CA LEU X 403 16.56 66.50 -23.76
C LEU X 403 16.17 67.98 -23.72
N MET X 404 15.01 68.30 -24.30
CA MET X 404 14.49 69.66 -24.33
C MET X 404 13.74 69.93 -23.03
N ASP X 405 14.32 69.45 -21.93
CA ASP X 405 13.72 69.62 -20.62
C ASP X 405 14.37 70.81 -19.92
N LYS X 406 15.69 70.88 -20.04
CA LYS X 406 16.48 71.95 -19.44
C LYS X 406 16.19 73.30 -20.12
N ILE X 407 16.04 73.26 -21.44
CA ILE X 407 15.77 74.45 -22.23
C ILE X 407 14.32 74.92 -22.18
N SER X 408 13.38 74.01 -22.39
CA SER X 408 11.96 74.35 -22.40
C SER X 408 11.47 75.16 -21.19
N PHE X 409 12.10 74.95 -20.03
CA PHE X 409 11.71 75.65 -18.81
C PHE X 409 12.21 77.10 -18.74
N SER X 410 13.53 77.26 -18.83
CA SER X 410 14.14 78.59 -18.77
C SER X 410 14.54 79.09 -20.15
N ALA X 411 13.60 79.05 -21.09
CA ALA X 411 13.83 79.50 -22.45
C ALA X 411 13.47 80.97 -22.57
N SER X 412 12.40 81.35 -21.88
CA SER X 412 11.94 82.73 -21.90
C SER X 412 12.96 83.64 -21.22
N ASP X 413 13.48 83.17 -20.09
CA ASP X 413 14.45 83.91 -19.30
C ASP X 413 15.86 83.86 -19.89
N MET X 414 15.95 83.48 -21.16
CA MET X 414 17.23 83.40 -21.88
C MET X 414 16.97 83.80 -23.33
N ASN X 415 16.29 84.94 -23.50
CA ASN X 415 15.95 85.47 -24.81
C ASN X 415 17.16 85.86 -25.65
N GLY X 416 17.08 85.60 -26.94
CA GLY X 416 18.15 85.93 -27.87
C GLY X 416 19.45 85.19 -27.65
N GLN X 417 19.41 83.86 -27.73
CA GLN X 417 20.62 83.06 -27.56
C GLN X 417 20.59 81.85 -28.48
N THR X 418 21.73 81.56 -29.10
CA THR X 418 21.86 80.42 -30.00
C THR X 418 22.59 79.30 -29.25
N VAL X 419 21.83 78.32 -28.79
CA VAL X 419 22.40 77.19 -28.05
C VAL X 419 22.75 76.05 -29.00
N ASN X 420 23.98 75.56 -28.88
CA ASN X 420 24.47 74.47 -29.72
C ASN X 420 24.29 73.11 -29.05
N ILE X 421 23.31 72.36 -29.52
CA ILE X 421 23.03 71.02 -28.99
C ILE X 421 23.82 70.01 -29.80
N ASP X 422 24.97 69.61 -29.25
CA ASP X 422 25.87 68.65 -29.88
C ASP X 422 26.04 67.38 -29.06
N ALA X 423 26.98 66.53 -29.51
CA ALA X 423 27.27 65.28 -28.83
C ALA X 423 27.52 65.48 -27.34
N ALA X 424 28.26 66.54 -27.02
CA ALA X 424 28.59 66.84 -25.63
C ALA X 424 27.36 67.20 -24.78
N TYR X 425 26.39 67.87 -25.41
CA TYR X 425 25.18 68.27 -24.70
C TYR X 425 24.22 67.10 -24.55
N VAL X 426 23.92 66.42 -25.65
CA VAL X 426 23.01 65.28 -25.62
C VAL X 426 23.48 64.23 -24.63
N ALA X 427 24.77 63.91 -24.68
CA ALA X 427 25.36 62.90 -23.80
C ALA X 427 25.01 63.18 -22.35
N ASP X 428 25.38 64.36 -21.88
CA ASP X 428 25.11 64.75 -20.51
C ASP X 428 23.80 65.54 -20.44
N ALA X 429 22.75 64.98 -21.03
CA ALA X 429 21.44 65.63 -21.04
C ALA X 429 20.40 64.72 -20.42
N LEU X 430 20.52 63.43 -20.66
CA LEU X 430 19.60 62.43 -20.13
C LEU X 430 20.26 61.53 -19.09
N GLY X 431 21.38 60.90 -19.44
CA GLY X 431 22.06 60.02 -18.50
C GLY X 431 22.35 58.65 -19.07
N GLU X 432 21.65 57.64 -18.56
CA GLU X 432 21.81 56.26 -19.03
C GLU X 432 20.59 55.42 -18.67
N VAL X 433 20.35 54.35 -19.42
CA VAL X 433 19.19 53.49 -19.16
C VAL X 433 19.48 52.00 -19.34
N VAL X 434 20.06 51.36 -18.32
CA VAL X 434 20.34 49.93 -18.38
C VAL X 434 19.08 49.16 -17.95
N GLU X 435 19.02 47.88 -18.27
CA GLU X 435 17.87 47.03 -17.94
C GLU X 435 17.46 47.14 -16.47
N ASN X 436 16.25 46.67 -16.17
CA ASN X 436 15.74 46.76 -14.80
C ASN X 436 16.59 46.05 -13.74
N GLU X 437 16.15 44.87 -13.32
CA GLU X 437 16.87 44.09 -12.31
C GLU X 437 16.42 42.64 -12.40
N ASP X 438 15.39 42.43 -13.21
CA ASP X 438 14.79 41.13 -13.48
C ASP X 438 15.35 39.95 -12.69
N LEU X 439 16.59 39.60 -12.98
CA LEU X 439 17.26 38.48 -12.32
C LEU X 439 17.16 38.48 -10.80
N SER X 440 18.20 39.02 -10.16
CA SER X 440 18.30 39.09 -8.72
C SER X 440 17.00 39.20 -7.93
N ARG X 441 15.90 39.50 -8.61
CA ARG X 441 14.61 39.64 -7.95
C ARG X 441 13.88 38.30 -7.83
N PHE X 442 13.47 37.73 -8.96
CA PHE X 442 12.75 36.45 -8.92
C PHE X 442 13.34 35.38 -9.82
N ILE X 443 14.43 34.79 -9.34
CA ILE X 443 15.19 33.73 -10.00
C ILE X 443 16.05 33.17 -8.88
N LEU X 444 16.19 31.85 -8.80
CA LEU X 444 17.03 31.26 -7.75
C LEU X 444 18.30 30.65 -8.30
PG ATP Y . 34.73 -48.80 -9.23
O1G ATP Y . 33.99 -47.50 -9.63
O2G ATP Y . 36.17 -48.63 -8.81
O3G ATP Y . 33.91 -49.79 -8.42
PB ATP Y . 36.33 -50.04 -11.43
O1B ATP Y . 36.65 -49.12 -12.55
O2B ATP Y . 37.35 -50.28 -10.36
O3B ATP Y . 34.97 -49.58 -10.65
PA ATP Y . 36.21 -52.93 -11.58
O1A ATP Y . 35.82 -52.87 -10.13
O2A ATP Y . 37.51 -53.57 -12.00
O3A ATP Y . 36.10 -51.44 -12.15
O5' ATP Y . 35.02 -53.68 -12.29
C5' ATP Y . 35.04 -53.93 -13.67
C4' ATP Y . 34.53 -55.32 -13.93
O4' ATP Y . 34.51 -55.48 -15.36
C3' ATP Y . 35.43 -56.43 -13.41
O3' ATP Y . 34.69 -57.62 -13.22
C2' ATP Y . 36.44 -56.59 -14.53
O2' ATP Y . 36.84 -57.93 -14.70
C1' ATP Y . 35.67 -56.15 -15.78
N9 ATP Y . 36.45 -55.16 -16.51
C8 ATP Y . 36.29 -53.81 -16.40
N7 ATP Y . 37.09 -53.11 -17.17
C5 ATP Y . 37.82 -54.08 -17.84
C6 ATP Y . 38.82 -53.99 -18.79
N6 ATP Y . 39.27 -52.83 -19.25
N1 ATP Y . 39.35 -55.14 -19.25
C2 ATP Y . 38.88 -56.30 -18.77
N3 ATP Y . 37.93 -56.51 -17.87
C4 ATP Y . 37.44 -55.35 -17.44
PG ATP Z . 8.37 -60.05 2.00
O1G ATP Z . 8.32 -58.94 0.94
O2G ATP Z . 9.70 -60.75 2.21
O3G ATP Z . 7.57 -59.79 3.27
PB ATP Z . 7.66 -62.73 0.64
O1B ATP Z . 6.69 -62.84 -0.51
O2B ATP Z . 9.12 -63.07 0.42
O3B ATP Z . 7.47 -61.24 1.29
PA ATP Z . 6.91 -65.23 1.91
O1A ATP Z . 7.87 -66.00 2.80
O2A ATP Z . 6.67 -65.70 0.50
O3A ATP Z . 7.17 -63.65 1.85
O5' ATP Z . 5.53 -65.15 2.73
C5' ATP Z . 4.33 -65.69 2.22
C4' ATP Z . 3.73 -66.70 3.19
O4' ATP Z . 2.65 -67.37 2.49
C3' ATP Z . 4.68 -67.82 3.57
O3' ATP Z . 4.24 -68.44 4.77
C2' ATP Z . 4.57 -68.76 2.38
O2' ATP Z . 4.74 -70.10 2.77
C1' ATP Z . 3.14 -68.54 1.89
N9 ATP Z . 3.13 -68.32 0.45
C8 ATP Z . 3.21 -67.11 -0.19
N7 ATP Z . 3.20 -67.19 -1.50
C5 ATP Z . 3.11 -68.55 -1.74
C6 ATP Z . 3.06 -69.28 -2.93
N6 ATP Z . 3.08 -68.74 -4.14
N1 ATP Z . 2.97 -70.63 -2.84
C2 ATP Z . 2.94 -71.18 -1.62
N3 ATP Z . 2.98 -70.58 -0.41
C4 ATP Z . 3.07 -69.26 -0.55
PG ATP AA . -1.48 -52.21 30.21
O1G ATP AA . -2.09 -50.83 29.91
O2G ATP AA . -1.43 -53.18 29.04
O3G ATP AA . -0.24 -52.22 31.11
PB ATP AA . -3.58 -54.23 31.26
O1B ATP AA . -4.96 -53.96 30.77
O2B ATP AA . -2.82 -55.44 30.75
O3B ATP AA . -2.63 -52.90 31.18
PA ATP AA . -3.00 -55.51 33.78
O1A ATP AA . -1.55 -55.56 33.34
O2A ATP AA . -3.82 -56.77 33.70
O3A ATP AA . -3.76 -54.45 32.84
O5' ATP AA . -3.04 -55.01 35.29
C5' ATP AA . -4.27 -54.80 35.96
C4' ATP AA . -4.12 -55.10 37.43
O4' ATP AA . -5.46 -55.14 38.01
C3' ATP AA . -3.51 -56.49 37.70
O3' ATP AA . -2.82 -56.59 38.95
C2' ATP AA . -4.74 -57.40 37.67
O2' ATP AA . -4.51 -58.54 38.47
C1' ATP AA . -5.87 -56.48 38.18
N9 ATP AA . -7.02 -56.68 37.29
C8 ATP AA . -7.26 -55.96 36.14
N7 ATP AA . -8.27 -56.43 35.43
C5 ATP AA . -8.72 -57.51 36.19
C6 ATP AA . -9.73 -58.43 35.97
N6 ATP AA . -10.47 -58.45 34.85
N1 ATP AA . -9.96 -59.34 36.93
C2 ATP AA . -9.21 -59.33 38.02
N3 ATP AA . -8.20 -58.53 38.33
C4 ATP AA . -8.00 -57.63 37.36
PG ATP BA . 16.03 -33.52 47.93
O1G ATP BA . 15.05 -32.86 46.95
O2G ATP BA . 15.96 -35.03 48.04
O3G ATP BA . 17.43 -32.92 47.99
PB ATP BA . 15.10 -33.82 50.81
O1B ATP BA . 13.82 -33.29 51.37
O2B ATP BA . 15.24 -35.31 50.58
O3B ATP BA . 15.44 -33.06 49.41
PA ATP BA . 17.32 -34.40 52.49
O1A ATP BA . 17.96 -35.01 51.29
O2A ATP BA . 16.74 -35.28 53.54
O3A ATP BA . 16.19 -33.44 51.90
O5' ATP BA . 18.46 -33.50 53.16
C5' ATP BA . 18.17 -32.64 54.25
C4' ATP BA . 19.38 -32.55 55.14
O4' ATP BA . 19.06 -31.77 56.31
C3' ATP BA . 19.80 -33.91 55.66
O3' ATP BA . 21.17 -33.93 56.03
C2' ATP BA . 18.93 -34.07 56.89
O2' ATP BA . 19.65 -34.80 57.86
C1' ATP BA . 18.71 -32.64 57.37
N9 ATP BA . 17.28 -32.46 57.58
C8 ATP BA . 16.37 -32.08 56.61
N7 ATP BA . 15.13 -32.08 57.03
C5 ATP BA . 15.21 -32.46 58.36
C6 ATP BA . 14.25 -32.62 59.35
N6 ATP BA . 12.94 -32.41 59.14
N1 ATP BA . 14.66 -33.01 60.58
C2 ATP BA . 15.97 -33.20 60.79
N3 ATP BA . 16.99 -33.06 59.94
C4 ATP BA . 16.54 -32.69 58.72
PG ATP CA . 42.34 -22.57 36.74
O1G ATP CA . 41.44 -21.51 36.05
O2G ATP CA . 41.73 -23.26 37.94
O3G ATP CA . 43.16 -23.45 35.82
PB ATP CA . 44.27 -21.76 38.93
O1B ATP CA . 44.14 -20.48 39.71
O2B ATP CA . 43.85 -23.05 39.59
O3B ATP CA . 43.50 -21.67 37.49
PA ATP CA . 46.96 -22.91 39.07
O1A ATP CA . 46.57 -24.27 38.60
O2A ATP CA . 47.25 -22.69 40.53
O3A ATP CA . 45.84 -21.85 38.59
O5' ATP CA . 48.20 -22.50 38.19
C5' ATP CA . 48.98 -21.35 38.45
C4' ATP CA . 50.44 -21.64 38.15
O4' ATP CA . 51.23 -20.51 38.58
C3' ATP CA . 50.99 -22.84 38.91
O3' ATP CA . 52.09 -23.42 38.23
C2' ATP CA . 51.43 -22.21 40.22
O2' ATP CA . 52.58 -22.84 40.69
C1' ATP CA . 51.79 -20.78 39.84
N9 ATP CA . 51.08 -19.93 40.75
C8 ATP CA . 49.82 -19.45 40.54
N7 ATP CA . 49.37 -18.70 41.50
C5 ATP CA . 50.41 -18.67 42.41
C6 ATP CA . 50.54 -18.02 43.62
N6 ATP CA . 49.61 -17.22 44.11
N1 ATP CA . 51.69 -18.21 44.30
C2 ATP CA . 52.64 -18.99 43.76
N3 ATP CA . 52.62 -19.65 42.60
C4 ATP CA . 51.47 -19.45 41.97
PG ATP DA . 51.93 -30.34 8.32
O1G ATP DA . 51.07 -29.28 7.61
O2G ATP DA . 52.37 -30.01 9.72
O3G ATP DA . 51.52 -31.78 8.09
PB ATP DA . 54.92 -29.89 7.86
O1B ATP DA . 55.21 -28.48 7.46
O2B ATP DA . 55.17 -30.33 9.28
O3B ATP DA . 53.36 -30.27 7.50
PA ATP DA . 56.33 -32.27 7.05
O1A ATP DA . 55.18 -33.03 7.66
O2A ATP DA . 57.68 -32.37 7.68
O3A ATP DA . 55.89 -30.74 6.91
O5' ATP DA . 56.40 -32.64 5.52
C5' ATP DA . 57.31 -32.02 4.69
C4' ATP DA . 57.88 -33.03 3.76
O4' ATP DA . 58.82 -32.34 2.89
C3' ATP DA . 58.67 -34.14 4.43
O3' ATP DA . 58.63 -35.31 3.63
C2' ATP DA . 60.10 -33.60 4.47
O2' ATP DA . 60.98 -34.64 4.14
C1' ATP DA . 60.12 -32.56 3.35
N9 ATP DA . 60.57 -31.27 3.85
C8 ATP DA . 59.77 -30.22 4.24
N7 ATP DA . 60.42 -29.19 4.66
C5 ATP DA . 61.74 -29.56 4.53
C6 ATP DA . 62.93 -28.90 4.81
N6 ATP DA . 62.98 -27.62 5.22
N1 ATP DA . 64.09 -29.56 4.63
C2 ATP DA . 64.03 -30.81 4.14
N3 ATP DA . 62.98 -31.52 3.81
C4 ATP DA . 61.85 -30.84 4.05
CB1 LVS EA . 23.14 -7.31 -10.31
CG1 LVS EA . 24.37 -6.57 -10.85
CD1 LVS EA . 24.44 -5.20 -10.25
CD2 LVS EA . 25.65 -7.31 -10.53
C1 LVS EA . 20.95 -7.66 -11.48
O1 LVS EA . 20.54 -8.71 -11.00
N1 LVS EA . 21.04 -6.34 -9.35
CA1 LVS EA . 21.76 -6.68 -10.63
N2 LVS EA . 20.69 -7.34 -12.75
CA2 LVS EA . 19.86 -8.25 -13.53
CB2 LVS EA . 18.41 -7.79 -13.59
CG2 LVS EA . 17.70 -7.52 -12.26
CD3 LVS EA . 17.98 -6.03 -11.83
CD4 LVS EA . 16.22 -7.79 -12.45
C2 LVS EA . 20.31 -8.39 -14.93
O2 LVS EA . 21.29 -7.76 -15.35
N3 LVS EA . 19.58 -9.19 -15.68
CA3 LVS EA . 19.92 -9.44 -17.06
CS LVS EA . 18.94 -10.12 -17.96
CB3 LVS EA . 21.28 -10.18 -17.14
CG3 LVS EA . 21.67 -11.29 -16.14
CD5 LVS EA . 20.87 -12.57 -16.33
CD6 LVS EA . 23.13 -11.57 -16.28
C1' LVS EA . 17.19 -7.72 -17.47
S LVS EA . 16.32 -9.25 -17.07
O1' LVS EA . 15.74 -9.32 -15.71
O2' LVS EA . 15.25 -9.55 -18.06
C2' LVS EA . 17.66 -10.51 -17.27
CB1 LVS FA . 5.33 -20.65 -15.31
CG1 LVS FA . 5.73 -20.79 -16.80
CD1 LVS FA . 6.35 -19.47 -17.27
CD2 LVS FA . 6.72 -21.94 -17.00
C1 LVS FA . 3.01 -20.16 -14.46
O1 LVS FA . 3.00 -20.68 -13.35
N1 LVS FA . 4.91 -18.50 -14.11
CA1 LVS FA . 4.31 -19.54 -15.03
N2 LVS FA . 1.91 -20.07 -15.21
CA2 LVS FA . 0.63 -20.59 -14.71
CB2 LVS FA . -0.26 -19.48 -14.15
CG2 LVS FA . 0.42 -18.56 -13.15
CD3 LVS FA . 1.10 -17.43 -13.94
CD4 LVS FA . -0.61 -18.00 -12.21
C2 LVS FA . -0.19 -21.32 -15.69
O2 LVS FA . 0.16 -21.43 -16.87
N3 LVS FA . -1.30 -21.86 -15.21
CA3 LVS FA . -2.20 -22.61 -16.04
CS LVS FA . -3.58 -22.89 -15.59
CB3 LVS FA . -1.51 -23.94 -16.47
CG3 LVS FA . -0.63 -24.76 -15.51
CD5 LVS FA . -1.43 -25.42 -14.42
CD6 LVS FA . 0.14 -25.82 -16.29
C1' LVS FA . -3.84 -19.87 -15.60
S LVS FA . -4.38 -20.57 -14.03
O1' LVS FA . -3.75 -19.97 -12.83
O2' LVS FA . -5.86 -20.50 -13.91
C2' LVS FA . -3.88 -22.34 -14.22
CB1 LVS GA . -11.36 -23.62 -0.21
CG1 LVS GA . -12.27 -24.36 -1.20
CD1 LVS GA . -12.08 -23.72 -2.59
CD2 LVS GA . -11.96 -25.88 -1.23
C1 LVS GA . -12.08 -21.86 1.35
O1 LVS GA . -11.31 -22.12 2.27
N1 LVS GA . -10.43 -21.33 -0.43
CA1 LVS GA . -11.65 -22.13 -0.08
N2 LVS GA . -13.29 -21.34 1.54
CA2 LVS GA . -13.76 -21.00 2.91
CB2 LVS GA . -13.72 -19.49 3.14
CG2 LVS GA . -12.45 -18.73 2.78
CD3 LVS GA . -12.46 -18.38 1.28
CD4 LVS GA . -12.39 -17.44 3.55
C2 LVS GA . -15.15 -21.48 3.28
O2 LVS GA . -15.85 -22.12 2.47
N3 LVS GA . -15.55 -21.19 4.51
CA3 LVS GA . -16.84 -21.61 4.99
CS LVS GA . -17.40 -21.02 6.24
CB3 LVS GA . -16.88 -23.15 5.09
CG3 LVS GA . -15.72 -24.03 5.60
CD5 LVS GA . -15.46 -23.84 7.06
CD6 LVS GA . -16.01 -25.51 5.35
C1' LVS GA . -17.13 -18.41 4.67
S LVS GA . -16.45 -18.27 6.30
O1' LVS GA . -15.09 -17.69 6.42
O2' LVS GA . -17.33 -17.49 7.17
C2' LVS GA . -16.47 -20.03 6.87
CB1 LVS HA . -10.27 -13.33 20.12
CG1 LVS HA . -11.67 -13.80 20.54
CD1 LVS HA . -12.54 -13.78 19.30
CD2 LVS HA . -11.65 -15.23 21.10
C1 LVS HA . -9.29 -11.06 20.35
O1 LVS HA . -8.09 -11.30 20.45
N1 LVS HA . -9.57 -12.01 18.07
CA1 LVS HA . -10.17 -11.94 19.47
N2 LVS HA . -9.86 -10.06 21.00
CA2 LVS HA . -8.99 -9.23 21.80
CB2 LVS HA . -8.60 -7.95 21.08
CG2 LVS HA . -7.94 -8.13 19.71
CD3 LVS HA . -9.10 -8.38 18.69
CD4 LVS HA . -7.12 -6.88 19.31
C2 LVS HA . -9.60 -8.84 23.10
O2 LVS HA . -10.72 -9.28 23.41
N3 LVS HA . -8.88 -8.02 23.84
CA3 LVS HA . -9.35 -7.55 25.12
CS LVS HA . -8.62 -6.47 25.82
CB3 LVS HA . -9.53 -8.76 26.07
CG3 LVS HA . -8.52 -9.92 26.17
CD5 LVS HA . -7.20 -9.52 26.83
CD6 LVS HA . -9.13 -11.03 26.98
C1' LVS HA . -6.69 -3.34 24.50
S LVS HA . -7.54 -4.76 23.73
O1' LVS HA . -8.94 -4.54 23.34
O2' LVS HA . -6.81 -5.25 22.54
C2' LVS HA . -7.40 -6.02 25.06
CB1 LVS IA . 7.57 -0.17 25.18
CG1 LVS IA . 6.94 0.33 26.48
CD1 LVS IA . 5.44 0.37 26.29
CD2 LVS IA . 7.28 -0.55 27.68
C1 LVS IA . 8.68 1.21 23.43
O1 LVS IA . 9.47 0.44 22.89
N1 LVS IA . 6.64 -0.08 22.85
CA1 LVS IA . 7.33 0.71 23.94
N2 LVS IA . 8.98 2.51 23.56
CA2 LVS IA . 10.27 2.96 23.04
CB2 LVS IA . 10.13 3.52 21.62
CG2 LVS IA . 9.39 2.71 20.56
CD3 LVS IA . 7.86 2.86 20.73
CD4 LVS IA . 9.77 3.22 19.17
C2 LVS IA . 10.93 4.00 23.88
O2 LVS IA . 10.39 4.40 24.91
N3 LVS IA . 12.09 4.42 23.44
CA3 LVS IA . 12.81 5.44 24.17
CS LVS IA . 13.94 6.20 23.53
CB3 LVS IA . 13.31 4.83 25.51
CG3 LVS IA . 13.84 3.40 25.62
CD5 LVS IA . 15.14 3.25 24.89
CD6 LVS IA . 14.02 3.05 27.08
C1' LVS IA . 14.46 7.41 19.81
S LVS IA . 13.24 6.53 20.73
O1' LVS IA . 12.11 7.33 21.29
O2' LVS IA . 12.66 5.41 19.96
C2' LVS IA . 14.23 5.80 22.09
CB1 LVS JA . 24.30 2.90 9.97
CG1 LVS JA . 24.95 3.97 10.85
CD1 LVS JA . 23.83 4.68 11.62
CD2 LVS JA . 25.95 3.39 11.83
C1 LVS JA . 23.79 2.96 7.53
O1 LVS JA . 23.80 1.76 7.24
N1 LVS JA . 21.90 2.85 9.16
CA1 LVS JA . 23.30 3.40 8.91
N2 LVS JA . 24.19 3.89 6.68
CA2 LVS JA . 24.64 3.49 5.35
CB2 LVS JA . 23.56 3.67 4.30
CG2 LVS JA . 22.18 3.08 4.62
CD3 LVS JA . 21.41 4.08 5.52
CD4 LVS JA . 21.40 2.86 3.33
C2 LVS JA . 25.83 4.24 4.87
O2 LVS JA . 26.37 5.10 5.58
N3 LVS JA . 26.26 3.90 3.66
CA3 LVS JA . 27.41 4.54 3.08
CS LVS JA . 27.73 4.38 1.63
CB3 LVS JA . 28.66 4.17 3.90
CG3 LVS JA . 28.97 2.78 4.49
CD5 LVS JA . 29.29 1.78 3.40
CD6 LVS JA . 30.12 2.88 5.43
C1' LVS JA . 25.18 3.92 -1.46
S LVS JA . 25.11 4.15 0.33
O1' LVS JA . 24.90 5.56 0.74
O2' LVS JA . 24.08 3.30 0.95
C2' LVS JA . 26.76 3.52 0.88
CB1 LVS KA . -14.86 -1.85 -21.81
CG1 LVS KA . -15.74 -2.85 -22.57
CD1 LVS KA . -16.09 -4.01 -21.66
CD2 LVS KA . -17.00 -2.17 -23.03
C1 LVS KA . -12.37 -1.89 -21.97
O1 LVS KA . -12.17 -0.67 -22.01
N1 LVS KA . -13.47 -2.06 -19.76
CA1 LVS KA . -13.59 -2.44 -21.21
N2 LVS KA . -11.57 -2.79 -22.57
CA2 LVS KA . -10.34 -2.36 -23.28
CB2 LVS KA . -9.12 -2.52 -22.38
CG2 LVS KA . -9.13 -2.12 -20.91
CD3 LVS KA . -9.70 -3.28 -20.07
CD4 LVS KA . -7.71 -1.82 -20.47
C2 LVS KA . -9.97 -3.02 -24.62
O2 LVS KA . -10.32 -4.20 -24.87
N3 LVS KA . -9.27 -2.26 -25.45
CA3 LVS KA . -8.78 -2.73 -26.74
CS LVS KA . -7.31 -2.63 -27.05
CB3 LVS KA . -9.49 -1.99 -27.90
CG3 LVS KA . -10.99 -1.80 -28.14
CD5 LVS KA . -11.78 -3.10 -28.00
CD6 LVS KA . -11.50 -0.74 -27.20
C1' LVS KA . -3.94 -2.81 -25.13
S LVS KA . -5.67 -3.03 -24.73
O1' LVS KA . -6.17 -4.42 -24.86
O2' LVS KA . -5.98 -2.53 -23.38
C2' LVS KA . -6.52 -1.97 -25.93
CB1 LVS LA . -26.41 0.25 -2.46
CG1 LVS LA . -27.68 -0.35 -1.84
CD1 LVS LA . -27.33 -0.92 -0.48
CD2 LVS LA . -28.76 0.74 -1.70
C1 LVS LA . -25.03 -1.13 -4.03
O1 LVS LA . -24.76 -0.25 -4.86
N1 LVS LA . -23.99 -0.09 -2.04
CA1 LVS LA . -25.25 -0.73 -2.56
N2 LVS LA . -25.16 -2.42 -4.35
CA2 LVS LA . -24.87 -2.90 -5.72
CB2 LVS LA . -23.43 -3.42 -5.85
CG2 LVS LA . -22.22 -2.72 -5.24
CD3 LVS LA . -22.08 -3.16 -3.77
CD4 LVS LA . -20.99 -3.10 -6.01
C2 LVS LA . -25.76 -4.00 -6.32
O2 LVS LA . -26.31 -4.81 -5.59
N3 LVS LA . -25.84 -4.00 -7.64
CA3 LVS LA . -26.60 -5.00 -8.38
CS LVS LA . -25.90 -5.78 -9.48
CB3 LVS LA . -27.84 -4.37 -9.06
CG3 LVS LA . -28.93 -3.48 -8.46
CD5 LVS LA . -29.47 -4.06 -7.14
CD6 LVS LA . -28.38 -2.06 -8.26
C1' LVS LA . -22.28 -7.08 -10.30
S LVS LA . -23.09 -6.32 -8.94
O1' LVS LA . -23.69 -7.25 -7.94
O2' LVS LA . -22.20 -5.37 -8.24
C2' LVS LA . -24.43 -5.34 -9.70
CB1 LVS MA . -18.24 13.12 14.21
CG1 LVS MA . -18.58 13.48 15.66
CD1 LVS MA . -17.36 13.22 16.52
CD2 LVS MA . -19.00 14.95 15.78
C1 LVS MA . -18.74 10.87 13.23
O1 LVS MA . -19.09 11.20 12.11
N1 LVS MA . -16.46 11.79 13.13
CA1 LVS MA . -17.70 11.72 13.97
N2 LVS MA . -19.25 9.80 13.86
CA2 LVS MA . -20.22 8.90 13.19
CB2 LVS MA . -19.48 7.72 12.54
CG2 LVS MA . -18.15 7.83 11.80
CD3 LVS MA . -16.97 7.81 12.80
CD4 LVS MA . -18.04 6.65 10.85
C2 LVS MA . -21.37 8.27 13.99
O2 LVS MA . -21.24 8.02 15.21
N3 LVS MA . -22.48 7.99 13.30
CA3 LVS MA . -23.65 7.37 13.92
CS LVS MA . -24.17 6.06 13.34
CB3 LVS MA . -24.85 8.32 13.91
CG3 LVS MA . -24.87 9.77 14.42
CD5 LVS MA . -24.24 9.90 15.80
CD6 LVS MA . -24.17 10.68 13.43
C1' LVS MA . -22.72 2.88 11.56
S LVS MA . -22.08 4.35 12.30
O1' LVS MA . -21.77 4.22 13.73
O2' LVS MA . -20.88 4.84 11.60
C2' LVS MA . -23.39 5.58 12.11
CB1 LVS NA . 1.54 23.94 11.51
CG1 LVS NA . 2.50 24.80 12.35
CD1 LVS NA . 3.89 24.23 12.25
CD2 LVS NA . 2.50 26.23 11.84
C1 LVS NA . 0.20 22.11 12.60
O1 LVS NA . -0.86 22.26 11.99
N1 LVS NA . 1.72 21.60 10.69
CA1 LVS NA . 1.53 22.45 11.91
N2 LVS NA . 0.23 21.66 13.85
CA2 LVS NA . -1.00 21.24 14.54
CB2 LVS NA . -1.21 19.72 14.41
CG2 LVS NA . -0.98 18.94 13.11
CD3 LVS NA . 0.53 18.63 12.95
CD4 LVS NA . -1.77 17.64 13.17
C2 LVS NA . -1.16 21.56 16.02
O2 LVS NA . -0.18 21.74 16.75
N3 LVS NA . -2.41 21.64 16.46
CA3 LVS NA . -2.75 21.92 17.85
CS LVS NA . -3.71 20.97 18.55
CB3 LVS NA . -3.38 23.32 18.02
CG3 LVS NA . -2.84 24.66 17.53
CD5 LVS NA . -1.36 24.83 17.88
CD6 LVS NA . -3.06 24.78 16.03
C1' LVS NA . -4.64 17.18 18.45
S LVS NA . -3.45 18.26 17.65
O1' LVS NA . -2.15 18.41 18.36
O2' LVS NA . -3.18 17.84 16.26
C2' LVS NA . -4.26 19.87 17.62
CB1 LVS OA . 12.99 21.92 -7.79
CG1 LVS OA . 14.33 22.38 -8.37
CD1 LVS OA . 15.06 21.18 -8.94
CD2 LVS OA . 14.13 23.40 -9.47
C1 LVS OA . 12.74 21.37 -5.32
O1 LVS OA . 11.59 21.80 -5.11
N1 LVS OA . 12.07 19.74 -7.05
CA1 LVS OA . 13.07 20.82 -6.72
N2 LVS OA . 13.69 21.37 -4.39
CA2 LVS OA . 13.41 21.84 -3.01
CB2 LVS OA . 13.00 20.67 -2.12
CG2 LVS OA . 12.03 19.59 -2.57
CD3 LVS OA . 12.81 18.50 -3.33
CD4 LVS OA . 11.37 18.99 -1.36
C2 LVS OA . 14.50 22.59 -2.28
O2 LVS OA . 15.68 22.39 -2.55
N3 LVS OA . 14.08 23.44 -1.33
CA3 LVS OA . 15.01 24.22 -0.48
CS LVS OA . 14.85 24.13 1.02
CB3 LVS OA . 14.93 25.73 -0.79
CG3 LVS OA . 15.08 26.45 -2.14
CD5 LVS OA . 16.28 25.94 -2.93
CD6 LVS OA . 13.81 26.29 -2.95
C1' LVS OA . 13.67 21.48 3.68
S LVS OA . 13.98 21.53 1.90
O1' LVS OA . 15.36 21.16 1.51
O2' LVS OA . 13.02 20.69 1.17
C2' LVS OA . 13.69 23.26 1.44
CB1 LVS PA . 4.80 9.06 -24.49
CG1 LVS PA . 5.22 8.54 -25.86
CD1 LVS PA . 5.06 7.06 -25.92
CD2 LVS PA . 4.38 9.16 -26.95
C1 LVS PA . 6.46 9.45 -22.64
O1 LVS PA . 5.97 10.47 -22.15
N1 LVS PA . 4.56 7.92 -22.29
CA1 LVS PA . 5.54 8.42 -23.31
N2 LVS PA . 7.79 9.19 -22.62
CA2 LVS PA . 8.74 10.10 -21.94
CB2 LVS PA . 9.05 9.59 -20.54
CG2 LVS PA . 7.98 9.06 -19.58
CD3 LVS PA . 7.69 7.56 -19.86
CD4 LVS PA . 8.47 9.22 -18.16
C2 LVS PA . 10.08 10.36 -22.61
O2 LVS PA . 10.58 9.51 -23.36
N3 LVS PA . 10.66 11.52 -22.33
CA3 LVS PA . 11.97 11.91 -22.84
CS LVS PA . 13.04 12.32 -21.84
CB3 LVS PA . 11.86 13.11 -23.80
CG3 LVS PA . 10.97 13.23 -25.02
CD5 LVS PA . 11.06 11.99 -25.92
CD6 LVS PA . 9.54 13.47 -24.58
C1' LVS PA . 14.04 11.45 -18.16
S LVS PA . 12.84 10.86 -19.37
O1' LVS PA . 13.29 9.76 -20.23
O2' LVS PA . 11.56 10.46 -18.75
C2' LVS PA . 12.54 12.31 -20.39
PG ATP QA . -19.56 31.77 -48.28
O1G ATP QA . -18.10 31.74 -48.64
O2G ATP QA . -20.21 30.45 -47.91
O3G ATP QA . -20.03 32.99 -47.51
PB ATP QA . -20.27 31.27 -51.14
O1B ATP QA . -19.65 29.90 -50.96
O2B ATP QA . -21.67 31.38 -51.69
O3B ATP QA . -20.24 32.05 -49.72
PA ATP QA . -19.66 33.56 -52.85
O1A ATP QA . -20.18 34.53 -51.83
O2A ATP QA . -20.49 33.19 -54.04
O3A ATP QA . -19.33 32.18 -52.06
O5' ATP QA . -18.27 34.14 -53.37
C5' ATP QA . -18.25 35.25 -54.26
C4' ATP QA . -17.03 35.19 -55.14
O4' ATP QA . -16.89 33.82 -55.63
C3' ATP QA . -17.04 36.09 -56.38
O3' ATP QA . -15.73 36.56 -56.64
C2' ATP QA . -17.51 35.14 -57.48
O2' ATP QA . -17.01 35.51 -58.75
C1' ATP QA . -16.90 33.81 -57.05
N9 ATP QA . -17.63 32.63 -57.48
C8 ATP QA . -18.16 31.66 -56.67
N7 ATP QA . -18.77 30.71 -57.32
C5 ATP QA . -18.64 31.07 -58.64
C6 ATP QA . -19.07 30.46 -59.84
N6 ATP QA . -19.75 29.30 -59.88
N1 ATP QA . -18.78 31.08 -61.01
C2 ATP QA . -18.10 32.22 -60.96
N3 ATP QA . -17.64 32.90 -59.90
C4 ATP QA . -17.94 32.25 -58.76
PG ATP RA . -45.36 22.73 -33.92
O1G ATP RA . -45.45 23.86 -34.93
O2G ATP RA . -44.07 21.94 -33.92
O3G ATP RA . -45.98 22.99 -32.57
PB ATP RA . -47.96 21.68 -34.88
O1B ATP RA . -48.50 20.27 -34.90
O2B ATP RA . -48.61 22.71 -33.99
O3B ATP RA . -46.38 21.65 -34.54
PA ATP RA . -49.24 22.55 -37.37
O1A ATP RA . -50.09 23.62 -36.72
O2A ATP RA . -49.87 21.23 -37.74
O3A ATP RA . -48.00 22.25 -36.39
O5' ATP RA . -48.53 23.18 -38.65
C5' ATP RA . -49.30 23.74 -39.71
C4' ATP RA . -49.02 23.01 -41.00
O4' ATP RA . -49.30 21.58 -40.81
C3' ATP RA . -49.87 23.43 -42.19
O3' ATP RA . -49.13 23.30 -43.39
C2' ATP RA . -51.02 22.44 -42.15
O2' ATP RA . -51.61 22.24 -43.42
C1' ATP RA . -50.31 21.16 -41.70
N9 ATP RA . -51.16 20.22 -40.99
C8 ATP RA . -50.86 19.56 -39.83
N7 ATP RA . -51.80 18.75 -39.43
C5 ATP RA . -52.79 18.88 -40.39
C6 ATP RA . -54.06 18.28 -40.53
N6 ATP RA . -54.55 17.37 -39.69
N1 ATP RA . -54.80 18.63 -41.60
C2 ATP RA . -54.30 19.54 -42.45
N3 ATP RA . -53.14 20.16 -42.42
C4 ATP RA . -52.42 19.79 -41.36
PG ATP SA . -51.17 32.38 -4.31
O1G ATP SA . -50.80 31.60 -5.55
O2G ATP SA . -50.52 31.92 -3.01
O3G ATP SA . -51.32 33.88 -4.49
PB ATP SA . -54.03 32.58 -3.41
O1B ATP SA . -54.41 31.80 -2.18
O2B ATP SA . -53.83 34.06 -3.31
O3B ATP SA . -52.71 31.92 -4.09
PA ATP SA . -56.16 33.42 -5.18
O1A ATP SA . -55.31 34.32 -6.04
O2A ATP SA . -57.02 34.02 -4.09
O3A ATP SA . -55.19 32.34 -4.49
O5' ATP SA . -57.12 32.60 -6.16
C5' ATP SA . -58.14 33.26 -6.90
C4' ATP SA . -59.18 32.27 -7.38
O4' ATP SA . -59.52 31.39 -6.29
C3' ATP SA . -60.49 32.90 -7.85
O3' ATP SA . -61.10 32.09 -8.85
C2' ATP SA . -61.31 32.91 -6.56
O2' ATP SA . -62.70 32.89 -6.82
C1' ATP SA . -60.86 31.62 -5.89
N9 ATP SA . -60.86 31.70 -4.43
C8 ATP SA . -59.76 31.91 -3.63
N7 ATP SA . -60.04 31.94 -2.35
C5 ATP SA . -61.40 31.74 -2.31
C6 ATP SA . -62.31 31.67 -1.24
N6 ATP SA . -61.95 31.79 0.05
N1 ATP SA . -63.62 31.45 -1.52
C2 ATP SA . -63.97 31.34 -2.81
N3 ATP SA . -63.22 31.39 -3.90
C4 ATP SA . -61.93 31.59 -3.58
PG ATP TA . -31.26 51.45 9.50
O1G ATP TA . -32.67 50.88 9.52
O2G ATP TA . -30.13 50.46 9.65
O3G ATP TA . -31.01 52.60 8.55
PB ATP TA . -31.75 53.57 11.55
O1B ATP TA . -31.42 53.61 13.02
O2B ATP TA . -31.33 54.71 10.66
O3B ATP TA . -31.19 52.19 10.93
PA ATP TA . -34.45 54.63 11.32
O1A ATP TA . -34.60 54.98 9.87
O2A ATP TA . -34.08 55.71 12.31
O3A ATP TA . -33.36 53.46 11.44
O5' ATP TA . -35.82 53.96 11.81
C5' ATP TA . -37.03 54.70 11.73
C4' ATP TA . -38.02 54.22 12.76
O4' ATP TA . -37.36 54.11 14.06
C3' ATP TA . -39.18 55.19 12.97
O3' ATP TA . -40.37 54.47 13.32
C2' ATP TA . -38.68 56.07 14.12
O2' ATP TA . -39.71 56.69 14.83
C1' ATP TA . -37.94 55.04 14.97
N9 ATP TA . -36.86 55.57 15.81
C8 ATP TA . -35.55 55.18 15.76
N7 ATP TA . -34.78 55.80 16.64
C5 ATP TA . -35.65 56.65 17.30
C6 ATP TA . -35.45 57.57 18.34
N6 ATP TA . -34.27 57.79 18.94
N1 ATP TA . -36.52 58.26 18.78
C2 ATP TA . -37.71 58.04 18.20
N3 ATP TA . -38.02 57.20 17.21
C4 ATP TA . -36.93 56.52 16.80
PG ATP UA . -5.12 60.75 -4.91
O1G ATP UA . -6.19 61.16 -3.91
O2G ATP UA . -4.59 59.33 -4.80
O3G ATP UA . -5.25 61.31 -6.31
PB ATP UA . -3.35 63.12 -4.53
O1B ATP UA . -1.95 63.25 -3.98
O2B ATP UA . -3.66 63.56 -5.93
O3B ATP UA . -3.85 61.59 -4.36
PA ATP UA . -5.07 65.35 -3.86
O1A ATP UA . -6.28 65.04 -4.72
O2A ATP UA . -4.03 66.33 -4.37
O3A ATP UA . -4.31 63.97 -3.56
O5' ATP UA . -5.61 65.88 -2.46
C5' ATP UA . -6.37 67.07 -2.41
C4' ATP UA . -6.47 67.58 -0.99
O4' ATP UA . -5.15 67.48 -0.36
C3' ATP UA . -6.87 69.04 -0.91
O3' ATP UA . -7.65 69.28 0.27
C2' ATP UA . -5.52 69.75 -0.87
O2' ATP UA . -5.56 71.03 -0.27
C1' ATP UA . -4.69 68.78 -0.03
N9 ATP UA . -3.26 68.81 -0.31
C8 ATP UA . -2.49 67.76 -0.72
N7 ATP UA . -1.23 68.05 -0.90
C5 ATP UA . -1.16 69.39 -0.59
C6 ATP UA . -0.08 70.31 -0.58
N6 ATP UA . 1.17 69.99 -0.92
N1 ATP UA . -0.34 71.57 -0.21
C2 ATP UA . -1.60 71.90 0.13
N3 ATP UA . -2.69 71.14 0.16
C4 ATP UA . -2.40 69.88 -0.21
PG ATP VA . 0.30 50.65 -34.12
O1G ATP VA . 0.48 51.64 -33.00
O2G ATP VA . 0.54 49.20 -33.78
O3G ATP VA . -0.83 50.92 -35.10
PB ATP VA . 1.85 52.05 -36.20
O1B ATP VA . 3.10 51.65 -36.96
O2B ATP VA . 0.54 52.19 -36.95
O3B ATP VA . 1.59 50.98 -35.02
PA ATP VA . 1.97 54.96 -36.01
O1A ATP VA . 0.50 55.30 -35.94
O2A ATP VA . 2.69 55.05 -37.33
O3A ATP VA . 2.15 53.45 -35.47
O5' ATP VA . 2.73 55.95 -35.02
C5' ATP VA . 2.68 57.35 -35.24
C4' ATP VA . 3.96 58.00 -34.78
O4' ATP VA . 5.08 57.25 -35.30
C3' ATP VA . 4.14 59.43 -35.25
O3' ATP VA . 4.87 60.20 -34.28
C2' ATP VA . 4.96 59.26 -36.52
O2' ATP VA . 5.74 60.40 -36.81
C1' ATP VA . 5.85 58.07 -36.16
N9 ATP VA . 6.26 57.26 -37.30
C8 ATP VA . 5.82 56.00 -37.60
N7 ATP VA . 6.34 55.49 -38.69
C5 ATP VA . 7.19 56.50 -39.14
C6 ATP VA . 8.04 56.58 -40.26
N6 ATP VA . 8.17 55.61 -41.16
N1 ATP VA . 8.75 57.72 -40.42
C2 ATP VA . 8.60 58.69 -39.52
N3 ATP VA . 7.84 58.73 -38.43
C4 ATP VA . 7.15 57.59 -38.29
#